data_7OJP
#
_entry.id   7OJP
#
_cell.length_a   245.627
_cell.length_b   367.548
_cell.length_c   370.677
_cell.angle_alpha   90.000
_cell.angle_beta   90.000
_cell.angle_gamma   90.000
#
_symmetry.space_group_name_H-M   'C 2 2 21'
#
loop_
_entity.id
_entity.type
_entity.pdbx_description
1 polymer 'Acyl-[acyl-carrier-protein]-UDP-N-acetylglucosamine O-acyltransferase'
2 non-polymer 2-[2-(2-chlorophenyl)sulfanylethanoyl-[[4-(1,2,4-triazol-1-yl)phenyl]methyl]amino]-N-methyl-ethanamide
3 non-polymer 'MAGNESIUM ION'
4 water water
#
_entity_poly.entity_id   1
_entity_poly.type   'polypeptide(L)'
_entity_poly.pdbx_seq_one_letter_code
;GSHMSLIDPRAIIDPSARLAADVQVGPWSIVGAEVEIGEGTVIGPHVVLKGPTKIGKHNRIYQFSSVGEDTPDLKYKGEP
TRLVIGDHNVIREGVTIHRGTVQDRAETTIGDHNLIMAYAHIGHDSVIGNHCILVNNTALAGHVHVDDWAILSGYTLVHQ
YCRIGAHSFSGMGSAIGKDVPAYVTVFGNPAEARSMNFEGMRRRGFSSEAIHALRRAYKVVYRQGHTVEEALAELAESAA
QFPEVAVFRDSIQSATRGITR
;
_entity_poly.pdbx_strand_id   A,B,C,D,E,F,G,H,I,J,K,L,M,N,O,P,Q,R,S,T,U,V,W,X,Y,Z,a,b,c,d
#
# COMPACT_ATOMS: atom_id res chain seq x y z
N MET A 4 59.45 28.27 -61.31
CA MET A 4 59.49 27.57 -59.96
C MET A 4 60.93 27.15 -59.63
N SER A 5 61.41 27.47 -58.42
CA SER A 5 62.57 26.80 -57.76
C SER A 5 62.00 25.93 -56.63
N LEU A 6 62.82 25.09 -55.99
CA LEU A 6 62.32 24.14 -55.00
C LEU A 6 62.22 24.80 -53.62
N ILE A 7 62.94 25.91 -53.46
CA ILE A 7 62.92 26.66 -52.24
C ILE A 7 62.23 27.98 -52.54
N ASP A 8 61.08 28.21 -51.92
CA ASP A 8 60.32 29.37 -52.22
C ASP A 8 61.16 30.58 -51.91
N PRO A 9 61.16 31.62 -52.77
CA PRO A 9 61.89 32.85 -52.45
C PRO A 9 61.31 33.56 -51.21
N ARG A 10 60.07 33.28 -50.81
CA ARG A 10 59.47 33.91 -49.65
C ARG A 10 59.87 33.20 -48.35
N ALA A 11 60.61 32.08 -48.42
CA ALA A 11 61.10 31.38 -47.22
C ALA A 11 62.39 32.03 -46.72
N ILE A 12 62.76 31.75 -45.48
CA ILE A 12 63.99 32.24 -44.87
C ILE A 12 64.86 31.04 -44.50
N ILE A 13 66.06 30.97 -45.05
CA ILE A 13 66.97 29.89 -44.83
C ILE A 13 68.22 30.47 -44.19
N ASP A 14 68.55 30.02 -42.99
CA ASP A 14 69.73 30.49 -42.34
C ASP A 14 70.97 30.08 -43.14
N PRO A 15 71.98 30.97 -43.25
CA PRO A 15 73.27 30.60 -43.86
C PRO A 15 73.87 29.27 -43.37
N SER A 16 73.69 28.93 -42.09
CA SER A 16 74.31 27.75 -41.45
C SER A 16 73.41 26.50 -41.54
N ALA A 17 72.25 26.59 -42.19
CA ALA A 17 71.42 25.42 -42.46
C ALA A 17 72.02 24.64 -43.62
N ARG A 18 71.77 23.33 -43.65
CA ARG A 18 72.34 22.43 -44.63
C ARG A 18 71.21 21.58 -45.21
N LEU A 19 70.80 21.88 -46.44
CA LEU A 19 69.71 21.22 -47.15
C LEU A 19 70.27 20.38 -48.29
N ALA A 20 69.84 19.11 -48.39
CA ALA A 20 70.16 18.31 -49.54
C ALA A 20 69.59 18.95 -50.81
N ALA A 21 70.09 18.48 -51.97
CA ALA A 21 69.88 19.17 -53.27
C ALA A 21 68.38 19.35 -53.59
N ASP A 22 67.53 18.35 -53.30
CA ASP A 22 66.15 18.33 -53.82
C ASP A 22 65.10 18.54 -52.72
N VAL A 23 65.50 19.20 -51.63
CA VAL A 23 64.58 19.55 -50.59
C VAL A 23 63.66 20.66 -51.12
N GLN A 24 62.39 20.60 -50.72
CA GLN A 24 61.42 21.65 -51.02
C GLN A 24 61.02 22.39 -49.75
N VAL A 25 60.94 23.72 -49.84
CA VAL A 25 60.50 24.53 -48.72
C VAL A 25 59.46 25.52 -49.24
N GLY A 26 58.29 25.51 -48.59
CA GLY A 26 57.19 26.34 -48.97
C GLY A 26 57.40 27.80 -48.56
N PRO A 27 56.51 28.69 -49.02
CA PRO A 27 56.59 30.10 -48.69
C PRO A 27 56.39 30.36 -47.19
N TRP A 28 57.08 31.37 -46.67
CA TRP A 28 56.92 31.88 -45.31
C TRP A 28 57.31 30.83 -44.27
N SER A 29 58.24 29.95 -44.62
CA SER A 29 58.77 29.01 -43.70
C SER A 29 60.16 29.49 -43.27
N ILE A 30 60.56 29.13 -42.06
CA ILE A 30 61.86 29.47 -41.53
C ILE A 30 62.64 28.19 -41.29
N VAL A 31 63.81 28.09 -41.91
CA VAL A 31 64.75 27.05 -41.60
C VAL A 31 65.92 27.68 -40.84
N GLY A 32 65.88 27.56 -39.52
CA GLY A 32 66.82 28.24 -38.62
C GLY A 32 68.23 27.70 -38.70
N ALA A 33 69.12 28.36 -37.94
CA ALA A 33 70.51 27.98 -37.82
C ALA A 33 70.60 26.52 -37.39
N GLU A 34 71.55 25.78 -37.99
CA GLU A 34 71.95 24.44 -37.57
C GLU A 34 70.85 23.41 -37.79
N VAL A 35 70.01 23.64 -38.80
CA VAL A 35 69.05 22.66 -39.21
C VAL A 35 69.59 21.95 -40.45
N GLU A 36 69.48 20.65 -40.45
CA GLU A 36 69.98 19.81 -41.52
C GLU A 36 68.80 19.00 -42.05
N ILE A 37 68.57 19.02 -43.36
CA ILE A 37 67.40 18.37 -43.96
C ILE A 37 67.85 17.44 -45.09
N GLY A 38 67.40 16.19 -45.03
CA GLY A 38 67.82 15.14 -45.94
C GLY A 38 67.04 15.10 -47.24
N GLU A 39 67.65 14.42 -48.22
CA GLU A 39 67.14 14.14 -49.55
C GLU A 39 65.62 13.89 -49.55
N GLY A 40 64.89 14.66 -50.39
CA GLY A 40 63.50 14.37 -50.77
C GLY A 40 62.46 14.83 -49.76
N THR A 41 62.89 15.51 -48.70
CA THR A 41 62.01 16.03 -47.69
C THR A 41 61.31 17.27 -48.24
N VAL A 42 60.08 17.48 -47.78
CA VAL A 42 59.22 18.59 -48.19
C VAL A 42 58.74 19.32 -46.94
N ILE A 43 59.10 20.61 -46.84
CA ILE A 43 58.62 21.49 -45.84
C ILE A 43 57.50 22.31 -46.46
N GLY A 44 56.34 22.31 -45.81
CA GLY A 44 55.21 23.06 -46.27
C GLY A 44 55.41 24.57 -46.05
N PRO A 45 54.36 25.37 -46.30
CA PRO A 45 54.39 26.79 -45.98
C PRO A 45 54.20 26.99 -44.47
N HIS A 46 54.56 28.16 -43.94
CA HIS A 46 54.29 28.52 -42.56
C HIS A 46 54.86 27.49 -41.58
N VAL A 47 56.07 27.00 -41.80
CA VAL A 47 56.70 26.07 -40.88
C VAL A 47 57.88 26.78 -40.23
N VAL A 48 58.11 26.47 -38.96
CA VAL A 48 59.24 27.01 -38.24
C VAL A 48 60.14 25.84 -37.81
N LEU A 49 61.33 25.76 -38.37
CA LEU A 49 62.34 24.81 -37.93
C LEU A 49 63.42 25.55 -37.14
N LYS A 50 63.85 24.94 -36.03
CA LYS A 50 64.89 25.51 -35.21
C LYS A 50 65.85 24.37 -34.83
N GLY A 51 67.10 24.73 -34.52
CA GLY A 51 68.19 23.76 -34.37
C GLY A 51 68.85 23.84 -32.99
N PRO A 52 69.78 22.92 -32.70
CA PRO A 52 70.33 21.93 -33.62
C PRO A 52 69.42 20.74 -33.94
N THR A 53 69.06 20.57 -35.21
CA THR A 53 68.07 19.61 -35.62
C THR A 53 68.55 18.89 -36.87
N LYS A 54 68.38 17.58 -36.92
CA LYS A 54 68.69 16.76 -38.06
C LYS A 54 67.38 16.09 -38.51
N ILE A 55 66.99 16.34 -39.74
CA ILE A 55 65.83 15.72 -40.34
C ILE A 55 66.30 14.86 -41.51
N GLY A 56 65.83 13.61 -41.55
CA GLY A 56 66.26 12.62 -42.53
C GLY A 56 65.57 12.82 -43.86
N LYS A 57 65.37 11.71 -44.57
CA LYS A 57 65.01 11.69 -45.98
C LYS A 57 63.50 11.42 -46.13
N HIS A 58 62.91 12.05 -47.13
CA HIS A 58 61.54 11.77 -47.57
C HIS A 58 60.52 12.05 -46.46
N ASN A 59 60.75 13.10 -45.67
CA ASN A 59 59.76 13.54 -44.68
C ASN A 59 58.83 14.55 -45.37
N ARG A 60 57.61 14.68 -44.80
CA ARG A 60 56.62 15.68 -45.18
CA ARG A 60 56.62 15.68 -45.18
C ARG A 60 56.28 16.40 -43.87
N ILE A 61 56.48 17.73 -43.80
CA ILE A 61 56.10 18.53 -42.60
C ILE A 61 55.11 19.63 -43.02
N TYR A 62 53.94 19.67 -42.37
CA TYR A 62 52.85 20.53 -42.82
C TYR A 62 52.86 21.86 -42.06
N GLN A 63 52.03 22.78 -42.57
CA GLN A 63 51.92 24.15 -42.14
C GLN A 63 51.68 24.26 -40.62
N PHE A 64 52.26 25.29 -40.01
CA PHE A 64 51.97 25.76 -38.64
C PHE A 64 52.66 24.88 -37.56
N SER A 65 53.52 23.99 -38.02
CA SER A 65 54.34 23.18 -37.19
C SER A 65 55.54 23.99 -36.70
N SER A 66 55.91 23.79 -35.44
CA SER A 66 57.12 24.34 -34.85
C SER A 66 57.95 23.15 -34.41
N VAL A 67 59.03 22.86 -35.16
CA VAL A 67 59.85 21.71 -34.96
C VAL A 67 61.24 22.14 -34.56
N GLY A 68 61.64 21.79 -33.34
CA GLY A 68 63.01 22.06 -32.88
C GLY A 68 63.07 23.23 -31.90
N GLU A 69 61.91 23.61 -31.36
CA GLU A 69 61.80 24.72 -30.46
C GLU A 69 62.36 24.28 -29.09
N ASP A 70 62.77 25.22 -28.24
CA ASP A 70 63.25 24.89 -26.89
C ASP A 70 62.06 24.47 -26.01
N THR A 71 62.22 23.51 -25.10
CA THR A 71 61.12 23.37 -24.12
C THR A 71 61.03 24.61 -23.28
N PRO A 72 59.83 24.93 -22.76
CA PRO A 72 59.69 25.98 -21.76
C PRO A 72 60.00 25.53 -20.34
N ASP A 73 60.19 24.22 -20.13
CA ASP A 73 60.51 23.67 -18.81
C ASP A 73 61.62 24.54 -18.20
N LEU A 74 61.45 24.90 -16.92
CA LEU A 74 62.34 25.90 -16.26
C LEU A 74 63.67 25.19 -15.90
N LYS A 75 63.67 23.87 -16.02
CA LYS A 75 64.83 22.95 -16.02
C LYS A 75 65.89 23.35 -17.08
N TYR A 76 65.45 23.74 -18.28
CA TYR A 76 66.32 24.02 -19.44
C TYR A 76 66.80 25.47 -19.41
N LYS A 77 68.12 25.71 -19.52
CA LYS A 77 68.75 27.04 -19.40
C LYS A 77 69.51 27.45 -20.67
N GLY A 78 69.12 26.97 -21.85
CA GLY A 78 69.63 27.47 -23.15
C GLY A 78 70.80 26.69 -23.73
N GLU A 79 71.08 25.49 -23.20
CA GLU A 79 72.22 24.63 -23.66
C GLU A 79 71.92 24.10 -25.06
N PRO A 80 72.94 23.66 -25.85
CA PRO A 80 72.73 23.28 -27.25
C PRO A 80 72.31 21.79 -27.40
N THR A 81 71.02 21.52 -27.16
CA THR A 81 70.49 20.19 -27.22
C THR A 81 69.94 19.93 -28.62
N ARG A 82 69.61 18.68 -28.91
CA ARG A 82 69.40 18.23 -30.28
C ARG A 82 67.98 17.70 -30.46
N LEU A 83 67.53 17.68 -31.72
CA LEU A 83 66.38 16.92 -32.16
C LEU A 83 66.78 16.12 -33.40
N VAL A 84 66.44 14.84 -33.43
CA VAL A 84 66.79 13.97 -34.57
C VAL A 84 65.51 13.30 -35.07
N ILE A 85 65.25 13.45 -36.36
CA ILE A 85 64.13 12.83 -37.03
C ILE A 85 64.66 11.97 -38.17
N GLY A 86 64.12 10.76 -38.28
CA GLY A 86 64.55 9.80 -39.28
C GLY A 86 63.92 10.05 -40.64
N ASP A 87 63.56 8.95 -41.30
CA ASP A 87 63.17 8.91 -42.70
C ASP A 87 61.67 8.61 -42.80
N HIS A 88 61.03 9.11 -43.85
CA HIS A 88 59.66 8.73 -44.28
C HIS A 88 58.60 9.04 -43.21
N ASN A 89 58.79 10.13 -42.46
CA ASN A 89 57.82 10.54 -41.47
C ASN A 89 56.87 11.57 -42.10
N VAL A 90 55.65 11.62 -41.55
CA VAL A 90 54.70 12.63 -41.87
C VAL A 90 54.32 13.36 -40.59
N ILE A 91 54.50 14.68 -40.59
CA ILE A 91 54.17 15.53 -39.49
C ILE A 91 53.11 16.53 -39.95
N ARG A 92 51.89 16.39 -39.42
CA ARG A 92 50.77 17.15 -39.92
C ARG A 92 50.71 18.54 -39.29
N GLU A 93 49.61 19.23 -39.55
CA GLU A 93 49.53 20.65 -39.30
C GLU A 93 49.56 20.90 -37.79
N GLY A 94 50.39 21.86 -37.39
CA GLY A 94 50.36 22.43 -36.06
C GLY A 94 51.12 21.63 -35.01
N VAL A 95 51.91 20.64 -35.44
CA VAL A 95 52.61 19.81 -34.51
C VAL A 95 53.74 20.61 -33.87
N THR A 96 53.99 20.37 -32.58
CA THR A 96 55.12 20.92 -31.86
C THR A 96 56.05 19.78 -31.41
N ILE A 97 57.35 19.95 -31.68
CA ILE A 97 58.36 19.01 -31.29
C ILE A 97 59.49 19.81 -30.64
N HIS A 98 59.84 19.47 -29.41
CA HIS A 98 60.85 20.18 -28.66
C HIS A 98 62.15 19.37 -28.65
N ARG A 99 63.27 20.08 -28.61
CA ARG A 99 64.58 19.46 -28.46
C ARG A 99 64.76 19.03 -27.00
N GLY A 100 65.81 18.26 -26.73
CA GLY A 100 66.08 17.66 -25.44
C GLY A 100 66.59 18.63 -24.40
N THR A 101 67.01 18.06 -23.26
CA THR A 101 67.53 18.75 -22.08
C THR A 101 68.80 18.03 -21.62
N VAL A 102 69.72 18.77 -20.99
CA VAL A 102 70.98 18.19 -20.57
C VAL A 102 70.78 17.17 -19.43
N GLN A 103 69.67 17.26 -18.70
CA GLN A 103 69.40 16.38 -17.58
C GLN A 103 69.08 14.96 -18.02
N ASP A 104 68.83 14.68 -19.31
CA ASP A 104 68.58 13.30 -19.80
C ASP A 104 69.67 12.96 -20.83
N ARG A 105 69.31 12.90 -22.13
CA ARG A 105 70.25 12.47 -23.16
C ARG A 105 70.57 13.64 -24.12
N ALA A 106 69.97 14.81 -23.87
CA ALA A 106 70.22 16.01 -24.65
C ALA A 106 69.67 15.86 -26.06
N GLU A 107 68.67 14.99 -26.25
CA GLU A 107 68.22 14.67 -27.57
C GLU A 107 66.78 14.14 -27.53
N THR A 108 65.89 14.78 -28.30
CA THR A 108 64.61 14.24 -28.66
C THR A 108 64.78 13.49 -29.98
N THR A 109 64.26 12.28 -30.09
CA THR A 109 64.61 11.47 -31.25
C THR A 109 63.32 10.81 -31.79
N ILE A 110 63.18 10.78 -33.11
CA ILE A 110 62.09 10.16 -33.82
C ILE A 110 62.65 9.27 -34.93
N GLY A 111 62.13 8.06 -35.03
CA GLY A 111 62.60 7.07 -36.00
C GLY A 111 62.02 7.29 -37.38
N ASP A 112 61.59 6.20 -38.00
CA ASP A 112 61.21 6.13 -39.41
C ASP A 112 59.72 5.78 -39.55
N HIS A 113 59.10 6.21 -40.65
CA HIS A 113 57.75 5.78 -41.03
C HIS A 113 56.69 6.12 -39.97
N ASN A 114 56.85 7.24 -39.26
CA ASN A 114 55.88 7.59 -38.24
C ASN A 114 54.88 8.57 -38.84
N LEU A 115 53.67 8.57 -38.29
CA LEU A 115 52.64 9.50 -38.67
C LEU A 115 52.23 10.28 -37.42
N ILE A 116 52.50 11.59 -37.41
CA ILE A 116 52.17 12.40 -36.29
C ILE A 116 51.15 13.42 -36.75
N MET A 117 49.92 13.29 -36.23
CA MET A 117 48.80 13.98 -36.81
C MET A 117 48.64 15.34 -36.12
N ALA A 118 47.65 16.11 -36.58
CA ALA A 118 47.57 17.52 -36.30
C ALA A 118 47.64 17.81 -34.80
N TYR A 119 48.39 18.84 -34.44
CA TYR A 119 48.37 19.48 -33.12
C TYR A 119 48.97 18.55 -32.05
N ALA A 120 49.62 17.46 -32.45
CA ALA A 120 50.29 16.61 -31.49
C ALA A 120 51.50 17.36 -30.93
N HIS A 121 51.91 16.98 -29.72
CA HIS A 121 53.03 17.58 -29.02
C HIS A 121 54.00 16.49 -28.60
N ILE A 122 55.28 16.69 -28.92
CA ILE A 122 56.32 15.76 -28.55
C ILE A 122 57.34 16.48 -27.69
N GLY A 123 57.28 16.22 -26.39
CA GLY A 123 58.02 16.95 -25.40
C GLY A 123 59.48 16.56 -25.37
N HIS A 124 60.27 17.42 -24.72
CA HIS A 124 61.69 17.24 -24.63
C HIS A 124 62.04 15.81 -24.26
N ASP A 125 63.04 15.26 -24.95
CA ASP A 125 63.74 14.05 -24.57
C ASP A 125 62.90 12.81 -24.87
N SER A 126 61.78 12.97 -25.55
CA SER A 126 60.97 11.84 -25.93
C SER A 126 61.69 11.07 -27.04
N VAL A 127 61.36 9.78 -27.13
CA VAL A 127 61.95 8.90 -28.13
C VAL A 127 60.82 8.12 -28.80
N ILE A 128 60.68 8.27 -30.10
CA ILE A 128 59.72 7.51 -30.84
C ILE A 128 60.47 6.57 -31.79
N GLY A 129 59.93 5.37 -31.90
CA GLY A 129 60.50 4.32 -32.74
C GLY A 129 60.07 4.45 -34.17
N ASN A 130 59.66 3.34 -34.77
CA ASN A 130 59.25 3.31 -36.16
C ASN A 130 57.79 2.85 -36.25
N HIS A 131 57.11 3.30 -37.31
CA HIS A 131 55.79 2.81 -37.67
C HIS A 131 54.72 3.22 -36.65
N CYS A 132 55.00 4.24 -35.84
CA CYS A 132 54.04 4.67 -34.85
C CYS A 132 53.03 5.63 -35.48
N ILE A 133 51.89 5.77 -34.81
CA ILE A 133 50.86 6.69 -35.18
C ILE A 133 50.43 7.45 -33.93
N LEU A 134 50.64 8.77 -33.93
CA LEU A 134 50.13 9.65 -32.90
C LEU A 134 49.01 10.47 -33.52
N VAL A 135 47.80 10.29 -33.00
CA VAL A 135 46.68 10.90 -33.60
C VAL A 135 46.52 12.30 -33.04
N ASN A 136 45.69 13.12 -33.72
CA ASN A 136 45.43 14.50 -33.38
C ASN A 136 45.54 14.74 -31.88
N ASN A 137 46.38 15.71 -31.50
CA ASN A 137 46.43 16.30 -30.15
C ASN A 137 46.96 15.31 -29.11
N THR A 138 47.62 14.24 -29.54
CA THR A 138 48.35 13.42 -28.63
C THR A 138 49.50 14.22 -28.06
N ALA A 139 49.75 14.10 -26.76
CA ALA A 139 50.77 14.91 -26.10
C ALA A 139 51.68 14.03 -25.23
N LEU A 140 52.98 14.05 -25.54
CA LEU A 140 53.99 13.40 -24.72
C LEU A 140 54.67 14.46 -23.86
N ALA A 141 54.45 14.43 -22.55
CA ALA A 141 54.92 15.49 -21.67
C ALA A 141 56.44 15.66 -21.67
N GLY A 142 57.17 14.56 -21.87
CA GLY A 142 58.63 14.57 -21.88
C GLY A 142 59.21 13.26 -21.39
N HIS A 143 60.38 12.91 -21.94
CA HIS A 143 61.07 11.70 -21.59
C HIS A 143 60.19 10.48 -21.83
N VAL A 144 59.33 10.54 -22.85
CA VAL A 144 58.44 9.44 -23.13
C VAL A 144 59.07 8.58 -24.21
N HIS A 145 59.09 7.27 -24.01
CA HIS A 145 59.59 6.33 -25.01
C HIS A 145 58.38 5.60 -25.61
N VAL A 146 58.20 5.73 -26.93
CA VAL A 146 57.17 5.03 -27.66
C VAL A 146 57.84 4.04 -28.61
N ASP A 147 57.59 2.76 -28.39
CA ASP A 147 58.23 1.70 -29.14
C ASP A 147 57.40 1.41 -30.41
N ASP A 148 57.95 0.57 -31.29
CA ASP A 148 57.50 0.43 -32.67
C ASP A 148 56.01 0.04 -32.74
N TRP A 149 55.30 0.60 -33.72
CA TRP A 149 53.93 0.20 -34.13
C TRP A 149 52.87 0.65 -33.12
N ALA A 150 53.25 1.47 -32.15
CA ALA A 150 52.26 1.90 -31.20
C ALA A 150 51.27 2.85 -31.90
N ILE A 151 50.05 2.87 -31.39
CA ILE A 151 49.04 3.78 -31.85
C ILE A 151 48.46 4.49 -30.63
N LEU A 152 48.54 5.82 -30.60
CA LEU A 152 47.90 6.61 -29.58
C LEU A 152 46.71 7.35 -30.20
N SER A 153 45.50 6.99 -29.78
CA SER A 153 44.30 7.60 -30.31
C SER A 153 44.31 9.08 -29.93
N GLY A 154 43.39 9.83 -30.54
CA GLY A 154 43.36 11.25 -30.41
C GLY A 154 43.25 11.70 -28.96
N TYR A 155 43.93 12.82 -28.67
CA TYR A 155 43.88 13.48 -27.38
C TYR A 155 44.33 12.52 -26.28
N THR A 156 45.28 11.64 -26.59
CA THR A 156 45.94 10.85 -25.59
C THR A 156 47.06 11.68 -24.96
N LEU A 157 47.06 11.75 -23.63
CA LEU A 157 48.08 12.46 -22.87
C LEU A 157 48.98 11.45 -22.16
N VAL A 158 50.29 11.67 -22.17
CA VAL A 158 51.25 10.76 -21.54
C VAL A 158 52.16 11.55 -20.59
N HIS A 159 52.18 11.16 -19.32
CA HIS A 159 53.01 11.78 -18.32
C HIS A 159 54.49 11.54 -18.61
N GLN A 160 55.31 12.40 -18.01
CA GLN A 160 56.75 12.32 -18.07
C GLN A 160 57.19 10.90 -17.70
N TYR A 161 58.13 10.36 -18.47
CA TYR A 161 58.90 9.15 -18.16
C TYR A 161 58.17 7.86 -18.53
N CYS A 162 56.93 7.93 -19.03
CA CYS A 162 56.23 6.70 -19.35
C CYS A 162 56.79 6.04 -20.61
N ARG A 163 56.72 4.71 -20.62
CA ARG A 163 57.08 3.89 -21.75
C ARG A 163 55.78 3.35 -22.36
N ILE A 164 55.58 3.58 -23.64
CA ILE A 164 54.48 3.03 -24.40
C ILE A 164 55.03 1.85 -25.22
N GLY A 165 54.50 0.66 -24.97
CA GLY A 165 55.05 -0.58 -25.51
C GLY A 165 54.76 -0.77 -26.98
N ALA A 166 55.55 -1.62 -27.62
CA ALA A 166 55.36 -1.96 -29.02
C ALA A 166 53.94 -2.51 -29.23
N HIS A 167 53.30 -2.06 -30.32
CA HIS A 167 51.99 -2.51 -30.78
C HIS A 167 50.88 -2.16 -29.79
N SER A 168 51.18 -1.33 -28.80
CA SER A 168 50.20 -1.01 -27.83
C SER A 168 49.25 0.04 -28.42
N PHE A 169 48.13 0.27 -27.76
CA PHE A 169 47.07 1.10 -28.28
C PHE A 169 46.36 1.83 -27.15
N SER A 170 46.21 3.14 -27.28
CA SER A 170 45.45 3.91 -26.33
C SER A 170 44.16 4.39 -26.99
N GLY A 171 43.06 4.37 -26.24
CA GLY A 171 41.79 4.88 -26.70
C GLY A 171 41.75 6.38 -26.61
N MET A 172 40.71 6.99 -27.15
CA MET A 172 40.78 8.40 -27.29
C MET A 172 40.49 9.06 -25.93
N GLY A 173 41.22 10.16 -25.67
CA GLY A 173 41.15 10.88 -24.44
C GLY A 173 41.78 10.12 -23.27
N SER A 174 42.66 9.17 -23.58
CA SER A 174 43.39 8.44 -22.56
C SER A 174 44.36 9.38 -21.84
N ALA A 175 44.51 9.18 -20.54
CA ALA A 175 45.48 9.89 -19.72
C ALA A 175 46.37 8.85 -19.05
N ILE A 176 47.57 8.65 -19.59
CA ILE A 176 48.45 7.59 -19.23
C ILE A 176 49.50 8.09 -18.24
N GLY A 177 49.58 7.43 -17.09
CA GLY A 177 50.47 7.82 -16.01
C GLY A 177 51.50 6.76 -15.64
N LYS A 178 51.40 5.56 -16.21
CA LYS A 178 52.33 4.48 -15.94
C LYS A 178 52.63 3.79 -17.26
N ASP A 179 53.59 2.88 -17.29
CA ASP A 179 53.97 2.25 -18.57
C ASP A 179 52.78 1.48 -19.14
N VAL A 180 52.71 1.43 -20.47
CA VAL A 180 51.79 0.59 -21.13
C VAL A 180 52.58 -0.58 -21.69
N PRO A 181 52.33 -1.81 -21.25
CA PRO A 181 53.07 -2.96 -21.76
C PRO A 181 52.77 -3.11 -23.24
N ALA A 182 53.66 -3.80 -23.93
CA ALA A 182 53.48 -4.09 -25.34
C ALA A 182 52.13 -4.78 -25.56
N TYR A 183 51.52 -4.47 -26.70
CA TYR A 183 50.28 -5.05 -27.18
C TYR A 183 49.05 -4.59 -26.39
N VAL A 184 49.19 -3.94 -25.25
CA VAL A 184 48.04 -3.72 -24.40
C VAL A 184 47.20 -2.55 -24.91
N THR A 185 45.89 -2.62 -24.73
CA THR A 185 44.99 -1.51 -25.01
C THR A 185 44.58 -0.85 -23.70
N VAL A 186 44.61 0.49 -23.66
CA VAL A 186 44.25 1.24 -22.45
C VAL A 186 43.25 2.33 -22.81
N PHE A 187 42.42 2.69 -21.83
CA PHE A 187 41.31 3.62 -22.03
C PHE A 187 41.08 4.43 -20.77
N GLY A 188 40.73 5.71 -20.95
CA GLY A 188 40.14 6.52 -19.88
C GLY A 188 41.17 7.38 -19.19
N ASN A 189 40.68 8.16 -18.22
CA ASN A 189 41.46 9.09 -17.44
C ASN A 189 41.08 8.93 -15.98
N PRO A 190 41.88 8.19 -15.21
CA PRO A 190 43.17 7.64 -15.61
C PRO A 190 43.05 6.35 -16.43
N ALA A 191 44.05 6.09 -17.26
CA ALA A 191 44.02 4.98 -18.19
C ALA A 191 43.99 3.65 -17.43
N GLU A 192 43.19 2.71 -17.96
CA GLU A 192 43.08 1.36 -17.47
C GLU A 192 43.31 0.39 -18.62
N ALA A 193 43.96 -0.74 -18.35
CA ALA A 193 44.18 -1.80 -19.31
C ALA A 193 42.84 -2.51 -19.52
N ARG A 194 42.55 -2.86 -20.76
CA ARG A 194 41.30 -3.48 -21.10
C ARG A 194 41.55 -4.83 -21.79
N SER A 195 42.42 -4.86 -22.80
CA SER A 195 42.64 -6.03 -23.59
C SER A 195 43.99 -5.91 -24.31
N MET A 196 44.14 -6.62 -25.43
CA MET A 196 45.30 -6.52 -26.26
C MET A 196 44.90 -6.12 -27.67
N ASN A 197 45.85 -5.57 -28.40
CA ASN A 197 45.65 -4.98 -29.68
C ASN A 197 45.72 -6.08 -30.73
N PHE A 198 44.66 -6.89 -30.82
CA PHE A 198 44.65 -8.01 -31.70
C PHE A 198 44.62 -7.55 -33.15
N GLU A 199 43.93 -6.43 -33.43
CA GLU A 199 43.91 -5.85 -34.78
C GLU A 199 45.35 -5.66 -35.27
N GLY A 200 46.20 -5.11 -34.40
CA GLY A 200 47.58 -4.86 -34.70
C GLY A 200 48.36 -6.13 -35.02
N MET A 201 48.08 -7.20 -34.28
CA MET A 201 48.76 -8.48 -34.47
C MET A 201 48.34 -9.09 -35.80
N ARG A 202 47.07 -8.87 -36.20
CA ARG A 202 46.54 -9.39 -37.43
C ARG A 202 47.31 -8.80 -38.60
N ARG A 203 47.48 -7.47 -38.58
CA ARG A 203 48.15 -6.71 -39.63
C ARG A 203 49.62 -7.11 -39.75
N ARG A 204 50.28 -7.44 -38.66
CA ARG A 204 51.69 -7.87 -38.74
C ARG A 204 51.77 -9.37 -39.09
N GLY A 205 50.64 -10.04 -39.26
CA GLY A 205 50.61 -11.43 -39.65
C GLY A 205 51.14 -12.37 -38.58
N PHE A 206 50.88 -12.10 -37.31
CA PHE A 206 51.27 -13.01 -36.24
C PHE A 206 50.57 -14.35 -36.44
N SER A 207 51.22 -15.43 -36.01
CA SER A 207 50.60 -16.73 -36.04
C SER A 207 49.40 -16.73 -35.09
N SER A 208 48.49 -17.66 -35.31
CA SER A 208 47.31 -17.75 -34.48
C SER A 208 47.70 -18.32 -33.11
N GLU A 209 48.76 -19.14 -33.03
CA GLU A 209 49.24 -19.71 -31.76
C GLU A 209 49.84 -18.59 -30.90
N ALA A 210 50.47 -17.61 -31.54
CA ALA A 210 51.12 -16.52 -30.85
C ALA A 210 50.06 -15.54 -30.29
N ILE A 211 49.00 -15.32 -31.06
CA ILE A 211 47.93 -14.45 -30.64
C ILE A 211 47.28 -15.04 -29.37
N HIS A 212 47.02 -16.35 -29.40
CA HIS A 212 46.43 -17.02 -28.27
C HIS A 212 47.36 -16.92 -27.06
N ALA A 213 48.67 -17.03 -27.28
CA ALA A 213 49.64 -17.03 -26.20
C ALA A 213 49.66 -15.66 -25.52
N LEU A 214 49.45 -14.62 -26.34
CA LEU A 214 49.47 -13.29 -25.86
C LEU A 214 48.19 -12.99 -25.09
N ARG A 215 47.07 -13.60 -25.46
CA ARG A 215 45.86 -13.40 -24.69
C ARG A 215 46.03 -14.05 -23.32
N ARG A 216 46.64 -15.23 -23.26
CA ARG A 216 46.85 -15.92 -21.99
C ARG A 216 47.79 -15.08 -21.14
N ALA A 217 48.76 -14.44 -21.79
CA ALA A 217 49.74 -13.62 -21.09
C ALA A 217 49.05 -12.42 -20.44
N TYR A 218 48.12 -11.81 -21.17
CA TYR A 218 47.34 -10.72 -20.64
C TYR A 218 46.64 -11.18 -19.37
N LYS A 219 45.99 -12.34 -19.43
CA LYS A 219 45.21 -12.85 -18.32
C LYS A 219 46.12 -13.11 -17.10
N VAL A 220 47.35 -13.55 -17.31
CA VAL A 220 48.27 -13.84 -16.21
C VAL A 220 48.58 -12.56 -15.42
N VAL A 221 48.84 -11.49 -16.17
CA VAL A 221 49.27 -10.23 -15.61
C VAL A 221 48.09 -9.48 -14.97
N TYR A 222 46.90 -9.58 -15.55
CA TYR A 222 45.81 -8.65 -15.27
C TYR A 222 44.59 -9.31 -14.63
N ARG A 223 44.30 -10.59 -14.88
CA ARG A 223 42.96 -11.15 -14.57
C ARG A 223 43.10 -12.34 -13.60
N GLN A 224 44.20 -12.51 -12.88
CA GLN A 224 44.38 -13.73 -12.10
C GLN A 224 44.92 -13.45 -10.69
N GLY A 225 44.82 -12.20 -10.24
CA GLY A 225 45.27 -11.80 -8.92
C GLY A 225 46.77 -11.93 -8.70
N HIS A 226 47.59 -12.03 -9.74
CA HIS A 226 49.04 -12.16 -9.52
C HIS A 226 49.62 -10.79 -9.21
N THR A 227 50.63 -10.72 -8.34
CA THR A 227 51.47 -9.53 -8.26
C THR A 227 52.31 -9.48 -9.53
N VAL A 228 52.96 -8.36 -9.80
CA VAL A 228 53.70 -8.27 -11.03
C VAL A 228 54.89 -9.24 -11.01
N GLU A 229 55.51 -9.45 -9.84
CA GLU A 229 56.60 -10.42 -9.68
C GLU A 229 56.13 -11.83 -10.00
N GLU A 230 54.97 -12.21 -9.47
CA GLU A 230 54.42 -13.57 -9.67
C GLU A 230 54.07 -13.78 -11.16
N ALA A 231 53.62 -12.72 -11.82
CA ALA A 231 53.21 -12.78 -13.22
C ALA A 231 54.44 -13.00 -14.10
N LEU A 232 55.51 -12.26 -13.84
CA LEU A 232 56.75 -12.40 -14.58
C LEU A 232 57.28 -13.83 -14.51
N ALA A 233 57.15 -14.46 -13.34
CA ALA A 233 57.60 -15.81 -13.12
C ALA A 233 56.75 -16.78 -13.96
N GLU A 234 55.44 -16.54 -13.98
CA GLU A 234 54.53 -17.39 -14.70
C GLU A 234 54.74 -17.26 -16.22
N LEU A 235 55.05 -16.04 -16.68
CA LEU A 235 55.28 -15.78 -18.09
C LEU A 235 56.58 -16.38 -18.60
N ALA A 236 57.50 -16.80 -17.73
CA ALA A 236 58.82 -17.24 -18.19
C ALA A 236 58.71 -18.35 -19.25
N GLU A 237 57.85 -19.35 -19.03
CA GLU A 237 57.67 -20.50 -19.95
C GLU A 237 57.24 -19.96 -21.31
N SER A 238 56.16 -19.18 -21.30
CA SER A 238 55.48 -18.72 -22.50
C SER A 238 56.39 -17.77 -23.31
N ALA A 239 57.29 -17.05 -22.65
CA ALA A 239 58.20 -16.10 -23.27
C ALA A 239 59.35 -16.83 -23.96
N ALA A 240 59.67 -18.02 -23.51
CA ALA A 240 60.70 -18.80 -24.16
C ALA A 240 60.14 -19.50 -25.41
N GLN A 241 58.83 -19.72 -25.42
CA GLN A 241 58.15 -20.42 -26.47
C GLN A 241 57.84 -19.47 -27.64
N PHE A 242 57.61 -18.19 -27.37
CA PHE A 242 57.14 -17.25 -28.37
C PHE A 242 57.91 -15.93 -28.27
N PRO A 243 58.69 -15.54 -29.32
CA PRO A 243 59.33 -14.21 -29.36
C PRO A 243 58.38 -13.05 -29.04
N GLU A 244 57.12 -13.20 -29.44
CA GLU A 244 56.10 -12.16 -29.32
C GLU A 244 55.72 -11.98 -27.86
N VAL A 245 55.66 -13.06 -27.08
CA VAL A 245 55.36 -12.98 -25.67
C VAL A 245 56.57 -12.40 -24.92
N ALA A 246 57.78 -12.74 -25.38
CA ALA A 246 58.98 -12.20 -24.75
C ALA A 246 58.99 -10.67 -24.79
N VAL A 247 58.53 -10.08 -25.91
CA VAL A 247 58.41 -8.62 -26.03
C VAL A 247 57.51 -8.08 -24.92
N PHE A 248 56.40 -8.77 -24.67
CA PHE A 248 55.43 -8.40 -23.64
C PHE A 248 56.06 -8.53 -22.26
N ARG A 249 56.69 -9.68 -21.96
CA ARG A 249 57.32 -9.88 -20.68
C ARG A 249 58.39 -8.79 -20.47
N ASP A 250 59.20 -8.51 -21.50
CA ASP A 250 60.33 -7.58 -21.38
C ASP A 250 59.80 -6.17 -21.08
N SER A 251 58.65 -5.79 -21.64
CA SER A 251 58.09 -4.48 -21.38
C SER A 251 57.63 -4.33 -19.92
N ILE A 252 57.14 -5.41 -19.32
CA ILE A 252 56.72 -5.40 -17.93
C ILE A 252 57.94 -5.45 -17.00
N GLN A 253 58.90 -6.31 -17.33
CA GLN A 253 60.15 -6.44 -16.60
C GLN A 253 60.73 -5.05 -16.33
N SER A 254 60.86 -4.26 -17.41
CA SER A 254 61.66 -3.04 -17.42
C SER A 254 60.82 -1.84 -16.96
N ALA A 255 59.78 -2.11 -16.20
CA ALA A 255 58.85 -1.10 -15.79
C ALA A 255 58.79 -1.06 -14.27
N THR A 256 59.41 -2.05 -13.62
CA THR A 256 59.02 -2.49 -12.30
C THR A 256 60.23 -2.96 -11.51
N ARG A 257 61.17 -2.08 -11.18
CA ARG A 257 62.20 -2.50 -10.23
C ARG A 257 61.59 -2.71 -8.83
N GLY A 258 60.86 -1.72 -8.28
CA GLY A 258 60.30 -1.80 -6.92
C GLY A 258 61.36 -1.42 -5.89
N ILE A 259 61.05 -1.66 -4.61
CA ILE A 259 61.97 -1.36 -3.52
C ILE A 259 62.11 -2.57 -2.57
N THR A 260 63.29 -2.69 -1.99
CA THR A 260 63.54 -3.69 -1.04
C THR A 260 62.50 -3.56 0.07
N ARG A 261 61.71 -4.61 0.30
CA ARG A 261 60.65 -4.66 1.34
C ARG A 261 61.00 -5.69 2.41
N MET B 4 42.89 50.19 -54.75
CA MET B 4 42.93 49.15 -53.68
C MET B 4 42.11 47.91 -54.10
N SER B 5 42.71 46.72 -53.86
CA SER B 5 42.03 45.44 -54.15
C SER B 5 41.79 44.76 -52.79
N LEU B 6 40.80 43.83 -52.77
CA LEU B 6 40.33 43.17 -51.58
C LEU B 6 41.14 41.92 -51.28
N ILE B 7 42.03 41.55 -52.17
CA ILE B 7 42.91 40.43 -52.09
C ILE B 7 44.32 40.98 -51.85
N ASP B 8 44.88 40.63 -50.72
CA ASP B 8 46.16 41.14 -50.32
C ASP B 8 47.16 40.73 -51.39
N PRO B 9 48.07 41.64 -51.79
CA PRO B 9 49.14 41.27 -52.72
C PRO B 9 50.08 40.20 -52.15
N ARG B 10 50.13 40.03 -50.83
CA ARG B 10 51.00 39.02 -50.23
C ARG B 10 50.35 37.63 -50.22
N ALA B 11 49.10 37.51 -50.66
CA ALA B 11 48.42 36.21 -50.75
C ALA B 11 48.79 35.51 -52.06
N ILE B 12 48.55 34.20 -52.13
CA ILE B 12 48.76 33.41 -53.33
C ILE B 12 47.41 32.83 -53.78
N ILE B 13 47.04 33.14 -55.01
CA ILE B 13 45.80 32.64 -55.58
C ILE B 13 46.16 31.80 -56.79
N ASP B 14 45.78 30.52 -56.78
CA ASP B 14 46.05 29.67 -57.90
C ASP B 14 45.29 30.18 -59.12
N PRO B 15 45.90 30.14 -60.33
CA PRO B 15 45.19 30.44 -61.57
C PRO B 15 43.82 29.77 -61.73
N SER B 16 43.66 28.54 -61.24
CA SER B 16 42.45 27.73 -61.43
C SER B 16 41.42 27.92 -60.28
N ALA B 17 41.72 28.80 -59.32
CA ALA B 17 40.75 29.17 -58.29
C ALA B 17 39.74 30.15 -58.88
N ARG B 18 38.52 30.14 -58.33
CA ARG B 18 37.43 30.96 -58.82
C ARG B 18 36.81 31.70 -57.62
N LEU B 19 37.07 33.00 -57.52
CA LEU B 19 36.60 33.86 -56.44
C LEU B 19 35.54 34.83 -56.96
N ALA B 20 34.41 34.92 -56.25
CA ALA B 20 33.42 35.93 -56.56
C ALA B 20 34.04 37.33 -56.38
N ALA B 21 33.34 38.34 -56.93
CA ALA B 21 33.89 39.70 -57.12
C ALA B 21 34.40 40.30 -55.79
N ASP B 22 33.68 40.12 -54.68
CA ASP B 22 33.92 40.90 -53.45
C ASP B 22 34.45 40.01 -52.32
N VAL B 23 35.14 38.93 -52.67
CA VAL B 23 35.85 38.11 -51.72
C VAL B 23 37.06 38.90 -51.20
N GLN B 24 37.35 38.75 -49.92
CA GLN B 24 38.55 39.30 -49.29
C GLN B 24 39.50 38.18 -48.88
N VAL B 25 40.80 38.38 -49.12
CA VAL B 25 41.80 37.42 -48.71
C VAL B 25 42.94 38.18 -48.05
N GLY B 26 43.29 37.77 -46.83
CA GLY B 26 44.31 38.38 -46.04
C GLY B 26 45.70 38.01 -46.53
N PRO B 27 46.74 38.68 -46.00
CA PRO B 27 48.11 38.42 -46.38
C PRO B 27 48.57 37.01 -45.99
N TRP B 28 49.42 36.42 -46.83
CA TRP B 28 50.09 35.14 -46.57
C TRP B 28 49.08 33.98 -46.50
N SER B 29 47.97 34.13 -47.22
CA SER B 29 47.02 33.06 -47.34
C SER B 29 47.21 32.41 -48.71
N ILE B 30 46.92 31.11 -48.79
CA ILE B 30 46.97 30.37 -50.03
C ILE B 30 45.57 29.92 -50.39
N VAL B 31 45.12 30.29 -51.59
CA VAL B 31 43.93 29.72 -52.17
C VAL B 31 44.35 28.80 -53.31
N GLY B 32 44.38 27.50 -53.01
CA GLY B 32 44.93 26.48 -53.90
C GLY B 32 44.07 26.24 -55.14
N ALA B 33 44.59 25.36 -55.99
CA ALA B 33 43.91 24.93 -57.21
C ALA B 33 42.52 24.41 -56.86
N GLU B 34 41.54 24.76 -57.71
CA GLU B 34 40.19 24.19 -57.68
C GLU B 34 39.42 24.58 -56.42
N VAL B 35 39.72 25.75 -55.86
CA VAL B 35 38.96 26.29 -54.80
C VAL B 35 38.03 27.34 -55.37
N GLU B 36 36.77 27.29 -54.94
CA GLU B 36 35.76 28.20 -55.36
C GLU B 36 35.23 28.92 -54.11
N ILE B 37 35.15 30.25 -54.14
CA ILE B 37 34.74 31.04 -52.97
C ILE B 37 33.62 32.01 -53.36
N GLY B 38 32.53 31.96 -52.61
CA GLY B 38 31.31 32.70 -52.91
C GLY B 38 31.33 34.13 -52.38
N GLU B 39 30.41 34.91 -52.95
CA GLU B 39 30.12 36.31 -52.63
C GLU B 39 30.23 36.60 -51.13
N GLY B 40 31.04 37.59 -50.77
CA GLY B 40 31.06 38.23 -49.45
C GLY B 40 31.86 37.49 -48.40
N THR B 41 32.53 36.41 -48.79
CA THR B 41 33.35 35.62 -47.89
C THR B 41 34.65 36.36 -47.63
N VAL B 42 35.19 36.17 -46.43
CA VAL B 42 36.42 36.79 -45.96
C VAL B 42 37.37 35.70 -45.46
N ILE B 43 38.52 35.60 -46.10
CA ILE B 43 39.61 34.76 -45.68
C ILE B 43 40.59 35.64 -44.93
N GLY B 44 40.93 35.23 -43.72
CA GLY B 44 41.88 35.96 -42.88
C GLY B 44 43.29 35.77 -43.41
N PRO B 45 44.30 36.26 -42.65
CA PRO B 45 45.69 36.02 -42.99
C PRO B 45 46.09 34.59 -42.59
N HIS B 46 47.19 34.07 -43.15
CA HIS B 46 47.74 32.78 -42.73
C HIS B 46 46.71 31.66 -42.84
N VAL B 47 45.92 31.62 -43.92
CA VAL B 47 44.99 30.55 -44.13
C VAL B 47 45.46 29.73 -45.32
N VAL B 48 45.24 28.42 -45.24
CA VAL B 48 45.56 27.53 -46.33
C VAL B 48 44.25 26.87 -46.80
N LEU B 49 43.83 27.17 -48.03
CA LEU B 49 42.73 26.48 -48.66
C LEU B 49 43.29 25.53 -49.72
N LYS B 50 42.71 24.34 -49.80
CA LYS B 50 43.09 23.36 -50.77
C LYS B 50 41.82 22.74 -51.35
N GLY B 51 41.91 22.21 -52.59
CA GLY B 51 40.74 21.78 -53.34
C GLY B 51 40.82 20.31 -53.74
N PRO B 52 39.73 19.78 -54.33
CA PRO B 52 38.55 20.52 -54.79
C PRO B 52 37.58 20.94 -53.68
N THR B 53 37.38 22.26 -53.53
CA THR B 53 36.63 22.80 -52.42
C THR B 53 35.70 23.89 -52.93
N LYS B 54 34.46 23.89 -52.44
CA LYS B 54 33.50 24.91 -52.73
C LYS B 54 33.08 25.57 -51.42
N ILE B 55 33.32 26.88 -51.32
CA ILE B 55 32.93 27.66 -50.16
C ILE B 55 31.86 28.65 -50.60
N GLY B 56 30.76 28.72 -49.85
CA GLY B 56 29.61 29.54 -50.19
C GLY B 56 29.81 31.00 -49.83
N LYS B 57 28.72 31.66 -49.48
CA LYS B 57 28.64 33.11 -49.37
C LYS B 57 28.70 33.53 -47.91
N HIS B 58 29.35 34.66 -47.66
CA HIS B 58 29.35 35.36 -46.38
C HIS B 58 29.99 34.50 -45.28
N ASN B 59 31.02 33.73 -45.61
CA ASN B 59 31.79 33.00 -44.61
C ASN B 59 32.91 33.89 -44.08
N ARG B 60 33.38 33.55 -42.89
CA ARG B 60 34.52 34.23 -42.22
CA ARG B 60 34.52 34.23 -42.22
C ARG B 60 35.43 33.06 -41.83
N ILE B 61 36.68 33.03 -42.32
CA ILE B 61 37.67 31.97 -41.96
C ILE B 61 38.92 32.62 -41.38
N TYR B 62 39.29 32.23 -40.16
CA TYR B 62 40.34 32.91 -39.40
C TYR B 62 41.69 32.24 -39.61
N GLN B 63 42.72 32.95 -39.14
CA GLN B 63 44.12 32.61 -39.29
C GLN B 63 44.44 31.19 -38.83
N PHE B 64 45.36 30.53 -39.54
CA PHE B 64 46.02 29.26 -39.14
C PHE B 64 45.13 28.03 -39.40
N SER B 65 44.01 28.26 -40.08
CA SER B 65 43.12 27.24 -40.51
C SER B 65 43.67 26.58 -41.77
N SER B 66 43.52 25.25 -41.85
CA SER B 66 43.82 24.47 -43.03
C SER B 66 42.52 23.81 -43.46
N VAL B 67 41.92 24.31 -44.52
CA VAL B 67 40.62 23.91 -44.98
C VAL B 67 40.76 23.26 -46.36
N GLY B 68 40.46 21.96 -46.45
CA GLY B 68 40.45 21.26 -47.71
C GLY B 68 41.66 20.36 -47.88
N GLU B 69 42.34 20.08 -46.78
CA GLU B 69 43.54 19.28 -46.79
C GLU B 69 43.14 17.80 -46.98
N ASP B 70 44.06 16.96 -47.45
CA ASP B 70 43.76 15.53 -47.57
C ASP B 70 43.72 14.88 -46.18
N THR B 71 42.86 13.90 -45.92
CA THR B 71 43.06 13.16 -44.66
C THR B 71 44.37 12.43 -44.73
N PRO B 72 45.03 12.18 -43.58
CA PRO B 72 46.18 11.30 -43.53
C PRO B 72 45.81 9.82 -43.43
N ASP B 73 44.52 9.50 -43.24
CA ASP B 73 44.04 8.12 -43.19
C ASP B 73 44.69 7.35 -44.34
N LEU B 74 45.22 6.16 -44.04
CA LEU B 74 46.04 5.40 -45.03
C LEU B 74 45.11 4.73 -46.05
N LYS B 75 43.81 4.76 -45.74
CA LYS B 75 42.65 4.47 -46.61
C LYS B 75 42.65 5.33 -47.89
N TYR B 76 43.01 6.61 -47.80
CA TYR B 76 42.95 7.60 -48.90
C TYR B 76 44.25 7.54 -49.70
N LYS B 77 44.16 7.40 -51.04
CA LYS B 77 45.32 7.21 -51.95
C LYS B 77 45.41 8.31 -53.02
N GLY B 78 44.89 9.51 -52.74
CA GLY B 78 45.14 10.69 -53.61
C GLY B 78 44.03 10.97 -54.64
N GLU B 79 42.87 10.33 -54.50
CA GLU B 79 41.71 10.49 -55.43
C GLU B 79 41.12 11.89 -55.27
N PRO B 80 40.35 12.41 -56.28
CA PRO B 80 39.91 13.82 -56.28
C PRO B 80 38.59 14.02 -55.51
N THR B 81 38.66 14.04 -54.18
CA THR B 81 37.49 14.12 -53.35
C THR B 81 37.23 15.59 -53.02
N ARG B 82 36.06 15.89 -52.45
CA ARG B 82 35.53 17.23 -52.38
C ARG B 82 35.33 17.66 -50.92
N LEU B 83 35.29 18.98 -50.72
CA LEU B 83 34.78 19.60 -49.51
C LEU B 83 33.79 20.69 -49.93
N VAL B 84 32.61 20.72 -49.29
CA VAL B 84 31.60 21.72 -49.60
C VAL B 84 31.21 22.43 -48.31
N ILE B 85 31.27 23.75 -48.34
CA ILE B 85 30.87 24.60 -47.23
C ILE B 85 29.79 25.55 -47.73
N GLY B 86 28.74 25.71 -46.93
CA GLY B 86 27.61 26.55 -47.28
C GLY B 86 27.87 28.01 -46.99
N ASP B 87 26.82 28.68 -46.50
CA ASP B 87 26.74 30.11 -46.36
C ASP B 87 26.79 30.49 -44.87
N HIS B 88 27.30 31.68 -44.57
CA HIS B 88 27.21 32.34 -43.25
C HIS B 88 27.88 31.54 -42.14
N ASN B 89 28.95 30.82 -42.44
CA ASN B 89 29.68 30.07 -41.44
C ASN B 89 30.83 30.93 -40.90
N VAL B 90 31.23 30.62 -39.67
CA VAL B 90 32.38 31.19 -39.04
C VAL B 90 33.30 30.05 -38.63
N ILE B 91 34.53 30.10 -39.13
CA ILE B 91 35.54 29.11 -38.84
C ILE B 91 36.71 29.83 -38.17
N ARG B 92 36.91 29.55 -36.88
CA ARG B 92 37.85 30.30 -36.08
C ARG B 92 39.27 29.76 -36.27
N GLU B 93 40.18 30.27 -35.45
CA GLU B 93 41.60 30.12 -35.67
C GLU B 93 41.99 28.65 -35.50
N GLY B 94 42.77 28.16 -36.47
CA GLY B 94 43.45 26.88 -36.34
C GLY B 94 42.60 25.66 -36.68
N VAL B 95 41.42 25.88 -37.26
CA VAL B 95 40.54 24.78 -37.56
C VAL B 95 41.12 23.97 -38.72
N THR B 96 40.96 22.64 -38.65
CA THR B 96 41.29 21.75 -39.75
C THR B 96 40.01 21.08 -40.25
N ILE B 97 39.84 21.11 -41.59
CA ILE B 97 38.74 20.46 -42.23
C ILE B 97 39.32 19.65 -43.40
N HIS B 98 39.03 18.35 -43.42
CA HIS B 98 39.56 17.48 -44.43
C HIS B 98 38.48 17.16 -45.48
N ARG B 99 38.92 16.92 -46.71
CA ARG B 99 38.03 16.47 -47.77
C ARG B 99 37.72 14.99 -47.57
N GLY B 100 36.75 14.48 -48.33
CA GLY B 100 36.24 13.12 -48.21
C GLY B 100 37.18 12.06 -48.76
N THR B 101 36.64 10.84 -48.79
CA THR B 101 37.29 9.62 -49.26
C THR B 101 36.35 8.87 -50.20
N VAL B 102 36.91 8.10 -51.14
CA VAL B 102 36.09 7.40 -52.13
C VAL B 102 35.27 6.29 -51.47
N GLN B 103 35.67 5.81 -50.31
CA GLN B 103 35.02 4.70 -49.63
C GLN B 103 33.65 5.13 -49.06
N ASP B 104 33.34 6.42 -48.97
CA ASP B 104 32.00 6.88 -48.50
C ASP B 104 31.32 7.67 -49.63
N ARG B 105 31.22 8.99 -49.52
CA ARG B 105 30.49 9.79 -50.52
C ARG B 105 31.44 10.73 -51.27
N ALA B 106 32.73 10.67 -50.94
CA ALA B 106 33.76 11.44 -51.61
C ALA B 106 33.61 12.93 -51.29
N GLU B 107 32.98 13.25 -50.16
CA GLU B 107 32.64 14.63 -49.88
C GLU B 107 32.47 14.85 -48.39
N THR B 108 33.22 15.81 -47.84
CA THR B 108 32.96 16.38 -46.54
C THR B 108 32.06 17.59 -46.76
N THR B 109 30.99 17.74 -45.97
CA THR B 109 30.02 18.78 -46.30
C THR B 109 29.65 19.52 -45.01
N ILE B 110 29.51 20.84 -45.11
CA ILE B 110 29.10 21.73 -44.04
C ILE B 110 28.01 22.65 -44.56
N GLY B 111 26.94 22.80 -43.77
CA GLY B 111 25.77 23.59 -44.16
C GLY B 111 25.99 25.06 -43.91
N ASP B 112 24.96 25.70 -43.35
CA ASP B 112 24.86 27.14 -43.21
C ASP B 112 24.85 27.55 -41.73
N HIS B 113 25.30 28.77 -41.45
CA HIS B 113 25.14 29.41 -40.12
C HIS B 113 25.83 28.60 -39.02
N ASN B 114 26.94 27.93 -39.30
CA ASN B 114 27.61 27.16 -38.28
C ASN B 114 28.72 28.00 -37.67
N LEU B 115 29.06 27.71 -36.43
CA LEU B 115 30.18 28.30 -35.75
C LEU B 115 31.14 27.19 -35.33
N ILE B 116 32.34 27.19 -35.90
CA ILE B 116 33.33 26.21 -35.60
C ILE B 116 34.50 26.92 -34.95
N MET B 117 34.72 26.65 -33.67
CA MET B 117 35.59 27.46 -32.87
C MET B 117 37.03 26.89 -32.94
N ALA B 118 37.95 27.58 -32.28
CA ALA B 118 39.36 27.40 -32.50
C ALA B 118 39.77 25.94 -32.35
N TYR B 119 40.63 25.50 -33.28
CA TYR B 119 41.39 24.24 -33.17
C TYR B 119 40.45 23.02 -33.31
N ALA B 120 39.21 23.23 -33.72
CA ALA B 120 38.33 22.10 -33.98
C ALA B 120 38.82 21.36 -35.22
N HIS B 121 38.49 20.07 -35.30
CA HIS B 121 38.86 19.20 -36.39
C HIS B 121 37.61 18.54 -36.96
N ILE B 122 37.47 18.61 -38.28
CA ILE B 122 36.36 17.99 -38.97
C ILE B 122 36.92 16.99 -39.98
N GLY B 123 36.82 15.73 -39.62
CA GLY B 123 37.45 14.64 -40.34
C GLY B 123 36.73 14.31 -41.64
N HIS B 124 37.44 13.56 -42.47
CA HIS B 124 36.95 13.18 -43.77
C HIS B 124 35.51 12.66 -43.68
N ASP B 125 34.68 13.12 -44.62
CA ASP B 125 33.38 12.54 -44.92
C ASP B 125 32.36 12.93 -43.87
N SER B 126 32.70 13.83 -42.95
CA SER B 126 31.77 14.30 -41.97
C SER B 126 30.74 15.21 -42.66
N VAL B 127 29.57 15.32 -42.05
CA VAL B 127 28.48 16.11 -42.57
C VAL B 127 27.91 16.94 -41.45
N ILE B 128 27.95 18.26 -41.59
CA ILE B 128 27.38 19.13 -40.62
C ILE B 128 26.20 19.87 -41.25
N GLY B 129 25.14 20.02 -40.47
CA GLY B 129 23.92 20.66 -40.90
C GLY B 129 24.02 22.17 -40.78
N ASN B 130 22.97 22.77 -40.23
CA ASN B 130 22.90 24.22 -40.07
C ASN B 130 22.79 24.58 -38.60
N HIS B 131 23.29 25.76 -38.25
CA HIS B 131 23.08 26.38 -36.94
C HIS B 131 23.82 25.62 -35.85
N CYS B 132 24.83 24.82 -36.20
CA CYS B 132 25.56 24.08 -35.20
C CYS B 132 26.66 24.93 -34.60
N ILE B 133 27.15 24.51 -33.44
CA ILE B 133 28.25 25.12 -32.75
C ILE B 133 29.20 24.01 -32.28
N LEU B 134 30.42 24.02 -32.82
CA LEU B 134 31.49 23.17 -32.36
C LEU B 134 32.49 24.04 -31.60
N VAL B 135 32.65 23.76 -30.32
CA VAL B 135 33.43 24.61 -29.50
C VAL B 135 34.89 24.15 -29.60
N ASN B 136 35.80 25.02 -29.14
CA ASN B 136 37.23 24.82 -29.17
C ASN B 136 37.59 23.33 -29.06
N ASN B 137 38.38 22.85 -30.04
CA ASN B 137 39.06 21.56 -29.98
C ASN B 137 38.09 20.38 -30.05
N THR B 138 36.86 20.61 -30.49
CA THR B 138 35.97 19.53 -30.82
C THR B 138 36.55 18.77 -32.01
N ALA B 139 36.51 17.44 -31.97
CA ALA B 139 37.11 16.64 -33.03
C ALA B 139 36.13 15.58 -33.53
N LEU B 140 35.82 15.62 -34.83
CA LEU B 140 35.03 14.59 -35.49
C LEU B 140 35.99 13.68 -36.24
N ALA B 141 36.12 12.42 -35.80
CA ALA B 141 37.14 11.54 -36.35
C ALA B 141 36.94 11.25 -37.84
N GLY B 142 35.68 11.24 -38.30
CA GLY B 142 35.35 10.96 -39.69
C GLY B 142 34.00 10.30 -39.84
N HIS B 143 33.33 10.58 -40.96
CA HIS B 143 32.03 10.04 -41.26
C HIS B 143 31.04 10.39 -40.15
N VAL B 144 31.20 11.55 -39.52
CA VAL B 144 30.31 11.94 -38.46
C VAL B 144 29.22 12.85 -39.04
N HIS B 145 27.97 12.58 -38.69
CA HIS B 145 26.85 13.40 -39.12
C HIS B 145 26.37 14.20 -37.91
N VAL B 146 26.40 15.52 -38.01
CA VAL B 146 25.89 16.42 -36.99
C VAL B 146 24.69 17.15 -37.55
N ASP B 147 23.53 16.93 -36.95
CA ASP B 147 22.30 17.49 -37.45
C ASP B 147 22.08 18.89 -36.82
N ASP B 148 21.06 19.61 -37.29
CA ASP B 148 20.89 21.03 -37.07
C ASP B 148 20.87 21.37 -35.57
N TRP B 149 21.47 22.50 -35.21
CA TRP B 149 21.36 23.18 -33.88
C TRP B 149 22.16 22.43 -32.81
N ALA B 150 22.96 21.43 -33.18
CA ALA B 150 23.69 20.75 -32.18
C ALA B 150 24.76 21.65 -31.59
N ILE B 151 25.13 21.40 -30.35
CA ILE B 151 26.20 22.06 -29.68
C ILE B 151 27.14 21.01 -29.09
N LEU B 152 28.41 21.04 -29.49
CA LEU B 152 29.41 20.21 -28.89
C LEU B 152 30.35 21.07 -28.06
N SER B 153 30.30 20.89 -26.73
CA SER B 153 31.13 21.68 -25.84
C SER B 153 32.60 21.39 -26.14
N GLY B 154 33.47 22.20 -25.57
CA GLY B 154 34.87 22.15 -25.87
C GLY B 154 35.47 20.77 -25.60
N TYR B 155 36.43 20.40 -26.47
CA TYR B 155 37.21 19.20 -26.36
C TYR B 155 36.29 17.98 -26.35
N THR B 156 35.18 18.05 -27.09
CA THR B 156 34.36 16.91 -27.34
C THR B 156 34.96 16.10 -28.50
N LEU B 157 35.16 14.80 -28.27
CA LEU B 157 35.69 13.89 -29.28
C LEU B 157 34.57 12.96 -29.76
N VAL B 158 34.47 12.72 -31.08
CA VAL B 158 33.43 11.88 -31.63
C VAL B 158 34.08 10.82 -32.52
N HIS B 159 33.78 9.54 -32.22
CA HIS B 159 34.31 8.43 -32.98
C HIS B 159 33.72 8.40 -34.38
N GLN B 160 34.43 7.70 -35.26
CA GLN B 160 34.00 7.51 -36.64
C GLN B 160 32.56 6.98 -36.65
N TYR B 161 31.74 7.52 -37.55
CA TYR B 161 30.42 6.99 -37.93
C TYR B 161 29.30 7.43 -36.98
N CYS B 162 29.59 8.17 -35.91
CA CYS B 162 28.53 8.56 -34.99
C CYS B 162 27.63 9.63 -35.59
N ARG B 163 26.36 9.60 -35.20
CA ARG B 163 25.37 10.59 -35.54
C ARG B 163 25.07 11.42 -34.28
N ILE B 164 25.24 12.73 -34.38
CA ILE B 164 24.89 13.67 -33.35
C ILE B 164 23.54 14.31 -33.73
N GLY B 165 22.53 14.12 -32.90
CA GLY B 165 21.16 14.50 -33.22
C GLY B 165 20.92 16.00 -33.15
N ALA B 166 19.86 16.45 -33.81
CA ALA B 166 19.43 17.81 -33.78
C ALA B 166 19.22 18.30 -32.33
N HIS B 167 19.70 19.49 -32.03
CA HIS B 167 19.55 20.18 -30.76
C HIS B 167 20.25 19.46 -29.62
N SER B 168 21.05 18.45 -29.93
CA SER B 168 21.68 17.70 -28.90
C SER B 168 22.86 18.50 -28.35
N PHE B 169 23.41 18.07 -27.23
CA PHE B 169 24.40 18.85 -26.51
C PHE B 169 25.36 17.90 -25.80
N SER B 170 26.65 18.13 -26.00
CA SER B 170 27.66 17.38 -25.29
C SER B 170 28.36 18.31 -24.31
N GLY B 171 28.66 17.79 -23.12
CA GLY B 171 29.41 18.52 -22.11
C GLY B 171 30.89 18.52 -22.45
N MET B 172 31.68 19.27 -21.71
CA MET B 172 33.00 19.46 -22.16
C MET B 172 33.85 18.24 -21.79
N GLY B 173 34.77 17.89 -22.69
CA GLY B 173 35.60 16.73 -22.58
C GLY B 173 34.81 15.43 -22.79
N SER B 174 33.66 15.52 -23.44
CA SER B 174 32.89 14.33 -23.77
C SER B 174 33.64 13.48 -24.79
N ALA B 175 33.54 12.17 -24.65
CA ALA B 175 34.05 11.21 -25.61
C ALA B 175 32.89 10.34 -26.07
N ILE B 176 32.39 10.62 -27.27
CA ILE B 176 31.19 10.04 -27.79
C ILE B 176 31.52 8.89 -28.74
N GLY B 177 30.99 7.72 -28.46
CA GLY B 177 31.26 6.50 -29.19
C GLY B 177 30.01 5.89 -29.81
N LYS B 178 28.82 6.40 -29.52
CA LYS B 178 27.59 5.91 -30.08
C LYS B 178 26.74 7.11 -30.44
N ASP B 179 25.61 6.90 -31.12
CA ASP B 179 24.81 8.04 -31.57
C ASP B 179 24.27 8.81 -30.38
N VAL B 180 24.10 10.11 -30.54
CA VAL B 180 23.44 10.90 -29.58
C VAL B 180 22.07 11.25 -30.15
N PRO B 181 20.98 10.81 -29.53
CA PRO B 181 19.65 11.14 -30.03
C PRO B 181 19.45 12.65 -29.98
N ALA B 182 18.52 13.13 -30.79
CA ALA B 182 18.16 14.53 -30.80
C ALA B 182 17.78 14.98 -29.40
N TYR B 183 18.12 16.22 -29.08
CA TYR B 183 17.80 16.93 -27.86
C TYR B 183 18.60 16.41 -26.65
N VAL B 184 19.29 15.28 -26.74
CA VAL B 184 19.83 14.66 -25.55
C VAL B 184 21.12 15.37 -25.13
N THR B 185 21.36 15.46 -23.83
CA THR B 185 22.62 15.96 -23.30
C THR B 185 23.48 14.78 -22.83
N VAL B 186 24.77 14.78 -23.17
CA VAL B 186 25.67 13.72 -22.79
C VAL B 186 26.94 14.31 -22.18
N PHE B 187 27.57 13.54 -21.28
CA PHE B 187 28.71 14.01 -20.51
C PHE B 187 29.67 12.85 -20.26
N GLY B 188 30.97 13.16 -20.27
CA GLY B 188 32.00 12.29 -19.76
C GLY B 188 32.66 11.44 -20.81
N ASN B 189 33.65 10.66 -20.39
CA ASN B 189 34.43 9.77 -21.22
C ASN B 189 34.49 8.41 -20.52
N PRO B 190 33.67 7.47 -20.96
CA PRO B 190 32.77 7.56 -22.10
C PRO B 190 31.49 8.32 -21.82
N ALA B 191 30.92 8.92 -22.86
CA ALA B 191 29.76 9.77 -22.74
C ALA B 191 28.55 8.98 -22.22
N GLU B 192 27.77 9.60 -21.35
CA GLU B 192 26.53 9.09 -20.78
C GLU B 192 25.42 10.12 -20.97
N ALA B 193 24.22 9.66 -21.24
CA ALA B 193 23.04 10.52 -21.38
C ALA B 193 22.62 10.97 -20.01
N ARG B 194 22.22 12.22 -19.87
CA ARG B 194 21.86 12.79 -18.60
C ARG B 194 20.44 13.35 -18.65
N SER B 195 20.14 14.16 -19.66
CA SER B 195 18.88 14.87 -19.74
C SER B 195 18.62 15.31 -21.17
N MET B 196 17.81 16.35 -21.34
CA MET B 196 17.56 16.96 -22.62
C MET B 196 17.94 18.43 -22.58
N ASN B 197 18.19 18.99 -23.76
CA ASN B 197 18.72 20.30 -23.94
C ASN B 197 17.55 21.27 -23.96
N PHE B 198 16.99 21.53 -22.76
CA PHE B 198 15.84 22.37 -22.65
C PHE B 198 16.19 23.81 -23.00
N GLU B 199 17.40 24.25 -22.66
CA GLU B 199 17.89 25.58 -23.02
C GLU B 199 17.71 25.80 -24.52
N GLY B 200 18.09 24.80 -25.32
CA GLY B 200 18.00 24.84 -26.75
C GLY B 200 16.56 24.97 -27.25
N MET B 201 15.64 24.26 -26.58
CA MET B 201 14.24 24.28 -26.94
C MET B 201 13.63 25.65 -26.63
N ARG B 202 14.13 26.30 -25.56
CA ARG B 202 13.65 27.60 -25.15
C ARG B 202 13.97 28.61 -26.24
N ARG B 203 15.22 28.59 -26.72
CA ARG B 203 15.73 29.51 -27.74
C ARG B 203 14.97 29.34 -29.06
N ARG B 204 14.56 28.12 -29.42
CA ARG B 204 13.79 27.92 -30.62
C ARG B 204 12.33 28.21 -30.45
N GLY B 205 11.93 28.59 -29.23
CA GLY B 205 10.54 28.94 -28.92
C GLY B 205 9.60 27.77 -29.05
N PHE B 206 10.02 26.55 -28.64
CA PHE B 206 9.13 25.42 -28.64
C PHE B 206 7.96 25.66 -27.71
N SER B 207 6.81 25.09 -28.03
CA SER B 207 5.66 25.20 -27.16
C SER B 207 5.98 24.50 -25.84
N SER B 208 5.23 24.86 -24.80
CA SER B 208 5.46 24.27 -23.51
C SER B 208 4.96 22.82 -23.50
N GLU B 209 3.94 22.51 -24.32
CA GLU B 209 3.39 21.14 -24.43
C GLU B 209 4.43 20.22 -25.09
N ALA B 210 5.21 20.77 -26.01
CA ALA B 210 6.20 20.01 -26.76
C ALA B 210 7.41 19.70 -25.88
N ILE B 211 7.78 20.68 -25.05
CA ILE B 211 8.89 20.49 -24.14
C ILE B 211 8.56 19.37 -23.16
N HIS B 212 7.34 19.40 -22.61
CA HIS B 212 6.90 18.38 -21.69
C HIS B 212 6.89 17.02 -22.38
N ALA B 213 6.48 16.97 -23.66
CA ALA B 213 6.37 15.72 -24.38
C ALA B 213 7.76 15.11 -24.58
N LEU B 214 8.74 15.99 -24.77
CA LEU B 214 10.08 15.56 -24.99
C LEU B 214 10.71 15.07 -23.68
N ARG B 215 10.32 15.64 -22.54
CA ARG B 215 10.82 15.12 -21.30
C ARG B 215 10.27 13.72 -21.05
N ARG B 216 8.98 13.50 -21.36
CA ARG B 216 8.38 12.20 -21.18
C ARG B 216 9.07 11.20 -22.11
N ALA B 217 9.43 11.67 -23.30
CA ALA B 217 10.08 10.83 -24.28
C ALA B 217 11.45 10.38 -23.78
N TYR B 218 12.18 11.29 -23.14
CA TYR B 218 13.45 10.96 -22.57
C TYR B 218 13.27 9.83 -21.57
N LYS B 219 12.27 9.98 -20.69
CA LYS B 219 12.03 9.01 -19.64
C LYS B 219 11.67 7.64 -20.21
N VAL B 220 10.96 7.59 -21.33
CA VAL B 220 10.54 6.32 -21.94
C VAL B 220 11.78 5.54 -22.40
N VAL B 221 12.71 6.24 -23.03
CA VAL B 221 13.87 5.65 -23.65
C VAL B 221 14.91 5.27 -22.58
N TYR B 222 15.04 6.07 -21.52
CA TYR B 222 16.22 6.01 -20.66
C TYR B 222 15.90 5.61 -19.21
N ARG B 223 14.70 5.89 -18.68
CA ARG B 223 14.48 5.80 -17.23
C ARG B 223 13.37 4.81 -16.90
N GLN B 224 13.01 3.88 -17.78
CA GLN B 224 11.82 3.04 -17.49
C GLN B 224 12.08 1.56 -17.81
N GLY B 225 13.36 1.17 -17.96
CA GLY B 225 13.71 -0.20 -18.23
C GLY B 225 13.22 -0.72 -19.59
N HIS B 226 12.87 0.14 -20.53
CA HIS B 226 12.42 -0.35 -21.84
C HIS B 226 13.64 -0.76 -22.67
N THR B 227 13.50 -1.79 -23.49
CA THR B 227 14.48 -2.05 -24.55
C THR B 227 14.28 -0.96 -25.60
N VAL B 228 15.21 -0.82 -26.53
CA VAL B 228 15.09 0.26 -27.48
C VAL B 228 13.86 0.02 -28.38
N GLU B 229 13.57 -1.23 -28.72
CA GLU B 229 12.41 -1.61 -29.53
C GLU B 229 11.10 -1.22 -28.80
N GLU B 230 11.02 -1.52 -27.50
CA GLU B 230 9.82 -1.24 -26.72
C GLU B 230 9.61 0.28 -26.60
N ALA B 231 10.71 1.04 -26.51
CA ALA B 231 10.66 2.47 -26.38
C ALA B 231 10.12 3.11 -27.66
N LEU B 232 10.63 2.67 -28.80
CA LEU B 232 10.18 3.15 -30.09
C LEU B 232 8.68 2.97 -30.26
N ALA B 233 8.16 1.84 -29.78
CA ALA B 233 6.75 1.52 -29.88
C ALA B 233 5.95 2.47 -29.01
N GLU B 234 6.46 2.75 -27.81
CA GLU B 234 5.79 3.62 -26.87
C GLU B 234 5.77 5.07 -27.38
N LEU B 235 6.87 5.48 -28.03
CA LEU B 235 7.00 6.83 -28.57
C LEU B 235 6.07 7.07 -29.78
N ALA B 236 5.52 6.03 -30.41
CA ALA B 236 4.79 6.19 -31.66
C ALA B 236 3.65 7.21 -31.51
N GLU B 237 2.88 7.14 -30.42
CA GLU B 237 1.74 8.04 -30.19
C GLU B 237 2.24 9.49 -30.17
N SER B 238 3.21 9.71 -29.30
CA SER B 238 3.73 11.04 -28.97
C SER B 238 4.42 11.67 -30.20
N ALA B 239 4.99 10.85 -31.09
CA ALA B 239 5.68 11.31 -32.29
C ALA B 239 4.69 11.74 -33.37
N ALA B 240 3.48 11.21 -33.33
CA ALA B 240 2.47 11.62 -34.27
C ALA B 240 1.81 12.93 -33.82
N GLN B 241 1.87 13.19 -32.51
CA GLN B 241 1.25 14.34 -31.90
C GLN B 241 2.15 15.57 -32.03
N PHE B 242 3.47 15.38 -32.04
CA PHE B 242 4.42 16.50 -31.98
C PHE B 242 5.55 16.30 -32.99
N PRO B 243 5.69 17.19 -34.00
CA PRO B 243 6.84 17.16 -34.90
C PRO B 243 8.20 17.04 -34.19
N GLU B 244 8.29 17.67 -33.01
CA GLU B 244 9.52 17.78 -32.25
C GLU B 244 9.89 16.40 -31.67
N VAL B 245 8.88 15.63 -31.23
CA VAL B 245 9.12 14.30 -30.71
C VAL B 245 9.46 13.35 -31.85
N ALA B 246 8.87 13.57 -33.03
CA ALA B 246 9.18 12.73 -34.20
C ALA B 246 10.66 12.81 -34.53
N VAL B 247 11.26 14.01 -34.42
CA VAL B 247 12.70 14.19 -34.64
C VAL B 247 13.49 13.26 -33.69
N PHE B 248 13.05 13.22 -32.43
CA PHE B 248 13.67 12.39 -31.40
C PHE B 248 13.51 10.91 -31.73
N ARG B 249 12.28 10.48 -32.03
CA ARG B 249 12.04 9.08 -32.35
C ARG B 249 12.90 8.70 -33.57
N ASP B 250 12.93 9.55 -34.59
CA ASP B 250 13.60 9.24 -35.85
C ASP B 250 15.11 9.10 -35.61
N SER B 251 15.68 9.88 -34.70
CA SER B 251 17.11 9.78 -34.40
C SER B 251 17.46 8.45 -33.74
N ILE B 252 16.54 7.91 -32.92
CA ILE B 252 16.76 6.63 -32.26
C ILE B 252 16.52 5.49 -33.25
N GLN B 253 15.46 5.60 -34.04
CA GLN B 253 15.12 4.63 -35.07
C GLN B 253 16.37 4.31 -35.90
N SER B 254 17.03 5.36 -36.39
CA SER B 254 18.05 5.26 -37.42
C SER B 254 19.44 5.02 -36.80
N ALA B 255 19.46 4.47 -35.60
CA ALA B 255 20.66 4.29 -34.86
C ALA B 255 20.84 2.84 -34.51
N THR B 256 19.80 2.03 -34.78
CA THR B 256 19.55 0.79 -34.04
C THR B 256 18.90 -0.22 -34.95
N ARG B 257 19.50 -0.59 -36.08
CA ARG B 257 19.04 -1.76 -36.79
C ARG B 257 19.30 -3.03 -35.94
N GLY B 258 20.54 -3.26 -35.43
CA GLY B 258 20.82 -4.40 -34.58
C GLY B 258 21.11 -5.63 -35.41
N ILE B 259 21.00 -6.84 -34.79
CA ILE B 259 21.15 -8.08 -35.51
C ILE B 259 19.98 -9.03 -35.20
N THR B 260 19.66 -9.86 -36.18
CA THR B 260 18.65 -10.83 -36.02
C THR B 260 19.04 -11.70 -34.82
N ARG B 261 18.16 -11.75 -33.82
CA ARG B 261 18.37 -12.54 -32.58
C ARG B 261 17.36 -13.69 -32.49
N SER C 5 66.92 46.80 -38.32
CA SER C 5 66.01 47.31 -37.27
C SER C 5 65.34 46.08 -36.62
N LEU C 6 64.66 46.30 -35.48
CA LEU C 6 64.17 45.31 -34.56
C LEU C 6 62.80 44.82 -35.01
N ILE C 7 62.17 45.51 -35.95
CA ILE C 7 60.91 45.15 -36.51
C ILE C 7 61.15 44.65 -37.93
N ASP C 8 60.80 43.39 -38.15
CA ASP C 8 61.06 42.76 -39.42
C ASP C 8 60.32 43.57 -40.49
N PRO C 9 60.95 43.81 -41.65
CA PRO C 9 60.26 44.46 -42.75
C PRO C 9 59.05 43.66 -43.27
N ARG C 10 59.00 42.35 -43.02
CA ARG C 10 57.90 41.52 -43.47
C ARG C 10 56.70 41.59 -42.51
N ALA C 11 56.83 42.26 -41.36
CA ALA C 11 55.72 42.40 -40.40
C ALA C 11 54.82 43.57 -40.79
N ILE C 12 53.61 43.61 -40.25
CA ILE C 12 52.64 44.67 -40.48
C ILE C 12 52.32 45.35 -39.16
N ILE C 13 52.53 46.66 -39.10
CA ILE C 13 52.28 47.42 -37.90
C ILE C 13 51.22 48.47 -38.24
N ASP C 14 50.08 48.43 -37.57
CA ASP C 14 49.06 49.40 -37.80
C ASP C 14 49.57 50.80 -37.43
N PRO C 15 49.22 51.84 -38.22
CA PRO C 15 49.52 53.22 -37.84
C PRO C 15 49.18 53.61 -36.39
N SER C 16 48.09 53.06 -35.85
CA SER C 16 47.55 53.42 -34.52
C SER C 16 48.12 52.53 -33.39
N ALA C 17 49.03 51.61 -33.72
CA ALA C 17 49.73 50.83 -32.70
C ALA C 17 50.83 51.70 -32.09
N ARG C 18 51.18 51.41 -30.84
CA ARG C 18 52.16 52.16 -30.08
C ARG C 18 53.16 51.17 -29.47
N LEU C 19 54.37 51.15 -30.03
CA LEU C 19 55.45 50.25 -29.62
C LEU C 19 56.56 51.04 -28.92
N ALA C 20 57.01 50.56 -27.77
CA ALA C 20 58.19 51.12 -27.13
C ALA C 20 59.39 50.94 -28.06
N ALA C 21 60.48 51.68 -27.77
CA ALA C 21 61.62 51.83 -28.70
C ALA C 21 62.24 50.47 -29.06
N ASP C 22 62.36 49.53 -28.10
CA ASP C 22 63.20 48.34 -28.30
C ASP C 22 62.36 47.05 -28.40
N VAL C 23 61.11 47.19 -28.83
CA VAL C 23 60.27 46.05 -29.11
C VAL C 23 60.80 45.37 -30.37
N GLN C 24 60.75 44.04 -30.39
CA GLN C 24 61.10 43.22 -31.55
C GLN C 24 59.85 42.53 -32.09
N VAL C 25 59.72 42.52 -33.42
CA VAL C 25 58.61 41.84 -34.07
C VAL C 25 59.17 41.01 -35.22
N GLY C 26 58.83 39.73 -35.21
CA GLY C 26 59.28 38.79 -36.20
C GLY C 26 58.55 38.95 -37.52
N PRO C 27 59.02 38.26 -38.57
CA PRO C 27 58.41 38.32 -39.89
C PRO C 27 56.98 37.78 -39.90
N TRP C 28 56.11 38.38 -40.71
CA TRP C 28 54.75 37.92 -40.98
C TRP C 28 53.88 37.99 -39.73
N SER C 29 54.19 38.91 -38.84
CA SER C 29 53.37 39.16 -37.69
C SER C 29 52.54 40.41 -37.93
N ILE C 30 51.36 40.47 -37.34
CA ILE C 30 50.47 41.61 -37.45
C ILE C 30 50.32 42.23 -36.06
N VAL C 31 50.65 43.51 -35.95
CA VAL C 31 50.32 44.27 -34.77
C VAL C 31 49.19 45.23 -35.14
N GLY C 32 47.96 44.84 -34.79
CA GLY C 32 46.74 45.50 -35.24
C GLY C 32 46.53 46.85 -34.58
N ALA C 33 45.45 47.51 -35.00
CA ALA C 33 45.04 48.81 -34.47
C ALA C 33 44.90 48.71 -32.94
N GLU C 34 45.37 49.77 -32.26
CA GLU C 34 45.14 49.99 -30.82
C GLU C 34 45.83 48.96 -29.95
N VAL C 35 46.95 48.43 -30.42
CA VAL C 35 47.79 47.58 -29.64
C VAL C 35 48.96 48.42 -29.13
N GLU C 36 49.26 48.25 -27.85
CA GLU C 36 50.32 48.94 -27.19
C GLU C 36 51.27 47.87 -26.64
N ILE C 37 52.58 48.01 -26.91
CA ILE C 37 53.56 47.01 -26.49
C ILE C 37 54.70 47.69 -25.74
N GLY C 38 55.01 47.19 -24.55
CA GLY C 38 55.98 47.76 -23.65
C GLY C 38 57.42 47.33 -23.94
N GLU C 39 58.34 48.13 -23.38
CA GLU C 39 59.77 47.95 -23.37
C GLU C 39 60.19 46.49 -23.29
N GLY C 40 61.02 46.05 -24.25
CA GLY C 40 61.78 44.79 -24.19
C GLY C 40 60.99 43.55 -24.56
N THR C 41 59.74 43.74 -25.00
CA THR C 41 58.90 42.64 -25.41
C THR C 41 59.34 42.17 -26.79
N VAL C 42 59.17 40.88 -27.05
CA VAL C 42 59.55 40.21 -28.29
C VAL C 42 58.34 39.45 -28.83
N ILE C 43 57.90 39.84 -30.03
CA ILE C 43 56.90 39.16 -30.77
C ILE C 43 57.61 38.28 -31.79
N GLY C 44 57.27 36.99 -31.80
CA GLY C 44 57.82 36.04 -32.73
C GLY C 44 57.28 36.24 -34.12
N PRO C 45 57.60 35.32 -35.06
CA PRO C 45 57.01 35.35 -36.39
C PRO C 45 55.57 34.79 -36.35
N HIS C 46 54.76 35.08 -37.36
CA HIS C 46 53.44 34.49 -37.50
C HIS C 46 52.57 34.73 -36.26
N VAL C 47 52.59 35.94 -35.69
CA VAL C 47 51.75 36.25 -34.57
C VAL C 47 50.69 37.26 -35.03
N VAL C 48 49.50 37.15 -34.48
CA VAL C 48 48.45 38.11 -34.75
C VAL C 48 48.06 38.77 -33.43
N LEU C 49 48.32 40.07 -33.31
CA LEU C 49 47.83 40.87 -32.20
C LEU C 49 46.67 41.75 -32.68
N LYS C 50 45.63 41.85 -31.86
CA LYS C 50 44.49 42.67 -32.14
C LYS C 50 44.12 43.46 -30.88
N GLY C 51 43.44 44.58 -31.04
CA GLY C 51 43.21 45.55 -29.95
C GLY C 51 41.74 45.87 -29.75
N PRO C 52 41.41 46.64 -28.71
CA PRO C 52 42.33 47.34 -27.81
C PRO C 52 43.08 46.47 -26.80
N THR C 53 44.40 46.47 -26.89
CA THR C 53 45.24 45.56 -26.12
C THR C 53 46.44 46.34 -25.60
N LYS C 54 46.79 46.09 -24.35
CA LYS C 54 47.97 46.66 -23.71
C LYS C 54 48.85 45.50 -23.26
N ILE C 55 50.06 45.42 -23.78
CA ILE C 55 51.03 44.43 -23.41
C ILE C 55 52.21 45.13 -22.73
N GLY C 56 52.61 44.62 -21.56
CA GLY C 56 53.64 45.24 -20.74
C GLY C 56 55.03 44.93 -21.24
N LYS C 57 55.97 44.86 -20.29
CA LYS C 57 57.41 44.87 -20.56
C LYS C 57 57.95 43.44 -20.48
N HIS C 58 58.93 43.16 -21.34
CA HIS C 58 59.74 41.93 -21.28
C HIS C 58 58.88 40.68 -21.47
N ASN C 59 57.87 40.74 -22.32
CA ASN C 59 57.09 39.57 -22.70
C ASN C 59 57.76 38.88 -23.89
N ARG C 60 57.46 37.61 -24.05
CA ARG C 60 57.89 36.77 -25.19
CA ARG C 60 57.91 36.76 -25.18
C ARG C 60 56.58 36.14 -25.70
N ILE C 61 56.22 36.37 -26.97
CA ILE C 61 55.02 35.74 -27.59
C ILE C 61 55.42 34.95 -28.84
N TYR C 62 55.09 33.67 -28.88
CA TYR C 62 55.60 32.75 -29.90
C TYR C 62 54.61 32.64 -31.06
N GLN C 63 55.10 32.01 -32.13
CA GLN C 63 54.44 31.85 -33.42
C GLN C 63 53.05 31.24 -33.27
N PHE C 64 52.12 31.70 -34.12
CA PHE C 64 50.79 31.11 -34.37
C PHE C 64 49.77 31.46 -33.26
N SER C 65 50.19 32.37 -32.38
CA SER C 65 49.35 32.91 -31.36
C SER C 65 48.44 33.99 -31.94
N SER C 66 47.18 34.01 -31.49
CA SER C 66 46.23 35.06 -31.79
C SER C 66 45.82 35.68 -30.46
N VAL C 67 46.34 36.87 -30.18
CA VAL C 67 46.20 37.55 -28.92
C VAL C 67 45.41 38.83 -29.12
N GLY C 68 44.22 38.90 -28.54
CA GLY C 68 43.41 40.10 -28.56
C GLY C 68 42.23 39.98 -29.53
N GLU C 69 41.91 38.77 -29.91
CA GLU C 69 40.88 38.48 -30.86
C GLU C 69 39.52 38.66 -30.16
N ASP C 70 38.44 38.89 -30.90
CA ASP C 70 37.10 38.99 -30.30
C ASP C 70 36.64 37.60 -29.85
N THR C 71 35.91 37.46 -28.74
CA THR C 71 35.27 36.15 -28.54
C THR C 71 34.25 35.92 -29.62
N PRO C 72 33.98 34.65 -29.99
CA PRO C 72 32.86 34.34 -30.86
C PRO C 72 31.53 34.22 -30.13
N ASP C 73 31.54 34.27 -28.79
CA ASP C 73 30.32 34.23 -27.97
C ASP C 73 29.31 35.18 -28.61
N LEU C 74 28.05 34.72 -28.76
CA LEU C 74 27.03 35.47 -29.52
C LEU C 74 26.51 36.62 -28.63
N LYS C 75 26.88 36.56 -27.34
CA LYS C 75 26.79 37.62 -26.32
C LYS C 75 27.46 38.94 -26.77
N TYR C 76 28.63 38.85 -27.41
CA TYR C 76 29.48 40.01 -27.80
C TYR C 76 29.04 40.54 -29.16
N LYS C 77 28.79 41.86 -29.26
CA LYS C 77 28.24 42.52 -30.47
C LYS C 77 29.17 43.60 -31.03
N GLY C 78 30.49 43.50 -30.80
CA GLY C 78 31.49 44.35 -31.49
C GLY C 78 31.91 45.59 -30.71
N GLU C 79 31.59 45.67 -29.40
CA GLU C 79 31.92 46.82 -28.53
C GLU C 79 33.44 46.85 -28.28
N PRO C 80 34.02 48.02 -27.89
CA PRO C 80 35.48 48.16 -27.79
C PRO C 80 36.01 47.70 -26.40
N THR C 81 36.14 46.39 -26.23
CA THR C 81 36.58 45.81 -24.98
C THR C 81 38.09 45.61 -25.05
N ARG C 82 38.70 45.29 -23.90
CA ARG C 82 40.14 45.41 -23.72
C ARG C 82 40.75 44.05 -23.37
N LEU C 83 42.05 43.95 -23.61
CA LEU C 83 42.91 42.91 -23.08
C LEU C 83 44.13 43.58 -22.47
N VAL C 84 44.51 43.20 -21.24
CA VAL C 84 45.67 43.76 -20.57
C VAL C 84 46.59 42.62 -20.16
N ILE C 85 47.86 42.72 -20.54
CA ILE C 85 48.88 41.79 -20.18
C ILE C 85 50.01 42.53 -19.48
N GLY C 86 50.49 41.97 -18.38
CA GLY C 86 51.53 42.59 -17.59
C GLY C 86 52.92 42.35 -18.13
N ASP C 87 53.85 42.12 -17.22
CA ASP C 87 55.28 42.09 -17.47
C ASP C 87 55.80 40.65 -17.34
N HIS C 88 56.86 40.34 -18.09
CA HIS C 88 57.67 39.10 -17.93
C HIS C 88 56.84 37.82 -18.18
N ASN C 89 55.87 37.88 -19.07
CA ASN C 89 55.09 36.71 -19.41
C ASN C 89 55.69 36.01 -20.62
N VAL C 90 55.44 34.71 -20.71
CA VAL C 90 55.79 33.91 -21.85
C VAL C 90 54.50 33.26 -22.36
N ILE C 91 54.21 33.50 -23.64
CA ILE C 91 53.07 32.94 -24.31
C ILE C 91 53.58 32.08 -25.47
N ARG C 92 53.40 30.77 -25.37
CA ARG C 92 54.00 29.84 -26.30
C ARG C 92 53.13 29.71 -27.54
N GLU C 93 53.52 28.74 -28.38
CA GLU C 93 53.02 28.67 -29.74
C GLU C 93 51.53 28.33 -29.73
N GLY C 94 50.75 29.08 -30.51
CA GLY C 94 49.38 28.75 -30.82
C GLY C 94 48.36 29.18 -29.78
N VAL C 95 48.77 29.98 -28.82
CA VAL C 95 47.88 30.39 -27.76
C VAL C 95 46.83 31.36 -28.32
N THR C 96 45.60 31.24 -27.84
CA THR C 96 44.53 32.18 -28.13
C THR C 96 44.12 32.89 -26.84
N ILE C 97 44.03 34.23 -26.91
CA ILE C 97 43.59 35.05 -25.81
C ILE C 97 42.55 36.02 -26.36
N HIS C 98 41.37 36.03 -25.77
CA HIS C 98 40.28 36.86 -26.22
C HIS C 98 40.12 38.07 -25.29
N ARG C 99 39.66 39.18 -25.87
CA ARG C 99 39.32 40.37 -25.10
C ARG C 99 37.96 40.16 -24.42
N GLY C 100 37.62 41.06 -23.50
CA GLY C 100 36.44 40.96 -22.66
C GLY C 100 35.14 41.25 -23.39
N THR C 101 34.07 41.32 -22.57
CA THR C 101 32.68 41.58 -22.99
C THR C 101 32.08 42.63 -22.07
N VAL C 102 31.12 43.41 -22.58
CA VAL C 102 30.54 44.49 -21.78
C VAL C 102 29.71 43.96 -20.62
N GLN C 103 29.27 42.71 -20.69
CA GLN C 103 28.40 42.11 -19.67
C GLN C 103 29.19 41.82 -18.39
N ASP C 104 30.52 41.87 -18.39
CA ASP C 104 31.33 41.70 -17.14
C ASP C 104 32.12 42.99 -16.87
N ARG C 105 33.45 42.97 -17.09
CA ARG C 105 34.28 44.13 -16.75
C ARG C 105 34.89 44.73 -18.02
N ALA C 106 34.57 44.16 -19.18
CA ALA C 106 35.02 44.66 -20.48
C ALA C 106 36.52 44.47 -20.64
N GLU C 107 37.10 43.51 -19.92
CA GLU C 107 38.54 43.38 -19.89
C GLU C 107 38.94 41.97 -19.51
N THR C 108 39.76 41.34 -20.35
CA THR C 108 40.52 40.17 -20.03
C THR C 108 41.89 40.63 -19.51
N THR C 109 42.36 40.09 -18.40
CA THR C 109 43.55 40.66 -17.78
C THR C 109 44.50 39.52 -17.37
N ILE C 110 45.80 39.74 -17.58
CA ILE C 110 46.86 38.84 -17.22
C ILE C 110 47.96 39.62 -16.49
N GLY C 111 48.43 39.08 -15.38
CA GLY C 111 49.42 39.71 -14.55
C GLY C 111 50.84 39.52 -15.07
N ASP C 112 51.75 39.20 -14.15
CA ASP C 112 53.18 39.19 -14.38
C ASP C 112 53.74 37.78 -14.22
N HIS C 113 54.85 37.47 -14.90
CA HIS C 113 55.64 36.24 -14.71
C HIS C 113 54.81 34.98 -14.95
N ASN C 114 53.88 35.01 -15.90
CA ASN C 114 53.08 33.83 -16.16
C ASN C 114 53.70 33.07 -17.33
N LEU C 115 53.46 31.77 -17.36
CA LEU C 115 53.86 30.93 -18.45
C LEU C 115 52.61 30.26 -19.01
N ILE C 116 52.28 30.58 -20.25
CA ILE C 116 51.13 30.02 -20.89
C ILE C 116 51.62 29.19 -22.08
N MET C 117 51.46 27.88 -21.99
CA MET C 117 52.13 26.97 -22.88
C MET C 117 51.25 26.72 -24.10
N ALA C 118 51.77 25.93 -25.04
CA ALA C 118 51.26 25.84 -26.37
C ALA C 118 49.75 25.53 -26.38
N TYR C 119 49.02 26.24 -27.25
CA TYR C 119 47.65 25.91 -27.65
C TYR C 119 46.67 26.16 -26.49
N ALA C 120 47.11 26.83 -25.42
CA ALA C 120 46.21 27.19 -24.36
C ALA C 120 45.23 28.26 -24.85
N HIS C 121 44.06 28.33 -24.22
CA HIS C 121 43.02 29.25 -24.56
C HIS C 121 42.59 30.04 -23.31
N ILE C 122 42.54 31.36 -23.44
CA ILE C 122 42.13 32.22 -22.37
C ILE C 122 40.91 33.03 -22.82
N GLY C 123 39.75 32.61 -22.34
CA GLY C 123 38.46 33.12 -22.81
C GLY C 123 38.17 34.50 -22.27
N HIS C 124 37.19 35.14 -22.90
CA HIS C 124 36.80 36.48 -22.58
C HIS C 124 36.64 36.65 -21.06
N ASP C 125 37.18 37.75 -20.55
CA ASP C 125 36.88 38.26 -19.23
C ASP C 125 37.61 37.47 -18.15
N SER C 126 38.51 36.57 -18.54
CA SER C 126 39.28 35.83 -17.60
C SER C 126 40.32 36.76 -16.95
N VAL C 127 40.77 36.40 -15.75
CA VAL C 127 41.74 37.16 -15.01
C VAL C 127 42.80 36.21 -14.47
N ILE C 128 44.05 36.43 -14.86
CA ILE C 128 45.13 35.65 -14.37
C ILE C 128 46.04 36.55 -13.54
N GLY C 129 46.53 35.99 -12.44
CA GLY C 129 47.38 36.69 -11.50
C GLY C 129 48.83 36.65 -11.94
N ASN C 130 49.72 36.35 -11.00
CA ASN C 130 51.14 36.31 -11.27
C ASN C 130 51.67 34.90 -10.98
N HIS C 131 52.74 34.54 -11.68
CA HIS C 131 53.51 33.33 -11.41
C HIS C 131 52.72 32.07 -11.74
N CYS C 132 51.68 32.18 -12.57
CA CYS C 132 50.89 31.01 -12.90
C CYS C 132 51.53 30.25 -14.06
N ILE C 133 51.13 28.99 -14.20
CA ILE C 133 51.56 28.13 -15.28
C ILE C 133 50.32 27.43 -15.83
N LEU C 134 49.99 27.72 -17.09
CA LEU C 134 48.96 27.02 -17.81
C LEU C 134 49.66 26.13 -18.85
N VAL C 135 49.49 24.83 -18.71
CA VAL C 135 50.21 23.93 -19.52
C VAL C 135 49.43 23.72 -20.82
N ASN C 136 50.12 23.14 -21.82
CA ASN C 136 49.59 22.87 -23.13
C ASN C 136 48.08 22.60 -23.09
N ASN C 137 47.32 23.36 -23.89
CA ASN C 137 45.92 23.10 -24.21
C ASN C 137 45.00 23.29 -23.00
N THR C 138 45.46 23.98 -21.97
CA THR C 138 44.59 24.41 -20.92
C THR C 138 43.60 25.42 -21.50
N ALA C 139 42.33 25.33 -21.11
CA ALA C 139 41.30 26.19 -21.68
C ALA C 139 40.42 26.79 -20.59
N LEU C 140 40.38 28.13 -20.52
CA LEU C 140 39.51 28.86 -19.63
C LEU C 140 38.31 29.35 -20.44
N ALA C 141 37.13 28.82 -20.19
CA ALA C 141 35.96 29.11 -21.02
C ALA C 141 35.56 30.58 -21.03
N GLY C 142 35.81 31.27 -19.92
CA GLY C 142 35.46 32.68 -19.77
C GLY C 142 35.12 33.06 -18.34
N HIS C 143 35.42 34.30 -17.98
CA HIS C 143 35.16 34.81 -16.67
C HIS C 143 35.86 33.95 -15.61
N VAL C 144 37.02 33.38 -15.94
CA VAL C 144 37.72 32.54 -15.02
C VAL C 144 38.77 33.37 -14.30
N HIS C 145 38.85 33.27 -12.97
CA HIS C 145 39.86 33.96 -12.19
C HIS C 145 40.87 32.91 -11.72
N VAL C 146 42.14 33.06 -12.10
CA VAL C 146 43.22 32.23 -11.67
C VAL C 146 44.16 33.06 -10.79
N ASP C 147 44.28 32.70 -9.52
CA ASP C 147 45.05 33.45 -8.56
C ASP C 147 46.51 32.96 -8.60
N ASP C 148 47.39 33.66 -7.87
CA ASP C 148 48.84 33.57 -8.03
C ASP C 148 49.33 32.12 -7.82
N TRP C 149 50.33 31.73 -8.61
CA TRP C 149 51.13 30.48 -8.45
C TRP C 149 50.34 29.23 -8.82
N ALA C 150 49.15 29.39 -9.40
CA ALA C 150 48.41 28.22 -9.75
C ALA C 150 49.12 27.49 -10.88
N ILE C 151 48.92 26.18 -10.94
CA ILE C 151 49.41 25.36 -12.02
C ILE C 151 48.24 24.53 -12.54
N LEU C 152 47.93 24.69 -13.84
CA LEU C 152 46.94 23.86 -14.48
C LEU C 152 47.67 22.91 -15.44
N SER C 153 47.64 21.61 -15.12
CA SER C 153 48.31 20.62 -15.94
C SER C 153 47.65 20.60 -17.32
N GLY C 154 48.32 19.93 -18.26
CA GLY C 154 47.90 19.93 -19.63
C GLY C 154 46.45 19.49 -19.82
N TYR C 155 45.79 20.13 -20.79
CA TYR C 155 44.45 19.78 -21.21
C TYR C 155 43.48 19.90 -20.03
N THR C 156 43.74 20.84 -19.12
CA THR C 156 42.78 21.20 -18.11
C THR C 156 41.74 22.16 -18.69
N LEU C 157 40.47 21.82 -18.52
CA LEU C 157 39.36 22.64 -18.98
C LEU C 157 38.65 23.28 -17.78
N VAL C 158 38.29 24.56 -17.87
CA VAL C 158 37.65 25.26 -16.77
C VAL C 158 36.38 25.93 -17.27
N HIS C 159 35.24 25.62 -16.64
CA HIS C 159 33.97 26.19 -17.00
C HIS C 159 33.93 27.68 -16.66
N GLN C 160 32.99 28.37 -17.30
CA GLN C 160 32.74 29.77 -17.08
C GLN C 160 32.57 30.02 -15.59
N TYR C 161 33.18 31.11 -15.10
CA TYR C 161 32.95 31.71 -13.78
C TYR C 161 33.74 31.02 -12.66
N CYS C 162 34.49 29.97 -12.94
CA CYS C 162 35.23 29.31 -11.88
C CYS C 162 36.41 30.14 -11.41
N ARG C 163 36.71 30.00 -10.12
CA ARG C 163 37.85 30.58 -9.48
C ARG C 163 38.86 29.47 -9.16
N ILE C 164 40.08 29.61 -9.66
CA ILE C 164 41.17 28.71 -9.37
C ILE C 164 42.06 29.39 -8.33
N GLY C 165 42.19 28.77 -7.16
CA GLY C 165 42.83 29.39 -6.01
C GLY C 165 44.35 29.45 -6.13
N ALA C 166 44.96 30.33 -5.36
CA ALA C 166 46.38 30.46 -5.26
C ALA C 166 47.04 29.13 -4.93
N HIS C 167 48.13 28.80 -5.62
CA HIS C 167 48.96 27.61 -5.40
C HIS C 167 48.20 26.33 -5.68
N SER C 168 47.03 26.42 -6.27
CA SER C 168 46.25 25.24 -6.51
C SER C 168 46.83 24.53 -7.72
N PHE C 169 46.41 23.28 -7.93
CA PHE C 169 47.02 22.43 -8.93
C PHE C 169 45.96 21.48 -9.50
N SER C 170 45.86 21.46 -10.82
CA SER C 170 44.99 20.53 -11.49
C SER C 170 45.83 19.48 -12.20
N GLY C 171 45.38 18.22 -12.15
CA GLY C 171 46.02 17.12 -12.85
C GLY C 171 45.66 17.16 -14.33
N MET C 172 46.29 16.32 -15.13
CA MET C 172 46.12 16.50 -16.52
C MET C 172 44.78 15.92 -16.97
N GLY C 173 44.13 16.61 -17.91
CA GLY C 173 42.83 16.28 -18.39
C GLY C 173 41.74 16.56 -17.37
N SER C 174 42.01 17.42 -16.42
CA SER C 174 41.01 17.84 -15.45
C SER C 174 39.90 18.65 -16.14
N ALA C 175 38.67 18.45 -15.69
CA ALA C 175 37.52 19.21 -16.14
C ALA C 175 36.88 19.84 -14.90
N ILE C 176 37.14 21.13 -14.71
CA ILE C 176 36.80 21.84 -13.51
C ILE C 176 35.50 22.61 -13.71
N GLY C 177 34.51 22.37 -12.85
CA GLY C 177 33.20 22.96 -12.93
C GLY C 177 32.81 23.77 -11.71
N LYS C 178 33.61 23.75 -10.65
CA LYS C 178 33.36 24.54 -9.47
C LYS C 178 34.69 25.14 -9.01
N ASP C 179 34.66 26.02 -8.00
CA ASP C 179 35.90 26.68 -7.60
C ASP C 179 36.90 25.66 -7.05
N VAL C 180 38.17 25.94 -7.24
CA VAL C 180 39.19 25.17 -6.64
C VAL C 180 39.78 26.02 -5.53
N PRO C 181 39.66 25.61 -4.26
CA PRO C 181 40.23 26.40 -3.17
C PRO C 181 41.74 26.47 -3.35
N ALA C 182 42.33 27.48 -2.72
CA ALA C 182 43.77 27.64 -2.71
C ALA C 182 44.43 26.37 -2.21
N TYR C 183 45.58 26.07 -2.78
CA TYR C 183 46.48 24.97 -2.42
C TYR C 183 45.91 23.60 -2.82
N VAL C 184 44.65 23.49 -3.24
CA VAL C 184 44.06 22.18 -3.39
C VAL C 184 44.50 21.56 -4.72
N THR C 185 44.66 20.24 -4.74
CA THR C 185 44.93 19.49 -5.96
C THR C 185 43.63 18.79 -6.40
N VAL C 186 43.32 18.88 -7.70
CA VAL C 186 42.13 18.27 -8.25
C VAL C 186 42.49 17.44 -9.49
N PHE C 187 41.70 16.41 -9.76
CA PHE C 187 41.97 15.44 -10.81
C PHE C 187 40.66 14.93 -11.40
N GLY C 188 40.67 14.71 -12.72
CA GLY C 188 39.65 13.95 -13.40
C GLY C 188 38.57 14.81 -14.02
N ASN C 189 37.63 14.14 -14.70
CA ASN C 189 36.51 14.75 -15.37
C ASN C 189 35.25 13.98 -14.99
N PRO C 190 34.46 14.49 -14.05
CA PRO C 190 34.63 15.79 -13.43
C PRO C 190 35.70 15.83 -12.33
N ALA C 191 36.29 17.00 -12.11
CA ALA C 191 37.39 17.15 -11.20
C ALA C 191 36.95 16.85 -9.77
N GLU C 192 37.83 16.18 -9.01
CA GLU C 192 37.66 15.86 -7.61
C GLU C 192 38.89 16.34 -6.83
N ALA C 193 38.68 16.83 -5.63
CA ALA C 193 39.74 17.24 -4.72
C ALA C 193 40.40 15.99 -4.18
N ARG C 194 41.72 16.01 -4.07
CA ARG C 194 42.47 14.86 -3.62
C ARG C 194 43.32 15.24 -2.40
N SER C 195 44.08 16.33 -2.49
CA SER C 195 45.02 16.69 -1.46
C SER C 195 45.37 18.18 -1.59
N MET C 196 46.56 18.56 -1.10
CA MET C 196 47.07 19.89 -1.25
C MET C 196 48.42 19.86 -1.94
N ASN C 197 48.78 20.98 -2.53
CA ASN C 197 49.93 21.11 -3.37
C ASN C 197 51.13 21.39 -2.48
N PHE C 198 51.62 20.36 -1.80
CA PHE C 198 52.70 20.53 -0.86
C PHE C 198 53.99 20.88 -1.60
N GLU C 199 54.18 20.31 -2.79
CA GLU C 199 55.35 20.64 -3.62
C GLU C 199 55.44 22.16 -3.79
N GLY C 200 54.31 22.81 -4.08
CA GLY C 200 54.22 24.23 -4.27
C GLY C 200 54.61 25.01 -3.03
N MET C 201 54.19 24.51 -1.85
CA MET C 201 54.49 25.16 -0.59
C MET C 201 55.98 25.05 -0.27
N ARG C 202 56.60 23.94 -0.69
CA ARG C 202 58.00 23.71 -0.47
C ARG C 202 58.81 24.77 -1.21
N ARG C 203 58.47 24.98 -2.49
CA ARG C 203 59.15 25.92 -3.37
C ARG C 203 59.01 27.35 -2.87
N ARG C 204 57.88 27.71 -2.26
CA ARG C 204 57.73 29.05 -1.71
C ARG C 204 58.36 29.19 -0.35
N GLY C 205 58.93 28.10 0.18
CA GLY C 205 59.60 28.10 1.48
C GLY C 205 58.64 28.37 2.63
N PHE C 206 57.43 27.82 2.58
CA PHE C 206 56.51 27.91 3.69
C PHE C 206 57.11 27.24 4.92
N SER C 207 56.76 27.74 6.10
CA SER C 207 57.20 27.13 7.32
C SER C 207 56.59 25.73 7.42
N SER C 208 57.21 24.86 8.23
CA SER C 208 56.72 23.52 8.38
C SER C 208 55.42 23.54 9.21
N GLU C 209 55.27 24.51 10.10
CA GLU C 209 54.05 24.66 10.94
C GLU C 209 52.87 25.07 10.06
N ALA C 210 53.13 25.85 9.03
CA ALA C 210 52.11 26.35 8.13
C ALA C 210 51.63 25.24 7.20
N ILE C 211 52.56 24.40 6.75
CA ILE C 211 52.22 23.28 5.91
C ILE C 211 51.30 22.34 6.68
N HIS C 212 51.64 22.05 7.93
CA HIS C 212 50.84 21.19 8.77
C HIS C 212 49.45 21.81 8.97
N ALA C 213 49.38 23.12 9.13
CA ALA C 213 48.12 23.80 9.40
C ALA C 213 47.21 23.69 8.19
N LEU C 214 47.83 23.72 7.01
CA LEU C 214 47.10 23.64 5.80
C LEU C 214 46.59 22.22 5.56
N ARG C 215 47.34 21.21 6.00
CA ARG C 215 46.85 19.86 5.88
C ARG C 215 45.64 19.67 6.78
N ARG C 216 45.68 20.23 8.00
CA ARG C 216 44.55 20.11 8.92
C ARG C 216 43.36 20.83 8.32
N ALA C 217 43.62 21.95 7.63
CA ALA C 217 42.56 22.74 7.04
C ALA C 217 41.87 21.94 5.93
N TYR C 218 42.66 21.21 5.13
CA TYR C 218 42.13 20.37 4.10
C TYR C 218 41.15 19.37 4.74
N LYS C 219 41.60 18.73 5.81
CA LYS C 219 40.81 17.70 6.48
C LYS C 219 39.50 18.27 7.03
N VAL C 220 39.50 19.51 7.52
CA VAL C 220 38.32 20.14 8.09
C VAL C 220 37.23 20.29 7.01
N VAL C 221 37.66 20.75 5.83
CA VAL C 221 36.77 21.07 4.74
C VAL C 221 36.28 19.81 4.04
N TYR C 222 37.12 18.78 3.93
CA TYR C 222 36.90 17.68 2.99
C TYR C 222 36.70 16.33 3.68
N ARG C 223 37.27 16.06 4.85
CA ARG C 223 37.37 14.70 5.35
C ARG C 223 36.66 14.55 6.71
N GLN C 224 35.76 15.46 7.10
CA GLN C 224 35.25 15.40 8.48
C GLN C 224 33.72 15.57 8.54
N GLY C 225 33.04 15.41 7.41
CA GLY C 225 31.60 15.55 7.33
C GLY C 225 31.09 16.95 7.61
N HIS C 226 31.92 18.00 7.57
CA HIS C 226 31.42 19.34 7.85
C HIS C 226 30.70 19.88 6.62
N THR C 227 29.63 20.66 6.82
CA THR C 227 29.09 21.49 5.75
C THR C 227 30.10 22.60 5.49
N VAL C 228 29.96 23.35 4.40
CA VAL C 228 30.92 24.37 4.11
C VAL C 228 30.85 25.47 5.18
N GLU C 229 29.65 25.78 5.68
CA GLU C 229 29.46 26.78 6.74
C GLU C 229 30.19 26.36 8.01
N GLU C 230 30.04 25.10 8.40
CA GLU C 230 30.64 24.57 9.63
C GLU C 230 32.17 24.58 9.50
N ALA C 231 32.69 24.32 8.28
CA ALA C 231 34.12 24.28 8.04
C ALA C 231 34.72 25.67 8.19
N LEU C 232 34.06 26.67 7.60
CA LEU C 232 34.51 28.05 7.68
C LEU C 232 34.64 28.51 9.13
N ALA C 233 33.69 28.08 9.97
CA ALA C 233 33.67 28.41 11.37
C ALA C 233 34.86 27.77 12.07
N GLU C 234 35.14 26.52 11.74
CA GLU C 234 36.21 25.78 12.35
C GLU C 234 37.58 26.36 11.92
N LEU C 235 37.69 26.80 10.67
CA LEU C 235 38.91 27.37 10.14
C LEU C 235 39.23 28.76 10.75
N ALA C 236 38.27 29.42 11.39
CA ALA C 236 38.48 30.80 11.83
C ALA C 236 39.74 30.93 12.72
N GLU C 237 39.94 30.01 13.67
CA GLU C 237 41.08 30.06 14.59
C GLU C 237 42.38 30.00 13.79
N SER C 238 42.47 28.97 12.95
CA SER C 238 43.67 28.60 12.22
C SER C 238 44.02 29.70 11.19
N ALA C 239 43.02 30.42 10.67
CA ALA C 239 43.22 31.47 9.69
C ALA C 239 43.75 32.75 10.33
N ALA C 240 43.49 32.92 11.61
CA ALA C 240 44.03 34.06 12.32
C ALA C 240 45.49 33.81 12.72
N GLN C 241 45.85 32.53 12.85
CA GLN C 241 47.16 32.12 13.29
C GLN C 241 48.15 32.12 12.12
N PHE C 242 47.68 31.86 10.90
CA PHE C 242 48.54 31.66 9.74
C PHE C 242 48.01 32.42 8.52
N PRO C 243 48.76 33.42 7.99
CA PRO C 243 48.39 34.07 6.73
C PRO C 243 48.05 33.11 5.59
N GLU C 244 48.74 31.97 5.58
CA GLU C 244 48.65 30.96 4.52
C GLU C 244 47.29 30.27 4.59
N VAL C 245 46.80 30.01 5.80
CA VAL C 245 45.51 29.38 5.98
C VAL C 245 44.41 30.39 5.67
N ALA C 246 44.63 31.67 5.97
CA ALA C 246 43.64 32.71 5.66
C ALA C 246 43.36 32.74 4.15
N VAL C 247 44.40 32.58 3.33
CA VAL C 247 44.24 32.52 1.88
C VAL C 247 43.27 31.38 1.51
N PHE C 248 43.43 30.23 2.17
CA PHE C 248 42.60 29.06 1.95
C PHE C 248 41.16 29.33 2.40
N ARG C 249 40.98 29.85 3.62
CA ARG C 249 39.64 30.16 4.11
C ARG C 249 38.98 31.15 3.14
N ASP C 250 39.71 32.20 2.72
CA ASP C 250 39.14 33.27 1.91
C ASP C 250 38.69 32.71 0.56
N SER C 251 39.41 31.73 0.00
CA SER C 251 39.02 31.13 -1.27
C SER C 251 37.71 30.36 -1.16
N ILE C 252 37.46 29.73 -0.02
CA ILE C 252 36.23 28.99 0.23
C ILE C 252 35.08 29.94 0.54
N GLN C 253 35.36 30.94 1.37
CA GLN C 253 34.40 31.99 1.72
C GLN C 253 33.74 32.51 0.45
N SER C 254 34.57 32.90 -0.53
CA SER C 254 34.15 33.70 -1.67
C SER C 254 33.65 32.79 -2.82
N ALA C 255 33.23 31.59 -2.47
CA ALA C 255 32.83 30.61 -3.42
C ALA C 255 31.41 30.17 -3.19
N THR C 256 30.84 30.64 -2.06
CA THR C 256 29.73 29.96 -1.41
C THR C 256 28.82 30.99 -0.76
N ARG C 257 28.20 31.90 -1.52
CA ARG C 257 27.15 32.72 -0.92
C ARG C 257 25.92 31.80 -0.59
N GLY C 258 25.41 31.05 -1.58
CA GLY C 258 24.18 30.26 -1.40
C GLY C 258 22.93 31.12 -1.52
N ILE C 259 21.80 30.58 -1.07
CA ILE C 259 20.51 31.25 -1.11
C ILE C 259 19.81 31.12 0.25
N THR C 260 19.00 32.12 0.56
CA THR C 260 18.24 32.11 1.73
C THR C 260 17.37 30.87 1.70
N ARG C 261 17.53 30.00 2.70
CA ARG C 261 16.77 28.74 2.85
C ARG C 261 15.80 28.84 4.05
N SER D 5 -72.14 53.52 10.50
CA SER D 5 -72.09 52.76 9.24
C SER D 5 -71.00 51.68 9.43
N LEU D 6 -70.98 50.68 8.51
CA LEU D 6 -70.14 49.51 8.73
C LEU D 6 -68.71 49.75 8.24
N ILE D 7 -68.55 50.76 7.41
CA ILE D 7 -67.29 51.09 6.80
C ILE D 7 -66.82 52.41 7.40
N ASP D 8 -65.69 52.36 8.08
CA ASP D 8 -65.17 53.52 8.74
C ASP D 8 -64.96 54.60 7.70
N PRO D 9 -65.31 55.85 7.98
CA PRO D 9 -65.00 56.95 7.05
C PRO D 9 -63.49 57.14 6.83
N ARG D 10 -62.65 56.66 7.72
CA ARG D 10 -61.21 56.81 7.59
C ARG D 10 -60.61 55.71 6.68
N ALA D 11 -61.40 54.74 6.26
CA ALA D 11 -60.92 53.65 5.36
C ALA D 11 -60.97 54.11 3.90
N ILE D 12 -60.26 53.41 3.02
CA ILE D 12 -60.27 53.66 1.60
C ILE D 12 -60.77 52.40 0.88
N ILE D 13 -61.81 52.54 0.08
CA ILE D 13 -62.35 51.42 -0.69
C ILE D 13 -62.23 51.79 -2.17
N ASP D 14 -61.51 50.98 -2.93
CA ASP D 14 -61.38 51.23 -4.34
C ASP D 14 -62.76 51.11 -5.01
N PRO D 15 -63.06 52.00 -5.99
CA PRO D 15 -64.28 51.88 -6.77
C PRO D 15 -64.57 50.47 -7.32
N SER D 16 -63.53 49.72 -7.70
CA SER D 16 -63.67 48.42 -8.37
C SER D 16 -63.69 47.24 -7.37
N ALA D 17 -63.66 47.52 -6.06
CA ALA D 17 -63.83 46.48 -5.05
C ALA D 17 -65.33 46.16 -4.94
N ARG D 18 -65.64 44.93 -4.53
CA ARG D 18 -67.01 44.45 -4.43
C ARG D 18 -67.19 43.83 -3.05
N LEU D 19 -67.92 44.55 -2.18
CA LEU D 19 -68.18 44.17 -0.81
C LEU D 19 -69.65 43.76 -0.63
N ALA D 20 -69.89 42.63 0.00
CA ALA D 20 -71.24 42.27 0.39
C ALA D 20 -71.79 43.31 1.37
N ALA D 21 -73.12 43.29 1.55
CA ALA D 21 -73.86 44.37 2.23
C ALA D 21 -73.33 44.63 3.64
N ASP D 22 -72.99 43.59 4.41
CA ASP D 22 -72.75 43.73 5.86
C ASP D 22 -71.27 43.50 6.23
N VAL D 23 -70.38 43.76 5.28
CA VAL D 23 -68.96 43.75 5.53
C VAL D 23 -68.63 44.97 6.41
N GLN D 24 -67.72 44.78 7.36
CA GLN D 24 -67.20 45.86 8.19
C GLN D 24 -65.73 46.11 7.88
N VAL D 25 -65.33 47.39 7.81
CA VAL D 25 -63.97 47.76 7.56
C VAL D 25 -63.58 48.84 8.56
N GLY D 26 -62.48 48.59 9.28
CA GLY D 26 -61.99 49.46 10.31
C GLY D 26 -61.28 50.67 9.73
N PRO D 27 -60.91 51.64 10.60
CA PRO D 27 -60.22 52.85 10.16
C PRO D 27 -58.84 52.58 9.58
N TRP D 28 -58.45 53.36 8.59
CA TRP D 28 -57.09 53.35 7.99
C TRP D 28 -56.80 52.04 7.30
N SER D 29 -57.83 51.36 6.82
CA SER D 29 -57.65 50.16 6.06
C SER D 29 -57.84 50.50 4.58
N ILE D 30 -57.15 49.76 3.71
CA ILE D 30 -57.25 49.92 2.28
C ILE D 30 -57.83 48.63 1.71
N VAL D 31 -58.95 48.75 0.98
CA VAL D 31 -59.45 47.66 0.19
C VAL D 31 -59.21 48.01 -1.27
N GLY D 32 -58.14 47.45 -1.84
CA GLY D 32 -57.61 47.82 -3.15
C GLY D 32 -58.51 47.32 -4.28
N ALA D 33 -58.12 47.69 -5.50
CA ALA D 33 -58.80 47.31 -6.72
C ALA D 33 -58.94 45.78 -6.77
N GLU D 34 -60.11 45.32 -7.23
CA GLU D 34 -60.37 43.92 -7.58
C GLU D 34 -60.35 43.01 -6.37
N VAL D 35 -60.71 43.54 -5.21
CA VAL D 35 -60.89 42.75 -4.03
C VAL D 35 -62.39 42.52 -3.85
N GLU D 36 -62.75 41.29 -3.56
CA GLU D 36 -64.12 40.88 -3.37
C GLU D 36 -64.22 40.31 -1.96
N ILE D 37 -65.19 40.76 -1.17
CA ILE D 37 -65.32 40.35 0.23
C ILE D 37 -66.74 39.88 0.50
N GLY D 38 -66.86 38.68 1.07
CA GLY D 38 -68.12 38.02 1.29
C GLY D 38 -68.83 38.44 2.58
N GLU D 39 -70.13 38.14 2.60
CA GLU D 39 -71.06 38.33 3.70
C GLU D 39 -70.41 38.07 5.06
N GLY D 40 -70.50 39.06 5.96
CA GLY D 40 -70.24 38.91 7.40
C GLY D 40 -68.77 39.00 7.77
N THR D 41 -67.91 39.28 6.80
CA THR D 41 -66.49 39.41 7.04
C THR D 41 -66.22 40.77 7.70
N VAL D 42 -65.18 40.79 8.55
CA VAL D 42 -64.77 41.96 9.30
C VAL D 42 -63.29 42.22 9.05
N ILE D 43 -62.98 43.39 8.50
CA ILE D 43 -61.64 43.87 8.32
C ILE D 43 -61.36 44.84 9.46
N GLY D 44 -60.27 44.60 10.17
CA GLY D 44 -59.86 45.44 11.27
C GLY D 44 -59.30 46.76 10.77
N PRO D 45 -58.72 47.57 11.67
CA PRO D 45 -58.02 48.78 11.29
C PRO D 45 -56.64 48.46 10.72
N HIS D 46 -56.03 49.39 9.97
CA HIS D 46 -54.66 49.24 9.51
C HIS D 46 -54.46 47.95 8.72
N VAL D 47 -55.39 47.58 7.84
CA VAL D 47 -55.24 46.43 7.00
C VAL D 47 -55.05 46.88 5.56
N VAL D 48 -54.23 46.15 4.82
CA VAL D 48 -54.03 46.42 3.42
C VAL D 48 -54.48 45.18 2.64
N LEU D 49 -55.55 45.31 1.86
CA LEU D 49 -55.96 44.27 0.91
C LEU D 49 -55.60 44.71 -0.50
N LYS D 50 -55.08 43.77 -1.29
CA LYS D 50 -54.75 44.01 -2.66
C LYS D 50 -55.27 42.83 -3.50
N GLY D 51 -55.50 43.05 -4.79
CA GLY D 51 -56.18 42.10 -5.67
C GLY D 51 -55.36 41.72 -6.89
N PRO D 52 -55.86 40.76 -7.69
CA PRO D 52 -57.17 40.14 -7.61
C PRO D 52 -57.34 39.13 -6.47
N THR D 53 -58.27 39.41 -5.55
CA THR D 53 -58.42 38.63 -4.34
C THR D 53 -59.90 38.40 -4.09
N LYS D 54 -60.25 37.18 -3.71
CA LYS D 54 -61.59 36.82 -3.33
C LYS D 54 -61.54 36.31 -1.88
N ILE D 55 -62.27 36.99 -1.00
CA ILE D 55 -62.39 36.60 0.38
C ILE D 55 -63.85 36.20 0.65
N GLY D 56 -64.02 35.04 1.28
CA GLY D 56 -65.35 34.47 1.50
C GLY D 56 -66.06 35.11 2.68
N LYS D 57 -66.87 34.31 3.36
CA LYS D 57 -67.86 34.77 4.31
C LYS D 57 -67.34 34.55 5.74
N HIS D 58 -67.68 35.50 6.63
CA HIS D 58 -67.47 35.37 8.07
C HIS D 58 -65.98 35.25 8.41
N ASN D 59 -65.11 35.95 7.68
CA ASN D 59 -63.70 36.03 8.02
C ASN D 59 -63.49 37.19 8.99
N ARG D 60 -62.39 37.12 9.73
CA ARG D 60 -61.94 38.17 10.65
CA ARG D 60 -61.94 38.18 10.66
C ARG D 60 -60.48 38.40 10.26
N ILE D 61 -60.11 39.62 9.84
CA ILE D 61 -58.70 39.96 9.51
C ILE D 61 -58.21 41.13 10.38
N TYR D 62 -57.10 40.92 11.11
CA TYR D 62 -56.67 41.87 12.13
C TYR D 62 -55.64 42.85 11.56
N GLN D 63 -55.37 43.85 12.38
CA GLN D 63 -54.51 44.99 12.06
C GLN D 63 -53.13 44.58 11.55
N PHE D 64 -52.59 45.33 10.61
CA PHE D 64 -51.19 45.30 10.13
C PHE D 64 -50.93 44.13 9.17
N SER D 65 -52.02 43.45 8.77
CA SER D 65 -51.98 42.42 7.79
C SER D 65 -51.92 43.03 6.39
N SER D 66 -51.11 42.42 5.52
CA SER D 66 -51.04 42.74 4.11
C SER D 66 -51.45 41.46 3.36
N VAL D 67 -52.66 41.46 2.81
CA VAL D 67 -53.28 40.31 2.21
C VAL D 67 -53.51 40.59 0.74
N GLY D 68 -52.81 39.85 -0.13
CA GLY D 68 -53.00 39.95 -1.56
C GLY D 68 -51.89 40.70 -2.25
N GLU D 69 -50.77 40.85 -1.56
CA GLU D 69 -49.65 41.60 -2.05
C GLU D 69 -48.93 40.74 -3.11
N ASP D 70 -48.15 41.35 -4.01
CA ASP D 70 -47.38 40.59 -4.99
C ASP D 70 -46.21 39.89 -4.28
N THR D 71 -45.81 38.67 -4.67
CA THR D 71 -44.54 38.19 -4.15
C THR D 71 -43.43 39.06 -4.66
N PRO D 72 -42.32 39.19 -3.91
CA PRO D 72 -41.13 39.86 -4.43
C PRO D 72 -40.23 38.93 -5.26
N ASP D 73 -40.54 37.63 -5.31
CA ASP D 73 -39.82 36.65 -6.13
C ASP D 73 -39.57 37.28 -7.49
N LEU D 74 -38.33 37.19 -8.00
CA LEU D 74 -37.95 37.90 -9.24
C LEU D 74 -38.50 37.12 -10.45
N LYS D 75 -38.99 35.90 -10.18
CA LYS D 75 -39.83 35.05 -11.03
C LYS D 75 -41.10 35.80 -11.53
N TYR D 76 -41.74 36.57 -10.67
CA TYR D 76 -43.04 37.24 -10.93
C TYR D 76 -42.80 38.60 -11.60
N LYS D 77 -43.47 38.87 -12.74
CA LYS D 77 -43.25 40.07 -13.57
C LYS D 77 -44.55 40.90 -13.72
N GLY D 78 -45.47 40.83 -12.77
CA GLY D 78 -46.63 41.77 -12.72
C GLY D 78 -47.91 41.23 -13.35
N GLU D 79 -47.97 39.93 -13.65
CA GLU D 79 -49.15 39.28 -14.29
C GLU D 79 -50.32 39.24 -13.29
N PRO D 80 -51.60 39.11 -13.75
CA PRO D 80 -52.76 39.23 -12.85
C PRO D 80 -53.11 37.89 -12.18
N THR D 81 -52.38 37.54 -11.12
CA THR D 81 -52.56 36.30 -10.41
C THR D 81 -53.51 36.54 -9.24
N ARG D 82 -53.98 35.47 -8.62
CA ARG D 82 -55.12 35.51 -7.72
C ARG D 82 -54.73 35.05 -6.33
N LEU D 83 -55.56 35.46 -5.35
CA LEU D 83 -55.59 34.90 -4.02
C LEU D 83 -57.04 34.57 -3.70
N VAL D 84 -57.30 33.36 -3.19
CA VAL D 84 -58.65 32.95 -2.82
C VAL D 84 -58.65 32.49 -1.37
N ILE D 85 -59.56 33.07 -0.57
CA ILE D 85 -59.74 32.71 0.80
C ILE D 85 -61.20 32.30 1.00
N GLY D 86 -61.41 31.20 1.72
CA GLY D 86 -62.72 30.67 1.96
C GLY D 86 -63.45 31.38 3.09
N ASP D 87 -64.17 30.56 3.87
CA ASP D 87 -65.12 31.01 4.86
C ASP D 87 -64.57 30.75 6.28
N HIS D 88 -64.98 31.59 7.24
CA HIS D 88 -64.78 31.37 8.69
C HIS D 88 -63.31 31.28 9.08
N ASN D 89 -62.45 32.04 8.39
CA ASN D 89 -61.04 32.07 8.73
C ASN D 89 -60.79 33.25 9.68
N VAL D 90 -59.73 33.10 10.48
CA VAL D 90 -59.22 34.15 11.32
C VAL D 90 -57.77 34.39 10.94
N ILE D 91 -57.46 35.63 10.57
CA ILE D 91 -56.12 36.04 10.23
C ILE D 91 -55.68 37.12 11.20
N ARG D 92 -54.71 36.81 12.05
CA ARG D 92 -54.34 37.67 13.15
C ARG D 92 -53.36 38.76 12.67
N GLU D 93 -52.84 39.49 13.65
CA GLU D 93 -52.16 40.74 13.38
C GLU D 93 -50.86 40.46 12.62
N GLY D 94 -50.64 41.23 11.56
CA GLY D 94 -49.36 41.29 10.87
C GLY D 94 -49.13 40.20 9.85
N VAL D 95 -50.16 39.42 9.52
CA VAL D 95 -50.01 38.33 8.60
C VAL D 95 -49.77 38.87 7.19
N THR D 96 -48.89 38.21 6.44
CA THR D 96 -48.69 38.49 5.02
C THR D 96 -49.12 37.28 4.19
N ILE D 97 -49.92 37.53 3.16
CA ILE D 97 -50.38 36.51 2.25
C ILE D 97 -50.16 37.04 0.84
N HIS D 98 -49.41 36.30 0.03
CA HIS D 98 -49.09 36.73 -1.31
C HIS D 98 -49.96 35.98 -2.33
N ARG D 99 -50.23 36.64 -3.45
CA ARG D 99 -50.93 36.01 -4.56
C ARG D 99 -49.94 35.12 -5.32
N GLY D 100 -50.47 34.31 -6.24
CA GLY D 100 -49.71 33.30 -6.97
C GLY D 100 -48.81 33.87 -8.05
N THR D 101 -48.26 32.94 -8.84
CA THR D 101 -47.33 33.19 -9.95
C THR D 101 -47.78 32.37 -11.16
N VAL D 102 -47.49 32.84 -12.37
CA VAL D 102 -47.94 32.15 -13.57
C VAL D 102 -47.22 30.82 -13.76
N GLN D 103 -46.06 30.64 -13.13
CA GLN D 103 -45.25 29.42 -13.27
C GLN D 103 -45.90 28.23 -12.56
N ASP D 104 -46.92 28.42 -11.70
CA ASP D 104 -47.61 27.29 -11.04
C ASP D 104 -49.10 27.33 -11.46
N ARG D 105 -50.00 27.72 -10.55
CA ARG D 105 -51.43 27.70 -10.82
C ARG D 105 -52.01 29.11 -10.87
N ALA D 106 -51.18 30.13 -10.65
CA ALA D 106 -51.57 31.52 -10.69
C ALA D 106 -52.50 31.85 -9.53
N GLU D 107 -52.43 31.09 -8.44
CA GLU D 107 -53.40 31.22 -7.38
C GLU D 107 -52.83 30.71 -6.07
N THR D 108 -52.84 31.56 -5.04
CA THR D 108 -52.67 31.17 -3.67
C THR D 108 -54.07 30.90 -3.10
N THR D 109 -54.27 29.80 -2.38
CA THR D 109 -55.63 29.44 -2.02
C THR D 109 -55.65 29.00 -0.54
N ILE D 110 -56.70 29.44 0.18
CA ILE D 110 -56.94 29.10 1.56
C ILE D 110 -58.40 28.66 1.71
N GLY D 111 -58.60 27.54 2.43
CA GLY D 111 -59.91 26.96 2.61
C GLY D 111 -60.71 27.64 3.70
N ASP D 112 -61.34 26.82 4.54
CA ASP D 112 -62.32 27.26 5.52
C ASP D 112 -61.82 26.96 6.94
N HIS D 113 -62.30 27.74 7.92
CA HIS D 113 -62.10 27.47 9.36
C HIS D 113 -60.62 27.40 9.73
N ASN D 114 -59.77 28.20 9.11
CA ASN D 114 -58.36 28.17 9.44
C ASN D 114 -58.08 29.30 10.45
N LEU D 115 -57.05 29.11 11.25
CA LEU D 115 -56.57 30.10 12.16
C LEU D 115 -55.11 30.38 11.82
N ILE D 116 -54.82 31.59 11.36
CA ILE D 116 -53.49 31.98 11.01
C ILE D 116 -53.07 33.09 11.96
N MET D 117 -52.09 32.80 12.81
CA MET D 117 -51.80 33.63 13.94
C MET D 117 -50.74 34.67 13.54
N ALA D 118 -50.42 35.54 14.49
CA ALA D 118 -49.72 36.77 14.20
C ALA D 118 -48.43 36.52 13.42
N TYR D 119 -48.19 37.38 12.43
CA TYR D 119 -46.88 37.52 11.75
C TYR D 119 -46.59 36.29 10.89
N ALA D 120 -47.56 35.41 10.67
CA ALA D 120 -47.37 34.29 9.77
C ALA D 120 -47.25 34.81 8.34
N HIS D 121 -46.57 34.04 7.50
CA HIS D 121 -46.36 34.37 6.10
C HIS D 121 -46.82 33.20 5.23
N ILE D 122 -47.65 33.50 4.23
CA ILE D 122 -48.13 32.51 3.30
C ILE D 122 -47.70 32.89 1.89
N GLY D 123 -46.68 32.20 1.41
CA GLY D 123 -45.99 32.54 0.18
C GLY D 123 -46.79 32.18 -1.05
N HIS D 124 -46.39 32.78 -2.17
CA HIS D 124 -47.06 32.59 -3.43
C HIS D 124 -47.34 31.11 -3.68
N ASP D 125 -48.56 30.85 -4.14
CA ASP D 125 -48.95 29.58 -4.73
C ASP D 125 -49.17 28.51 -3.67
N SER D 126 -49.13 28.88 -2.40
CA SER D 126 -49.40 27.96 -1.34
C SER D 126 -50.89 27.60 -1.33
N VAL D 127 -51.21 26.44 -0.78
CA VAL D 127 -52.57 25.96 -0.69
C VAL D 127 -52.81 25.44 0.71
N ILE D 128 -53.78 26.03 1.42
CA ILE D 128 -54.13 25.58 2.72
C ILE D 128 -55.56 25.04 2.67
N GLY D 129 -55.77 23.93 3.40
CA GLY D 129 -57.04 23.25 3.44
C GLY D 129 -57.98 23.87 4.43
N ASN D 130 -58.62 23.02 5.23
CA ASN D 130 -59.57 23.47 6.23
C ASN D 130 -59.09 23.05 7.61
N HIS D 131 -59.47 23.85 8.63
CA HIS D 131 -59.31 23.50 10.03
C HIS D 131 -57.83 23.52 10.42
N CYS D 132 -56.97 24.21 9.65
CA CYS D 132 -55.57 24.26 9.99
C CYS D 132 -55.31 25.37 10.99
N ILE D 133 -54.16 25.26 11.66
CA ILE D 133 -53.69 26.25 12.59
C ILE D 133 -52.23 26.53 12.28
N LEU D 134 -51.93 27.77 11.88
CA LEU D 134 -50.57 28.25 11.71
C LEU D 134 -50.29 29.22 12.85
N VAL D 135 -49.35 28.87 13.69
CA VAL D 135 -49.10 29.64 14.86
C VAL D 135 -48.14 30.78 14.51
N ASN D 136 -48.05 31.76 15.40
CA ASN D 136 -47.23 32.95 15.26
C ASN D 136 -45.96 32.66 14.43
N ASN D 137 -45.76 33.44 13.37
CA ASN D 137 -44.51 33.52 12.61
C ASN D 137 -44.21 32.23 11.84
N THR D 138 -45.21 31.39 11.64
CA THR D 138 -45.08 30.30 10.71
C THR D 138 -44.90 30.87 9.30
N ALA D 139 -44.00 30.30 8.51
CA ALA D 139 -43.69 30.84 7.20
C ALA D 139 -43.67 29.75 6.14
N LEU D 140 -44.55 29.87 5.14
CA LEU D 140 -44.57 28.98 3.98
C LEU D 140 -43.86 29.69 2.83
N ALA D 141 -42.69 29.20 2.42
CA ALA D 141 -41.87 29.90 1.44
C ALA D 141 -42.56 30.06 0.08
N GLY D 142 -43.41 29.09 -0.29
CA GLY D 142 -44.12 29.12 -1.56
C GLY D 142 -44.40 27.72 -2.08
N HIS D 143 -45.52 27.59 -2.80
CA HIS D 143 -45.93 26.34 -3.38
C HIS D 143 -46.08 25.27 -2.29
N VAL D 144 -46.47 25.66 -1.09
CA VAL D 144 -46.61 24.73 0.00
C VAL D 144 -48.07 24.29 0.08
N HIS D 145 -48.31 22.99 0.18
CA HIS D 145 -49.65 22.45 0.35
C HIS D 145 -49.79 21.97 1.80
N VAL D 146 -50.74 22.53 2.54
CA VAL D 146 -51.06 22.13 3.87
C VAL D 146 -52.45 21.53 3.89
N ASP D 147 -52.55 20.25 4.24
CA ASP D 147 -53.79 19.53 4.19
C ASP D 147 -54.54 19.70 5.53
N ASP D 148 -55.78 19.22 5.57
CA ASP D 148 -56.74 19.56 6.62
C ASP D 148 -56.19 19.19 8.01
N TRP D 149 -56.49 20.06 8.99
CA TRP D 149 -56.29 19.81 10.44
C TRP D 149 -54.81 19.89 10.84
N ALA D 150 -53.94 20.33 9.94
CA ALA D 150 -52.56 20.39 10.32
C ALA D 150 -52.38 21.51 11.35
N ILE D 151 -51.37 21.36 12.18
CA ILE D 151 -50.97 22.37 13.13
C ILE D 151 -49.47 22.61 12.98
N LEU D 152 -49.09 23.84 12.68
CA LEU D 152 -47.70 24.23 12.64
C LEU D 152 -47.41 25.14 13.83
N SER D 153 -46.61 24.65 14.77
CA SER D 153 -46.26 25.40 15.97
C SER D 153 -45.50 26.66 15.55
N GLY D 154 -45.35 27.57 16.51
CA GLY D 154 -44.78 28.87 16.23
C GLY D 154 -43.42 28.79 15.60
N TYR D 155 -43.15 29.73 14.70
CA TYR D 155 -41.86 29.91 14.05
C TYR D 155 -41.48 28.64 13.30
N THR D 156 -42.47 27.92 12.76
CA THR D 156 -42.20 26.83 11.85
C THR D 156 -41.96 27.40 10.45
N LEU D 157 -40.85 27.01 9.84
CA LEU D 157 -40.49 27.43 8.49
C LEU D 157 -40.63 26.24 7.53
N VAL D 158 -41.21 26.46 6.34
CA VAL D 158 -41.42 25.40 5.38
C VAL D 158 -40.85 25.80 4.03
N HIS D 159 -39.95 24.99 3.49
CA HIS D 159 -39.33 25.25 2.19
C HIS D 159 -40.36 25.14 1.07
N GLN D 160 -39.99 25.74 -0.06
CA GLN D 160 -40.77 25.70 -1.26
C GLN D 160 -41.11 24.24 -1.59
N TYR D 161 -42.36 24.00 -1.98
CA TYR D 161 -42.84 22.76 -2.61
C TYR D 161 -43.19 21.68 -1.59
N CYS D 162 -42.98 21.90 -0.29
CA CYS D 162 -43.27 20.85 0.68
C CYS D 162 -44.77 20.66 0.86
N ARG D 163 -45.14 19.42 1.15
CA ARG D 163 -46.50 19.04 1.49
C ARG D 163 -46.55 18.71 2.98
N ILE D 164 -47.43 19.39 3.70
CA ILE D 164 -47.70 19.12 5.09
C ILE D 164 -48.99 18.29 5.17
N GLY D 165 -48.89 17.08 5.71
CA GLY D 165 -49.97 16.11 5.67
C GLY D 165 -51.11 16.45 6.62
N ALA D 166 -52.28 15.86 6.36
CA ALA D 166 -53.43 16.03 7.21
C ALA D 166 -53.10 15.59 8.64
N HIS D 167 -53.54 16.39 9.62
CA HIS D 167 -53.41 16.10 11.05
C HIS D 167 -51.97 16.07 11.52
N SER D 168 -51.06 16.51 10.67
CA SER D 168 -49.67 16.48 11.04
C SER D 168 -49.41 17.67 11.99
N PHE D 169 -48.24 17.66 12.63
CA PHE D 169 -47.93 18.61 13.68
C PHE D 169 -46.44 18.90 13.67
N SER D 170 -46.08 20.17 13.66
CA SER D 170 -44.70 20.57 13.76
C SER D 170 -44.48 21.23 15.13
N GLY D 171 -43.34 20.94 15.75
CA GLY D 171 -42.95 21.58 16.99
C GLY D 171 -42.39 22.96 16.74
N MET D 172 -42.15 23.73 17.80
CA MET D 172 -41.86 25.08 17.55
C MET D 172 -40.41 25.25 17.08
N GLY D 173 -40.21 26.18 16.16
CA GLY D 173 -38.93 26.44 15.53
C GLY D 173 -38.53 25.33 14.57
N SER D 174 -39.50 24.54 14.11
CA SER D 174 -39.23 23.51 13.12
C SER D 174 -38.82 24.13 11.79
N ALA D 175 -37.87 23.50 11.11
CA ALA D 175 -37.44 23.90 9.78
C ALA D 175 -37.63 22.70 8.85
N ILE D 176 -38.70 22.72 8.06
CA ILE D 176 -39.15 21.60 7.30
C ILE D 176 -38.68 21.73 5.85
N GLY D 177 -37.97 20.72 5.36
CA GLY D 177 -37.41 20.74 4.01
C GLY D 177 -37.91 19.60 3.12
N LYS D 178 -38.69 18.66 3.67
CA LYS D 178 -39.26 17.59 2.89
C LYS D 178 -40.69 17.39 3.36
N ASP D 179 -41.47 16.56 2.70
CA ASP D 179 -42.87 16.40 3.04
C ASP D 179 -43.02 15.87 4.46
N VAL D 180 -44.09 16.27 5.13
CA VAL D 180 -44.43 15.72 6.38
C VAL D 180 -45.63 14.81 6.14
N PRO D 181 -45.49 13.50 6.38
CA PRO D 181 -46.61 12.59 6.15
C PRO D 181 -47.75 12.96 7.09
N ALA D 182 -48.95 12.55 6.72
CA ALA D 182 -50.12 12.76 7.54
C ALA D 182 -49.87 12.17 8.94
N TYR D 183 -50.42 12.85 9.94
CA TYR D 183 -50.42 12.46 11.34
C TYR D 183 -49.04 12.60 12.00
N VAL D 184 -47.96 12.83 11.25
CA VAL D 184 -46.65 12.74 11.85
C VAL D 184 -46.32 14.02 12.62
N THR D 185 -45.58 13.88 13.72
CA THR D 185 -45.05 15.02 14.46
C THR D 185 -43.57 15.17 14.12
N VAL D 186 -43.14 16.41 13.86
CA VAL D 186 -41.75 16.71 13.51
C VAL D 186 -41.23 17.86 14.37
N PHE D 187 -39.92 17.85 14.62
CA PHE D 187 -39.27 18.80 15.52
C PHE D 187 -37.87 19.12 15.02
N GLY D 188 -37.46 20.37 15.19
CA GLY D 188 -36.06 20.77 15.09
C GLY D 188 -35.72 21.36 13.74
N ASN D 189 -34.46 21.78 13.62
CA ASN D 189 -33.91 22.38 12.44
C ASN D 189 -32.56 21.71 12.17
N PRO D 190 -32.51 20.77 11.24
CA PRO D 190 -33.62 20.38 10.36
C PRO D 190 -34.64 19.46 11.03
N ALA D 191 -35.88 19.50 10.56
CA ALA D 191 -36.97 18.77 11.18
C ALA D 191 -36.74 17.27 11.09
N GLU D 192 -37.08 16.56 12.17
CA GLU D 192 -37.03 15.11 12.28
C GLU D 192 -38.39 14.61 12.76
N ALA D 193 -38.81 13.45 12.27
CA ALA D 193 -40.04 12.79 12.68
C ALA D 193 -39.78 12.19 14.05
N ARG D 194 -40.77 12.28 14.93
CA ARG D 194 -40.66 11.79 16.28
C ARG D 194 -41.75 10.76 16.56
N SER D 195 -43.01 11.09 16.24
CA SER D 195 -44.12 10.25 16.58
C SER D 195 -45.32 10.61 15.71
N MET D 196 -46.52 10.33 16.19
CA MET D 196 -47.75 10.72 15.53
C MET D 196 -48.59 11.56 16.45
N ASN D 197 -49.48 12.33 15.86
CA ASN D 197 -50.27 13.31 16.53
C ASN D 197 -51.52 12.61 17.10
N PHE D 198 -51.33 11.86 18.18
CA PHE D 198 -52.39 11.09 18.76
C PHE D 198 -53.44 12.01 19.38
N GLU D 199 -52.99 13.14 19.95
CA GLU D 199 -53.91 14.14 20.50
C GLU D 199 -54.94 14.52 19.43
N GLY D 200 -54.46 14.76 18.21
CA GLY D 200 -55.31 15.12 17.09
C GLY D 200 -56.31 14.06 16.73
N MET D 201 -55.89 12.79 16.79
CA MET D 201 -56.76 11.66 16.47
C MET D 201 -57.85 11.52 17.52
N ARG D 202 -57.50 11.86 18.78
CA ARG D 202 -58.44 11.76 19.88
C ARG D 202 -59.59 12.74 19.64
N ARG D 203 -59.25 13.99 19.30
CA ARG D 203 -60.19 15.07 19.06
C ARG D 203 -61.11 14.76 17.88
N ARG D 204 -60.61 14.08 16.85
CA ARG D 204 -61.47 13.72 15.71
C ARG D 204 -62.26 12.46 16.01
N GLY D 205 -62.08 11.86 17.18
CA GLY D 205 -62.82 10.67 17.60
C GLY D 205 -62.49 9.44 16.78
N PHE D 206 -61.22 9.26 16.40
CA PHE D 206 -60.80 8.05 15.71
C PHE D 206 -61.04 6.84 16.61
N SER D 207 -61.32 5.70 15.99
CA SER D 207 -61.47 4.47 16.73
C SER D 207 -60.12 4.12 17.37
N SER D 208 -60.16 3.29 18.41
CA SER D 208 -58.97 2.90 19.09
C SER D 208 -58.18 1.92 18.21
N GLU D 209 -58.85 1.14 17.36
CA GLU D 209 -58.20 0.20 16.43
C GLU D 209 -57.42 0.96 15.37
N ALA D 210 -57.94 2.12 14.97
CA ALA D 210 -57.34 2.93 13.93
C ALA D 210 -56.08 3.64 14.46
N ILE D 211 -56.16 4.08 15.71
CA ILE D 211 -55.04 4.73 16.35
C ILE D 211 -53.87 3.74 16.44
N HIS D 212 -54.17 2.51 16.87
CA HIS D 212 -53.16 1.49 16.98
C HIS D 212 -52.56 1.18 15.60
N ALA D 213 -53.39 1.18 14.57
CA ALA D 213 -52.95 0.83 13.23
C ALA D 213 -51.99 1.90 12.72
N LEU D 214 -52.25 3.15 13.10
CA LEU D 214 -51.45 4.25 12.69
C LEU D 214 -50.12 4.24 13.44
N ARG D 215 -50.09 3.77 14.68
CA ARG D 215 -48.83 3.67 15.37
C ARG D 215 -47.96 2.61 14.71
N ARG D 216 -48.56 1.48 14.32
CA ARG D 216 -47.81 0.43 13.67
C ARG D 216 -47.30 0.94 12.34
N ALA D 217 -48.09 1.78 11.67
CA ALA D 217 -47.72 2.32 10.39
C ALA D 217 -46.50 3.22 10.53
N TYR D 218 -46.46 4.02 11.60
CA TYR D 218 -45.34 4.86 11.88
C TYR D 218 -44.09 3.99 12.00
N LYS D 219 -44.19 2.92 12.77
CA LYS D 219 -43.05 2.05 13.02
C LYS D 219 -42.55 1.40 11.72
N VAL D 220 -43.45 1.08 10.79
CA VAL D 220 -43.07 0.44 9.53
C VAL D 220 -42.17 1.39 8.71
N VAL D 221 -42.59 2.65 8.66
CA VAL D 221 -41.95 3.65 7.83
C VAL D 221 -40.64 4.11 8.45
N TYR D 222 -40.59 4.21 9.79
CA TYR D 222 -39.54 4.99 10.47
C TYR D 222 -38.63 4.13 11.36
N ARG D 223 -39.10 3.01 11.92
CA ARG D 223 -38.35 2.36 13.01
C ARG D 223 -37.98 0.91 12.63
N GLN D 224 -37.97 0.54 11.36
CA GLN D 224 -37.78 -0.90 11.05
C GLN D 224 -36.77 -1.14 9.92
N GLY D 225 -35.97 -0.13 9.61
CA GLY D 225 -34.97 -0.18 8.56
C GLY D 225 -35.54 -0.36 7.16
N HIS D 226 -36.82 -0.07 6.92
CA HIS D 226 -37.37 -0.26 5.57
C HIS D 226 -36.97 0.92 4.69
N THR D 227 -36.73 0.68 3.40
CA THR D 227 -36.67 1.77 2.42
C THR D 227 -38.10 2.27 2.26
N VAL D 228 -38.30 3.43 1.62
CA VAL D 228 -39.63 3.96 1.51
C VAL D 228 -40.49 3.04 0.64
N GLU D 229 -39.89 2.44 -0.40
CA GLU D 229 -40.59 1.51 -1.29
C GLU D 229 -41.07 0.28 -0.51
N GLU D 230 -40.20 -0.27 0.34
CA GLU D 230 -40.52 -1.48 1.11
C GLU D 230 -41.63 -1.16 2.13
N ALA D 231 -41.63 0.06 2.67
CA ALA D 231 -42.61 0.47 3.65
C ALA D 231 -43.99 0.58 3.01
N LEU D 232 -44.06 1.21 1.84
CA LEU D 232 -45.30 1.34 1.11
C LEU D 232 -45.94 -0.02 0.84
N ALA D 233 -45.11 -1.01 0.53
CA ALA D 233 -45.56 -2.36 0.24
C ALA D 233 -46.14 -2.97 1.51
N GLU D 234 -45.46 -2.76 2.63
CA GLU D 234 -45.87 -3.31 3.91
C GLU D 234 -47.18 -2.65 4.38
N LEU D 235 -47.33 -1.36 4.13
CA LEU D 235 -48.52 -0.62 4.51
C LEU D 235 -49.76 -1.01 3.69
N ALA D 236 -49.60 -1.70 2.56
CA ALA D 236 -50.73 -1.95 1.66
C ALA D 236 -51.88 -2.63 2.40
N GLU D 237 -51.60 -3.66 3.23
CA GLU D 237 -52.63 -4.41 3.95
C GLU D 237 -53.39 -3.45 4.86
N SER D 238 -52.65 -2.72 5.69
CA SER D 238 -53.25 -1.88 6.72
C SER D 238 -54.00 -0.70 6.14
N ALA D 239 -53.64 -0.25 4.94
CA ALA D 239 -54.28 0.86 4.26
C ALA D 239 -55.63 0.44 3.66
N ALA D 240 -55.77 -0.86 3.36
CA ALA D 240 -57.02 -1.34 2.85
C ALA D 240 -58.01 -1.58 4.00
N GLN D 241 -57.47 -1.80 5.21
CA GLN D 241 -58.25 -2.11 6.37
C GLN D 241 -58.78 -0.82 7.01
N PHE D 242 -58.05 0.29 6.92
CA PHE D 242 -58.37 1.52 7.64
C PHE D 242 -58.26 2.74 6.72
N PRO D 243 -59.36 3.47 6.44
CA PRO D 243 -59.30 4.73 5.70
C PRO D 243 -58.23 5.70 6.22
N GLU D 244 -58.01 5.68 7.54
CA GLU D 244 -57.11 6.59 8.23
C GLU D 244 -55.66 6.27 7.86
N VAL D 245 -55.32 4.98 7.74
CA VAL D 245 -53.99 4.57 7.36
C VAL D 245 -53.78 4.85 5.87
N ALA D 246 -54.82 4.73 5.05
CA ALA D 246 -54.72 5.03 3.62
C ALA D 246 -54.28 6.50 3.42
N VAL D 247 -54.79 7.42 4.24
CA VAL D 247 -54.39 8.83 4.18
C VAL D 247 -52.88 8.94 4.40
N PHE D 248 -52.36 8.18 5.37
CA PHE D 248 -50.94 8.15 5.71
C PHE D 248 -50.13 7.57 4.55
N ARG D 249 -50.54 6.41 4.03
CA ARG D 249 -49.84 5.79 2.91
C ARG D 249 -49.84 6.76 1.74
N ASP D 250 -50.98 7.39 1.44
CA ASP D 250 -51.11 8.24 0.26
C ASP D 250 -50.18 9.45 0.38
N SER D 251 -49.99 9.98 1.60
CA SER D 251 -49.09 11.11 1.77
C SER D 251 -47.63 10.73 1.50
N ILE D 252 -47.23 9.51 1.82
CA ILE D 252 -45.88 9.03 1.56
C ILE D 252 -45.71 8.68 0.08
N GLN D 253 -46.71 8.01 -0.48
CA GLN D 253 -46.74 7.66 -1.90
C GLN D 253 -46.37 8.88 -2.74
N SER D 254 -47.07 9.98 -2.49
CA SER D 254 -47.08 11.15 -3.38
C SER D 254 -45.94 12.09 -3.03
N ALA D 255 -44.89 11.56 -2.41
CA ALA D 255 -43.79 12.34 -1.95
C ALA D 255 -42.51 11.84 -2.60
N THR D 256 -42.60 10.71 -3.29
CA THR D 256 -41.46 9.83 -3.50
C THR D 256 -41.56 9.15 -4.86
N ARG D 257 -41.55 9.89 -5.98
CA ARG D 257 -41.53 9.21 -7.26
C ARG D 257 -40.17 8.46 -7.45
N GLY D 258 -39.04 9.16 -7.31
CA GLY D 258 -37.71 8.55 -7.51
C GLY D 258 -37.34 8.53 -8.99
N ILE D 259 -36.23 7.86 -9.30
CA ILE D 259 -35.68 7.79 -10.64
C ILE D 259 -35.30 6.36 -11.00
N THR D 260 -35.36 6.04 -12.28
CA THR D 260 -34.99 4.78 -12.76
C THR D 260 -33.54 4.55 -12.33
N ARG D 261 -33.31 3.49 -11.55
CA ARG D 261 -31.99 3.06 -11.06
C ARG D 261 -31.55 1.74 -11.74
N MET E 4 -49.57 71.91 17.92
CA MET E 4 -49.82 70.58 18.51
C MET E 4 -50.56 70.74 19.86
N SER E 5 -51.52 69.85 20.14
CA SER E 5 -51.98 69.39 21.49
C SER E 5 -51.33 68.02 21.78
N LEU E 6 -51.53 67.44 22.95
CA LEU E 6 -50.78 66.25 23.35
C LEU E 6 -51.45 64.98 22.79
N ILE E 7 -52.74 65.10 22.44
CA ILE E 7 -53.45 64.01 21.84
C ILE E 7 -53.75 64.40 20.40
N ASP E 8 -53.20 63.66 19.45
CA ASP E 8 -53.35 64.02 18.09
C ASP E 8 -54.83 64.01 17.75
N PRO E 9 -55.33 65.01 16.99
CA PRO E 9 -56.73 64.98 16.56
C PRO E 9 -57.03 63.79 15.64
N ARG E 10 -56.01 63.19 15.00
CA ARG E 10 -56.23 62.06 14.12
C ARG E 10 -56.32 60.73 14.90
N ALA E 11 -56.11 60.74 16.22
CA ALA E 11 -56.25 59.53 17.05
C ALA E 11 -57.72 59.31 17.42
N ILE E 12 -58.04 58.11 17.89
CA ILE E 12 -59.37 57.76 18.39
C ILE E 12 -59.25 57.38 19.86
N ILE E 13 -59.98 58.09 20.70
CA ILE E 13 -60.00 57.83 22.12
C ILE E 13 -61.42 57.45 22.51
N ASP E 14 -61.59 56.24 23.04
CA ASP E 14 -62.90 55.84 23.46
C ASP E 14 -63.38 56.72 24.60
N PRO E 15 -64.69 57.09 24.63
CA PRO E 15 -65.26 57.80 25.78
C PRO E 15 -64.91 57.22 27.16
N SER E 16 -64.81 55.90 27.26
CA SER E 16 -64.60 55.19 28.55
C SER E 16 -63.12 54.96 28.88
N ALA E 17 -62.21 55.47 28.03
CA ALA E 17 -60.77 55.45 28.34
C ALA E 17 -60.47 56.56 29.34
N ARG E 18 -59.43 56.35 30.15
CA ARG E 18 -59.06 57.26 31.21
C ARG E 18 -57.55 57.54 31.09
N LEU E 19 -57.20 58.72 30.63
CA LEU E 19 -55.82 59.17 30.40
C LEU E 19 -55.44 60.24 31.41
N ALA E 20 -54.28 60.09 32.04
CA ALA E 20 -53.72 61.14 32.86
C ALA E 20 -53.49 62.39 32.02
N ALA E 21 -53.31 63.53 32.71
CA ALA E 21 -53.34 64.88 32.08
C ALA E 21 -52.31 64.98 30.94
N ASP E 22 -51.09 64.44 31.10
CA ASP E 22 -49.97 64.76 30.21
C ASP E 22 -49.57 63.54 29.35
N VAL E 23 -50.51 62.65 29.10
CA VAL E 23 -50.31 61.55 28.19
C VAL E 23 -50.27 62.12 26.76
N GLN E 24 -49.39 61.55 25.93
CA GLN E 24 -49.30 61.87 24.52
C GLN E 24 -49.76 60.67 23.67
N VAL E 25 -50.55 60.94 22.64
CA VAL E 25 -51.00 59.91 21.72
C VAL E 25 -50.79 60.42 20.31
N GLY E 26 -50.07 59.62 19.52
CA GLY E 26 -49.74 59.95 18.17
C GLY E 26 -50.93 59.79 17.24
N PRO E 27 -50.78 60.25 15.98
CA PRO E 27 -51.84 60.14 14.98
C PRO E 27 -52.16 58.69 14.64
N TRP E 28 -53.44 58.43 14.35
CA TRP E 28 -53.93 57.15 13.83
C TRP E 28 -53.75 56.02 14.86
N SER E 29 -53.75 56.38 16.15
CA SER E 29 -53.72 55.41 17.19
C SER E 29 -55.14 55.25 17.76
N ILE E 30 -55.43 54.07 18.29
CA ILE E 30 -56.70 53.78 18.93
C ILE E 30 -56.45 53.49 20.39
N VAL E 31 -57.10 54.24 21.27
CA VAL E 31 -57.14 53.92 22.67
C VAL E 31 -58.56 53.44 22.99
N GLY E 32 -58.73 52.11 23.03
CA GLY E 32 -60.03 51.47 23.14
C GLY E 32 -60.70 51.66 24.49
N ALA E 33 -61.92 51.14 24.57
CA ALA E 33 -62.73 51.14 25.79
C ALA E 33 -61.92 50.52 26.91
N GLU E 34 -62.02 51.12 28.12
CA GLU E 34 -61.53 50.55 29.37
C GLU E 34 -60.00 50.49 29.39
N VAL E 35 -59.33 51.39 28.67
CA VAL E 35 -57.92 51.52 28.76
C VAL E 35 -57.60 52.70 29.67
N GLU E 36 -56.65 52.50 30.57
CA GLU E 36 -56.25 53.48 31.53
C GLU E 36 -54.74 53.72 31.32
N ILE E 37 -54.33 54.98 31.20
CA ILE E 37 -52.94 55.32 30.88
C ILE E 37 -52.41 56.35 31.88
N GLY E 38 -51.27 56.04 32.51
CA GLY E 38 -50.69 56.83 33.57
C GLY E 38 -49.84 57.99 33.07
N GLU E 39 -49.62 58.93 34.01
CA GLU E 39 -48.79 60.12 33.88
C GLU E 39 -47.53 59.87 33.04
N GLY E 40 -47.34 60.70 31.99
CA GLY E 40 -46.07 60.85 31.27
C GLY E 40 -45.83 59.79 30.21
N THR E 41 -46.82 58.91 29.98
CA THR E 41 -46.71 57.87 28.98
C THR E 41 -46.92 58.49 27.60
N VAL E 42 -46.25 57.90 26.62
CA VAL E 42 -46.28 58.34 25.23
C VAL E 42 -46.66 57.15 24.34
N ILE E 43 -47.78 57.29 23.64
CA ILE E 43 -48.22 56.36 22.64
C ILE E 43 -47.83 56.95 21.29
N GLY E 44 -47.12 56.15 20.50
CA GLY E 44 -46.70 56.56 19.18
C GLY E 44 -47.87 56.58 18.21
N PRO E 45 -47.59 56.79 16.91
CA PRO E 45 -48.62 56.69 15.88
C PRO E 45 -48.92 55.21 15.58
N HIS E 46 -50.07 54.92 14.96
CA HIS E 46 -50.39 53.58 14.50
C HIS E 46 -50.31 52.54 15.63
N VAL E 47 -50.82 52.87 16.81
CA VAL E 47 -50.86 51.92 17.91
C VAL E 47 -52.31 51.54 18.17
N VAL E 48 -52.54 50.29 18.54
CA VAL E 48 -53.86 49.84 18.91
C VAL E 48 -53.80 49.38 20.37
N LEU E 49 -54.49 50.07 21.26
CA LEU E 49 -54.68 49.64 22.62
C LEU E 49 -56.11 49.12 22.78
N LYS E 50 -56.26 48.01 23.49
CA LYS E 50 -57.54 47.43 23.77
C LYS E 50 -57.58 47.03 25.25
N GLY E 51 -58.78 46.96 25.82
CA GLY E 51 -58.97 46.80 27.26
C GLY E 51 -59.77 45.55 27.62
N PRO E 52 -59.89 45.26 28.93
CA PRO E 52 -59.47 46.09 30.05
C PRO E 52 -57.95 46.11 30.32
N THR E 53 -57.34 47.28 30.22
CA THR E 53 -55.91 47.40 30.26
C THR E 53 -55.53 48.59 31.12
N LYS E 54 -54.52 48.41 31.98
CA LYS E 54 -54.00 49.45 32.82
C LYS E 54 -52.51 49.63 32.47
N ILE E 55 -52.15 50.83 32.03
CA ILE E 55 -50.78 51.16 31.70
C ILE E 55 -50.31 52.24 32.67
N GLY E 56 -49.13 52.03 33.27
CA GLY E 56 -48.60 52.91 34.29
C GLY E 56 -47.95 54.15 33.70
N LYS E 57 -46.93 54.65 34.39
CA LYS E 57 -46.36 55.97 34.18
C LYS E 57 -45.08 55.86 33.37
N HIS E 58 -44.85 56.85 32.51
CA HIS E 58 -43.59 57.04 31.79
C HIS E 58 -43.27 55.87 30.87
N ASN E 59 -44.29 55.27 30.24
CA ASN E 59 -44.08 54.24 29.24
C ASN E 59 -43.92 54.92 27.86
N ARG E 60 -43.26 54.21 26.95
CA ARG E 60 -43.10 54.62 25.55
CA ARG E 60 -43.09 54.60 25.55
C ARG E 60 -43.57 53.38 24.76
N ILE E 61 -44.61 53.54 23.91
CA ILE E 61 -45.11 52.43 23.04
C ILE E 61 -45.03 52.85 21.57
N TYR E 62 -44.34 52.07 20.75
CA TYR E 62 -44.02 52.46 19.39
C TYR E 62 -45.06 51.91 18.40
N GLN E 63 -44.96 52.41 17.17
CA GLN E 63 -45.88 52.16 16.08
C GLN E 63 -46.08 50.66 15.83
N PHE E 64 -47.32 50.30 15.46
CA PHE E 64 -47.70 48.98 14.90
C PHE E 64 -47.84 47.91 15.99
N SER E 65 -47.78 48.35 17.25
CA SER E 65 -48.00 47.52 18.39
C SER E 65 -49.50 47.34 18.59
N SER E 66 -49.89 46.12 18.97
CA SER E 66 -51.26 45.81 19.37
C SER E 66 -51.18 45.30 20.80
N VAL E 67 -51.60 46.14 21.73
CA VAL E 67 -51.44 45.90 23.15
C VAL E 67 -52.83 45.77 23.79
N GLY E 68 -53.15 44.58 24.29
CA GLY E 68 -54.40 44.37 24.99
C GLY E 68 -55.40 43.60 24.16
N GLU E 69 -54.92 42.96 23.10
CA GLU E 69 -55.76 42.23 22.19
C GLU E 69 -56.17 40.91 22.87
N ASP E 70 -57.26 40.28 22.43
CA ASP E 70 -57.66 38.98 22.98
C ASP E 70 -56.70 37.90 22.47
N THR E 71 -56.35 36.87 23.29
CA THR E 71 -55.66 35.75 22.66
C THR E 71 -56.58 35.09 21.65
N PRO E 72 -56.02 34.44 20.63
CA PRO E 72 -56.81 33.61 19.73
C PRO E 72 -57.01 32.19 20.26
N ASP E 73 -56.33 31.83 21.37
CA ASP E 73 -56.48 30.49 21.95
C ASP E 73 -57.98 30.17 22.02
N LEU E 74 -58.36 28.96 21.62
CA LEU E 74 -59.79 28.61 21.47
C LEU E 74 -60.38 28.33 22.86
N LYS E 75 -59.48 28.22 23.85
CA LYS E 75 -59.71 28.24 25.31
C LYS E 75 -60.50 29.49 25.75
N TYR E 76 -60.20 30.66 25.20
CA TYR E 76 -60.77 31.97 25.61
C TYR E 76 -62.08 32.22 24.86
N LYS E 77 -63.17 32.54 25.59
CA LYS E 77 -64.53 32.68 25.03
C LYS E 77 -65.11 34.10 25.25
N GLY E 78 -64.27 35.13 25.37
CA GLY E 78 -64.73 36.54 25.35
C GLY E 78 -64.95 37.15 26.73
N GLU E 79 -64.47 36.50 27.79
CA GLU E 79 -64.63 36.97 29.20
C GLU E 79 -63.76 38.22 29.42
N PRO E 80 -64.05 39.07 30.44
CA PRO E 80 -63.38 40.38 30.59
C PRO E 80 -62.06 40.25 31.39
N THR E 81 -61.00 39.81 30.72
CA THR E 81 -59.72 39.59 31.34
C THR E 81 -58.87 40.85 31.19
N ARG E 82 -57.74 40.91 31.89
CA ARG E 82 -57.01 42.14 32.09
C ARG E 82 -55.60 42.05 31.52
N LEU E 83 -55.02 43.21 31.25
CA LEU E 83 -53.59 43.37 31.03
C LEU E 83 -53.12 44.52 31.93
N VAL E 84 -52.02 44.32 32.66
CA VAL E 84 -51.48 45.35 33.52
C VAL E 84 -50.01 45.58 33.16
N ILE E 85 -49.67 46.84 32.91
CA ILE E 85 -48.30 47.23 32.62
C ILE E 85 -47.90 48.29 33.64
N GLY E 86 -46.68 48.16 34.16
CA GLY E 86 -46.16 49.06 35.17
C GLY E 86 -45.60 50.35 34.57
N ASP E 87 -44.48 50.78 35.15
CA ASP E 87 -43.89 52.08 34.93
C ASP E 87 -42.58 51.91 34.13
N HIS E 88 -42.23 52.94 33.34
CA HIS E 88 -40.91 53.10 32.69
C HIS E 88 -40.57 51.96 31.73
N ASN E 89 -41.58 51.42 31.06
CA ASN E 89 -41.35 50.37 30.08
C ASN E 89 -41.21 51.01 28.70
N VAL E 90 -40.48 50.31 27.83
CA VAL E 90 -40.37 50.64 26.43
C VAL E 90 -40.84 49.43 25.63
N ILE E 91 -41.83 49.66 24.77
CA ILE E 91 -42.37 48.65 23.91
C ILE E 91 -42.17 49.10 22.47
N ARG E 92 -41.31 48.40 21.74
CA ARG E 92 -40.87 48.83 20.44
C ARG E 92 -41.89 48.40 19.37
N GLU E 93 -41.50 48.61 18.10
CA GLU E 93 -42.42 48.56 17.00
C GLU E 93 -42.93 47.11 16.83
N GLY E 94 -44.24 46.98 16.68
CA GLY E 94 -44.86 45.75 16.23
C GLY E 94 -45.10 44.72 17.32
N VAL E 95 -44.93 45.10 18.59
CA VAL E 95 -45.07 44.17 19.67
C VAL E 95 -46.56 43.82 19.83
N THR E 96 -46.82 42.54 20.15
CA THR E 96 -48.16 42.09 20.50
C THR E 96 -48.16 41.61 21.96
N ILE E 97 -49.14 42.09 22.73
CA ILE E 97 -49.34 41.69 24.09
C ILE E 97 -50.81 41.35 24.26
N HIS E 98 -51.09 40.13 24.72
CA HIS E 98 -52.43 39.66 24.88
C HIS E 98 -52.86 39.71 26.34
N ARG E 99 -54.15 39.93 26.57
CA ARG E 99 -54.72 39.87 27.90
C ARG E 99 -54.87 38.39 28.31
N GLY E 100 -55.17 38.16 29.59
CA GLY E 100 -55.23 36.85 30.20
C GLY E 100 -56.46 36.05 29.81
N THR E 101 -56.61 34.91 30.50
CA THR E 101 -57.68 33.93 30.33
C THR E 101 -58.21 33.54 31.71
N VAL E 102 -59.49 33.16 31.78
CA VAL E 102 -60.11 32.80 33.03
C VAL E 102 -59.51 31.54 33.65
N GLN E 103 -58.89 30.69 32.85
CA GLN E 103 -58.37 29.39 33.30
C GLN E 103 -57.11 29.59 34.14
N ASP E 104 -56.48 30.78 34.15
CA ASP E 104 -55.31 31.03 35.02
C ASP E 104 -55.66 32.16 36.02
N ARG E 105 -55.11 33.36 35.84
CA ARG E 105 -55.31 34.45 36.82
C ARG E 105 -56.09 35.60 36.17
N ALA E 106 -56.48 35.45 34.91
CA ALA E 106 -57.30 36.42 34.20
C ALA E 106 -56.51 37.70 33.95
N GLU E 107 -55.18 37.61 33.92
CA GLU E 107 -54.37 38.80 33.87
C GLU E 107 -53.00 38.48 33.29
N THR E 108 -52.62 39.21 32.23
CA THR E 108 -51.26 39.29 31.77
C THR E 108 -50.64 40.50 32.46
N THR E 109 -49.43 40.36 33.00
CA THR E 109 -48.91 41.42 33.85
C THR E 109 -47.43 41.68 33.47
N ILE E 110 -47.07 42.96 33.44
CA ILE E 110 -45.71 43.42 33.14
C ILE E 110 -45.32 44.45 34.20
N GLY E 111 -44.12 44.32 34.75
CA GLY E 111 -43.62 45.17 35.80
C GLY E 111 -43.07 46.48 35.26
N ASP E 112 -41.91 46.87 35.78
CA ASP E 112 -41.31 48.18 35.58
C ASP E 112 -39.98 48.05 34.84
N HIS E 113 -39.59 49.11 34.11
CA HIS E 113 -38.25 49.25 33.52
C HIS E 113 -37.93 48.10 32.56
N ASN E 114 -38.92 47.59 31.82
CA ASN E 114 -38.65 46.52 30.89
C ASN E 114 -38.44 47.12 29.50
N LEU E 115 -37.68 46.41 28.68
CA LEU E 115 -37.48 46.76 27.31
C LEU E 115 -37.94 45.59 26.44
N ILE E 116 -38.99 45.80 25.66
CA ILE E 116 -39.52 44.78 24.81
C ILE E 116 -39.35 45.24 23.38
N MET E 117 -38.49 44.55 22.64
CA MET E 117 -38.01 45.04 21.38
C MET E 117 -38.93 44.54 20.25
N ALA E 118 -38.64 44.95 19.03
CA ALA E 118 -39.56 44.87 17.93
C ALA E 118 -40.10 43.46 17.75
N TYR E 119 -41.40 43.36 17.50
CA TYR E 119 -42.08 42.15 17.00
C TYR E 119 -42.10 41.05 18.07
N ALA E 120 -41.77 41.38 19.33
CA ALA E 120 -41.88 40.40 20.39
C ALA E 120 -43.36 40.14 20.66
N HIS E 121 -43.66 38.96 21.19
CA HIS E 121 -45.00 38.53 21.51
C HIS E 121 -45.06 38.08 22.97
N ILE E 122 -46.06 38.61 23.69
CA ILE E 122 -46.27 38.26 25.07
C ILE E 122 -47.66 37.66 25.22
N GLY E 123 -47.69 36.34 25.34
CA GLY E 123 -48.91 35.58 25.28
C GLY E 123 -49.73 35.69 26.56
N HIS E 124 -50.99 35.30 26.45
CA HIS E 124 -51.93 35.38 27.53
C HIS E 124 -51.32 34.85 28.82
N ASP E 125 -51.54 35.59 29.91
CA ASP E 125 -51.33 35.14 31.25
C ASP E 125 -49.84 35.12 31.61
N SER E 126 -48.99 35.66 30.75
CA SER E 126 -47.59 35.76 31.04
C SER E 126 -47.38 36.83 32.12
N VAL E 127 -46.27 36.70 32.84
CA VAL E 127 -45.92 37.63 33.90
C VAL E 127 -44.46 38.01 33.72
N ILE E 128 -44.20 39.29 33.54
CA ILE E 128 -42.86 39.78 33.45
C ILE E 128 -42.59 40.68 34.65
N GLY E 129 -41.39 40.54 35.20
CA GLY E 129 -40.96 41.28 36.37
C GLY E 129 -40.44 42.65 35.97
N ASN E 130 -39.28 43.02 36.54
CA ASN E 130 -38.69 44.31 36.29
C ASN E 130 -37.32 44.13 35.65
N HIS E 131 -36.91 45.13 34.86
CA HIS E 131 -35.56 45.26 34.34
C HIS E 131 -35.26 44.17 33.30
N CYS E 132 -36.28 43.56 32.72
CA CYS E 132 -36.06 42.52 31.74
C CYS E 132 -35.84 43.14 30.36
N ILE E 133 -35.24 42.36 29.48
CA ILE E 133 -35.03 42.71 28.09
C ILE E 133 -35.45 41.53 27.24
N LEU E 134 -36.48 41.73 26.42
CA LEU E 134 -36.90 40.78 25.41
C LEU E 134 -36.51 41.35 24.05
N VAL E 135 -35.63 40.65 23.37
CA VAL E 135 -35.07 41.17 22.17
C VAL E 135 -36.02 40.79 21.01
N ASN E 136 -35.81 41.46 19.87
CA ASN E 136 -36.60 41.29 18.67
C ASN E 136 -37.15 39.86 18.54
N ASN E 137 -38.46 39.75 18.40
CA ASN E 137 -39.16 38.52 17.98
C ASN E 137 -39.10 37.42 19.06
N THR E 138 -38.79 37.79 20.29
CA THR E 138 -38.95 36.88 21.39
C THR E 138 -40.44 36.60 21.56
N ALA E 139 -40.79 35.33 21.81
CA ALA E 139 -42.19 34.96 21.89
C ALA E 139 -42.44 34.10 23.14
N LEU E 140 -43.34 34.58 24.01
CA LEU E 140 -43.80 33.82 25.17
C LEU E 140 -45.17 33.24 24.83
N ALA E 141 -45.25 31.92 24.69
CA ALA E 141 -46.47 31.27 24.22
C ALA E 141 -47.67 31.51 25.12
N GLY E 142 -47.43 31.65 26.43
CA GLY E 142 -48.50 31.86 27.40
C GLY E 142 -48.16 31.28 28.76
N HIS E 143 -48.67 31.92 29.81
CA HIS E 143 -48.44 31.50 31.17
C HIS E 143 -46.93 31.44 31.48
N VAL E 144 -46.15 32.33 30.86
CA VAL E 144 -44.74 32.32 31.08
C VAL E 144 -44.40 33.35 32.13
N HIS E 145 -43.59 32.97 33.13
CA HIS E 145 -43.13 33.87 34.17
C HIS E 145 -41.67 34.20 33.89
N VAL E 146 -41.35 35.48 33.68
CA VAL E 146 -40.01 35.96 33.49
C VAL E 146 -39.65 36.84 34.68
N ASP E 147 -38.65 36.41 35.46
CA ASP E 147 -38.28 37.09 36.67
C ASP E 147 -37.25 38.18 36.36
N ASP E 148 -36.91 39.00 37.36
CA ASP E 148 -36.21 40.27 37.17
C ASP E 148 -34.87 40.06 36.46
N TRP E 149 -34.52 41.01 35.58
CA TRP E 149 -33.19 41.18 34.96
C TRP E 149 -32.92 40.12 33.89
N ALA E 150 -33.92 39.33 33.52
CA ALA E 150 -33.66 38.34 32.51
C ALA E 150 -33.43 39.02 31.17
N ILE E 151 -32.66 38.35 30.32
CA ILE E 151 -32.44 38.78 28.97
C ILE E 151 -32.73 37.59 28.04
N LEU E 152 -33.68 37.77 27.12
CA LEU E 152 -33.96 36.79 26.10
C LEU E 152 -33.46 37.33 24.76
N SER E 153 -32.42 36.70 24.20
CA SER E 153 -31.85 37.14 22.94
C SER E 153 -32.91 36.98 21.85
N GLY E 154 -32.63 37.56 20.69
CA GLY E 154 -33.57 37.63 19.62
C GLY E 154 -34.08 36.25 19.20
N TYR E 155 -35.36 36.21 18.83
CA TYR E 155 -36.01 35.05 18.30
C TYR E 155 -35.93 33.89 19.30
N THR E 156 -35.96 34.21 20.59
CA THR E 156 -36.12 33.20 21.61
C THR E 156 -37.60 32.84 21.75
N LEU E 157 -37.90 31.55 21.68
CA LEU E 157 -39.26 31.05 21.84
C LEU E 157 -39.40 30.32 23.17
N VAL E 158 -40.51 30.55 23.90
CA VAL E 158 -40.71 29.93 25.19
C VAL E 158 -42.06 29.24 25.22
N HIS E 159 -42.07 27.94 25.53
CA HIS E 159 -43.29 27.17 25.62
C HIS E 159 -44.15 27.63 26.79
N GLN E 160 -45.43 27.29 26.71
CA GLN E 160 -46.41 27.55 27.73
C GLN E 160 -45.87 27.03 29.07
N TYR E 161 -46.03 27.84 30.13
CA TYR E 161 -45.86 27.47 31.54
C TYR E 161 -44.40 27.55 31.98
N CYS E 162 -43.46 27.87 31.10
CA CYS E 162 -42.06 27.92 31.54
C CYS E 162 -41.79 29.14 32.42
N ARG E 163 -40.86 28.95 33.35
CA ARG E 163 -40.35 29.98 34.23
C ARG E 163 -38.93 30.32 33.77
N ILE E 164 -38.69 31.59 33.46
CA ILE E 164 -37.39 32.11 33.12
C ILE E 164 -36.85 32.82 34.37
N GLY E 165 -35.72 32.34 34.89
CA GLY E 165 -35.22 32.78 36.17
C GLY E 165 -34.58 34.17 36.12
N ALA E 166 -34.46 34.80 37.28
CA ALA E 166 -33.81 36.07 37.44
C ALA E 166 -32.39 36.02 36.87
N HIS E 167 -32.00 37.05 36.14
CA HIS E 167 -30.66 37.24 35.57
C HIS E 167 -30.31 36.18 34.56
N SER E 168 -31.26 35.36 34.15
CA SER E 168 -30.96 34.32 33.23
C SER E 168 -30.84 34.92 31.83
N PHE E 169 -30.30 34.13 30.90
CA PHE E 169 -29.96 34.63 29.58
C PHE E 169 -30.15 33.53 28.56
N SER E 170 -30.87 33.82 27.48
CA SER E 170 -31.02 32.88 26.40
C SER E 170 -30.27 33.43 25.19
N GLY E 171 -29.60 32.53 24.46
CA GLY E 171 -28.92 32.88 23.22
C GLY E 171 -29.92 32.99 22.09
N MET E 172 -29.46 33.46 20.94
CA MET E 172 -30.42 33.81 19.96
C MET E 172 -30.93 32.53 19.26
N GLY E 173 -32.22 32.53 18.95
CA GLY E 173 -32.89 31.41 18.36
C GLY E 173 -33.08 30.26 19.34
N SER E 174 -33.01 30.55 20.63
CA SER E 174 -33.25 29.54 21.64
C SER E 174 -34.72 29.10 21.60
N ALA E 175 -34.94 27.80 21.83
CA ALA E 175 -36.27 27.24 21.95
C ALA E 175 -36.36 26.56 23.32
N ILE E 176 -37.03 27.23 24.25
CA ILE E 176 -37.03 26.84 25.64
C ILE E 176 -38.32 26.08 25.96
N GLY E 177 -38.17 24.87 26.49
CA GLY E 177 -39.30 24.00 26.79
C GLY E 177 -39.41 23.62 28.26
N LYS E 178 -38.43 23.98 29.07
CA LYS E 178 -38.46 23.69 30.50
C LYS E 178 -37.93 24.93 31.21
N ASP E 179 -38.01 24.97 32.53
CA ASP E 179 -37.63 26.20 33.26
C ASP E 179 -36.16 26.50 33.05
N VAL E 180 -35.81 27.77 33.07
CA VAL E 180 -34.47 28.19 33.05
C VAL E 180 -34.15 28.68 34.45
N PRO E 181 -33.23 28.04 35.18
CA PRO E 181 -32.91 28.48 36.52
C PRO E 181 -32.32 29.88 36.46
N ALA E 182 -32.39 30.59 37.58
CA ALA E 182 -31.80 31.91 37.68
C ALA E 182 -30.32 31.85 37.30
N TYR E 183 -29.85 32.91 36.67
CA TYR E 183 -28.47 33.16 36.28
C TYR E 183 -28.02 32.28 35.11
N VAL E 184 -28.77 31.26 34.71
CA VAL E 184 -28.25 30.29 33.77
C VAL E 184 -28.32 30.85 32.35
N THR E 185 -27.34 30.49 31.52
CA THR E 185 -27.36 30.80 30.10
C THR E 185 -27.75 29.54 29.32
N VAL E 186 -28.65 29.68 28.35
CA VAL E 186 -29.11 28.56 27.54
C VAL E 186 -29.04 28.92 26.07
N PHE E 187 -28.85 27.90 25.22
CA PHE E 187 -28.63 28.08 23.79
C PHE E 187 -29.24 26.92 23.02
N GLY E 188 -29.79 27.23 21.85
CA GLY E 188 -30.12 26.22 20.84
C GLY E 188 -31.58 25.80 20.90
N ASN E 189 -31.92 24.90 19.98
CA ASN E 189 -33.25 24.37 19.80
C ASN E 189 -33.14 22.85 19.66
N PRO E 190 -33.39 22.11 20.73
CA PRO E 190 -33.89 22.60 22.01
C PRO E 190 -32.79 23.21 22.90
N ALA E 191 -33.19 24.12 23.77
CA ALA E 191 -32.26 24.88 24.58
C ALA E 191 -31.50 23.95 25.54
N GLU E 192 -30.21 24.23 25.71
CA GLU E 192 -29.31 23.54 26.61
C GLU E 192 -28.59 24.58 27.49
N ALA E 193 -28.37 24.23 28.76
CA ALA E 193 -27.64 25.05 29.69
C ALA E 193 -26.17 24.98 29.32
N ARG E 194 -25.48 26.12 29.41
CA ARG E 194 -24.09 26.19 29.06
C ARG E 194 -23.27 26.73 30.24
N SER E 195 -23.70 27.83 30.85
CA SER E 195 -22.96 28.48 31.88
C SER E 195 -23.88 29.38 32.70
N MET E 196 -23.32 30.41 33.34
CA MET E 196 -24.06 31.40 34.06
C MET E 196 -23.75 32.78 33.50
N ASN E 197 -24.68 33.70 33.74
CA ASN E 197 -24.66 35.01 33.16
C ASN E 197 -23.81 35.90 34.06
N PHE E 198 -22.49 35.74 33.96
CA PHE E 198 -21.59 36.46 34.80
C PHE E 198 -21.60 37.95 34.46
N GLU E 199 -21.77 38.27 33.17
CA GLU E 199 -21.89 39.66 32.72
C GLU E 199 -22.99 40.37 33.53
N GLY E 200 -24.12 39.70 33.70
CA GLY E 200 -25.25 40.20 34.44
C GLY E 200 -24.92 40.47 35.91
N MET E 201 -24.14 39.57 36.50
CA MET E 201 -23.76 39.69 37.91
C MET E 201 -22.79 40.85 38.09
N ARG E 202 -21.95 41.10 37.07
CA ARG E 202 -20.99 42.17 37.10
C ARG E 202 -21.73 43.50 37.19
N ARG E 203 -22.73 43.69 36.31
CA ARG E 203 -23.51 44.90 36.21
C ARG E 203 -24.29 45.17 37.51
N ARG E 204 -24.77 44.13 38.19
CA ARG E 204 -25.45 44.35 39.46
C ARG E 204 -24.50 44.54 40.61
N GLY E 205 -23.19 44.46 40.35
CA GLY E 205 -22.17 44.64 41.38
C GLY E 205 -22.19 43.56 42.43
N PHE E 206 -22.44 42.29 42.06
CA PHE E 206 -22.35 41.20 42.99
C PHE E 206 -20.94 41.10 43.55
N SER E 207 -20.82 40.63 44.78
CA SER E 207 -19.53 40.40 45.38
C SER E 207 -18.81 39.30 44.59
N SER E 208 -17.48 39.27 44.71
CA SER E 208 -16.71 38.29 44.01
C SER E 208 -16.91 36.91 44.66
N GLU E 209 -17.20 36.87 45.97
CA GLU E 209 -17.44 35.61 46.70
C GLU E 209 -18.76 35.00 46.24
N ALA E 210 -19.73 35.84 45.90
CA ALA E 210 -21.05 35.40 45.49
C ALA E 210 -21.00 34.85 44.05
N ILE E 211 -20.20 35.49 43.20
CA ILE E 211 -20.03 35.03 41.84
C ILE E 211 -19.43 33.63 41.85
N HIS E 212 -18.39 33.45 42.66
CA HIS E 212 -17.74 32.16 42.78
C HIS E 212 -18.72 31.11 43.30
N ALA E 213 -19.59 31.50 44.24
CA ALA E 213 -20.51 30.57 44.85
C ALA E 213 -21.53 30.10 43.82
N LEU E 214 -21.89 31.01 42.91
CA LEU E 214 -22.84 30.71 41.90
C LEU E 214 -22.23 29.82 40.83
N ARG E 215 -20.93 29.96 40.56
CA ARG E 215 -20.31 29.06 39.62
C ARG E 215 -20.27 27.65 40.20
N ARG E 216 -19.99 27.51 41.49
CA ARG E 216 -19.96 26.21 42.13
C ARG E 216 -21.35 25.62 42.10
N ALA E 217 -22.35 26.47 42.25
CA ALA E 217 -23.75 26.03 42.26
C ALA E 217 -24.12 25.46 40.89
N TYR E 218 -23.66 26.11 39.83
CA TYR E 218 -23.89 25.65 38.50
C TYR E 218 -23.33 24.23 38.38
N LYS E 219 -22.09 24.05 38.82
CA LYS E 219 -21.40 22.78 38.70
C LYS E 219 -22.14 21.66 39.48
N VAL E 220 -22.74 21.99 40.63
CA VAL E 220 -23.44 21.01 41.44
C VAL E 220 -24.64 20.45 40.67
N VAL E 221 -25.38 21.35 40.03
CA VAL E 221 -26.62 21.03 39.37
C VAL E 221 -26.36 20.33 38.04
N TYR E 222 -25.30 20.72 37.33
CA TYR E 222 -25.16 20.41 35.91
C TYR E 222 -23.94 19.52 35.60
N ARG E 223 -22.85 19.56 36.37
CA ARG E 223 -21.59 18.98 35.93
C ARG E 223 -21.10 17.90 36.91
N GLN E 224 -21.96 17.33 37.76
CA GLN E 224 -21.43 16.42 38.80
C GLN E 224 -22.26 15.15 38.92
N GLY E 225 -23.08 14.85 37.91
CA GLY E 225 -23.91 13.67 37.89
C GLY E 225 -24.99 13.63 38.97
N HIS E 226 -25.34 14.75 39.59
CA HIS E 226 -26.37 14.73 40.62
C HIS E 226 -27.75 14.69 39.96
N THR E 227 -28.70 13.98 40.58
CA THR E 227 -30.11 14.16 40.23
C THR E 227 -30.52 15.54 40.73
N VAL E 228 -31.67 16.04 40.33
CA VAL E 228 -32.07 17.36 40.75
C VAL E 228 -32.31 17.38 42.27
N GLU E 229 -32.84 16.29 42.82
CA GLU E 229 -33.08 16.17 44.27
C GLU E 229 -31.75 16.23 45.03
N GLU E 230 -30.73 15.51 44.55
CA GLU E 230 -29.43 15.46 45.21
C GLU E 230 -28.76 16.83 45.15
N ALA E 231 -28.97 17.56 44.05
CA ALA E 231 -28.38 18.87 43.85
C ALA E 231 -28.98 19.88 44.83
N LEU E 232 -30.30 19.86 44.97
CA LEU E 232 -30.98 20.75 45.89
C LEU E 232 -30.47 20.58 47.32
N ALA E 233 -30.19 19.32 47.70
CA ALA E 233 -29.70 19.00 49.02
C ALA E 233 -28.30 19.58 49.19
N GLU E 234 -27.46 19.46 48.15
CA GLU E 234 -26.11 19.92 48.20
C GLU E 234 -26.07 21.45 48.25
N LEU E 235 -26.99 22.11 47.53
CA LEU E 235 -27.06 23.56 47.49
C LEU E 235 -27.55 24.16 48.81
N ALA E 236 -28.13 23.39 49.73
CA ALA E 236 -28.74 23.95 50.93
C ALA E 236 -27.75 24.84 51.70
N GLU E 237 -26.51 24.37 51.89
CA GLU E 237 -25.47 25.09 52.64
C GLU E 237 -25.22 26.45 51.97
N SER E 238 -24.93 26.39 50.68
CA SER E 238 -24.50 27.52 49.88
C SER E 238 -25.63 28.58 49.78
N ALA E 239 -26.88 28.14 49.81
CA ALA E 239 -28.04 29.00 49.71
C ALA E 239 -28.31 29.75 51.01
N ALA E 240 -27.86 29.19 52.12
CA ALA E 240 -28.00 29.87 53.39
C ALA E 240 -26.88 30.90 53.58
N GLN E 241 -25.77 30.71 52.87
CA GLN E 241 -24.62 31.56 52.97
C GLN E 241 -24.79 32.79 52.09
N PHE E 242 -25.48 32.66 50.96
CA PHE E 242 -25.55 33.72 49.95
C PHE E 242 -26.98 33.92 49.46
N PRO E 243 -27.61 35.10 49.69
CA PRO E 243 -28.92 35.42 49.10
C PRO E 243 -29.03 35.12 47.61
N GLU E 244 -27.91 35.31 46.89
CA GLU E 244 -27.84 35.19 45.44
C GLU E 244 -27.98 33.72 45.03
N VAL E 245 -27.39 32.81 45.81
CA VAL E 245 -27.49 31.39 45.55
C VAL E 245 -28.89 30.90 45.93
N ALA E 246 -29.49 31.48 46.95
CA ALA E 246 -30.87 31.11 47.34
C ALA E 246 -31.83 31.34 46.18
N VAL E 247 -31.65 32.45 45.45
CA VAL E 247 -32.47 32.74 44.27
C VAL E 247 -32.37 31.57 43.26
N PHE E 248 -31.13 31.09 43.07
CA PHE E 248 -30.85 29.98 42.16
C PHE E 248 -31.51 28.69 42.66
N ARG E 249 -31.30 28.35 43.95
CA ARG E 249 -31.89 27.15 44.50
C ARG E 249 -33.41 27.24 44.36
N ASP E 250 -33.99 28.39 44.68
CA ASP E 250 -35.45 28.54 44.73
C ASP E 250 -36.03 28.35 43.31
N SER E 251 -35.31 28.79 42.28
CA SER E 251 -35.79 28.62 40.91
C SER E 251 -35.81 27.14 40.50
N ILE E 252 -34.87 26.34 40.98
CA ILE E 252 -34.83 24.91 40.71
C ILE E 252 -35.87 24.17 41.55
N GLN E 253 -35.97 24.53 42.82
CA GLN E 253 -36.95 23.97 43.74
C GLN E 253 -38.32 23.96 43.09
N SER E 254 -38.73 25.13 42.58
CA SER E 254 -40.11 25.41 42.19
C SER E 254 -40.35 24.99 40.74
N ALA E 255 -39.54 24.05 40.25
CA ALA E 255 -39.60 23.62 38.89
C ALA E 255 -39.88 22.13 38.83
N THR E 256 -39.84 21.47 39.99
CA THR E 256 -39.53 20.06 40.06
C THR E 256 -40.30 19.40 41.21
N ARG E 257 -41.64 19.34 41.12
CA ARG E 257 -42.36 18.56 42.12
C ARG E 257 -42.04 17.04 41.95
N GLY E 258 -42.25 16.48 40.75
CA GLY E 258 -42.11 15.04 40.52
C GLY E 258 -43.35 14.27 40.95
N ILE E 259 -43.27 12.93 40.92
CA ILE E 259 -44.37 12.06 41.26
C ILE E 259 -43.89 10.95 42.21
N THR E 260 -44.80 10.48 43.05
CA THR E 260 -44.52 9.46 43.94
C THR E 260 -44.06 8.25 43.12
N ARG E 261 -42.84 7.75 43.41
CA ARG E 261 -42.34 6.48 42.93
C ARG E 261 -42.23 5.46 44.09
N SER F 5 -52.31 64.72 -6.58
CA SER F 5 -50.91 65.06 -6.33
C SER F 5 -50.22 63.75 -5.86
N LEU F 6 -48.87 63.76 -5.83
CA LEU F 6 -48.08 62.56 -5.65
C LEU F 6 -47.90 62.25 -4.18
N ILE F 7 -48.16 63.23 -3.33
CA ILE F 7 -48.06 63.10 -1.90
C ILE F 7 -49.48 63.16 -1.35
N ASP F 8 -49.88 62.07 -0.70
CA ASP F 8 -51.23 61.95 -0.23
C ASP F 8 -51.46 63.09 0.76
N PRO F 9 -52.62 63.76 0.72
CA PRO F 9 -52.93 64.77 1.73
C PRO F 9 -53.04 64.18 3.15
N ARG F 10 -53.26 62.89 3.28
CA ARG F 10 -53.37 62.26 4.61
C ARG F 10 -51.97 61.94 5.19
N ALA F 11 -50.89 62.17 4.43
CA ALA F 11 -49.52 61.94 4.94
C ALA F 11 -49.06 63.16 5.73
N ILE F 12 -48.02 62.99 6.54
CA ILE F 12 -47.40 64.06 7.31
C ILE F 12 -45.96 64.23 6.86
N ILE F 13 -45.63 65.43 6.38
CA ILE F 13 -44.32 65.73 5.87
C ILE F 13 -43.74 66.84 6.73
N ASP F 14 -42.62 66.57 7.39
CA ASP F 14 -42.00 67.58 8.19
C ASP F 14 -41.55 68.74 7.32
N PRO F 15 -41.69 70.01 7.78
CA PRO F 15 -41.13 71.15 7.06
C PRO F 15 -39.67 71.00 6.61
N SER F 16 -38.85 70.31 7.41
CA SER F 16 -37.39 70.19 7.17
C SER F 16 -37.03 68.94 6.33
N ALA F 17 -38.04 68.18 5.87
CA ALA F 17 -37.81 67.08 4.93
C ALA F 17 -37.59 67.65 3.54
N ARG F 18 -36.82 66.93 2.72
CA ARG F 18 -36.45 67.39 1.39
C ARG F 18 -36.73 66.23 0.41
N LEU F 19 -37.80 66.36 -0.38
CA LEU F 19 -38.27 65.38 -1.34
C LEU F 19 -38.03 65.87 -2.76
N ALA F 20 -37.44 65.03 -3.60
CA ALA F 20 -37.34 65.33 -5.02
C ALA F 20 -38.75 65.47 -5.61
N ALA F 21 -38.83 66.05 -6.81
CA ALA F 21 -40.10 66.53 -7.40
C ALA F 21 -41.12 65.39 -7.53
N ASP F 22 -40.70 64.16 -7.92
CA ASP F 22 -41.64 63.12 -8.34
C ASP F 22 -41.69 61.95 -7.33
N VAL F 23 -41.37 62.23 -6.07
CA VAL F 23 -41.52 61.27 -5.01
C VAL F 23 -43.01 61.07 -4.75
N GLN F 24 -43.42 59.84 -4.46
CA GLN F 24 -44.77 59.50 -4.07
C GLN F 24 -44.80 59.05 -2.60
N VAL F 25 -45.81 59.51 -1.86
CA VAL F 25 -45.98 59.12 -0.48
C VAL F 25 -47.45 58.76 -0.27
N GLY F 26 -47.67 57.56 0.25
CA GLY F 26 -48.98 57.05 0.48
C GLY F 26 -49.65 57.68 1.71
N PRO F 27 -50.95 57.42 1.91
CA PRO F 27 -51.69 57.96 3.03
C PRO F 27 -51.16 57.44 4.38
N TRP F 28 -51.21 58.29 5.40
CA TRP F 28 -50.90 57.94 6.80
C TRP F 28 -49.42 57.53 6.95
N SER F 29 -48.57 58.09 6.11
CA SER F 29 -47.16 57.91 6.25
C SER F 29 -46.57 59.17 6.88
N ILE F 30 -45.48 59.01 7.62
CA ILE F 30 -44.78 60.12 8.24
C ILE F 30 -43.40 60.21 7.60
N VAL F 31 -43.07 61.37 7.04
CA VAL F 31 -41.74 61.68 6.64
C VAL F 31 -41.17 62.71 7.61
N GLY F 32 -40.40 62.23 8.58
CA GLY F 32 -39.93 63.02 9.71
C GLY F 32 -38.89 64.06 9.33
N ALA F 33 -38.49 64.85 10.33
CA ALA F 33 -37.47 65.88 10.18
C ALA F 33 -36.20 65.25 9.62
N GLU F 34 -35.56 65.98 8.70
CA GLU F 34 -34.21 65.68 8.19
C GLU F 34 -34.18 64.40 7.37
N VAL F 35 -35.29 64.06 6.72
CA VAL F 35 -35.33 62.97 5.80
C VAL F 35 -35.25 63.54 4.39
N GLU F 36 -34.40 62.93 3.58
CA GLU F 36 -34.16 63.35 2.23
C GLU F 36 -34.49 62.16 1.33
N ILE F 37 -35.30 62.37 0.28
CA ILE F 37 -35.77 61.29 -0.57
C ILE F 37 -35.52 61.65 -2.04
N GLY F 38 -34.85 60.74 -2.76
CA GLY F 38 -34.41 60.96 -4.12
C GLY F 38 -35.49 60.66 -5.16
N GLU F 39 -35.23 61.21 -6.35
CA GLU F 39 -36.02 61.05 -7.56
C GLU F 39 -36.61 59.64 -7.71
N GLY F 40 -37.93 59.55 -7.89
CA GLY F 40 -38.63 58.35 -8.38
C GLY F 40 -38.93 57.33 -7.29
N THR F 41 -38.61 57.66 -6.04
CA THR F 41 -38.85 56.78 -4.92
C THR F 41 -40.35 56.82 -4.58
N VAL F 42 -40.86 55.70 -4.08
CA VAL F 42 -42.26 55.51 -3.71
C VAL F 42 -42.33 55.00 -2.27
N ILE F 43 -42.98 55.80 -1.41
CA ILE F 43 -43.27 55.42 -0.05
C ILE F 43 -44.73 54.97 -0.04
N GLY F 44 -44.96 53.76 0.48
CA GLY F 44 -46.28 53.21 0.59
C GLY F 44 -47.09 53.92 1.69
N PRO F 45 -48.28 53.41 2.01
CA PRO F 45 -49.06 53.90 3.14
C PRO F 45 -48.49 53.36 4.45
N HIS F 46 -48.81 53.99 5.58
CA HIS F 46 -48.46 53.47 6.89
C HIS F 46 -46.94 53.25 7.01
N VAL F 47 -46.13 54.19 6.52
CA VAL F 47 -44.70 54.08 6.67
C VAL F 47 -44.24 55.19 7.62
N VAL F 48 -43.24 54.88 8.43
CA VAL F 48 -42.64 55.86 9.31
C VAL F 48 -41.18 56.04 8.91
N LEU F 49 -40.82 57.23 8.42
CA LEU F 49 -39.44 57.58 8.17
C LEU F 49 -38.99 58.57 9.26
N LYS F 50 -37.77 58.37 9.75
CA LYS F 50 -37.19 59.25 10.73
C LYS F 50 -35.74 59.53 10.32
N GLY F 51 -35.20 60.67 10.78
CA GLY F 51 -33.92 61.17 10.31
C GLY F 51 -32.91 61.38 11.43
N PRO F 52 -31.66 61.72 11.09
CA PRO F 52 -31.19 62.10 9.75
C PRO F 52 -31.01 60.93 8.78
N THR F 53 -31.75 60.94 7.68
CA THR F 53 -31.81 59.82 6.77
C THR F 53 -31.76 60.34 5.33
N LYS F 54 -30.98 59.67 4.50
CA LYS F 54 -30.88 59.97 3.10
C LYS F 54 -31.30 58.71 2.32
N ILE F 55 -32.34 58.83 1.51
CA ILE F 55 -32.82 57.77 0.67
C ILE F 55 -32.61 58.18 -0.79
N GLY F 56 -32.02 57.30 -1.58
CA GLY F 56 -31.66 57.58 -2.97
C GLY F 56 -32.86 57.47 -3.89
N LYS F 57 -32.58 57.07 -5.13
CA LYS F 57 -33.49 57.17 -6.25
C LYS F 57 -34.12 55.80 -6.53
N HIS F 58 -35.40 55.83 -6.92
CA HIS F 58 -36.11 54.66 -7.44
C HIS F 58 -36.23 53.56 -6.39
N ASN F 59 -36.41 53.92 -5.11
CA ASN F 59 -36.66 52.96 -4.07
C ASN F 59 -38.17 52.74 -3.96
N ARG F 60 -38.57 51.57 -3.42
CA ARG F 60 -39.94 51.21 -3.12
CA ARG F 60 -39.94 51.21 -3.13
C ARG F 60 -39.89 50.80 -1.64
N ILE F 61 -40.69 51.46 -0.78
CA ILE F 61 -40.78 51.08 0.67
C ILE F 61 -42.24 50.79 1.02
N TYR F 62 -42.51 49.59 1.56
CA TYR F 62 -43.87 49.11 1.74
C TYR F 62 -44.37 49.42 3.15
N GLN F 63 -45.68 49.23 3.32
CA GLN F 63 -46.45 49.53 4.53
C GLN F 63 -45.83 48.91 5.78
N PHE F 64 -45.91 49.64 6.90
CA PHE F 64 -45.63 49.16 8.25
C PHE F 64 -44.12 49.08 8.57
N SER F 65 -43.33 49.62 7.64
CA SER F 65 -41.92 49.76 7.80
C SER F 65 -41.62 50.98 8.66
N SER F 66 -40.63 50.85 9.54
CA SER F 66 -40.08 51.94 10.33
C SER F 66 -38.61 52.06 9.94
N VAL F 67 -38.29 53.10 9.18
CA VAL F 67 -36.98 53.30 8.61
C VAL F 67 -36.36 54.57 9.19
N GLY F 68 -35.28 54.41 9.95
CA GLY F 68 -34.54 55.56 10.46
C GLY F 68 -34.78 55.79 11.94
N GLU F 69 -35.32 54.77 12.61
CA GLU F 69 -35.66 54.85 14.00
C GLU F 69 -34.36 54.76 14.82
N ASP F 70 -34.35 55.23 16.06
CA ASP F 70 -33.18 55.11 16.93
C ASP F 70 -33.02 53.65 17.38
N THR F 71 -31.80 53.10 17.51
CA THR F 71 -31.74 51.80 18.17
C THR F 71 -32.18 51.96 19.61
N PRO F 72 -32.73 50.89 20.21
CA PRO F 72 -32.99 50.86 21.64
C PRO F 72 -31.77 50.48 22.47
N ASP F 73 -30.66 50.08 21.84
CA ASP F 73 -29.43 49.74 22.53
C ASP F 73 -29.16 50.85 23.56
N LEU F 74 -28.81 50.48 24.80
CA LEU F 74 -28.69 51.45 25.90
C LEU F 74 -27.35 52.19 25.75
N LYS F 75 -26.50 51.69 24.86
CA LYS F 75 -25.31 52.33 24.27
C LYS F 75 -25.60 53.71 23.67
N TYR F 76 -26.73 53.87 22.97
CA TYR F 76 -27.10 55.09 22.24
C TYR F 76 -27.82 56.07 23.16
N LYS F 77 -27.38 57.34 23.20
CA LYS F 77 -27.87 58.38 24.13
C LYS F 77 -28.46 59.60 23.38
N GLY F 78 -28.94 59.44 22.15
CA GLY F 78 -29.71 60.49 21.45
C GLY F 78 -28.88 61.37 20.51
N GLU F 79 -27.65 60.97 20.19
CA GLU F 79 -26.73 61.72 19.29
C GLU F 79 -27.26 61.69 17.86
N PRO F 80 -26.85 62.63 16.96
CA PRO F 80 -27.49 62.78 15.64
C PRO F 80 -26.82 61.86 14.58
N THR F 81 -27.15 60.58 14.60
CA THR F 81 -26.54 59.60 13.74
C THR F 81 -27.37 59.45 12.47
N ARG F 82 -26.83 58.76 11.47
CA ARG F 82 -27.36 58.81 10.13
C ARG F 82 -27.81 57.41 9.66
N LEU F 83 -28.68 57.40 8.67
CA LEU F 83 -28.98 56.25 7.86
C LEU F 83 -28.90 56.66 6.39
N VAL F 84 -28.20 55.87 5.58
CA VAL F 84 -28.05 56.16 4.15
C VAL F 84 -28.50 54.95 3.35
N ILE F 85 -29.42 55.17 2.40
CA ILE F 85 -29.90 54.16 1.51
C ILE F 85 -29.66 54.62 0.08
N GLY F 86 -29.16 53.72 -0.76
CA GLY F 86 -28.83 54.01 -2.13
C GLY F 86 -30.05 53.97 -3.05
N ASP F 87 -29.83 53.43 -4.24
CA ASP F 87 -30.74 53.49 -5.36
C ASP F 87 -31.33 52.09 -5.61
N HIS F 88 -32.57 52.06 -6.13
CA HIS F 88 -33.21 50.84 -6.69
C HIS F 88 -33.39 49.73 -5.65
N ASN F 89 -33.63 50.09 -4.40
CA ASN F 89 -33.87 49.12 -3.36
C ASN F 89 -35.36 48.89 -3.21
N VAL F 90 -35.71 47.70 -2.73
CA VAL F 90 -37.06 47.34 -2.38
C VAL F 90 -37.06 46.90 -0.92
N ILE F 91 -37.87 47.57 -0.11
CA ILE F 91 -38.01 47.28 1.28
C ILE F 91 -39.47 46.90 1.53
N ARG F 92 -39.71 45.64 1.87
CA ARG F 92 -41.04 45.10 1.94
C ARG F 92 -41.68 45.41 3.30
N GLU F 93 -42.84 44.81 3.52
CA GLU F 93 -43.73 45.21 4.59
C GLU F 93 -43.07 44.89 5.94
N GLY F 94 -43.10 45.88 6.84
CA GLY F 94 -42.79 45.67 8.25
C GLY F 94 -41.30 45.70 8.56
N VAL F 95 -40.47 46.13 7.62
CA VAL F 95 -39.04 46.14 7.84
C VAL F 95 -38.70 47.24 8.84
N THR F 96 -37.73 46.96 9.71
CA THR F 96 -37.15 47.95 10.61
C THR F 96 -35.68 48.16 10.27
N ILE F 97 -35.28 49.43 10.14
CA ILE F 97 -33.93 49.83 9.88
C ILE F 97 -33.57 50.93 10.86
N HIS F 98 -32.50 50.73 11.62
CA HIS F 98 -32.09 51.67 12.63
C HIS F 98 -30.89 52.49 12.14
N ARG F 99 -30.78 53.73 12.61
CA ARG F 99 -29.63 54.56 12.35
C ARG F 99 -28.47 54.11 13.24
N GLY F 100 -27.27 54.64 12.96
CA GLY F 100 -26.03 54.24 13.61
C GLY F 100 -25.90 54.76 15.05
N THR F 101 -24.69 54.54 15.58
CA THR F 101 -24.27 54.90 16.92
C THR F 101 -22.89 55.57 16.85
N VAL F 102 -22.59 56.47 17.79
CA VAL F 102 -21.33 57.20 17.75
C VAL F 102 -20.14 56.27 18.02
N GLN F 103 -20.36 55.13 18.65
CA GLN F 103 -19.29 54.21 19.01
C GLN F 103 -18.71 53.49 17.77
N ASP F 104 -19.37 53.55 16.61
CA ASP F 104 -18.80 52.96 15.36
C ASP F 104 -18.58 54.08 14.33
N ARG F 105 -19.41 54.16 13.29
CA ARG F 105 -19.20 55.15 12.22
C ARG F 105 -20.34 56.17 12.19
N ALA F 106 -21.31 56.02 13.09
CA ALA F 106 -22.43 56.94 13.21
C ALA F 106 -23.36 56.82 12.02
N GLU F 107 -23.34 55.66 11.33
CA GLU F 107 -24.07 55.55 10.10
C GLU F 107 -24.40 54.09 9.80
N THR F 108 -25.70 53.80 9.59
CA THR F 108 -26.16 52.59 8.99
C THR F 108 -26.26 52.85 7.49
N THR F 109 -25.77 51.94 6.65
CA THR F 109 -25.67 52.27 5.24
C THR F 109 -26.15 51.06 4.41
N ILE F 110 -26.90 51.34 3.34
CA ILE F 110 -27.42 50.36 2.42
C ILE F 110 -27.11 50.84 0.98
N GLY F 111 -26.59 49.93 0.16
CA GLY F 111 -26.19 50.25 -1.20
C GLY F 111 -27.37 50.25 -2.16
N ASP F 112 -27.17 49.63 -3.33
CA ASP F 112 -28.07 49.70 -4.46
C ASP F 112 -28.63 48.31 -4.77
N HIS F 113 -29.83 48.27 -5.37
CA HIS F 113 -30.43 47.04 -5.95
C HIS F 113 -30.60 45.94 -4.89
N ASN F 114 -30.91 46.31 -3.66
CA ASN F 114 -31.10 45.29 -2.63
C ASN F 114 -32.58 44.98 -2.51
N LEU F 115 -32.88 43.78 -2.06
CA LEU F 115 -34.23 43.36 -1.77
C LEU F 115 -34.28 42.92 -0.31
N ILE F 116 -35.03 43.67 0.50
CA ILE F 116 -35.16 43.35 1.89
C ILE F 116 -36.62 43.00 2.16
N MET F 117 -36.86 41.74 2.49
CA MET F 117 -38.20 41.21 2.48
C MET F 117 -38.84 41.40 3.86
N ALA F 118 -40.09 40.98 3.97
CA ALA F 118 -40.96 41.38 5.06
C ALA F 118 -40.32 41.09 6.40
N TYR F 119 -40.45 42.05 7.33
CA TYR F 119 -40.20 41.87 8.76
C TYR F 119 -38.69 41.68 9.02
N ALA F 120 -37.83 41.95 8.03
CA ALA F 120 -36.41 41.91 8.27
C ALA F 120 -36.03 43.09 9.17
N HIS F 121 -34.93 42.93 9.90
CA HIS F 121 -34.41 43.94 10.80
C HIS F 121 -32.95 44.23 10.47
N ILE F 122 -32.62 45.51 10.33
CA ILE F 122 -31.27 45.93 10.04
C ILE F 122 -30.80 46.85 11.16
N GLY F 123 -29.97 46.29 12.02
CA GLY F 123 -29.56 46.93 13.25
C GLY F 123 -28.55 48.05 13.03
N HIS F 124 -28.40 48.87 14.07
CA HIS F 124 -27.53 50.01 14.02
C HIS F 124 -26.17 49.63 13.44
N ASP F 125 -25.67 50.49 12.54
CA ASP F 125 -24.30 50.50 12.10
C ASP F 125 -24.02 49.37 11.12
N SER F 126 -25.06 48.67 10.67
CA SER F 126 -24.89 47.64 9.68
C SER F 126 -24.60 48.29 8.33
N VAL F 127 -23.94 47.54 7.45
CA VAL F 127 -23.60 47.99 6.13
C VAL F 127 -23.97 46.91 5.14
N ILE F 128 -24.85 47.25 4.18
CA ILE F 128 -25.20 46.35 3.14
C ILE F 128 -24.69 46.90 1.82
N GLY F 129 -24.18 46.01 0.98
CA GLY F 129 -23.62 46.35 -0.31
C GLY F 129 -24.70 46.46 -1.36
N ASN F 130 -24.46 45.85 -2.52
CA ASN F 130 -25.38 45.89 -3.62
C ASN F 130 -25.85 44.48 -3.99
N HIS F 131 -27.06 44.38 -4.53
CA HIS F 131 -27.58 43.16 -5.12
C HIS F 131 -27.84 42.09 -4.06
N CYS F 132 -27.98 42.47 -2.80
CA CYS F 132 -28.22 41.49 -1.76
C CYS F 132 -29.71 41.20 -1.65
N ILE F 133 -30.01 40.07 -1.04
CA ILE F 133 -31.36 39.64 -0.75
C ILE F 133 -31.42 39.17 0.69
N LEU F 134 -32.20 39.88 1.51
CA LEU F 134 -32.51 39.47 2.85
C LEU F 134 -33.96 39.00 2.88
N VAL F 135 -34.16 37.73 3.19
CA VAL F 135 -35.45 37.17 3.09
C VAL F 135 -36.19 37.42 4.40
N ASN F 136 -37.52 37.22 4.36
CA ASN F 136 -38.42 37.43 5.47
C ASN F 136 -37.72 37.16 6.82
N ASN F 137 -37.76 38.16 7.71
CA ASN F 137 -37.42 38.02 9.13
C ASN F 137 -35.92 37.76 9.34
N THR F 138 -35.09 38.06 8.35
CA THR F 138 -33.68 38.09 8.54
C THR F 138 -33.35 39.24 9.51
N ALA F 139 -32.44 39.00 10.45
CA ALA F 139 -32.16 40.01 11.47
C ALA F 139 -30.65 40.21 11.63
N LEU F 140 -30.19 41.43 11.40
CA LEU F 140 -28.79 41.81 11.62
C LEU F 140 -28.72 42.56 12.96
N ALA F 141 -28.11 41.96 13.97
CA ALA F 141 -28.13 42.53 15.32
C ALA F 141 -27.49 43.92 15.40
N GLY F 142 -26.49 44.18 14.56
CA GLY F 142 -25.77 45.45 14.55
C GLY F 142 -24.32 45.29 14.13
N HIS F 143 -23.79 46.33 13.48
CA HIS F 143 -22.43 46.36 13.01
C HIS F 143 -22.17 45.17 12.07
N VAL F 144 -23.19 44.76 11.31
CA VAL F 144 -23.04 43.64 10.42
C VAL F 144 -22.72 44.18 9.03
N HIS F 145 -21.71 43.61 8.37
CA HIS F 145 -21.35 43.97 7.02
C HIS F 145 -21.78 42.83 6.10
N VAL F 146 -22.66 43.12 5.15
CA VAL F 146 -23.09 42.19 4.13
C VAL F 146 -22.58 42.65 2.78
N ASP F 147 -21.72 41.87 2.16
CA ASP F 147 -21.08 42.24 0.92
C ASP F 147 -21.96 41.80 -0.27
N ASP F 148 -21.59 42.23 -1.48
CA ASP F 148 -22.44 42.19 -2.65
C ASP F 148 -22.95 40.76 -2.94
N TRP F 149 -24.20 40.67 -3.37
CA TRP F 149 -24.84 39.44 -3.93
C TRP F 149 -25.14 38.40 -2.86
N ALA F 150 -25.00 38.75 -1.59
CA ALA F 150 -25.27 37.76 -0.58
C ALA F 150 -26.76 37.49 -0.53
N ILE F 151 -27.12 36.29 -0.11
CA ILE F 151 -28.49 35.90 0.09
C ILE F 151 -28.60 35.31 1.50
N LEU F 152 -29.46 35.90 2.33
CA LEU F 152 -29.77 35.34 3.62
C LEU F 152 -31.18 34.79 3.59
N SER F 153 -31.32 33.46 3.69
CA SER F 153 -32.61 32.81 3.65
C SER F 153 -33.42 33.29 4.86
N GLY F 154 -34.72 32.97 4.84
CA GLY F 154 -35.64 33.45 5.83
C GLY F 154 -35.22 33.09 7.24
N TYR F 155 -35.49 34.03 8.17
CA TYR F 155 -35.28 33.84 9.58
C TYR F 155 -33.80 33.53 9.86
N THR F 156 -32.91 34.11 9.06
CA THR F 156 -31.50 34.05 9.36
C THR F 156 -31.17 35.16 10.37
N LEU F 157 -30.51 34.79 11.47
CA LEU F 157 -30.10 35.73 12.51
C LEU F 157 -28.58 35.90 12.46
N VAL F 158 -28.09 37.14 12.59
CA VAL F 158 -26.67 37.41 12.51
C VAL F 158 -26.26 38.21 13.75
N HIS F 159 -25.27 37.70 14.49
CA HIS F 159 -24.76 38.36 15.67
C HIS F 159 -24.03 39.65 15.30
N GLN F 160 -23.88 40.51 16.31
CA GLN F 160 -23.16 41.75 16.18
C GLN F 160 -21.77 41.47 15.60
N TYR F 161 -21.34 42.31 14.66
CA TYR F 161 -19.96 42.41 14.15
C TYR F 161 -19.66 41.38 13.07
N CYS F 162 -20.57 40.48 12.73
CA CYS F 162 -20.27 39.49 11.71
C CYS F 162 -20.21 40.10 10.32
N ARG F 163 -19.34 39.52 9.49
CA ARG F 163 -19.20 39.85 8.11
C ARG F 163 -19.78 38.70 7.28
N ILE F 164 -20.74 39.01 6.41
CA ILE F 164 -21.32 38.07 5.48
C ILE F 164 -20.67 38.34 4.11
N GLY F 165 -19.98 37.34 3.57
CA GLY F 165 -19.15 37.51 2.39
C GLY F 165 -19.97 37.62 1.10
N ALA F 166 -19.34 38.17 0.07
CA ALA F 166 -19.93 38.28 -1.24
C ALA F 166 -20.39 36.90 -1.75
N HIS F 167 -21.58 36.85 -2.33
CA HIS F 167 -22.18 35.67 -2.96
C HIS F 167 -22.42 34.54 -1.97
N SER F 168 -22.32 34.83 -0.68
CA SER F 168 -22.51 33.81 0.28
C SER F 168 -24.00 33.56 0.45
N PHE F 169 -24.35 32.48 1.13
CA PHE F 169 -25.73 32.04 1.21
C PHE F 169 -25.96 31.36 2.56
N SER F 170 -27.00 31.78 3.26
CA SER F 170 -27.40 31.14 4.49
C SER F 170 -28.71 30.41 4.27
N GLY F 171 -28.84 29.22 4.84
CA GLY F 171 -30.07 28.45 4.80
C GLY F 171 -31.06 28.99 5.80
N MET F 172 -32.29 28.50 5.75
CA MET F 172 -33.29 29.15 6.51
C MET F 172 -33.16 28.74 7.98
N GLY F 173 -33.41 29.71 8.86
CA GLY F 173 -33.27 29.55 10.28
C GLY F 173 -31.82 29.46 10.72
N SER F 174 -30.90 29.94 9.90
CA SER F 174 -29.49 29.97 10.26
C SER F 174 -29.28 30.97 11.40
N ALA F 175 -28.36 30.61 12.30
CA ALA F 175 -27.93 31.48 13.38
C ALA F 175 -26.43 31.64 13.27
N ILE F 176 -26.00 32.79 12.74
CA ILE F 176 -24.63 33.02 12.36
C ILE F 176 -23.94 33.84 13.45
N GLY F 177 -22.83 33.31 13.97
CA GLY F 177 -22.08 33.91 15.06
C GLY F 177 -20.65 34.25 14.70
N LYS F 178 -20.19 33.86 13.51
CA LYS F 178 -18.85 34.15 13.05
C LYS F 178 -18.95 34.54 11.58
N ASP F 179 -17.85 35.01 11.00
CA ASP F 179 -17.93 35.51 9.62
C ASP F 179 -18.30 34.37 8.67
N VAL F 180 -19.00 34.70 7.60
CA VAL F 180 -19.25 33.78 6.56
C VAL F 180 -18.36 34.17 5.40
N PRO F 181 -17.41 33.32 5.00
CA PRO F 181 -16.53 33.67 3.89
C PRO F 181 -17.36 33.82 2.63
N ALA F 182 -16.82 34.54 1.65
CA ALA F 182 -17.46 34.71 0.38
C ALA F 182 -17.76 33.34 -0.24
N TYR F 183 -18.88 33.26 -0.94
CA TYR F 183 -19.34 32.11 -1.69
C TYR F 183 -19.84 30.98 -0.80
N VAL F 184 -19.60 31.00 0.51
CA VAL F 184 -19.85 29.83 1.31
C VAL F 184 -21.34 29.72 1.63
N THR F 185 -21.85 28.49 1.71
CA THR F 185 -23.20 28.23 2.17
C THR F 185 -23.14 27.73 3.61
N VAL F 186 -24.03 28.25 4.47
CA VAL F 186 -24.08 27.86 5.87
C VAL F 186 -25.51 27.53 6.26
N PHE F 187 -25.65 26.64 7.26
CA PHE F 187 -26.94 26.11 7.68
C PHE F 187 -26.93 25.84 9.17
N GLY F 188 -28.08 26.08 9.82
CA GLY F 188 -28.36 25.58 11.15
C GLY F 188 -28.07 26.60 12.23
N ASN F 189 -28.36 26.19 13.47
CA ASN F 189 -28.18 26.98 14.66
C ASN F 189 -27.48 26.12 15.71
N PRO F 190 -26.17 26.29 15.87
CA PRO F 190 -25.36 27.31 15.22
C PRO F 190 -24.97 26.96 13.77
N ALA F 191 -24.74 27.99 12.97
CA ALA F 191 -24.48 27.82 11.56
C ALA F 191 -23.18 27.04 11.33
N GLU F 192 -23.21 26.16 10.34
CA GLU F 192 -22.09 25.35 9.87
C GLU F 192 -21.93 25.55 8.37
N ALA F 193 -20.69 25.57 7.91
CA ALA F 193 -20.35 25.65 6.49
C ALA F 193 -20.63 24.28 5.88
N ARG F 194 -21.19 24.27 4.68
CA ARG F 194 -21.56 23.05 4.02
C ARG F 194 -20.87 22.96 2.66
N SER F 195 -20.96 24.02 1.85
CA SER F 195 -20.46 24.00 0.50
C SER F 195 -20.28 25.44 0.01
N MET F 196 -20.32 25.62 -1.31
CA MET F 196 -20.26 26.94 -1.91
C MET F 196 -21.48 27.15 -2.77
N ASN F 197 -21.78 28.42 -3.01
CA ASN F 197 -22.99 28.85 -3.67
C ASN F 197 -22.75 28.81 -5.18
N PHE F 198 -22.73 27.60 -5.74
CA PHE F 198 -22.44 27.42 -7.13
C PHE F 198 -23.54 28.01 -7.99
N GLU F 199 -24.79 27.90 -7.54
CA GLU F 199 -25.94 28.50 -8.24
C GLU F 199 -25.64 29.98 -8.50
N GLY F 200 -25.14 30.68 -7.47
CA GLY F 200 -24.82 32.08 -7.55
C GLY F 200 -23.74 32.37 -8.58
N MET F 201 -22.73 31.50 -8.66
CA MET F 201 -21.61 31.66 -9.57
C MET F 201 -22.10 31.46 -11.02
N ARG F 202 -23.09 30.57 -11.20
CA ARG F 202 -23.64 30.28 -12.49
C ARG F 202 -24.31 31.54 -13.04
N ARG F 203 -25.14 32.18 -12.22
CA ARG F 203 -25.90 33.36 -12.57
C ARG F 203 -24.98 34.55 -12.90
N ARG F 204 -23.83 34.67 -12.23
CA ARG F 204 -22.91 35.75 -12.56
C ARG F 204 -22.02 35.38 -13.75
N GLY F 205 -22.19 34.19 -14.31
CA GLY F 205 -21.44 33.75 -15.47
C GLY F 205 -19.96 33.55 -15.20
N PHE F 206 -19.60 33.04 -14.02
CA PHE F 206 -18.21 32.73 -13.73
C PHE F 206 -17.70 31.68 -14.70
N SER F 207 -16.41 31.73 -15.01
CA SER F 207 -15.80 30.73 -15.85
C SER F 207 -15.86 29.38 -15.12
N SER F 208 -15.75 28.30 -15.89
CA SER F 208 -15.79 26.99 -15.32
C SER F 208 -14.49 26.71 -14.55
N GLU F 209 -13.37 27.32 -14.97
CA GLU F 209 -12.06 27.15 -14.30
C GLU F 209 -12.10 27.82 -12.93
N ALA F 210 -12.85 28.92 -12.82
CA ALA F 210 -12.94 29.69 -11.59
C ALA F 210 -13.82 28.95 -10.58
N ILE F 211 -14.90 28.33 -11.07
CA ILE F 211 -15.78 27.57 -10.22
C ILE F 211 -15.01 26.41 -9.58
N HIS F 212 -14.23 25.71 -10.40
CA HIS F 212 -13.43 24.61 -9.93
C HIS F 212 -12.41 25.10 -8.90
N ALA F 213 -11.84 26.27 -9.13
CA ALA F 213 -10.79 26.81 -8.26
C ALA F 213 -11.40 27.13 -6.89
N LEU F 214 -12.65 27.57 -6.90
CA LEU F 214 -13.32 27.93 -5.71
C LEU F 214 -13.73 26.69 -4.92
N ARG F 215 -14.03 25.58 -5.60
CA ARG F 215 -14.31 24.37 -4.89
C ARG F 215 -13.05 23.86 -4.20
N ARG F 216 -11.90 23.95 -4.88
CA ARG F 216 -10.65 23.51 -4.29
C ARG F 216 -10.34 24.39 -3.09
N ALA F 217 -10.67 25.67 -3.20
CA ALA F 217 -10.40 26.61 -2.14
C ALA F 217 -11.24 26.26 -0.90
N TYR F 218 -12.50 25.86 -1.12
CA TYR F 218 -13.35 25.44 -0.04
C TYR F 218 -12.68 24.26 0.68
N LYS F 219 -12.21 23.29 -0.09
CA LYS F 219 -11.61 22.09 0.47
C LYS F 219 -10.35 22.42 1.28
N VAL F 220 -9.58 23.41 0.86
CA VAL F 220 -8.34 23.78 1.56
C VAL F 220 -8.67 24.28 2.98
N VAL F 221 -9.70 25.14 3.05
CA VAL F 221 -10.07 25.81 4.26
C VAL F 221 -10.81 24.86 5.22
N TYR F 222 -11.62 23.95 4.68
CA TYR F 222 -12.64 23.24 5.46
C TYR F 222 -12.43 21.74 5.52
N ARG F 223 -11.82 21.09 4.54
CA ARG F 223 -11.87 19.62 4.45
C ARG F 223 -10.46 19.01 4.48
N GLN F 224 -9.45 19.71 4.97
CA GLN F 224 -8.07 19.16 4.84
C GLN F 224 -7.26 19.32 6.13
N GLY F 225 -7.95 19.58 7.24
CA GLY F 225 -7.31 19.73 8.55
C GLY F 225 -6.37 20.91 8.65
N HIS F 226 -6.45 21.91 7.79
CA HIS F 226 -5.56 23.07 7.89
C HIS F 226 -6.07 24.00 8.98
N THR F 227 -5.16 24.64 9.71
CA THR F 227 -5.54 25.80 10.54
C THR F 227 -5.86 26.94 9.58
N VAL F 228 -6.46 28.01 10.06
CA VAL F 228 -6.84 29.08 9.18
C VAL F 228 -5.59 29.73 8.59
N GLU F 229 -4.52 29.84 9.38
CA GLU F 229 -3.24 30.42 8.93
C GLU F 229 -2.65 29.57 7.80
N GLU F 230 -2.66 28.24 7.97
CA GLU F 230 -2.10 27.33 6.98
C GLU F 230 -2.91 27.39 5.68
N ALA F 231 -4.22 27.58 5.79
CA ALA F 231 -5.12 27.63 4.65
C ALA F 231 -4.84 28.89 3.83
N LEU F 232 -4.71 30.03 4.51
CA LEU F 232 -4.42 31.28 3.85
C LEU F 232 -3.14 31.21 3.03
N ALA F 233 -2.14 30.50 3.56
CA ALA F 233 -0.86 30.35 2.91
C ALA F 233 -1.04 29.49 1.65
N GLU F 234 -1.84 28.44 1.75
CA GLU F 234 -2.07 27.53 0.66
C GLU F 234 -2.88 28.22 -0.45
N LEU F 235 -3.83 29.07 -0.07
CA LEU F 235 -4.68 29.79 -1.01
C LEU F 235 -3.91 30.88 -1.77
N ALA F 236 -2.71 31.27 -1.34
CA ALA F 236 -2.01 32.40 -1.96
C ALA F 236 -1.86 32.20 -3.47
N GLU F 237 -1.45 31.01 -3.92
CA GLU F 237 -1.24 30.70 -5.34
C GLU F 237 -2.55 30.92 -6.10
N SER F 238 -3.60 30.26 -5.62
CA SER F 238 -4.88 30.25 -6.35
C SER F 238 -5.54 31.61 -6.36
N ALA F 239 -5.25 32.46 -5.37
CA ALA F 239 -5.82 33.81 -5.27
C ALA F 239 -5.14 34.76 -6.26
N ALA F 240 -3.90 34.45 -6.63
CA ALA F 240 -3.22 35.27 -7.61
C ALA F 240 -3.65 34.88 -9.02
N GLN F 241 -4.13 33.64 -9.18
CA GLN F 241 -4.52 33.11 -10.46
C GLN F 241 -5.95 33.55 -10.81
N PHE F 242 -6.81 33.73 -9.82
CA PHE F 242 -8.25 33.96 -10.03
C PHE F 242 -8.76 35.11 -9.16
N PRO F 243 -9.21 36.24 -9.74
CA PRO F 243 -9.86 37.31 -8.98
C PRO F 243 -10.94 36.82 -8.01
N GLU F 244 -11.66 35.76 -8.41
CA GLU F 244 -12.80 35.22 -7.69
C GLU F 244 -12.32 34.53 -6.41
N VAL F 245 -11.18 33.85 -6.48
CA VAL F 245 -10.61 33.19 -5.30
C VAL F 245 -10.03 34.25 -4.38
N ALA F 246 -9.48 35.33 -4.92
CA ALA F 246 -8.94 36.41 -4.08
C ALA F 246 -10.02 36.98 -3.18
N VAL F 247 -11.24 37.12 -3.70
CA VAL F 247 -12.38 37.60 -2.90
C VAL F 247 -12.58 36.66 -1.69
N PHE F 248 -12.49 35.36 -1.94
CA PHE F 248 -12.64 34.33 -0.91
C PHE F 248 -11.51 34.41 0.11
N ARG F 249 -10.26 34.47 -0.36
CA ARG F 249 -9.12 34.57 0.55
C ARG F 249 -9.27 35.84 1.38
N ASP F 250 -9.63 36.96 0.76
CA ASP F 250 -9.68 38.25 1.43
C ASP F 250 -10.75 38.22 2.53
N SER F 251 -11.85 37.51 2.32
CA SER F 251 -12.90 37.41 3.33
C SER F 251 -12.42 36.63 4.56
N ILE F 252 -11.58 35.63 4.37
CA ILE F 252 -11.02 34.84 5.46
C ILE F 252 -9.91 35.61 6.16
N GLN F 253 -9.05 36.25 5.39
CA GLN F 253 -7.97 37.09 5.88
C GLN F 253 -8.50 38.04 6.95
N SER F 254 -9.58 38.76 6.60
CA SER F 254 -10.05 39.91 7.34
C SER F 254 -11.03 39.48 8.44
N ALA F 255 -10.92 38.22 8.87
CA ALA F 255 -11.82 37.67 9.82
C ALA F 255 -11.06 37.18 11.04
N THR F 256 -9.71 37.19 10.93
CA THR F 256 -8.88 36.33 11.72
C THR F 256 -7.56 37.03 12.03
N ARG F 257 -7.55 38.20 12.67
CA ARG F 257 -6.29 38.76 13.11
C ARG F 257 -5.68 37.89 14.24
N GLY F 258 -6.43 37.58 15.32
CA GLY F 258 -5.91 36.76 16.40
C GLY F 258 -5.09 37.58 17.38
N ILE F 259 -4.33 36.91 18.25
CA ILE F 259 -3.51 37.54 19.25
C ILE F 259 -2.09 36.98 19.24
N THR F 260 -1.14 37.84 19.61
CA THR F 260 0.21 37.43 19.69
C THR F 260 0.27 36.27 20.66
N ARG F 261 0.74 35.11 20.19
CA ARG F 261 0.88 33.87 21.02
C ARG F 261 2.35 33.53 21.27
N MET G 4 108.76 -6.58 -29.12
CA MET G 4 108.11 -7.64 -28.26
C MET G 4 108.68 -9.03 -28.69
N SER G 5 108.95 -9.91 -27.71
CA SER G 5 108.86 -11.40 -27.85
C SER G 5 107.54 -11.82 -27.17
N LEU G 6 107.11 -13.07 -27.35
CA LEU G 6 105.77 -13.49 -26.90
C LEU G 6 105.83 -13.90 -25.42
N ILE G 7 107.03 -14.20 -24.93
CA ILE G 7 107.22 -14.58 -23.56
C ILE G 7 108.02 -13.48 -22.90
N ASP G 8 107.42 -12.80 -21.93
CA ASP G 8 108.06 -11.68 -21.31
C ASP G 8 109.37 -12.16 -20.70
N PRO G 9 110.47 -11.40 -20.85
CA PRO G 9 111.71 -11.77 -20.18
C PRO G 9 111.61 -11.74 -18.64
N ARG G 10 110.62 -11.04 -18.08
CA ARG G 10 110.45 -10.97 -16.64
C ARG G 10 109.68 -12.19 -16.10
N ALA G 11 109.18 -13.08 -16.98
CA ALA G 11 108.48 -14.30 -16.54
C ALA G 11 109.49 -15.39 -16.20
N ILE G 12 109.05 -16.42 -15.47
CA ILE G 12 109.86 -17.58 -15.14
C ILE G 12 109.22 -18.82 -15.76
N ILE G 13 109.97 -19.52 -16.59
CA ILE G 13 109.49 -20.70 -17.26
C ILE G 13 110.38 -21.86 -16.82
N ASP G 14 109.79 -22.88 -16.20
CA ASP G 14 110.56 -24.01 -15.79
C ASP G 14 111.11 -24.72 -17.03
N PRO G 15 112.37 -25.23 -16.97
CA PRO G 15 112.92 -26.06 -18.04
C PRO G 15 112.00 -27.18 -18.55
N SER G 16 111.23 -27.80 -17.64
CA SER G 16 110.38 -28.97 -17.95
C SER G 16 108.95 -28.58 -18.38
N ALA G 17 108.66 -27.28 -18.50
CA ALA G 17 107.40 -26.83 -19.08
C ALA G 17 107.46 -26.97 -20.60
N ARG G 18 106.29 -27.14 -21.23
CA ARG G 18 106.18 -27.33 -22.65
C ARG G 18 105.11 -26.39 -23.18
N LEU G 19 105.54 -25.33 -23.88
CA LEU G 19 104.67 -24.29 -24.44
C LEU G 19 104.65 -24.42 -25.97
N ALA G 20 103.45 -24.42 -26.57
CA ALA G 20 103.33 -24.33 -28.00
C ALA G 20 103.97 -23.03 -28.50
N ALA G 21 104.21 -22.97 -29.82
CA ALA G 21 105.05 -21.93 -30.45
C ALA G 21 104.54 -20.52 -30.14
N ASP G 22 103.22 -20.29 -30.15
CA ASP G 22 102.66 -18.91 -30.16
C ASP G 22 101.94 -18.57 -28.84
N VAL G 23 102.33 -19.24 -27.77
CA VAL G 23 101.82 -18.92 -26.45
C VAL G 23 102.42 -17.59 -26.02
N GLN G 24 101.60 -16.78 -25.33
CA GLN G 24 102.06 -15.53 -24.74
C GLN G 24 102.03 -15.62 -23.22
N VAL G 25 103.07 -15.11 -22.56
CA VAL G 25 103.14 -15.09 -21.13
C VAL G 25 103.58 -13.69 -20.69
N GLY G 26 102.78 -13.10 -19.81
CA GLY G 26 103.01 -11.77 -19.32
C GLY G 26 104.14 -11.72 -18.31
N PRO G 27 104.56 -10.50 -17.92
CA PRO G 27 105.63 -10.31 -16.95
C PRO G 27 105.27 -10.84 -15.57
N TRP G 28 106.25 -11.37 -14.85
CA TRP G 28 106.14 -11.80 -13.45
C TRP G 28 105.16 -12.96 -13.29
N SER G 29 105.03 -13.78 -14.34
CA SER G 29 104.25 -14.97 -14.26
C SER G 29 105.20 -16.15 -14.09
N ILE G 30 104.74 -17.21 -13.43
CA ILE G 30 105.49 -18.42 -13.24
C ILE G 30 104.79 -19.55 -13.98
N VAL G 31 105.50 -20.22 -14.88
CA VAL G 31 105.03 -21.44 -15.48
C VAL G 31 105.89 -22.57 -14.91
N GLY G 32 105.34 -23.26 -13.90
CA GLY G 32 106.06 -24.25 -13.11
C GLY G 32 106.38 -25.52 -13.90
N ALA G 33 107.09 -26.41 -13.22
CA ALA G 33 107.46 -27.72 -13.75
C ALA G 33 106.19 -28.45 -14.20
N GLU G 34 106.30 -29.15 -15.34
CA GLU G 34 105.30 -30.12 -15.82
C GLU G 34 104.00 -29.41 -16.22
N VAL G 35 104.07 -28.15 -16.65
CA VAL G 35 102.95 -27.47 -17.18
C VAL G 35 103.06 -27.49 -18.71
N GLU G 36 101.94 -27.80 -19.36
CA GLU G 36 101.87 -27.88 -20.79
C GLU G 36 100.80 -26.87 -21.24
N ILE G 37 101.12 -26.02 -22.22
CA ILE G 37 100.19 -24.97 -22.66
C ILE G 37 100.03 -25.02 -24.18
N GLY G 38 98.79 -25.08 -24.64
CA GLY G 38 98.45 -25.27 -26.04
C GLY G 38 98.45 -23.98 -26.86
N GLU G 39 98.52 -24.18 -28.18
CA GLU G 39 98.47 -23.16 -29.23
C GLU G 39 97.49 -22.03 -28.88
N GLY G 40 98.00 -20.79 -28.93
CA GLY G 40 97.17 -19.57 -28.96
C GLY G 40 96.70 -19.10 -27.60
N THR G 41 97.13 -19.78 -26.54
CA THR G 41 96.75 -19.42 -25.18
C THR G 41 97.58 -18.21 -24.76
N VAL G 42 96.97 -17.38 -23.90
CA VAL G 42 97.56 -16.15 -23.38
C VAL G 42 97.51 -16.18 -21.86
N ILE G 43 98.68 -16.13 -21.24
CA ILE G 43 98.82 -15.99 -19.82
C ILE G 43 99.12 -14.52 -19.54
N GLY G 44 98.32 -13.92 -18.66
CA GLY G 44 98.51 -12.56 -18.25
C GLY G 44 99.74 -12.38 -17.37
N PRO G 45 99.94 -11.18 -16.82
CA PRO G 45 100.99 -10.94 -15.84
C PRO G 45 100.57 -11.50 -14.47
N HIS G 46 101.53 -11.71 -13.57
CA HIS G 46 101.22 -12.09 -12.19
C HIS G 46 100.37 -13.37 -12.14
N VAL G 47 100.67 -14.37 -12.95
CA VAL G 47 99.96 -15.62 -12.89
C VAL G 47 100.90 -16.70 -12.37
N VAL G 48 100.36 -17.64 -11.59
CA VAL G 48 101.13 -18.75 -11.11
C VAL G 48 100.50 -20.03 -11.65
N LEU G 49 101.22 -20.74 -12.53
CA LEU G 49 100.83 -22.06 -12.97
C LEU G 49 101.71 -23.11 -12.28
N LYS G 50 101.10 -24.21 -11.85
CA LYS G 50 101.81 -25.29 -11.23
C LYS G 50 101.28 -26.60 -11.82
N GLY G 51 102.09 -27.66 -11.78
CA GLY G 51 101.81 -28.91 -12.49
C GLY G 51 101.76 -30.11 -11.55
N PRO G 52 101.41 -31.29 -12.09
CA PRO G 52 101.17 -31.57 -13.51
C PRO G 52 99.87 -31.03 -14.08
N THR G 53 99.97 -30.15 -15.08
CA THR G 53 98.83 -29.43 -15.59
C THR G 53 98.91 -29.39 -17.11
N LYS G 54 97.78 -29.61 -17.77
CA LYS G 54 97.66 -29.54 -19.20
C LYS G 54 96.60 -28.47 -19.52
N ILE G 55 97.00 -27.43 -20.24
CA ILE G 55 96.12 -26.37 -20.67
C ILE G 55 96.03 -26.43 -22.20
N GLY G 56 94.80 -26.39 -22.72
CA GLY G 56 94.56 -26.52 -24.14
C GLY G 56 94.79 -25.23 -24.89
N LYS G 57 94.02 -25.04 -25.97
CA LYS G 57 94.28 -24.04 -26.99
C LYS G 57 93.34 -22.85 -26.78
N HIS G 58 93.87 -21.66 -27.07
CA HIS G 58 93.09 -20.42 -27.14
C HIS G 58 92.43 -20.08 -25.80
N ASN G 59 93.13 -20.34 -24.69
CA ASN G 59 92.67 -19.92 -23.38
C ASN G 59 93.22 -18.51 -23.11
N ARG G 60 92.54 -17.82 -22.20
CA ARG G 60 92.95 -16.49 -21.69
CA ARG G 60 92.95 -16.49 -21.69
C ARG G 60 92.93 -16.66 -20.17
N ILE G 61 94.08 -16.46 -19.48
CA ILE G 61 94.14 -16.53 -18.00
C ILE G 61 94.66 -15.20 -17.44
N TYR G 62 93.89 -14.58 -16.54
CA TYR G 62 94.16 -13.22 -16.10
C TYR G 62 95.01 -13.22 -14.82
N GLN G 63 95.49 -12.02 -14.50
CA GLN G 63 96.40 -11.74 -13.39
C GLN G 63 95.87 -12.28 -12.06
N PHE G 64 96.79 -12.75 -11.21
CA PHE G 64 96.58 -13.08 -9.79
C PHE G 64 95.89 -14.45 -9.61
N SER G 65 95.76 -15.18 -10.71
CA SER G 65 95.26 -16.51 -10.72
C SER G 65 96.35 -17.48 -10.29
N SER G 66 95.98 -18.48 -9.50
CA SER G 66 96.85 -19.59 -9.12
C SER G 66 96.17 -20.86 -9.64
N VAL G 67 96.73 -21.42 -10.71
CA VAL G 67 96.14 -22.52 -11.42
C VAL G 67 97.07 -23.73 -11.32
N GLY G 68 96.62 -24.77 -10.64
CA GLY G 68 97.36 -26.03 -10.57
C GLY G 68 98.01 -26.22 -9.21
N GLU G 69 97.54 -25.46 -8.23
CA GLU G 69 98.09 -25.50 -6.90
C GLU G 69 97.60 -26.78 -6.20
N ASP G 70 98.30 -27.25 -5.17
CA ASP G 70 97.85 -28.43 -4.40
C ASP G 70 96.63 -28.04 -3.55
N THR G 71 95.65 -28.92 -3.35
CA THR G 71 94.66 -28.57 -2.32
C THR G 71 95.33 -28.55 -0.97
N PRO G 72 94.83 -27.76 -0.02
CA PRO G 72 95.29 -27.84 1.35
C PRO G 72 94.61 -28.93 2.17
N ASP G 73 93.58 -29.59 1.60
CA ASP G 73 92.88 -30.71 2.25
C ASP G 73 93.94 -31.64 2.85
N LEU G 74 93.75 -32.05 4.11
CA LEU G 74 94.79 -32.80 4.85
C LEU G 74 94.78 -34.26 4.38
N LYS G 75 93.74 -34.61 3.60
CA LYS G 75 93.59 -35.81 2.76
C LYS G 75 94.78 -36.00 1.78
N TYR G 76 95.26 -34.91 1.17
CA TYR G 76 96.30 -34.93 0.11
C TYR G 76 97.69 -34.89 0.75
N LYS G 77 98.59 -35.82 0.37
CA LYS G 77 99.93 -35.99 0.97
C LYS G 77 101.06 -35.83 -0.07
N GLY G 78 100.84 -35.08 -1.15
CA GLY G 78 101.93 -34.69 -2.07
C GLY G 78 102.08 -35.58 -3.30
N GLU G 79 101.09 -36.44 -3.58
CA GLU G 79 101.11 -37.39 -4.73
C GLU G 79 100.96 -36.60 -6.04
N PRO G 80 101.37 -37.17 -7.22
CA PRO G 80 101.44 -36.38 -8.46
C PRO G 80 100.10 -36.39 -9.23
N THR G 81 99.17 -35.56 -8.78
CA THR G 81 97.84 -35.51 -9.36
C THR G 81 97.80 -34.43 -10.44
N ARG G 82 96.72 -34.39 -11.22
CA ARG G 82 96.69 -33.66 -12.48
C ARG G 82 95.59 -32.58 -12.44
N LEU G 83 95.76 -31.59 -13.32
CA LEU G 83 94.72 -30.66 -13.70
C LEU G 83 94.68 -30.60 -15.23
N VAL G 84 93.49 -30.69 -15.81
CA VAL G 84 93.33 -30.64 -17.27
C VAL G 84 92.32 -29.56 -17.62
N ILE G 85 92.71 -28.64 -18.50
CA ILE G 85 91.87 -27.60 -18.99
C ILE G 85 91.81 -27.70 -20.51
N GLY G 86 90.60 -27.56 -21.07
CA GLY G 86 90.38 -27.69 -22.48
C GLY G 86 90.70 -26.41 -23.24
N ASP G 87 89.85 -26.12 -24.23
CA ASP G 87 90.07 -25.10 -25.24
C ASP G 87 89.09 -23.94 -25.01
N HIS G 88 89.51 -22.73 -25.40
CA HIS G 88 88.64 -21.53 -25.51
C HIS G 88 88.01 -21.12 -24.17
N ASN G 89 88.73 -21.33 -23.06
CA ASN G 89 88.25 -20.94 -21.76
C ASN G 89 88.79 -19.54 -21.44
N VAL G 90 88.05 -18.84 -20.59
CA VAL G 90 88.47 -17.59 -20.01
C VAL G 90 88.47 -17.72 -18.50
N ILE G 91 89.61 -17.47 -17.88
CA ILE G 91 89.77 -17.52 -16.46
C ILE G 91 90.19 -16.13 -15.97
N ARG G 92 89.29 -15.46 -15.25
CA ARG G 92 89.48 -14.07 -14.90
C ARG G 92 90.36 -13.93 -13.65
N GLU G 93 90.45 -12.70 -13.16
CA GLU G 93 91.48 -12.32 -12.21
C GLU G 93 91.22 -13.05 -10.89
N GLY G 94 92.28 -13.64 -10.33
CA GLY G 94 92.28 -14.13 -8.96
C GLY G 94 91.70 -15.52 -8.78
N VAL G 95 91.44 -16.22 -9.88
CA VAL G 95 90.83 -17.53 -9.80
C VAL G 95 91.84 -18.52 -9.21
N THR G 96 91.35 -19.44 -8.38
CA THR G 96 92.14 -20.56 -7.88
C THR G 96 91.56 -21.87 -8.40
N ILE G 97 92.42 -22.73 -8.94
CA ILE G 97 92.06 -24.03 -9.43
C ILE G 97 93.06 -25.02 -8.86
N HIS G 98 92.57 -26.04 -8.16
CA HIS G 98 93.41 -27.02 -7.52
C HIS G 98 93.43 -28.32 -8.32
N ARG G 99 94.55 -29.03 -8.26
CA ARG G 99 94.65 -30.34 -8.87
C ARG G 99 93.94 -31.37 -7.99
N GLY G 100 93.76 -32.58 -8.51
CA GLY G 100 93.00 -33.65 -7.87
C GLY G 100 93.73 -34.29 -6.70
N THR G 101 93.10 -35.37 -6.22
CA THR G 101 93.53 -36.19 -5.08
C THR G 101 93.45 -37.67 -5.47
N VAL G 102 94.30 -38.50 -4.88
CA VAL G 102 94.33 -39.92 -5.23
C VAL G 102 93.06 -40.64 -4.79
N GLN G 103 92.33 -40.08 -3.82
CA GLN G 103 91.12 -40.70 -3.27
C GLN G 103 89.97 -40.66 -4.27
N ASP G 104 90.03 -39.87 -5.35
CA ASP G 104 88.97 -39.86 -6.38
C ASP G 104 89.58 -40.31 -7.72
N ARG G 105 89.77 -39.38 -8.68
CA ARG G 105 90.25 -39.76 -10.02
C ARG G 105 91.64 -39.15 -10.28
N ALA G 106 92.19 -38.44 -9.30
CA ALA G 106 93.53 -37.88 -9.37
C ALA G 106 93.58 -36.75 -10.41
N GLU G 107 92.43 -36.12 -10.69
CA GLU G 107 92.38 -35.17 -11.78
C GLU G 107 91.21 -34.21 -11.57
N THR G 108 91.52 -32.91 -11.58
CA THR G 108 90.55 -31.86 -11.75
C THR G 108 90.47 -31.55 -13.24
N THR G 109 89.26 -31.44 -13.80
CA THR G 109 89.16 -31.35 -15.24
C THR G 109 88.15 -30.24 -15.61
N ILE G 110 88.49 -29.46 -16.64
CA ILE G 110 87.67 -28.41 -17.19
C ILE G 110 87.60 -28.56 -18.71
N GLY G 111 86.39 -28.45 -19.26
CA GLY G 111 86.16 -28.63 -20.67
C GLY G 111 86.49 -27.40 -21.48
N ASP G 112 85.59 -27.06 -22.41
CA ASP G 112 85.80 -26.07 -23.44
C ASP G 112 84.81 -24.91 -23.28
N HIS G 113 85.18 -23.71 -23.74
CA HIS G 113 84.27 -22.55 -23.85
C HIS G 113 83.66 -22.16 -22.51
N ASN G 114 84.41 -22.30 -21.41
CA ASN G 114 83.88 -21.92 -20.12
C ASN G 114 84.34 -20.51 -19.80
N LEU G 115 83.56 -19.83 -18.97
CA LEU G 115 83.91 -18.54 -18.45
C LEU G 115 83.93 -18.62 -16.93
N ILE G 116 85.10 -18.44 -16.33
CA ILE G 116 85.24 -18.51 -14.91
C ILE G 116 85.69 -17.14 -14.42
N MET G 117 84.81 -16.46 -13.70
CA MET G 117 84.98 -15.05 -13.43
C MET G 117 85.77 -14.86 -12.14
N ALA G 118 86.03 -13.60 -11.80
CA ALA G 118 87.02 -13.24 -10.82
C ALA G 118 86.81 -13.97 -9.49
N TYR G 119 87.91 -14.45 -8.92
CA TYR G 119 87.98 -14.91 -7.52
C TYR G 119 87.19 -16.21 -7.34
N ALA G 120 86.77 -16.86 -8.43
CA ALA G 120 86.14 -18.16 -8.32
C ALA G 120 87.16 -19.19 -7.84
N HIS G 121 86.67 -20.25 -7.21
CA HIS G 121 87.49 -21.33 -6.71
C HIS G 121 86.97 -22.67 -7.25
N ILE G 122 87.88 -23.47 -7.81
CA ILE G 122 87.55 -24.77 -8.31
C ILE G 122 88.37 -25.82 -7.57
N GLY G 123 87.71 -26.50 -6.65
CA GLY G 123 88.35 -27.39 -5.70
C GLY G 123 88.77 -28.70 -6.34
N HIS G 124 89.64 -29.39 -5.62
CA HIS G 124 90.19 -30.64 -6.08
C HIS G 124 89.10 -31.56 -6.62
N ASP G 125 89.38 -32.17 -7.77
CA ASP G 125 88.65 -33.28 -8.31
C ASP G 125 87.33 -32.84 -8.92
N SER G 126 87.11 -31.55 -9.04
CA SER G 126 85.91 -31.04 -9.67
C SER G 126 86.02 -31.29 -11.18
N VAL G 127 84.86 -31.35 -11.83
CA VAL G 127 84.76 -31.58 -13.25
C VAL G 127 83.78 -30.58 -13.83
N ILE G 128 84.24 -29.75 -14.77
CA ILE G 128 83.40 -28.83 -15.43
C ILE G 128 83.32 -29.22 -16.91
N GLY G 129 82.12 -29.10 -17.46
CA GLY G 129 81.85 -29.44 -18.83
C GLY G 129 82.20 -28.32 -19.77
N ASN G 130 81.29 -28.03 -20.71
CA ASN G 130 81.49 -27.01 -21.70
C ASN G 130 80.42 -25.94 -21.58
N HIS G 131 80.77 -24.71 -21.97
CA HIS G 131 79.83 -23.62 -22.12
C HIS G 131 79.27 -23.16 -20.76
N CYS G 132 79.98 -23.46 -19.67
CA CYS G 132 79.52 -23.06 -18.37
C CYS G 132 79.98 -21.64 -18.06
N ILE G 133 79.30 -21.02 -17.10
CA ILE G 133 79.65 -19.72 -16.60
C ILE G 133 79.63 -19.77 -15.08
N LEU G 134 80.79 -19.56 -14.46
CA LEU G 134 80.90 -19.41 -13.03
C LEU G 134 81.20 -17.94 -12.74
N VAL G 135 80.29 -17.28 -12.06
CA VAL G 135 80.40 -15.88 -11.88
C VAL G 135 81.27 -15.62 -10.64
N ASN G 136 81.72 -14.37 -10.50
CA ASN G 136 82.59 -13.90 -9.43
C ASN G 136 82.36 -14.70 -8.14
N ASN G 137 83.43 -15.27 -7.59
CA ASN G 137 83.48 -15.83 -6.24
C ASN G 137 82.62 -17.09 -6.09
N THR G 138 82.25 -17.71 -7.20
CA THR G 138 81.66 -19.02 -7.13
C THR G 138 82.71 -20.00 -6.61
N ALA G 139 82.31 -20.91 -5.72
CA ALA G 139 83.27 -21.81 -5.09
C ALA G 139 82.75 -23.24 -5.12
N LEU G 140 83.52 -24.13 -5.75
CA LEU G 140 83.24 -25.56 -5.77
C LEU G 140 84.17 -26.22 -4.74
N ALA G 141 83.61 -26.73 -3.65
CA ALA G 141 84.42 -27.21 -2.53
C ALA G 141 85.32 -28.40 -2.91
N GLY G 142 84.87 -29.22 -3.86
CA GLY G 142 85.62 -30.38 -4.31
C GLY G 142 84.71 -31.50 -4.79
N HIS G 143 85.20 -32.27 -5.76
CA HIS G 143 84.47 -33.37 -6.32
C HIS G 143 83.11 -32.91 -6.87
N VAL G 144 83.05 -31.69 -7.38
CA VAL G 144 81.83 -31.16 -7.90
C VAL G 144 81.80 -31.36 -9.40
N HIS G 145 80.69 -31.87 -9.93
CA HIS G 145 80.51 -32.06 -11.36
C HIS G 145 79.52 -30.99 -11.83
N VAL G 146 79.95 -30.13 -12.77
CA VAL G 146 79.10 -29.15 -13.39
C VAL G 146 78.94 -29.51 -14.86
N ASP G 147 77.72 -29.80 -15.26
CA ASP G 147 77.45 -30.26 -16.61
C ASP G 147 77.21 -29.04 -17.52
N ASP G 148 77.11 -29.30 -18.84
CA ASP G 148 77.21 -28.27 -19.86
C ASP G 148 76.15 -27.18 -19.67
N TRP G 149 76.54 -25.93 -19.96
CA TRP G 149 75.66 -24.75 -20.07
C TRP G 149 75.14 -24.27 -18.70
N ALA G 150 75.68 -24.80 -17.61
CA ALA G 150 75.23 -24.35 -16.34
C ALA G 150 75.72 -22.91 -16.12
N ILE G 151 74.96 -22.18 -15.31
CA ILE G 151 75.32 -20.86 -14.89
C ILE G 151 75.20 -20.79 -13.37
N LEU G 152 76.31 -20.47 -12.70
CA LEU G 152 76.30 -20.24 -11.27
C LEU G 152 76.50 -18.74 -11.02
N SER G 153 75.46 -18.08 -10.51
CA SER G 153 75.50 -16.66 -10.23
C SER G 153 76.57 -16.41 -9.16
N GLY G 154 76.91 -15.13 -8.99
CA GLY G 154 77.99 -14.75 -8.12
C GLY G 154 77.83 -15.27 -6.71
N TYR G 155 78.96 -15.62 -6.10
CA TYR G 155 79.05 -16.05 -4.71
C TYR G 155 78.16 -17.27 -4.49
N THR G 156 78.03 -18.13 -5.49
CA THR G 156 77.42 -19.42 -5.30
C THR G 156 78.44 -20.39 -4.72
N LEU G 157 78.07 -21.04 -3.63
CA LEU G 157 78.91 -22.03 -2.95
C LEU G 157 78.32 -23.43 -3.18
N VAL G 158 79.18 -24.42 -3.48
CA VAL G 158 78.72 -25.77 -3.74
C VAL G 158 79.50 -26.74 -2.86
N HIS G 159 78.78 -27.54 -2.05
CA HIS G 159 79.40 -28.51 -1.17
C HIS G 159 80.05 -29.63 -1.98
N GLN G 160 80.95 -30.34 -1.31
CA GLN G 160 81.64 -31.47 -1.86
C GLN G 160 80.61 -32.46 -2.43
N TYR G 161 80.90 -32.99 -3.61
CA TYR G 161 80.23 -34.14 -4.23
C TYR G 161 78.94 -33.75 -4.97
N CYS G 162 78.54 -32.49 -4.95
CA CYS G 162 77.30 -32.12 -5.63
C CYS G 162 77.45 -32.15 -7.14
N ARG G 163 76.36 -32.49 -7.81
CA ARG G 163 76.24 -32.46 -9.24
C ARG G 163 75.34 -31.29 -9.61
N ILE G 164 75.84 -30.39 -10.45
CA ILE G 164 75.08 -29.29 -11.00
C ILE G 164 74.68 -29.66 -12.42
N GLY G 165 73.37 -29.72 -12.68
CA GLY G 165 72.83 -30.28 -13.92
C GLY G 165 73.01 -29.36 -15.10
N ALA G 166 72.93 -29.94 -16.30
CA ALA G 166 73.02 -29.17 -17.53
C ALA G 166 71.94 -28.09 -17.55
N HIS G 167 72.32 -26.89 -18.00
CA HIS G 167 71.43 -25.74 -18.19
C HIS G 167 70.83 -25.25 -16.88
N SER G 168 71.33 -25.73 -15.77
CA SER G 168 70.77 -25.33 -14.51
C SER G 168 71.32 -23.93 -14.17
N PHE G 169 70.75 -23.29 -13.17
CA PHE G 169 71.04 -21.91 -12.84
C PHE G 169 70.90 -21.70 -11.34
N SER G 170 71.91 -21.10 -10.73
CA SER G 170 71.85 -20.75 -9.34
C SER G 170 71.79 -19.22 -9.23
N GLY G 171 70.98 -18.73 -8.31
CA GLY G 171 70.89 -17.30 -8.01
C GLY G 171 72.05 -16.87 -7.15
N MET G 172 72.18 -15.56 -6.94
CA MET G 172 73.40 -15.13 -6.34
C MET G 172 73.35 -15.38 -4.84
N GLY G 173 74.49 -15.77 -4.28
CA GLY G 173 74.63 -16.13 -2.90
C GLY G 173 73.99 -17.47 -2.58
N SER G 174 73.77 -18.29 -3.58
CA SER G 174 73.22 -19.63 -3.36
C SER G 174 74.22 -20.49 -2.61
N ALA G 175 73.70 -21.33 -1.71
CA ALA G 175 74.51 -22.29 -0.98
C ALA G 175 73.91 -23.67 -1.25
N ILE G 176 74.55 -24.43 -2.14
CA ILE G 176 74.01 -25.64 -2.68
C ILE G 176 74.61 -26.84 -1.96
N GLY G 177 73.74 -27.70 -1.39
CA GLY G 177 74.19 -28.84 -0.61
C GLY G 177 73.75 -30.19 -1.16
N LYS G 178 72.91 -30.20 -2.19
CA LYS G 178 72.47 -31.44 -2.83
C LYS G 178 72.48 -31.19 -4.33
N ASP G 179 72.24 -32.22 -5.13
CA ASP G 179 72.33 -32.08 -6.58
C ASP G 179 71.30 -31.07 -7.08
N VAL G 180 71.65 -30.36 -8.14
CA VAL G 180 70.73 -29.52 -8.81
C VAL G 180 70.37 -30.23 -10.11
N PRO G 181 69.10 -30.62 -10.30
CA PRO G 181 68.72 -31.31 -11.51
C PRO G 181 68.93 -30.37 -12.70
N ALA G 182 69.04 -30.98 -13.89
CA ALA G 182 69.18 -30.22 -15.11
C ALA G 182 68.01 -29.23 -15.23
N TYR G 183 68.32 -28.06 -15.80
CA TYR G 183 67.38 -27.00 -16.11
C TYR G 183 66.86 -26.25 -14.87
N VAL G 184 67.10 -26.73 -13.65
CA VAL G 184 66.42 -26.16 -12.52
C VAL G 184 67.09 -24.86 -12.09
N THR G 185 66.31 -23.91 -11.59
CA THR G 185 66.84 -22.70 -10.97
C THR G 185 66.73 -22.82 -9.45
N VAL G 186 67.79 -22.46 -8.73
CA VAL G 186 67.83 -22.54 -7.27
C VAL G 186 68.32 -21.22 -6.69
N PHE G 187 67.88 -20.92 -5.47
CA PHE G 187 68.13 -19.66 -4.81
C PHE G 187 68.25 -19.86 -3.31
N GLY G 188 69.15 -19.10 -2.69
CA GLY G 188 69.16 -18.91 -1.24
C GLY G 188 70.15 -19.83 -0.55
N ASN G 189 70.21 -19.68 0.78
CA ASN G 189 71.10 -20.41 1.64
C ASN G 189 70.29 -20.90 2.84
N PRO G 190 69.86 -22.15 2.84
CA PRO G 190 70.19 -23.16 1.84
C PRO G 190 69.37 -23.05 0.55
N ALA G 191 69.95 -23.51 -0.56
CA ALA G 191 69.36 -23.37 -1.86
C ALA G 191 68.04 -24.14 -1.94
N GLU G 192 67.05 -23.52 -2.60
CA GLU G 192 65.74 -24.08 -2.86
C GLU G 192 65.46 -23.96 -4.36
N ALA G 193 64.78 -24.97 -4.92
CA ALA G 193 64.36 -24.98 -6.30
C ALA G 193 63.19 -24.03 -6.42
N ARG G 194 63.15 -23.26 -7.51
CA ARG G 194 62.12 -22.28 -7.73
C ARG G 194 61.40 -22.56 -9.04
N SER G 195 62.14 -22.77 -10.12
CA SER G 195 61.57 -22.92 -11.44
C SER G 195 62.58 -23.62 -12.34
N MET G 196 62.44 -23.42 -13.65
CA MET G 196 63.37 -23.92 -14.62
C MET G 196 63.92 -22.76 -15.44
N ASN G 197 65.08 -22.99 -16.04
CA ASN G 197 65.84 -21.99 -16.71
C ASN G 197 65.32 -21.88 -18.14
N PHE G 198 64.16 -21.26 -18.30
CA PHE G 198 63.52 -21.15 -19.57
C PHE G 198 64.33 -20.25 -20.50
N GLU G 199 64.95 -19.20 -19.95
CA GLU G 199 65.82 -18.31 -20.72
C GLU G 199 66.87 -19.15 -21.45
N GLY G 200 67.48 -20.10 -20.74
CA GLY G 200 68.49 -20.98 -21.27
C GLY G 200 67.98 -21.84 -22.41
N MET G 201 66.74 -22.35 -22.27
CA MET G 201 66.12 -23.20 -23.27
C MET G 201 65.83 -22.40 -24.54
N ARG G 202 65.50 -21.11 -24.36
CA ARG G 202 65.19 -20.24 -25.46
C ARG G 202 66.43 -20.08 -26.34
N ARG G 203 67.58 -19.78 -25.70
CA ARG G 203 68.85 -19.57 -26.35
C ARG G 203 69.33 -20.83 -27.10
N ARG G 204 69.06 -22.02 -26.57
CA ARG G 204 69.48 -23.24 -27.27
C ARG G 204 68.43 -23.62 -28.33
N GLY G 205 67.36 -22.83 -28.49
CA GLY G 205 66.35 -23.07 -29.51
C GLY G 205 65.54 -24.33 -29.29
N PHE G 206 65.22 -24.67 -28.04
CA PHE G 206 64.36 -25.80 -27.75
C PHE G 206 62.99 -25.58 -28.38
N SER G 207 62.34 -26.67 -28.77
CA SER G 207 61.00 -26.60 -29.28
C SER G 207 60.06 -26.08 -28.18
N SER G 208 58.92 -25.54 -28.59
CA SER G 208 57.97 -25.03 -27.67
C SER G 208 57.28 -26.20 -26.93
N GLU G 209 57.15 -27.35 -27.58
CA GLU G 209 56.53 -28.55 -26.98
C GLU G 209 57.45 -29.11 -25.88
N ALA G 210 58.77 -28.97 -26.07
CA ALA G 210 59.74 -29.49 -25.13
C ALA G 210 59.80 -28.60 -23.89
N ILE G 211 59.67 -27.28 -24.09
CA ILE G 211 59.68 -26.35 -22.98
C ILE G 211 58.48 -26.65 -22.09
N HIS G 212 57.31 -26.85 -22.69
CA HIS G 212 56.11 -27.15 -21.95
C HIS G 212 56.29 -28.47 -21.19
N ALA G 213 56.94 -29.45 -21.81
CA ALA G 213 57.10 -30.76 -21.22
C ALA G 213 57.99 -30.66 -19.98
N LEU G 214 58.98 -29.76 -20.05
CA LEU G 214 59.90 -29.59 -18.98
C LEU G 214 59.23 -28.84 -17.83
N ARG G 215 58.29 -27.95 -18.11
CA ARG G 215 57.59 -27.30 -17.04
C ARG G 215 56.73 -28.32 -16.31
N ARG G 216 56.06 -29.22 -17.04
CA ARG G 216 55.23 -30.23 -16.41
C ARG G 216 56.12 -31.15 -15.58
N ALA G 217 57.34 -31.40 -16.07
CA ALA G 217 58.26 -32.28 -15.37
C ALA G 217 58.67 -31.66 -14.04
N TYR G 218 58.90 -30.34 -14.04
CA TYR G 218 59.23 -29.64 -12.84
C TYR G 218 58.10 -29.85 -11.82
N LYS G 219 56.86 -29.65 -12.27
CA LYS G 219 55.72 -29.74 -11.40
C LYS G 219 55.57 -31.15 -10.80
N VAL G 220 55.91 -32.20 -11.57
CA VAL G 220 55.80 -33.57 -11.11
C VAL G 220 56.72 -33.81 -9.91
N VAL G 221 57.96 -33.32 -10.04
CA VAL G 221 59.01 -33.54 -9.08
C VAL G 221 58.80 -32.68 -7.83
N TYR G 222 58.31 -31.46 -8.00
CA TYR G 222 58.43 -30.42 -6.96
C TYR G 222 57.08 -29.93 -6.43
N ARG G 223 55.99 -29.98 -7.18
CA ARG G 223 54.77 -29.22 -6.82
C ARG G 223 53.59 -30.18 -6.68
N GLN G 224 53.77 -31.48 -6.50
CA GLN G 224 52.62 -32.40 -6.53
C GLN G 224 52.68 -33.43 -5.40
N GLY G 225 53.50 -33.18 -4.39
CA GLY G 225 53.63 -34.06 -3.24
C GLY G 225 54.20 -35.42 -3.57
N HIS G 226 54.87 -35.62 -4.71
CA HIS G 226 55.42 -36.94 -5.03
C HIS G 226 56.73 -37.12 -4.25
N THR G 227 57.01 -38.35 -3.81
CA THR G 227 58.36 -38.69 -3.38
C THR G 227 59.23 -38.74 -4.63
N VAL G 228 60.55 -38.80 -4.48
CA VAL G 228 61.40 -38.76 -5.64
C VAL G 228 61.19 -40.03 -6.48
N GLU G 229 60.96 -41.17 -5.83
CA GLU G 229 60.70 -42.45 -6.50
C GLU G 229 59.43 -42.35 -7.34
N GLU G 230 58.35 -41.78 -6.76
CA GLU G 230 57.07 -41.68 -7.45
C GLU G 230 57.20 -40.73 -8.65
N ALA G 231 58.02 -39.69 -8.51
CA ALA G 231 58.21 -38.70 -9.57
C ALA G 231 58.92 -39.33 -10.75
N LEU G 232 59.98 -40.09 -10.49
CA LEU G 232 60.73 -40.77 -11.52
C LEU G 232 59.82 -41.68 -12.36
N ALA G 233 58.88 -42.35 -11.68
CA ALA G 233 57.96 -43.25 -12.32
C ALA G 233 57.01 -42.45 -13.23
N GLU G 234 56.56 -41.31 -12.74
CA GLU G 234 55.64 -40.48 -13.47
C GLU G 234 56.33 -39.85 -14.70
N LEU G 235 57.60 -39.49 -14.56
CA LEU G 235 58.38 -38.90 -15.63
C LEU G 235 58.71 -39.90 -16.75
N ALA G 236 58.55 -41.21 -16.53
CA ALA G 236 58.98 -42.19 -17.51
C ALA G 236 58.37 -41.92 -18.90
N GLU G 237 57.07 -41.62 -18.97
CA GLU G 237 56.37 -41.39 -20.24
C GLU G 237 57.02 -40.21 -20.96
N SER G 238 57.10 -39.09 -20.24
CA SER G 238 57.51 -37.80 -20.77
C SER G 238 59.00 -37.85 -21.21
N ALA G 239 59.82 -38.70 -20.57
CA ALA G 239 61.22 -38.82 -20.86
C ALA G 239 61.46 -39.65 -22.13
N ALA G 240 60.50 -40.51 -22.47
CA ALA G 240 60.60 -41.26 -23.69
C ALA G 240 60.16 -40.42 -24.89
N GLN G 241 59.32 -39.41 -24.62
CA GLN G 241 58.76 -38.56 -25.63
C GLN G 241 59.73 -37.45 -26.02
N PHE G 242 60.57 -36.99 -25.07
CA PHE G 242 61.41 -35.82 -25.27
C PHE G 242 62.83 -36.08 -24.77
N PRO G 243 63.86 -36.07 -25.65
CA PRO G 243 65.26 -36.15 -25.22
C PRO G 243 65.62 -35.17 -24.08
N GLU G 244 64.99 -33.99 -24.10
CA GLU G 244 65.27 -32.90 -23.17
C GLU G 244 64.77 -33.28 -21.77
N VAL G 245 63.63 -33.95 -21.68
CA VAL G 245 63.10 -34.38 -20.40
C VAL G 245 63.91 -35.55 -19.88
N ALA G 246 64.41 -36.41 -20.78
CA ALA G 246 65.25 -37.54 -20.36
C ALA G 246 66.50 -37.03 -19.61
N VAL G 247 67.09 -35.92 -20.08
CA VAL G 247 68.23 -35.30 -19.42
C VAL G 247 67.87 -34.96 -17.96
N PHE G 248 66.67 -34.40 -17.79
CA PHE G 248 66.16 -33.99 -16.48
C PHE G 248 65.93 -35.24 -15.61
N ARG G 249 65.23 -36.26 -16.14
CA ARG G 249 64.97 -37.47 -15.38
C ARG G 249 66.32 -38.09 -14.98
N ASP G 250 67.28 -38.15 -15.91
CA ASP G 250 68.54 -38.84 -15.67
C ASP G 250 69.33 -38.12 -14.56
N SER G 251 69.23 -36.79 -14.48
CA SER G 251 69.92 -36.05 -13.43
C SER G 251 69.34 -36.35 -12.05
N ILE G 252 68.04 -36.58 -11.95
CA ILE G 252 67.37 -36.93 -10.70
C ILE G 252 67.67 -38.39 -10.34
N GLN G 253 67.56 -39.28 -11.33
CA GLN G 253 67.86 -40.70 -11.18
C GLN G 253 69.17 -40.88 -10.45
N SER G 254 70.21 -40.20 -10.95
CA SER G 254 71.59 -40.49 -10.58
C SER G 254 71.99 -39.66 -9.35
N ALA G 255 71.00 -39.28 -8.54
CA ALA G 255 71.23 -38.46 -7.41
C ALA G 255 70.75 -39.20 -6.16
N THR G 256 70.04 -40.31 -6.35
CA THR G 256 69.06 -40.76 -5.37
C THR G 256 69.00 -42.29 -5.25
N ARG G 257 70.05 -42.91 -4.73
CA ARG G 257 69.96 -44.37 -4.59
C ARG G 257 68.89 -44.77 -3.53
N GLY G 258 68.99 -44.27 -2.30
CA GLY G 258 68.12 -44.70 -1.19
C GLY G 258 68.59 -46.00 -0.55
N ILE G 259 67.85 -46.47 0.44
CA ILE G 259 68.20 -47.63 1.25
C ILE G 259 66.99 -48.56 1.40
N THR G 260 67.29 -49.84 1.57
CA THR G 260 66.27 -50.81 1.78
C THR G 260 65.51 -50.39 3.02
N ARG G 261 64.19 -50.21 2.88
CA ARG G 261 63.25 -49.80 3.95
C ARG G 261 62.33 -50.94 4.40
N MET H 4 115.83 6.17 -4.27
CA MET H 4 114.43 6.14 -4.77
C MET H 4 114.21 7.31 -5.76
N SER H 5 113.47 7.06 -6.84
CA SER H 5 112.58 7.99 -7.58
C SER H 5 111.12 7.67 -7.20
N LEU H 6 110.13 8.41 -7.66
CA LEU H 6 108.75 8.23 -7.19
C LEU H 6 108.05 7.13 -7.99
N ILE H 7 108.62 6.78 -9.16
CA ILE H 7 108.13 5.70 -9.95
C ILE H 7 109.18 4.59 -9.90
N ASP H 8 108.80 3.45 -9.35
CA ASP H 8 109.73 2.39 -9.19
C ASP H 8 110.28 2.00 -10.55
N PRO H 9 111.60 1.75 -10.68
CA PRO H 9 112.14 1.27 -11.95
C PRO H 9 111.59 -0.10 -12.36
N ARG H 10 111.05 -0.88 -11.40
CA ARG H 10 110.51 -2.19 -11.72
C ARG H 10 109.07 -2.10 -12.25
N ALA H 11 108.46 -0.91 -12.27
CA ALA H 11 107.09 -0.73 -12.80
C ALA H 11 107.14 -0.57 -14.32
N ILE H 12 106.00 -0.76 -14.98
CA ILE H 12 105.87 -0.57 -16.42
C ILE H 12 104.87 0.54 -16.68
N ILE H 13 105.31 1.58 -17.38
CA ILE H 13 104.48 2.72 -17.68
C ILE H 13 104.37 2.81 -19.19
N ASP H 14 103.15 2.73 -19.72
CA ASP H 14 102.97 2.84 -21.14
C ASP H 14 103.37 4.25 -21.59
N PRO H 15 104.03 4.37 -22.76
CA PRO H 15 104.32 5.69 -23.36
C PRO H 15 103.14 6.66 -23.39
N SER H 16 101.91 6.16 -23.60
CA SER H 16 100.69 6.99 -23.78
C SER H 16 99.96 7.25 -22.45
N ALA H 17 100.51 6.80 -21.32
CA ALA H 17 99.99 7.15 -20.00
C ALA H 17 100.42 8.58 -19.65
N ARG H 18 99.62 9.26 -18.83
CA ARG H 18 99.87 10.64 -18.44
C ARG H 18 99.74 10.73 -16.92
N LEU H 19 100.89 10.88 -16.25
CA LEU H 19 101.00 10.96 -14.80
C LEU H 19 101.37 12.38 -14.37
N ALA H 20 100.67 12.94 -13.40
CA ALA H 20 101.06 14.20 -12.80
C ALA H 20 102.44 14.04 -12.15
N ALA H 21 103.06 15.19 -11.85
CA ALA H 21 104.50 15.26 -11.47
C ALA H 21 104.81 14.36 -10.25
N ASP H 22 103.93 14.32 -9.24
CA ASP H 22 104.29 13.73 -7.93
C ASP H 22 103.53 12.42 -7.66
N VAL H 23 103.11 11.74 -8.72
CA VAL H 23 102.50 10.44 -8.59
C VAL H 23 103.56 9.44 -8.18
N GLN H 24 103.19 8.49 -7.31
CA GLN H 24 104.04 7.38 -6.91
C GLN H 24 103.49 6.06 -7.45
N VAL H 25 104.38 5.21 -7.97
CA VAL H 25 104.00 3.91 -8.45
C VAL H 25 104.99 2.88 -7.90
N GLY H 26 104.43 1.86 -7.26
CA GLY H 26 105.21 0.82 -6.62
C GLY H 26 105.79 -0.16 -7.64
N PRO H 27 106.67 -1.06 -7.18
CA PRO H 27 107.29 -2.05 -8.06
C PRO H 27 106.27 -3.04 -8.64
N TRP H 28 106.53 -3.47 -9.87
CA TRP H 28 105.75 -4.53 -10.55
C TRP H 28 104.30 -4.12 -10.77
N SER H 29 104.07 -2.82 -10.93
CA SER H 29 102.77 -2.33 -11.28
C SER H 29 102.78 -1.97 -12.76
N ILE H 30 101.63 -2.08 -13.40
CA ILE H 30 101.46 -1.73 -14.80
C ILE H 30 100.51 -0.56 -14.89
N VAL H 31 100.96 0.53 -15.51
CA VAL H 31 100.10 1.61 -15.88
C VAL H 31 99.93 1.59 -17.40
N GLY H 32 98.82 1.01 -17.84
CA GLY H 32 98.56 0.72 -19.26
C GLY H 32 98.33 1.96 -20.09
N ALA H 33 98.17 1.74 -21.40
CA ALA H 33 97.87 2.78 -22.36
C ALA H 33 96.63 3.56 -21.91
N GLU H 34 96.68 4.89 -22.09
CA GLU H 34 95.53 5.79 -21.94
C GLU H 34 95.03 5.87 -20.49
N VAL H 35 95.94 5.68 -19.54
CA VAL H 35 95.64 5.91 -18.17
C VAL H 35 96.18 7.27 -17.76
N GLU H 36 95.37 8.03 -17.05
CA GLU H 36 95.70 9.36 -16.63
C GLU H 36 95.58 9.37 -15.10
N ILE H 37 96.61 9.86 -14.40
CA ILE H 37 96.64 9.81 -12.93
C ILE H 37 96.97 11.20 -12.38
N GLY H 38 96.14 11.67 -11.45
CA GLY H 38 96.20 13.03 -10.92
C GLY H 38 97.18 13.18 -9.77
N GLU H 39 97.53 14.45 -9.53
CA GLU H 39 98.38 14.94 -8.46
C GLU H 39 98.19 14.14 -7.15
N GLY H 40 99.29 13.62 -6.61
CA GLY H 40 99.37 13.12 -5.22
C GLY H 40 98.84 11.71 -5.03
N THR H 41 98.46 11.05 -6.12
CA THR H 41 97.95 9.69 -6.07
C THR H 41 99.14 8.74 -5.89
N VAL H 42 98.87 7.64 -5.20
CA VAL H 42 99.85 6.61 -4.90
C VAL H 42 99.32 5.25 -5.36
N ILE H 43 100.05 4.63 -6.29
CA ILE H 43 99.80 3.29 -6.73
C ILE H 43 100.76 2.37 -5.99
N GLY H 44 100.22 1.35 -5.34
CA GLY H 44 101.01 0.38 -4.62
C GLY H 44 101.76 -0.53 -5.58
N PRO H 45 102.42 -1.58 -5.04
CA PRO H 45 103.04 -2.60 -5.87
C PRO H 45 101.99 -3.55 -6.43
N HIS H 46 102.32 -4.31 -7.48
CA HIS H 46 101.44 -5.35 -8.00
C HIS H 46 100.05 -4.81 -8.35
N VAL H 47 99.96 -3.64 -8.97
CA VAL H 47 98.70 -3.11 -9.40
C VAL H 47 98.65 -3.15 -10.93
N VAL H 48 97.47 -3.40 -11.47
CA VAL H 48 97.27 -3.36 -12.90
C VAL H 48 96.24 -2.28 -13.22
N LEU H 49 96.66 -1.22 -13.90
CA LEU H 49 95.75 -0.22 -14.42
C LEU H 49 95.63 -0.40 -15.93
N LYS H 50 94.40 -0.27 -16.43
CA LYS H 50 94.13 -0.37 -17.84
C LYS H 50 93.17 0.77 -18.21
N GLY H 51 93.18 1.17 -19.50
CA GLY H 51 92.49 2.38 -19.95
C GLY H 51 91.48 2.08 -21.06
N PRO H 52 90.71 3.11 -21.47
CA PRO H 52 90.83 4.51 -21.07
C PRO H 52 90.31 4.83 -19.66
N THR H 53 91.20 5.32 -18.79
CA THR H 53 90.89 5.49 -17.39
C THR H 53 91.45 6.83 -16.93
N LYS H 54 90.67 7.55 -16.14
CA LYS H 54 91.06 8.81 -15.56
C LYS H 54 90.95 8.69 -14.05
N ILE H 55 92.07 8.85 -13.35
CA ILE H 55 92.12 8.80 -11.91
C ILE H 55 92.50 10.18 -11.39
N GLY H 56 91.75 10.68 -10.42
CA GLY H 56 91.92 12.02 -9.89
C GLY H 56 93.08 12.10 -8.90
N LYS H 57 92.92 13.01 -7.94
CA LYS H 57 94.00 13.47 -7.08
C LYS H 57 93.91 12.77 -5.71
N HIS H 58 95.07 12.47 -5.13
CA HIS H 58 95.21 12.01 -3.74
C HIS H 58 94.48 10.68 -3.52
N ASN H 59 94.51 9.79 -4.52
CA ASN H 59 93.99 8.45 -4.36
C ASN H 59 95.12 7.55 -3.82
N ARG H 60 94.72 6.45 -3.18
CA ARG H 60 95.60 5.40 -2.71
CA ARG H 60 95.61 5.40 -2.70
C ARG H 60 95.01 4.11 -3.32
N ILE H 61 95.80 3.37 -4.10
CA ILE H 61 95.36 2.06 -4.67
C ILE H 61 96.33 0.95 -4.25
N TYR H 62 95.80 -0.10 -3.61
CA TYR H 62 96.64 -1.10 -2.97
C TYR H 62 96.88 -2.28 -3.91
N GLN H 63 97.83 -3.13 -3.50
CA GLN H 63 98.33 -4.28 -4.24
C GLN H 63 97.21 -5.20 -4.71
N PHE H 64 97.39 -5.78 -5.90
CA PHE H 64 96.58 -6.89 -6.44
C PHE H 64 95.22 -6.43 -7.01
N SER H 65 95.06 -5.11 -7.07
CA SER H 65 93.93 -4.49 -7.68
C SER H 65 94.09 -4.48 -9.19
N SER H 66 92.99 -4.74 -9.90
CA SER H 66 92.90 -4.62 -11.35
C SER H 66 91.83 -3.56 -11.63
N VAL H 67 92.27 -2.37 -12.03
CA VAL H 67 91.44 -1.22 -12.19
C VAL H 67 91.44 -0.81 -13.66
N GLY H 68 90.28 -0.92 -14.31
CA GLY H 68 90.12 -0.47 -15.68
C GLY H 68 90.08 -1.62 -16.67
N GLU H 69 89.84 -2.81 -16.16
CA GLU H 69 89.82 -4.01 -16.95
C GLU H 69 88.51 -4.03 -17.75
N ASP H 70 88.46 -4.79 -18.85
CA ASP H 70 87.21 -4.92 -19.62
C ASP H 70 86.22 -5.79 -18.85
N THR H 71 84.91 -5.53 -18.89
CA THR H 71 84.02 -6.57 -18.34
C THR H 71 84.12 -7.81 -19.19
N PRO H 72 83.89 -9.00 -18.60
CA PRO H 72 83.77 -10.22 -19.39
C PRO H 72 82.37 -10.43 -19.98
N ASP H 73 81.39 -9.60 -19.59
CA ASP H 73 80.04 -9.66 -20.13
C ASP H 73 80.14 -9.82 -21.66
N LEU H 74 79.36 -10.75 -22.23
CA LEU H 74 79.52 -11.13 -23.65
C LEU H 74 78.83 -10.05 -24.51
N LYS H 75 78.08 -9.16 -23.84
CA LYS H 75 77.55 -7.88 -24.32
C LYS H 75 78.64 -6.96 -24.89
N TYR H 76 79.81 -6.89 -24.24
CA TYR H 76 80.92 -5.98 -24.58
C TYR H 76 81.81 -6.62 -25.65
N LYS H 77 82.08 -5.89 -26.77
CA LYS H 77 82.83 -6.41 -27.94
C LYS H 77 84.10 -5.59 -28.22
N GLY H 78 84.70 -4.96 -27.22
CA GLY H 78 86.05 -4.36 -27.34
C GLY H 78 86.06 -2.86 -27.67
N GLU H 79 84.91 -2.19 -27.54
CA GLU H 79 84.77 -0.74 -27.83
C GLU H 79 85.52 0.09 -26.78
N PRO H 80 85.90 1.37 -27.06
CA PRO H 80 86.76 2.14 -26.16
C PRO H 80 85.94 2.87 -25.06
N THR H 81 85.55 2.14 -24.02
CA THR H 81 84.75 2.66 -22.95
C THR H 81 85.67 3.15 -21.83
N ARG H 82 85.10 3.88 -20.86
CA ARG H 82 85.89 4.67 -19.93
C ARG H 82 85.65 4.20 -18.50
N LEU H 83 86.61 4.54 -17.64
CA LEU H 83 86.46 4.50 -16.19
C LEU H 83 86.95 5.84 -15.64
N VAL H 84 86.17 6.45 -14.76
CA VAL H 84 86.53 7.74 -14.16
C VAL H 84 86.47 7.60 -12.64
N ILE H 85 87.58 7.97 -11.98
CA ILE H 85 87.67 7.97 -10.55
C ILE H 85 88.05 9.38 -10.10
N GLY H 86 87.37 9.87 -9.05
CA GLY H 86 87.58 11.20 -8.54
C GLY H 86 88.78 11.29 -7.62
N ASP H 87 88.61 12.07 -6.55
CA ASP H 87 89.65 12.51 -5.66
C ASP H 87 89.50 11.81 -4.30
N HIS H 88 90.63 11.60 -3.60
CA HIS H 88 90.67 11.19 -2.18
C HIS H 88 90.00 9.83 -1.93
N ASN H 89 90.09 8.93 -2.90
CA ASN H 89 89.54 7.60 -2.73
C ASN H 89 90.65 6.67 -2.22
N VAL H 90 90.21 5.61 -1.52
CA VAL H 90 91.06 4.55 -1.10
C VAL H 90 90.50 3.26 -1.66
N ILE H 91 91.33 2.53 -2.42
CA ILE H 91 90.97 1.28 -3.01
C ILE H 91 91.93 0.22 -2.47
N ARG H 92 91.40 -0.69 -1.66
CA ARG H 92 92.22 -1.63 -0.92
C ARG H 92 92.57 -2.83 -1.80
N GLU H 93 93.19 -3.82 -1.15
CA GLU H 93 93.87 -4.88 -1.85
C GLU H 93 92.85 -5.74 -2.61
N GLY H 94 93.16 -6.01 -3.88
CA GLY H 94 92.46 -7.01 -4.66
C GLY H 94 91.17 -6.53 -5.30
N VAL H 95 90.92 -5.23 -5.28
CA VAL H 95 89.69 -4.70 -5.82
C VAL H 95 89.71 -4.82 -7.34
N THR H 96 88.57 -5.14 -7.94
CA THR H 96 88.37 -5.11 -9.38
C THR H 96 87.36 -4.03 -9.75
N ILE H 97 87.70 -3.21 -10.73
CA ILE H 97 86.83 -2.18 -11.24
C ILE H 97 86.86 -2.27 -12.76
N HIS H 98 85.69 -2.43 -13.36
CA HIS H 98 85.58 -2.59 -14.79
C HIS H 98 85.12 -1.28 -15.44
N ARG H 99 85.54 -1.06 -16.68
CA ARG H 99 85.09 0.06 -17.47
C ARG H 99 83.68 -0.25 -18.00
N GLY H 100 83.03 0.76 -18.57
CA GLY H 100 81.64 0.70 -19.03
C GLY H 100 81.45 -0.10 -20.30
N THR H 101 80.21 -0.01 -20.81
CA THR H 101 79.73 -0.67 -22.03
C THR H 101 78.96 0.35 -22.86
N VAL H 102 78.96 0.16 -24.19
CA VAL H 102 78.32 1.12 -25.07
C VAL H 102 76.79 1.10 -24.91
N GLN H 103 76.23 0.02 -24.37
CA GLN H 103 74.79 -0.13 -24.24
C GLN H 103 74.23 0.78 -23.13
N ASP H 104 75.07 1.36 -22.27
CA ASP H 104 74.59 2.31 -21.22
C ASP H 104 75.23 3.70 -21.48
N ARG H 105 76.20 4.11 -20.66
CA ARG H 105 76.78 5.46 -20.79
C ARG H 105 78.25 5.37 -21.20
N ALA H 106 78.77 4.17 -21.37
CA ALA H 106 80.12 3.91 -21.81
C ALA H 106 81.13 4.32 -20.74
N GLU H 107 80.69 4.35 -19.47
CA GLU H 107 81.53 4.89 -18.43
C GLU H 107 81.12 4.32 -17.07
N THR H 108 82.09 3.73 -16.37
CA THR H 108 82.00 3.44 -14.96
C THR H 108 82.57 4.64 -14.21
N THR H 109 81.89 5.13 -13.18
CA THR H 109 82.31 6.39 -12.60
C THR H 109 82.29 6.25 -11.06
N ILE H 110 83.30 6.81 -10.41
CA ILE H 110 83.45 6.87 -8.97
C ILE H 110 83.79 8.30 -8.56
N GLY H 111 83.09 8.79 -7.53
CA GLY H 111 83.25 10.15 -7.05
C GLY H 111 84.45 10.31 -6.14
N ASP H 112 84.24 11.03 -5.04
CA ASP H 112 85.30 11.49 -4.15
C ASP H 112 85.14 10.85 -2.76
N HIS H 113 86.24 10.72 -2.03
CA HIS H 113 86.26 10.33 -0.59
C HIS H 113 85.59 8.97 -0.37
N ASN H 114 85.73 8.03 -1.30
CA ASN H 114 85.13 6.73 -1.12
C ASN H 114 86.18 5.79 -0.54
N LEU H 115 85.71 4.77 0.18
CA LEU H 115 86.54 3.73 0.69
C LEU H 115 86.03 2.40 0.15
N ILE H 116 86.84 1.74 -0.68
CA ILE H 116 86.47 0.49 -1.26
C ILE H 116 87.43 -0.56 -0.75
N MET H 117 86.91 -1.48 0.07
CA MET H 117 87.76 -2.34 0.85
C MET H 117 88.07 -3.62 0.06
N ALA H 118 88.87 -4.49 0.65
CA ALA H 118 89.53 -5.56 -0.06
C ALA H 118 88.54 -6.41 -0.86
N TYR H 119 88.92 -6.75 -2.08
CA TYR H 119 88.27 -7.79 -2.89
C TYR H 119 86.88 -7.35 -3.36
N ALA H 120 86.54 -6.07 -3.18
CA ALA H 120 85.27 -5.57 -3.70
C ALA H 120 85.33 -5.56 -5.22
N HIS H 121 84.16 -5.66 -5.86
CA HIS H 121 84.02 -5.66 -7.29
C HIS H 121 83.04 -4.56 -7.72
N ILE H 122 83.45 -3.75 -8.69
CA ILE H 122 82.63 -2.70 -9.21
C ILE H 122 82.42 -2.91 -10.70
N GLY H 123 81.23 -3.41 -11.04
CA GLY H 123 80.93 -3.88 -12.38
C GLY H 123 80.71 -2.73 -13.35
N HIS H 124 80.75 -3.10 -14.63
CA HIS H 124 80.62 -2.14 -15.70
C HIS H 124 79.43 -1.21 -15.46
N ASP H 125 79.67 0.08 -15.70
CA ASP H 125 78.65 1.09 -15.83
C ASP H 125 78.08 1.48 -14.47
N SER H 126 78.68 1.01 -13.39
CA SER H 126 78.26 1.39 -12.07
C SER H 126 78.67 2.85 -11.82
N VAL H 127 77.95 3.50 -10.91
CA VAL H 127 78.20 4.88 -10.55
C VAL H 127 78.20 4.98 -9.03
N ILE H 128 79.32 5.42 -8.48
CA ILE H 128 79.40 5.65 -7.07
C ILE H 128 79.58 7.15 -6.83
N GLY H 129 78.90 7.63 -5.79
CA GLY H 129 78.92 9.03 -5.43
C GLY H 129 80.12 9.36 -4.57
N ASN H 130 79.88 10.09 -3.48
CA ASN H 130 80.94 10.52 -2.59
C ASN H 130 80.68 9.95 -1.20
N HIS H 131 81.77 9.74 -0.44
CA HIS H 131 81.71 9.42 0.97
C HIS H 131 81.12 8.01 1.21
N CYS H 132 81.14 7.16 0.20
CA CYS H 132 80.61 5.82 0.35
C CYS H 132 81.66 4.90 0.93
N ILE H 133 81.19 3.79 1.50
CA ILE H 133 82.03 2.74 2.03
C ILE H 133 81.51 1.41 1.52
N LEU H 134 82.32 0.72 0.73
CA LEU H 134 82.05 -0.63 0.30
C LEU H 134 83.02 -1.56 1.03
N VAL H 135 82.47 -2.43 1.86
CA VAL H 135 83.29 -3.22 2.70
C VAL H 135 83.72 -4.47 1.92
N ASN H 136 84.73 -5.17 2.46
CA ASN H 136 85.32 -6.36 1.89
C ASN H 136 84.29 -7.15 1.07
N ASN H 137 84.62 -7.43 -0.20
CA ASN H 137 83.92 -8.39 -1.06
C ASN H 137 82.50 -7.93 -1.41
N THR H 138 82.21 -6.65 -1.25
CA THR H 138 81.00 -6.10 -1.80
C THR H 138 81.08 -6.17 -3.32
N ALA H 139 79.98 -6.54 -3.97
CA ALA H 139 80.00 -6.74 -5.42
C ALA H 139 78.81 -6.05 -6.08
N LEU H 140 79.09 -5.11 -6.99
CA LEU H 140 78.08 -4.46 -7.79
C LEU H 140 78.09 -5.11 -9.18
N ALA H 141 77.02 -5.84 -9.51
CA ALA H 141 77.01 -6.64 -10.73
C ALA H 141 77.16 -5.81 -12.02
N GLY H 142 76.65 -4.58 -11.98
CA GLY H 142 76.71 -3.67 -13.13
C GLY H 142 75.53 -2.71 -13.18
N HIS H 143 75.78 -1.52 -13.72
CA HIS H 143 74.77 -0.50 -13.83
C HIS H 143 74.18 -0.16 -12.45
N VAL H 144 74.99 -0.26 -11.41
CA VAL H 144 74.51 0.01 -10.08
C VAL H 144 74.84 1.45 -9.73
N HIS H 145 73.86 2.20 -9.20
CA HIS H 145 74.08 3.56 -8.74
C HIS H 145 74.07 3.56 -7.22
N VAL H 146 75.17 3.98 -6.61
CA VAL H 146 75.29 4.12 -5.18
C VAL H 146 75.43 5.61 -4.85
N ASP H 147 74.45 6.16 -4.14
CA ASP H 147 74.41 7.57 -3.85
C ASP H 147 75.19 7.84 -2.55
N ASP H 148 75.39 9.13 -2.23
CA ASP H 148 76.37 9.59 -1.26
C ASP H 148 76.12 8.95 0.12
N TRP H 149 77.22 8.63 0.81
CA TRP H 149 77.26 8.23 2.24
C TRP H 149 76.71 6.82 2.47
N ALA H 150 76.47 6.07 1.39
CA ALA H 150 75.97 4.75 1.59
C ALA H 150 77.07 3.88 2.20
N ILE H 151 76.66 2.86 2.94
CA ILE H 151 77.55 1.90 3.49
C ILE H 151 77.03 0.51 3.13
N LEU H 152 77.84 -0.29 2.43
CA LEU H 152 77.51 -1.65 2.14
C LEU H 152 78.43 -2.55 2.97
N SER H 153 77.84 -3.27 3.94
CA SER H 153 78.60 -4.16 4.80
C SER H 153 79.22 -5.26 3.95
N GLY H 154 80.14 -6.00 4.55
CA GLY H 154 80.92 -6.99 3.84
C GLY H 154 80.06 -8.01 3.14
N TYR H 155 80.52 -8.44 1.96
CA TYR H 155 79.92 -9.50 1.18
C TYR H 155 78.48 -9.12 0.83
N THR H 156 78.21 -7.84 0.64
CA THR H 156 76.96 -7.41 0.09
C THR H 156 77.00 -7.54 -1.44
N LEU H 157 75.99 -8.21 -2.00
CA LEU H 157 75.88 -8.40 -3.44
C LEU H 157 74.72 -7.55 -3.97
N VAL H 158 74.90 -6.87 -5.11
CA VAL H 158 73.87 -6.01 -5.67
C VAL H 158 73.64 -6.40 -7.13
N HIS H 159 72.39 -6.72 -7.47
CA HIS H 159 72.03 -7.11 -8.82
C HIS H 159 72.15 -5.90 -9.76
N GLN H 160 72.24 -6.21 -11.06
CA GLN H 160 72.29 -5.24 -12.11
C GLN H 160 71.13 -4.25 -11.94
N TYR H 161 71.42 -2.96 -12.13
CA TYR H 161 70.45 -1.88 -12.28
C TYR H 161 69.92 -1.35 -10.95
N CYS H 162 70.31 -1.91 -9.82
CA CYS H 162 69.77 -1.43 -8.54
C CYS H 162 70.36 -0.07 -8.17
N ARG H 163 69.54 0.73 -7.48
CA ARG H 163 69.93 2.00 -6.95
C ARG H 163 70.02 1.86 -5.42
N ILE H 164 71.17 2.18 -4.86
CA ILE H 164 71.39 2.21 -3.43
C ILE H 164 71.33 3.66 -2.97
N GLY H 165 70.37 3.97 -2.10
CA GLY H 165 70.04 5.35 -1.74
C GLY H 165 71.06 5.99 -0.83
N ALA H 166 71.05 7.31 -0.80
CA ALA H 166 71.95 8.06 0.08
C ALA H 166 71.74 7.63 1.53
N HIS H 167 72.85 7.47 2.26
CA HIS H 167 72.88 7.16 3.69
C HIS H 167 72.28 5.79 4.01
N SER H 168 72.04 4.99 2.99
CA SER H 168 71.45 3.72 3.22
C SER H 168 72.54 2.78 3.72
N PHE H 169 72.14 1.61 4.22
CA PHE H 169 73.04 0.70 4.89
C PHE H 169 72.59 -0.73 4.65
N SER H 170 73.51 -1.59 4.21
CA SER H 170 73.22 -2.99 4.05
C SER H 170 74.01 -3.77 5.11
N GLY H 171 73.38 -4.79 5.69
CA GLY H 171 74.02 -5.68 6.63
C GLY H 171 74.88 -6.69 5.91
N MET H 172 75.66 -7.46 6.65
CA MET H 172 76.63 -8.24 5.98
C MET H 172 75.97 -9.48 5.36
N GLY H 173 76.46 -9.84 4.17
CA GLY H 173 75.93 -10.92 3.39
C GLY H 173 74.57 -10.60 2.78
N SER H 174 74.25 -9.32 2.67
CA SER H 174 73.02 -8.90 2.03
C SER H 174 73.06 -9.22 0.53
N ALA H 175 71.91 -9.64 0.00
CA ALA H 175 71.74 -9.87 -1.42
C ALA H 175 70.59 -8.98 -1.91
N ILE H 176 70.94 -7.88 -2.55
CA ILE H 176 70.01 -6.83 -2.89
C ILE H 176 69.57 -6.96 -4.34
N GLY H 177 68.26 -7.05 -4.56
CA GLY H 177 67.69 -7.25 -5.88
C GLY H 177 66.76 -6.13 -6.33
N LYS H 178 66.46 -5.18 -5.46
CA LYS H 178 65.61 -4.05 -5.79
C LYS H 178 66.23 -2.81 -5.18
N ASP H 179 65.70 -1.62 -5.48
CA ASP H 179 66.31 -0.39 -4.99
C ASP H 179 66.25 -0.36 -3.46
N VAL H 180 67.25 0.27 -2.86
CA VAL H 180 67.23 0.53 -1.47
C VAL H 180 66.97 2.02 -1.31
N PRO H 181 65.84 2.42 -0.71
CA PRO H 181 65.56 3.84 -0.56
C PRO H 181 66.61 4.46 0.35
N ALA H 182 66.76 5.77 0.24
CA ALA H 182 67.67 6.52 1.08
C ALA H 182 67.37 6.22 2.55
N TYR H 183 68.45 6.19 3.34
CA TYR H 183 68.43 6.03 4.79
C TYR H 183 68.06 4.61 5.23
N VAL H 184 67.58 3.73 4.35
CA VAL H 184 67.02 2.48 4.82
C VAL H 184 68.14 1.49 5.14
N THR H 185 67.91 0.64 6.15
CA THR H 185 68.81 -0.47 6.44
C THR H 185 68.17 -1.77 5.94
N VAL H 186 68.97 -2.61 5.27
CA VAL H 186 68.50 -3.87 4.73
C VAL H 186 69.43 -5.01 5.14
N PHE H 187 68.87 -6.22 5.25
CA PHE H 187 69.57 -7.38 5.75
C PHE H 187 69.08 -8.64 5.04
N GLY H 188 70.00 -9.57 4.80
CA GLY H 188 69.65 -10.95 4.46
C GLY H 188 69.68 -11.19 2.95
N ASN H 189 69.40 -12.44 2.60
CA ASN H 189 69.39 -12.92 1.23
C ASN H 189 68.12 -13.74 1.04
N PRO H 190 67.09 -13.17 0.43
CA PRO H 190 67.08 -11.84 -0.15
C PRO H 190 66.92 -10.70 0.87
N ALA H 191 67.44 -9.53 0.53
CA ALA H 191 67.48 -8.41 1.43
C ALA H 191 66.06 -7.95 1.79
N GLU H 192 65.87 -7.59 3.06
CA GLU H 192 64.64 -7.05 3.60
C GLU H 192 64.96 -5.75 4.34
N ALA H 193 64.06 -4.78 4.25
CA ALA H 193 64.14 -3.52 4.95
C ALA H 193 63.83 -3.79 6.42
N ARG H 194 64.57 -3.16 7.32
CA ARG H 194 64.41 -3.38 8.73
C ARG H 194 64.11 -2.05 9.44
N SER H 195 64.91 -1.02 9.16
CA SER H 195 64.81 0.24 9.85
C SER H 195 65.47 1.34 9.00
N MET H 196 65.89 2.42 9.66
CA MET H 196 66.63 3.47 9.02
C MET H 196 67.97 3.64 9.73
N ASN H 197 68.91 4.24 9.01
CA ASN H 197 70.27 4.35 9.43
C ASN H 197 70.39 5.61 10.30
N PHE H 198 69.90 5.52 11.53
CA PHE H 198 69.88 6.63 12.42
C PHE H 198 71.31 7.00 12.83
N GLU H 199 72.18 5.99 12.98
CA GLU H 199 73.59 6.25 13.27
C GLU H 199 74.16 7.24 12.26
N GLY H 200 73.86 7.01 10.98
CA GLY H 200 74.32 7.83 9.89
C GLY H 200 73.81 9.27 9.99
N MET H 201 72.54 9.42 10.39
CA MET H 201 71.90 10.73 10.51
C MET H 201 72.54 11.50 11.68
N ARG H 202 72.95 10.78 12.72
CA ARG H 202 73.56 11.38 13.88
C ARG H 202 74.88 12.04 13.47
N ARG H 203 75.71 11.28 12.74
CA ARG H 203 77.01 11.70 12.27
C ARG H 203 76.92 12.90 11.34
N ARG H 204 75.88 12.99 10.51
CA ARG H 204 75.72 14.15 9.63
C ARG H 204 75.08 15.33 10.37
N GLY H 205 74.76 15.16 11.65
CA GLY H 205 74.18 16.21 12.47
C GLY H 205 72.79 16.63 12.03
N PHE H 206 71.95 15.69 11.60
CA PHE H 206 70.57 15.99 11.29
C PHE H 206 69.86 16.52 12.53
N SER H 207 68.88 17.39 12.31
CA SER H 207 68.06 17.87 13.39
C SER H 207 67.29 16.71 14.02
N SER H 208 66.85 16.88 15.26
CA SER H 208 66.11 15.86 15.93
C SER H 208 64.70 15.77 15.33
N GLU H 209 64.16 16.89 14.82
CA GLU H 209 62.82 16.93 14.20
C GLU H 209 62.85 16.15 12.88
N ALA H 210 63.98 16.19 12.18
CA ALA H 210 64.15 15.54 10.89
C ALA H 210 64.28 14.04 11.07
N ILE H 211 64.98 13.63 12.13
CA ILE H 211 65.14 12.22 12.43
C ILE H 211 63.78 11.61 12.71
N HIS H 212 62.97 12.30 13.52
CA HIS H 212 61.64 11.84 13.86
C HIS H 212 60.80 11.74 12.58
N ALA H 213 60.95 12.71 11.68
CA ALA H 213 60.13 12.76 10.48
C ALA H 213 60.47 11.57 9.58
N LEU H 214 61.74 11.18 9.59
CA LEU H 214 62.20 10.11 8.78
C LEU H 214 61.76 8.78 9.36
N ARG H 215 61.63 8.67 10.69
CA ARG H 215 61.10 7.46 11.26
C ARG H 215 59.64 7.29 10.87
N ARG H 216 58.86 8.39 10.90
CA ARG H 216 57.47 8.32 10.53
C ARG H 216 57.36 7.94 9.06
N ALA H 217 58.30 8.44 8.26
CA ALA H 217 58.30 8.17 6.83
C ALA H 217 58.53 6.68 6.58
N TYR H 218 59.44 6.08 7.34
CA TYR H 218 59.70 4.67 7.22
C TYR H 218 58.39 3.91 7.50
N LYS H 219 57.70 4.29 8.57
CA LYS H 219 56.49 3.60 8.97
C LYS H 219 55.40 3.73 7.89
N VAL H 220 55.32 4.85 7.20
CA VAL H 220 54.31 5.08 6.19
C VAL H 220 54.49 4.08 5.03
N VAL H 221 55.74 3.93 4.62
CA VAL H 221 56.10 3.13 3.46
C VAL H 221 56.03 1.64 3.78
N TYR H 222 56.40 1.26 5.00
CA TYR H 222 56.75 -0.15 5.28
C TYR H 222 55.81 -0.79 6.32
N ARG H 223 55.23 -0.04 7.27
CA ARG H 223 54.61 -0.67 8.43
C ARG H 223 53.12 -0.30 8.54
N GLN H 224 52.46 0.11 7.48
CA GLN H 224 51.07 0.60 7.61
C GLN H 224 50.17 0.04 6.51
N GLY H 225 50.62 -1.00 5.79
CA GLY H 225 49.85 -1.60 4.73
C GLY H 225 49.58 -0.69 3.54
N HIS H 226 50.34 0.38 3.35
CA HIS H 226 50.10 1.26 2.19
C HIS H 226 50.72 0.61 0.95
N THR H 227 50.09 0.79 -0.21
CA THR H 227 50.75 0.52 -1.48
C THR H 227 51.80 1.60 -1.67
N VAL H 228 52.71 1.43 -2.62
CA VAL H 228 53.76 2.40 -2.77
C VAL H 228 53.17 3.73 -3.23
N GLU H 229 52.14 3.70 -4.07
CA GLU H 229 51.43 4.91 -4.54
C GLU H 229 50.80 5.65 -3.37
N GLU H 230 50.13 4.93 -2.48
CA GLU H 230 49.45 5.54 -1.33
C GLU H 230 50.48 6.16 -0.38
N ALA H 231 51.65 5.52 -0.26
CA ALA H 231 52.70 5.99 0.63
C ALA H 231 53.28 7.31 0.11
N LEU H 232 53.56 7.37 -1.19
CA LEU H 232 54.09 8.56 -1.81
C LEU H 232 53.17 9.76 -1.58
N ALA H 233 51.86 9.51 -1.64
CA ALA H 233 50.86 10.54 -1.44
C ALA H 233 50.90 11.03 0.01
N GLU H 234 51.03 10.10 0.95
CA GLU H 234 51.05 10.40 2.35
C GLU H 234 52.33 11.18 2.71
N LEU H 235 53.46 10.82 2.08
CA LEU H 235 54.73 11.47 2.33
C LEU H 235 54.78 12.91 1.79
N ALA H 236 53.86 13.32 0.92
CA ALA H 236 53.95 14.62 0.26
C ALA H 236 54.10 15.76 1.28
N GLU H 237 53.29 15.75 2.35
CA GLU H 237 53.33 16.83 3.36
C GLU H 237 54.72 16.89 3.99
N SER H 238 55.16 15.74 4.48
CA SER H 238 56.38 15.60 5.27
C SER H 238 57.63 15.94 4.41
N ALA H 239 57.56 15.70 3.09
CA ALA H 239 58.65 15.95 2.17
C ALA H 239 58.78 17.45 1.86
N ALA H 240 57.69 18.19 2.00
CA ALA H 240 57.74 19.61 1.79
C ALA H 240 58.26 20.32 3.04
N GLN H 241 58.12 19.66 4.19
CA GLN H 241 58.50 20.21 5.47
C GLN H 241 60.00 19.99 5.72
N PHE H 242 60.57 18.91 5.20
CA PHE H 242 61.94 18.50 5.52
C PHE H 242 62.71 18.09 4.26
N PRO H 243 63.78 18.82 3.88
CA PRO H 243 64.66 18.40 2.78
C PRO H 243 65.09 16.93 2.85
N GLU H 244 65.29 16.44 4.08
CA GLU H 244 65.81 15.11 4.35
C GLU H 244 64.76 14.05 3.98
N VAL H 245 63.49 14.34 4.24
CA VAL H 245 62.41 13.42 3.88
C VAL H 245 62.21 13.45 2.37
N ALA H 246 62.40 14.61 1.74
CA ALA H 246 62.25 14.70 0.28
C ALA H 246 63.25 13.76 -0.40
N VAL H 247 64.47 13.64 0.12
CA VAL H 247 65.47 12.73 -0.41
C VAL H 247 64.92 11.29 -0.39
N PHE H 248 64.26 10.93 0.71
CA PHE H 248 63.67 9.61 0.91
C PHE H 248 62.52 9.41 -0.08
N ARG H 249 61.59 10.37 -0.16
CA ARG H 249 60.47 10.25 -1.08
C ARG H 249 61.01 10.12 -2.52
N ASP H 250 62.00 10.94 -2.88
CA ASP H 250 62.50 10.99 -4.25
C ASP H 250 63.14 9.63 -4.61
N SER H 251 63.79 8.97 -3.65
CA SER H 251 64.41 7.67 -3.93
C SER H 251 63.35 6.59 -4.20
N ILE H 252 62.18 6.68 -3.55
CA ILE H 252 61.09 5.74 -3.77
C ILE H 252 60.37 6.06 -5.07
N GLN H 253 60.10 7.35 -5.30
CA GLN H 253 59.48 7.84 -6.52
C GLN H 253 60.15 7.21 -7.74
N SER H 254 61.49 7.31 -7.79
CA SER H 254 62.27 7.04 -8.99
C SER H 254 62.64 5.56 -9.07
N ALA H 255 61.85 4.71 -8.40
CA ALA H 255 62.14 3.31 -8.31
C ALA H 255 60.97 2.52 -8.88
N THR H 256 59.87 3.21 -9.17
CA THR H 256 58.54 2.60 -9.10
C THR H 256 57.63 3.26 -10.14
N ARG H 257 57.90 3.09 -11.42
CA ARG H 257 56.91 3.56 -12.40
C ARG H 257 55.62 2.70 -12.33
N GLY H 258 55.73 1.36 -12.42
CA GLY H 258 54.56 0.47 -12.43
C GLY H 258 53.96 0.37 -13.82
N ILE H 259 52.79 -0.28 -13.93
CA ILE H 259 52.17 -0.48 -15.23
C ILE H 259 50.69 -0.08 -15.18
N THR H 260 50.20 0.41 -16.32
CA THR H 260 48.81 0.73 -16.41
C THR H 260 48.03 -0.54 -16.10
N ARG H 261 47.18 -0.51 -15.08
CA ARG H 261 46.24 -1.57 -14.69
C ARG H 261 44.79 -1.07 -14.94
N MET I 4 120.14 -21.43 -7.21
CA MET I 4 119.22 -20.82 -6.20
C MET I 4 120.01 -20.48 -4.93
N SER I 5 119.71 -19.32 -4.31
CA SER I 5 119.83 -19.01 -2.85
C SER I 5 118.43 -19.10 -2.23
N LEU I 6 118.28 -18.95 -0.93
CA LEU I 6 116.99 -19.19 -0.26
C LEU I 6 116.11 -17.94 -0.34
N ILE I 7 116.74 -16.78 -0.58
CA ILE I 7 116.02 -15.56 -0.75
C ILE I 7 116.17 -15.13 -2.19
N ASP I 8 115.06 -15.08 -2.92
CA ASP I 8 115.12 -14.79 -4.31
C ASP I 8 115.75 -13.42 -4.49
N PRO I 9 116.66 -13.23 -5.47
CA PRO I 9 117.19 -11.91 -5.74
C PRO I 9 116.11 -10.91 -6.21
N ARG I 10 114.97 -11.38 -6.71
CA ARG I 10 113.91 -10.50 -7.17
C ARG I 10 113.01 -10.03 -6.01
N ALA I 11 113.24 -10.53 -4.78
CA ALA I 11 112.47 -10.10 -3.60
C ALA I 11 113.07 -8.82 -3.03
N ILE I 12 112.30 -8.10 -2.21
CA ILE I 12 112.74 -6.90 -1.53
C ILE I 12 112.69 -7.14 -0.03
N ILE I 13 113.84 -6.99 0.64
CA ILE I 13 113.92 -7.19 2.06
C ILE I 13 114.36 -5.87 2.68
N ASP I 14 113.54 -5.32 3.57
CA ASP I 14 113.90 -4.10 4.22
C ASP I 14 115.14 -4.32 5.09
N PRO I 15 116.08 -3.34 5.12
CA PRO I 15 117.23 -3.41 6.03
C PRO I 15 116.89 -3.77 7.49
N SER I 16 115.74 -3.31 8.00
CA SER I 16 115.34 -3.48 9.41
C SER I 16 114.52 -4.77 9.65
N ALA I 17 114.33 -5.60 8.62
CA ALA I 17 113.71 -6.91 8.79
C ALA I 17 114.75 -7.88 9.39
N ARG I 18 114.26 -8.89 10.12
CA ARG I 18 115.09 -9.86 10.79
C ARG I 18 114.59 -11.26 10.43
N LEU I 19 115.35 -11.96 9.59
CA LEU I 19 115.02 -13.29 9.09
C LEU I 19 115.98 -14.32 9.69
N ALA I 20 115.45 -15.42 10.22
CA ALA I 20 116.27 -16.53 10.64
C ALA I 20 117.04 -17.09 9.43
N ALA I 21 118.08 -17.89 9.72
CA ALA I 21 119.08 -18.30 8.73
C ALA I 21 118.44 -19.00 7.52
N ASP I 22 117.44 -19.86 7.72
CA ASP I 22 116.97 -20.78 6.65
C ASP I 22 115.56 -20.42 6.16
N VAL I 23 115.19 -19.16 6.29
CA VAL I 23 113.94 -18.68 5.75
C VAL I 23 114.06 -18.63 4.22
N GLN I 24 112.97 -18.98 3.54
CA GLN I 24 112.87 -18.86 2.09
C GLN I 24 111.87 -17.76 1.71
N VAL I 25 112.23 -16.94 0.72
CA VAL I 25 111.35 -15.92 0.21
C VAL I 25 111.37 -15.99 -1.32
N GLY I 26 110.17 -16.09 -1.88
CA GLY I 26 109.99 -16.23 -3.30
C GLY I 26 110.18 -14.89 -4.02
N PRO I 27 110.22 -14.93 -5.37
CA PRO I 27 110.39 -13.74 -6.17
C PRO I 27 109.24 -12.74 -6.02
N TRP I 28 109.56 -11.44 -6.08
CA TRP I 28 108.59 -10.35 -6.11
C TRP I 28 107.78 -10.29 -4.80
N SER I 29 108.38 -10.73 -3.71
CA SER I 29 107.78 -10.59 -2.42
C SER I 29 108.46 -9.42 -1.71
N ILE I 30 107.70 -8.75 -0.84
CA ILE I 30 108.21 -7.66 -0.04
C ILE I 30 108.18 -8.07 1.42
N VAL I 31 109.33 -8.02 2.09
CA VAL I 31 109.38 -8.15 3.51
C VAL I 31 109.71 -6.78 4.10
N GLY I 32 108.68 -6.08 4.56
CA GLY I 32 108.75 -4.68 4.97
C GLY I 32 109.53 -4.49 6.26
N ALA I 33 109.68 -3.21 6.62
CA ALA I 33 110.36 -2.79 7.85
C ALA I 33 109.70 -3.50 9.05
N GLU I 34 110.55 -3.93 10.00
CA GLU I 34 110.13 -4.42 11.32
C GLU I 34 109.35 -5.74 11.23
N VAL I 35 109.65 -6.54 10.21
CA VAL I 35 109.11 -7.86 10.11
C VAL I 35 110.17 -8.84 10.58
N GLU I 36 109.76 -9.79 11.41
CA GLU I 36 110.62 -10.78 11.96
C GLU I 36 110.07 -12.16 11.54
N ILE I 37 110.92 -13.03 11.00
CA ILE I 37 110.47 -14.32 10.47
C ILE I 37 111.33 -15.44 11.05
N GLY I 38 110.68 -16.45 11.62
CA GLY I 38 111.33 -17.52 12.35
C GLY I 38 111.81 -18.66 11.45
N GLU I 39 112.71 -19.45 12.04
CA GLU I 39 113.31 -20.65 11.48
C GLU I 39 112.32 -21.47 10.63
N GLY I 40 112.69 -21.76 9.39
CA GLY I 40 112.04 -22.79 8.53
C GLY I 40 110.78 -22.31 7.83
N THR I 41 110.45 -21.03 7.98
CA THR I 41 109.28 -20.45 7.35
C THR I 41 109.59 -20.23 5.86
N VAL I 42 108.54 -20.34 5.05
CA VAL I 42 108.62 -20.18 3.59
C VAL I 42 107.58 -19.15 3.15
N ILE I 43 108.07 -18.07 2.55
CA ILE I 43 107.26 -17.06 1.93
C ILE I 43 107.26 -17.35 0.43
N GLY I 44 106.06 -17.45 -0.14
CA GLY I 44 105.89 -17.69 -1.54
C GLY I 44 106.26 -16.45 -2.36
N PRO I 45 106.00 -16.49 -3.68
CA PRO I 45 106.16 -15.31 -4.53
C PRO I 45 104.98 -14.35 -4.34
N HIS I 46 105.14 -13.09 -4.73
CA HIS I 46 104.04 -12.13 -4.73
C HIS I 46 103.39 -12.02 -3.35
N VAL I 47 104.17 -11.97 -2.28
CA VAL I 47 103.64 -11.78 -0.96
C VAL I 47 104.06 -10.40 -0.47
N VAL I 48 103.19 -9.75 0.29
CA VAL I 48 103.49 -8.48 0.91
C VAL I 48 103.42 -8.66 2.42
N LEU I 49 104.55 -8.53 3.11
CA LEU I 49 104.59 -8.48 4.56
C LEU I 49 104.85 -7.04 5.00
N LYS I 50 104.14 -6.61 6.05
CA LYS I 50 104.33 -5.30 6.61
C LYS I 50 104.35 -5.43 8.13
N GLY I 51 104.98 -4.48 8.82
CA GLY I 51 105.26 -4.58 10.25
C GLY I 51 104.68 -3.43 11.06
N PRO I 52 104.80 -3.51 12.39
CA PRO I 52 105.54 -4.49 13.16
C PRO I 52 104.88 -5.88 13.26
N THR I 53 105.58 -6.90 12.74
CA THR I 53 105.01 -8.22 12.61
C THR I 53 106.05 -9.25 13.03
N LYS I 54 105.61 -10.26 13.78
CA LYS I 54 106.44 -11.34 14.21
C LYS I 54 105.81 -12.64 13.70
N ILE I 55 106.55 -13.37 12.88
CA ILE I 55 106.12 -14.64 12.34
C ILE I 55 107.04 -15.73 12.89
N GLY I 56 106.44 -16.80 13.41
CA GLY I 56 107.17 -17.87 14.07
C GLY I 56 107.80 -18.83 13.07
N LYS I 57 107.90 -20.10 13.48
CA LYS I 57 108.71 -21.10 12.83
C LYS I 57 107.83 -22.01 11.98
N HIS I 58 108.36 -22.43 10.83
CA HIS I 58 107.78 -23.48 9.98
C HIS I 58 106.42 -23.06 9.45
N ASN I 59 106.23 -21.78 9.12
CA ASN I 59 105.03 -21.31 8.48
C ASN I 59 105.21 -21.43 6.96
N ARG I 60 104.09 -21.50 6.24
CA ARG I 60 104.01 -21.47 4.79
CA ARG I 60 104.01 -21.47 4.78
C ARG I 60 103.02 -20.33 4.48
N ILE I 61 103.44 -19.32 3.72
CA ILE I 61 102.54 -18.21 3.27
C ILE I 61 102.53 -18.14 1.74
N TYR I 62 101.34 -18.23 1.14
CA TYR I 62 101.21 -18.37 -0.30
C TYR I 62 101.02 -17.00 -0.98
N GLN I 63 101.15 -17.03 -2.30
CA GLN I 63 101.12 -15.88 -3.19
C GLN I 63 99.87 -15.01 -2.96
N PHE I 64 100.05 -13.70 -3.10
CA PHE I 64 98.97 -12.69 -3.19
C PHE I 64 98.38 -12.34 -1.80
N SER I 65 99.02 -12.85 -0.75
CA SER I 65 98.70 -12.55 0.60
C SER I 65 99.29 -11.21 0.99
N SER I 66 98.52 -10.42 1.75
CA SER I 66 98.97 -9.17 2.35
C SER I 66 98.84 -9.36 3.86
N VAL I 67 99.97 -9.55 4.53
CA VAL I 67 100.03 -9.88 5.93
C VAL I 67 100.71 -8.74 6.68
N GLY I 68 99.97 -8.06 7.55
CA GLY I 68 100.53 -7.04 8.41
C GLY I 68 100.16 -5.64 7.97
N GLU I 69 99.14 -5.55 7.12
CA GLU I 69 98.72 -4.28 6.57
C GLU I 69 97.93 -3.53 7.67
N ASP I 70 97.81 -2.21 7.55
CA ASP I 70 97.02 -1.42 8.51
C ASP I 70 95.53 -1.68 8.27
N THR I 71 94.69 -1.73 9.31
CA THR I 71 93.25 -1.71 8.97
C THR I 71 92.90 -0.40 8.34
N PRO I 72 91.87 -0.36 7.47
CA PRO I 72 91.34 0.90 6.97
C PRO I 72 90.34 1.55 7.92
N ASP I 73 89.94 0.86 9.00
CA ASP I 73 89.02 1.41 10.00
C ASP I 73 89.47 2.83 10.33
N LEU I 74 88.53 3.77 10.37
CA LEU I 74 88.87 5.22 10.49
C LEU I 74 89.23 5.52 11.96
N LYS I 75 88.95 4.54 12.84
CA LYS I 75 89.43 4.39 14.22
C LYS I 75 90.96 4.47 14.32
N TYR I 76 91.68 3.83 13.39
CA TYR I 76 93.17 3.69 13.42
C TYR I 76 93.81 4.90 12.75
N LYS I 77 94.78 5.56 13.43
CA LYS I 77 95.42 6.81 12.98
C LYS I 77 96.95 6.66 12.82
N GLY I 78 97.45 5.46 12.55
CA GLY I 78 98.86 5.25 12.15
C GLY I 78 99.81 4.87 13.29
N GLU I 79 99.26 4.49 14.45
CA GLU I 79 100.05 4.10 15.66
C GLU I 79 100.76 2.77 15.40
N PRO I 80 101.86 2.42 16.14
CA PRO I 80 102.68 1.25 15.83
C PRO I 80 102.14 -0.04 16.49
N THR I 81 101.11 -0.63 15.89
CA THR I 81 100.47 -1.80 16.43
C THR I 81 101.09 -3.04 15.81
N ARG I 82 100.77 -4.21 16.35
CA ARG I 82 101.52 -5.42 16.09
C ARG I 82 100.63 -6.49 15.44
N LEU I 83 101.27 -7.44 14.77
CA LEU I 83 100.70 -8.71 14.39
C LEU I 83 101.65 -9.81 14.82
N VAL I 84 101.12 -10.86 15.46
CA VAL I 84 101.94 -11.98 15.92
C VAL I 84 101.36 -13.28 15.37
N ILE I 85 102.21 -14.08 14.72
CA ILE I 85 101.83 -15.37 14.20
C ILE I 85 102.78 -16.40 14.80
N GLY I 86 102.21 -17.53 15.23
CA GLY I 86 102.96 -18.58 15.86
C GLY I 86 103.66 -19.49 14.85
N ASP I 87 103.64 -20.79 15.18
CA ASP I 87 104.41 -21.81 14.51
C ASP I 87 103.47 -22.71 13.69
N HIS I 88 104.00 -23.28 12.60
CA HIS I 88 103.37 -24.38 11.82
C HIS I 88 102.02 -23.98 11.23
N ASN I 89 101.87 -22.72 10.84
CA ASN I 89 100.64 -22.26 10.22
C ASN I 89 100.80 -22.34 8.70
N VAL I 90 99.66 -22.47 8.03
CA VAL I 90 99.57 -22.39 6.61
C VAL I 90 98.58 -21.28 6.26
N ILE I 91 99.04 -20.31 5.48
CA ILE I 91 98.25 -19.22 5.01
C ILE I 91 98.20 -19.27 3.49
N ARG I 92 97.04 -19.56 2.94
CA ARG I 92 96.90 -19.82 1.52
C ARG I 92 96.78 -18.51 0.73
N GLU I 93 96.47 -18.67 -0.55
CA GLU I 93 96.62 -17.59 -1.51
C GLU I 93 95.59 -16.49 -1.19
N GLY I 94 96.06 -15.25 -1.18
CA GLY I 94 95.21 -14.09 -1.17
C GLY I 94 94.70 -13.68 0.20
N VAL I 95 95.23 -14.27 1.26
CA VAL I 95 94.77 -13.97 2.59
C VAL I 95 95.20 -12.56 2.97
N THR I 96 94.32 -11.85 3.68
CA THR I 96 94.63 -10.56 4.29
C THR I 96 94.57 -10.67 5.81
N ILE I 97 95.61 -10.17 6.48
CA ILE I 97 95.69 -10.14 7.91
C ILE I 97 96.12 -8.73 8.31
N HIS I 98 95.32 -8.07 9.15
CA HIS I 98 95.58 -6.72 9.56
C HIS I 98 96.17 -6.72 10.98
N ARG I 99 97.02 -5.72 11.27
CA ARG I 99 97.54 -5.51 12.60
C ARG I 99 96.46 -4.85 13.46
N GLY I 100 96.70 -4.78 14.77
CA GLY I 100 95.76 -4.32 15.77
C GLY I 100 95.56 -2.81 15.75
N THR I 101 94.82 -2.35 16.77
CA THR I 101 94.44 -0.95 17.02
C THR I 101 94.69 -0.63 18.50
N VAL I 102 94.98 0.63 18.79
CA VAL I 102 95.29 1.02 20.17
C VAL I 102 94.06 0.92 21.06
N GLN I 103 92.85 0.95 20.49
CA GLN I 103 91.60 0.90 21.25
C GLN I 103 91.36 -0.47 21.87
N ASP I 104 92.09 -1.53 21.49
CA ASP I 104 91.95 -2.86 22.13
C ASP I 104 93.29 -3.25 22.76
N ARG I 105 94.02 -4.21 22.18
CA ARG I 105 95.26 -4.70 22.80
C ARG I 105 96.46 -4.37 21.90
N ALA I 106 96.23 -3.68 20.78
CA ALA I 106 97.27 -3.22 19.88
C ALA I 106 97.93 -4.40 19.18
N GLU I 107 97.22 -5.53 19.06
CA GLU I 107 97.84 -6.73 18.56
C GLU I 107 96.79 -7.67 17.98
N THR I 108 96.98 -8.06 16.72
CA THR I 108 96.31 -9.19 16.12
C THR I 108 97.19 -10.41 16.34
N THR I 109 96.63 -11.53 16.77
CA THR I 109 97.47 -12.64 17.19
C THR I 109 96.90 -13.96 16.60
N ILE I 110 97.80 -14.83 16.14
CA ILE I 110 97.49 -16.14 15.63
C ILE I 110 98.43 -17.16 16.29
N GLY I 111 97.86 -18.27 16.73
CA GLY I 111 98.61 -19.32 17.43
C GLY I 111 99.34 -20.24 16.47
N ASP I 112 99.24 -21.54 16.74
CA ASP I 112 100.04 -22.58 16.11
C ASP I 112 99.13 -23.54 15.33
N HIS I 113 99.67 -24.17 14.28
CA HIS I 113 99.03 -25.28 13.55
C HIS I 113 97.67 -24.87 12.97
N ASN I 114 97.54 -23.62 12.51
CA ASN I 114 96.28 -23.19 11.94
C ASN I 114 96.37 -23.32 10.42
N LEU I 115 95.22 -23.49 9.79
CA LEU I 115 95.11 -23.50 8.36
C LEU I 115 94.14 -22.40 7.95
N ILE I 116 94.63 -21.38 7.25
CA ILE I 116 93.82 -20.30 6.81
C ILE I 116 93.80 -20.30 5.30
N MET I 117 92.64 -20.60 4.72
CA MET I 117 92.55 -20.93 3.32
C MET I 117 92.31 -19.66 2.51
N ALA I 118 92.25 -19.84 1.20
CA ALA I 118 92.36 -18.74 0.25
C ALA I 118 91.37 -17.63 0.55
N TYR I 119 91.85 -16.39 0.46
CA TYR I 119 91.02 -15.18 0.40
C TYR I 119 90.35 -14.92 1.76
N ALA I 120 90.76 -15.62 2.81
CA ALA I 120 90.24 -15.33 4.14
C ALA I 120 90.76 -13.97 4.59
N HIS I 121 90.01 -13.33 5.49
CA HIS I 121 90.34 -12.04 6.03
C HIS I 121 90.35 -12.11 7.56
N ILE I 122 91.42 -11.62 8.17
CA ILE I 122 91.54 -11.59 9.61
C ILE I 122 91.73 -10.15 10.06
N GLY I 123 90.65 -9.58 10.59
CA GLY I 123 90.56 -8.17 10.89
C GLY I 123 91.33 -7.81 12.14
N HIS I 124 91.57 -6.50 12.28
CA HIS I 124 92.33 -5.97 13.38
C HIS I 124 91.89 -6.57 14.69
N ASP I 125 92.87 -6.95 15.51
CA ASP I 125 92.69 -7.25 16.92
C ASP I 125 92.06 -8.62 17.12
N SER I 126 91.92 -9.40 16.06
CA SER I 126 91.40 -10.74 16.16
C SER I 126 92.46 -11.63 16.83
N VAL I 127 92.00 -12.71 17.45
CA VAL I 127 92.86 -13.65 18.13
C VAL I 127 92.45 -15.06 17.73
N ILE I 128 93.38 -15.81 17.14
CA ILE I 128 93.14 -17.16 16.80
C ILE I 128 94.05 -18.05 17.64
N GLY I 129 93.49 -19.18 18.09
CA GLY I 129 94.18 -20.14 18.92
C GLY I 129 95.01 -21.09 18.09
N ASN I 130 94.91 -22.39 18.40
CA ASN I 130 95.67 -23.40 17.73
C ASN I 130 94.74 -24.41 17.06
N HIS I 131 95.21 -25.02 15.96
CA HIS I 131 94.55 -26.14 15.33
C HIS I 131 93.23 -25.71 14.66
N CYS I 132 93.07 -24.43 14.37
CA CYS I 132 91.86 -23.95 13.74
C CYS I 132 91.96 -24.11 12.22
N ILE I 133 90.80 -24.08 11.59
CA ILE I 133 90.68 -24.09 10.15
C ILE I 133 89.70 -23.02 9.73
N LEU I 134 90.18 -22.03 8.99
CA LEU I 134 89.35 -21.03 8.35
C LEU I 134 89.32 -21.31 6.86
N VAL I 135 88.16 -21.63 6.34
CA VAL I 135 88.07 -22.06 4.98
C VAL I 135 87.93 -20.82 4.09
N ASN I 136 88.15 -21.01 2.79
CA ASN I 136 88.11 -20.00 1.77
C ASN I 136 87.12 -18.88 2.14
N ASN I 137 87.61 -17.63 2.15
CA ASN I 137 86.79 -16.41 2.19
C ASN I 137 86.09 -16.25 3.55
N THR I 138 86.54 -16.94 4.57
CA THR I 138 86.10 -16.66 5.90
C THR I 138 86.58 -15.26 6.29
N ALA I 139 85.74 -14.48 6.94
CA ALA I 139 86.08 -13.10 7.25
C ALA I 139 85.77 -12.78 8.71
N LEU I 140 86.79 -12.38 9.47
CA LEU I 140 86.65 -11.92 10.84
C LEU I 140 86.70 -10.39 10.82
N ALA I 141 85.59 -9.73 11.11
CA ALA I 141 85.50 -8.28 10.96
C ALA I 141 86.48 -7.52 11.88
N GLY I 142 86.78 -8.08 13.04
CA GLY I 142 87.68 -7.46 14.00
C GLY I 142 87.34 -7.82 15.44
N HIS I 143 88.38 -7.88 16.29
CA HIS I 143 88.22 -8.21 17.68
C HIS I 143 87.53 -9.56 17.84
N VAL I 144 87.76 -10.48 16.91
CA VAL I 144 87.14 -11.78 16.98
C VAL I 144 88.11 -12.75 17.65
N HIS I 145 87.62 -13.53 18.62
CA HIS I 145 88.42 -14.54 19.29
C HIS I 145 87.94 -15.91 18.80
N VAL I 146 88.82 -16.69 18.19
CA VAL I 146 88.55 -18.04 17.75
C VAL I 146 89.40 -18.99 18.58
N ASP I 147 88.74 -19.85 19.36
CA ASP I 147 89.42 -20.73 20.28
C ASP I 147 89.78 -22.04 19.54
N ASP I 148 90.56 -22.90 20.22
CA ASP I 148 91.25 -24.02 19.60
C ASP I 148 90.28 -24.96 18.87
N TRP I 149 90.72 -25.48 17.72
CA TRP I 149 90.08 -26.58 16.97
C TRP I 149 88.79 -26.14 16.27
N ALA I 150 88.52 -24.84 16.24
CA ALA I 150 87.33 -24.41 15.58
C ALA I 150 87.50 -24.60 14.06
N ILE I 151 86.38 -24.80 13.39
CA ILE I 151 86.34 -24.86 11.96
C ILE I 151 85.27 -23.90 11.46
N LEU I 152 85.66 -22.94 10.62
CA LEU I 152 84.72 -22.06 9.96
C LEU I 152 84.66 -22.43 8.49
N SER I 153 83.51 -22.95 8.05
CA SER I 153 83.30 -23.35 6.68
C SER I 153 83.43 -22.11 5.78
N GLY I 154 83.53 -22.36 4.48
CA GLY I 154 83.78 -21.32 3.52
C GLY I 154 82.77 -20.20 3.59
N TYR I 155 83.26 -18.98 3.37
CA TYR I 155 82.44 -17.78 3.28
C TYR I 155 81.65 -17.59 4.58
N THR I 156 82.25 -17.97 5.70
CA THR I 156 81.70 -17.63 6.99
C THR I 156 82.12 -16.21 7.36
N LEU I 157 81.16 -15.37 7.71
CA LEU I 157 81.39 -13.99 8.13
C LEU I 157 81.14 -13.86 9.64
N VAL I 158 82.02 -13.15 10.35
CA VAL I 158 81.90 -12.99 11.78
C VAL I 158 81.95 -11.51 12.14
N HIS I 159 80.92 -11.02 12.83
CA HIS I 159 80.85 -9.64 13.25
C HIS I 159 81.91 -9.33 14.30
N GLN I 160 82.20 -8.04 14.45
CA GLN I 160 83.11 -7.53 15.44
C GLN I 160 82.73 -8.08 16.82
N TYR I 161 83.74 -8.51 17.57
CA TYR I 161 83.65 -8.82 19.01
C TYR I 161 83.15 -10.24 19.27
N CYS I 162 82.78 -11.01 18.26
CA CYS I 162 82.26 -12.35 18.52
C CYS I 162 83.37 -13.31 18.97
N ARG I 163 82.98 -14.25 19.83
CA ARG I 163 83.81 -15.32 20.29
C ARG I 163 83.32 -16.61 19.63
N ILE I 164 84.21 -17.31 18.92
CA ILE I 164 83.96 -18.59 18.35
C ILE I 164 84.58 -19.65 19.26
N GLY I 165 83.76 -20.54 19.80
CA GLY I 165 84.17 -21.45 20.86
C GLY I 165 85.03 -22.60 20.35
N ALA I 166 85.76 -23.21 21.27
CA ALA I 166 86.59 -24.37 20.95
C ALA I 166 85.74 -25.46 20.32
N HIS I 167 86.27 -26.09 19.27
CA HIS I 167 85.66 -27.24 18.57
C HIS I 167 84.35 -26.89 17.90
N SER I 168 84.03 -25.61 17.83
CA SER I 168 82.78 -25.23 17.24
C SER I 168 82.93 -25.30 15.72
N PHE I 169 81.81 -25.22 15.01
CA PHE I 169 81.77 -25.44 13.59
C PHE I 169 80.68 -24.57 12.96
N SER I 170 81.05 -23.81 11.92
CA SER I 170 80.09 -23.04 11.19
C SER I 170 79.93 -23.66 9.80
N GLY I 171 78.69 -23.69 9.31
CA GLY I 171 78.38 -24.16 7.97
C GLY I 171 78.70 -23.10 6.95
N MET I 172 78.63 -23.44 5.68
CA MET I 172 79.15 -22.53 4.73
C MET I 172 78.14 -21.41 4.49
N GLY I 173 78.67 -20.20 4.30
CA GLY I 173 77.90 -18.99 4.14
C GLY I 173 77.24 -18.56 5.44
N SER I 174 77.75 -19.01 6.57
CA SER I 174 77.25 -18.58 7.87
C SER I 174 77.56 -17.10 8.09
N ALA I 175 76.61 -16.41 8.72
CA ALA I 175 76.79 -15.02 9.11
C ALA I 175 76.55 -14.94 10.62
N ILE I 176 77.63 -14.86 11.38
CA ILE I 176 77.62 -15.00 12.81
C ILE I 176 77.66 -13.62 13.45
N GLY I 177 76.67 -13.34 14.30
CA GLY I 177 76.54 -12.04 14.95
C GLY I 177 76.61 -12.10 16.47
N LYS I 178 76.65 -13.30 17.06
CA LYS I 178 76.73 -13.47 18.49
C LYS I 178 77.71 -14.60 18.76
N ASP I 179 78.07 -14.82 20.01
CA ASP I 179 79.09 -15.85 20.30
C ASP I 179 78.60 -17.23 19.88
N VAL I 180 79.52 -18.08 19.47
CA VAL I 180 79.22 -19.44 19.23
C VAL I 180 79.82 -20.23 20.37
N PRO I 181 79.00 -20.91 21.18
CA PRO I 181 79.53 -21.66 22.31
C PRO I 181 80.41 -22.79 21.78
N ALA I 182 81.29 -23.28 22.64
CA ALA I 182 82.14 -24.40 22.31
C ALA I 182 81.30 -25.58 21.83
N TYR I 183 81.84 -26.31 20.85
CA TYR I 183 81.29 -27.53 20.30
C TYR I 183 80.06 -27.29 19.41
N VAL I 184 79.48 -26.09 19.39
CA VAL I 184 78.18 -25.93 18.74
C VAL I 184 78.38 -25.81 17.23
N THR I 185 77.42 -26.33 16.46
CA THR I 185 77.38 -26.14 15.02
C THR I 185 76.33 -25.09 14.68
N VAL I 186 76.67 -24.14 13.80
CA VAL I 186 75.76 -23.08 13.40
C VAL I 186 75.71 -22.98 11.87
N PHE I 187 74.57 -22.51 11.35
CA PHE I 187 74.30 -22.48 9.93
C PHE I 187 73.44 -21.28 9.58
N GLY I 188 73.71 -20.66 8.43
CA GLY I 188 72.81 -19.72 7.79
C GLY I 188 73.12 -18.28 8.09
N ASN I 189 72.33 -17.39 7.50
CA ASN I 189 72.47 -15.96 7.61
C ASN I 189 71.08 -15.37 7.89
N PRO I 190 70.80 -15.06 9.16
CA PRO I 190 71.71 -15.12 10.29
C PRO I 190 71.90 -16.53 10.85
N ALA I 191 73.07 -16.76 11.46
CA ALA I 191 73.43 -18.08 11.93
C ALA I 191 72.48 -18.55 13.02
N GLU I 192 72.16 -19.84 12.99
CA GLU I 192 71.36 -20.54 13.99
C GLU I 192 72.11 -21.77 14.47
N ALA I 193 72.00 -22.08 15.75
CA ALA I 193 72.56 -23.28 16.36
C ALA I 193 71.72 -24.45 15.91
N ARG I 194 72.36 -25.56 15.60
CA ARG I 194 71.68 -26.73 15.10
C ARG I 194 71.98 -27.93 16.00
N SER I 195 73.26 -28.17 16.29
CA SER I 195 73.66 -29.34 17.02
C SER I 195 75.06 -29.11 17.62
N MET I 196 75.77 -30.19 17.89
CA MET I 196 77.14 -30.13 18.36
C MET I 196 78.04 -30.90 17.39
N ASN I 197 79.31 -30.55 17.43
CA ASN I 197 80.28 -31.03 16.50
C ASN I 197 80.81 -32.38 17.03
N PHE I 198 80.01 -33.41 16.90
CA PHE I 198 80.33 -34.71 17.41
C PHE I 198 81.50 -35.31 16.63
N GLU I 199 81.56 -35.03 15.31
CA GLU I 199 82.69 -35.46 14.48
C GLU I 199 84.00 -35.02 15.12
N GLY I 200 84.05 -33.76 15.57
CA GLY I 200 85.20 -33.18 16.19
C GLY I 200 85.58 -33.86 17.48
N MET I 201 84.57 -34.24 18.28
CA MET I 201 84.79 -34.91 19.55
C MET I 201 85.36 -36.31 19.32
N ARG I 202 84.93 -36.94 18.22
CA ARG I 202 85.37 -38.28 17.87
C ARG I 202 86.88 -38.25 17.61
N ARG I 203 87.31 -37.29 16.79
CA ARG I 203 88.69 -37.11 16.39
C ARG I 203 89.59 -36.79 17.58
N ARG I 204 89.11 -36.06 18.58
CA ARG I 204 89.93 -35.78 19.74
C ARG I 204 89.84 -36.94 20.76
N GLY I 205 89.10 -37.99 20.45
CA GLY I 205 89.00 -39.17 21.30
C GLY I 205 88.30 -38.93 22.62
N PHE I 206 87.27 -38.09 22.62
CA PHE I 206 86.47 -37.89 23.83
C PHE I 206 85.82 -39.20 24.27
N SER I 207 85.63 -39.36 25.56
CA SER I 207 84.95 -40.51 26.09
C SER I 207 83.50 -40.49 25.60
N SER I 208 82.86 -41.66 25.61
CA SER I 208 81.50 -41.74 25.17
C SER I 208 80.57 -41.11 26.21
N GLU I 209 80.95 -41.12 27.49
CA GLU I 209 80.16 -40.51 28.58
C GLU I 209 80.16 -38.98 28.44
N ALA I 210 81.28 -38.44 27.94
CA ALA I 210 81.45 -37.01 27.79
C ALA I 210 80.64 -36.51 26.60
N ILE I 211 80.61 -37.30 25.53
CA ILE I 211 79.87 -36.94 24.35
C ILE I 211 78.38 -36.86 24.71
N HIS I 212 77.89 -37.86 25.45
CA HIS I 212 76.50 -37.89 25.87
C HIS I 212 76.21 -36.67 26.74
N ALA I 213 77.15 -36.30 27.62
CA ALA I 213 76.94 -35.22 28.56
C ALA I 213 76.81 -33.90 27.80
N LEU I 214 77.58 -33.78 26.71
CA LEU I 214 77.58 -32.61 25.92
C LEU I 214 76.30 -32.51 25.10
N ARG I 215 75.72 -33.64 24.69
CA ARG I 215 74.45 -33.57 24.01
C ARG I 215 73.38 -33.09 24.97
N ARG I 216 73.39 -33.57 26.21
CA ARG I 216 72.40 -33.17 27.20
C ARG I 216 72.58 -31.68 27.46
N ALA I 217 73.83 -31.22 27.45
CA ALA I 217 74.13 -29.83 27.72
C ALA I 217 73.55 -28.95 26.61
N TYR I 218 73.66 -29.39 25.37
CA TYR I 218 73.11 -28.69 24.26
C TYR I 218 71.60 -28.53 24.48
N LYS I 219 70.93 -29.62 24.85
CA LYS I 219 69.50 -29.63 25.03
C LYS I 219 69.07 -28.67 26.16
N VAL I 220 69.88 -28.55 27.21
CA VAL I 220 69.55 -27.68 28.34
C VAL I 220 69.49 -26.22 27.87
N VAL I 221 70.50 -25.84 27.09
CA VAL I 221 70.69 -24.47 26.66
C VAL I 221 69.68 -24.08 25.56
N TYR I 222 69.36 -25.04 24.67
CA TYR I 222 68.73 -24.71 23.39
C TYR I 222 67.32 -25.29 23.25
N ARG I 223 67.01 -26.44 23.85
CA ARG I 223 65.81 -27.20 23.45
C ARG I 223 64.85 -27.39 24.63
N GLN I 224 64.93 -26.59 25.69
CA GLN I 224 64.11 -26.84 26.88
C GLN I 224 63.49 -25.55 27.42
N GLY I 225 63.45 -24.48 26.61
CA GLY I 225 62.84 -23.24 27.01
C GLY I 225 63.54 -22.53 28.15
N HIS I 226 64.80 -22.86 28.47
CA HIS I 226 65.48 -22.18 29.58
C HIS I 226 65.97 -20.82 29.09
N THR I 227 65.96 -19.82 29.97
CA THR I 227 66.73 -18.59 29.73
C THR I 227 68.20 -18.96 29.87
N VAL I 228 69.11 -18.10 29.46
CA VAL I 228 70.51 -18.44 29.51
C VAL I 228 70.94 -18.58 30.97
N GLU I 229 70.41 -17.74 31.87
CA GLU I 229 70.69 -17.79 33.31
C GLU I 229 70.26 -19.14 33.89
N GLU I 230 69.06 -19.60 33.54
CA GLU I 230 68.51 -20.85 34.06
C GLU I 230 69.34 -22.03 33.55
N ALA I 231 69.84 -21.93 32.31
CA ALA I 231 70.62 -22.99 31.70
C ALA I 231 71.97 -23.13 32.41
N LEU I 232 72.63 -22.01 32.66
CA LEU I 232 73.90 -22.00 33.36
C LEU I 232 73.79 -22.69 34.72
N ALA I 233 72.67 -22.45 35.41
CA ALA I 233 72.42 -23.03 36.71
C ALA I 233 72.27 -24.54 36.58
N GLU I 234 71.55 -24.98 35.55
CA GLU I 234 71.29 -26.38 35.33
C GLU I 234 72.58 -27.11 34.93
N LEU I 235 73.44 -26.45 34.15
CA LEU I 235 74.71 -27.02 33.70
C LEU I 235 75.72 -27.17 34.84
N ALA I 236 75.52 -26.53 35.98
CA ALA I 236 76.53 -26.52 37.03
C ALA I 236 76.96 -27.95 37.42
N GLU I 237 76.00 -28.87 37.61
CA GLU I 237 76.27 -30.25 38.01
C GLU I 237 77.17 -30.93 36.95
N SER I 238 76.71 -30.87 35.72
CA SER I 238 77.30 -31.58 34.59
C SER I 238 78.72 -31.03 34.29
N ALA I 239 78.97 -29.75 34.58
CA ALA I 239 80.24 -29.10 34.33
C ALA I 239 81.28 -29.49 35.39
N ALA I 240 80.82 -29.89 36.56
CA ALA I 240 81.72 -30.34 37.59
C ALA I 240 82.11 -31.79 37.36
N GLN I 241 81.25 -32.53 36.64
CA GLN I 241 81.45 -33.93 36.38
C GLN I 241 82.39 -34.13 35.19
N PHE I 242 82.38 -33.22 34.22
CA PHE I 242 83.09 -33.40 32.96
C PHE I 242 83.85 -32.14 32.57
N PRO I 243 85.20 -32.17 32.51
CA PRO I 243 85.99 -31.05 32.00
C PRO I 243 85.49 -30.48 30.67
N GLU I 244 84.97 -31.37 29.82
CA GLU I 244 84.55 -31.05 28.46
C GLU I 244 83.28 -30.21 28.51
N VAL I 245 82.37 -30.50 29.45
CA VAL I 245 81.15 -29.72 29.62
C VAL I 245 81.50 -28.36 30.24
N ALA I 246 82.49 -28.33 31.12
CA ALA I 246 82.90 -27.06 31.73
C ALA I 246 83.35 -26.08 30.65
N VAL I 247 84.05 -26.54 29.62
CA VAL I 247 84.47 -25.69 28.50
C VAL I 247 83.24 -25.05 27.86
N PHE I 248 82.18 -25.85 27.68
CA PHE I 248 80.92 -25.42 27.08
C PHE I 248 80.24 -24.39 27.99
N ARG I 249 80.10 -24.70 29.29
CA ARG I 249 79.47 -23.79 30.23
C ARG I 249 80.27 -22.47 30.23
N ASP I 250 81.60 -22.55 30.28
CA ASP I 250 82.46 -21.37 30.41
C ASP I 250 82.30 -20.47 29.17
N SER I 251 82.10 -21.06 27.99
CA SER I 251 81.92 -20.27 26.78
C SER I 251 80.59 -19.49 26.80
N ILE I 252 79.56 -20.05 27.40
CA ILE I 252 78.26 -19.40 27.53
C ILE I 252 78.31 -18.34 28.64
N GLN I 253 78.92 -18.69 29.77
CA GLN I 253 79.12 -17.80 30.89
C GLN I 253 79.65 -16.45 30.40
N SER I 254 80.74 -16.52 29.62
CA SER I 254 81.56 -15.37 29.30
C SER I 254 81.03 -14.65 28.05
N ALA I 255 79.74 -14.83 27.77
CA ALA I 255 79.13 -14.30 26.61
C ALA I 255 77.99 -13.36 27.00
N THR I 256 77.65 -13.36 28.29
CA THR I 256 76.26 -13.07 28.71
C THR I 256 76.26 -12.36 30.06
N ARG I 257 76.71 -11.11 30.10
CA ARG I 257 76.54 -10.37 31.36
C ARG I 257 75.04 -10.06 31.63
N GLY I 258 74.35 -9.42 30.69
CA GLY I 258 72.96 -8.93 30.89
C GLY I 258 72.92 -7.61 31.63
N ILE I 259 71.71 -7.13 31.94
CA ILE I 259 71.54 -5.85 32.62
C ILE I 259 70.59 -5.98 33.82
N THR I 260 70.84 -5.15 34.84
CA THR I 260 70.00 -5.13 35.96
C THR I 260 68.59 -4.83 35.49
N ARG I 261 67.65 -5.75 35.79
CA ARG I 261 66.21 -5.63 35.55
C ARG I 261 65.46 -5.49 36.90
N SER J 5 33.92 82.91 7.21
CA SER J 5 35.34 82.42 7.51
C SER J 5 35.31 81.00 8.09
N LEU J 6 35.85 80.55 9.25
CA LEU J 6 35.80 79.19 9.57
C LEU J 6 34.46 78.79 10.24
N ILE J 7 33.77 79.80 10.75
CA ILE J 7 32.48 79.66 11.35
C ILE J 7 31.48 80.34 10.42
N ASP J 8 30.55 79.56 9.89
CA ASP J 8 29.61 80.07 8.93
C ASP J 8 28.84 81.19 9.62
N PRO J 9 28.59 82.31 8.91
CA PRO J 9 27.74 83.37 9.46
C PRO J 9 26.29 82.90 9.72
N ARG J 10 25.85 81.84 9.07
CA ARG J 10 24.48 81.34 9.27
C ARG J 10 24.38 80.42 10.51
N ALA J 11 25.51 80.12 11.18
CA ALA J 11 25.49 79.31 12.40
C ALA J 11 25.18 80.20 13.61
N ILE J 12 24.77 79.57 14.72
CA ILE J 12 24.50 80.26 15.97
C ILE J 12 25.47 79.74 17.03
N ILE J 13 26.24 80.63 17.63
CA ILE J 13 27.20 80.28 18.63
C ILE J 13 26.81 81.02 19.91
N ASP J 14 26.53 80.26 20.98
CA ASP J 14 26.19 80.89 22.23
C ASP J 14 27.39 81.68 22.75
N PRO J 15 27.16 82.87 23.34
CA PRO J 15 28.23 83.63 24.00
C PRO J 15 29.14 82.81 24.94
N SER J 16 28.55 81.83 25.65
CA SER J 16 29.26 81.06 26.69
C SER J 16 29.92 79.78 26.12
N ALA J 17 29.84 79.55 24.80
CA ALA J 17 30.58 78.47 24.16
C ALA J 17 32.06 78.86 24.03
N ARG J 18 32.94 77.86 24.02
CA ARG J 18 34.37 78.07 23.94
C ARG J 18 34.94 77.17 22.84
N LEU J 19 35.32 77.79 21.72
CA LEU J 19 35.84 77.11 20.53
C LEU J 19 37.33 77.42 20.37
N ALA J 20 38.15 76.39 20.16
CA ALA J 20 39.53 76.60 19.80
C ALA J 20 39.62 77.38 18.49
N ALA J 21 40.82 77.91 18.21
CA ALA J 21 41.04 78.90 17.14
C ALA J 21 40.58 78.37 15.78
N ASP J 22 40.83 77.09 15.44
CA ASP J 22 40.67 76.62 14.04
C ASP J 22 39.49 75.65 13.90
N VAL J 23 38.51 75.76 14.77
CA VAL J 23 37.32 74.96 14.67
C VAL J 23 36.51 75.49 13.49
N GLN J 24 35.87 74.55 12.75
CA GLN J 24 34.96 74.92 11.66
C GLN J 24 33.54 74.53 12.03
N VAL J 25 32.58 75.41 11.71
CA VAL J 25 31.19 75.14 11.96
C VAL J 25 30.40 75.50 10.69
N GLY J 26 29.61 74.54 10.22
CA GLY J 26 28.84 74.69 9.02
C GLY J 26 27.61 75.57 9.25
N PRO J 27 26.91 75.93 8.16
CA PRO J 27 25.71 76.75 8.23
C PRO J 27 24.57 76.05 8.97
N TRP J 28 23.77 76.84 9.69
CA TRP J 28 22.55 76.39 10.36
C TRP J 28 22.84 75.36 11.46
N SER J 29 24.03 75.46 12.06
CA SER J 29 24.36 74.65 13.19
C SER J 29 24.23 75.52 14.44
N ILE J 30 23.89 74.87 15.57
CA ILE J 30 23.78 75.54 16.83
C ILE J 30 24.85 74.99 17.76
N VAL J 31 25.69 75.87 18.30
CA VAL J 31 26.60 75.51 19.35
C VAL J 31 26.09 76.17 20.63
N GLY J 32 25.39 75.40 21.45
CA GLY J 32 24.67 75.89 22.63
C GLY J 32 25.60 76.33 23.75
N ALA J 33 24.97 76.86 24.80
CA ALA J 33 25.65 77.30 26.00
C ALA J 33 26.50 76.14 26.55
N GLU J 34 27.70 76.48 27.03
CA GLU J 34 28.58 75.59 27.79
C GLU J 34 29.09 74.41 26.95
N VAL J 35 29.24 74.63 25.64
CA VAL J 35 29.86 73.67 24.79
C VAL J 35 31.30 74.13 24.55
N GLU J 36 32.23 73.18 24.65
CA GLU J 36 33.62 73.44 24.48
C GLU J 36 34.11 72.52 23.34
N ILE J 37 34.81 73.08 22.35
CA ILE J 37 35.24 72.30 21.18
C ILE J 37 36.74 72.50 20.94
N GLY J 38 37.45 71.39 20.81
CA GLY J 38 38.90 71.38 20.72
C GLY J 38 39.43 71.60 19.32
N GLU J 39 40.71 71.96 19.27
CA GLU J 39 41.53 72.17 18.08
C GLU J 39 41.19 71.18 16.96
N GLY J 40 40.88 71.72 15.78
CA GLY J 40 40.85 70.95 14.51
C GLY J 40 39.56 70.20 14.26
N THR J 41 38.58 70.37 15.16
CA THR J 41 37.30 69.72 15.04
C THR J 41 36.47 70.46 13.98
N VAL J 42 35.63 69.69 13.28
CA VAL J 42 34.77 70.20 12.22
C VAL J 42 33.32 69.81 12.51
N ILE J 43 32.46 70.81 12.67
CA ILE J 43 31.05 70.62 12.79
C ILE J 43 30.44 70.89 11.43
N GLY J 44 29.65 69.92 10.95
CA GLY J 44 28.97 70.05 9.68
C GLY J 44 27.81 71.04 9.76
N PRO J 45 27.01 71.15 8.70
CA PRO J 45 25.79 71.95 8.72
C PRO J 45 24.69 71.21 9.49
N HIS J 46 23.66 71.92 9.93
CA HIS J 46 22.48 71.31 10.54
C HIS J 46 22.85 70.42 11.73
N VAL J 47 23.76 70.88 12.59
CA VAL J 47 24.11 70.13 13.77
C VAL J 47 23.60 70.90 14.98
N VAL J 48 23.15 70.17 16.00
CA VAL J 48 22.74 70.78 17.24
C VAL J 48 23.65 70.25 18.35
N LEU J 49 24.45 71.14 18.94
CA LEU J 49 25.23 70.82 20.14
C LEU J 49 24.57 71.49 21.34
N LYS J 50 24.51 70.76 22.45
CA LYS J 50 23.98 71.27 23.68
C LYS J 50 24.91 70.84 24.81
N GLY J 51 24.90 71.61 25.91
CA GLY J 51 25.89 71.46 26.99
C GLY J 51 25.23 71.16 28.35
N PRO J 52 26.05 70.90 29.37
CA PRO J 52 27.52 71.01 29.37
C PRO J 52 28.26 69.88 28.64
N THR J 53 29.00 70.23 27.59
CA THR J 53 29.60 69.26 26.72
C THR J 53 31.04 69.67 26.40
N LYS J 54 31.94 68.71 26.42
CA LYS J 54 33.33 68.93 26.09
C LYS J 54 33.69 68.01 24.93
N ILE J 55 34.09 68.59 23.80
CA ILE J 55 34.49 67.85 22.63
C ILE J 55 35.98 68.11 22.38
N GLY J 56 36.74 67.04 22.17
CA GLY J 56 38.18 67.11 22.03
C GLY J 56 38.59 67.55 20.63
N LYS J 57 39.76 67.05 20.20
CA LYS J 57 40.48 67.56 19.05
C LYS J 57 40.24 66.64 17.85
N HIS J 58 40.17 67.25 16.66
CA HIS J 58 40.16 66.54 15.38
C HIS J 58 38.95 65.61 15.25
N ASN J 59 37.79 66.04 15.77
CA ASN J 59 36.56 65.31 15.56
C ASN J 59 35.90 65.83 14.27
N ARG J 60 35.05 64.98 13.69
CA ARG J 60 34.22 65.30 12.55
CA ARG J 60 34.22 65.30 12.53
C ARG J 60 32.80 64.94 12.99
N ILE J 61 31.85 65.90 12.97
CA ILE J 61 30.43 65.63 13.32
C ILE J 61 29.53 66.04 12.15
N TYR J 62 28.71 65.09 11.67
CA TYR J 62 27.98 65.29 10.43
C TYR J 62 26.57 65.82 10.71
N GLN J 63 25.92 66.25 9.63
CA GLN J 63 24.61 66.87 9.61
C GLN J 63 23.56 66.05 10.35
N PHE J 64 22.64 66.74 11.03
CA PHE J 64 21.40 66.18 11.60
C PHE J 64 21.63 65.43 12.92
N SER J 65 22.85 65.54 13.43
CA SER J 65 23.23 65.01 14.70
C SER J 65 22.76 65.96 15.80
N SER J 66 22.27 65.39 16.90
CA SER J 66 21.94 66.11 18.12
C SER J 66 22.83 65.54 19.22
N VAL J 67 23.84 66.31 19.61
CA VAL J 67 24.87 65.87 20.51
C VAL J 67 24.81 66.72 21.78
N GLY J 68 24.46 66.09 22.90
CA GLY J 68 24.46 66.76 24.19
C GLY J 68 23.05 67.08 24.66
N GLU J 69 22.07 66.42 24.06
CA GLU J 69 20.69 66.64 24.38
C GLU J 69 20.40 65.96 25.73
N ASP J 70 19.34 66.37 26.43
CA ASP J 70 18.94 65.74 27.68
C ASP J 70 18.32 64.37 27.37
N THR J 71 18.52 63.33 28.20
CA THR J 71 17.67 62.15 27.99
C THR J 71 16.23 62.51 28.25
N PRO J 72 15.27 61.81 27.61
CA PRO J 72 13.87 61.94 27.96
C PRO J 72 13.47 61.06 29.14
N ASP J 73 14.36 60.18 29.62
CA ASP J 73 14.09 59.32 30.78
C ASP J 73 13.46 60.20 31.87
N LEU J 74 12.38 59.70 32.49
CA LEU J 74 11.58 60.52 33.43
C LEU J 74 12.32 60.58 34.79
N LYS J 75 13.36 59.74 34.91
CA LYS J 75 14.42 59.76 35.93
C LYS J 75 15.12 61.14 36.03
N TYR J 76 15.41 61.77 34.88
CA TYR J 76 16.20 63.02 34.79
C TYR J 76 15.27 64.23 34.94
N LYS J 77 15.60 65.17 35.84
CA LYS J 77 14.76 66.34 36.19
C LYS J 77 15.48 67.67 35.93
N GLY J 78 16.42 67.73 34.99
CA GLY J 78 17.00 69.02 34.51
C GLY J 78 18.30 69.42 35.18
N GLU J 79 18.94 68.50 35.91
CA GLU J 79 20.24 68.75 36.62
C GLU J 79 21.37 68.93 35.62
N PRO J 80 22.51 69.58 35.99
CA PRO J 80 23.55 69.96 35.02
C PRO J 80 24.57 68.83 34.78
N THR J 81 24.20 67.84 33.98
CA THR J 81 25.03 66.68 33.73
C THR J 81 25.86 66.93 32.48
N ARG J 82 26.83 66.05 32.23
CA ARG J 82 27.90 66.32 31.27
C ARG J 82 27.91 65.29 30.15
N LEU J 83 28.51 65.68 29.03
CA LEU J 83 28.92 64.78 27.97
C LEU J 83 30.39 65.09 27.63
N VAL J 84 31.23 64.07 27.54
CA VAL J 84 32.64 64.25 27.22
C VAL J 84 33.00 63.38 26.02
N ILE J 85 33.58 64.00 24.99
CA ILE J 85 34.04 63.30 23.81
C ILE J 85 35.52 63.59 23.64
N GLY J 86 36.28 62.54 23.33
CA GLY J 86 37.72 62.64 23.16
C GLY J 86 38.12 63.16 21.79
N ASP J 87 39.20 62.57 21.28
CA ASP J 87 39.91 63.03 20.10
C ASP J 87 39.68 62.06 18.94
N HIS J 88 39.72 62.60 17.70
CA HIS J 88 39.78 61.81 16.45
C HIS J 88 38.55 60.90 16.26
N ASN J 89 37.38 61.36 16.72
CA ASN J 89 36.17 60.59 16.54
C ASN J 89 35.47 61.09 15.26
N VAL J 90 34.68 60.19 14.68
CA VAL J 90 33.82 60.52 13.58
C VAL J 90 32.39 60.16 13.99
N ILE J 91 31.49 61.15 13.93
CA ILE J 91 30.11 60.96 14.26
C ILE J 91 29.29 61.29 13.01
N ARG J 92 28.66 60.27 12.43
CA ARG J 92 28.02 60.42 11.14
C ARG J 92 26.61 61.01 11.30
N GLU J 93 25.89 61.00 10.18
CA GLU J 93 24.68 61.79 10.06
C GLU J 93 23.60 61.21 10.99
N GLY J 94 22.96 62.11 11.74
CA GLY J 94 21.74 61.78 12.46
C GLY J 94 21.97 61.12 13.82
N VAL J 95 23.21 61.11 14.30
CA VAL J 95 23.51 60.47 15.56
C VAL J 95 22.93 61.29 16.70
N THR J 96 22.42 60.59 17.71
CA THR J 96 21.98 61.21 18.96
C THR J 96 22.86 60.73 20.10
N ILE J 97 23.34 61.67 20.91
CA ILE J 97 24.15 61.39 22.07
C ILE J 97 23.58 62.21 23.22
N HIS J 98 23.22 61.53 24.31
CA HIS J 98 22.61 62.18 25.44
C HIS J 98 23.63 62.34 26.57
N ARG J 99 23.46 63.40 27.36
CA ARG J 99 24.27 63.62 28.54
C ARG J 99 23.77 62.69 29.65
N GLY J 100 24.55 62.61 30.74
CA GLY J 100 24.31 61.69 31.84
C GLY J 100 23.15 62.10 32.74
N THR J 101 23.03 61.36 33.85
CA THR J 101 22.01 61.51 34.89
C THR J 101 22.68 61.48 36.26
N VAL J 102 22.08 62.15 37.25
CA VAL J 102 22.68 62.23 38.57
C VAL J 102 22.68 60.87 39.27
N GLN J 103 21.80 59.96 38.86
CA GLN J 103 21.67 58.64 39.48
C GLN J 103 22.86 57.75 39.19
N ASP J 104 23.74 58.09 38.23
CA ASP J 104 24.95 57.28 37.95
C ASP J 104 26.19 58.17 38.19
N ARG J 105 26.89 58.60 37.13
CA ARG J 105 28.12 59.35 37.29
C ARG J 105 27.96 60.78 36.73
N ALA J 106 26.77 61.11 36.24
CA ALA J 106 26.44 62.44 35.76
C ALA J 106 27.21 62.75 34.47
N GLU J 107 27.61 61.71 33.73
CA GLU J 107 28.46 61.93 32.60
C GLU J 107 28.34 60.78 31.59
N THR J 108 28.03 61.12 30.34
CA THR J 108 28.19 60.24 29.21
C THR J 108 29.59 60.51 28.62
N THR J 109 30.35 59.47 28.33
CA THR J 109 31.74 59.70 27.96
C THR J 109 32.09 58.83 26.74
N ILE J 110 32.87 59.43 25.82
CA ILE J 110 33.36 58.78 24.63
C ILE J 110 34.86 59.06 24.50
N GLY J 111 35.63 58.00 24.22
CA GLY J 111 37.08 58.09 24.12
C GLY J 111 37.55 58.63 22.78
N ASP J 112 38.57 57.97 22.23
CA ASP J 112 39.31 58.44 21.08
C ASP J 112 39.14 57.46 19.90
N HIS J 113 39.27 57.97 18.66
CA HIS J 113 39.35 57.13 17.45
C HIS J 113 38.12 56.24 17.27
N ASN J 114 36.94 56.73 17.65
CA ASN J 114 35.74 55.93 17.50
C ASN J 114 35.06 56.34 16.20
N LEU J 115 34.30 55.41 15.64
CA LEU J 115 33.50 55.68 14.48
C LEU J 115 32.05 55.33 14.82
N ILE J 116 31.19 56.36 14.85
CA ILE J 116 29.82 56.15 15.18
C ILE J 116 28.99 56.52 13.96
N MET J 117 28.35 55.50 13.37
CA MET J 117 27.80 55.66 12.05
C MET J 117 26.35 56.14 12.15
N ALA J 118 25.73 56.34 10.99
CA ALA J 118 24.50 57.11 10.90
C ALA J 118 23.43 56.57 11.85
N TYR J 119 22.73 57.49 12.49
CA TYR J 119 21.46 57.22 13.20
C TYR J 119 21.72 56.37 14.46
N ALA J 120 22.97 56.20 14.87
CA ALA J 120 23.25 55.52 16.11
C ALA J 120 22.79 56.38 17.28
N HIS J 121 22.47 55.73 18.40
CA HIS J 121 22.02 56.39 19.61
C HIS J 121 22.89 55.98 20.79
N ILE J 122 23.37 56.97 21.54
CA ILE J 122 24.19 56.73 22.70
C ILE J 122 23.52 57.31 23.91
N GLY J 123 22.90 56.44 24.71
CA GLY J 123 22.03 56.82 25.79
C GLY J 123 22.80 57.34 26.99
N HIS J 124 22.06 58.01 27.88
CA HIS J 124 22.63 58.62 29.05
C HIS J 124 23.56 57.65 29.77
N ASP J 125 24.71 58.19 30.17
CA ASP J 125 25.60 57.55 31.13
C ASP J 125 26.40 56.43 30.48
N SER J 126 26.31 56.28 29.17
CA SER J 126 27.08 55.28 28.48
C SER J 126 28.54 55.71 28.45
N VAL J 127 29.44 54.73 28.32
CA VAL J 127 30.86 54.97 28.27
C VAL J 127 31.43 54.15 27.11
N ILE J 128 32.06 54.85 26.16
CA ILE J 128 32.73 54.20 25.09
C ILE J 128 34.23 54.45 25.21
N GLY J 129 35.00 53.41 24.91
CA GLY J 129 36.44 53.45 24.99
C GLY J 129 37.04 54.04 23.73
N ASN J 130 38.08 53.36 23.21
CA ASN J 130 38.78 53.82 22.03
C ASN J 130 38.68 52.77 20.93
N HIS J 131 38.74 53.23 19.66
CA HIS J 131 38.88 52.38 18.51
C HIS J 131 37.61 51.54 18.27
N CYS J 132 36.47 51.97 18.82
CA CYS J 132 35.25 51.24 18.63
C CYS J 132 34.59 51.66 17.32
N ILE J 133 33.70 50.78 16.85
CA ILE J 133 32.88 51.05 15.69
C ILE J 133 31.44 50.69 16.02
N LEU J 134 30.55 51.68 16.01
CA LEU J 134 29.13 51.46 16.14
C LEU J 134 28.51 51.73 14.78
N VAL J 135 27.92 50.71 14.20
CA VAL J 135 27.45 50.81 12.87
C VAL J 135 26.04 51.39 12.89
N ASN J 136 25.57 51.82 11.71
CA ASN J 136 24.27 52.43 11.51
C ASN J 136 23.24 51.89 12.51
N ASN J 137 22.59 52.79 13.24
CA ASN J 137 21.39 52.52 14.03
C ASN J 137 21.68 51.60 15.23
N THR J 138 22.94 51.48 15.63
CA THR J 138 23.26 50.86 16.87
C THR J 138 22.71 51.73 18.00
N ALA J 139 22.12 51.12 19.03
CA ALA J 139 21.48 51.88 20.08
C ALA J 139 21.90 51.36 21.46
N LEU J 140 22.50 52.24 22.27
CA LEU J 140 22.85 51.94 23.65
C LEU J 140 21.79 52.57 24.55
N ALA J 141 20.97 51.76 25.20
CA ALA J 141 19.82 52.27 25.95
C ALA J 141 20.22 53.21 27.10
N GLY J 142 21.39 52.97 27.70
CA GLY J 142 21.88 53.77 28.82
C GLY J 142 22.75 52.96 29.75
N HIS J 143 23.73 53.64 30.36
CA HIS J 143 24.64 53.03 31.29
C HIS J 143 25.37 51.85 30.64
N VAL J 144 25.64 51.94 29.34
CA VAL J 144 26.30 50.88 28.65
C VAL J 144 27.78 51.19 28.56
N HIS J 145 28.63 50.22 28.90
CA HIS J 145 30.07 50.36 28.80
C HIS J 145 30.54 49.53 27.60
N VAL J 146 31.18 50.18 26.63
CA VAL J 146 31.77 49.53 25.48
C VAL J 146 33.28 49.71 25.56
N ASP J 147 34.00 48.60 25.69
CA ASP J 147 35.43 48.63 25.87
C ASP J 147 36.13 48.65 24.49
N ASP J 148 37.45 48.83 24.49
CA ASP J 148 38.22 49.18 23.30
C ASP J 148 38.04 48.14 22.19
N TRP J 149 37.98 48.61 20.94
CA TRP J 149 38.05 47.80 19.71
C TRP J 149 36.76 47.01 19.46
N ALA J 150 35.72 47.27 20.23
CA ALA J 150 34.50 46.54 19.99
C ALA J 150 33.90 47.01 18.66
N ILE J 151 33.16 46.10 18.03
CA ILE J 151 32.43 46.41 16.84
C ILE J 151 30.98 45.96 17.05
N LEU J 152 30.03 46.89 16.93
CA LEU J 152 28.64 46.54 16.96
C LEU J 152 28.06 46.71 15.55
N SER J 153 27.67 45.58 14.94
CA SER J 153 27.12 45.62 13.59
C SER J 153 25.82 46.42 13.61
N GLY J 154 25.34 46.73 12.41
CA GLY J 154 24.19 47.61 12.27
C GLY J 154 22.97 47.12 13.02
N TYR J 155 22.22 48.08 13.56
CA TYR J 155 20.95 47.83 14.22
C TYR J 155 21.15 46.87 15.40
N THR J 156 22.31 46.97 16.05
CA THR J 156 22.52 46.30 17.31
C THR J 156 21.91 47.13 18.43
N LEU J 157 21.07 46.50 19.26
CA LEU J 157 20.44 47.15 20.40
C LEU J 157 21.05 46.60 21.69
N VAL J 158 21.33 47.47 22.67
CA VAL J 158 21.94 47.05 23.91
C VAL J 158 21.12 47.58 25.08
N HIS J 159 20.66 46.68 25.95
CA HIS J 159 19.88 47.04 27.12
C HIS J 159 20.73 47.83 28.11
N GLN J 160 20.03 48.54 28.99
CA GLN J 160 20.63 49.30 30.05
C GLN J 160 21.58 48.41 30.84
N TYR J 161 22.76 48.95 31.17
CA TYR J 161 23.72 48.40 32.14
C TYR J 161 24.63 47.33 31.52
N CYS J 162 24.46 46.95 30.26
CA CYS J 162 25.30 45.91 29.71
C CYS J 162 26.71 46.41 29.45
N ARG J 163 27.67 45.49 29.59
CA ARG J 163 29.05 45.70 29.28
C ARG J 163 29.38 44.94 28.00
N ILE J 164 29.90 45.64 27.00
CA ILE J 164 30.39 45.06 25.77
C ILE J 164 31.91 44.99 25.85
N GLY J 165 32.45 43.78 25.80
CA GLY J 165 33.85 43.53 26.08
C GLY J 165 34.78 43.98 24.97
N ALA J 166 36.05 44.16 25.31
CA ALA J 166 37.06 44.53 24.34
C ALA J 166 37.11 43.51 23.19
N HIS J 167 37.21 44.01 21.96
CA HIS J 167 37.37 43.22 20.74
C HIS J 167 36.17 42.34 20.46
N SER J 168 35.07 42.56 21.18
CA SER J 168 33.93 41.75 20.98
C SER J 168 33.21 42.25 19.71
N PHE J 169 32.25 41.46 19.23
CA PHE J 169 31.62 41.71 17.96
C PHE J 169 30.17 41.24 18.01
N SER J 170 29.24 42.10 17.61
CA SER J 170 27.85 41.74 17.51
C SER J 170 27.47 41.69 16.03
N GLY J 171 26.67 40.70 15.66
CA GLY J 171 26.13 40.58 14.32
C GLY J 171 24.97 41.52 14.11
N MET J 172 24.49 41.66 12.89
CA MET J 172 23.57 42.71 12.66
C MET J 172 22.19 42.31 13.17
N GLY J 173 21.49 43.30 13.72
CA GLY J 173 20.19 43.10 14.33
C GLY J 173 20.28 42.36 15.66
N SER J 174 21.46 42.35 16.28
CA SER J 174 21.62 41.75 17.59
C SER J 174 20.84 42.54 18.63
N ALA J 175 20.24 41.80 19.59
CA ALA J 175 19.57 42.40 20.72
C ALA J 175 20.21 41.86 21.99
N ILE J 176 21.08 42.67 22.61
CA ILE J 176 21.94 42.24 23.66
C ILE J 176 21.33 42.64 25.01
N GLY J 177 21.15 41.65 25.89
CA GLY J 177 20.52 41.86 27.18
C GLY J 177 21.42 41.50 28.36
N LYS J 178 22.60 40.93 28.11
CA LYS J 178 23.53 40.56 29.16
C LYS J 178 24.91 40.94 28.68
N ASP J 179 25.93 40.87 29.54
CA ASP J 179 27.26 41.31 29.12
C ASP J 179 27.78 40.45 27.97
N VAL J 180 28.59 41.03 27.11
CA VAL J 180 29.28 40.31 26.12
C VAL J 180 30.73 40.25 26.56
N PRO J 181 31.28 39.05 26.84
CA PRO J 181 32.66 38.94 27.28
C PRO J 181 33.57 39.43 26.16
N ALA J 182 34.78 39.81 26.52
CA ALA J 182 35.78 40.23 25.55
C ALA J 182 35.96 39.14 24.50
N TYR J 183 36.21 39.59 23.26
CA TYR J 183 36.52 38.76 22.11
C TYR J 183 35.30 37.99 21.57
N VAL J 184 34.17 37.94 22.29
CA VAL J 184 33.11 37.03 21.92
C VAL J 184 32.31 37.63 20.76
N THR J 185 31.81 36.76 19.88
CA THR J 185 30.88 37.17 18.83
C THR J 185 29.48 36.72 19.23
N VAL J 186 28.49 37.61 19.06
CA VAL J 186 27.10 37.32 19.41
C VAL J 186 26.20 37.69 18.24
N PHE J 187 25.06 36.99 18.14
CA PHE J 187 24.13 37.12 17.03
C PHE J 187 22.70 36.90 17.51
N GLY J 188 21.77 37.64 16.93
CA GLY J 188 20.35 37.33 17.02
C GLY J 188 19.64 38.13 18.09
N ASN J 189 18.33 37.93 18.17
CA ASN J 189 17.44 38.56 19.11
C ASN J 189 16.55 37.50 19.73
N PRO J 190 16.89 37.04 20.94
CA PRO J 190 17.95 37.55 21.77
C PRO J 190 19.35 37.05 21.38
N ALA J 191 20.37 37.84 21.69
CA ALA J 191 21.72 37.56 21.28
C ALA J 191 22.22 36.27 21.93
N GLU J 192 22.96 35.48 21.15
CA GLU J 192 23.61 34.25 21.57
C GLU J 192 25.09 34.33 21.20
N ALA J 193 25.94 33.78 22.05
CA ALA J 193 27.37 33.67 21.81
C ALA J 193 27.57 32.57 20.78
N ARG J 194 28.48 32.78 19.83
CA ARG J 194 28.72 31.85 18.77
C ARG J 194 30.19 31.43 18.77
N SER J 195 31.10 32.39 18.82
CA SER J 195 32.51 32.12 18.68
C SER J 195 33.31 33.29 19.24
N MET J 196 34.54 33.45 18.78
CA MET J 196 35.38 34.56 19.15
C MET J 196 35.81 35.29 17.88
N ASN J 197 36.18 36.56 18.07
CA ASN J 197 36.48 37.46 17.01
C ASN J 197 37.94 37.27 16.61
N PHE J 198 38.23 36.18 15.92
CA PHE J 198 39.56 35.83 15.55
C PHE J 198 40.10 36.84 14.52
N GLU J 199 39.23 37.32 13.63
CA GLU J 199 39.61 38.35 12.67
C GLU J 199 40.25 39.54 13.40
N GLY J 200 39.61 39.96 14.49
CA GLY J 200 40.07 41.06 15.30
C GLY J 200 41.41 40.81 15.92
N MET J 201 41.66 39.57 16.37
CA MET J 201 42.92 39.19 17.00
C MET J 201 44.04 39.21 15.96
N ARG J 202 43.70 38.85 14.72
CA ARG J 202 44.65 38.83 13.64
C ARG J 202 45.17 40.24 13.38
N ARG J 203 44.24 41.19 13.27
CA ARG J 203 44.53 42.59 13.01
C ARG J 203 45.37 43.22 14.12
N ARG J 204 45.16 42.83 15.37
CA ARG J 204 45.96 43.40 16.47
C ARG J 204 47.30 42.62 16.59
N GLY J 205 47.54 41.64 15.73
CA GLY J 205 48.79 40.89 15.71
C GLY J 205 49.00 40.03 16.94
N PHE J 206 47.95 39.41 17.48
CA PHE J 206 48.11 38.50 18.60
C PHE J 206 48.97 37.32 18.19
N SER J 207 49.70 36.76 19.14
CA SER J 207 50.48 35.57 18.88
C SER J 207 49.52 34.43 18.56
N SER J 208 50.05 33.41 17.88
CA SER J 208 49.24 32.28 17.52
C SER J 208 48.93 31.42 18.76
N GLU J 209 49.83 31.44 19.77
CA GLU J 209 49.64 30.70 21.04
C GLU J 209 48.50 31.34 21.83
N ALA J 210 48.36 32.66 21.72
CA ALA J 210 47.35 33.39 22.45
C ALA J 210 45.96 33.17 21.84
N ILE J 211 45.93 33.11 20.51
CA ILE J 211 44.70 32.86 19.80
C ILE J 211 44.16 31.48 20.19
N HIS J 212 45.04 30.49 20.19
CA HIS J 212 44.67 29.13 20.57
C HIS J 212 44.16 29.11 22.02
N ALA J 213 44.80 29.90 22.90
CA ALA J 213 44.45 29.88 24.30
C ALA J 213 43.04 30.47 24.48
N LEU J 214 42.71 31.44 23.64
CA LEU J 214 41.45 32.10 23.70
C LEU J 214 40.35 31.20 23.14
N ARG J 215 40.68 30.35 22.17
CA ARG J 215 39.68 29.42 21.69
C ARG J 215 39.37 28.40 22.79
N ARG J 216 40.40 27.92 23.51
CA ARG J 216 40.20 26.97 24.56
C ARG J 216 39.36 27.63 25.67
N ALA J 217 39.60 28.92 25.88
CA ALA J 217 38.90 29.64 26.91
C ALA J 217 37.41 29.75 26.58
N TYR J 218 37.11 29.98 25.29
CA TYR J 218 35.74 30.02 24.84
C TYR J 218 35.07 28.70 25.18
N LYS J 219 35.74 27.60 24.85
CA LYS J 219 35.18 26.27 25.05
C LYS J 219 34.93 25.98 26.53
N VAL J 220 35.78 26.48 27.42
CA VAL J 220 35.65 26.24 28.86
C VAL J 220 34.34 26.88 29.38
N VAL J 221 34.10 28.11 28.93
CA VAL J 221 32.99 28.91 29.40
C VAL J 221 31.67 28.43 28.79
N TYR J 222 31.70 28.02 27.52
CA TYR J 222 30.49 27.90 26.71
C TYR J 222 30.18 26.46 26.28
N ARG J 223 31.16 25.57 26.11
CA ARG J 223 30.94 24.32 25.39
C ARG J 223 31.26 23.11 26.28
N GLN J 224 31.32 23.25 27.61
CA GLN J 224 31.80 22.12 28.42
C GLN J 224 30.92 21.89 29.66
N GLY J 225 29.70 22.44 29.66
CA GLY J 225 28.77 22.27 30.75
C GLY J 225 29.23 22.88 32.08
N HIS J 226 30.20 23.81 32.08
CA HIS J 226 30.65 24.38 33.35
C HIS J 226 29.66 25.45 33.78
N THR J 227 29.45 25.60 35.09
CA THR J 227 28.80 26.80 35.62
C THR J 227 29.79 27.96 35.45
N VAL J 228 29.35 29.19 35.62
CA VAL J 228 30.25 30.29 35.39
C VAL J 228 31.37 30.28 36.44
N GLU J 229 31.06 29.89 37.67
CA GLU J 229 32.03 29.78 38.76
C GLU J 229 33.10 28.74 38.42
N GLU J 230 32.68 27.58 37.92
CA GLU J 230 33.60 26.49 37.59
C GLU J 230 34.51 26.91 36.42
N ALA J 231 33.97 27.69 35.49
CA ALA J 231 34.72 28.14 34.32
C ALA J 231 35.82 29.11 34.74
N LEU J 232 35.47 30.07 35.60
CA LEU J 232 36.43 31.02 36.12
C LEU J 232 37.62 30.33 36.79
N ALA J 233 37.33 29.25 37.52
CA ALA J 233 38.35 28.49 38.22
C ALA J 233 39.26 27.81 37.20
N GLU J 234 38.67 27.25 36.15
CA GLU J 234 39.41 26.54 35.13
C GLU J 234 40.29 27.52 34.33
N LEU J 235 39.78 28.73 34.09
CA LEU J 235 40.51 29.74 33.34
C LEU J 235 41.71 30.31 34.13
N ALA J 236 41.79 30.09 35.44
CA ALA J 236 42.82 30.74 36.26
C ALA J 236 44.22 30.48 35.70
N GLU J 237 44.54 29.23 35.32
CA GLU J 237 45.87 28.85 34.82
C GLU J 237 46.16 29.67 33.56
N SER J 238 45.25 29.59 32.61
CA SER J 238 45.39 30.13 31.27
C SER J 238 45.47 31.67 31.31
N ALA J 239 44.84 32.30 32.31
CA ALA J 239 44.82 33.75 32.46
C ALA J 239 46.14 34.25 33.05
N ALA J 240 46.85 33.40 33.77
CA ALA J 240 48.15 33.79 34.28
C ALA J 240 49.22 33.64 33.21
N GLN J 241 48.95 32.78 32.22
CA GLN J 241 49.88 32.48 31.15
C GLN J 241 49.80 33.54 30.06
N PHE J 242 48.61 34.12 29.84
CA PHE J 242 48.37 35.00 28.69
C PHE J 242 47.60 36.25 29.12
N PRO J 243 48.20 37.46 29.01
CA PRO J 243 47.48 38.72 29.25
C PRO J 243 46.13 38.81 28.53
N GLU J 244 46.07 38.22 27.33
CA GLU J 244 44.91 38.28 26.45
C GLU J 244 43.76 37.45 27.04
N VAL J 245 44.07 36.32 27.66
CA VAL J 245 43.06 35.49 28.29
C VAL J 245 42.60 36.16 29.60
N ALA J 246 43.51 36.84 30.29
CA ALA J 246 43.13 37.54 31.52
C ALA J 246 42.04 38.59 31.23
N VAL J 247 42.14 39.29 30.09
CA VAL J 247 41.12 40.24 29.68
C VAL J 247 39.75 39.55 29.59
N PHE J 248 39.75 38.34 29.01
CA PHE J 248 38.54 37.55 28.82
C PHE J 248 38.00 37.11 30.19
N ARG J 249 38.87 36.55 31.05
CA ARG J 249 38.44 36.11 32.38
C ARG J 249 37.87 37.32 33.13
N ASP J 250 38.55 38.46 33.07
CA ASP J 250 38.16 39.63 33.86
C ASP J 250 36.79 40.14 33.40
N SER J 251 36.48 40.03 32.11
CA SER J 251 35.18 40.47 31.61
C SER J 251 34.04 39.57 32.14
N ILE J 252 34.30 38.28 32.31
CA ILE J 252 33.33 37.35 32.85
C ILE J 252 33.19 37.52 34.36
N GLN J 253 34.33 37.64 35.04
CA GLN J 253 34.39 37.88 36.48
C GLN J 253 33.42 38.99 36.86
N SER J 254 33.54 40.13 36.17
CA SER J 254 32.92 41.38 36.57
C SER J 254 31.49 41.48 36.02
N ALA J 255 30.89 40.34 35.73
CA ALA J 255 29.59 40.28 35.14
C ALA J 255 28.64 39.53 36.07
N THR J 256 29.19 38.90 37.09
CA THR J 256 28.59 37.67 37.65
C THR J 256 28.90 37.60 39.15
N ARG J 257 28.34 38.49 39.96
CA ARG J 257 28.51 38.29 41.40
C ARG J 257 27.72 37.03 41.88
N GLY J 258 26.42 36.93 41.57
CA GLY J 258 25.63 35.75 41.94
C GLY J 258 25.08 35.88 43.35
N ILE J 259 24.40 34.82 43.84
CA ILE J 259 23.77 34.88 45.15
C ILE J 259 24.13 33.65 45.99
N THR J 260 24.20 33.86 47.29
CA THR J 260 24.43 32.82 48.20
C THR J 260 23.34 31.78 47.99
N ARG J 261 23.75 30.56 47.62
CA ARG J 261 22.85 29.40 47.39
C ARG J 261 23.04 28.35 48.52
N MET K 4 8.19 84.44 -5.44
CA MET K 4 8.96 83.12 -5.43
C MET K 4 9.79 83.05 -6.73
N SER K 5 11.05 82.58 -6.63
CA SER K 5 11.81 81.87 -7.69
C SER K 5 11.79 80.37 -7.36
N LEU K 6 12.31 79.51 -8.22
CA LEU K 6 12.18 78.06 -8.05
C LEU K 6 13.29 77.53 -7.12
N ILE K 7 14.34 78.33 -6.95
CA ILE K 7 15.42 78.01 -6.07
C ILE K 7 15.36 78.99 -4.91
N ASP K 8 15.14 78.46 -3.71
CA ASP K 8 14.97 79.30 -2.57
C ASP K 8 16.24 80.13 -2.40
N PRO K 9 16.14 81.44 -2.09
CA PRO K 9 17.33 82.23 -1.81
C PRO K 9 18.10 81.74 -0.56
N ARG K 10 17.45 80.98 0.33
CA ARG K 10 18.13 80.49 1.52
C ARG K 10 18.91 79.18 1.23
N ALA K 11 18.82 78.64 0.00
CA ALA K 11 19.59 77.43 -0.38
C ALA K 11 20.99 77.84 -0.82
N ILE K 12 21.91 76.87 -0.84
CA ILE K 12 23.28 77.07 -1.30
C ILE K 12 23.53 76.19 -2.51
N ILE K 13 23.91 76.80 -3.63
CA ILE K 13 24.16 76.09 -4.85
C ILE K 13 25.62 76.32 -5.22
N ASP K 14 26.40 75.25 -5.31
CA ASP K 14 27.78 75.39 -5.69
C ASP K 14 27.86 75.93 -7.12
N PRO K 15 28.81 76.84 -7.41
CA PRO K 15 29.07 77.28 -8.79
C PRO K 15 29.16 76.16 -9.85
N SER K 16 29.71 75.01 -9.47
CA SER K 16 29.99 73.89 -10.40
C SER K 16 28.81 72.88 -10.46
N ALA K 17 27.71 73.15 -9.76
CA ALA K 17 26.50 72.34 -9.90
C ALA K 17 25.77 72.73 -11.18
N ARG K 18 25.04 71.78 -11.76
CA ARG K 18 24.37 71.97 -13.03
C ARG K 18 22.91 71.50 -12.87
N LEU K 19 21.98 72.47 -12.81
CA LEU K 19 20.56 72.24 -12.61
C LEU K 19 19.80 72.56 -13.90
N ALA K 20 18.91 71.66 -14.32
CA ALA K 20 18.01 71.94 -15.42
C ALA K 20 17.11 73.13 -15.05
N ALA K 21 16.47 73.71 -16.07
CA ALA K 21 15.79 75.02 -15.98
C ALA K 21 14.74 75.03 -14.86
N ASP K 22 13.96 73.95 -14.68
CA ASP K 22 12.74 74.01 -13.84
C ASP K 22 12.90 73.17 -12.55
N VAL K 23 14.13 72.98 -12.10
CA VAL K 23 14.39 72.30 -10.86
C VAL K 23 13.96 73.23 -9.72
N GLN K 24 13.38 72.65 -8.66
CA GLN K 24 13.03 73.39 -7.46
C GLN K 24 13.92 72.93 -6.29
N VAL K 25 14.39 73.88 -5.49
CA VAL K 25 15.20 73.59 -4.33
C VAL K 25 14.65 74.39 -3.16
N GLY K 26 14.35 73.67 -2.07
CA GLY K 26 13.78 74.26 -0.89
C GLY K 26 14.83 75.03 -0.08
N PRO K 27 14.38 75.77 0.94
CA PRO K 27 15.28 76.53 1.80
C PRO K 27 16.24 75.64 2.60
N TRP K 28 17.46 76.14 2.82
CA TRP K 28 18.47 75.52 3.68
C TRP K 28 18.92 74.16 3.11
N SER K 29 18.86 74.01 1.80
CA SER K 29 19.38 72.85 1.16
C SER K 29 20.74 73.20 0.55
N ILE K 30 21.63 72.21 0.46
CA ILE K 30 22.92 72.38 -0.14
C ILE K 30 22.99 71.51 -1.39
N VAL K 31 23.28 72.12 -2.53
CA VAL K 31 23.60 71.38 -3.72
C VAL K 31 25.10 71.56 -3.98
N GLY K 32 25.88 70.55 -3.57
CA GLY K 32 27.34 70.63 -3.57
C GLY K 32 27.94 70.60 -4.96
N ALA K 33 29.27 70.75 -4.99
CA ALA K 33 30.06 70.71 -6.21
C ALA K 33 29.75 69.41 -6.97
N GLU K 34 29.65 69.53 -8.30
CA GLU K 34 29.59 68.40 -9.24
C GLU K 34 28.29 67.61 -9.08
N VAL K 35 27.21 68.26 -8.66
CA VAL K 35 25.93 67.66 -8.64
C VAL K 35 25.15 68.14 -9.86
N GLU K 36 24.50 67.20 -10.53
CA GLU K 36 23.75 67.46 -11.71
C GLU K 36 22.31 67.01 -11.45
N ILE K 37 21.32 67.86 -11.74
CA ILE K 37 19.93 67.56 -11.44
C ILE K 37 19.06 67.79 -12.67
N GLY K 38 18.27 66.78 -13.03
CA GLY K 38 17.48 66.76 -14.25
C GLY K 38 16.14 67.46 -14.13
N GLU K 39 15.60 67.78 -15.31
CA GLU K 39 14.28 68.39 -15.54
C GLU K 39 13.23 67.87 -14.53
N GLY K 40 12.57 68.81 -13.84
CA GLY K 40 11.32 68.55 -13.10
C GLY K 40 11.52 67.96 -11.71
N THR K 41 12.78 67.81 -11.29
CA THR K 41 13.10 67.28 -9.99
C THR K 41 12.86 68.37 -8.94
N VAL K 42 12.47 67.92 -7.75
CA VAL K 42 12.17 68.79 -6.62
C VAL K 42 12.99 68.35 -5.42
N ILE K 43 13.84 69.26 -4.92
CA ILE K 43 14.58 69.07 -3.72
C ILE K 43 13.84 69.82 -2.61
N GLY K 44 13.55 69.11 -1.52
CA GLY K 44 12.87 69.69 -0.38
C GLY K 44 13.80 70.63 0.39
N PRO K 45 13.35 71.11 1.56
CA PRO K 45 14.21 71.89 2.45
C PRO K 45 15.15 70.96 3.21
N HIS K 46 16.24 71.48 3.77
CA HIS K 46 17.12 70.72 4.64
C HIS K 46 17.65 69.45 3.95
N VAL K 47 18.04 69.55 2.68
CA VAL K 47 18.62 68.42 2.00
C VAL K 47 20.10 68.72 1.74
N VAL K 48 20.93 67.69 1.80
CA VAL K 48 22.32 67.82 1.50
C VAL K 48 22.64 66.92 0.32
N LEU K 49 23.00 67.51 -0.83
CA LEU K 49 23.50 66.76 -1.96
C LEU K 49 25.01 66.98 -2.06
N LYS K 50 25.73 65.89 -2.36
CA LYS K 50 27.15 65.95 -2.54
C LYS K 50 27.51 65.13 -3.78
N GLY K 51 28.65 65.44 -4.41
CA GLY K 51 29.01 64.90 -5.72
C GLY K 51 30.34 64.13 -5.70
N PRO K 52 30.70 63.50 -6.83
CA PRO K 52 30.02 63.60 -8.13
C PRO K 52 28.73 62.78 -8.22
N THR K 53 27.61 63.46 -8.48
CA THR K 53 26.31 62.84 -8.41
C THR K 53 25.47 63.32 -9.60
N LYS K 54 24.74 62.38 -10.21
CA LYS K 54 23.86 62.69 -11.31
C LYS K 54 22.46 62.23 -10.92
N ILE K 55 21.52 63.17 -10.88
CA ILE K 55 20.14 62.88 -10.55
C ILE K 55 19.29 63.19 -11.79
N GLY K 56 18.43 62.24 -12.16
CA GLY K 56 17.64 62.33 -13.37
C GLY K 56 16.42 63.23 -13.19
N LYS K 57 15.35 62.89 -13.92
CA LYS K 57 14.20 63.76 -14.14
C LYS K 57 13.06 63.33 -13.22
N HIS K 58 12.30 64.33 -12.74
CA HIS K 58 11.03 64.13 -12.04
C HIS K 58 11.24 63.33 -10.74
N ASN K 59 12.36 63.57 -10.03
CA ASN K 59 12.57 62.99 -8.73
C ASN K 59 11.99 63.95 -7.68
N ARG K 60 11.65 63.39 -6.50
CA ARG K 60 11.23 64.12 -5.33
CA ARG K 60 11.23 64.12 -5.33
C ARG K 60 12.20 63.65 -4.22
N ILE K 61 12.93 64.58 -3.58
CA ILE K 61 13.82 64.23 -2.43
C ILE K 61 13.42 65.06 -1.21
N TYR K 62 13.12 64.38 -0.09
CA TYR K 62 12.53 65.02 1.06
C TYR K 62 13.62 65.43 2.07
N GLN K 63 13.18 66.24 3.04
CA GLN K 63 13.99 66.87 4.06
C GLN K 63 14.87 65.85 4.81
N PHE K 64 16.08 66.28 5.17
CA PHE K 64 16.99 65.59 6.11
C PHE K 64 17.73 64.41 5.46
N SER K 65 17.58 64.30 4.14
CA SER K 65 18.27 63.33 3.35
C SER K 65 19.69 63.84 3.07
N SER K 66 20.65 62.91 3.12
CA SER K 66 22.03 63.18 2.74
C SER K 66 22.34 62.23 1.57
N VAL K 67 22.40 62.77 0.36
CA VAL K 67 22.51 62.01 -0.85
C VAL K 67 23.84 62.36 -1.52
N GLY K 68 24.73 61.37 -1.61
CA GLY K 68 25.99 61.54 -2.32
C GLY K 68 27.17 61.70 -1.37
N GLU K 69 26.96 61.32 -0.12
CA GLU K 69 27.96 61.43 0.92
C GLU K 69 29.00 60.33 0.70
N ASP K 70 30.21 60.49 1.23
CA ASP K 70 31.24 59.43 1.14
C ASP K 70 30.87 58.29 2.08
N THR K 71 31.13 57.02 1.73
CA THR K 71 31.02 56.00 2.79
C THR K 71 32.04 56.26 3.85
N PRO K 72 31.77 55.87 5.11
CA PRO K 72 32.79 55.88 6.15
C PRO K 72 33.69 54.66 6.14
N ASP K 73 33.38 53.65 5.33
CA ASP K 73 34.19 52.43 5.21
C ASP K 73 35.66 52.86 5.09
N LEU K 74 36.55 52.22 5.85
CA LEU K 74 37.96 52.65 5.95
C LEU K 74 38.72 52.20 4.69
N LYS K 75 38.05 51.35 3.90
CA LYS K 75 38.36 50.95 2.51
C LYS K 75 38.50 52.18 1.57
N TYR K 76 37.62 53.18 1.72
CA TYR K 76 37.53 54.37 0.83
C TYR K 76 38.50 55.45 1.33
N LYS K 77 39.36 55.98 0.44
CA LYS K 77 40.44 56.95 0.78
C LYS K 77 40.29 58.27 0.00
N GLY K 78 39.07 58.65 -0.39
CA GLY K 78 38.79 60.01 -0.91
C GLY K 78 38.81 60.12 -2.44
N GLU K 79 38.79 58.98 -3.15
CA GLU K 79 38.81 58.93 -4.64
C GLU K 79 37.50 59.47 -5.20
N PRO K 80 37.46 59.93 -6.48
CA PRO K 80 36.26 60.61 -7.02
C PRO K 80 35.22 59.62 -7.59
N THR K 81 34.45 59.00 -6.71
CA THR K 81 33.49 58.00 -7.09
C THR K 81 32.13 58.66 -7.29
N ARG K 82 31.18 57.93 -7.86
CA ARG K 82 29.98 58.51 -8.41
C ARG K 82 28.73 57.95 -7.72
N LEU K 83 27.64 58.70 -7.83
CA LEU K 83 26.30 58.22 -7.53
C LEU K 83 25.40 58.61 -8.70
N VAL K 84 24.60 57.66 -9.19
CA VAL K 84 23.71 57.92 -10.32
C VAL K 84 22.29 57.51 -9.92
N ILE K 85 21.35 58.45 -10.09
CA ILE K 85 19.96 58.22 -9.82
C ILE K 85 19.18 58.52 -11.11
N GLY K 86 18.24 57.63 -11.43
CA GLY K 86 17.44 57.76 -12.62
C GLY K 86 16.28 58.72 -12.46
N ASP K 87 15.15 58.33 -13.05
CA ASP K 87 13.98 59.17 -13.24
C ASP K 87 12.85 58.69 -12.33
N HIS K 88 11.98 59.62 -11.92
CA HIS K 88 10.68 59.34 -11.25
C HIS K 88 10.85 58.59 -9.93
N ASN K 89 11.92 58.87 -9.19
CA ASN K 89 12.14 58.26 -7.91
C ASN K 89 11.59 59.20 -6.82
N VAL K 90 11.21 58.59 -5.70
CA VAL K 90 10.85 59.31 -4.50
C VAL K 90 11.76 58.85 -3.37
N ILE K 91 12.45 59.81 -2.77
CA ILE K 91 13.33 59.56 -1.66
C ILE K 91 12.80 60.33 -0.46
N ARG K 92 12.32 59.62 0.56
CA ARG K 92 11.63 60.23 1.66
C ARG K 92 12.61 60.74 2.71
N GLU K 93 12.06 61.17 3.84
CA GLU K 93 12.79 61.96 4.80
C GLU K 93 13.91 61.11 5.43
N GLY K 94 15.10 61.70 5.49
CA GLY K 94 16.19 61.16 6.28
C GLY K 94 16.99 60.06 5.61
N VAL K 95 16.78 59.85 4.31
CA VAL K 95 17.46 58.79 3.62
C VAL K 95 18.94 59.15 3.45
N THR K 96 19.81 58.16 3.58
CA THR K 96 21.23 58.30 3.28
C THR K 96 21.60 57.41 2.09
N ILE K 97 22.30 57.99 1.12
CA ILE K 97 22.77 57.29 -0.04
C ILE K 97 24.24 57.66 -0.22
N HIS K 98 25.11 56.65 -0.27
CA HIS K 98 26.53 56.86 -0.38
C HIS K 98 26.99 56.58 -1.81
N ARG K 99 28.05 57.28 -2.22
CA ARG K 99 28.70 57.04 -3.49
C ARG K 99 29.56 55.79 -3.38
N GLY K 100 30.04 55.29 -4.53
CA GLY K 100 30.79 54.04 -4.64
C GLY K 100 32.20 54.12 -4.11
N THR K 101 32.94 53.03 -4.38
CA THR K 101 34.34 52.81 -3.98
C THR K 101 35.11 52.27 -5.19
N VAL K 102 36.41 52.54 -5.25
CA VAL K 102 37.22 52.12 -6.39
C VAL K 102 37.36 50.59 -6.44
N GLN K 103 37.16 49.90 -5.33
CA GLN K 103 37.36 48.46 -5.24
C GLN K 103 36.24 47.71 -5.99
N ASP K 104 35.12 48.36 -6.34
CA ASP K 104 34.05 47.70 -7.14
C ASP K 104 33.90 48.42 -8.48
N ARG K 105 32.83 49.19 -8.68
CA ARG K 105 32.57 49.83 -9.98
C ARG K 105 32.67 51.35 -9.86
N ALA K 106 32.96 51.86 -8.67
CA ALA K 106 33.15 53.27 -8.42
C ALA K 106 31.83 54.02 -8.56
N GLU K 107 30.70 53.32 -8.37
CA GLU K 107 29.42 53.92 -8.66
C GLU K 107 28.32 53.21 -7.87
N THR K 108 27.56 53.98 -7.10
CA THR K 108 26.29 53.57 -6.57
C THR K 108 25.21 53.99 -7.57
N THR K 109 24.28 53.09 -7.90
CA THR K 109 23.38 53.42 -9.00
C THR K 109 21.94 53.03 -8.59
N ILE K 110 21.00 53.90 -8.96
CA ILE K 110 19.58 53.71 -8.74
C ILE K 110 18.84 53.98 -10.05
N GLY K 111 17.91 53.09 -10.39
CA GLY K 111 17.16 53.17 -11.63
C GLY K 111 15.99 54.14 -11.53
N ASP K 112 14.83 53.70 -12.04
CA ASP K 112 13.67 54.55 -12.27
C ASP K 112 12.50 54.06 -11.40
N HIS K 113 11.59 54.98 -11.05
CA HIS K 113 10.29 54.65 -10.42
C HIS K 113 10.48 53.91 -9.09
N ASN K 114 11.51 54.24 -8.32
CA ASN K 114 11.72 53.57 -7.06
C ASN K 114 11.13 54.44 -5.96
N LEU K 115 10.74 53.80 -4.86
CA LEU K 115 10.27 54.48 -3.69
C LEU K 115 11.15 54.07 -2.51
N ILE K 116 11.90 55.03 -1.97
CA ILE K 116 12.78 54.75 -0.88
C ILE K 116 12.29 55.55 0.32
N MET K 117 11.82 54.83 1.34
CA MET K 117 11.04 55.45 2.39
C MET K 117 11.98 55.89 3.51
N ALA K 118 11.40 56.52 4.54
CA ALA K 118 12.15 57.29 5.49
C ALA K 118 13.28 56.48 6.11
N TYR K 119 14.45 57.13 6.26
CA TYR K 119 15.57 56.66 7.09
C TYR K 119 16.21 55.41 6.47
N ALA K 120 15.89 55.07 5.23
CA ALA K 120 16.57 53.97 4.57
C ALA K 120 18.01 54.37 4.29
N HIS K 121 18.89 53.37 4.19
CA HIS K 121 20.29 53.56 3.89
C HIS K 121 20.69 52.73 2.69
N ILE K 122 21.36 53.37 1.73
CA ILE K 122 21.83 52.72 0.55
C ILE K 122 23.35 52.84 0.47
N GLY K 123 24.04 51.75 0.81
CA GLY K 123 25.46 51.74 1.00
C GLY K 123 26.22 51.77 -0.30
N HIS K 124 27.50 52.09 -0.18
CA HIS K 124 28.38 52.23 -1.32
C HIS K 124 28.21 51.04 -2.27
N ASP K 125 28.14 51.37 -3.56
CA ASP K 125 28.29 50.42 -4.64
C ASP K 125 27.03 49.58 -4.83
N SER K 126 25.96 49.91 -4.12
CA SER K 126 24.72 49.20 -4.29
C SER K 126 24.10 49.58 -5.64
N VAL K 127 23.26 48.69 -6.17
CA VAL K 127 22.61 48.90 -7.44
C VAL K 127 21.15 48.55 -7.28
N ILE K 128 20.28 49.52 -7.54
CA ILE K 128 18.87 49.29 -7.50
C ILE K 128 18.30 49.45 -8.90
N GLY K 129 17.35 48.56 -9.22
CA GLY K 129 16.73 48.54 -10.53
C GLY K 129 15.59 49.55 -10.63
N ASN K 130 14.46 49.08 -11.16
CA ASN K 130 13.29 49.92 -11.33
C ASN K 130 12.13 49.34 -10.53
N HIS K 131 11.21 50.23 -10.11
CA HIS K 131 9.93 49.84 -9.53
C HIS K 131 10.11 49.18 -8.16
N CYS K 132 11.25 49.41 -7.51
CA CYS K 132 11.47 48.81 -6.20
C CYS K 132 10.85 49.68 -5.12
N ILE K 133 10.64 49.07 -3.96
CA ILE K 133 10.16 49.74 -2.78
C ILE K 133 11.03 49.32 -1.60
N LEU K 134 11.75 50.28 -1.02
CA LEU K 134 12.48 50.07 0.21
C LEU K 134 11.75 50.81 1.32
N VAL K 135 11.25 50.07 2.29
CA VAL K 135 10.42 50.64 3.28
C VAL K 135 11.31 51.21 4.39
N ASN K 136 10.70 52.06 5.24
CA ASN K 136 11.36 52.73 6.34
C ASN K 136 12.51 51.88 6.90
N ASN K 137 13.71 52.49 6.96
CA ASN K 137 14.86 51.98 7.71
C ASN K 137 15.43 50.69 7.10
N THR K 138 15.10 50.40 5.84
CA THR K 138 15.78 49.36 5.14
C THR K 138 17.22 49.78 4.93
N ALA K 139 18.18 48.85 5.11
CA ALA K 139 19.58 49.20 5.03
C ALA K 139 20.33 48.20 4.15
N LEU K 140 20.96 48.72 3.08
CA LEU K 140 21.82 47.92 2.22
C LEU K 140 23.27 48.22 2.61
N ALA K 141 23.97 47.25 3.18
CA ALA K 141 25.29 47.48 3.75
C ALA K 141 26.31 47.93 2.70
N GLY K 142 26.15 47.47 1.46
CA GLY K 142 27.07 47.81 0.38
C GLY K 142 27.17 46.69 -0.65
N HIS K 143 27.39 47.08 -1.91
CA HIS K 143 27.52 46.16 -3.00
C HIS K 143 26.27 45.28 -3.11
N VAL K 144 25.10 45.82 -2.77
CA VAL K 144 23.88 45.05 -2.82
C VAL K 144 23.19 45.35 -4.15
N HIS K 145 22.76 44.29 -4.85
CA HIS K 145 22.05 44.43 -6.11
C HIS K 145 20.58 44.07 -5.83
N VAL K 146 19.67 45.02 -6.08
CA VAL K 146 18.25 44.79 -5.94
C VAL K 146 17.62 44.91 -7.32
N ASP K 147 17.03 43.81 -7.79
CA ASP K 147 16.48 43.75 -9.12
C ASP K 147 15.02 44.25 -9.11
N ASP K 148 14.44 44.41 -10.30
CA ASP K 148 13.19 45.14 -10.50
C ASP K 148 12.06 44.57 -9.64
N TRP K 149 11.22 45.48 -9.11
CA TRP K 149 9.92 45.18 -8.45
C TRP K 149 10.11 44.55 -7.06
N ALA K 150 11.33 44.55 -6.55
CA ALA K 150 11.51 43.97 -5.25
C ALA K 150 10.86 44.90 -4.21
N ILE K 151 10.44 44.30 -3.10
CA ILE K 151 9.92 45.02 -1.99
C ILE K 151 10.65 44.56 -0.74
N LEU K 152 11.30 45.49 -0.03
CA LEU K 152 11.91 45.19 1.25
C LEU K 152 11.09 45.86 2.34
N SER K 153 10.44 45.05 3.18
CA SER K 153 9.62 45.57 4.25
C SER K 153 10.50 46.34 5.23
N GLY K 154 9.86 47.08 6.13
CA GLY K 154 10.57 47.97 7.02
C GLY K 154 11.63 47.26 7.84
N TYR K 155 12.73 47.97 8.07
CA TYR K 155 13.82 47.54 8.92
C TYR K 155 14.39 46.22 8.40
N THR K 156 14.38 46.04 7.08
CA THR K 156 15.10 44.96 6.47
C THR K 156 16.58 45.34 6.32
N LEU K 157 17.47 44.48 6.81
CA LEU K 157 18.91 44.68 6.72
C LEU K 157 19.50 43.69 5.72
N VAL K 158 20.42 44.15 4.86
CA VAL K 158 21.01 43.29 3.84
C VAL K 158 22.53 43.38 3.92
N HIS K 159 23.19 42.24 4.11
CA HIS K 159 24.63 42.17 4.20
C HIS K 159 25.27 42.52 2.85
N GLN K 160 26.54 42.89 2.92
CA GLN K 160 27.35 43.21 1.78
C GLN K 160 27.25 42.07 0.77
N TYR K 161 27.10 42.43 -0.51
CA TYR K 161 27.26 41.55 -1.67
C TYR K 161 25.99 40.75 -1.99
N CYS K 162 24.94 40.85 -1.20
CA CYS K 162 23.75 40.04 -1.48
C CYS K 162 22.99 40.55 -2.70
N ARG K 163 22.37 39.61 -3.41
CA ARG K 163 21.54 39.90 -4.55
C ARG K 163 20.08 39.65 -4.13
N ILE K 164 19.22 40.66 -4.27
CA ILE K 164 17.82 40.55 -4.01
C ILE K 164 17.10 40.42 -5.36
N GLY K 165 16.41 39.30 -5.56
CA GLY K 165 15.86 38.94 -6.86
C GLY K 165 14.64 39.76 -7.25
N ALA K 166 14.35 39.77 -8.55
CA ALA K 166 13.17 40.47 -9.06
C ALA K 166 11.90 39.94 -8.38
N HIS K 167 11.01 40.85 -8.01
CA HIS K 167 9.69 40.55 -7.43
C HIS K 167 9.79 39.88 -6.08
N SER K 168 10.98 39.84 -5.50
CA SER K 168 11.14 39.18 -4.24
C SER K 168 10.62 40.11 -3.14
N PHE K 169 10.46 39.58 -1.94
CA PHE K 169 9.79 40.28 -0.87
C PHE K 169 10.40 39.84 0.47
N SER K 170 10.79 40.81 1.28
CA SER K 170 11.27 40.54 2.60
C SER K 170 10.24 41.04 3.62
N GLY K 171 10.03 40.27 4.67
CA GLY K 171 9.16 40.65 5.77
C GLY K 171 9.86 41.63 6.68
N MET K 172 9.11 42.19 7.63
CA MET K 172 9.71 43.27 8.34
C MET K 172 10.68 42.75 9.39
N GLY K 173 11.78 43.48 9.56
CA GLY K 173 12.85 43.10 10.44
C GLY K 173 13.66 41.94 9.92
N SER K 174 13.59 41.68 8.62
CA SER K 174 14.40 40.65 8.00
C SER K 174 15.89 41.02 8.05
N ALA K 175 16.72 40.02 8.27
CA ALA K 175 18.17 40.16 8.23
C ALA K 175 18.71 39.17 7.19
N ILE K 176 19.03 39.69 6.01
CA ILE K 176 19.35 38.89 4.85
C ILE K 176 20.86 38.80 4.69
N GLY K 177 21.38 37.57 4.65
CA GLY K 177 22.80 37.28 4.59
C GLY K 177 23.19 36.49 3.34
N LYS K 178 22.23 36.02 2.54
CA LYS K 178 22.52 35.30 1.33
C LYS K 178 21.57 35.79 0.26
N ASP K 179 21.74 35.36 -1.00
CA ASP K 179 20.90 35.88 -2.08
C ASP K 179 19.43 35.50 -1.83
N VAL K 180 18.53 36.35 -2.28
CA VAL K 180 17.16 36.03 -2.27
C VAL K 180 16.77 35.77 -3.72
N PRO K 181 16.35 34.55 -4.06
CA PRO K 181 15.97 34.27 -5.43
C PRO K 181 14.76 35.12 -5.81
N ALA K 182 14.58 35.31 -7.12
CA ALA K 182 13.44 36.03 -7.62
C ALA K 182 12.15 35.42 -7.08
N TYR K 183 11.17 36.29 -6.83
CA TYR K 183 9.83 35.95 -6.41
C TYR K 183 9.75 35.45 -4.96
N VAL K 184 10.87 35.15 -4.30
CA VAL K 184 10.79 34.45 -3.03
C VAL K 184 10.44 35.45 -1.91
N THR K 185 9.69 34.99 -0.92
CA THR K 185 9.44 35.77 0.29
C THR K 185 10.32 35.23 1.42
N VAL K 186 10.95 36.13 2.18
CA VAL K 186 11.83 35.75 3.27
C VAL K 186 11.45 36.54 4.54
N PHE K 187 11.71 35.94 5.69
CA PHE K 187 11.31 36.48 6.98
C PHE K 187 12.34 36.13 8.05
N GLY K 188 12.56 37.05 8.98
CA GLY K 188 13.24 36.77 10.23
C GLY K 188 14.72 37.12 10.19
N ASN K 189 15.38 36.89 11.33
CA ASN K 189 16.77 37.17 11.55
C ASN K 189 17.39 35.97 12.23
N PRO K 190 18.08 35.11 11.46
CA PRO K 190 18.38 35.28 10.05
C PRO K 190 17.21 34.92 9.11
N ALA K 191 17.19 35.54 7.95
CA ALA K 191 16.08 35.40 7.02
C ALA K 191 15.97 33.97 6.53
N GLU K 192 14.73 33.49 6.41
CA GLU K 192 14.37 32.17 5.90
C GLU K 192 13.34 32.35 4.79
N ALA K 193 13.43 31.49 3.76
CA ALA K 193 12.47 31.46 2.67
C ALA K 193 11.19 30.83 3.20
N ARG K 194 10.05 31.37 2.80
CA ARG K 194 8.78 30.90 3.27
C ARG K 194 7.90 30.49 2.09
N SER K 195 7.78 31.35 1.08
CA SER K 195 6.90 31.12 -0.03
C SER K 195 7.34 31.98 -1.22
N MET K 196 6.40 32.29 -2.11
CA MET K 196 6.64 33.18 -3.22
C MET K 196 5.65 34.33 -3.16
N ASN K 197 6.03 35.42 -3.82
CA ASN K 197 5.31 36.66 -3.76
C ASN K 197 4.20 36.62 -4.79
N PHE K 198 3.13 35.87 -4.50
CA PHE K 198 2.05 35.69 -5.41
C PHE K 198 1.29 37.00 -5.60
N GLU K 199 1.18 37.79 -4.52
CA GLU K 199 0.53 39.10 -4.60
C GLU K 199 1.19 39.92 -5.73
N GLY K 200 2.53 39.90 -5.77
CA GLY K 200 3.30 40.61 -6.76
C GLY K 200 3.03 40.14 -8.17
N MET K 201 2.88 38.82 -8.33
CA MET K 201 2.63 38.21 -9.64
C MET K 201 1.23 38.61 -10.13
N ARG K 202 0.29 38.75 -9.18
CA ARG K 202 -1.07 39.11 -9.50
C ARG K 202 -1.08 40.51 -10.13
N ARG K 203 -0.40 41.46 -9.47
CA ARG K 203 -0.32 42.84 -9.87
C ARG K 203 0.36 42.99 -11.24
N ARG K 204 1.37 42.16 -11.56
CA ARG K 204 1.99 42.25 -12.85
C ARG K 204 1.18 41.48 -13.92
N GLY K 205 0.07 40.88 -13.53
CA GLY K 205 -0.81 40.18 -14.46
C GLY K 205 -0.18 38.93 -15.05
N PHE K 206 0.60 38.18 -14.28
CA PHE K 206 1.14 36.91 -14.74
C PHE K 206 0.01 35.95 -15.07
N SER K 207 0.26 35.08 -16.05
CA SER K 207 -0.70 34.07 -16.40
C SER K 207 -0.88 33.12 -15.21
N SER K 208 -2.02 32.43 -15.18
CA SER K 208 -2.29 31.52 -14.10
C SER K 208 -1.38 30.27 -14.23
N GLU K 209 -1.00 29.91 -15.45
CA GLU K 209 -0.12 28.75 -15.71
C GLU K 209 1.29 29.04 -15.18
N ALA K 210 1.70 30.31 -15.27
CA ALA K 210 3.03 30.72 -14.86
C ALA K 210 3.12 30.77 -13.34
N ILE K 211 2.03 31.21 -12.68
CA ILE K 211 2.00 31.26 -11.25
C ILE K 211 2.13 29.84 -10.68
N HIS K 212 1.38 28.91 -11.27
CA HIS K 212 1.43 27.52 -10.85
C HIS K 212 2.84 26.97 -11.05
N ALA K 213 3.50 27.35 -12.16
CA ALA K 213 4.81 26.81 -12.48
C ALA K 213 5.83 27.30 -11.46
N LEU K 214 5.62 28.52 -10.99
CA LEU K 214 6.51 29.12 -10.06
C LEU K 214 6.32 28.51 -8.67
N ARG K 215 5.09 28.09 -8.33
CA ARG K 215 4.90 27.42 -7.08
C ARG K 215 5.61 26.07 -7.10
N ARG K 216 5.53 25.34 -8.22
CA ARG K 216 6.18 24.06 -8.32
C ARG K 216 7.68 24.26 -8.24
N ALA K 217 8.16 25.37 -8.80
CA ALA K 217 9.58 25.66 -8.81
C ALA K 217 10.07 25.90 -7.38
N TYR K 218 9.26 26.60 -6.58
CA TYR K 218 9.59 26.83 -5.21
C TYR K 218 9.77 25.48 -4.50
N LYS K 219 8.81 24.59 -4.71
CA LYS K 219 8.81 23.30 -4.05
C LYS K 219 10.03 22.46 -4.45
N VAL K 220 10.50 22.58 -5.68
CA VAL K 220 11.64 21.80 -6.16
C VAL K 220 12.91 22.22 -5.39
N VAL K 221 13.07 23.53 -5.23
CA VAL K 221 14.25 24.11 -4.64
C VAL K 221 14.27 23.92 -3.12
N TYR K 222 13.09 24.02 -2.49
CA TYR K 222 13.01 24.24 -1.03
C TYR K 222 12.34 23.08 -0.29
N ARG K 223 11.43 22.31 -0.89
CA ARG K 223 10.55 21.42 -0.11
C ARG K 223 10.70 19.98 -0.53
N GLN K 224 11.80 19.58 -1.20
CA GLN K 224 11.85 18.20 -1.74
C GLN K 224 13.20 17.55 -1.49
N GLY K 225 13.98 18.07 -0.55
CA GLY K 225 15.27 17.52 -0.20
C GLY K 225 16.31 17.58 -1.32
N HIS K 226 16.12 18.43 -2.34
CA HIS K 226 17.12 18.48 -3.42
C HIS K 226 18.31 19.32 -2.95
N THR K 227 19.52 18.97 -3.39
CA THR K 227 20.66 19.89 -3.30
C THR K 227 20.40 20.99 -4.34
N VAL K 228 21.15 22.08 -4.27
CA VAL K 228 20.89 23.17 -5.18
C VAL K 228 21.18 22.74 -6.62
N GLU K 229 22.22 21.91 -6.81
CA GLU K 229 22.58 21.37 -8.13
C GLU K 229 21.44 20.53 -8.70
N GLU K 230 20.87 19.65 -7.88
CA GLU K 230 19.79 18.75 -8.31
C GLU K 230 18.54 19.57 -8.67
N ALA K 231 18.31 20.67 -7.94
CA ALA K 231 17.14 21.51 -8.16
C ALA K 231 17.27 22.23 -9.51
N LEU K 232 18.44 22.79 -9.78
CA LEU K 232 18.70 23.47 -11.03
C LEU K 232 18.44 22.56 -12.23
N ALA K 233 18.82 21.28 -12.09
CA ALA K 233 18.65 20.30 -13.14
C ALA K 233 17.15 20.03 -13.35
N GLU K 234 16.41 19.94 -12.26
CA GLU K 234 15.00 19.66 -12.31
C GLU K 234 14.22 20.86 -12.90
N LEU K 235 14.66 22.07 -12.59
CA LEU K 235 14.05 23.29 -13.09
C LEU K 235 14.28 23.50 -14.60
N ALA K 236 15.22 22.80 -15.21
CA ALA K 236 15.58 23.07 -16.61
C ALA K 236 14.35 23.02 -17.53
N GLU K 237 13.50 22.00 -17.37
CA GLU K 237 12.30 21.81 -18.20
C GLU K 237 11.39 23.03 -18.07
N SER K 238 11.06 23.34 -16.82
CA SER K 238 10.07 24.34 -16.45
C SER K 238 10.56 25.76 -16.87
N ALA K 239 11.88 25.98 -16.89
CA ALA K 239 12.47 27.26 -17.25
C ALA K 239 12.45 27.49 -18.75
N ALA K 240 12.41 26.41 -19.53
CA ALA K 240 12.31 26.54 -20.95
C ALA K 240 10.86 26.79 -21.37
N GLN K 241 9.92 26.38 -20.52
CA GLN K 241 8.51 26.48 -20.80
C GLN K 241 8.00 27.89 -20.45
N PHE K 242 8.59 28.52 -19.44
CA PHE K 242 8.06 29.79 -18.90
C PHE K 242 9.19 30.80 -18.68
N PRO K 243 9.18 31.95 -19.39
CA PRO K 243 10.14 33.03 -19.12
C PRO K 243 10.25 33.41 -17.65
N GLU K 244 9.14 33.32 -16.92
CA GLU K 244 9.01 33.72 -15.53
C GLU K 244 9.80 32.77 -14.64
N VAL K 245 9.77 31.48 -14.95
CA VAL K 245 10.52 30.48 -14.19
C VAL K 245 12.00 30.61 -14.51
N ALA K 246 12.33 30.97 -15.75
CA ALA K 246 13.75 31.15 -16.13
C ALA K 246 14.38 32.24 -15.27
N VAL K 247 13.65 33.31 -14.98
CA VAL K 247 14.13 34.38 -14.10
C VAL K 247 14.51 33.80 -12.73
N PHE K 248 13.65 32.91 -12.22
CA PHE K 248 13.85 32.26 -10.92
C PHE K 248 15.07 31.34 -10.99
N ARG K 249 15.16 30.48 -12.02
CA ARG K 249 16.30 29.57 -12.15
C ARG K 249 17.57 30.42 -12.25
N ASP K 250 17.56 31.49 -13.05
CA ASP K 250 18.77 32.27 -13.32
C ASP K 250 19.25 32.93 -12.02
N SER K 251 18.32 33.34 -11.14
CA SER K 251 18.72 33.96 -9.88
C SER K 251 19.41 32.96 -8.95
N ILE K 252 19.00 31.69 -8.99
CA ILE K 252 19.61 30.65 -8.18
C ILE K 252 20.96 30.23 -8.79
N GLN K 253 20.98 30.05 -10.11
CA GLN K 253 22.17 29.71 -10.86
C GLN K 253 23.33 30.61 -10.42
N SER K 254 23.08 31.92 -10.45
CA SER K 254 24.14 32.93 -10.34
C SER K 254 24.43 33.27 -8.88
N ALA K 255 24.12 32.35 -7.98
CA ALA K 255 24.24 32.58 -6.58
C ALA K 255 25.17 31.52 -5.99
N THR K 256 25.55 30.50 -6.80
CA THR K 256 25.81 29.19 -6.22
C THR K 256 26.94 28.45 -6.92
N ARG K 257 28.16 28.98 -6.87
CA ARG K 257 29.22 28.25 -7.57
C ARG K 257 29.56 26.93 -6.86
N GLY K 258 29.86 26.95 -5.55
CA GLY K 258 30.29 25.75 -4.79
C GLY K 258 31.78 25.50 -4.98
N ILE K 259 32.28 24.39 -4.43
CA ILE K 259 33.70 24.08 -4.51
C ILE K 259 33.91 22.63 -4.99
N THR K 260 35.01 22.43 -5.70
CA THR K 260 35.38 21.15 -6.14
C THR K 260 35.50 20.26 -4.89
N ARG K 261 34.73 19.17 -4.88
CA ARG K 261 34.72 18.16 -3.81
C ARG K 261 35.32 16.83 -4.27
N MET L 4 14.59 87.96 22.77
CA MET L 4 14.17 88.04 21.35
C MET L 4 12.63 88.13 21.28
N SER L 5 12.02 87.57 20.23
CA SER L 5 10.59 87.26 20.13
C SER L 5 10.42 85.74 20.29
N LEU L 6 9.19 85.24 20.39
CA LEU L 6 8.95 83.82 20.67
C LEU L 6 9.01 82.99 19.40
N ILE L 7 8.87 83.65 18.25
CA ILE L 7 8.96 83.02 16.97
C ILE L 7 10.23 83.52 16.31
N ASP L 8 11.17 82.61 16.05
CA ASP L 8 12.45 83.00 15.53
C ASP L 8 12.20 83.67 14.19
N PRO L 9 12.90 84.79 13.90
CA PRO L 9 12.79 85.41 12.58
C PRO L 9 13.30 84.50 11.44
N ARG L 10 14.12 83.49 11.76
CA ARG L 10 14.61 82.59 10.71
C ARG L 10 13.60 81.48 10.39
N ALA L 11 12.48 81.39 11.12
CA ALA L 11 11.43 80.39 10.85
C ALA L 11 10.52 80.89 9.74
N ILE L 12 9.76 79.98 9.13
CA ILE L 12 8.78 80.30 8.10
C ILE L 12 7.39 79.90 8.62
N ILE L 13 6.48 80.87 8.68
CA ILE L 13 5.14 80.63 9.13
C ILE L 13 4.18 80.95 7.99
N ASP L 14 3.41 79.96 7.57
CA ASP L 14 2.46 80.19 6.51
C ASP L 14 1.40 81.20 6.99
N PRO L 15 0.97 82.13 6.11
CA PRO L 15 -0.15 83.02 6.42
C PRO L 15 -1.39 82.35 7.03
N SER L 16 -1.70 81.12 6.60
CA SER L 16 -2.93 80.40 6.98
C SER L 16 -2.72 79.51 8.23
N ALA L 17 -1.52 79.54 8.84
CA ALA L 17 -1.29 78.87 10.12
C ALA L 17 -1.90 79.71 11.24
N ARG L 18 -2.29 79.04 12.33
CA ARG L 18 -2.94 79.68 13.46
C ARG L 18 -2.21 79.22 14.73
N LEU L 19 -1.43 80.12 15.33
CA LEU L 19 -0.64 79.87 16.53
C LEU L 19 -1.23 80.64 17.72
N ALA L 20 -1.42 79.97 18.85
CA ALA L 20 -1.80 80.65 20.07
C ALA L 20 -0.69 81.64 20.45
N ALA L 21 -1.04 82.56 21.37
CA ALA L 21 -0.24 83.75 21.69
C ALA L 21 1.20 83.39 22.09
N ASP L 22 1.41 82.33 22.89
CA ASP L 22 2.71 82.10 23.57
C ASP L 22 3.42 80.86 23.02
N VAL L 23 3.12 80.50 21.76
CA VAL L 23 3.82 79.42 21.11
C VAL L 23 5.24 79.89 20.79
N GLN L 24 6.20 78.98 20.92
CA GLN L 24 7.59 79.24 20.54
C GLN L 24 7.97 78.39 19.33
N VAL L 25 8.69 78.99 18.38
CA VAL L 25 9.15 78.27 17.21
C VAL L 25 10.63 78.62 17.00
N GLY L 26 11.45 77.58 16.91
CA GLY L 26 12.87 77.72 16.77
C GLY L 26 13.26 78.14 15.34
N PRO L 27 14.55 78.49 15.14
CA PRO L 27 15.04 78.88 13.83
C PRO L 27 14.96 77.74 12.80
N TRP L 28 14.70 78.10 11.54
CA TRP L 28 14.72 77.19 10.40
C TRP L 28 13.64 76.10 10.51
N SER L 29 12.54 76.42 11.18
CA SER L 29 11.41 75.56 11.23
C SER L 29 10.36 76.08 10.26
N ILE L 30 9.56 75.17 9.72
CA ILE L 30 8.47 75.52 8.82
C ILE L 30 7.16 75.14 9.49
N VAL L 31 6.26 76.11 9.64
CA VAL L 31 4.92 75.84 10.03
C VAL L 31 4.03 76.07 8.81
N GLY L 32 3.67 74.97 8.14
CA GLY L 32 3.00 75.00 6.84
C GLY L 32 1.55 75.46 6.95
N ALA L 33 0.92 75.57 5.77
CA ALA L 33 -0.48 75.93 5.66
C ALA L 33 -1.34 75.01 6.52
N GLU L 34 -2.34 75.59 7.18
CA GLU L 34 -3.41 74.87 7.87
C GLU L 34 -2.90 74.09 9.09
N VAL L 35 -1.84 74.59 9.71
CA VAL L 35 -1.38 74.05 10.94
C VAL L 35 -1.86 74.95 12.07
N GLU L 36 -2.37 74.32 13.12
CA GLU L 36 -2.91 75.02 14.25
C GLU L 36 -2.14 74.53 15.49
N ILE L 37 -1.63 75.45 16.32
CA ILE L 37 -0.79 75.09 17.45
C ILE L 37 -1.32 75.77 18.72
N GLY L 38 -1.53 74.96 19.76
CA GLY L 38 -2.16 75.40 21.00
C GLY L 38 -1.19 76.03 21.98
N GLU L 39 -1.78 76.77 22.93
CA GLU L 39 -1.14 77.44 24.05
C GLU L 39 0.03 76.63 24.62
N GLY L 40 1.21 77.26 24.71
CA GLY L 40 2.35 76.79 25.51
C GLY L 40 3.20 75.74 24.81
N THR L 41 2.88 75.43 23.56
CA THR L 41 3.63 74.45 22.79
C THR L 41 4.94 75.10 22.32
N VAL L 42 5.98 74.26 22.21
CA VAL L 42 7.31 74.68 21.80
C VAL L 42 7.78 73.82 20.63
N ILE L 43 8.04 74.47 19.50
CA ILE L 43 8.61 73.85 18.34
C ILE L 43 10.09 74.18 18.35
N GLY L 44 10.92 73.14 18.25
CA GLY L 44 12.35 73.28 18.21
C GLY L 44 12.83 73.87 16.88
N PRO L 45 14.14 73.92 16.66
CA PRO L 45 14.70 74.31 15.37
C PRO L 45 14.59 73.15 14.38
N HIS L 46 14.68 73.42 13.07
CA HIS L 46 14.73 72.38 12.05
C HIS L 46 13.52 71.43 12.15
N VAL L 47 12.32 71.97 12.35
CA VAL L 47 11.14 71.15 12.37
C VAL L 47 10.31 71.49 11.15
N VAL L 48 9.65 70.48 10.59
CA VAL L 48 8.75 70.69 9.49
C VAL L 48 7.34 70.26 9.93
N LEU L 49 6.42 71.21 10.01
CA LEU L 49 5.02 70.91 10.23
C LEU L 49 4.25 71.10 8.92
N LYS L 50 3.34 70.18 8.63
CA LYS L 50 2.51 70.26 7.46
C LYS L 50 1.07 69.93 7.88
N GLY L 51 0.09 70.42 7.10
CA GLY L 51 -1.32 70.37 7.49
C GLY L 51 -2.18 69.63 6.46
N PRO L 52 -3.47 69.43 6.78
CA PRO L 52 -4.18 69.98 7.93
C PRO L 52 -3.88 69.28 9.26
N THR L 53 -3.34 70.04 10.22
CA THR L 53 -2.83 69.47 11.45
C THR L 53 -3.26 70.35 12.62
N LYS L 54 -3.70 69.73 13.70
CA LYS L 54 -4.09 70.41 14.91
C LYS L 54 -3.23 69.88 16.05
N ILE L 55 -2.45 70.76 16.67
CA ILE L 55 -1.60 70.41 17.79
C ILE L 55 -2.11 71.14 19.02
N GLY L 56 -2.28 70.41 20.13
CA GLY L 56 -2.84 70.94 21.34
C GLY L 56 -1.84 71.75 22.15
N LYS L 57 -2.00 71.71 23.47
CA LYS L 57 -1.36 72.63 24.40
C LYS L 57 -0.18 71.92 25.06
N HIS L 58 0.88 72.71 25.32
CA HIS L 58 2.02 72.30 26.13
C HIS L 58 2.75 71.08 25.52
N ASN L 59 2.84 71.03 24.19
CA ASN L 59 3.64 70.01 23.52
C ASN L 59 5.08 70.55 23.38
N ARG L 60 6.01 69.61 23.23
CA ARG L 60 7.42 69.88 22.94
CA ARG L 60 7.42 69.88 22.94
C ARG L 60 7.69 69.03 21.68
N ILE L 61 8.15 69.65 20.59
CA ILE L 61 8.57 68.90 19.36
C ILE L 61 10.02 69.24 19.01
N TYR L 62 10.87 68.23 18.90
CA TYR L 62 12.31 68.43 18.77
C TYR L 62 12.75 68.44 17.30
N GLN L 63 14.00 68.86 17.10
CA GLN L 63 14.63 69.05 15.80
C GLN L 63 14.50 67.82 14.90
N PHE L 64 14.34 68.06 13.60
CA PHE L 64 14.46 67.07 12.51
C PHE L 64 13.21 66.18 12.40
N SER L 65 12.17 66.55 13.14
CA SER L 65 10.88 65.93 13.06
C SER L 65 10.13 66.47 11.85
N SER L 66 9.41 65.57 11.17
CA SER L 66 8.50 65.92 10.10
C SER L 66 7.12 65.44 10.54
N VAL L 67 6.26 66.38 10.92
CA VAL L 67 4.99 66.11 11.52
C VAL L 67 3.88 66.63 10.61
N GLY L 68 3.08 65.72 10.06
CA GLY L 68 1.93 66.10 9.25
C GLY L 68 2.19 65.88 7.76
N GLU L 69 3.20 65.09 7.45
CA GLU L 69 3.60 64.82 6.10
C GLU L 69 2.58 63.83 5.48
N ASP L 70 2.48 63.78 4.15
CA ASP L 70 1.59 62.81 3.51
C ASP L 70 2.18 61.41 3.62
N THR L 71 1.38 60.35 3.79
CA THR L 71 2.00 59.03 3.61
C THR L 71 2.46 58.86 2.19
N PRO L 72 3.50 58.05 1.94
CA PRO L 72 3.87 57.69 0.59
C PRO L 72 3.07 56.50 0.03
N ASP L 73 2.24 55.86 0.87
CA ASP L 73 1.37 54.75 0.44
C ASP L 73 0.70 55.16 -0.87
N LEU L 74 0.70 54.27 -1.87
CA LEU L 74 0.24 54.61 -3.22
C LEU L 74 -1.30 54.62 -3.24
N LYS L 75 -1.88 54.12 -2.16
CA LYS L 75 -3.29 54.24 -1.73
C LYS L 75 -3.75 55.72 -1.67
N TYR L 76 -2.91 56.63 -1.17
CA TYR L 76 -3.24 58.04 -0.91
C TYR L 76 -2.98 58.87 -2.18
N LYS L 77 -3.98 59.66 -2.62
CA LYS L 77 -3.93 60.43 -3.89
C LYS L 77 -4.08 61.94 -3.68
N GLY L 78 -3.70 62.47 -2.51
CA GLY L 78 -3.58 63.93 -2.29
C GLY L 78 -4.82 64.57 -1.64
N GLU L 79 -5.74 63.77 -1.09
CA GLU L 79 -6.99 64.26 -0.45
C GLU L 79 -6.64 64.98 0.86
N PRO L 80 -7.53 65.86 1.40
CA PRO L 80 -7.18 66.70 2.55
C PRO L 80 -7.46 66.00 3.90
N THR L 81 -6.54 65.11 4.30
CA THR L 81 -6.69 64.32 5.50
C THR L 81 -6.00 65.04 6.65
N ARG L 82 -6.23 64.57 7.88
CA ARG L 82 -5.91 65.33 9.08
C ARG L 82 -4.90 64.59 9.95
N LEU L 83 -4.22 65.35 10.81
CA LEU L 83 -3.48 64.84 11.94
C LEU L 83 -3.90 65.63 13.17
N VAL L 84 -4.20 64.95 14.28
CA VAL L 84 -4.61 65.60 15.51
C VAL L 84 -3.72 65.12 16.64
N ILE L 85 -3.13 66.07 17.36
CA ILE L 85 -2.29 65.79 18.52
C ILE L 85 -2.87 66.54 19.71
N GLY L 86 -2.95 65.85 20.85
CA GLY L 86 -3.51 66.40 22.06
C GLY L 86 -2.52 67.28 22.81
N ASP L 87 -2.57 67.15 24.15
CA ASP L 87 -1.90 68.02 25.08
C ASP L 87 -0.74 67.27 25.75
N HIS L 88 0.30 68.02 26.15
CA HIS L 88 1.39 67.54 27.03
C HIS L 88 2.17 66.36 26.43
N ASN L 89 2.33 66.35 25.11
CA ASN L 89 3.10 65.31 24.47
C ASN L 89 4.53 65.81 24.27
N VAL L 90 5.46 64.85 24.20
CA VAL L 90 6.83 65.11 23.87
C VAL L 90 7.19 64.26 22.66
N ILE L 91 7.64 64.93 21.60
CA ILE L 91 8.04 64.28 20.37
C ILE L 91 9.52 64.59 20.14
N ARG L 92 10.36 63.56 20.25
CA ARG L 92 11.79 63.76 20.23
C ARG L 92 12.33 63.86 18.80
N GLU L 93 13.65 63.86 18.70
CA GLU L 93 14.32 64.25 17.48
C GLU L 93 14.04 63.21 16.39
N GLY L 94 13.68 63.70 15.21
CA GLY L 94 13.65 62.90 14.00
C GLY L 94 12.36 62.09 13.82
N VAL L 95 11.34 62.36 14.63
CA VAL L 95 10.13 61.61 14.55
C VAL L 95 9.39 61.98 13.27
N THR L 96 8.75 60.98 12.64
CA THR L 96 7.87 61.20 11.50
C THR L 96 6.44 60.79 11.90
N ILE L 97 5.48 61.66 11.60
CA ILE L 97 4.08 61.39 11.84
C ILE L 97 3.33 61.77 10.56
N HIS L 98 2.58 60.82 10.02
CA HIS L 98 1.86 61.02 8.79
C HIS L 98 0.37 61.26 9.08
N ARG L 99 -0.26 62.05 8.21
CA ARG L 99 -1.70 62.26 8.27
C ARG L 99 -2.40 61.02 7.70
N GLY L 100 -3.72 60.97 7.88
CA GLY L 100 -4.56 59.81 7.52
C GLY L 100 -4.78 59.67 6.03
N THR L 101 -5.69 58.73 5.72
CA THR L 101 -6.10 58.36 4.35
C THR L 101 -7.62 58.26 4.32
N VAL L 102 -8.21 58.52 3.15
CA VAL L 102 -9.66 58.51 3.01
C VAL L 102 -10.25 57.12 3.21
N GLN L 103 -9.45 56.06 3.02
CA GLN L 103 -9.91 54.69 3.08
C GLN L 103 -10.20 54.28 4.53
N ASP L 104 -9.77 55.03 5.55
CA ASP L 104 -10.10 54.70 6.96
C ASP L 104 -10.92 55.86 7.56
N ARG L 105 -10.33 56.68 8.45
CA ARG L 105 -11.08 57.73 9.12
C ARG L 105 -10.57 59.12 8.72
N ALA L 106 -9.58 59.16 7.83
CA ALA L 106 -9.04 60.39 7.29
C ALA L 106 -8.28 61.16 8.37
N GLU L 107 -7.79 60.46 9.40
CA GLU L 107 -7.22 61.15 10.54
C GLU L 107 -6.26 60.23 11.28
N THR L 108 -5.02 60.70 11.46
CA THR L 108 -4.09 60.14 12.41
C THR L 108 -4.26 60.92 13.72
N THR L 109 -4.36 60.23 14.85
CA THR L 109 -4.73 60.94 16.07
C THR L 109 -3.81 60.47 17.22
N ILE L 110 -3.40 61.44 18.05
CA ILE L 110 -2.59 61.21 19.22
C ILE L 110 -3.22 61.94 20.40
N GLY L 111 -3.31 61.24 21.54
CA GLY L 111 -3.94 61.77 22.74
C GLY L 111 -2.99 62.68 23.52
N ASP L 112 -2.99 62.47 24.85
CA ASP L 112 -2.34 63.37 25.79
C ASP L 112 -1.22 62.62 26.52
N HIS L 113 -0.21 63.37 27.00
CA HIS L 113 0.85 62.86 27.91
C HIS L 113 1.62 61.69 27.29
N ASN L 114 1.84 61.71 25.97
CA ASN L 114 2.58 60.63 25.35
C ASN L 114 4.03 61.07 25.21
N LEU L 115 4.93 60.07 25.19
CA LEU L 115 6.32 60.31 24.94
C LEU L 115 6.74 59.50 23.73
N ILE L 116 7.11 60.18 22.64
CA ILE L 116 7.49 59.52 21.44
C ILE L 116 8.95 59.85 21.18
N MET L 117 9.80 58.83 21.27
CA MET L 117 11.23 59.07 21.35
C MET L 117 11.82 59.07 19.93
N ALA L 118 13.13 59.29 19.87
CA ALA L 118 13.80 59.66 18.64
C ALA L 118 13.51 58.66 17.52
N TYR L 119 13.26 59.19 16.33
CA TYR L 119 13.26 58.42 15.07
C TYR L 119 12.06 57.45 15.01
N ALA L 120 11.09 57.59 15.93
CA ALA L 120 9.89 56.79 15.84
C ALA L 120 9.08 57.23 14.62
N HIS L 121 8.26 56.32 14.11
CA HIS L 121 7.41 56.57 12.97
C HIS L 121 5.96 56.23 13.32
N ILE L 122 5.04 57.14 13.03
CA ILE L 122 3.64 56.94 13.28
C ILE L 122 2.88 57.05 11.97
N GLY L 123 2.50 55.89 11.43
CA GLY L 123 1.96 55.78 10.10
C GLY L 123 0.53 56.25 10.02
N HIS L 124 0.10 56.49 8.77
CA HIS L 124 -1.21 56.99 8.49
C HIS L 124 -2.26 56.24 9.29
N ASP L 125 -3.20 57.00 9.87
CA ASP L 125 -4.44 56.49 10.40
C ASP L 125 -4.24 55.79 11.74
N SER L 126 -3.04 55.87 12.30
CA SER L 126 -2.78 55.30 13.60
C SER L 126 -3.48 56.15 14.66
N VAL L 127 -3.77 55.52 15.81
CA VAL L 127 -4.44 56.19 16.90
C VAL L 127 -3.70 55.83 18.19
N ILE L 128 -3.21 56.85 18.87
CA ILE L 128 -2.56 56.65 20.13
C ILE L 128 -3.40 57.31 21.22
N GLY L 129 -3.48 56.62 22.36
CA GLY L 129 -4.24 57.08 23.48
C GLY L 129 -3.44 58.06 24.34
N ASN L 130 -3.47 57.84 25.66
CA ASN L 130 -2.79 58.71 26.59
C ASN L 130 -1.74 57.90 27.38
N HIS L 131 -0.69 58.59 27.82
CA HIS L 131 0.29 58.06 28.75
C HIS L 131 1.14 56.94 28.11
N CYS L 132 1.18 56.91 26.78
CA CYS L 132 1.97 55.88 26.12
C CYS L 132 3.41 56.32 26.00
N ILE L 133 4.29 55.34 25.79
CA ILE L 133 5.69 55.57 25.55
C ILE L 133 6.12 54.74 24.35
N LEU L 134 6.54 55.41 23.28
CA LEU L 134 7.12 54.77 22.13
C LEU L 134 8.61 55.08 22.13
N VAL L 135 9.43 54.07 22.28
CA VAL L 135 10.82 54.28 22.44
C VAL L 135 11.47 54.38 21.06
N ASN L 136 12.72 54.88 21.04
CA ASN L 136 13.51 55.11 19.84
C ASN L 136 13.15 54.10 18.75
N ASN L 137 12.81 54.61 17.56
CA ASN L 137 12.70 53.84 16.32
C ASN L 137 11.54 52.85 16.35
N THR L 138 10.58 53.03 17.24
CA THR L 138 9.35 52.31 17.17
C THR L 138 8.60 52.75 15.92
N ALA L 139 8.01 51.80 15.19
CA ALA L 139 7.36 52.11 13.93
C ALA L 139 5.98 51.48 13.85
N LEU L 140 4.95 52.32 13.68
CA LEU L 140 3.58 51.88 13.46
C LEU L 140 3.28 51.98 11.97
N ALA L 141 3.13 50.84 11.30
CA ALA L 141 3.02 50.83 9.83
C ALA L 141 1.79 51.60 9.31
N GLY L 142 0.72 51.61 10.10
CA GLY L 142 -0.52 52.28 9.73
C GLY L 142 -1.75 51.61 10.31
N HIS L 143 -2.76 52.41 10.60
CA HIS L 143 -4.01 51.93 11.15
C HIS L 143 -3.75 51.17 12.47
N VAL L 144 -2.74 51.60 13.23
CA VAL L 144 -2.43 50.94 14.46
C VAL L 144 -3.10 51.69 15.60
N HIS L 145 -3.78 50.96 16.50
CA HIS L 145 -4.41 51.54 17.67
C HIS L 145 -3.58 51.14 18.89
N VAL L 146 -3.06 52.14 19.61
CA VAL L 146 -2.31 51.92 20.83
C VAL L 146 -3.11 52.52 21.98
N ASP L 147 -3.53 51.66 22.91
CA ASP L 147 -4.39 52.09 24.00
C ASP L 147 -3.51 52.58 25.17
N ASP L 148 -4.16 53.15 26.20
CA ASP L 148 -3.51 53.95 27.22
C ASP L 148 -2.42 53.12 27.94
N TRP L 149 -1.31 53.80 28.28
CA TRP L 149 -0.24 53.31 29.16
C TRP L 149 0.62 52.22 28.50
N ALA L 150 0.46 52.01 27.20
CA ALA L 150 1.27 51.01 26.58
C ALA L 150 2.72 51.53 26.50
N ILE L 151 3.66 50.59 26.49
CA ILE L 151 5.05 50.89 26.31
C ILE L 151 5.58 49.99 25.20
N LEU L 152 6.12 50.59 24.13
CA LEU L 152 6.78 49.85 23.09
C LEU L 152 8.28 50.12 23.18
N SER L 153 9.04 49.08 23.53
CA SER L 153 10.48 49.19 23.66
C SER L 153 11.08 49.56 22.31
N GLY L 154 12.35 49.94 22.33
CA GLY L 154 13.01 50.43 21.15
C GLY L 154 12.95 49.47 19.98
N TYR L 155 12.83 50.04 18.78
CA TYR L 155 12.87 49.30 17.52
C TYR L 155 11.76 48.26 17.51
N THR L 156 10.63 48.54 18.14
CA THR L 156 9.45 47.74 17.99
C THR L 156 8.72 48.13 16.70
N LEU L 157 8.42 47.12 15.88
CA LEU L 157 7.72 47.32 14.62
C LEU L 157 6.30 46.73 14.74
N VAL L 158 5.29 47.45 14.24
CA VAL L 158 3.91 46.99 14.34
C VAL L 158 3.27 47.01 12.95
N HIS L 159 2.75 45.87 12.51
CA HIS L 159 2.11 45.75 11.22
C HIS L 159 0.81 46.53 11.20
N GLN L 160 0.36 46.82 9.97
CA GLN L 160 -0.88 47.48 9.72
C GLN L 160 -2.01 46.78 10.48
N TYR L 161 -2.88 47.58 11.11
CA TYR L 161 -4.18 47.17 11.67
C TYR L 161 -4.05 46.55 13.07
N CYS L 162 -2.86 46.41 13.63
CA CYS L 162 -2.75 45.78 14.93
C CYS L 162 -3.25 46.71 16.04
N ARG L 163 -3.81 46.09 17.08
CA ARG L 163 -4.22 46.78 18.28
C ARG L 163 -3.24 46.42 19.40
N ILE L 164 -2.63 47.44 20.02
CA ILE L 164 -1.77 47.28 21.16
C ILE L 164 -2.57 47.64 22.41
N GLY L 165 -2.73 46.67 23.32
CA GLY L 165 -3.64 46.78 24.45
C GLY L 165 -3.15 47.70 25.53
N ALA L 166 -4.08 48.17 26.37
CA ALA L 166 -3.72 49.04 27.48
C ALA L 166 -2.71 48.32 28.39
N HIS L 167 -1.69 49.07 28.84
CA HIS L 167 -0.68 48.62 29.79
C HIS L 167 0.18 47.49 29.23
N SER L 168 0.09 47.24 27.94
CA SER L 168 0.84 46.17 27.37
C SER L 168 2.28 46.67 27.17
N PHE L 169 3.19 45.76 26.87
CA PHE L 169 4.60 46.06 26.82
C PHE L 169 5.28 45.17 25.77
N SER L 170 6.05 45.78 24.88
CA SER L 170 6.83 45.04 23.91
C SER L 170 8.31 45.18 24.26
N GLY L 171 9.06 44.09 24.13
CA GLY L 171 10.48 44.08 24.31
C GLY L 171 11.19 44.65 23.11
N MET L 172 12.50 44.86 23.22
CA MET L 172 13.12 45.61 22.19
C MET L 172 13.34 44.72 20.96
N GLY L 173 13.17 45.33 19.79
CA GLY L 173 13.26 44.65 18.51
C GLY L 173 12.08 43.74 18.27
N SER L 174 10.97 43.95 18.97
CA SER L 174 9.77 43.18 18.74
C SER L 174 9.19 43.48 17.35
N ALA L 175 8.66 42.44 16.70
CA ALA L 175 7.96 42.57 15.43
C ALA L 175 6.57 42.00 15.62
N ILE L 176 5.59 42.88 15.77
CA ILE L 176 4.26 42.54 16.16
C ILE L 176 3.35 42.48 14.94
N GLY L 177 2.69 41.34 14.74
CA GLY L 177 1.86 41.07 13.57
C GLY L 177 0.40 40.78 13.92
N LYS L 178 0.07 40.65 15.21
CA LYS L 178 -1.28 40.39 15.63
C LYS L 178 -1.55 41.26 16.86
N ASP L 179 -2.79 41.31 17.35
CA ASP L 179 -3.10 42.18 18.46
C ASP L 179 -2.29 41.75 19.70
N VAL L 180 -1.95 42.72 20.54
CA VAL L 180 -1.38 42.44 21.81
C VAL L 180 -2.46 42.72 22.84
N PRO L 181 -2.92 41.70 23.58
CA PRO L 181 -3.96 41.92 24.58
C PRO L 181 -3.44 42.86 25.66
N ALA L 182 -4.35 43.50 26.36
CA ALA L 182 -4.01 44.37 27.46
C ALA L 182 -3.12 43.64 28.46
N TYR L 183 -2.17 44.37 29.03
CA TYR L 183 -1.27 43.93 30.07
C TYR L 183 -0.19 42.94 29.58
N VAL L 184 -0.28 42.42 28.36
CA VAL L 184 0.61 41.34 27.98
C VAL L 184 1.99 41.88 27.60
N THR L 185 3.03 41.11 27.90
CA THR L 185 4.38 41.41 27.44
C THR L 185 4.73 40.50 26.27
N VAL L 186 5.32 41.07 25.20
CA VAL L 186 5.68 40.32 24.03
C VAL L 186 7.13 40.62 23.64
N PHE L 187 7.78 39.64 23.00
CA PHE L 187 9.20 39.71 22.68
C PHE L 187 9.47 38.98 21.37
N GLY L 188 10.39 39.51 20.58
CA GLY L 188 11.02 38.79 19.47
C GLY L 188 10.36 39.10 18.14
N ASN L 189 10.92 38.48 17.09
CA ASN L 189 10.49 38.63 15.73
C ASN L 189 10.40 37.24 15.11
N PRO L 190 9.19 36.68 15.03
CA PRO L 190 7.93 37.32 15.37
C PRO L 190 7.63 37.36 16.87
N ALA L 191 6.85 38.35 17.30
CA ALA L 191 6.59 38.57 18.69
C ALA L 191 5.82 37.39 19.28
N GLU L 192 6.19 37.02 20.51
CA GLU L 192 5.57 35.97 21.29
C GLU L 192 5.18 36.57 22.66
N ALA L 193 4.04 36.12 23.20
CA ALA L 193 3.58 36.50 24.51
C ALA L 193 4.45 35.74 25.51
N ARG L 194 4.84 36.40 26.60
CA ARG L 194 5.70 35.82 27.58
C ARG L 194 5.03 35.87 28.95
N SER L 195 4.51 37.03 29.34
CA SER L 195 3.95 37.22 30.65
C SER L 195 3.02 38.43 30.64
N MET L 196 2.83 39.04 31.80
CA MET L 196 2.06 40.26 31.92
C MET L 196 2.94 41.33 32.56
N ASN L 197 2.54 42.58 32.32
CA ASN L 197 3.30 43.73 32.70
C ASN L 197 2.97 44.08 34.15
N PHE L 198 3.52 43.29 35.07
CA PHE L 198 3.22 43.46 36.47
C PHE L 198 3.82 44.77 36.98
N GLU L 199 5.00 45.15 36.45
CA GLU L 199 5.60 46.43 36.80
C GLU L 199 4.59 47.57 36.59
N GLY L 200 3.90 47.54 35.45
CA GLY L 200 2.92 48.52 35.09
C GLY L 200 1.74 48.55 36.06
N MET L 201 1.30 47.37 36.50
CA MET L 201 0.18 47.25 37.41
C MET L 201 0.56 47.81 38.78
N ARG L 202 1.84 47.64 39.16
CA ARG L 202 2.33 48.12 40.43
C ARG L 202 2.21 49.64 40.47
N ARG L 203 2.70 50.30 39.41
CA ARG L 203 2.72 51.74 39.27
C ARG L 203 1.30 52.33 39.27
N ARG L 204 0.32 51.65 38.69
CA ARG L 204 -1.04 52.18 38.67
C ARG L 204 -1.75 51.77 40.01
N GLY L 205 -1.06 51.11 40.93
CA GLY L 205 -1.59 50.78 42.24
C GLY L 205 -2.71 49.77 42.21
N PHE L 206 -2.66 48.78 41.32
CA PHE L 206 -3.65 47.71 41.30
C PHE L 206 -3.64 46.95 42.61
N SER L 207 -4.80 46.44 43.01
CA SER L 207 -4.89 45.60 44.19
C SER L 207 -4.08 44.33 43.96
N SER L 208 -3.69 43.68 45.05
CA SER L 208 -2.92 42.48 44.96
C SER L 208 -3.82 41.32 44.46
N GLU L 209 -5.12 41.38 44.77
CA GLU L 209 -6.08 40.34 44.33
C GLU L 209 -6.28 40.43 42.82
N ALA L 210 -6.20 41.65 42.28
CA ALA L 210 -6.41 41.88 40.85
C ALA L 210 -5.18 41.41 40.06
N ILE L 211 -4.00 41.63 40.62
CA ILE L 211 -2.77 41.20 39.97
C ILE L 211 -2.79 39.68 39.85
N HIS L 212 -3.17 38.99 40.93
CA HIS L 212 -3.23 37.55 40.94
C HIS L 212 -4.26 37.08 39.91
N ALA L 213 -5.39 37.79 39.78
CA ALA L 213 -6.45 37.38 38.90
C ALA L 213 -5.99 37.49 37.45
N LEU L 214 -5.16 38.50 37.18
CA LEU L 214 -4.67 38.73 35.87
C LEU L 214 -3.61 37.70 35.51
N ARG L 215 -2.84 37.20 36.49
CA ARG L 215 -1.91 36.16 36.18
C ARG L 215 -2.66 34.88 35.82
N ARG L 216 -3.73 34.57 36.55
CA ARG L 216 -4.51 33.38 36.26
C ARG L 216 -5.15 33.53 34.89
N ALA L 217 -5.54 34.75 34.54
CA ALA L 217 -6.16 35.02 33.26
C ALA L 217 -5.17 34.75 32.13
N TYR L 218 -3.92 35.16 32.33
CA TYR L 218 -2.89 34.91 31.36
C TYR L 218 -2.78 33.40 31.14
N LYS L 219 -2.73 32.65 32.22
CA LYS L 219 -2.57 31.20 32.16
C LYS L 219 -3.73 30.54 31.41
N VAL L 220 -4.95 31.05 31.57
CA VAL L 220 -6.13 30.48 30.92
C VAL L 220 -5.99 30.59 29.39
N VAL L 221 -5.56 31.77 28.94
CA VAL L 221 -5.48 32.09 27.55
C VAL L 221 -4.29 31.41 26.88
N TYR L 222 -3.17 31.29 27.59
CA TYR L 222 -1.87 31.02 26.96
C TYR L 222 -1.26 29.69 27.41
N ARG L 223 -1.52 29.17 28.62
CA ARG L 223 -0.70 28.09 29.18
C ARG L 223 -1.58 26.87 29.49
N GLN L 224 -2.77 26.72 28.92
CA GLN L 224 -3.65 25.62 29.38
C GLN L 224 -4.30 24.87 28.20
N GLY L 225 -3.76 25.05 27.00
CA GLY L 225 -4.25 24.39 25.81
C GLY L 225 -5.67 24.80 25.41
N HIS L 226 -6.18 25.93 25.88
CA HIS L 226 -7.54 26.34 25.49
C HIS L 226 -7.48 26.98 24.11
N THR L 227 -8.51 26.80 23.31
CA THR L 227 -8.73 27.64 22.12
C THR L 227 -9.11 29.03 22.64
N VAL L 228 -9.10 30.03 21.77
CA VAL L 228 -9.39 31.36 22.23
C VAL L 228 -10.86 31.45 22.68
N GLU L 229 -11.76 30.73 22.01
CA GLU L 229 -13.18 30.67 22.38
C GLU L 229 -13.35 30.07 23.76
N GLU L 230 -12.66 28.97 24.04
CA GLU L 230 -12.77 28.26 25.33
C GLU L 230 -12.22 29.16 26.45
N ALA L 231 -11.17 29.94 26.14
CA ALA L 231 -10.54 30.82 27.12
C ALA L 231 -11.50 31.95 27.50
N LEU L 232 -12.14 32.57 26.51
CA LEU L 232 -13.08 33.64 26.74
C LEU L 232 -14.21 33.18 27.67
N ALA L 233 -14.66 31.93 27.49
CA ALA L 233 -15.72 31.36 28.28
C ALA L 233 -15.25 31.18 29.73
N GLU L 234 -14.02 30.71 29.89
CA GLU L 234 -13.45 30.48 31.19
C GLU L 234 -13.22 31.80 31.94
N LEU L 235 -12.81 32.84 31.22
CA LEU L 235 -12.55 34.14 31.79
C LEU L 235 -13.83 34.86 32.25
N ALA L 236 -15.02 34.41 31.83
CA ALA L 236 -16.24 35.13 32.12
C ALA L 236 -16.41 35.41 33.64
N GLU L 237 -16.15 34.41 34.48
CA GLU L 237 -16.30 34.52 35.94
C GLU L 237 -15.37 35.64 36.45
N SER L 238 -14.10 35.51 36.11
CA SER L 238 -13.07 36.40 36.65
C SER L 238 -13.21 37.82 36.13
N ALA L 239 -13.82 38.01 34.96
CA ALA L 239 -14.03 39.32 34.37
C ALA L 239 -15.19 40.05 35.03
N ALA L 240 -16.11 39.29 35.63
CA ALA L 240 -17.20 39.91 36.36
C ALA L 240 -16.75 40.32 37.76
N GLN L 241 -15.71 39.65 38.27
CA GLN L 241 -15.20 39.86 39.59
C GLN L 241 -14.25 41.06 39.62
N PHE L 242 -13.53 41.31 38.52
CA PHE L 242 -12.45 42.31 38.49
C PHE L 242 -12.55 43.17 37.23
N PRO L 243 -12.80 44.50 37.34
CA PRO L 243 -12.74 45.41 36.20
C PRO L 243 -11.48 45.27 35.34
N GLU L 244 -10.36 44.95 36.01
CA GLU L 244 -9.04 44.88 35.40
C GLU L 244 -8.97 43.66 34.48
N VAL L 245 -9.58 42.54 34.87
CA VAL L 245 -9.62 41.34 34.05
C VAL L 245 -10.56 41.56 32.87
N ALA L 246 -11.66 42.31 33.09
CA ALA L 246 -12.60 42.58 32.01
C ALA L 246 -11.88 43.32 30.85
N VAL L 247 -10.97 44.24 31.18
CA VAL L 247 -10.19 44.94 30.17
C VAL L 247 -9.41 43.94 29.31
N PHE L 248 -8.83 42.94 29.97
CA PHE L 248 -8.04 41.90 29.32
C PHE L 248 -8.95 41.04 28.45
N ARG L 249 -10.09 40.56 29.00
CA ARG L 249 -11.01 39.75 28.22
C ARG L 249 -11.48 40.56 27.00
N ASP L 250 -11.83 41.83 27.19
CA ASP L 250 -12.40 42.64 26.12
C ASP L 250 -11.37 42.82 25.00
N SER L 251 -10.08 42.93 25.33
CA SER L 251 -9.05 43.08 24.31
C SER L 251 -8.91 41.82 23.45
N ILE L 252 -9.11 40.64 24.04
CA ILE L 252 -9.06 39.38 23.32
C ILE L 252 -10.32 39.17 22.50
N GLN L 253 -11.48 39.45 23.11
CA GLN L 253 -12.77 39.37 22.45
C GLN L 253 -12.71 40.05 21.08
N SER L 254 -12.22 41.30 21.09
CA SER L 254 -12.35 42.20 19.96
C SER L 254 -11.19 42.01 18.97
N ALA L 255 -10.57 40.84 19.00
CA ALA L 255 -9.41 40.59 18.21
C ALA L 255 -9.69 39.38 17.31
N THR L 256 -10.82 38.70 17.52
CA THR L 256 -10.95 37.30 17.19
C THR L 256 -12.38 36.97 16.76
N ARG L 257 -12.76 37.44 15.57
CA ARG L 257 -14.10 37.01 15.09
C ARG L 257 -14.10 35.50 14.73
N GLY L 258 -13.18 35.04 13.89
CA GLY L 258 -13.15 33.66 13.35
C GLY L 258 -14.11 33.50 12.19
N ILE L 259 -14.27 32.25 11.73
CA ILE L 259 -15.14 31.96 10.60
C ILE L 259 -16.09 30.80 10.91
N THR L 260 -17.28 30.86 10.33
CA THR L 260 -18.22 29.83 10.45
C THR L 260 -17.55 28.54 9.97
N ARG L 261 -17.48 27.53 10.86
CA ARG L 261 -16.94 26.20 10.56
C ARG L 261 -18.07 25.14 10.63
N SER M 5 -7.39 -19.42 -87.81
CA SER M 5 -8.27 -20.60 -87.41
C SER M 5 -7.94 -21.01 -85.98
N LEU M 6 -7.67 -22.26 -85.50
CA LEU M 6 -7.68 -22.51 -84.10
C LEU M 6 -6.33 -22.15 -83.45
N ILE M 7 -5.31 -22.02 -84.28
CA ILE M 7 -4.00 -21.64 -83.87
C ILE M 7 -3.74 -20.23 -84.40
N ASP M 8 -3.54 -19.29 -83.49
CA ASP M 8 -3.38 -17.92 -83.85
C ASP M 8 -2.18 -17.83 -84.78
N PRO M 9 -2.26 -17.04 -85.87
CA PRO M 9 -1.10 -16.83 -86.73
C PRO M 9 0.06 -16.13 -86.00
N ARG M 10 -0.20 -15.44 -84.89
CA ARG M 10 0.85 -14.75 -84.15
C ARG M 10 1.60 -15.72 -83.20
N ALA M 11 1.15 -16.97 -83.08
CA ALA M 11 1.81 -17.97 -82.22
C ALA M 11 2.99 -18.60 -82.98
N ILE M 12 3.92 -19.23 -82.24
CA ILE M 12 5.03 -19.93 -82.83
C ILE M 12 4.94 -21.40 -82.44
N ILE M 13 4.90 -22.27 -83.45
CA ILE M 13 4.79 -23.69 -83.22
C ILE M 13 6.02 -24.36 -83.82
N ASP M 14 6.81 -25.04 -82.99
CA ASP M 14 7.98 -25.71 -83.49
C ASP M 14 7.56 -26.80 -84.48
N PRO M 15 8.31 -27.00 -85.58
CA PRO M 15 8.09 -28.12 -86.49
C PRO M 15 7.91 -29.49 -85.81
N SER M 16 8.63 -29.75 -84.71
CA SER M 16 8.66 -31.06 -84.03
C SER M 16 7.59 -31.18 -82.93
N ALA M 17 6.75 -30.15 -82.75
CA ALA M 17 5.60 -30.23 -81.85
C ALA M 17 4.50 -31.04 -82.52
N ARG M 18 3.66 -31.69 -81.70
CA ARG M 18 2.58 -32.54 -82.17
C ARG M 18 1.29 -32.12 -81.45
N LEU M 19 0.40 -31.46 -82.18
CA LEU M 19 -0.89 -30.96 -81.66
C LEU M 19 -2.04 -31.77 -82.25
N ALA M 20 -2.95 -32.25 -81.41
CA ALA M 20 -4.17 -32.85 -81.88
C ALA M 20 -4.97 -31.83 -82.71
N ALA M 21 -5.94 -32.34 -83.46
CA ALA M 21 -6.62 -31.57 -84.54
C ALA M 21 -7.26 -30.28 -83.97
N ASP M 22 -7.89 -30.32 -82.79
CA ASP M 22 -8.78 -29.24 -82.33
C ASP M 22 -8.17 -28.48 -81.13
N VAL M 23 -6.85 -28.48 -81.03
CA VAL M 23 -6.16 -27.69 -80.04
C VAL M 23 -6.26 -26.22 -80.45
N GLN M 24 -6.43 -25.35 -79.46
CA GLN M 24 -6.41 -23.90 -79.66
C GLN M 24 -5.17 -23.28 -79.02
N VAL M 25 -4.54 -22.35 -79.72
CA VAL M 25 -3.38 -21.66 -79.19
C VAL M 25 -3.56 -20.17 -79.45
N GLY M 26 -3.44 -19.39 -78.37
CA GLY M 26 -3.62 -17.97 -78.42
C GLY M 26 -2.42 -17.26 -79.05
N PRO M 27 -2.56 -15.95 -79.30
CA PRO M 27 -1.49 -15.15 -79.89
C PRO M 27 -0.27 -15.06 -78.99
N TRP M 28 0.93 -15.02 -79.59
CA TRP M 28 2.20 -14.78 -78.90
C TRP M 28 2.53 -15.89 -77.89
N SER M 29 2.04 -17.10 -78.19
CA SER M 29 2.40 -18.24 -77.41
C SER M 29 3.46 -19.03 -78.17
N ILE M 30 4.34 -19.71 -77.44
CA ILE M 30 5.36 -20.55 -78.02
C ILE M 30 5.07 -22.00 -77.63
N VAL M 31 4.94 -22.86 -78.64
CA VAL M 31 4.90 -24.28 -78.41
C VAL M 31 6.22 -24.86 -78.91
N GLY M 32 7.16 -25.09 -77.98
CA GLY M 32 8.54 -25.46 -78.29
C GLY M 32 8.66 -26.87 -78.84
N ALA M 33 9.90 -27.21 -79.20
CA ALA M 33 10.25 -28.54 -79.70
C ALA M 33 9.78 -29.60 -78.70
N GLU M 34 9.25 -30.70 -79.24
CA GLU M 34 8.96 -31.93 -78.50
C GLU M 34 7.83 -31.72 -77.49
N VAL M 35 6.91 -30.81 -77.78
CA VAL M 35 5.74 -30.66 -76.99
C VAL M 35 4.58 -31.35 -77.71
N GLU M 36 3.80 -32.11 -76.95
CA GLU M 36 2.71 -32.86 -77.49
C GLU M 36 1.45 -32.42 -76.73
N ILE M 37 0.38 -32.07 -77.44
CA ILE M 37 -0.83 -31.52 -76.82
C ILE M 37 -2.05 -32.28 -77.30
N GLY M 38 -2.85 -32.75 -76.34
CA GLY M 38 -3.99 -33.62 -76.60
C GLY M 38 -5.26 -32.88 -76.97
N GLU M 39 -6.17 -33.64 -77.57
CA GLU M 39 -7.51 -33.25 -77.99
C GLU M 39 -8.17 -32.27 -77.00
N GLY M 40 -8.62 -31.13 -77.52
CA GLY M 40 -9.56 -30.22 -76.83
C GLY M 40 -8.88 -29.26 -75.84
N THR M 41 -7.54 -29.30 -75.78
CA THR M 41 -6.80 -28.43 -74.91
C THR M 41 -6.75 -27.03 -75.52
N VAL M 42 -6.71 -26.03 -74.63
CA VAL M 42 -6.67 -24.61 -74.99
C VAL M 42 -5.47 -23.94 -74.32
N ILE M 43 -4.57 -23.41 -75.14
CA ILE M 43 -3.47 -22.62 -74.69
C ILE M 43 -3.86 -21.16 -74.90
N GLY M 44 -3.75 -20.38 -73.83
CA GLY M 44 -4.06 -18.97 -73.87
C GLY M 44 -2.98 -18.18 -74.63
N PRO M 45 -3.07 -16.85 -74.61
CA PRO M 45 -2.01 -16.00 -75.19
C PRO M 45 -0.82 -15.94 -74.23
N HIS M 46 0.36 -15.54 -74.73
CA HIS M 46 1.52 -15.31 -73.88
C HIS M 46 1.86 -16.54 -73.03
N VAL M 47 1.82 -17.74 -73.62
CA VAL M 47 2.21 -18.92 -72.89
C VAL M 47 3.50 -19.44 -73.51
N VAL M 48 4.39 -19.99 -72.68
CA VAL M 48 5.59 -20.60 -73.14
C VAL M 48 5.56 -22.08 -72.75
N LEU M 49 5.50 -22.98 -73.75
CA LEU M 49 5.65 -24.39 -73.52
C LEU M 49 7.04 -24.83 -74.00
N LYS M 50 7.69 -25.69 -73.23
CA LYS M 50 8.95 -26.24 -73.59
C LYS M 50 8.93 -27.74 -73.31
N GLY M 51 9.79 -28.51 -74.00
CA GLY M 51 9.74 -29.97 -74.00
C GLY M 51 11.04 -30.61 -73.53
N PRO M 52 11.06 -31.94 -73.38
CA PRO M 52 10.00 -32.87 -73.76
C PRO M 52 8.79 -32.90 -72.82
N THR M 53 7.61 -32.57 -73.35
CA THR M 53 6.43 -32.37 -72.54
C THR M 53 5.24 -33.02 -73.22
N LYS M 54 4.42 -33.70 -72.46
CA LYS M 54 3.21 -34.33 -72.95
C LYS M 54 2.04 -33.76 -72.14
N ILE M 55 1.10 -33.11 -72.84
CA ILE M 55 -0.07 -32.54 -72.23
C ILE M 55 -1.29 -33.28 -72.78
N GLY M 56 -2.17 -33.72 -71.88
CA GLY M 56 -3.32 -34.52 -72.23
C GLY M 56 -4.46 -33.70 -72.80
N LYS M 57 -5.68 -34.17 -72.55
CA LYS M 57 -6.89 -33.72 -73.22
C LYS M 57 -7.65 -32.75 -72.34
N HIS M 58 -8.27 -31.75 -72.96
CA HIS M 58 -9.23 -30.84 -72.33
C HIS M 58 -8.57 -30.04 -71.20
N ASN M 59 -7.30 -29.64 -71.37
CA ASN M 59 -6.65 -28.76 -70.42
C ASN M 59 -6.93 -27.31 -70.86
N ARG M 60 -6.83 -26.38 -69.89
CA ARG M 60 -6.88 -24.95 -70.09
CA ARG M 60 -6.88 -24.96 -70.10
C ARG M 60 -5.60 -24.42 -69.45
N ILE M 61 -4.75 -23.71 -70.21
CA ILE M 61 -3.52 -23.07 -69.66
C ILE M 61 -3.55 -21.56 -69.95
N TYR M 62 -3.42 -20.74 -68.89
CA TYR M 62 -3.64 -19.31 -69.00
C TYR M 62 -2.32 -18.57 -69.23
N GLN M 63 -2.48 -17.29 -69.58
CA GLN M 63 -1.41 -16.37 -69.96
C GLN M 63 -0.28 -16.33 -68.92
N PHE M 64 0.96 -16.20 -69.40
CA PHE M 64 2.16 -15.88 -68.61
C PHE M 64 2.72 -17.10 -67.87
N SER M 65 2.16 -18.27 -68.18
CA SER M 65 2.62 -19.52 -67.68
C SER M 65 3.84 -19.97 -68.48
N SER M 66 4.83 -20.54 -67.77
CA SER M 66 5.99 -21.17 -68.38
C SER M 66 5.94 -22.64 -67.95
N VAL M 67 5.57 -23.52 -68.86
CA VAL M 67 5.34 -24.90 -68.60
C VAL M 67 6.35 -25.75 -69.36
N GLY M 68 7.23 -26.44 -68.65
CA GLY M 68 8.17 -27.36 -69.24
C GLY M 68 9.58 -26.79 -69.27
N GLU M 69 9.81 -25.76 -68.46
CA GLU M 69 11.07 -25.08 -68.42
C GLU M 69 12.06 -25.96 -67.65
N ASP M 70 13.38 -25.76 -67.84
CA ASP M 70 14.37 -26.53 -67.07
C ASP M 70 14.39 -26.01 -65.63
N THR M 71 14.60 -26.89 -64.61
CA THR M 71 14.89 -26.32 -63.31
C THR M 71 16.20 -25.56 -63.37
N PRO M 72 16.37 -24.56 -62.51
CA PRO M 72 17.67 -23.92 -62.34
C PRO M 72 18.59 -24.65 -61.37
N ASP M 73 18.08 -25.69 -60.68
CA ASP M 73 18.91 -26.45 -59.72
C ASP M 73 20.24 -26.78 -60.40
N LEU M 74 21.35 -26.59 -59.71
CA LEU M 74 22.70 -26.72 -60.31
C LEU M 74 23.04 -28.21 -60.46
N LYS M 75 22.22 -29.06 -59.83
CA LYS M 75 22.09 -30.52 -60.01
C LYS M 75 21.88 -30.90 -61.51
N TYR M 76 21.02 -30.15 -62.22
CA TYR M 76 20.57 -30.46 -63.59
C TYR M 76 21.57 -29.86 -64.60
N LYS M 77 22.06 -30.68 -65.55
CA LYS M 77 23.11 -30.31 -66.53
C LYS M 77 22.63 -30.46 -67.98
N GLY M 78 21.33 -30.33 -68.24
CA GLY M 78 20.81 -30.22 -69.63
C GLY M 78 20.33 -31.55 -70.24
N GLU M 79 20.17 -32.59 -69.42
CA GLU M 79 19.72 -33.94 -69.89
C GLU M 79 18.26 -33.88 -70.32
N PRO M 80 17.76 -34.84 -71.15
CA PRO M 80 16.42 -34.73 -71.75
C PRO M 80 15.32 -35.31 -70.83
N THR M 81 14.92 -34.55 -69.81
CA THR M 81 13.94 -34.98 -68.85
C THR M 81 12.56 -34.55 -69.30
N ARG M 82 11.51 -35.05 -68.64
CA ARG M 82 10.16 -34.99 -69.16
C ARG M 82 9.25 -34.24 -68.19
N LEU M 83 8.14 -33.74 -68.73
CA LEU M 83 6.99 -33.29 -67.97
C LEU M 83 5.75 -33.94 -68.56
N VAL M 84 4.89 -34.51 -67.71
CA VAL M 84 3.66 -35.16 -68.17
C VAL M 84 2.47 -34.57 -67.42
N ILE M 85 1.47 -34.11 -68.18
CA ILE M 85 0.25 -33.57 -67.64
C ILE M 85 -0.92 -34.36 -68.20
N GLY M 86 -1.86 -34.72 -67.34
CA GLY M 86 -3.00 -35.51 -67.71
C GLY M 86 -4.10 -34.69 -68.36
N ASP M 87 -5.34 -35.04 -68.00
CA ASP M 87 -6.55 -34.57 -68.64
C ASP M 87 -7.31 -33.62 -67.69
N HIS M 88 -8.06 -32.67 -68.28
CA HIS M 88 -9.05 -31.84 -67.57
C HIS M 88 -8.42 -30.98 -66.46
N ASN M 89 -7.18 -30.53 -66.66
CA ASN M 89 -6.54 -29.67 -65.70
C ASN M 89 -6.76 -28.21 -66.11
N VAL M 90 -6.71 -27.33 -65.10
CA VAL M 90 -6.72 -25.92 -65.30
C VAL M 90 -5.47 -25.34 -64.66
N ILE M 91 -4.68 -24.63 -65.46
CA ILE M 91 -3.47 -24.00 -65.01
C ILE M 91 -3.62 -22.50 -65.24
N ARG M 92 -3.71 -21.73 -64.15
CA ARG M 92 -4.04 -20.32 -64.21
C ARG M 92 -2.79 -19.50 -64.52
N GLU M 93 -2.97 -18.18 -64.44
CA GLU M 93 -2.02 -17.23 -64.98
C GLU M 93 -0.72 -17.31 -64.18
N GLY M 94 0.40 -17.38 -64.90
CA GLY M 94 1.72 -17.18 -64.32
C GLY M 94 2.31 -18.42 -63.68
N VAL M 95 1.70 -19.58 -63.87
CA VAL M 95 2.18 -20.78 -63.25
C VAL M 95 3.49 -21.20 -63.89
N THR M 96 4.43 -21.71 -63.08
CA THR M 96 5.67 -22.30 -63.55
C THR M 96 5.67 -23.79 -63.20
N ILE M 97 6.00 -24.62 -64.19
CA ILE M 97 6.11 -26.04 -64.02
C ILE M 97 7.42 -26.47 -64.66
N HIS M 98 8.29 -27.12 -63.89
CA HIS M 98 9.58 -27.54 -64.36
C HIS M 98 9.59 -29.03 -64.66
N ARG M 99 10.41 -29.43 -65.63
CA ARG M 99 10.62 -30.83 -65.93
C ARG M 99 11.55 -31.43 -64.89
N GLY M 100 11.67 -32.76 -64.89
CA GLY M 100 12.41 -33.53 -63.90
C GLY M 100 13.92 -33.42 -64.05
N THR M 101 14.59 -34.26 -63.25
CA THR M 101 16.06 -34.37 -63.16
C THR M 101 16.43 -35.86 -63.19
N VAL M 102 17.63 -36.17 -63.70
CA VAL M 102 18.04 -37.56 -63.84
C VAL M 102 18.27 -38.22 -62.47
N GLN M 103 18.49 -37.42 -61.43
CA GLN M 103 18.77 -37.93 -60.09
C GLN M 103 17.53 -38.55 -59.45
N ASP M 104 16.32 -38.34 -59.98
CA ASP M 104 15.09 -39.00 -59.43
C ASP M 104 14.49 -39.89 -60.53
N ARG M 105 13.35 -39.47 -61.12
CA ARG M 105 12.67 -40.32 -62.10
C ARG M 105 12.70 -39.67 -63.50
N ALA M 106 13.32 -38.51 -63.62
CA ALA M 106 13.49 -37.80 -64.88
C ALA M 106 12.14 -37.30 -65.38
N GLU M 107 11.18 -37.08 -64.47
CA GLU M 107 9.84 -36.75 -64.90
C GLU M 107 9.09 -36.02 -63.78
N THR M 108 8.57 -34.84 -64.11
CA THR M 108 7.56 -34.17 -63.33
C THR M 108 6.20 -34.60 -63.87
N THR M 109 5.26 -34.98 -63.00
CA THR M 109 4.05 -35.58 -63.51
C THR M 109 2.83 -34.96 -62.78
N ILE M 110 1.77 -34.71 -63.54
CA ILE M 110 0.51 -34.18 -63.05
C ILE M 110 -0.63 -35.03 -63.61
N GLY M 111 -1.58 -35.39 -62.73
CA GLY M 111 -2.69 -36.25 -63.09
C GLY M 111 -3.81 -35.48 -63.76
N ASP M 112 -5.04 -35.77 -63.33
CA ASP M 112 -6.26 -35.33 -63.99
C ASP M 112 -7.07 -34.43 -63.04
N HIS M 113 -7.87 -33.53 -63.62
CA HIS M 113 -8.88 -32.73 -62.88
C HIS M 113 -8.23 -31.88 -61.78
N ASN M 114 -7.02 -31.36 -62.01
CA ASN M 114 -6.39 -30.55 -61.01
C ASN M 114 -6.65 -29.08 -61.34
N LEU M 115 -6.64 -28.24 -60.30
CA LEU M 115 -6.74 -26.82 -60.47
C LEU M 115 -5.50 -26.18 -59.85
N ILE M 116 -4.66 -25.56 -60.66
CA ILE M 116 -3.47 -24.93 -60.21
C ILE M 116 -3.58 -23.44 -60.47
N MET M 117 -3.67 -22.67 -59.38
CA MET M 117 -4.09 -21.30 -59.48
C MET M 117 -2.86 -20.40 -59.66
N ALA M 118 -3.12 -19.10 -59.80
CA ALA M 118 -2.14 -18.17 -60.33
C ALA M 118 -0.83 -18.25 -59.57
N TYR M 119 0.28 -18.20 -60.31
CA TYR M 119 1.63 -17.96 -59.79
C TYR M 119 2.12 -19.15 -58.96
N ALA M 120 1.43 -20.29 -59.01
CA ALA M 120 1.90 -21.47 -58.33
C ALA M 120 3.16 -21.98 -59.04
N HIS M 121 4.01 -22.70 -58.29
CA HIS M 121 5.24 -23.25 -58.80
C HIS M 121 5.28 -24.74 -58.50
N ILE M 122 5.59 -25.54 -59.53
CA ILE M 122 5.69 -26.97 -59.39
C ILE M 122 7.09 -27.40 -59.80
N GLY M 123 7.91 -27.69 -58.79
CA GLY M 123 9.32 -27.91 -58.96
C GLY M 123 9.62 -29.27 -59.55
N HIS M 124 10.86 -29.40 -60.04
CA HIS M 124 11.31 -30.60 -60.68
C HIS M 124 10.92 -31.84 -59.88
N ASP M 125 10.42 -32.84 -60.61
CA ASP M 125 10.26 -34.20 -60.12
C ASP M 125 9.06 -34.32 -59.19
N SER M 126 8.25 -33.28 -59.07
CA SER M 126 7.07 -33.34 -58.27
C SER M 126 6.03 -34.23 -58.96
N VAL M 127 5.12 -34.80 -58.18
CA VAL M 127 4.08 -35.65 -58.68
C VAL M 127 2.76 -35.24 -58.06
N ILE M 128 1.80 -34.85 -58.89
CA ILE M 128 0.50 -34.51 -58.42
C ILE M 128 -0.50 -35.54 -58.94
N GLY M 129 -1.44 -35.90 -58.08
CA GLY M 129 -2.46 -36.89 -58.38
C GLY M 129 -3.63 -36.26 -59.12
N ASN M 130 -4.84 -36.59 -58.67
CA ASN M 130 -6.04 -36.12 -59.31
C ASN M 130 -6.87 -35.30 -58.32
N HIS M 131 -7.64 -34.35 -58.84
CA HIS M 131 -8.65 -33.63 -58.07
C HIS M 131 -8.01 -32.70 -57.03
N CYS M 132 -6.74 -32.35 -57.21
CA CYS M 132 -6.08 -31.48 -56.28
C CYS M 132 -6.37 -30.03 -56.61
N ILE M 133 -6.16 -29.17 -55.62
CA ILE M 133 -6.26 -27.74 -55.77
C ILE M 133 -5.04 -27.10 -55.12
N LEU M 134 -4.23 -26.43 -55.94
CA LEU M 134 -3.13 -25.62 -55.46
C LEU M 134 -3.51 -24.16 -55.65
N VAL M 135 -3.63 -23.43 -54.56
CA VAL M 135 -4.14 -22.11 -54.62
C VAL M 135 -2.96 -21.17 -54.93
N ASN M 136 -3.29 -19.94 -55.31
CA ASN M 136 -2.35 -18.89 -55.69
C ASN M 136 -1.04 -19.03 -54.91
N ASN M 137 0.08 -19.10 -55.66
CA ASN M 137 1.44 -18.95 -55.14
C ASN M 137 1.84 -20.12 -54.24
N THR M 138 1.15 -21.24 -54.34
CA THR M 138 1.61 -22.46 -53.72
C THR M 138 2.91 -22.88 -54.43
N ALA M 139 3.90 -23.33 -53.67
CA ALA M 139 5.19 -23.65 -54.25
C ALA M 139 5.68 -25.02 -53.75
N LEU M 140 5.91 -25.96 -54.69
CA LEU M 140 6.49 -27.25 -54.39
C LEU M 140 7.96 -27.19 -54.78
N ALA M 141 8.87 -27.23 -53.81
CA ALA M 141 10.28 -27.01 -54.05
C ALA M 141 10.89 -28.06 -55.00
N GLY M 142 10.36 -29.30 -54.96
CA GLY M 142 10.86 -30.38 -55.79
C GLY M 142 10.69 -31.73 -55.13
N HIS M 143 10.48 -32.77 -55.95
CA HIS M 143 10.30 -34.11 -55.48
C HIS M 143 9.13 -34.19 -54.50
N VAL M 144 8.11 -33.36 -54.69
CA VAL M 144 6.98 -33.36 -53.80
C VAL M 144 5.88 -34.22 -54.39
N HIS M 145 5.30 -35.11 -53.57
CA HIS M 145 4.20 -35.95 -53.99
C HIS M 145 2.94 -35.43 -53.32
N VAL M 146 1.94 -35.03 -54.13
CA VAL M 146 0.66 -34.61 -53.64
C VAL M 146 -0.39 -35.62 -54.10
N ASP M 147 -1.02 -36.28 -53.14
CA ASP M 147 -1.97 -37.32 -53.42
C ASP M 147 -3.38 -36.71 -53.61
N ASP M 148 -4.33 -37.54 -54.05
CA ASP M 148 -5.61 -37.12 -54.60
C ASP M 148 -6.37 -36.25 -53.59
N TRP M 149 -7.06 -35.22 -54.11
CA TRP M 149 -8.05 -34.39 -53.39
C TRP M 149 -7.40 -33.45 -52.39
N ALA M 150 -6.07 -33.32 -52.42
CA ALA M 150 -5.45 -32.43 -51.49
C ALA M 150 -5.79 -30.98 -51.87
N ILE M 151 -5.80 -30.11 -50.88
CA ILE M 151 -5.97 -28.70 -51.08
C ILE M 151 -4.85 -27.97 -50.36
N LEU M 152 -4.07 -27.19 -51.09
CA LEU M 152 -3.06 -26.35 -50.51
C LEU M 152 -3.52 -24.89 -50.62
N SER M 153 -3.81 -24.26 -49.47
CA SER M 153 -4.27 -22.90 -49.45
C SER M 153 -3.15 -22.00 -50.00
N GLY M 154 -3.51 -20.75 -50.27
CA GLY M 154 -2.62 -19.83 -50.91
C GLY M 154 -1.30 -19.66 -50.17
N TYR M 155 -0.23 -19.50 -50.95
CA TYR M 155 1.09 -19.21 -50.44
C TYR M 155 1.56 -20.33 -49.50
N THR M 156 1.13 -21.56 -49.77
CA THR M 156 1.68 -22.72 -49.09
C THR M 156 3.00 -23.11 -49.75
N LEU M 157 4.04 -23.25 -48.94
CA LEU M 157 5.37 -23.66 -49.39
C LEU M 157 5.65 -25.09 -48.91
N VAL M 158 6.22 -25.94 -49.78
CA VAL M 158 6.50 -27.32 -49.42
C VAL M 158 7.96 -27.63 -49.74
N HIS M 159 8.71 -28.08 -48.74
CA HIS M 159 10.10 -28.43 -48.89
C HIS M 159 10.25 -29.66 -49.78
N GLN M 160 11.46 -29.81 -50.30
CA GLN M 160 11.84 -30.94 -51.11
C GLN M 160 11.49 -32.24 -50.39
N TYR M 161 10.92 -33.19 -51.13
CA TYR M 161 10.73 -34.60 -50.74
C TYR M 161 9.48 -34.82 -49.88
N CYS M 162 8.73 -33.78 -49.53
CA CYS M 162 7.57 -33.99 -48.69
C CYS M 162 6.44 -34.67 -49.45
N ARG M 163 5.66 -35.46 -48.72
CA ARG M 163 4.47 -36.11 -49.21
C ARG M 163 3.26 -35.39 -48.58
N ILE M 164 2.35 -34.91 -49.42
CA ILE M 164 1.11 -34.34 -48.99
C ILE M 164 0.01 -35.38 -49.20
N GLY M 165 -0.65 -35.78 -48.11
CA GLY M 165 -1.56 -36.92 -48.11
C GLY M 165 -2.88 -36.62 -48.79
N ALA M 166 -3.58 -37.69 -49.19
CA ALA M 166 -4.89 -37.56 -49.79
C ALA M 166 -5.84 -36.80 -48.86
N HIS M 167 -6.63 -35.89 -49.43
CA HIS M 167 -7.66 -35.12 -48.74
C HIS M 167 -7.10 -34.20 -47.66
N SER M 168 -5.78 -34.03 -47.64
CA SER M 168 -5.21 -33.21 -46.64
C SER M 168 -5.39 -31.75 -47.04
N PHE M 169 -5.13 -30.84 -46.10
CA PHE M 169 -5.44 -29.44 -46.29
C PHE M 169 -4.41 -28.58 -45.54
N SER M 170 -3.83 -27.61 -46.23
CA SER M 170 -2.93 -26.69 -45.62
C SER M 170 -3.60 -25.32 -45.57
N GLY M 171 -3.41 -24.60 -44.46
CA GLY M 171 -3.91 -23.24 -44.31
C GLY M 171 -3.01 -22.28 -45.02
N MET M 172 -3.43 -21.01 -45.10
CA MET M 172 -2.72 -20.14 -45.96
C MET M 172 -1.43 -19.70 -45.30
N GLY M 173 -0.37 -19.58 -46.11
CA GLY M 173 0.95 -19.25 -45.66
C GLY M 173 1.62 -20.37 -44.90
N SER M 174 1.14 -21.60 -45.09
CA SER M 174 1.76 -22.75 -44.46
C SER M 174 3.16 -22.98 -45.04
N ALA M 175 4.08 -23.40 -44.18
CA ALA M 175 5.42 -23.80 -44.58
C ALA M 175 5.64 -25.23 -44.10
N ILE M 176 5.54 -26.18 -45.01
CA ILE M 176 5.52 -27.59 -44.72
C ILE M 176 6.90 -28.18 -44.94
N GLY M 177 7.44 -28.82 -43.91
CA GLY M 177 8.77 -29.39 -43.92
C GLY M 177 8.80 -30.90 -43.67
N LYS M 178 7.67 -31.51 -43.35
CA LYS M 178 7.58 -32.94 -43.15
C LYS M 178 6.31 -33.42 -43.81
N ASP M 179 6.10 -34.74 -43.89
CA ASP M 179 4.91 -35.26 -44.57
C ASP M 179 3.64 -34.76 -43.86
N VAL M 180 2.58 -34.58 -44.63
CA VAL M 180 1.31 -34.32 -44.10
C VAL M 180 0.49 -35.58 -44.29
N PRO M 181 0.05 -36.24 -43.20
CA PRO M 181 -0.73 -37.45 -43.33
C PRO M 181 -2.04 -37.13 -44.03
N ALA M 182 -2.65 -38.15 -44.62
CA ALA M 182 -3.93 -38.02 -45.27
C ALA M 182 -4.94 -37.41 -44.29
N TYR M 183 -5.83 -36.59 -44.83
CA TYR M 183 -6.94 -35.97 -44.14
C TYR M 183 -6.52 -34.84 -43.18
N VAL M 184 -5.22 -34.68 -42.88
CA VAL M 184 -4.84 -33.79 -41.80
C VAL M 184 -4.87 -32.35 -42.28
N THR M 185 -5.22 -31.43 -41.39
CA THR M 185 -5.12 -29.99 -41.65
C THR M 185 -3.90 -29.44 -40.93
N VAL M 186 -3.11 -28.61 -41.62
CA VAL M 186 -1.91 -28.02 -41.05
C VAL M 186 -1.92 -26.51 -41.29
N PHE M 187 -1.25 -25.78 -40.40
CA PHE M 187 -1.25 -24.32 -40.41
C PHE M 187 0.09 -23.81 -39.90
N GLY M 188 0.55 -22.70 -40.50
CA GLY M 188 1.62 -21.89 -39.95
C GLY M 188 2.97 -22.21 -40.52
N ASN M 189 3.97 -21.46 -40.09
CA ASN M 189 5.34 -21.56 -40.51
C ASN M 189 6.23 -21.56 -39.28
N PRO M 190 6.69 -22.73 -38.83
CA PRO M 190 6.50 -24.01 -39.49
C PRO M 190 5.12 -24.64 -39.25
N ALA M 191 4.68 -25.46 -40.20
CA ALA M 191 3.35 -26.03 -40.19
C ALA M 191 3.18 -26.95 -38.97
N GLU M 192 1.98 -26.88 -38.37
CA GLU M 192 1.55 -27.71 -37.28
C GLU M 192 0.21 -28.35 -37.64
N ALA M 193 0.02 -29.60 -37.23
CA ALA M 193 -1.23 -30.33 -37.39
C ALA M 193 -2.22 -29.75 -36.41
N ARG M 194 -3.47 -29.58 -36.85
CA ARG M 194 -4.51 -29.00 -36.03
C ARG M 194 -5.68 -29.98 -35.91
N SER M 195 -6.16 -30.51 -37.03
CA SER M 195 -7.35 -31.33 -37.04
C SER M 195 -7.37 -32.18 -38.31
N MET M 196 -8.57 -32.58 -38.73
CA MET M 196 -8.76 -33.29 -39.97
C MET M 196 -9.75 -32.54 -40.84
N ASN M 197 -9.67 -32.81 -42.15
CA ASN M 197 -10.39 -32.09 -43.14
C ASN M 197 -11.78 -32.71 -43.27
N PHE M 198 -12.64 -32.42 -42.30
CA PHE M 198 -13.94 -33.01 -42.25
C PHE M 198 -14.81 -32.51 -43.40
N GLU M 199 -14.63 -31.23 -43.77
CA GLU M 199 -15.34 -30.64 -44.91
C GLU M 199 -15.12 -31.53 -46.15
N GLY M 200 -13.87 -31.94 -46.37
CA GLY M 200 -13.49 -32.78 -47.48
C GLY M 200 -14.17 -34.12 -47.46
N MET M 201 -14.30 -34.71 -46.27
CA MET M 201 -14.91 -36.03 -46.09
C MET M 201 -16.41 -35.93 -46.38
N ARG M 202 -17.01 -34.78 -46.04
CA ARG M 202 -18.42 -34.56 -46.25
C ARG M 202 -18.71 -34.60 -47.75
N ARG M 203 -17.92 -33.86 -48.53
CA ARG M 203 -18.05 -33.73 -49.98
C ARG M 203 -17.85 -35.08 -50.67
N ARG M 204 -16.97 -35.93 -50.18
CA ARG M 204 -16.80 -37.25 -50.79
C ARG M 204 -17.85 -38.24 -50.28
N GLY M 205 -18.75 -37.80 -49.42
CA GLY M 205 -19.83 -38.63 -48.90
C GLY M 205 -19.37 -39.78 -48.03
N PHE M 206 -18.34 -39.58 -47.22
CA PHE M 206 -17.90 -40.60 -46.27
C PHE M 206 -19.02 -40.91 -45.29
N SER M 207 -19.08 -42.15 -44.83
CA SER M 207 -20.03 -42.54 -43.82
C SER M 207 -19.73 -41.77 -42.53
N SER M 208 -20.74 -41.65 -41.67
CA SER M 208 -20.57 -40.95 -40.44
C SER M 208 -19.70 -41.78 -39.47
N GLU M 209 -19.73 -43.12 -39.60
CA GLU M 209 -18.92 -44.01 -38.75
C GLU M 209 -17.44 -43.85 -39.11
N ALA M 210 -17.16 -43.60 -40.40
CA ALA M 210 -15.81 -43.48 -40.89
C ALA M 210 -15.20 -42.14 -40.45
N ILE M 211 -16.03 -41.09 -40.46
CA ILE M 211 -15.58 -39.78 -40.03
C ILE M 211 -15.18 -39.84 -38.56
N HIS M 212 -16.01 -40.49 -37.74
CA HIS M 212 -15.73 -40.63 -36.34
C HIS M 212 -14.44 -41.44 -36.14
N ALA M 213 -14.23 -42.46 -36.96
CA ALA M 213 -13.08 -43.33 -36.80
C ALA M 213 -11.80 -42.55 -37.11
N LEU M 214 -11.91 -41.62 -38.06
CA LEU M 214 -10.80 -40.83 -38.46
C LEU M 214 -10.48 -39.78 -37.40
N ARG M 215 -11.49 -39.28 -36.70
CA ARG M 215 -11.20 -38.36 -35.63
C ARG M 215 -10.47 -39.08 -34.50
N ARG M 216 -10.87 -40.31 -34.18
CA ARG M 216 -10.22 -41.08 -33.14
C ARG M 216 -8.79 -41.36 -33.57
N ALA M 217 -8.60 -41.60 -34.86
CA ALA M 217 -7.28 -41.90 -35.39
C ALA M 217 -6.35 -40.69 -35.23
N TYR M 218 -6.89 -39.50 -35.48
CA TYR M 218 -6.15 -38.28 -35.30
C TYR M 218 -5.67 -38.21 -33.85
N LYS M 219 -6.58 -38.46 -32.91
CA LYS M 219 -6.28 -38.35 -31.49
C LYS M 219 -5.19 -39.36 -31.08
N VAL M 220 -5.18 -40.55 -31.68
CA VAL M 220 -4.20 -41.58 -31.33
C VAL M 220 -2.78 -41.09 -31.68
N VAL M 221 -2.66 -40.50 -32.87
CA VAL M 221 -1.40 -40.09 -33.43
C VAL M 221 -0.89 -38.82 -32.77
N TYR M 222 -1.79 -37.90 -32.42
CA TYR M 222 -1.42 -36.51 -32.13
C TYR M 222 -1.71 -36.09 -30.68
N ARG M 223 -2.72 -36.65 -30.00
CA ARG M 223 -3.22 -36.04 -28.76
C ARG M 223 -3.12 -37.03 -27.60
N GLN M 224 -2.28 -38.07 -27.66
CA GLN M 224 -2.32 -39.09 -26.59
C GLN M 224 -0.91 -39.49 -26.12
N GLY M 225 0.09 -38.67 -26.44
CA GLY M 225 1.47 -38.92 -26.07
C GLY M 225 2.07 -40.17 -26.68
N HIS M 226 1.50 -40.73 -27.76
CA HIS M 226 2.08 -41.94 -28.35
C HIS M 226 3.28 -41.54 -29.21
N THR M 227 4.32 -42.39 -29.24
CA THR M 227 5.34 -42.27 -30.27
C THR M 227 4.69 -42.69 -31.59
N VAL M 228 5.35 -42.45 -32.71
CA VAL M 228 4.74 -42.76 -33.97
C VAL M 228 4.58 -44.29 -34.10
N GLU M 229 5.55 -45.05 -33.60
CA GLU M 229 5.52 -46.52 -33.61
C GLU M 229 4.31 -47.03 -32.80
N GLU M 230 4.10 -46.47 -31.61
CA GLU M 230 3.01 -46.90 -30.74
C GLU M 230 1.66 -46.56 -31.38
N ALA M 231 1.58 -45.44 -32.10
CA ALA M 231 0.36 -45.01 -32.74
C ALA M 231 -0.01 -45.96 -33.88
N LEU M 232 0.97 -46.31 -34.71
CA LEU M 232 0.76 -47.24 -35.80
C LEU M 232 0.19 -48.56 -35.30
N ALA M 233 0.68 -49.03 -34.15
CA ALA M 233 0.24 -50.27 -33.56
C ALA M 233 -1.21 -50.15 -33.12
N GLU M 234 -1.56 -49.02 -32.53
CA GLU M 234 -2.88 -48.78 -32.03
C GLU M 234 -3.88 -48.65 -33.19
N LEU M 235 -3.45 -48.03 -34.30
CA LEU M 235 -4.29 -47.84 -35.47
C LEU M 235 -4.58 -49.15 -36.21
N ALA M 236 -3.83 -50.23 -35.95
CA ALA M 236 -3.97 -51.45 -36.75
C ALA M 236 -5.42 -51.94 -36.77
N GLU M 237 -6.11 -51.97 -35.62
CA GLU M 237 -7.49 -52.44 -35.50
C GLU M 237 -8.40 -51.59 -36.41
N SER M 238 -8.32 -50.29 -36.21
CA SER M 238 -9.21 -49.32 -36.84
C SER M 238 -8.98 -49.28 -38.37
N ALA M 239 -7.77 -49.58 -38.83
CA ALA M 239 -7.41 -49.57 -40.23
C ALA M 239 -7.95 -50.82 -40.94
N ALA M 240 -8.17 -51.89 -40.21
CA ALA M 240 -8.74 -53.07 -40.78
C ALA M 240 -10.27 -52.94 -40.88
N GLN M 241 -10.84 -52.09 -40.03
CA GLN M 241 -12.26 -51.89 -39.95
C GLN M 241 -12.73 -50.89 -41.03
N PHE M 242 -11.89 -49.93 -41.40
CA PHE M 242 -12.29 -48.82 -42.28
C PHE M 242 -11.22 -48.56 -43.34
N PRO M 243 -11.55 -48.76 -44.64
CA PRO M 243 -10.64 -48.39 -45.73
C PRO M 243 -10.07 -46.97 -45.62
N GLU M 244 -10.88 -46.07 -45.08
CA GLU M 244 -10.56 -44.64 -44.98
C GLU M 244 -9.45 -44.43 -43.94
N VAL M 245 -9.50 -45.18 -42.84
CA VAL M 245 -8.47 -45.10 -41.81
C VAL M 245 -7.19 -45.75 -42.32
N ALA M 246 -7.31 -46.82 -43.12
CA ALA M 246 -6.12 -47.46 -43.69
C ALA M 246 -5.31 -46.47 -44.52
N VAL M 247 -5.98 -45.60 -45.28
CA VAL M 247 -5.31 -44.56 -46.05
C VAL M 247 -4.46 -43.67 -45.13
N PHE M 248 -5.04 -43.32 -43.98
CA PHE M 248 -4.39 -42.48 -42.98
C PHE M 248 -3.19 -43.23 -42.37
N ARG M 249 -3.39 -44.48 -41.93
CA ARG M 249 -2.30 -45.25 -41.36
C ARG M 249 -1.17 -45.38 -42.40
N ASP M 250 -1.53 -45.68 -43.65
CA ASP M 250 -0.53 -45.94 -44.68
C ASP M 250 0.30 -44.68 -44.95
N SER M 251 -0.31 -43.50 -44.87
CA SER M 251 0.42 -42.25 -45.09
C SER M 251 1.45 -42.00 -43.97
N ILE M 252 1.15 -42.41 -42.74
CA ILE M 252 2.06 -42.26 -41.63
C ILE M 252 3.15 -43.34 -41.68
N GLN M 253 2.76 -44.56 -41.98
CA GLN M 253 3.66 -45.70 -42.15
C GLN M 253 4.84 -45.28 -43.03
N SER M 254 4.50 -44.74 -44.21
CA SER M 254 5.45 -44.57 -45.30
C SER M 254 6.18 -43.22 -45.18
N ALA M 255 6.26 -42.70 -43.95
CA ALA M 255 6.83 -41.42 -43.71
C ALA M 255 7.98 -41.60 -42.71
N THR M 256 8.16 -42.81 -42.17
CA THR M 256 8.70 -42.89 -40.79
C THR M 256 9.63 -44.08 -40.56
N ARG M 257 10.76 -44.13 -41.27
CA ARG M 257 11.64 -45.29 -41.05
C ARG M 257 12.26 -45.26 -39.63
N GLY M 258 12.93 -44.16 -39.26
CA GLY M 258 13.69 -44.05 -38.00
C GLY M 258 15.06 -44.69 -38.12
N ILE M 259 15.80 -44.79 -37.00
CA ILE M 259 17.14 -45.37 -37.02
C ILE M 259 17.29 -46.43 -35.91
N THR M 260 18.12 -47.42 -36.19
CA THR M 260 18.42 -48.41 -35.25
C THR M 260 18.97 -47.73 -34.01
N ARG M 261 18.28 -47.92 -32.87
CA ARG M 261 18.69 -47.40 -31.56
C ARG M 261 19.07 -48.59 -30.65
N SER N 5 0.73 6.39 -83.43
CA SER N 5 -0.66 6.47 -82.95
C SER N 5 -0.67 6.01 -81.48
N LEU N 6 -1.79 6.24 -80.77
CA LEU N 6 -1.83 6.03 -79.32
C LEU N 6 -2.11 4.56 -78.99
N ILE N 7 -2.64 3.83 -79.98
CA ILE N 7 -2.92 2.43 -79.82
C ILE N 7 -1.96 1.67 -80.72
N ASP N 8 -1.09 0.87 -80.12
CA ASP N 8 -0.09 0.18 -80.87
C ASP N 8 -0.79 -0.69 -81.90
N PRO N 9 -0.29 -0.74 -83.15
CA PRO N 9 -0.85 -1.65 -84.15
C PRO N 9 -0.70 -3.13 -83.76
N ARG N 10 0.22 -3.47 -82.85
CA ARG N 10 0.42 -4.86 -82.44
C ARG N 10 -0.58 -5.26 -81.33
N ALA N 11 -1.40 -4.33 -80.83
CA ALA N 11 -2.42 -4.65 -79.82
C ALA N 11 -3.68 -5.19 -80.49
N ILE N 12 -4.54 -5.84 -79.72
CA ILE N 12 -5.81 -6.37 -80.19
C ILE N 12 -6.94 -5.69 -79.41
N ILE N 13 -7.83 -5.03 -80.13
CA ILE N 13 -8.95 -4.33 -79.52
C ILE N 13 -10.22 -4.97 -80.04
N ASP N 14 -11.04 -5.50 -79.15
CA ASP N 14 -12.29 -6.08 -79.56
C ASP N 14 -13.19 -5.00 -80.15
N PRO N 15 -13.94 -5.31 -81.24
CA PRO N 15 -14.93 -4.40 -81.78
C PRO N 15 -15.88 -3.77 -80.75
N SER N 16 -16.26 -4.52 -79.70
CA SER N 16 -17.25 -4.09 -78.70
C SER N 16 -16.61 -3.37 -77.50
N ALA N 17 -15.29 -3.16 -77.52
CA ALA N 17 -14.63 -2.34 -76.51
C ALA N 17 -14.89 -0.86 -76.81
N ARG N 18 -14.88 -0.03 -75.77
CA ARG N 18 -15.15 1.38 -75.88
C ARG N 18 -14.04 2.15 -75.15
N LEU N 19 -13.15 2.78 -75.93
CA LEU N 19 -12.00 3.54 -75.42
C LEU N 19 -12.22 5.03 -75.65
N ALA N 20 -11.99 5.85 -74.62
CA ALA N 20 -11.99 7.28 -74.76
C ALA N 20 -10.88 7.68 -75.75
N ALA N 21 -10.97 8.93 -76.23
CA ALA N 21 -10.18 9.41 -77.40
C ALA N 21 -8.67 9.24 -77.16
N ASP N 22 -8.16 9.52 -75.94
CA ASP N 22 -6.71 9.66 -75.72
C ASP N 22 -6.14 8.52 -74.87
N VAL N 23 -6.79 7.36 -74.91
CA VAL N 23 -6.28 6.18 -74.25
C VAL N 23 -5.07 5.68 -75.03
N GLN N 24 -4.06 5.20 -74.30
CA GLN N 24 -2.89 4.58 -74.90
C GLN N 24 -2.86 3.08 -74.58
N VAL N 25 -2.52 2.26 -75.57
CA VAL N 25 -2.41 0.83 -75.39
C VAL N 25 -1.10 0.37 -76.02
N GLY N 26 -0.29 -0.32 -75.22
CA GLY N 26 0.99 -0.81 -75.62
C GLY N 26 0.88 -2.02 -76.54
N PRO N 27 2.02 -2.44 -77.14
CA PRO N 27 2.05 -3.60 -78.02
C PRO N 27 1.69 -4.91 -77.30
N TRP N 28 1.02 -5.80 -78.02
CA TRP N 28 0.73 -7.17 -77.55
C TRP N 28 -0.20 -7.16 -76.33
N SER N 29 -1.04 -6.14 -76.23
CA SER N 29 -2.05 -6.10 -75.23
C SER N 29 -3.39 -6.47 -75.85
N ILE N 30 -4.27 -7.07 -75.05
CA ILE N 30 -5.59 -7.44 -75.47
C ILE N 30 -6.59 -6.62 -74.68
N VAL N 31 -7.45 -5.89 -75.38
CA VAL N 31 -8.60 -5.26 -74.76
C VAL N 31 -9.84 -6.02 -75.24
N GLY N 32 -10.33 -6.92 -74.38
CA GLY N 32 -11.40 -7.86 -74.71
C GLY N 32 -12.75 -7.20 -74.87
N ALA N 33 -13.72 -8.02 -75.26
CA ALA N 33 -15.11 -7.61 -75.41
C ALA N 33 -15.59 -6.94 -74.13
N GLU N 34 -16.36 -5.86 -74.28
CA GLU N 34 -17.12 -5.21 -73.20
C GLU N 34 -16.21 -4.57 -72.17
N VAL N 35 -15.03 -4.12 -72.60
CA VAL N 35 -14.16 -3.35 -71.77
C VAL N 35 -14.31 -1.89 -72.15
N GLU N 36 -14.43 -1.05 -71.13
CA GLU N 36 -14.62 0.37 -71.30
C GLU N 36 -13.46 1.06 -70.57
N ILE N 37 -12.77 1.99 -71.24
CA ILE N 37 -11.57 2.64 -70.67
C ILE N 37 -11.70 4.16 -70.78
N GLY N 38 -11.51 4.83 -69.66
CA GLY N 38 -11.74 6.27 -69.54
C GLY N 38 -10.54 7.10 -69.97
N GLU N 39 -10.85 8.38 -70.22
CA GLU N 39 -9.91 9.45 -70.59
C GLU N 39 -8.58 9.33 -69.85
N GLY N 40 -7.48 9.31 -70.61
CA GLY N 40 -6.11 9.53 -70.11
C GLY N 40 -5.46 8.29 -69.50
N THR N 41 -6.15 7.15 -69.56
CA THR N 41 -5.63 5.91 -69.04
C THR N 41 -4.59 5.36 -70.02
N VAL N 42 -3.60 4.66 -69.46
CA VAL N 42 -2.49 4.08 -70.22
C VAL N 42 -2.39 2.59 -69.88
N ILE N 43 -2.54 1.76 -70.91
CA ILE N 43 -2.33 0.34 -70.81
C ILE N 43 -0.93 0.06 -71.36
N GLY N 44 -0.12 -0.63 -70.56
CA GLY N 44 1.21 -1.01 -70.95
C GLY N 44 1.20 -2.11 -72.01
N PRO N 45 2.38 -2.66 -72.34
CA PRO N 45 2.46 -3.81 -73.23
C PRO N 45 2.09 -5.09 -72.46
N HIS N 46 1.76 -6.17 -73.18
CA HIS N 46 1.54 -7.46 -72.56
C HIS N 46 0.49 -7.40 -71.45
N VAL N 47 -0.62 -6.69 -71.67
CA VAL N 47 -1.68 -6.65 -70.71
C VAL N 47 -2.88 -7.39 -71.29
N VAL N 48 -3.63 -8.08 -70.42
CA VAL N 48 -4.85 -8.73 -70.82
C VAL N 48 -6.00 -8.11 -70.04
N LEU N 49 -6.91 -7.41 -70.74
CA LEU N 49 -8.15 -6.94 -70.15
C LEU N 49 -9.29 -7.82 -70.64
N LYS N 50 -10.20 -8.15 -69.74
CA LYS N 50 -11.36 -8.92 -70.07
C LYS N 50 -12.58 -8.28 -69.38
N GLY N 51 -13.78 -8.52 -69.93
CA GLY N 51 -14.99 -7.80 -69.52
C GLY N 51 -16.09 -8.74 -69.06
N PRO N 52 -17.20 -8.19 -68.56
CA PRO N 52 -17.53 -6.76 -68.53
C PRO N 52 -16.77 -5.93 -67.50
N THR N 53 -16.01 -4.94 -67.96
CA THR N 53 -15.11 -4.19 -67.12
C THR N 53 -15.19 -2.72 -67.48
N LYS N 54 -15.23 -1.86 -66.46
CA LYS N 54 -15.24 -0.44 -66.62
C LYS N 54 -14.02 0.14 -65.89
N ILE N 55 -13.14 0.80 -66.64
CA ILE N 55 -11.96 1.43 -66.09
C ILE N 55 -12.10 2.93 -66.28
N GLY N 56 -11.85 3.70 -65.20
CA GLY N 56 -12.03 5.13 -65.19
C GLY N 56 -10.87 5.85 -65.83
N LYS N 57 -10.60 7.07 -65.33
CA LYS N 57 -9.74 8.05 -65.98
C LYS N 57 -8.37 8.04 -65.31
N HIS N 58 -7.33 8.25 -66.13
CA HIS N 58 -5.96 8.51 -65.66
C HIS N 58 -5.40 7.33 -64.87
N ASN N 59 -5.73 6.10 -65.28
CA ASN N 59 -5.15 4.92 -64.69
C ASN N 59 -3.86 4.58 -65.47
N ARG N 60 -2.96 3.85 -64.81
CA ARG N 60 -1.75 3.29 -65.39
CA ARG N 60 -1.74 3.29 -65.39
C ARG N 60 -1.82 1.79 -65.07
N ILE N 61 -1.79 0.92 -66.09
CA ILE N 61 -1.76 -0.56 -65.87
C ILE N 61 -0.53 -1.15 -66.56
N TYR N 62 0.31 -1.87 -65.78
CA TYR N 62 1.62 -2.30 -66.26
C TYR N 62 1.55 -3.72 -66.83
N GLN N 63 2.64 -4.10 -67.49
CA GLN N 63 2.81 -5.34 -68.21
C GLN N 63 2.49 -6.56 -67.34
N PHE N 64 1.90 -7.59 -67.98
CA PHE N 64 1.73 -8.95 -67.43
C PHE N 64 0.56 -9.04 -66.43
N SER N 65 -0.21 -7.96 -66.36
CA SER N 65 -1.41 -7.89 -65.59
C SER N 65 -2.54 -8.56 -66.36
N SER N 66 -3.39 -9.30 -65.63
CA SER N 66 -4.62 -9.87 -66.16
C SER N 66 -5.75 -9.25 -65.33
N VAL N 67 -6.49 -8.33 -65.94
CA VAL N 67 -7.49 -7.55 -65.26
C VAL N 67 -8.85 -7.87 -65.87
N GLY N 68 -9.74 -8.47 -65.09
CA GLY N 68 -11.10 -8.73 -65.52
C GLY N 68 -11.32 -10.20 -65.87
N GLU N 69 -10.41 -11.05 -65.41
CA GLU N 69 -10.46 -12.46 -65.66
C GLU N 69 -11.56 -13.09 -64.79
N ASP N 70 -12.08 -14.24 -65.16
CA ASP N 70 -13.09 -14.94 -64.34
C ASP N 70 -12.40 -15.53 -63.10
N THR N 71 -13.05 -15.56 -61.93
CA THR N 71 -12.44 -16.37 -60.87
C THR N 71 -12.47 -17.82 -61.27
N PRO N 72 -11.52 -18.64 -60.79
CA PRO N 72 -11.59 -20.08 -60.93
C PRO N 72 -12.47 -20.77 -59.90
N ASP N 73 -12.96 -20.03 -58.90
CA ASP N 73 -13.87 -20.57 -57.87
C ASP N 73 -14.93 -21.40 -58.57
N LEU N 74 -15.20 -22.61 -58.06
CA LEU N 74 -16.09 -23.57 -58.75
C LEU N 74 -17.56 -23.15 -58.53
N LYS N 75 -17.74 -22.19 -57.61
CA LYS N 75 -18.94 -21.38 -57.36
C LYS N 75 -19.44 -20.66 -58.65
N TYR N 76 -18.51 -20.11 -59.45
CA TYR N 76 -18.81 -19.26 -60.62
C TYR N 76 -19.01 -20.15 -61.86
N LYS N 77 -20.14 -19.96 -62.59
CA LYS N 77 -20.57 -20.81 -63.72
C LYS N 77 -20.67 -20.04 -65.05
N GLY N 78 -19.96 -18.92 -65.19
CA GLY N 78 -19.87 -18.21 -66.49
C GLY N 78 -20.87 -17.06 -66.65
N GLU N 79 -21.53 -16.63 -65.55
CA GLU N 79 -22.51 -15.53 -65.55
C GLU N 79 -21.82 -14.19 -65.86
N PRO N 80 -22.56 -13.15 -66.33
CA PRO N 80 -21.92 -11.91 -66.81
C PRO N 80 -21.69 -10.89 -65.67
N THR N 81 -20.65 -11.12 -64.87
CA THR N 81 -20.36 -10.30 -63.72
C THR N 81 -19.39 -9.20 -64.12
N ARG N 82 -19.17 -8.22 -63.23
CA ARG N 82 -18.54 -6.97 -63.58
C ARG N 82 -17.26 -6.76 -62.76
N LEU N 83 -16.40 -5.90 -63.29
CA LEU N 83 -15.30 -5.30 -62.57
C LEU N 83 -15.35 -3.79 -62.82
N VAL N 84 -15.25 -2.98 -61.77
CA VAL N 84 -15.27 -1.53 -61.89
C VAL N 84 -14.04 -0.95 -61.22
N ILE N 85 -13.30 -0.13 -61.96
CA ILE N 85 -12.13 0.55 -61.47
C ILE N 85 -12.34 2.05 -61.66
N GLY N 86 -12.00 2.83 -60.63
CA GLY N 86 -12.17 4.27 -60.65
C GLY N 86 -11.04 4.98 -61.36
N ASP N 87 -10.66 6.12 -60.79
CA ASP N 87 -9.77 7.09 -61.39
C ASP N 87 -8.42 7.09 -60.67
N HIS N 88 -7.35 7.42 -61.41
CA HIS N 88 -6.01 7.74 -60.85
C HIS N 88 -5.40 6.55 -60.09
N ASN N 89 -5.67 5.33 -60.55
CA ASN N 89 -5.09 4.16 -59.94
C ASN N 89 -3.82 3.77 -60.71
N VAL N 90 -2.92 3.10 -59.98
CA VAL N 90 -1.75 2.50 -60.57
C VAL N 90 -1.77 1.01 -60.24
N ILE N 91 -1.71 0.19 -61.29
CA ILE N 91 -1.68 -1.24 -61.15
C ILE N 91 -0.38 -1.73 -61.77
N ARG N 92 0.51 -2.26 -60.93
CA ARG N 92 1.85 -2.58 -61.36
C ARG N 92 1.89 -3.97 -62.02
N GLU N 93 3.12 -4.42 -62.27
CA GLU N 93 3.35 -5.56 -63.14
C GLU N 93 2.79 -6.82 -62.49
N GLY N 94 2.04 -7.60 -63.28
CA GLY N 94 1.68 -8.95 -62.93
C GLY N 94 0.46 -9.06 -62.03
N VAL N 95 -0.28 -7.96 -61.84
CA VAL N 95 -1.41 -7.97 -60.95
C VAL N 95 -2.54 -8.77 -61.60
N THR N 96 -3.27 -9.53 -60.79
CA THR N 96 -4.50 -10.20 -61.21
C THR N 96 -5.69 -9.62 -60.46
N ILE N 97 -6.75 -9.28 -61.20
CA ILE N 97 -7.98 -8.78 -60.65
C ILE N 97 -9.11 -9.56 -61.30
N HIS N 98 -9.95 -10.18 -60.48
CA HIS N 98 -11.04 -11.01 -60.96
C HIS N 98 -12.35 -10.24 -60.84
N ARG N 99 -13.28 -10.54 -61.75
CA ARG N 99 -14.63 -10.00 -61.70
C ARG N 99 -15.42 -10.77 -60.62
N GLY N 100 -16.61 -10.26 -60.29
CA GLY N 100 -17.44 -10.77 -59.22
C GLY N 100 -18.14 -12.09 -59.55
N THR N 101 -19.04 -12.47 -58.63
CA THR N 101 -19.84 -13.70 -58.67
C THR N 101 -21.29 -13.34 -58.34
N VAL N 102 -22.24 -14.10 -58.86
CA VAL N 102 -23.65 -13.82 -58.66
C VAL N 102 -24.06 -14.03 -57.21
N GLN N 103 -23.31 -14.83 -56.45
CA GLN N 103 -23.62 -15.13 -55.05
C GLN N 103 -23.41 -13.93 -54.14
N ASP N 104 -22.74 -12.86 -54.58
CA ASP N 104 -22.58 -11.63 -53.74
C ASP N 104 -23.24 -10.45 -54.48
N ARG N 105 -22.45 -9.52 -55.04
CA ARG N 105 -23.01 -8.34 -55.67
C ARG N 105 -22.73 -8.32 -57.17
N ALA N 106 -22.06 -9.36 -57.67
CA ALA N 106 -21.79 -9.53 -59.09
C ALA N 106 -20.77 -8.49 -59.56
N GLU N 107 -19.96 -7.97 -58.65
CA GLU N 107 -19.09 -6.87 -58.99
C GLU N 107 -17.88 -6.82 -58.05
N THR N 108 -16.69 -6.83 -58.63
CA THR N 108 -15.46 -6.45 -57.96
C THR N 108 -15.26 -4.96 -58.22
N THR N 109 -14.94 -4.18 -57.19
CA THR N 109 -14.94 -2.74 -57.37
C THR N 109 -13.68 -2.15 -56.72
N ILE N 110 -13.07 -1.17 -57.40
CA ILE N 110 -11.91 -0.44 -56.93
C ILE N 110 -12.17 1.06 -57.11
N GLY N 111 -11.85 1.83 -56.07
CA GLY N 111 -12.09 3.27 -56.06
C GLY N 111 -11.01 4.04 -56.79
N ASP N 112 -10.56 5.13 -56.15
CA ASP N 112 -9.70 6.12 -56.77
C ASP N 112 -8.36 6.19 -56.03
N HIS N 113 -7.29 6.60 -56.74
CA HIS N 113 -5.98 6.93 -56.14
C HIS N 113 -5.37 5.73 -55.40
N ASN N 114 -5.59 4.51 -55.90
CA ASN N 114 -5.03 3.35 -55.23
C ASN N 114 -3.71 2.98 -55.92
N LEU N 115 -2.84 2.34 -55.16
CA LEU N 115 -1.61 1.82 -55.69
C LEU N 115 -1.57 0.32 -55.40
N ILE N 116 -1.60 -0.49 -56.45
CA ILE N 116 -1.58 -1.91 -56.30
C ILE N 116 -0.31 -2.43 -56.94
N MET N 117 0.59 -2.94 -56.11
CA MET N 117 1.95 -3.17 -56.53
C MET N 117 2.06 -4.60 -57.10
N ALA N 118 3.27 -4.94 -57.54
CA ALA N 118 3.49 -6.08 -58.39
C ALA N 118 2.91 -7.35 -57.79
N TYR N 119 2.26 -8.16 -58.63
CA TYR N 119 1.90 -9.56 -58.35
C TYR N 119 0.81 -9.63 -57.28
N ALA N 120 0.17 -8.51 -56.95
CA ALA N 120 -0.95 -8.53 -56.03
C ALA N 120 -2.13 -9.22 -56.69
N HIS N 121 -3.02 -9.80 -55.88
CA HIS N 121 -4.21 -10.47 -56.35
C HIS N 121 -5.44 -9.90 -55.67
N ILE N 122 -6.45 -9.56 -56.47
CA ILE N 122 -7.69 -9.04 -55.96
C ILE N 122 -8.83 -9.95 -56.39
N GLY N 123 -9.30 -10.74 -55.43
CA GLY N 123 -10.23 -11.82 -55.68
C GLY N 123 -11.64 -11.31 -55.92
N HIS N 124 -12.46 -12.21 -56.47
CA HIS N 124 -13.81 -11.90 -56.83
C HIS N 124 -14.52 -11.19 -55.69
N ASP N 125 -15.26 -10.13 -56.05
CA ASP N 125 -16.24 -9.50 -55.20
C ASP N 125 -15.58 -8.62 -54.13
N SER N 126 -14.27 -8.43 -54.23
CA SER N 126 -13.58 -7.56 -53.31
C SER N 126 -13.94 -6.10 -53.63
N VAL N 127 -13.81 -5.25 -52.63
CA VAL N 127 -14.13 -3.84 -52.75
C VAL N 127 -12.98 -3.05 -52.12
N ILE N 128 -12.35 -2.20 -52.92
CA ILE N 128 -11.32 -1.34 -52.42
C ILE N 128 -11.80 0.10 -52.53
N GLY N 129 -11.47 0.87 -51.50
CA GLY N 129 -11.86 2.26 -51.41
C GLY N 129 -10.90 3.16 -52.17
N ASN N 130 -10.49 4.26 -51.52
CA ASN N 130 -9.60 5.21 -52.12
C ASN N 130 -8.32 5.32 -51.31
N HIS N 131 -7.22 5.68 -51.97
CA HIS N 131 -5.97 6.04 -51.33
C HIS N 131 -5.31 4.83 -50.65
N CYS N 132 -5.69 3.62 -51.06
CA CYS N 132 -5.11 2.44 -50.46
C CYS N 132 -3.79 2.09 -51.16
N ILE N 133 -2.99 1.29 -50.46
CA ILE N 133 -1.76 0.76 -50.98
C ILE N 133 -1.70 -0.73 -50.67
N LEU N 134 -1.69 -1.54 -51.73
CA LEU N 134 -1.46 -2.96 -51.61
C LEU N 134 -0.06 -3.25 -52.14
N VAL N 135 0.82 -3.73 -51.28
CA VAL N 135 2.16 -3.89 -51.66
C VAL N 135 2.34 -5.25 -52.33
N ASN N 136 3.48 -5.43 -52.99
CA ASN N 136 3.84 -6.62 -53.73
C ASN N 136 3.21 -7.87 -53.10
N ASN N 137 2.46 -8.63 -53.92
CA ASN N 137 2.02 -9.99 -53.61
C ASN N 137 0.98 -10.01 -52.48
N THR N 138 0.36 -8.88 -52.18
CA THR N 138 -0.80 -8.87 -51.33
C THR N 138 -1.92 -9.62 -52.02
N ALA N 139 -2.67 -10.45 -51.29
CA ALA N 139 -3.70 -11.26 -51.89
C ALA N 139 -5.01 -11.18 -51.10
N LEU N 140 -6.08 -10.73 -51.76
CA LEU N 140 -7.41 -10.72 -51.19
C LEU N 140 -8.17 -11.92 -51.74
N ALA N 141 -8.48 -12.90 -50.90
CA ALA N 141 -9.05 -14.17 -51.37
C ALA N 141 -10.41 -14.00 -52.04
N GLY N 142 -11.18 -13.00 -51.62
CA GLY N 142 -12.51 -12.74 -52.17
C GLY N 142 -13.45 -12.14 -51.15
N HIS N 143 -14.38 -11.29 -51.63
CA HIS N 143 -15.34 -10.64 -50.79
C HIS N 143 -14.64 -9.83 -49.69
N VAL N 144 -13.46 -9.28 -50.00
CA VAL N 144 -12.73 -8.51 -49.03
C VAL N 144 -13.06 -7.04 -49.24
N HIS N 145 -13.36 -6.33 -48.15
CA HIS N 145 -13.60 -4.89 -48.20
C HIS N 145 -12.39 -4.20 -47.57
N VAL N 146 -11.70 -3.36 -48.33
CA VAL N 146 -10.61 -2.56 -47.84
C VAL N 146 -11.03 -1.09 -47.89
N ASP N 147 -11.09 -0.45 -46.72
CA ASP N 147 -11.58 0.90 -46.61
C ASP N 147 -10.40 1.88 -46.82
N ASP N 148 -10.71 3.18 -46.91
CA ASP N 148 -9.81 4.20 -47.39
C ASP N 148 -8.51 4.23 -46.59
N TRP N 149 -7.39 4.48 -47.29
CA TRP N 149 -6.06 4.78 -46.71
C TRP N 149 -5.40 3.56 -46.08
N ALA N 150 -5.96 2.37 -46.28
CA ALA N 150 -5.34 1.22 -45.69
C ALA N 150 -4.01 0.95 -46.42
N ILE N 151 -3.09 0.34 -45.70
CA ILE N 151 -1.85 -0.11 -46.26
C ILE N 151 -1.65 -1.58 -45.88
N LEU N 152 -1.52 -2.45 -46.89
CA LEU N 152 -1.19 -3.83 -46.65
C LEU N 152 0.25 -4.07 -47.11
N SER N 153 1.14 -4.35 -46.15
CA SER N 153 2.53 -4.58 -46.47
C SER N 153 2.64 -5.83 -47.35
N GLY N 154 3.83 -6.03 -47.91
CA GLY N 154 4.05 -7.07 -48.87
C GLY N 154 3.67 -8.43 -48.35
N TYR N 155 3.13 -9.27 -49.27
CA TYR N 155 2.82 -10.65 -49.01
C TYR N 155 1.81 -10.75 -47.86
N THR N 156 0.93 -9.77 -47.73
CA THR N 156 -0.19 -9.87 -46.83
C THR N 156 -1.30 -10.67 -47.50
N LEU N 157 -1.79 -11.69 -46.80
CA LEU N 157 -2.88 -12.54 -47.29
C LEU N 157 -4.14 -12.26 -46.46
N VAL N 158 -5.30 -12.17 -47.12
CA VAL N 158 -6.55 -11.86 -46.44
C VAL N 158 -7.60 -12.91 -46.82
N HIS N 159 -8.17 -13.58 -45.82
CA HIS N 159 -9.19 -14.57 -46.03
C HIS N 159 -10.47 -13.94 -46.56
N GLN N 160 -11.31 -14.79 -47.16
CA GLN N 160 -12.60 -14.42 -47.66
C GLN N 160 -13.39 -13.70 -46.57
N TYR N 161 -14.05 -12.60 -46.96
CA TYR N 161 -15.08 -11.90 -46.17
C TYR N 161 -14.48 -10.93 -45.16
N CYS N 162 -13.17 -10.82 -45.04
CA CYS N 162 -12.61 -9.91 -44.06
C CYS N 162 -12.77 -8.46 -44.48
N ARG N 163 -12.92 -7.59 -43.47
CA ARG N 163 -12.96 -6.16 -43.63
C ARG N 163 -11.65 -5.60 -43.09
N ILE N 164 -10.93 -4.85 -43.92
CA ILE N 164 -9.75 -4.12 -43.53
C ILE N 164 -10.14 -2.66 -43.32
N GLY N 165 -9.96 -2.16 -42.09
CA GLY N 165 -10.50 -0.86 -41.70
C GLY N 165 -9.70 0.31 -42.27
N ALA N 166 -10.33 1.47 -42.29
CA ALA N 166 -9.67 2.69 -42.75
C ALA N 166 -8.39 2.94 -41.96
N HIS N 167 -7.33 3.33 -42.67
CA HIS N 167 -6.03 3.72 -42.09
C HIS N 167 -5.34 2.57 -41.37
N SER N 168 -5.85 1.36 -41.55
CA SER N 168 -5.26 0.25 -40.88
C SER N 168 -3.98 -0.15 -41.63
N PHE N 169 -3.18 -1.01 -41.01
CA PHE N 169 -1.87 -1.33 -41.53
C PHE N 169 -1.52 -2.77 -41.16
N SER N 170 -1.10 -3.55 -42.15
CA SER N 170 -0.64 -4.89 -41.91
C SER N 170 0.86 -4.95 -42.16
N GLY N 171 1.58 -5.69 -41.31
CA GLY N 171 3.00 -5.92 -41.48
C GLY N 171 3.25 -6.96 -42.53
N MET N 172 4.51 -7.15 -42.91
CA MET N 172 4.74 -7.96 -44.04
C MET N 172 4.60 -9.44 -43.67
N GLY N 173 4.03 -10.21 -44.60
CA GLY N 173 3.75 -11.61 -44.42
C GLY N 173 2.60 -11.84 -43.45
N SER N 174 1.76 -10.84 -43.24
CA SER N 174 0.60 -10.99 -42.40
C SER N 174 -0.41 -11.94 -43.05
N ALA N 175 -1.06 -12.75 -42.21
CA ALA N 175 -2.13 -13.64 -42.63
C ALA N 175 -3.36 -13.31 -41.83
N ILE N 176 -4.30 -12.58 -42.43
CA ILE N 176 -5.42 -11.99 -41.76
C ILE N 176 -6.65 -12.85 -41.96
N GLY N 177 -7.28 -13.26 -40.87
CA GLY N 177 -8.44 -14.15 -40.87
C GLY N 177 -9.69 -13.55 -40.27
N LYS N 178 -9.58 -12.37 -39.65
CA LYS N 178 -10.73 -11.70 -39.05
C LYS N 178 -10.63 -10.23 -39.38
N ASP N 179 -11.65 -9.43 -39.07
CA ASP N 179 -11.62 -8.03 -39.46
C ASP N 179 -10.44 -7.31 -38.79
N VAL N 180 -9.90 -6.32 -39.47
CA VAL N 180 -8.95 -5.44 -38.89
C VAL N 180 -9.66 -4.13 -38.63
N PRO N 181 -9.81 -3.70 -37.37
CA PRO N 181 -10.51 -2.44 -37.09
C PRO N 181 -9.70 -1.30 -37.69
N ALA N 182 -10.38 -0.17 -37.91
CA ALA N 182 -9.73 1.02 -38.41
C ALA N 182 -8.54 1.38 -37.52
N TYR N 183 -7.49 1.90 -38.17
CA TYR N 183 -6.29 2.41 -37.55
C TYR N 183 -5.39 1.32 -36.97
N VAL N 184 -5.84 0.07 -36.88
CA VAL N 184 -5.07 -0.92 -36.13
C VAL N 184 -3.91 -1.43 -36.97
N THR N 185 -2.79 -1.75 -36.33
CA THR N 185 -1.67 -2.41 -36.98
C THR N 185 -1.67 -3.89 -36.58
N VAL N 186 -1.47 -4.78 -37.56
CA VAL N 186 -1.46 -6.22 -37.31
C VAL N 186 -0.23 -6.85 -37.94
N PHE N 187 0.23 -7.95 -37.35
CA PHE N 187 1.48 -8.60 -37.75
C PHE N 187 1.36 -10.11 -37.55
N GLY N 188 1.97 -10.86 -38.47
CA GLY N 188 2.25 -12.27 -38.28
C GLY N 188 1.20 -13.17 -38.91
N ASN N 189 1.43 -14.49 -38.76
CA ASN N 189 0.60 -15.52 -39.31
C ASN N 189 0.38 -16.56 -38.23
N PRO N 190 -0.77 -16.52 -37.56
CA PRO N 190 -1.90 -15.64 -37.83
C PRO N 190 -1.72 -14.21 -37.29
N ALA N 191 -2.36 -13.25 -37.94
CA ALA N 191 -2.20 -11.86 -37.62
C ALA N 191 -2.67 -11.56 -36.21
N GLU N 192 -1.92 -10.70 -35.51
CA GLU N 192 -2.22 -10.21 -34.17
C GLU N 192 -2.19 -8.68 -34.21
N ALA N 193 -3.08 -8.07 -33.44
CA ALA N 193 -3.11 -6.62 -33.27
C ALA N 193 -1.94 -6.24 -32.36
N ARG N 194 -1.27 -5.14 -32.68
CA ARG N 194 -0.13 -4.71 -31.94
C ARG N 194 -0.35 -3.28 -31.41
N SER N 195 -0.77 -2.36 -32.28
CA SER N 195 -0.89 -0.97 -31.94
C SER N 195 -1.82 -0.28 -32.93
N MET N 196 -1.66 1.04 -33.08
CA MET N 196 -2.39 1.80 -34.05
C MET N 196 -1.41 2.51 -34.97
N ASN N 197 -1.92 2.87 -36.14
CA ASN N 197 -1.14 3.41 -37.20
C ASN N 197 -1.02 4.92 -37.00
N PHE N 198 -0.17 5.32 -36.04
CA PHE N 198 -0.02 6.69 -35.69
C PHE N 198 0.64 7.46 -36.82
N GLU N 199 1.58 6.80 -37.53
CA GLU N 199 2.22 7.41 -38.71
C GLU N 199 1.14 7.91 -39.67
N GLY N 200 0.14 7.08 -39.92
CA GLY N 200 -0.97 7.39 -40.79
C GLY N 200 -1.78 8.58 -40.34
N MET N 201 -1.99 8.68 -39.03
CA MET N 201 -2.76 9.78 -38.43
C MET N 201 -1.98 11.08 -38.57
N ARG N 202 -0.65 10.99 -38.49
CA ARG N 202 0.21 12.15 -38.61
C ARG N 202 0.05 12.76 -39.99
N ARG N 203 0.13 11.91 -41.03
CA ARG N 203 0.05 12.31 -42.42
C ARG N 203 -1.32 12.92 -42.75
N ARG N 204 -2.41 12.45 -42.14
CA ARG N 204 -3.71 13.03 -42.41
C ARG N 204 -3.93 14.27 -41.53
N GLY N 205 -2.95 14.64 -40.71
CA GLY N 205 -3.02 15.84 -39.87
C GLY N 205 -4.08 15.77 -38.78
N PHE N 206 -4.27 14.60 -38.17
CA PHE N 206 -5.20 14.47 -37.05
C PHE N 206 -4.73 15.35 -35.90
N SER N 207 -5.69 15.85 -35.13
CA SER N 207 -5.37 16.61 -33.95
C SER N 207 -4.64 15.72 -32.95
N SER N 208 -3.90 16.34 -32.04
CA SER N 208 -3.16 15.60 -31.06
C SER N 208 -4.12 15.00 -30.02
N GLU N 209 -5.28 15.65 -29.78
CA GLU N 209 -6.30 15.16 -28.84
C GLU N 209 -6.95 13.89 -29.40
N ALA N 210 -7.09 13.83 -30.72
CA ALA N 210 -7.73 12.72 -31.39
C ALA N 210 -6.82 11.50 -31.39
N ILE N 211 -5.52 11.74 -31.58
CA ILE N 211 -4.54 10.67 -31.57
C ILE N 211 -4.54 10.01 -30.19
N HIS N 212 -4.54 10.83 -29.13
CA HIS N 212 -4.56 10.34 -27.78
C HIS N 212 -5.85 9.54 -27.53
N ALA N 213 -6.96 10.00 -28.08
CA ALA N 213 -8.25 9.36 -27.85
C ALA N 213 -8.27 7.98 -28.51
N LEU N 214 -7.58 7.88 -29.64
CA LEU N 214 -7.52 6.65 -30.36
C LEU N 214 -6.58 5.66 -29.67
N ARG N 215 -5.54 6.14 -28.99
CA ARG N 215 -4.71 5.24 -28.24
C ARG N 215 -5.51 4.66 -27.06
N ARG N 216 -6.30 5.50 -26.39
CA ARG N 216 -7.10 5.04 -25.27
C ARG N 216 -8.12 4.02 -25.79
N ALA N 217 -8.63 4.26 -27.00
CA ALA N 217 -9.62 3.39 -27.59
C ALA N 217 -9.02 2.00 -27.85
N TYR N 218 -7.77 1.99 -28.33
CA TYR N 218 -7.09 0.75 -28.57
C TYR N 218 -7.02 -0.02 -27.26
N LYS N 219 -6.62 0.65 -26.20
CA LYS N 219 -6.43 0.01 -24.90
C LYS N 219 -7.76 -0.56 -24.37
N VAL N 220 -8.88 0.10 -24.64
CA VAL N 220 -10.18 -0.34 -24.14
C VAL N 220 -10.53 -1.71 -24.79
N VAL N 221 -10.29 -1.80 -26.09
CA VAL N 221 -10.68 -2.95 -26.88
C VAL N 221 -9.72 -4.12 -26.64
N TYR N 222 -8.44 -3.84 -26.44
CA TYR N 222 -7.40 -4.85 -26.56
C TYR N 222 -6.64 -5.13 -25.26
N ARG N 223 -6.50 -4.17 -24.35
CA ARG N 223 -5.52 -4.31 -23.26
C ARG N 223 -6.22 -4.23 -21.89
N GLN N 224 -7.52 -4.45 -21.79
CA GLN N 224 -8.20 -4.20 -20.49
C GLN N 224 -9.17 -5.32 -20.13
N GLY N 225 -9.05 -6.48 -20.79
CA GLY N 225 -9.89 -7.63 -20.52
C GLY N 225 -11.36 -7.42 -20.82
N HIS N 226 -11.73 -6.43 -21.63
CA HIS N 226 -13.15 -6.23 -21.93
C HIS N 226 -13.58 -7.24 -22.99
N THR N 227 -14.82 -7.72 -22.92
CA THR N 227 -15.43 -8.41 -24.06
C THR N 227 -15.69 -7.36 -25.13
N VAL N 228 -16.01 -7.77 -26.34
CA VAL N 228 -16.19 -6.80 -27.39
C VAL N 228 -17.42 -5.95 -27.08
N GLU N 229 -18.47 -6.54 -26.51
CA GLU N 229 -19.69 -5.81 -26.11
C GLU N 229 -19.37 -4.74 -25.08
N GLU N 230 -18.57 -5.09 -24.06
CA GLU N 230 -18.22 -4.16 -22.99
C GLU N 230 -17.36 -3.01 -23.54
N ALA N 231 -16.52 -3.31 -24.52
CA ALA N 231 -15.64 -2.32 -25.12
C ALA N 231 -16.45 -1.30 -25.90
N LEU N 232 -17.39 -1.77 -26.70
CA LEU N 232 -18.26 -0.91 -27.48
C LEU N 232 -19.01 0.08 -26.58
N ALA N 233 -19.44 -0.40 -25.41
CA ALA N 233 -20.17 0.41 -24.46
C ALA N 233 -19.24 1.49 -23.89
N GLU N 234 -18.00 1.12 -23.60
CA GLU N 234 -17.03 2.02 -23.04
C GLU N 234 -16.63 3.09 -24.06
N LEU N 235 -16.52 2.70 -25.33
CA LEU N 235 -16.16 3.60 -26.41
C LEU N 235 -17.27 4.62 -26.72
N ALA N 236 -18.50 4.41 -26.27
CA ALA N 236 -19.62 5.28 -26.69
C ALA N 236 -19.32 6.75 -26.42
N GLU N 237 -18.77 7.09 -25.23
CA GLU N 237 -18.49 8.48 -24.84
C GLU N 237 -17.48 9.07 -25.84
N SER N 238 -16.37 8.36 -26.01
CA SER N 238 -15.21 8.81 -26.77
C SER N 238 -15.57 8.95 -28.26
N ALA N 239 -16.52 8.14 -28.76
CA ALA N 239 -16.94 8.16 -30.15
C ALA N 239 -17.86 9.34 -30.44
N ALA N 240 -18.53 9.85 -29.42
CA ALA N 240 -19.35 11.02 -29.60
C ALA N 240 -18.51 12.29 -29.56
N GLN N 241 -17.34 12.21 -28.92
CA GLN N 241 -16.45 13.33 -28.74
C GLN N 241 -15.58 13.52 -29.99
N PHE N 242 -15.24 12.44 -30.69
CA PHE N 242 -14.26 12.47 -31.78
C PHE N 242 -14.76 11.68 -32.99
N PRO N 243 -15.00 12.34 -34.15
CA PRO N 243 -15.33 11.63 -35.39
C PRO N 243 -14.38 10.47 -35.71
N GLU N 244 -13.11 10.63 -35.35
CA GLU N 244 -12.05 9.69 -35.66
C GLU N 244 -12.22 8.42 -34.84
N VAL N 245 -12.66 8.54 -33.59
CA VAL N 245 -12.90 7.38 -32.73
C VAL N 245 -14.19 6.69 -33.19
N ALA N 246 -15.17 7.46 -33.67
CA ALA N 246 -16.41 6.85 -34.16
C ALA N 246 -16.11 5.89 -35.32
N VAL N 247 -15.18 6.25 -36.20
CA VAL N 247 -14.76 5.38 -37.30
C VAL N 247 -14.27 4.02 -36.74
N PHE N 248 -13.48 4.10 -35.66
CA PHE N 248 -12.92 2.93 -35.01
C PHE N 248 -14.04 2.10 -34.37
N ARG N 249 -14.93 2.74 -33.59
CA ARG N 249 -16.03 2.03 -32.96
C ARG N 249 -16.88 1.36 -34.06
N ASP N 250 -17.18 2.09 -35.14
CA ASP N 250 -18.08 1.60 -36.17
C ASP N 250 -17.46 0.36 -36.86
N SER N 251 -16.14 0.32 -37.01
CA SER N 251 -15.48 -0.82 -37.63
C SER N 251 -15.59 -2.08 -36.76
N ILE N 252 -15.57 -1.92 -35.44
CA ILE N 252 -15.72 -3.03 -34.51
C ILE N 252 -17.19 -3.46 -34.41
N GLN N 253 -18.09 -2.48 -34.33
CA GLN N 253 -19.52 -2.71 -34.30
C GLN N 253 -19.91 -3.70 -35.41
N SER N 254 -19.47 -3.39 -36.63
CA SER N 254 -19.99 -4.02 -37.85
C SER N 254 -19.19 -5.29 -38.16
N ALA N 255 -18.57 -5.87 -37.14
CA ALA N 255 -17.73 -7.01 -37.30
C ALA N 255 -18.28 -8.16 -36.46
N THR N 256 -19.28 -7.89 -35.63
CA THR N 256 -19.47 -8.64 -34.38
C THR N 256 -20.97 -8.69 -34.05
N ARG N 257 -21.78 -9.38 -34.84
CA ARG N 257 -23.18 -9.54 -34.40
C ARG N 257 -23.26 -10.45 -33.13
N GLY N 258 -22.67 -11.65 -33.18
CA GLY N 258 -22.69 -12.58 -32.05
C GLY N 258 -23.97 -13.39 -32.00
N ILE N 259 -24.15 -14.20 -30.96
CA ILE N 259 -25.28 -15.11 -30.86
C ILE N 259 -25.96 -15.00 -29.49
N THR N 260 -27.27 -15.22 -29.48
CA THR N 260 -28.00 -15.27 -28.28
C THR N 260 -27.37 -16.34 -27.41
N ARG N 261 -26.88 -15.96 -26.24
CA ARG N 261 -26.26 -16.86 -25.24
C ARG N 261 -27.18 -16.93 -24.00
N SER O 5 18.34 -14.55 -87.56
CA SER O 5 19.20 -13.49 -86.99
C SER O 5 19.15 -13.62 -85.45
N LEU O 6 20.02 -12.92 -84.74
CA LEU O 6 20.16 -13.10 -83.30
C LEU O 6 19.12 -12.27 -82.54
N ILE O 7 18.58 -11.26 -83.23
CA ILE O 7 17.56 -10.41 -82.68
C ILE O 7 16.27 -10.69 -83.42
N ASP O 8 15.28 -11.19 -82.70
CA ASP O 8 14.06 -11.57 -83.33
C ASP O 8 13.47 -10.35 -84.01
N PRO O 9 12.94 -10.48 -85.24
CA PRO O 9 12.26 -9.35 -85.88
C PRO O 9 11.00 -8.90 -85.12
N ARG O 10 10.43 -9.75 -84.27
CA ARG O 10 9.23 -9.38 -83.51
C ARG O 10 9.61 -8.60 -82.24
N ALA O 11 10.89 -8.42 -81.93
CA ALA O 11 11.32 -7.63 -80.76
C ALA O 11 11.36 -6.15 -81.12
N ILE O 12 11.38 -5.29 -80.10
CA ILE O 12 11.50 -3.84 -80.28
C ILE O 12 12.77 -3.37 -79.61
N ILE O 13 13.64 -2.73 -80.39
CA ILE O 13 14.89 -2.23 -79.90
C ILE O 13 14.90 -0.72 -80.08
N ASP O 14 15.03 0.02 -78.99
CA ASP O 14 15.06 1.46 -79.09
C ASP O 14 16.31 1.89 -79.87
N PRO O 15 16.21 2.92 -80.73
CA PRO O 15 17.37 3.50 -81.39
C PRO O 15 18.58 3.79 -80.47
N SER O 16 18.32 4.20 -79.23
CA SER O 16 19.36 4.64 -78.27
C SER O 16 19.87 3.49 -77.40
N ALA O 17 19.40 2.26 -77.63
CA ALA O 17 19.96 1.08 -76.96
C ALA O 17 21.28 0.70 -77.62
N ARG O 18 22.18 0.09 -76.86
CA ARG O 18 23.50 -0.30 -77.32
C ARG O 18 23.73 -1.76 -76.96
N LEU O 19 23.68 -2.64 -77.96
CA LEU O 19 23.85 -4.09 -77.82
C LEU O 19 25.18 -4.52 -78.42
N ALA O 20 25.95 -5.32 -77.68
CA ALA O 20 27.13 -5.94 -78.23
C ALA O 20 26.75 -6.85 -79.40
N ALA O 21 27.75 -7.22 -80.19
CA ALA O 21 27.57 -7.88 -81.49
C ALA O 21 26.72 -9.16 -81.39
N ASP O 22 26.91 -9.99 -80.35
CA ASP O 22 26.35 -11.36 -80.36
C ASP O 22 25.25 -11.53 -79.29
N VAL O 23 24.60 -10.43 -78.94
CA VAL O 23 23.48 -10.48 -78.03
C VAL O 23 22.30 -11.13 -78.76
N GLN O 24 21.52 -11.94 -78.03
CA GLN O 24 20.29 -12.53 -78.56
C GLN O 24 19.08 -11.94 -77.84
N VAL O 25 18.02 -11.63 -78.59
CA VAL O 25 16.80 -11.14 -78.03
C VAL O 25 15.63 -11.90 -78.64
N GLY O 26 14.80 -12.46 -77.78
CA GLY O 26 13.67 -13.25 -78.17
C GLY O 26 12.53 -12.39 -78.69
N PRO O 27 11.50 -13.05 -79.26
CA PRO O 27 10.33 -12.35 -79.80
C PRO O 27 9.54 -11.62 -78.71
N TRP O 28 8.97 -10.47 -79.08
CA TRP O 28 8.04 -9.70 -78.22
C TRP O 28 8.75 -9.19 -76.95
N SER O 29 10.05 -8.95 -77.05
CA SER O 29 10.78 -8.34 -75.98
C SER O 29 11.01 -6.87 -76.34
N ILE O 30 11.10 -6.02 -75.32
CA ILE O 30 11.37 -4.62 -75.50
C ILE O 30 12.71 -4.30 -74.86
N VAL O 31 13.63 -3.75 -75.65
CA VAL O 31 14.85 -3.19 -75.12
C VAL O 31 14.74 -1.67 -75.23
N GLY O 32 14.38 -1.03 -74.11
CA GLY O 32 14.03 0.39 -74.07
C GLY O 32 15.24 1.29 -74.25
N ALA O 33 14.94 2.60 -74.28
CA ALA O 33 15.95 3.64 -74.40
C ALA O 33 16.99 3.47 -73.29
N GLU O 34 18.26 3.69 -73.66
CA GLU O 34 19.39 3.81 -72.72
C GLU O 34 19.69 2.48 -72.02
N VAL O 35 19.40 1.36 -72.68
CA VAL O 35 19.78 0.08 -72.19
C VAL O 35 21.02 -0.37 -72.94
N GLU O 36 21.99 -0.88 -72.20
CA GLU O 36 23.24 -1.33 -72.72
C GLU O 36 23.38 -2.82 -72.35
N ILE O 37 23.70 -3.68 -73.32
CA ILE O 37 23.77 -5.12 -73.07
C ILE O 37 25.09 -5.67 -73.59
N GLY O 38 25.80 -6.40 -72.72
CA GLY O 38 27.14 -6.88 -72.98
C GLY O 38 27.17 -8.21 -73.74
N GLU O 39 28.36 -8.47 -74.32
CA GLU O 39 28.72 -9.66 -75.06
C GLU O 39 28.10 -10.94 -74.44
N GLY O 40 27.41 -11.70 -75.28
CA GLY O 40 27.01 -13.10 -74.99
C GLY O 40 25.76 -13.23 -74.15
N THR O 41 25.11 -12.10 -73.84
CA THR O 41 23.90 -12.10 -73.05
C THR O 41 22.74 -12.53 -73.95
N VAL O 42 21.75 -13.20 -73.32
CA VAL O 42 20.57 -13.72 -73.99
C VAL O 42 19.33 -13.22 -73.27
N ILE O 43 18.49 -12.47 -74.00
CA ILE O 43 17.21 -12.04 -73.54
C ILE O 43 16.18 -12.98 -74.14
N GLY O 44 15.34 -13.54 -73.27
CA GLY O 44 14.28 -14.44 -73.68
C GLY O 44 13.15 -13.67 -74.38
N PRO O 45 12.04 -14.35 -74.68
CA PRO O 45 10.85 -13.69 -75.21
C PRO O 45 10.10 -12.98 -74.07
N HIS O 46 9.22 -12.04 -74.42
CA HIS O 46 8.35 -11.40 -73.43
C HIS O 46 9.14 -10.77 -72.27
N VAL O 47 10.25 -10.10 -72.57
CA VAL O 47 11.00 -9.42 -71.55
C VAL O 47 10.87 -7.92 -71.78
N VAL O 48 10.82 -7.17 -70.69
CA VAL O 48 10.79 -5.72 -70.77
C VAL O 48 12.04 -5.18 -70.08
N LEU O 49 12.94 -4.55 -70.84
CA LEU O 49 14.07 -3.84 -70.29
C LEU O 49 13.81 -2.34 -70.40
N LYS O 50 14.15 -1.61 -69.34
CA LYS O 50 14.01 -0.18 -69.31
C LYS O 50 15.28 0.42 -68.71
N GLY O 51 15.56 1.68 -69.04
CA GLY O 51 16.85 2.31 -68.71
C GLY O 51 16.69 3.58 -67.89
N PRO O 52 17.81 4.16 -67.44
CA PRO O 52 19.18 3.80 -67.78
C PRO O 52 19.71 2.53 -67.11
N THR O 53 20.07 1.53 -67.92
CA THR O 53 20.41 0.23 -67.41
C THR O 53 21.63 -0.30 -68.16
N LYS O 54 22.57 -0.88 -67.41
CA LYS O 54 23.74 -1.49 -67.97
C LYS O 54 23.76 -2.97 -67.55
N ILE O 55 23.73 -3.86 -68.54
CA ILE O 55 23.78 -5.28 -68.32
C ILE O 55 25.09 -5.81 -68.90
N GLY O 56 25.81 -6.60 -68.11
CA GLY O 56 27.13 -7.10 -68.47
C GLY O 56 27.04 -8.29 -69.41
N LYS O 57 28.03 -9.18 -69.29
CA LYS O 57 28.32 -10.21 -70.27
C LYS O 57 27.77 -11.55 -69.78
N HIS O 58 27.28 -12.37 -70.73
CA HIS O 58 26.91 -13.76 -70.50
C HIS O 58 25.78 -13.88 -69.48
N ASN O 59 24.82 -12.96 -69.49
CA ASN O 59 23.63 -13.05 -68.67
C ASN O 59 22.57 -13.84 -69.46
N ARG O 60 21.62 -14.44 -68.72
CA ARG O 60 20.45 -15.10 -69.25
CA ARG O 60 20.45 -15.11 -69.25
C ARG O 60 19.27 -14.44 -68.51
N ILE O 61 18.32 -13.84 -69.25
CA ILE O 61 17.09 -13.24 -68.63
C ILE O 61 15.85 -13.89 -69.24
N TYR O 62 14.98 -14.44 -68.40
CA TYR O 62 13.87 -15.26 -68.87
C TYR O 62 12.59 -14.41 -69.01
N GLN O 63 11.60 -15.04 -69.64
CA GLN O 63 10.33 -14.45 -70.01
C GLN O 63 9.63 -13.80 -68.80
N PHE O 64 8.94 -12.69 -69.06
CA PHE O 64 7.97 -12.04 -68.15
C PHE O 64 8.67 -11.21 -67.04
N SER O 65 9.99 -11.07 -67.19
CA SER O 65 10.78 -10.25 -66.35
C SER O 65 10.65 -8.78 -66.79
N SER O 66 10.58 -7.88 -65.80
CA SER O 66 10.61 -6.44 -66.02
C SER O 66 11.85 -5.93 -65.29
N VAL O 67 12.89 -5.59 -66.04
CA VAL O 67 14.17 -5.21 -65.52
C VAL O 67 14.46 -3.77 -65.87
N GLY O 68 14.53 -2.90 -64.86
CA GLY O 68 14.91 -1.52 -65.05
C GLY O 68 13.71 -0.58 -64.95
N GLU O 69 12.62 -1.08 -64.36
CA GLU O 69 11.40 -0.35 -64.24
C GLU O 69 11.58 0.68 -63.11
N ASP O 70 10.77 1.75 -63.09
CA ASP O 70 10.85 2.74 -62.01
C ASP O 70 10.27 2.14 -60.73
N THR O 71 10.82 2.44 -59.53
CA THR O 71 10.04 2.05 -58.36
C THR O 71 8.73 2.82 -58.34
N PRO O 72 7.69 2.26 -57.70
CA PRO O 72 6.47 2.99 -57.45
C PRO O 72 6.53 3.84 -56.17
N ASP O 73 7.61 3.70 -55.38
CA ASP O 73 7.75 4.48 -54.14
C ASP O 73 7.45 5.95 -54.46
N LEU O 74 6.65 6.61 -53.62
CA LEU O 74 6.15 7.97 -53.93
C LEU O 74 7.26 8.98 -53.67
N LYS O 75 8.35 8.51 -53.04
CA LYS O 75 9.69 9.12 -52.90
C LYS O 75 10.29 9.53 -54.27
N TYR O 76 10.14 8.66 -55.29
CA TYR O 76 10.77 8.82 -56.62
C TYR O 76 9.87 9.67 -57.52
N LYS O 77 10.42 10.73 -58.15
CA LYS O 77 9.66 11.70 -58.96
C LYS O 77 10.17 11.77 -60.41
N GLY O 78 10.74 10.69 -60.95
CA GLY O 78 11.06 10.58 -62.39
C GLY O 78 12.49 10.96 -62.76
N GLU O 79 13.39 11.08 -61.79
CA GLU O 79 14.82 11.43 -62.02
C GLU O 79 15.55 10.29 -62.73
N PRO O 80 16.70 10.54 -63.41
CA PRO O 80 17.33 9.52 -64.26
C PRO O 80 18.30 8.62 -63.45
N THR O 81 17.74 7.65 -62.74
CA THR O 81 18.50 6.77 -61.90
C THR O 81 18.87 5.52 -62.68
N ARG O 82 19.77 4.69 -62.13
CA ARG O 82 20.44 3.66 -62.89
C ARG O 82 20.15 2.27 -62.29
N LEU O 83 20.34 1.25 -63.13
CA LEU O 83 20.45 -0.13 -62.72
C LEU O 83 21.70 -0.72 -63.38
N VAL O 84 22.53 -1.42 -62.60
CA VAL O 84 23.75 -2.02 -63.13
C VAL O 84 23.76 -3.51 -62.78
N ILE O 85 23.95 -4.35 -63.79
CA ILE O 85 24.04 -5.78 -63.62
C ILE O 85 25.36 -6.24 -64.21
N GLY O 86 26.05 -7.11 -63.48
CA GLY O 86 27.35 -7.61 -63.87
C GLY O 86 27.25 -8.75 -64.88
N ASP O 87 28.14 -9.73 -64.69
CA ASP O 87 28.40 -10.79 -65.62
C ASP O 87 27.87 -12.12 -65.08
N HIS O 88 27.47 -13.03 -65.99
CA HIS O 88 27.17 -14.45 -65.69
C HIS O 88 26.01 -14.61 -64.71
N ASN O 89 25.03 -13.72 -64.77
CA ASN O 89 23.86 -13.83 -63.92
C ASN O 89 22.76 -14.56 -64.67
N VAL O 90 21.88 -15.20 -63.90
CA VAL O 90 20.69 -15.83 -64.41
C VAL O 90 19.50 -15.22 -63.69
N ILE O 91 18.57 -14.67 -64.46
CA ILE O 91 17.38 -14.05 -63.94
C ILE O 91 16.19 -14.80 -64.52
N ARG O 92 15.46 -15.52 -63.66
CA ARG O 92 14.44 -16.43 -64.11
C ARG O 92 13.12 -15.68 -64.35
N GLU O 93 12.07 -16.47 -64.59
CA GLU O 93 10.85 -15.95 -65.15
C GLU O 93 10.17 -15.04 -64.12
N GLY O 94 9.74 -13.87 -64.59
CA GLY O 94 8.85 -13.01 -63.83
C GLY O 94 9.55 -12.11 -62.82
N VAL O 95 10.88 -12.03 -62.87
CA VAL O 95 11.60 -11.24 -61.91
C VAL O 95 11.37 -9.76 -62.18
N THR O 96 11.26 -8.97 -61.12
CA THR O 96 11.21 -7.51 -61.21
C THR O 96 12.44 -6.93 -60.53
N ILE O 97 13.11 -6.00 -61.22
CA ILE O 97 14.25 -5.30 -60.71
C ILE O 97 14.03 -3.81 -61.00
N HIS O 98 14.08 -3.00 -59.96
CA HIS O 98 13.83 -1.58 -60.07
C HIS O 98 15.15 -0.81 -60.02
N ARG O 99 15.17 0.33 -60.71
CA ARG O 99 16.30 1.25 -60.66
C ARG O 99 16.24 2.02 -59.33
N GLY O 100 17.33 2.74 -59.03
CA GLY O 100 17.52 3.45 -57.77
C GLY O 100 16.69 4.71 -57.66
N THR O 101 16.98 5.45 -56.57
CA THR O 101 16.34 6.70 -56.18
C THR O 101 17.42 7.72 -55.81
N VAL O 102 17.14 9.02 -56.00
CA VAL O 102 18.12 10.06 -55.73
C VAL O 102 18.44 10.16 -54.25
N GLN O 103 17.54 9.69 -53.37
CA GLN O 103 17.72 9.80 -51.93
C GLN O 103 18.80 8.87 -51.42
N ASP O 104 19.29 7.90 -52.21
CA ASP O 104 20.40 7.00 -51.77
C ASP O 104 21.58 7.21 -52.73
N ARG O 105 21.86 6.23 -53.61
CA ARG O 105 23.04 6.31 -54.49
C ARG O 105 22.61 6.42 -55.95
N ALA O 106 21.30 6.44 -56.21
CA ALA O 106 20.75 6.59 -57.54
C ALA O 106 21.04 5.36 -58.38
N GLU O 107 21.24 4.21 -57.74
CA GLU O 107 21.67 3.03 -58.47
C GLU O 107 21.32 1.76 -57.71
N THR O 108 20.59 0.87 -58.39
CA THR O 108 20.45 -0.51 -57.98
C THR O 108 21.55 -1.31 -58.65
N THR O 109 22.25 -2.17 -57.92
CA THR O 109 23.44 -2.78 -58.51
C THR O 109 23.43 -4.28 -58.17
N ILE O 110 23.82 -5.10 -59.16
CA ILE O 110 23.95 -6.53 -59.04
C ILE O 110 25.31 -6.96 -59.61
N GLY O 111 26.00 -7.82 -58.86
CA GLY O 111 27.34 -8.28 -59.22
C GLY O 111 27.31 -9.40 -60.25
N ASP O 112 28.13 -10.43 -60.00
CA ASP O 112 28.43 -11.48 -60.95
C ASP O 112 27.95 -12.83 -60.40
N HIS O 113 27.64 -13.78 -61.31
CA HIS O 113 27.37 -15.18 -60.97
C HIS O 113 26.20 -15.33 -59.99
N ASN O 114 25.19 -14.48 -60.10
CA ASN O 114 24.05 -14.59 -59.20
C ASN O 114 22.96 -15.39 -59.90
N LEU O 115 22.12 -16.04 -59.10
CA LEU O 115 20.97 -16.74 -59.58
C LEU O 115 19.74 -16.15 -58.88
N ILE O 116 18.87 -15.51 -59.66
CA ILE O 116 17.69 -14.92 -59.13
C ILE O 116 16.49 -15.64 -59.73
N MET O 117 15.77 -16.36 -58.88
CA MET O 117 14.81 -17.33 -59.36
C MET O 117 13.44 -16.64 -59.50
N ALA O 118 12.46 -17.41 -59.96
CA ALA O 118 11.23 -16.89 -60.49
C ALA O 118 10.55 -15.94 -59.49
N TYR O 119 10.04 -14.83 -60.01
CA TYR O 119 9.10 -13.95 -59.31
C TYR O 119 9.79 -13.21 -58.15
N ALA O 120 11.12 -13.27 -58.08
CA ALA O 120 11.82 -12.49 -57.08
C ALA O 120 11.72 -11.02 -57.41
N HIS O 121 11.82 -10.17 -56.38
CA HIS O 121 11.74 -8.73 -56.51
C HIS O 121 12.98 -8.09 -55.89
N ILE O 122 13.61 -7.19 -56.65
CA ILE O 122 14.77 -6.48 -56.18
C ILE O 122 14.48 -4.99 -56.21
N GLY O 123 14.23 -4.45 -55.02
CA GLY O 123 13.74 -3.10 -54.86
C GLY O 123 14.81 -2.07 -55.08
N HIS O 124 14.36 -0.83 -55.29
CA HIS O 124 15.22 0.28 -55.55
C HIS O 124 16.41 0.30 -54.59
N ASP O 125 17.59 0.54 -55.14
CA ASP O 125 18.78 0.90 -54.41
C ASP O 125 19.39 -0.30 -53.71
N SER O 126 18.89 -1.50 -53.99
CA SER O 126 19.46 -2.70 -53.42
C SER O 126 20.81 -2.97 -54.09
N VAL O 127 21.67 -3.70 -53.38
CA VAL O 127 22.99 -4.04 -53.86
C VAL O 127 23.23 -5.51 -53.60
N ILE O 128 23.47 -6.26 -54.67
CA ILE O 128 23.77 -7.66 -54.55
C ILE O 128 25.21 -7.88 -55.01
N GLY O 129 25.91 -8.74 -54.28
CA GLY O 129 27.30 -9.07 -54.54
C GLY O 129 27.41 -10.14 -55.61
N ASN O 130 28.25 -11.14 -55.33
CA ASN O 130 28.50 -12.21 -56.27
C ASN O 130 28.11 -13.55 -55.65
N HIS O 131 27.74 -14.51 -56.51
CA HIS O 131 27.53 -15.90 -56.13
C HIS O 131 26.31 -16.06 -55.23
N CYS O 132 25.39 -15.08 -55.24
CA CYS O 132 24.22 -15.18 -54.39
C CYS O 132 23.14 -16.00 -55.10
N ILE O 133 22.20 -16.49 -54.30
CA ILE O 133 21.04 -17.19 -54.77
C ILE O 133 19.81 -16.64 -54.07
N LEU O 134 18.91 -16.03 -54.85
CA LEU O 134 17.62 -15.61 -54.35
C LEU O 134 16.58 -16.55 -54.94
N VAL O 135 15.90 -17.29 -54.08
CA VAL O 135 15.02 -18.29 -54.52
C VAL O 135 13.66 -17.66 -54.80
N ASN O 136 12.81 -18.40 -55.52
CA ASN O 136 11.48 -17.99 -55.92
C ASN O 136 10.85 -17.04 -54.90
N ASN O 137 10.43 -15.87 -55.39
CA ASN O 137 9.56 -14.92 -54.67
C ASN O 137 10.28 -14.28 -53.47
N THR O 138 11.61 -14.33 -53.45
CA THR O 138 12.35 -13.55 -52.51
C THR O 138 12.15 -12.07 -52.85
N ALA O 139 11.97 -11.22 -51.84
CA ALA O 139 11.66 -9.83 -52.08
C ALA O 139 12.54 -8.93 -51.21
N LEU O 140 13.33 -8.06 -51.86
CA LEU O 140 14.12 -7.05 -51.18
C LEU O 140 13.37 -5.72 -51.28
N ALA O 141 12.85 -5.21 -50.17
CA ALA O 141 11.97 -4.03 -50.20
C ALA O 141 12.68 -2.78 -50.75
N GLY O 142 13.99 -2.68 -50.54
CA GLY O 142 14.77 -1.53 -51.00
C GLY O 142 15.95 -1.22 -50.10
N HIS O 143 17.02 -0.71 -50.70
CA HIS O 143 18.22 -0.37 -49.98
C HIS O 143 18.77 -1.58 -49.23
N VAL O 144 18.59 -2.78 -49.80
CA VAL O 144 19.06 -3.98 -49.16
C VAL O 144 20.43 -4.33 -49.74
N HIS O 145 21.40 -4.63 -48.87
CA HIS O 145 22.72 -5.05 -49.30
C HIS O 145 22.85 -6.55 -49.01
N VAL O 146 23.08 -7.35 -50.05
CA VAL O 146 23.29 -8.77 -49.93
C VAL O 146 24.73 -9.06 -50.34
N ASP O 147 25.53 -9.57 -49.40
CA ASP O 147 26.93 -9.80 -49.62
C ASP O 147 27.12 -11.23 -50.19
N ASP O 148 28.35 -11.53 -50.61
CA ASP O 148 28.67 -12.67 -51.47
C ASP O 148 28.19 -13.99 -50.84
N TRP O 149 27.70 -14.89 -51.70
CA TRP O 149 27.41 -16.31 -51.37
C TRP O 149 26.17 -16.46 -50.50
N ALA O 150 25.40 -15.40 -50.30
CA ALA O 150 24.24 -15.53 -49.49
C ALA O 150 23.21 -16.37 -50.25
N ILE O 151 22.35 -17.04 -49.48
CA ILE O 151 21.25 -17.78 -50.01
C ILE O 151 19.99 -17.36 -49.26
N LEU O 152 19.00 -16.86 -50.00
CA LEU O 152 17.71 -16.57 -49.42
C LEU O 152 16.71 -17.60 -49.95
N SER O 153 16.21 -18.45 -49.04
CA SER O 153 15.25 -19.47 -49.42
C SER O 153 13.97 -18.80 -49.93
N GLY O 154 13.11 -19.60 -50.53
CA GLY O 154 11.92 -19.08 -51.19
C GLY O 154 11.06 -18.25 -50.27
N TYR O 155 10.46 -17.21 -50.84
CA TYR O 155 9.50 -16.37 -50.19
C TYR O 155 10.14 -15.72 -48.94
N THR O 156 11.44 -15.44 -48.99
CA THR O 156 12.08 -14.65 -47.99
C THR O 156 11.82 -13.16 -48.29
N LEU O 157 11.34 -12.43 -47.28
CA LEU O 157 11.08 -11.01 -47.40
C LEU O 157 12.11 -10.23 -46.56
N VAL O 158 12.64 -9.14 -47.10
CA VAL O 158 13.66 -8.35 -46.41
C VAL O 158 13.23 -6.88 -46.36
N HIS O 159 13.14 -6.32 -45.15
CA HIS O 159 12.77 -4.94 -44.97
C HIS O 159 13.83 -4.00 -45.52
N GLN O 160 13.41 -2.77 -45.76
CA GLN O 160 14.27 -1.71 -46.21
C GLN O 160 15.49 -1.61 -45.30
N TYR O 161 16.67 -1.46 -45.90
CA TYR O 161 17.93 -1.08 -45.24
C TYR O 161 18.65 -2.27 -44.61
N CYS O 162 18.11 -3.47 -44.66
CA CYS O 162 18.79 -4.60 -44.04
C CYS O 162 20.01 -5.04 -44.83
N ARG O 163 21.01 -5.51 -44.09
CA ARG O 163 22.23 -6.07 -44.64
C ARG O 163 22.19 -7.59 -44.42
N ILE O 164 22.30 -8.36 -45.50
CA ILE O 164 22.37 -9.79 -45.45
C ILE O 164 23.84 -10.19 -45.63
N GLY O 165 24.40 -10.86 -44.64
CA GLY O 165 25.84 -11.10 -44.57
C GLY O 165 26.30 -12.18 -45.53
N ALA O 166 27.60 -12.17 -45.82
CA ALA O 166 28.22 -13.17 -46.65
C ALA O 166 27.94 -14.57 -46.10
N HIS O 167 27.61 -15.51 -46.98
CA HIS O 167 27.40 -16.92 -46.69
C HIS O 167 26.22 -17.17 -45.77
N SER O 168 25.42 -16.13 -45.53
CA SER O 168 24.32 -16.29 -44.64
C SER O 168 23.20 -17.01 -45.38
N PHE O 169 22.19 -17.46 -44.63
CA PHE O 169 21.16 -18.31 -45.16
C PHE O 169 19.84 -18.03 -44.45
N SER O 170 18.78 -17.81 -45.22
CA SER O 170 17.46 -17.64 -44.66
C SER O 170 16.63 -18.86 -45.04
N GLY O 171 15.81 -19.33 -44.08
CA GLY O 171 14.87 -20.41 -44.33
C GLY O 171 13.65 -19.91 -45.06
N MET O 172 12.78 -20.81 -45.49
CA MET O 172 11.77 -20.37 -46.39
C MET O 172 10.66 -19.67 -45.61
N GLY O 173 10.13 -18.61 -46.22
CA GLY O 173 9.11 -17.77 -45.62
C GLY O 173 9.68 -16.91 -44.50
N SER O 174 10.99 -16.69 -44.50
CA SER O 174 11.60 -15.82 -43.53
C SER O 174 11.17 -14.37 -43.77
N ALA O 175 10.97 -13.63 -42.68
CA ALA O 175 10.67 -12.21 -42.73
C ALA O 175 11.75 -11.49 -41.92
N ILE O 176 12.71 -10.89 -42.61
CA ILE O 176 13.89 -10.35 -42.03
C ILE O 176 13.76 -8.85 -41.84
N GLY O 177 13.94 -8.37 -40.61
CA GLY O 177 13.75 -6.98 -40.25
C GLY O 177 15.01 -6.34 -39.68
N LYS O 178 16.07 -7.11 -39.44
CA LYS O 178 17.31 -6.58 -38.94
C LYS O 178 18.45 -7.26 -39.69
N ASP O 179 19.69 -6.81 -39.51
CA ASP O 179 20.79 -7.37 -40.30
C ASP O 179 20.97 -8.86 -39.97
N VAL O 180 21.42 -9.61 -40.95
CA VAL O 180 21.78 -10.97 -40.74
C VAL O 180 23.30 -11.02 -40.80
N PRO O 181 23.99 -11.36 -39.71
CA PRO O 181 25.44 -11.43 -39.73
C PRO O 181 25.88 -12.50 -40.72
N ALA O 182 27.11 -12.40 -41.19
CA ALA O 182 27.69 -13.38 -42.06
C ALA O 182 27.59 -14.77 -41.44
N TYR O 183 27.37 -15.77 -42.30
CA TYR O 183 27.32 -17.17 -41.97
C TYR O 183 26.05 -17.58 -41.21
N VAL O 184 25.25 -16.64 -40.71
CA VAL O 184 24.19 -17.00 -39.81
C VAL O 184 22.99 -17.56 -40.59
N THR O 185 22.30 -18.52 -39.99
CA THR O 185 21.04 -19.03 -40.54
C THR O 185 19.89 -18.45 -39.74
N VAL O 186 18.85 -17.98 -40.44
CA VAL O 186 17.68 -17.39 -39.80
C VAL O 186 16.41 -18.02 -40.37
N PHE O 187 15.35 -18.04 -39.55
CA PHE O 187 14.10 -18.72 -39.86
C PHE O 187 12.93 -17.97 -39.24
N GLY O 188 11.81 -17.94 -39.96
CA GLY O 188 10.51 -17.59 -39.36
C GLY O 188 10.16 -16.13 -39.64
N ASN O 189 8.96 -15.76 -39.19
CA ASN O 189 8.39 -14.44 -39.31
C ASN O 189 7.85 -14.03 -37.95
N PRO O 190 8.59 -13.23 -37.19
CA PRO O 190 9.85 -12.61 -37.58
C PRO O 190 11.06 -13.54 -37.51
N ALA O 191 12.07 -13.27 -38.33
CA ALA O 191 13.22 -14.11 -38.44
C ALA O 191 14.00 -14.17 -37.14
N GLU O 192 14.49 -15.35 -36.78
CA GLU O 192 15.33 -15.63 -35.63
C GLU O 192 16.58 -16.36 -36.07
N ALA O 193 17.70 -16.06 -35.41
CA ALA O 193 18.98 -16.72 -35.67
C ALA O 193 18.89 -18.10 -35.03
N ARG O 194 19.42 -19.11 -35.71
CA ARG O 194 19.36 -20.46 -35.25
C ARG O 194 20.77 -21.05 -35.14
N SER O 195 21.58 -20.90 -36.18
CA SER O 195 22.88 -21.53 -36.24
C SER O 195 23.74 -20.81 -37.28
N MET O 196 24.74 -21.52 -37.80
CA MET O 196 25.57 -21.03 -38.88
C MET O 196 25.48 -21.99 -40.06
N ASN O 197 25.80 -21.46 -41.23
CA ASN O 197 25.65 -22.12 -42.48
C ASN O 197 26.89 -22.97 -42.73
N PHE O 198 26.99 -24.08 -42.02
CA PHE O 198 28.14 -24.93 -42.09
C PHE O 198 28.21 -25.60 -43.47
N GLU O 199 27.05 -25.93 -44.04
CA GLU O 199 27.00 -26.49 -45.40
C GLU O 199 27.77 -25.57 -46.36
N GLY O 200 27.52 -24.27 -46.25
CA GLY O 200 28.16 -23.27 -47.08
C GLY O 200 29.66 -23.23 -46.90
N MET O 201 30.13 -23.39 -45.66
CA MET O 201 31.55 -23.37 -45.33
C MET O 201 32.23 -24.59 -45.92
N ARG O 202 31.50 -25.72 -45.95
CA ARG O 202 32.03 -26.96 -46.46
C ARG O 202 32.34 -26.79 -47.95
N ARG O 203 31.37 -26.24 -48.70
CA ARG O 203 31.47 -26.03 -50.13
C ARG O 203 32.60 -25.06 -50.48
N ARG O 204 32.85 -24.05 -49.67
CA ARG O 204 33.96 -23.14 -49.94
C ARG O 204 35.29 -23.71 -49.45
N GLY O 205 35.28 -24.91 -48.88
CA GLY O 205 36.49 -25.59 -48.42
C GLY O 205 37.18 -24.90 -47.26
N PHE O 206 36.42 -24.35 -46.31
CA PHE O 206 37.01 -23.75 -45.12
C PHE O 206 37.76 -24.80 -44.34
N SER O 207 38.81 -24.38 -43.64
CA SER O 207 39.54 -25.28 -42.77
C SER O 207 38.61 -25.72 -41.63
N SER O 208 38.96 -26.85 -41.02
CA SER O 208 38.17 -27.36 -39.94
C SER O 208 38.37 -26.50 -38.69
N GLU O 209 39.54 -25.86 -38.54
CA GLU O 209 39.85 -24.97 -37.40
C GLU O 209 39.00 -23.71 -37.50
N ALA O 210 38.74 -23.25 -38.73
CA ALA O 210 37.98 -22.04 -38.97
C ALA O 210 36.50 -22.28 -38.71
N ILE O 211 36.01 -23.46 -39.09
CA ILE O 211 34.63 -23.82 -38.85
C ILE O 211 34.37 -23.84 -37.34
N HIS O 212 35.27 -24.46 -36.58
CA HIS O 212 35.15 -24.52 -35.15
C HIS O 212 35.17 -23.10 -34.56
N ALA O 213 36.00 -22.23 -35.11
CA ALA O 213 36.15 -20.88 -34.58
C ALA O 213 34.84 -20.10 -34.80
N LEU O 214 34.19 -20.38 -35.91
CA LEU O 214 32.98 -19.72 -36.25
C LEU O 214 31.83 -20.23 -35.39
N ARG O 215 31.85 -21.50 -34.99
CA ARG O 215 30.84 -21.98 -34.10
C ARG O 215 30.98 -21.31 -32.74
N ARG O 216 32.22 -21.15 -32.26
CA ARG O 216 32.45 -20.51 -30.97
C ARG O 216 32.00 -19.05 -31.08
N ALA O 217 32.20 -18.44 -32.25
CA ALA O 217 31.84 -17.06 -32.45
C ALA O 217 30.33 -16.89 -32.37
N TYR O 218 29.59 -17.84 -32.95
CA TYR O 218 28.16 -17.83 -32.88
C TYR O 218 27.73 -17.83 -31.41
N LYS O 219 28.32 -18.73 -30.64
CA LYS O 219 27.96 -18.89 -29.24
C LYS O 219 28.25 -17.60 -28.44
N VAL O 220 29.32 -16.89 -28.77
CA VAL O 220 29.70 -15.67 -28.05
C VAL O 220 28.60 -14.60 -28.21
N VAL O 221 28.14 -14.47 -29.46
CA VAL O 221 27.21 -13.43 -29.84
C VAL O 221 25.80 -13.77 -29.36
N TYR O 222 25.42 -15.04 -29.38
CA TYR O 222 24.00 -15.44 -29.30
C TYR O 222 23.68 -16.27 -28.05
N ARG O 223 24.60 -17.04 -27.48
CA ARG O 223 24.23 -18.10 -26.53
C ARG O 223 24.93 -17.87 -25.17
N GLN O 224 25.41 -16.67 -24.86
CA GLN O 224 26.22 -16.50 -23.64
C GLN O 224 25.83 -15.23 -22.88
N GLY O 225 24.65 -14.65 -23.19
CA GLY O 225 24.16 -13.47 -22.51
C GLY O 225 25.02 -12.23 -22.69
N HIS O 226 25.88 -12.17 -23.71
CA HIS O 226 26.70 -10.97 -23.91
C HIS O 226 25.84 -9.88 -24.57
N THR O 227 26.10 -8.62 -24.23
CA THR O 227 25.58 -7.51 -25.04
C THR O 227 26.39 -7.53 -26.34
N VAL O 228 25.95 -6.77 -27.35
CA VAL O 228 26.63 -6.83 -28.61
C VAL O 228 28.04 -6.25 -28.47
N GLU O 229 28.19 -5.19 -27.64
CA GLU O 229 29.49 -4.59 -27.36
C GLU O 229 30.44 -5.59 -26.72
N GLU O 230 29.96 -6.34 -25.73
CA GLU O 230 30.78 -7.32 -25.01
C GLU O 230 31.21 -8.45 -25.96
N ALA O 231 30.32 -8.83 -26.89
CA ALA O 231 30.60 -9.89 -27.84
C ALA O 231 31.71 -9.47 -28.80
N LEU O 232 31.61 -8.27 -29.33
CA LEU O 232 32.60 -7.73 -30.24
C LEU O 232 34.00 -7.75 -29.61
N ALA O 233 34.06 -7.42 -28.32
CA ALA O 233 35.30 -7.39 -27.58
C ALA O 233 35.87 -8.81 -27.45
N GLU O 234 34.99 -9.77 -27.18
CA GLU O 234 35.39 -11.14 -27.00
C GLU O 234 35.87 -11.75 -28.33
N LEU O 235 35.22 -11.36 -29.43
CA LEU O 235 35.57 -11.85 -30.75
C LEU O 235 36.91 -11.30 -31.26
N ALA O 236 37.46 -10.25 -30.64
CA ALA O 236 38.65 -9.59 -31.18
C ALA O 236 39.79 -10.59 -31.40
N GLU O 237 40.06 -11.47 -30.43
CA GLU O 237 41.16 -12.45 -30.51
C GLU O 237 40.94 -13.35 -31.73
N SER O 238 39.76 -13.93 -31.79
CA SER O 238 39.40 -14.97 -32.77
C SER O 238 39.38 -14.37 -34.19
N ALA O 239 39.07 -13.07 -34.33
CA ALA O 239 39.00 -12.40 -35.60
C ALA O 239 40.40 -12.07 -36.14
N ALA O 240 41.37 -11.96 -35.25
CA ALA O 240 42.72 -11.74 -35.69
C ALA O 240 43.38 -13.04 -36.11
N GLN O 241 42.86 -14.16 -35.59
CA GLN O 241 43.40 -15.47 -35.85
C GLN O 241 42.86 -16.02 -37.17
N PHE O 242 41.64 -15.66 -37.55
CA PHE O 242 40.95 -16.28 -38.69
C PHE O 242 40.29 -15.21 -39.56
N PRO O 243 40.72 -15.03 -40.83
CA PRO O 243 40.04 -14.14 -41.78
C PRO O 243 38.52 -14.34 -41.83
N GLU O 244 38.10 -15.60 -41.66
CA GLU O 244 36.70 -16.02 -41.78
C GLU O 244 35.89 -15.46 -40.60
N VAL O 245 36.47 -15.44 -39.40
CA VAL O 245 35.81 -14.90 -38.23
C VAL O 245 35.77 -13.37 -38.33
N ALA O 246 36.80 -12.77 -38.92
CA ALA O 246 36.82 -11.31 -39.09
C ALA O 246 35.62 -10.87 -39.94
N VAL O 247 35.27 -11.63 -40.96
CA VAL O 247 34.10 -11.34 -41.79
C VAL O 247 32.84 -11.28 -40.91
N PHE O 248 32.74 -12.24 -39.99
CA PHE O 248 31.61 -12.34 -39.06
C PHE O 248 31.61 -11.13 -38.10
N ARG O 249 32.76 -10.84 -37.47
CA ARG O 249 32.84 -9.71 -36.57
C ARG O 249 32.47 -8.43 -37.33
N ASP O 250 33.00 -8.25 -38.54
CA ASP O 250 32.83 -7.00 -39.29
C ASP O 250 31.34 -6.83 -39.63
N SER O 251 30.61 -7.92 -39.90
CA SER O 251 29.19 -7.81 -40.22
C SER O 251 28.37 -7.35 -39.01
N ILE O 252 28.78 -7.74 -37.80
CA ILE O 252 28.10 -7.34 -36.59
C ILE O 252 28.49 -5.91 -36.22
N GLN O 253 29.78 -5.59 -36.33
CA GLN O 253 30.30 -4.25 -36.08
C GLN O 253 29.42 -3.22 -36.79
N SER O 254 29.21 -3.44 -38.11
CA SER O 254 28.68 -2.44 -39.01
C SER O 254 27.14 -2.49 -39.01
N ALA O 255 26.56 -3.00 -37.94
CA ALA O 255 25.14 -3.20 -37.87
C ALA O 255 24.57 -2.45 -36.69
N THR O 256 25.47 -1.90 -35.85
CA THR O 256 25.16 -1.74 -34.42
C THR O 256 25.91 -0.51 -33.90
N ARG O 257 25.48 0.69 -34.32
CA ARG O 257 26.05 1.87 -33.64
C ARG O 257 25.52 1.96 -32.18
N GLY O 258 24.18 1.89 -31.96
CA GLY O 258 23.59 1.98 -30.64
C GLY O 258 23.41 3.44 -30.27
N ILE O 259 22.99 3.71 -28.99
CA ILE O 259 22.81 5.07 -28.55
C ILE O 259 23.53 5.33 -27.23
N THR O 260 24.00 6.56 -27.08
CA THR O 260 24.62 6.95 -25.87
C THR O 260 23.60 6.74 -24.76
N ARG O 261 23.94 5.88 -23.80
CA ARG O 261 23.06 5.55 -22.63
C ARG O 261 23.73 6.05 -21.34
N SER P 5 -60.96 16.66 -55.75
CA SER P 5 -60.96 17.67 -54.66
C SER P 5 -60.06 17.13 -53.54
N LEU P 6 -59.73 17.96 -52.55
CA LEU P 6 -58.73 17.61 -51.54
C LEU P 6 -59.37 16.81 -50.41
N ILE P 7 -60.69 16.87 -50.31
CA ILE P 7 -61.43 16.14 -49.33
C ILE P 7 -62.22 15.07 -50.08
N ASP P 8 -61.92 13.80 -49.79
CA ASP P 8 -62.53 12.74 -50.50
C ASP P 8 -64.04 12.82 -50.29
N PRO P 9 -64.86 12.62 -51.33
CA PRO P 9 -66.31 12.58 -51.14
C PRO P 9 -66.76 11.42 -50.24
N ARG P 10 -65.94 10.38 -50.06
CA ARG P 10 -66.31 9.26 -49.22
C ARG P 10 -66.00 9.54 -47.73
N ALA P 11 -65.38 10.67 -47.41
CA ALA P 11 -65.09 11.04 -46.01
C ALA P 11 -66.34 11.70 -45.38
N ILE P 12 -66.38 11.75 -44.05
CA ILE P 12 -67.45 12.44 -43.33
C ILE P 12 -66.85 13.57 -42.52
N ILE P 13 -67.34 14.79 -42.76
CA ILE P 13 -66.85 15.96 -42.10
C ILE P 13 -68.00 16.58 -41.33
N ASP P 14 -67.86 16.69 -40.01
CA ASP P 14 -68.90 17.28 -39.22
C ASP P 14 -69.06 18.76 -39.62
N PRO P 15 -70.32 19.26 -39.68
CA PRO P 15 -70.56 20.68 -39.89
C PRO P 15 -69.72 21.64 -39.02
N SER P 16 -69.44 21.25 -37.77
CA SER P 16 -68.75 22.12 -36.79
C SER P 16 -67.22 21.93 -36.81
N ALA P 17 -66.70 21.09 -37.72
CA ALA P 17 -65.25 20.97 -37.90
C ALA P 17 -64.76 22.17 -38.72
N ARG P 18 -63.49 22.56 -38.49
CA ARG P 18 -62.92 23.73 -39.13
C ARG P 18 -61.57 23.32 -39.72
N LEU P 19 -61.52 23.21 -41.06
CA LEU P 19 -60.35 22.79 -41.82
C LEU P 19 -59.78 23.97 -42.59
N ALA P 20 -58.47 24.20 -42.51
CA ALA P 20 -57.81 25.16 -43.35
C ALA P 20 -58.00 24.78 -44.82
N ALA P 21 -57.72 25.74 -45.71
CA ALA P 21 -58.09 25.66 -47.14
C ALA P 21 -57.49 24.40 -47.81
N ASP P 22 -56.24 24.02 -47.51
CA ASP P 22 -55.52 23.03 -48.31
C ASP P 22 -55.31 21.71 -47.53
N VAL P 23 -56.17 21.44 -46.58
CA VAL P 23 -56.14 20.19 -45.85
C VAL P 23 -56.63 19.09 -46.80
N GLN P 24 -56.01 17.91 -46.70
CA GLN P 24 -56.44 16.73 -47.44
C GLN P 24 -57.00 15.68 -46.49
N VAL P 25 -58.11 15.05 -46.87
CA VAL P 25 -58.69 13.99 -46.08
C VAL P 25 -59.02 12.82 -47.01
N GLY P 26 -58.51 11.65 -46.64
CA GLY P 26 -58.67 10.46 -47.43
C GLY P 26 -60.07 9.88 -47.30
N PRO P 27 -60.39 8.87 -48.13
CA PRO P 27 -61.69 8.22 -48.10
C PRO P 27 -61.95 7.49 -46.78
N TRP P 28 -63.22 7.48 -46.35
CA TRP P 28 -63.69 6.72 -45.19
C TRP P 28 -63.05 7.19 -43.89
N SER P 29 -62.69 8.47 -43.85
CA SER P 29 -62.21 9.07 -42.64
C SER P 29 -63.35 9.90 -42.04
N ILE P 30 -63.34 10.01 -40.70
CA ILE P 30 -64.30 10.82 -40.00
C ILE P 30 -63.57 11.98 -39.33
N VAL P 31 -63.99 13.21 -39.64
CA VAL P 31 -63.55 14.36 -38.92
C VAL P 31 -64.70 14.87 -38.07
N GLY P 32 -64.70 14.49 -36.78
CA GLY P 32 -65.82 14.71 -35.87
C GLY P 32 -66.01 16.17 -35.50
N ALA P 33 -67.08 16.41 -34.72
CA ALA P 33 -67.42 17.71 -34.21
C ALA P 33 -66.21 18.31 -33.47
N GLU P 34 -65.99 19.62 -33.68
CA GLU P 34 -65.05 20.43 -32.91
C GLU P 34 -63.60 20.01 -33.14
N VAL P 35 -63.31 19.50 -34.33
CA VAL P 35 -61.96 19.23 -34.73
C VAL P 35 -61.51 20.37 -35.64
N GLU P 36 -60.29 20.84 -35.37
CA GLU P 36 -59.74 21.96 -36.09
C GLU P 36 -58.41 21.48 -36.68
N ILE P 37 -58.20 21.69 -37.99
CA ILE P 37 -57.02 21.15 -38.67
C ILE P 37 -56.32 22.27 -39.44
N GLY P 38 -55.01 22.41 -39.21
CA GLY P 38 -54.22 23.50 -39.76
C GLY P 38 -53.70 23.24 -41.16
N GLU P 39 -53.31 24.34 -41.80
CA GLU P 39 -52.70 24.43 -43.12
C GLU P 39 -51.75 23.24 -43.40
N GLY P 40 -51.99 22.54 -44.51
CA GLY P 40 -51.04 21.61 -45.13
C GLY P 40 -51.05 20.22 -44.50
N THR P 41 -51.94 19.98 -43.55
CA THR P 41 -52.06 18.70 -42.89
C THR P 41 -52.77 17.72 -43.84
N VAL P 42 -52.40 16.44 -43.73
CA VAL P 42 -52.94 15.38 -44.55
C VAL P 42 -53.46 14.26 -43.64
N ILE P 43 -54.76 13.98 -43.75
CA ILE P 43 -55.38 12.88 -43.09
C ILE P 43 -55.51 11.76 -44.11
N GLY P 44 -55.00 10.57 -43.75
CA GLY P 44 -55.08 9.41 -44.60
C GLY P 44 -56.50 8.87 -44.67
N PRO P 45 -56.68 7.69 -45.30
CA PRO P 45 -57.97 7.01 -45.30
C PRO P 45 -58.18 6.29 -43.95
N HIS P 46 -59.42 5.94 -43.63
CA HIS P 46 -59.72 5.14 -42.45
C HIS P 46 -59.17 5.77 -41.17
N VAL P 47 -59.32 7.09 -41.01
CA VAL P 47 -58.90 7.74 -39.80
C VAL P 47 -60.15 8.22 -39.06
N VAL P 48 -60.08 8.17 -37.73
CA VAL P 48 -61.16 8.69 -36.92
C VAL P 48 -60.60 9.83 -36.06
N LEU P 49 -61.06 11.07 -36.31
CA LEU P 49 -60.75 12.20 -35.46
C LEU P 49 -61.98 12.54 -34.61
N LYS P 50 -61.74 12.85 -33.34
CA LYS P 50 -62.80 13.25 -32.46
C LYS P 50 -62.30 14.45 -31.65
N GLY P 51 -63.25 15.28 -31.15
CA GLY P 51 -62.94 16.57 -30.54
C GLY P 51 -63.43 16.67 -29.10
N PRO P 52 -63.09 17.78 -28.42
CA PRO P 52 -62.43 18.96 -28.96
C PRO P 52 -60.91 18.79 -29.21
N THR P 53 -60.49 18.94 -30.46
CA THR P 53 -59.14 18.64 -30.85
C THR P 53 -58.63 19.73 -31.79
N LYS P 54 -57.40 20.16 -31.58
CA LYS P 54 -56.75 21.13 -32.41
C LYS P 54 -55.48 20.51 -32.99
N ILE P 55 -55.41 20.44 -34.32
CA ILE P 55 -54.26 19.90 -35.00
C ILE P 55 -53.62 21.02 -35.81
N GLY P 56 -52.30 21.16 -35.68
CA GLY P 56 -51.57 22.26 -36.31
C GLY P 56 -51.29 21.98 -37.78
N LYS P 57 -50.15 22.51 -38.25
CA LYS P 57 -49.85 22.64 -39.67
C LYS P 57 -48.88 21.52 -40.07
N HIS P 58 -49.06 21.02 -41.30
CA HIS P 58 -48.12 20.13 -41.97
C HIS P 58 -47.97 18.80 -41.20
N ASN P 59 -49.07 18.30 -40.63
CA ASN P 59 -49.06 16.99 -39.99
C ASN P 59 -49.45 15.96 -41.07
N ARG P 60 -49.04 14.70 -40.83
CA ARG P 60 -49.40 13.54 -41.61
CA ARG P 60 -49.40 13.54 -41.61
C ARG P 60 -50.00 12.55 -40.60
N ILE P 61 -51.25 12.11 -40.80
CA ILE P 61 -51.88 11.07 -39.92
C ILE P 61 -52.32 9.88 -40.77
N TYR P 62 -51.84 8.68 -40.43
CA TYR P 62 -52.03 7.50 -41.27
C TYR P 62 -53.26 6.71 -40.85
N GLN P 63 -53.62 5.76 -41.72
CA GLN P 63 -54.79 4.92 -41.62
C GLN P 63 -54.90 4.21 -40.26
N PHE P 64 -56.14 4.06 -39.77
CA PHE P 64 -56.53 3.21 -38.64
C PHE P 64 -56.19 3.85 -37.27
N SER P 65 -55.79 5.12 -37.34
CA SER P 65 -55.55 5.92 -36.17
C SER P 65 -56.87 6.43 -35.62
N SER P 66 -56.98 6.45 -34.29
CA SER P 66 -58.11 7.06 -33.58
C SER P 66 -57.51 8.17 -32.72
N VAL P 67 -57.70 9.42 -33.13
CA VAL P 67 -57.09 10.56 -32.53
C VAL P 67 -58.16 11.45 -31.93
N GLY P 68 -58.17 11.58 -30.61
CA GLY P 68 -59.08 12.47 -29.92
C GLY P 68 -60.22 11.72 -29.24
N GLU P 69 -60.02 10.42 -29.05
CA GLU P 69 -61.01 9.56 -28.46
C GLU P 69 -61.03 9.82 -26.95
N ASP P 70 -62.13 9.48 -26.26
CA ASP P 70 -62.19 9.63 -24.80
C ASP P 70 -61.33 8.55 -24.15
N THR P 71 -60.63 8.84 -23.02
CA THR P 71 -60.06 7.71 -22.31
C THR P 71 -61.17 6.81 -21.81
N PRO P 72 -60.89 5.52 -21.62
CA PRO P 72 -61.82 4.63 -20.94
C PRO P 72 -61.69 4.67 -19.42
N ASP P 73 -60.67 5.38 -18.89
CA ASP P 73 -60.49 5.47 -17.44
C ASP P 73 -61.83 5.81 -16.81
N LEU P 74 -62.19 5.13 -15.71
CA LEU P 74 -63.55 5.26 -15.13
C LEU P 74 -63.61 6.58 -14.33
N LYS P 75 -62.46 7.19 -14.14
CA LYS P 75 -62.19 8.57 -13.68
C LYS P 75 -62.95 9.62 -14.54
N TYR P 76 -62.97 9.44 -15.87
CA TYR P 76 -63.52 10.41 -16.85
C TYR P 76 -65.02 10.14 -17.02
N LYS P 77 -65.86 11.20 -16.89
CA LYS P 77 -67.34 11.11 -16.91
C LYS P 77 -67.95 11.95 -18.03
N GLY P 78 -67.23 12.19 -19.13
CA GLY P 78 -67.82 12.79 -20.35
C GLY P 78 -67.66 14.31 -20.47
N GLU P 79 -66.79 14.91 -19.65
CA GLU P 79 -66.54 16.38 -19.64
C GLU P 79 -65.81 16.79 -20.93
N PRO P 80 -65.85 18.09 -21.34
CA PRO P 80 -65.30 18.50 -22.65
C PRO P 80 -63.80 18.81 -22.58
N THR P 81 -62.96 17.78 -22.58
CA THR P 81 -61.53 17.93 -22.46
C THR P 81 -60.92 18.00 -23.86
N ARG P 82 -59.63 18.35 -23.94
CA ARG P 82 -59.02 18.77 -25.19
C ARG P 82 -57.86 17.85 -25.56
N LEU P 83 -57.51 17.86 -26.84
CA LEU P 83 -56.27 17.35 -27.36
C LEU P 83 -55.66 18.41 -28.27
N VAL P 84 -54.37 18.70 -28.10
CA VAL P 84 -53.70 19.71 -28.91
C VAL P 84 -52.45 19.09 -29.53
N ILE P 85 -52.34 19.21 -30.86
CA ILE P 85 -51.19 18.72 -31.58
C ILE P 85 -50.60 19.89 -32.36
N GLY P 86 -49.27 19.99 -32.33
CA GLY P 86 -48.57 21.07 -32.97
C GLY P 86 -48.37 20.84 -34.47
N ASP P 87 -47.17 21.22 -34.93
CA ASP P 87 -46.83 21.30 -36.33
C ASP P 87 -45.83 20.19 -36.70
N HIS P 88 -45.88 19.74 -37.97
CA HIS P 88 -44.84 18.87 -38.58
C HIS P 88 -44.71 17.52 -37.87
N ASN P 89 -45.81 16.99 -37.35
CA ASN P 89 -45.79 15.69 -36.71
C ASN P 89 -46.19 14.63 -37.74
N VAL P 90 -45.71 13.41 -37.48
CA VAL P 90 -46.10 12.25 -38.24
C VAL P 90 -46.67 11.23 -37.27
N ILE P 91 -47.91 10.81 -37.52
CA ILE P 91 -48.58 9.82 -36.72
C ILE P 91 -48.90 8.63 -37.61
N ARG P 92 -48.25 7.50 -37.37
CA ARG P 92 -48.32 6.36 -38.26
C ARG P 92 -49.57 5.53 -37.97
N GLU P 93 -49.62 4.36 -38.62
CA GLU P 93 -50.84 3.59 -38.72
C GLU P 93 -51.21 3.06 -37.32
N GLY P 94 -52.48 3.22 -36.97
CA GLY P 94 -53.07 2.55 -35.83
C GLY P 94 -52.83 3.24 -34.49
N VAL P 95 -52.30 4.46 -34.51
CA VAL P 95 -52.00 5.15 -33.28
C VAL P 95 -53.29 5.55 -32.59
N THR P 96 -53.31 5.46 -31.26
CA THR P 96 -54.39 5.98 -30.44
C THR P 96 -53.89 7.13 -29.57
N ILE P 97 -54.61 8.25 -29.57
CA ILE P 97 -54.31 9.39 -28.77
C ILE P 97 -55.61 9.82 -28.09
N HIS P 98 -55.58 9.89 -26.76
CA HIS P 98 -56.76 10.22 -25.99
C HIS P 98 -56.69 11.67 -25.51
N ARG P 99 -57.86 12.29 -25.35
CA ARG P 99 -57.95 13.62 -24.78
C ARG P 99 -57.79 13.52 -23.27
N GLY P 100 -57.64 14.67 -22.62
CA GLY P 100 -57.36 14.78 -21.19
C GLY P 100 -58.55 14.47 -20.30
N THR P 101 -58.35 14.73 -19.00
CA THR P 101 -59.30 14.53 -17.92
C THR P 101 -59.32 15.77 -17.04
N VAL P 102 -60.46 16.05 -16.40
CA VAL P 102 -60.59 17.27 -15.59
C VAL P 102 -59.71 17.21 -14.34
N GLN P 103 -59.30 16.03 -13.91
CA GLN P 103 -58.54 15.85 -12.68
C GLN P 103 -57.08 16.33 -12.87
N ASP P 104 -56.62 16.58 -14.10
CA ASP P 104 -55.26 17.13 -14.32
C ASP P 104 -55.38 18.51 -15.00
N ARG P 105 -55.05 18.61 -16.30
CA ARG P 105 -55.06 19.90 -16.99
C ARG P 105 -56.13 19.96 -18.06
N ALA P 106 -56.89 18.86 -18.22
CA ALA P 106 -57.99 18.77 -19.16
C ALA P 106 -57.47 18.78 -20.59
N GLU P 107 -56.21 18.38 -20.80
CA GLU P 107 -55.60 18.53 -22.10
C GLU P 107 -54.45 17.54 -22.26
N THR P 108 -54.50 16.73 -23.32
CA THR P 108 -53.38 16.00 -23.83
C THR P 108 -52.70 16.86 -24.88
N THR P 109 -51.37 16.98 -24.83
CA THR P 109 -50.74 17.96 -25.69
C THR P 109 -49.50 17.32 -26.34
N ILE P 110 -49.29 17.64 -27.63
CA ILE P 110 -48.16 17.19 -28.41
C ILE P 110 -47.57 18.40 -29.15
N GLY P 111 -46.24 18.51 -29.10
CA GLY P 111 -45.53 19.63 -29.70
C GLY P 111 -45.32 19.46 -31.18
N ASP P 112 -44.08 19.76 -31.63
CA ASP P 112 -43.75 19.87 -33.04
C ASP P 112 -42.71 18.81 -33.42
N HIS P 113 -42.68 18.42 -34.70
CA HIS P 113 -41.62 17.58 -35.29
C HIS P 113 -41.51 16.22 -34.57
N ASN P 114 -42.62 15.65 -34.12
CA ASN P 114 -42.55 14.38 -33.44
C ASN P 114 -42.87 13.28 -34.46
N LEU P 115 -42.34 12.09 -34.19
CA LEU P 115 -42.64 10.92 -34.98
C LEU P 115 -43.23 9.86 -34.06
N ILE P 116 -44.50 9.52 -34.26
CA ILE P 116 -45.15 8.53 -33.46
C ILE P 116 -45.51 7.37 -34.35
N MET P 117 -44.86 6.23 -34.11
CA MET P 117 -44.88 5.14 -35.05
C MET P 117 -46.06 4.21 -34.73
N ALA P 118 -46.20 3.17 -35.55
CA ALA P 118 -47.42 2.39 -35.62
C ALA P 118 -47.83 1.89 -34.24
N TYR P 119 -49.14 1.96 -33.95
CA TYR P 119 -49.79 1.27 -32.84
C TYR P 119 -49.35 1.87 -31.49
N ALA P 120 -48.68 3.02 -31.49
CA ALA P 120 -48.34 3.68 -30.24
C ALA P 120 -49.61 4.20 -29.60
N HIS P 121 -49.58 4.34 -28.27
CA HIS P 121 -50.70 4.82 -27.49
C HIS P 121 -50.26 6.01 -26.63
N ILE P 122 -51.02 7.09 -26.69
CA ILE P 122 -50.74 8.28 -25.93
C ILE P 122 -51.93 8.58 -25.03
N GLY P 123 -51.77 8.25 -23.75
CA GLY P 123 -52.85 8.25 -22.80
C GLY P 123 -53.22 9.66 -22.36
N HIS P 124 -54.40 9.75 -21.76
CA HIS P 124 -54.94 11.00 -21.32
C HIS P 124 -53.90 11.81 -20.56
N ASP P 125 -53.83 13.10 -20.88
CA ASP P 125 -53.15 14.10 -20.11
C ASP P 125 -51.64 14.03 -20.29
N SER P 126 -51.17 13.22 -21.23
CA SER P 126 -49.77 13.14 -21.52
C SER P 126 -49.34 14.42 -22.24
N VAL P 127 -48.06 14.74 -22.15
CA VAL P 127 -47.49 15.91 -22.77
C VAL P 127 -46.21 15.50 -23.48
N ILE P 128 -46.15 15.71 -24.78
CA ILE P 128 -44.97 15.44 -25.53
C ILE P 128 -44.42 16.76 -26.07
N GLY P 129 -43.09 16.87 -26.03
CA GLY P 129 -42.40 18.06 -26.45
C GLY P 129 -42.18 18.08 -27.96
N ASN P 130 -40.95 18.39 -28.37
CA ASN P 130 -40.61 18.46 -29.76
C ASN P 130 -39.50 17.47 -30.08
N HIS P 131 -39.46 17.00 -31.35
CA HIS P 131 -38.37 16.22 -31.88
C HIS P 131 -38.30 14.83 -31.22
N CYS P 132 -39.40 14.37 -30.63
CA CYS P 132 -39.40 13.08 -30.00
C CYS P 132 -39.69 11.99 -31.04
N ILE P 133 -39.33 10.75 -30.67
CA ILE P 133 -39.62 9.59 -31.46
C ILE P 133 -40.18 8.51 -30.54
N LEU P 134 -41.44 8.13 -30.78
CA LEU P 134 -42.05 7.00 -30.11
C LEU P 134 -42.18 5.87 -31.13
N VAL P 135 -41.48 4.78 -30.87
CA VAL P 135 -41.42 3.74 -31.84
C VAL P 135 -42.63 2.82 -31.64
N ASN P 136 -42.88 1.97 -32.64
CA ASN P 136 -44.00 1.04 -32.67
C ASN P 136 -44.39 0.58 -31.28
N ASN P 137 -45.68 0.75 -30.93
CA ASN P 137 -46.32 0.14 -29.76
C ASN P 137 -45.80 0.71 -28.44
N THR P 138 -45.15 1.87 -28.48
CA THR P 138 -44.84 2.58 -27.27
C THR P 138 -46.15 3.02 -26.64
N ALA P 139 -46.27 2.90 -25.31
CA ALA P 139 -47.52 3.21 -24.65
C ALA P 139 -47.28 4.11 -23.43
N LEU P 140 -47.89 5.29 -23.42
CA LEU P 140 -47.88 6.19 -22.29
C LEU P 140 -49.20 6.05 -21.55
N ALA P 141 -49.18 5.49 -20.34
CA ALA P 141 -50.42 5.14 -19.64
C ALA P 141 -51.30 6.36 -19.34
N GLY P 142 -50.67 7.52 -19.13
CA GLY P 142 -51.38 8.75 -18.80
C GLY P 142 -50.55 9.68 -17.92
N HIS P 143 -50.77 10.98 -18.11
CA HIS P 143 -50.08 12.00 -17.35
C HIS P 143 -48.56 11.85 -17.52
N VAL P 144 -48.11 11.41 -18.68
CA VAL P 144 -46.70 11.22 -18.89
C VAL P 144 -46.16 12.45 -19.60
N HIS P 145 -45.03 12.97 -19.12
CA HIS P 145 -44.37 14.11 -19.75
C HIS P 145 -43.11 13.57 -20.43
N VAL P 146 -43.02 13.77 -21.75
CA VAL P 146 -41.85 13.41 -22.51
C VAL P 146 -41.23 14.69 -23.05
N ASP P 147 -39.98 14.95 -22.62
CA ASP P 147 -39.32 16.19 -22.97
C ASP P 147 -38.57 16.01 -24.30
N ASP P 148 -38.03 17.11 -24.84
CA ASP P 148 -37.57 17.21 -26.22
C ASP P 148 -36.50 16.14 -26.51
N TRP P 149 -36.55 15.59 -27.73
CA TRP P 149 -35.51 14.73 -28.32
C TRP P 149 -35.46 13.33 -27.69
N ALA P 150 -36.46 13.00 -26.89
CA ALA P 150 -36.45 11.69 -26.31
C ALA P 150 -36.73 10.65 -27.40
N ILE P 151 -36.22 9.45 -27.19
CA ILE P 151 -36.49 8.34 -28.06
C ILE P 151 -36.94 7.16 -27.20
N LEU P 152 -38.14 6.64 -27.45
CA LEU P 152 -38.61 5.46 -26.80
C LEU P 152 -38.63 4.32 -27.81
N SER P 153 -37.77 3.32 -27.61
CA SER P 153 -37.68 2.19 -28.52
C SER P 153 -39.00 1.43 -28.48
N GLY P 154 -39.17 0.52 -29.42
CA GLY P 154 -40.42 -0.18 -29.61
C GLY P 154 -40.88 -0.89 -28.35
N TYR P 155 -42.21 -0.90 -28.16
CA TYR P 155 -42.86 -1.62 -27.09
C TYR P 155 -42.34 -1.14 -25.74
N THR P 156 -41.99 0.14 -25.64
CA THR P 156 -41.70 0.76 -24.36
C THR P 156 -43.02 1.15 -23.69
N LEU P 157 -43.20 0.72 -22.45
CA LEU P 157 -44.38 1.04 -21.65
C LEU P 157 -44.00 2.02 -20.55
N VAL P 158 -44.81 3.05 -20.30
CA VAL P 158 -44.53 4.05 -19.30
C VAL P 158 -45.73 4.20 -18.36
N HIS P 159 -45.51 4.02 -17.06
CA HIS P 159 -46.55 4.13 -16.07
C HIS P 159 -47.03 5.56 -15.95
N GLN P 160 -48.23 5.71 -15.39
CA GLN P 160 -48.84 6.99 -15.14
C GLN P 160 -47.85 7.88 -14.37
N TYR P 161 -47.76 9.14 -14.78
CA TYR P 161 -47.11 10.24 -14.03
C TYR P 161 -45.60 10.29 -14.27
N CYS P 162 -45.02 9.37 -15.02
CA CYS P 162 -43.57 9.40 -15.20
C CYS P 162 -43.14 10.54 -16.11
N ARG P 163 -41.95 11.06 -15.83
CA ARG P 163 -41.31 12.06 -16.63
C ARG P 163 -40.16 11.41 -17.39
N ILE P 164 -40.16 11.52 -18.72
CA ILE P 164 -39.08 11.05 -19.55
C ILE P 164 -38.24 12.26 -19.95
N GLY P 165 -36.96 12.25 -19.58
CA GLY P 165 -36.10 13.42 -19.68
C GLY P 165 -35.67 13.71 -21.10
N ALA P 166 -35.24 14.95 -21.34
CA ALA P 166 -34.75 15.35 -22.65
C ALA P 166 -33.57 14.45 -23.06
N HIS P 167 -33.56 14.05 -24.33
CA HIS P 167 -32.49 13.27 -24.95
C HIS P 167 -32.34 11.88 -24.33
N SER P 168 -33.29 11.48 -23.52
CA SER P 168 -33.19 10.21 -22.89
C SER P 168 -33.61 9.13 -23.92
N PHE P 169 -33.34 7.87 -23.60
CA PHE P 169 -33.50 6.78 -24.54
C PHE P 169 -33.89 5.51 -23.79
N SER P 170 -34.95 4.86 -24.24
CA SER P 170 -35.34 3.59 -23.68
C SER P 170 -35.08 2.50 -24.71
N GLY P 171 -34.60 1.34 -24.24
CA GLY P 171 -34.41 0.18 -25.07
C GLY P 171 -35.71 -0.53 -25.32
N MET P 172 -35.69 -1.52 -26.21
CA MET P 172 -36.95 -2.03 -26.61
C MET P 172 -37.50 -2.98 -25.55
N GLY P 173 -38.82 -2.93 -25.37
CA GLY P 173 -39.52 -3.67 -24.36
C GLY P 173 -39.27 -3.14 -22.95
N SER P 174 -38.83 -1.90 -22.85
CA SER P 174 -38.64 -1.26 -21.55
C SER P 174 -39.99 -1.07 -20.85
N ALA P 175 -40.00 -1.26 -19.53
CA ALA P 175 -41.15 -0.98 -18.69
C ALA P 175 -40.73 0.02 -17.63
N ILE P 176 -41.09 1.28 -17.82
CA ILE P 176 -40.62 2.39 -17.05
C ILE P 176 -41.65 2.76 -15.99
N GLY P 177 -41.22 2.76 -14.72
CA GLY P 177 -42.09 3.00 -13.57
C GLY P 177 -41.68 4.23 -12.76
N LYS P 178 -40.52 4.83 -13.05
CA LYS P 178 -40.05 6.00 -12.35
C LYS P 178 -39.48 6.95 -13.39
N ASP P 179 -39.13 8.17 -12.99
CA ASP P 179 -38.66 9.16 -13.97
C ASP P 179 -37.37 8.66 -14.64
N VAL P 180 -37.17 9.05 -15.89
CA VAL P 180 -35.95 8.82 -16.53
C VAL P 180 -35.25 10.16 -16.64
N PRO P 181 -34.08 10.33 -16.00
CA PRO P 181 -33.39 11.60 -16.05
C PRO P 181 -32.98 11.88 -17.49
N ALA P 182 -32.75 13.17 -17.77
CA ALA P 182 -32.29 13.58 -19.08
C ALA P 182 -31.02 12.80 -19.46
N TYR P 183 -30.90 12.49 -20.75
CA TYR P 183 -29.76 11.86 -21.36
C TYR P 183 -29.62 10.36 -21.00
N VAL P 184 -30.37 9.84 -20.03
CA VAL P 184 -30.08 8.50 -19.55
C VAL P 184 -30.64 7.46 -20.51
N THR P 185 -29.96 6.32 -20.64
CA THR P 185 -30.48 5.17 -21.37
C THR P 185 -30.97 4.12 -20.36
N VAL P 186 -32.15 3.55 -20.60
CA VAL P 186 -32.73 2.56 -19.71
C VAL P 186 -33.18 1.34 -20.51
N PHE P 187 -33.19 0.18 -19.86
CA PHE P 187 -33.46 -1.10 -20.50
C PHE P 187 -34.17 -2.02 -19.52
N GLY P 188 -35.11 -2.82 -20.04
CA GLY P 188 -35.63 -3.98 -19.32
C GLY P 188 -36.95 -3.70 -18.62
N ASN P 189 -37.48 -4.73 -17.99
CA ASN P 189 -38.73 -4.71 -17.27
C ASN P 189 -38.51 -5.41 -15.94
N PRO P 190 -38.32 -4.64 -14.86
CA PRO P 190 -38.40 -3.19 -14.83
C PRO P 190 -37.16 -2.47 -15.36
N ALA P 191 -37.34 -1.26 -15.88
CA ALA P 191 -36.29 -0.52 -16.53
C ALA P 191 -35.18 -0.20 -15.53
N GLU P 192 -33.93 -0.31 -16.00
CA GLU P 192 -32.72 0.00 -15.26
C GLU P 192 -31.88 0.94 -16.12
N ALA P 193 -31.21 1.89 -15.46
CA ALA P 193 -30.31 2.82 -16.10
C ALA P 193 -29.05 2.05 -16.45
N ARG P 194 -28.48 2.34 -17.63
CA ARG P 194 -27.32 1.65 -18.10
C ARG P 194 -26.20 2.66 -18.38
N SER P 195 -26.51 3.73 -19.13
CA SER P 195 -25.53 4.68 -19.55
C SER P 195 -26.21 5.98 -19.94
N MET P 196 -25.56 6.77 -20.80
CA MET P 196 -26.13 7.99 -21.31
C MET P 196 -26.15 7.92 -22.83
N ASN P 197 -27.03 8.72 -23.42
CA ASN P 197 -27.31 8.70 -24.82
C ASN P 197 -26.29 9.58 -25.53
N PHE P 198 -25.07 9.08 -25.66
CA PHE P 198 -23.99 9.84 -26.24
C PHE P 198 -24.24 10.07 -27.72
N GLU P 199 -24.84 9.09 -28.40
CA GLU P 199 -25.21 9.23 -29.81
C GLU P 199 -26.03 10.52 -29.99
N GLY P 200 -27.01 10.72 -29.10
CA GLY P 200 -27.88 11.86 -29.12
C GLY P 200 -27.13 13.18 -28.95
N MET P 201 -26.13 13.18 -28.06
CA MET P 201 -25.33 14.36 -27.77
C MET P 201 -24.47 14.70 -28.99
N ARG P 202 -24.02 13.67 -29.71
CA ARG P 202 -23.18 13.85 -30.88
C ARG P 202 -23.97 14.61 -31.94
N ARG P 203 -25.21 14.16 -32.21
CA ARG P 203 -26.09 14.73 -33.20
C ARG P 203 -26.46 16.18 -32.87
N ARG P 204 -26.60 16.53 -31.60
CA ARG P 204 -26.92 17.91 -31.25
C ARG P 204 -25.63 18.76 -31.19
N GLY P 205 -24.47 18.17 -31.47
CA GLY P 205 -23.21 18.88 -31.53
C GLY P 205 -22.74 19.39 -30.19
N PHE P 206 -22.96 18.64 -29.10
CA PHE P 206 -22.44 19.01 -27.80
C PHE P 206 -20.92 19.06 -27.85
N SER P 207 -20.33 19.93 -27.04
CA SER P 207 -18.90 19.99 -26.92
C SER P 207 -18.40 18.68 -26.32
N SER P 208 -17.11 18.40 -26.53
CA SER P 208 -16.53 17.19 -26.02
C SER P 208 -16.36 17.31 -24.49
N GLU P 209 -16.16 18.53 -23.97
CA GLU P 209 -16.02 18.78 -22.52
C GLU P 209 -17.35 18.52 -21.82
N ALA P 210 -18.46 18.82 -22.51
CA ALA P 210 -19.79 18.67 -21.94
C ALA P 210 -20.17 17.19 -21.89
N ILE P 211 -19.78 16.44 -22.93
CA ILE P 211 -20.06 15.03 -22.97
C ILE P 211 -19.34 14.33 -21.81
N HIS P 212 -18.07 14.69 -21.60
CA HIS P 212 -17.29 14.12 -20.52
C HIS P 212 -17.94 14.48 -19.18
N ALA P 213 -18.45 15.70 -19.05
CA ALA P 213 -19.02 16.15 -17.79
C ALA P 213 -20.28 15.35 -17.48
N LEU P 214 -21.02 15.00 -18.53
CA LEU P 214 -22.23 14.27 -18.39
C LEU P 214 -21.93 12.81 -18.04
N ARG P 215 -20.83 12.25 -18.52
CA ARG P 215 -20.47 10.91 -18.14
C ARG P 215 -20.12 10.89 -16.65
N ARG P 216 -19.38 11.91 -16.16
CA ARG P 216 -19.01 11.96 -14.77
C ARG P 216 -20.28 12.11 -13.93
N ALA P 217 -21.24 12.86 -14.46
CA ALA P 217 -22.48 13.10 -13.75
C ALA P 217 -23.26 11.79 -13.59
N TYR P 218 -23.27 10.97 -14.64
CA TYR P 218 -23.91 9.70 -14.59
C TYR P 218 -23.28 8.88 -13.45
N LYS P 219 -21.95 8.85 -13.40
CA LYS P 219 -21.25 8.06 -12.43
C LYS P 219 -21.55 8.53 -10.99
N VAL P 220 -21.73 9.83 -10.79
CA VAL P 220 -22.01 10.37 -9.47
C VAL P 220 -23.34 9.84 -8.94
N VAL P 221 -24.35 9.84 -9.81
CA VAL P 221 -25.70 9.48 -9.47
C VAL P 221 -25.86 7.97 -9.31
N TYR P 222 -25.16 7.20 -10.14
CA TYR P 222 -25.51 5.79 -10.35
C TYR P 222 -24.40 4.82 -9.91
N ARG P 223 -23.11 5.20 -9.94
CA ARG P 223 -22.04 4.21 -9.82
C ARG P 223 -21.14 4.51 -8.61
N GLN P 224 -21.58 5.29 -7.62
CA GLN P 224 -20.63 5.68 -6.56
C GLN P 224 -21.25 5.55 -5.16
N GLY P 225 -22.34 4.80 -5.04
CA GLY P 225 -23.00 4.59 -3.77
C GLY P 225 -23.61 5.84 -3.16
N HIS P 226 -23.83 6.91 -3.91
CA HIS P 226 -24.43 8.11 -3.33
C HIS P 226 -25.93 7.92 -3.20
N THR P 227 -26.54 8.47 -2.15
CA THR P 227 -28.00 8.65 -2.12
C THR P 227 -28.33 9.73 -3.15
N VAL P 228 -29.60 9.89 -3.48
CA VAL P 228 -29.95 10.86 -4.49
C VAL P 228 -29.63 12.28 -3.98
N GLU P 229 -29.84 12.54 -2.69
CA GLU P 229 -29.55 13.83 -2.05
C GLU P 229 -28.05 14.13 -2.15
N GLU P 230 -27.20 13.14 -1.85
CA GLU P 230 -25.76 13.32 -1.86
C GLU P 230 -25.28 13.59 -3.29
N ALA P 231 -25.93 12.95 -4.28
CA ALA P 231 -25.56 13.09 -5.67
C ALA P 231 -25.86 14.51 -6.15
N LEU P 232 -27.06 15.01 -5.83
CA LEU P 232 -27.45 16.35 -6.19
C LEU P 232 -26.46 17.39 -5.68
N ALA P 233 -25.95 17.17 -4.47
CA ALA P 233 -24.99 18.06 -3.84
C ALA P 233 -23.68 18.02 -4.61
N GLU P 234 -23.26 16.83 -5.00
CA GLU P 234 -22.02 16.64 -5.71
C GLU P 234 -22.10 17.25 -7.12
N LEU P 235 -23.26 17.15 -7.75
CA LEU P 235 -23.49 17.68 -9.09
C LEU P 235 -23.53 19.21 -9.11
N ALA P 236 -23.67 19.88 -7.97
CA ALA P 236 -23.87 21.33 -7.96
C ALA P 236 -22.74 22.05 -8.72
N GLU P 237 -21.48 21.67 -8.51
CA GLU P 237 -20.32 22.30 -9.15
C GLU P 237 -20.46 22.17 -10.67
N SER P 238 -20.63 20.92 -11.12
CA SER P 238 -20.62 20.62 -12.54
C SER P 238 -21.84 21.20 -13.27
N ALA P 239 -22.93 21.43 -12.56
CA ALA P 239 -24.15 22.01 -13.15
C ALA P 239 -24.01 23.51 -13.35
N ALA P 240 -23.14 24.14 -12.56
CA ALA P 240 -22.90 25.54 -12.74
C ALA P 240 -21.91 25.78 -13.89
N GLN P 241 -21.10 24.77 -14.18
CA GLN P 241 -20.07 24.85 -15.18
C GLN P 241 -20.65 24.58 -16.58
N PHE P 242 -21.68 23.74 -16.66
CA PHE P 242 -22.21 23.25 -17.95
C PHE P 242 -23.73 23.31 -17.98
N PRO P 243 -24.35 24.14 -18.85
CA PRO P 243 -25.80 24.13 -19.04
C PRO P 243 -26.40 22.73 -19.25
N GLU P 244 -25.63 21.87 -19.90
CA GLU P 244 -26.06 20.52 -20.29
C GLU P 244 -26.19 19.65 -19.04
N VAL P 245 -25.27 19.81 -18.07
CA VAL P 245 -25.33 19.05 -16.83
C VAL P 245 -26.46 19.59 -15.96
N ALA P 246 -26.72 20.90 -16.01
CA ALA P 246 -27.82 21.48 -15.24
C ALA P 246 -29.15 20.85 -15.65
N VAL P 247 -29.34 20.58 -16.94
CA VAL P 247 -30.55 19.90 -17.43
C VAL P 247 -30.70 18.54 -16.73
N PHE P 248 -29.57 17.82 -16.61
CA PHE P 248 -29.55 16.50 -15.98
C PHE P 248 -29.85 16.63 -14.49
N ARG P 249 -29.17 17.57 -13.77
CA ARG P 249 -29.42 17.75 -12.36
C ARG P 249 -30.89 18.13 -12.16
N ASP P 250 -31.43 19.03 -12.99
CA ASP P 250 -32.79 19.54 -12.80
C ASP P 250 -33.79 18.41 -12.97
N SER P 251 -33.54 17.46 -13.88
CA SER P 251 -34.45 16.34 -14.08
C SER P 251 -34.49 15.41 -12.85
N ILE P 252 -33.36 15.25 -12.16
CA ILE P 252 -33.28 14.44 -10.96
C ILE P 252 -33.90 15.18 -9.77
N GLN P 253 -33.57 16.47 -9.64
CA GLN P 253 -34.11 17.34 -8.61
C GLN P 253 -35.63 17.17 -8.52
N SER P 254 -36.28 17.30 -9.69
CA SER P 254 -37.73 17.45 -9.77
C SER P 254 -38.42 16.09 -9.81
N ALA P 255 -37.76 15.07 -9.29
CA ALA P 255 -38.25 13.73 -9.35
C ALA P 255 -38.37 13.19 -7.91
N THR P 256 -37.87 13.94 -6.94
CA THR P 256 -37.37 13.35 -5.70
C THR P 256 -37.62 14.32 -4.53
N ARG P 257 -38.87 14.51 -4.13
CA ARG P 257 -39.04 15.33 -2.92
C ARG P 257 -38.53 14.59 -1.65
N GLY P 258 -39.00 13.38 -1.40
CA GLY P 258 -38.70 12.62 -0.16
C GLY P 258 -39.56 13.06 1.00
N ILE P 259 -39.31 12.48 2.19
CA ILE P 259 -40.14 12.74 3.37
C ILE P 259 -39.26 13.06 4.58
N THR P 260 -39.78 13.90 5.46
CA THR P 260 -39.11 14.20 6.66
C THR P 260 -38.86 12.90 7.40
N ARG P 261 -37.57 12.59 7.63
CA ARG P 261 -37.09 11.45 8.42
C ARG P 261 -36.44 11.99 9.70
N SER Q 5 -69.67 -9.45 -58.05
CA SER Q 5 -68.38 -9.57 -58.76
C SER Q 5 -67.30 -9.85 -57.69
N LEU Q 6 -66.08 -10.19 -58.10
CA LEU Q 6 -65.04 -10.64 -57.17
C LEU Q 6 -64.32 -9.45 -56.55
N ILE Q 7 -64.45 -8.28 -57.18
CA ILE Q 7 -63.89 -7.06 -56.67
C ILE Q 7 -65.05 -6.18 -56.23
N ASP Q 8 -65.10 -5.89 -54.94
CA ASP Q 8 -66.20 -5.15 -54.41
C ASP Q 8 -66.25 -3.81 -55.11
N PRO Q 9 -67.44 -3.31 -55.49
CA PRO Q 9 -67.55 -1.97 -56.07
C PRO Q 9 -67.13 -0.86 -55.10
N ARG Q 10 -67.11 -1.13 -53.79
CA ARG Q 10 -66.72 -0.12 -52.81
C ARG Q 10 -65.19 -0.06 -52.64
N ALA Q 11 -64.43 -0.95 -53.30
CA ALA Q 11 -62.96 -0.92 -53.25
C ALA Q 11 -62.42 0.09 -54.26
N ILE Q 12 -61.16 0.50 -54.08
CA ILE Q 12 -60.48 1.41 -54.99
C ILE Q 12 -59.27 0.68 -55.58
N ILE Q 13 -59.25 0.59 -56.92
CA ILE Q 13 -58.20 -0.08 -57.62
C ILE Q 13 -57.50 0.95 -58.51
N ASP Q 14 -56.21 1.16 -58.30
CA ASP Q 14 -55.48 2.09 -59.13
C ASP Q 14 -55.45 1.57 -60.56
N PRO Q 15 -55.59 2.46 -61.57
CA PRO Q 15 -55.41 2.07 -62.98
C PRO Q 15 -54.16 1.23 -63.28
N SER Q 16 -53.05 1.50 -62.58
CA SER Q 16 -51.74 0.86 -62.83
C SER Q 16 -51.53 -0.41 -62.00
N ALA Q 17 -52.52 -0.83 -61.22
CA ALA Q 17 -52.47 -2.13 -60.53
C ALA Q 17 -52.76 -3.25 -61.52
N ARG Q 18 -52.22 -4.44 -61.25
CA ARG Q 18 -52.35 -5.59 -62.14
C ARG Q 18 -52.80 -6.79 -61.29
N LEU Q 19 -54.07 -7.17 -61.44
CA LEU Q 19 -54.70 -8.26 -60.70
C LEU Q 19 -54.97 -9.45 -61.61
N ALA Q 20 -54.59 -10.65 -61.19
CA ALA Q 20 -54.97 -11.84 -61.91
C ALA Q 20 -56.50 -11.97 -61.92
N ALA Q 21 -56.99 -12.85 -62.82
CA ALA Q 21 -58.42 -12.92 -63.16
C ALA Q 21 -59.30 -13.17 -61.93
N ASP Q 22 -58.89 -14.03 -60.99
CA ASP Q 22 -59.81 -14.53 -59.95
C ASP Q 22 -59.42 -14.00 -58.55
N VAL Q 23 -58.77 -12.85 -58.51
CA VAL Q 23 -58.45 -12.20 -57.27
C VAL Q 23 -59.75 -11.65 -56.67
N GLN Q 24 -59.89 -11.72 -55.35
CA GLN Q 24 -61.02 -11.12 -54.64
C GLN Q 24 -60.52 -9.94 -53.78
N VAL Q 25 -61.28 -8.83 -53.80
CA VAL Q 25 -60.96 -7.69 -52.98
C VAL Q 25 -62.24 -7.24 -52.28
N GLY Q 26 -62.15 -7.13 -50.95
CA GLY Q 26 -63.26 -6.76 -50.13
C GLY Q 26 -63.57 -5.27 -50.22
N PRO Q 27 -64.71 -4.86 -49.63
CA PRO Q 27 -65.12 -3.45 -49.63
C PRO Q 27 -64.14 -2.56 -48.87
N TRP Q 28 -63.97 -1.32 -49.35
CA TRP Q 28 -63.20 -0.27 -48.68
C TRP Q 28 -61.72 -0.63 -48.57
N SER Q 29 -61.23 -1.43 -49.53
CA SER Q 29 -59.84 -1.73 -49.61
C SER Q 29 -59.24 -0.86 -50.73
N ILE Q 30 -57.97 -0.51 -50.58
CA ILE Q 30 -57.24 0.24 -51.58
C ILE Q 30 -56.14 -0.64 -52.14
N VAL Q 31 -56.14 -0.83 -53.47
CA VAL Q 31 -55.05 -1.44 -54.14
C VAL Q 31 -54.33 -0.35 -54.94
N GLY Q 32 -53.23 0.16 -54.37
CA GLY Q 32 -52.53 1.34 -54.87
C GLY Q 32 -51.80 1.07 -56.18
N ALA Q 33 -51.19 2.15 -56.71
CA ALA Q 33 -50.39 2.11 -57.91
C ALA Q 33 -49.29 1.04 -57.75
N GLU Q 34 -49.05 0.31 -58.85
CA GLU Q 34 -47.91 -0.60 -59.00
C GLU Q 34 -47.98 -1.79 -58.04
N VAL Q 35 -49.20 -2.21 -57.69
CA VAL Q 35 -49.40 -3.40 -56.95
C VAL Q 35 -49.81 -4.50 -57.91
N GLU Q 36 -49.21 -5.67 -57.76
CA GLU Q 36 -49.46 -6.80 -58.59
C GLU Q 36 -49.93 -7.94 -57.69
N ILE Q 37 -51.05 -8.59 -58.02
CA ILE Q 37 -51.62 -9.62 -57.16
C ILE Q 37 -51.88 -10.88 -57.97
N GLY Q 38 -51.38 -12.02 -57.47
CA GLY Q 38 -51.41 -13.28 -58.19
C GLY Q 38 -52.69 -14.07 -58.00
N GLU Q 39 -52.90 -15.01 -58.92
CA GLU Q 39 -54.00 -15.97 -58.97
C GLU Q 39 -54.41 -16.44 -57.57
N GLY Q 40 -55.72 -16.29 -57.27
CA GLY Q 40 -56.38 -16.98 -56.15
C GLY Q 40 -56.20 -16.27 -54.81
N THR Q 41 -55.55 -15.11 -54.81
CA THR Q 41 -55.34 -14.33 -53.61
C THR Q 41 -56.64 -13.63 -53.25
N VAL Q 42 -56.84 -13.44 -51.94
CA VAL Q 42 -58.03 -12.81 -51.38
C VAL Q 42 -57.60 -11.66 -50.47
N ILE Q 43 -58.03 -10.44 -50.81
CA ILE Q 43 -57.85 -9.29 -50.00
C ILE Q 43 -59.17 -9.05 -49.26
N GLY Q 44 -59.07 -8.93 -47.93
CA GLY Q 44 -60.21 -8.68 -47.10
C GLY Q 44 -60.73 -7.25 -47.26
N PRO Q 45 -61.69 -6.83 -46.44
CA PRO Q 45 -62.13 -5.44 -46.41
C PRO Q 45 -61.12 -4.59 -45.63
N HIS Q 46 -61.16 -3.27 -45.82
CA HIS Q 46 -60.35 -2.36 -45.02
C HIS Q 46 -58.86 -2.70 -45.10
N VAL Q 47 -58.34 -3.03 -46.29
CA VAL Q 47 -56.94 -3.28 -46.45
C VAL Q 47 -56.34 -2.16 -47.28
N VAL Q 48 -55.10 -1.80 -46.99
CA VAL Q 48 -54.38 -0.82 -47.76
C VAL Q 48 -53.14 -1.49 -48.35
N LEU Q 49 -53.11 -1.62 -49.68
CA LEU Q 49 -51.91 -2.06 -50.38
C LEU Q 49 -51.26 -0.86 -51.07
N LYS Q 50 -49.94 -0.79 -50.99
CA LYS Q 50 -49.19 0.24 -51.64
C LYS Q 50 -47.98 -0.40 -52.33
N GLY Q 51 -47.44 0.27 -53.36
CA GLY Q 51 -46.44 -0.32 -54.24
C GLY Q 51 -45.16 0.51 -54.29
N PRO Q 52 -44.12 -0.01 -54.99
CA PRO Q 52 -44.15 -1.20 -55.83
C PRO Q 52 -44.15 -2.53 -55.07
N THR Q 53 -45.20 -3.34 -55.25
CA THR Q 53 -45.41 -4.52 -54.45
C THR Q 53 -45.87 -5.65 -55.37
N LYS Q 54 -45.32 -6.85 -55.16
CA LYS Q 54 -45.69 -8.02 -55.89
C LYS Q 54 -46.18 -9.06 -54.87
N ILE Q 55 -47.44 -9.48 -55.01
CA ILE Q 55 -48.01 -10.50 -54.16
C ILE Q 55 -48.33 -11.72 -55.02
N GLY Q 56 -47.91 -12.89 -54.55
CA GLY Q 56 -48.03 -14.13 -55.30
C GLY Q 56 -49.43 -14.71 -55.21
N LYS Q 57 -49.50 -16.04 -55.27
CA LYS Q 57 -50.73 -16.78 -55.51
C LYS Q 57 -51.25 -17.34 -54.18
N HIS Q 58 -52.59 -17.36 -54.05
CA HIS Q 58 -53.29 -18.05 -52.97
C HIS Q 58 -52.93 -17.45 -51.60
N ASN Q 59 -52.75 -16.14 -51.53
CA ASN Q 59 -52.56 -15.46 -50.26
C ASN Q 59 -53.94 -15.06 -49.71
N ARG Q 60 -54.00 -14.88 -48.39
CA ARG Q 60 -55.15 -14.35 -47.68
CA ARG Q 60 -55.14 -14.34 -47.68
C ARG Q 60 -54.59 -13.15 -46.89
N ILE Q 61 -55.13 -11.93 -47.10
CA ILE Q 61 -54.74 -10.74 -46.29
C ILE Q 61 -55.97 -10.16 -45.60
N TYR Q 62 -55.90 -10.02 -44.27
CA TYR Q 62 -57.08 -9.67 -43.48
C TYR Q 62 -57.16 -8.16 -43.25
N GLN Q 63 -58.33 -7.75 -42.74
CA GLN Q 63 -58.70 -6.36 -42.50
C GLN Q 63 -57.66 -5.61 -41.68
N PHE Q 64 -57.48 -4.32 -42.01
CA PHE Q 64 -56.74 -3.33 -41.21
C PHE Q 64 -55.21 -3.46 -41.37
N SER Q 65 -54.81 -4.31 -42.31
CA SER Q 65 -53.44 -4.48 -42.69
C SER Q 65 -53.04 -3.35 -43.63
N SER Q 66 -51.80 -2.86 -43.44
CA SER Q 66 -51.18 -1.89 -44.35
C SER Q 66 -49.92 -2.58 -44.88
N VAL Q 67 -49.98 -2.99 -46.14
CA VAL Q 67 -48.96 -3.79 -46.77
C VAL Q 67 -48.34 -2.99 -47.92
N GLY Q 68 -47.07 -2.64 -47.78
CA GLY Q 68 -46.33 -1.96 -48.84
C GLY Q 68 -46.13 -0.49 -48.55
N GLU Q 69 -46.30 -0.11 -47.30
CA GLU Q 69 -46.19 1.25 -46.86
C GLU Q 69 -44.69 1.62 -46.81
N ASP Q 70 -44.36 2.91 -46.88
CA ASP Q 70 -42.95 3.34 -46.76
C ASP Q 70 -42.50 3.18 -45.30
N THR Q 71 -41.24 2.81 -45.03
CA THR Q 71 -40.80 2.95 -43.63
C THR Q 71 -40.79 4.40 -43.26
N PRO Q 72 -40.99 4.74 -41.98
CA PRO Q 72 -40.78 6.09 -41.50
C PRO Q 72 -39.32 6.41 -41.17
N ASP Q 73 -38.42 5.40 -41.20
CA ASP Q 73 -37.00 5.59 -40.96
C ASP Q 73 -36.54 6.83 -41.75
N LEU Q 74 -35.77 7.72 -41.11
CA LEU Q 74 -35.43 9.03 -41.68
C LEU Q 74 -34.31 8.81 -42.73
N LYS Q 75 -33.74 7.60 -42.73
CA LYS Q 75 -32.86 7.00 -43.75
C LYS Q 75 -33.51 7.03 -45.16
N TYR Q 76 -34.80 6.73 -45.25
CA TYR Q 76 -35.55 6.58 -46.52
C TYR Q 76 -36.07 7.94 -47.00
N LYS Q 77 -35.79 8.32 -48.25
CA LYS Q 77 -36.13 9.65 -48.83
C LYS Q 77 -37.05 9.53 -50.06
N GLY Q 78 -37.87 8.49 -50.17
CA GLY Q 78 -38.94 8.41 -51.18
C GLY Q 78 -38.57 7.66 -52.47
N GLU Q 79 -37.45 6.93 -52.46
CA GLU Q 79 -36.95 6.15 -53.64
C GLU Q 79 -37.89 4.97 -53.91
N PRO Q 80 -37.90 4.39 -55.14
CA PRO Q 80 -38.90 3.37 -55.52
C PRO Q 80 -38.46 1.94 -55.12
N THR Q 81 -38.62 1.60 -53.85
CA THR Q 81 -38.20 0.32 -53.32
C THR Q 81 -39.38 -0.65 -53.39
N ARG Q 82 -39.11 -1.93 -53.14
CA ARG Q 82 -40.03 -3.00 -53.46
C ARG Q 82 -40.44 -3.78 -52.22
N LEU Q 83 -41.57 -4.47 -52.31
CA LEU Q 83 -41.98 -5.51 -51.41
C LEU Q 83 -42.40 -6.72 -52.25
N VAL Q 84 -41.91 -7.91 -51.90
CA VAL Q 84 -42.25 -9.13 -52.63
C VAL Q 84 -42.78 -10.17 -51.64
N ILE Q 85 -43.97 -10.70 -51.93
CA ILE Q 85 -44.59 -11.74 -51.14
C ILE Q 85 -44.85 -12.92 -52.06
N GLY Q 86 -44.54 -14.12 -51.57
CA GLY Q 86 -44.69 -15.34 -52.32
C GLY Q 86 -46.11 -15.87 -52.30
N ASP Q 87 -46.21 -17.20 -52.20
CA ASP Q 87 -47.44 -17.94 -52.39
C ASP Q 87 -47.91 -18.51 -51.04
N HIS Q 88 -49.24 -18.69 -50.91
CA HIS Q 88 -49.87 -19.45 -49.81
C HIS Q 88 -49.58 -18.85 -48.43
N ASN Q 89 -49.46 -17.53 -48.34
CA ASN Q 89 -49.24 -16.88 -47.08
C ASN Q 89 -50.59 -16.44 -46.51
N VAL Q 90 -50.63 -16.33 -45.17
CA VAL Q 90 -51.75 -15.77 -44.46
C VAL Q 90 -51.23 -14.59 -43.64
N ILE Q 91 -51.82 -13.43 -43.85
CA ILE Q 91 -51.48 -12.24 -43.14
C ILE Q 91 -52.74 -11.76 -42.40
N ARG Q 92 -52.71 -11.85 -41.07
CA ARG Q 92 -53.89 -11.61 -40.27
C ARG Q 92 -54.11 -10.12 -40.03
N GLU Q 93 -55.07 -9.82 -39.17
CA GLU Q 93 -55.62 -8.48 -39.05
C GLU Q 93 -54.55 -7.55 -38.48
N GLY Q 94 -54.41 -6.39 -39.12
CA GLY Q 94 -53.65 -5.29 -38.57
C GLY Q 94 -52.15 -5.36 -38.82
N VAL Q 95 -51.70 -6.28 -39.67
CA VAL Q 95 -50.29 -6.43 -39.92
C VAL Q 95 -49.78 -5.24 -40.71
N THR Q 96 -48.56 -4.79 -40.39
CA THR Q 96 -47.86 -3.79 -41.17
C THR Q 96 -46.59 -4.41 -41.79
N ILE Q 97 -46.42 -4.19 -43.10
CA ILE Q 97 -45.27 -4.64 -43.82
C ILE Q 97 -44.75 -3.46 -44.63
N HIS Q 98 -43.48 -3.13 -44.44
CA HIS Q 98 -42.88 -1.99 -45.09
C HIS Q 98 -42.00 -2.47 -46.26
N ARG Q 99 -41.89 -1.64 -47.29
CA ARG Q 99 -40.99 -1.87 -48.40
C ARG Q 99 -39.56 -1.53 -47.96
N GLY Q 100 -38.58 -1.91 -48.78
CA GLY Q 100 -37.16 -1.77 -48.49
C GLY Q 100 -36.65 -0.35 -48.57
N THR Q 101 -35.31 -0.25 -48.46
CA THR Q 101 -34.53 0.98 -48.50
C THR Q 101 -33.34 0.80 -49.44
N VAL Q 102 -32.88 1.89 -50.05
CA VAL Q 102 -31.79 1.79 -51.02
C VAL Q 102 -30.47 1.42 -50.34
N GLN Q 103 -30.35 1.64 -49.03
CA GLN Q 103 -29.13 1.36 -48.27
C GLN Q 103 -28.90 -0.14 -48.11
N ASP Q 104 -29.87 -1.02 -48.39
CA ASP Q 104 -29.65 -2.49 -48.33
C ASP Q 104 -29.89 -3.08 -49.73
N ARG Q 105 -31.01 -3.80 -49.94
CA ARG Q 105 -31.25 -4.47 -51.23
C ARG Q 105 -32.46 -3.85 -51.92
N ALA Q 106 -33.08 -2.85 -51.31
CA ALA Q 106 -34.21 -2.13 -51.89
C ALA Q 106 -35.44 -3.03 -51.94
N GLU Q 107 -35.50 -4.04 -51.06
CA GLU Q 107 -36.56 -5.01 -51.16
C GLU Q 107 -36.80 -5.69 -49.82
N THR Q 108 -38.04 -5.64 -49.34
CA THR Q 108 -38.53 -6.49 -48.29
C THR Q 108 -39.13 -7.73 -48.94
N THR Q 109 -38.81 -8.93 -48.45
CA THR Q 109 -39.20 -10.11 -49.20
C THR Q 109 -39.77 -11.16 -48.20
N ILE Q 110 -40.85 -11.82 -48.62
CA ILE Q 110 -41.49 -12.89 -47.88
C ILE Q 110 -41.71 -14.08 -48.82
N GLY Q 111 -41.37 -15.27 -48.33
CA GLY Q 111 -41.46 -16.50 -49.11
C GLY Q 111 -42.88 -17.06 -49.15
N ASP Q 112 -42.96 -18.38 -48.95
CA ASP Q 112 -44.18 -19.14 -49.17
C ASP Q 112 -44.65 -19.77 -47.85
N HIS Q 113 -45.96 -20.02 -47.74
CA HIS Q 113 -46.56 -20.80 -46.64
C HIS Q 113 -46.26 -20.19 -45.26
N ASN Q 114 -46.21 -18.87 -45.17
CA ASN Q 114 -45.95 -18.25 -43.88
C ASN Q 114 -47.29 -17.86 -43.25
N LEU Q 115 -47.29 -17.81 -41.92
CA LEU Q 115 -48.43 -17.34 -41.17
C LEU Q 115 -47.98 -16.16 -40.33
N ILE Q 116 -48.52 -14.97 -40.61
CA ILE Q 116 -48.16 -13.80 -39.90
C ILE Q 116 -49.41 -13.29 -39.19
N MET Q 117 -49.38 -13.36 -37.86
CA MET Q 117 -50.60 -13.22 -37.09
C MET Q 117 -50.80 -11.75 -36.73
N ALA Q 118 -51.91 -11.47 -36.05
CA ALA Q 118 -52.42 -10.12 -35.92
C ALA Q 118 -51.36 -9.16 -35.39
N TYR Q 119 -51.32 -7.97 -35.98
CA TYR Q 119 -50.61 -6.80 -35.43
C TYR Q 119 -49.09 -7.00 -35.51
N ALA Q 120 -48.62 -8.01 -36.22
CA ALA Q 120 -47.19 -8.18 -36.42
C ALA Q 120 -46.67 -7.06 -37.30
N HIS Q 121 -45.39 -6.74 -37.17
CA HIS Q 121 -44.74 -5.72 -37.96
C HIS Q 121 -43.50 -6.31 -38.65
N ILE Q 122 -43.38 -6.07 -39.96
CA ILE Q 122 -42.26 -6.54 -40.72
C ILE Q 122 -41.56 -5.33 -41.35
N GLY Q 123 -40.43 -4.97 -40.75
CA GLY Q 123 -39.73 -3.74 -41.06
C GLY Q 123 -38.98 -3.82 -42.36
N HIS Q 124 -38.62 -2.63 -42.87
CA HIS Q 124 -37.94 -2.50 -44.12
C HIS Q 124 -36.79 -3.51 -44.23
N ASP Q 125 -36.70 -4.14 -45.40
CA ASP Q 125 -35.54 -4.89 -45.84
C ASP Q 125 -35.46 -6.24 -45.13
N SER Q 126 -36.49 -6.62 -44.39
CA SER Q 126 -36.53 -7.91 -43.75
C SER Q 126 -36.74 -8.98 -44.82
N VAL Q 127 -36.31 -10.20 -44.52
CA VAL Q 127 -36.45 -11.33 -45.41
C VAL Q 127 -36.99 -12.50 -44.63
N ILE Q 128 -38.14 -13.02 -45.03
CA ILE Q 128 -38.68 -14.19 -44.43
C ILE Q 128 -38.69 -15.32 -45.44
N GLY Q 129 -38.37 -16.51 -44.96
CA GLY Q 129 -38.29 -17.71 -45.78
C GLY Q 129 -39.65 -18.34 -45.96
N ASN Q 130 -39.71 -19.66 -45.77
CA ASN Q 130 -40.94 -20.40 -45.95
C ASN Q 130 -41.32 -21.09 -44.64
N HIS Q 131 -42.63 -21.31 -44.46
CA HIS Q 131 -43.15 -22.15 -43.39
C HIS Q 131 -42.94 -21.50 -42.01
N CYS Q 132 -42.71 -20.18 -41.97
CA CYS Q 132 -42.51 -19.51 -40.71
C CYS Q 132 -43.86 -19.16 -40.08
N ILE Q 133 -43.82 -18.93 -38.77
CA ILE Q 133 -44.96 -18.47 -38.02
C ILE Q 133 -44.51 -17.30 -37.14
N LEU Q 134 -45.08 -16.12 -37.39
CA LEU Q 134 -44.89 -14.97 -36.56
C LEU Q 134 -46.19 -14.71 -35.81
N VAL Q 135 -46.14 -14.83 -34.50
CA VAL Q 135 -47.34 -14.78 -33.74
C VAL Q 135 -47.66 -13.31 -33.43
N ASN Q 136 -48.90 -13.07 -32.98
CA ASN Q 136 -49.42 -11.76 -32.67
C ASN Q 136 -48.31 -10.82 -32.17
N ASN Q 137 -48.20 -9.66 -32.82
CA ASN Q 137 -47.41 -8.51 -32.34
C ASN Q 137 -45.90 -8.80 -32.36
N THR Q 138 -45.47 -9.80 -33.10
CA THR Q 138 -44.07 -9.98 -33.36
C THR Q 138 -43.59 -8.81 -34.22
N ALA Q 139 -42.42 -8.27 -33.92
CA ALA Q 139 -41.94 -7.08 -34.61
C ALA Q 139 -40.49 -7.26 -35.07
N LEU Q 140 -40.26 -7.16 -36.38
CA LEU Q 140 -38.93 -7.19 -36.96
C LEU Q 140 -38.53 -5.75 -37.27
N ALA Q 141 -37.56 -5.21 -36.55
CA ALA Q 141 -37.23 -3.79 -36.66
C ALA Q 141 -36.74 -3.39 -38.06
N GLY Q 142 -36.09 -4.30 -38.75
CA GLY Q 142 -35.56 -4.05 -40.10
C GLY Q 142 -34.31 -4.86 -40.39
N HIS Q 143 -34.14 -5.21 -41.65
CA HIS Q 143 -33.00 -5.98 -42.10
C HIS Q 143 -32.91 -7.31 -41.34
N VAL Q 144 -34.06 -7.88 -40.96
CA VAL Q 144 -34.06 -9.10 -40.22
C VAL Q 144 -34.27 -10.26 -41.20
N HIS Q 145 -33.43 -11.30 -41.08
CA HIS Q 145 -33.56 -12.49 -41.91
C HIS Q 145 -34.11 -13.61 -41.03
N VAL Q 146 -35.27 -14.15 -41.39
CA VAL Q 146 -35.88 -15.27 -40.70
C VAL Q 146 -35.89 -16.46 -41.66
N ASP Q 147 -35.17 -17.52 -41.29
CA ASP Q 147 -34.99 -18.67 -42.14
C ASP Q 147 -36.15 -19.66 -41.88
N ASP Q 148 -36.22 -20.72 -42.71
CA ASP Q 148 -37.41 -21.56 -42.85
C ASP Q 148 -37.79 -22.19 -41.49
N TRP Q 149 -39.11 -22.29 -41.26
CA TRP Q 149 -39.73 -23.05 -40.15
C TRP Q 149 -39.54 -22.39 -38.79
N ALA Q 150 -39.05 -21.15 -38.77
CA ALA Q 150 -38.88 -20.51 -37.50
C ALA Q 150 -40.27 -20.19 -36.93
N ILE Q 151 -40.33 -20.15 -35.60
CA ILE Q 151 -41.52 -19.75 -34.90
C ILE Q 151 -41.15 -18.65 -33.90
N LEU Q 152 -41.76 -17.47 -34.03
CA LEU Q 152 -41.57 -16.42 -33.08
C LEU Q 152 -42.87 -16.26 -32.27
N SER Q 153 -42.80 -16.60 -30.97
CA SER Q 153 -43.96 -16.52 -30.11
C SER Q 153 -44.41 -15.06 -30.02
N GLY Q 154 -45.60 -14.86 -29.46
CA GLY Q 154 -46.21 -13.55 -29.44
C GLY Q 154 -45.34 -12.51 -28.79
N TYR Q 155 -45.41 -11.28 -29.34
CA TYR Q 155 -44.75 -10.11 -28.79
C TYR Q 155 -43.23 -10.35 -28.72
N THR Q 156 -42.70 -11.11 -29.68
CA THR Q 156 -41.27 -11.21 -29.85
C THR Q 156 -40.77 -10.00 -30.65
N LEU Q 157 -39.77 -9.31 -30.12
CA LEU Q 157 -39.16 -8.16 -30.76
C LEU Q 157 -37.76 -8.53 -31.26
N VAL Q 158 -37.40 -8.11 -32.48
CA VAL Q 158 -36.11 -8.45 -33.06
C VAL Q 158 -35.42 -7.17 -33.53
N HIS Q 159 -34.22 -6.91 -33.03
CA HIS Q 159 -33.44 -5.75 -33.41
C HIS Q 159 -33.01 -5.84 -34.87
N GLN Q 160 -32.66 -4.68 -35.41
CA GLN Q 160 -32.15 -4.53 -36.74
C GLN Q 160 -30.99 -5.50 -36.95
N TYR Q 161 -30.97 -6.17 -38.09
CA TYR Q 161 -29.84 -6.94 -38.64
C TYR Q 161 -29.75 -8.37 -38.06
N CYS Q 162 -30.63 -8.75 -37.14
CA CYS Q 162 -30.53 -10.08 -36.57
C CYS Q 162 -30.98 -11.15 -37.56
N ARG Q 163 -30.34 -12.32 -37.46
CA ARG Q 163 -30.69 -13.49 -38.22
C ARG Q 163 -31.35 -14.50 -37.27
N ILE Q 164 -32.56 -14.92 -37.60
CA ILE Q 164 -33.27 -15.94 -36.89
C ILE Q 164 -33.15 -17.25 -37.65
N GLY Q 165 -32.55 -18.26 -37.02
CA GLY Q 165 -32.15 -19.48 -37.71
C GLY Q 165 -33.31 -20.39 -38.02
N ALA Q 166 -33.09 -21.30 -38.97
CA ALA Q 166 -34.09 -22.28 -39.33
C ALA Q 166 -34.51 -23.10 -38.11
N HIS Q 167 -35.83 -23.34 -37.98
CA HIS Q 167 -36.42 -24.17 -36.94
C HIS Q 167 -36.21 -23.61 -35.53
N SER Q 168 -35.75 -22.37 -35.45
CA SER Q 168 -35.51 -21.81 -34.17
C SER Q 168 -36.85 -21.35 -33.59
N PHE Q 169 -36.87 -21.02 -32.30
CA PHE Q 169 -38.09 -20.75 -31.58
C PHE Q 169 -37.82 -19.71 -30.49
N SER Q 170 -38.65 -18.66 -30.47
CA SER Q 170 -38.56 -17.68 -29.43
C SER Q 170 -39.80 -17.79 -28.54
N GLY Q 171 -39.59 -17.64 -27.23
CA GLY Q 171 -40.68 -17.65 -26.26
C GLY Q 171 -41.38 -16.30 -26.25
N MET Q 172 -42.49 -16.20 -25.54
CA MET Q 172 -43.27 -15.03 -25.72
C MET Q 172 -42.65 -13.87 -24.94
N GLY Q 173 -42.73 -12.68 -25.54
CA GLY Q 173 -42.13 -11.49 -25.01
C GLY Q 173 -40.62 -11.49 -25.10
N SER Q 174 -40.07 -12.31 -25.99
CA SER Q 174 -38.64 -12.33 -26.21
C SER Q 174 -38.18 -11.02 -26.85
N ALA Q 175 -36.99 -10.56 -26.44
CA ALA Q 175 -36.36 -9.39 -27.02
C ALA Q 175 -34.98 -9.81 -27.53
N ILE Q 176 -34.88 -10.00 -28.84
CA ILE Q 176 -33.73 -10.62 -29.46
C ILE Q 176 -32.82 -9.54 -30.03
N GLY Q 177 -31.56 -9.55 -29.61
CA GLY Q 177 -30.58 -8.55 -30.01
C GLY Q 177 -29.37 -9.11 -30.74
N LYS Q 178 -29.25 -10.43 -30.83
CA LYS Q 178 -28.17 -11.07 -31.55
C LYS Q 178 -28.76 -12.23 -32.32
N ASP Q 179 -27.98 -12.88 -33.18
CA ASP Q 179 -28.52 -13.94 -34.02
C ASP Q 179 -29.02 -15.10 -33.15
N VAL Q 180 -30.05 -15.77 -33.62
CA VAL Q 180 -30.49 -16.96 -33.01
C VAL Q 180 -30.05 -18.11 -33.91
N PRO Q 181 -29.17 -19.00 -33.45
CA PRO Q 181 -28.73 -20.10 -34.28
C PRO Q 181 -29.91 -20.99 -34.62
N ALA Q 182 -29.78 -21.76 -35.70
CA ALA Q 182 -30.80 -22.70 -36.08
C ALA Q 182 -31.12 -23.64 -34.92
N TYR Q 183 -32.39 -24.02 -34.81
CA TYR Q 183 -32.92 -24.97 -33.85
C TYR Q 183 -32.97 -24.43 -32.43
N VAL Q 184 -32.36 -23.29 -32.12
CA VAL Q 184 -32.22 -22.90 -30.73
C VAL Q 184 -33.53 -22.29 -30.22
N THR Q 185 -33.83 -22.50 -28.94
CA THR Q 185 -34.95 -21.84 -28.29
C THR Q 185 -34.40 -20.72 -27.40
N VAL Q 186 -35.04 -19.55 -27.46
CA VAL Q 186 -34.62 -18.39 -26.68
C VAL Q 186 -35.83 -17.79 -25.95
N PHE Q 187 -35.55 -17.15 -24.80
CA PHE Q 187 -36.58 -16.64 -23.91
C PHE Q 187 -36.09 -15.38 -23.21
N GLY Q 188 -37.00 -14.43 -23.03
CA GLY Q 188 -36.80 -13.32 -22.09
C GLY Q 188 -36.31 -12.06 -22.78
N ASN Q 189 -36.15 -11.02 -21.97
CA ASN Q 189 -35.71 -9.70 -22.40
C ASN Q 189 -34.63 -9.23 -21.44
N PRO Q 190 -33.36 -9.36 -21.83
CA PRO Q 190 -32.91 -9.80 -23.13
C PRO Q 190 -32.95 -11.32 -23.32
N ALA Q 191 -33.09 -11.76 -24.57
CA ALA Q 191 -33.26 -13.16 -24.88
C ALA Q 191 -32.03 -13.95 -24.48
N GLU Q 192 -32.25 -15.15 -23.94
CA GLU Q 192 -31.22 -16.12 -23.57
C GLU Q 192 -31.56 -17.45 -24.23
N ALA Q 193 -30.51 -18.16 -24.65
CA ALA Q 193 -30.64 -19.50 -25.21
C ALA Q 193 -30.93 -20.44 -24.05
N ARG Q 194 -31.82 -21.41 -24.27
CA ARG Q 194 -32.22 -22.33 -23.25
C ARG Q 194 -31.96 -23.76 -23.71
N SER Q 195 -32.41 -24.11 -24.92
CA SER Q 195 -32.35 -25.46 -25.40
C SER Q 195 -32.47 -25.47 -26.91
N MET Q 196 -32.92 -26.59 -27.48
CA MET Q 196 -33.20 -26.71 -28.89
C MET Q 196 -34.65 -27.11 -29.08
N ASN Q 197 -35.16 -26.83 -30.27
CA ASN Q 197 -36.52 -26.98 -30.60
C ASN Q 197 -36.74 -28.42 -31.06
N PHE Q 198 -36.76 -29.35 -30.11
CA PHE Q 198 -36.88 -30.74 -30.41
C PHE Q 198 -38.26 -31.06 -30.97
N GLU Q 199 -39.29 -30.35 -30.46
CA GLU Q 199 -40.65 -30.49 -30.99
C GLU Q 199 -40.64 -30.31 -32.51
N GLY Q 200 -39.93 -29.26 -32.96
CA GLY Q 200 -39.81 -28.93 -34.37
C GLY Q 200 -39.13 -30.03 -35.18
N MET Q 201 -38.09 -30.65 -34.59
CA MET Q 201 -37.35 -31.71 -35.25
C MET Q 201 -38.22 -32.96 -35.38
N ARG Q 202 -39.10 -33.18 -34.39
CA ARG Q 202 -40.00 -34.32 -34.39
C ARG Q 202 -40.93 -34.21 -35.59
N ARG Q 203 -41.54 -33.04 -35.76
CA ARG Q 203 -42.50 -32.75 -36.82
C ARG Q 203 -41.86 -32.87 -38.20
N ARG Q 204 -40.60 -32.51 -38.36
CA ARG Q 204 -39.93 -32.64 -39.67
C ARG Q 204 -39.41 -34.10 -39.85
N GLY Q 205 -39.62 -34.97 -38.86
CA GLY Q 205 -39.24 -36.36 -38.95
C GLY Q 205 -37.73 -36.58 -38.97
N PHE Q 206 -36.96 -35.78 -38.23
CA PHE Q 206 -35.53 -35.98 -38.13
C PHE Q 206 -35.23 -37.35 -37.54
N SER Q 207 -34.11 -37.94 -37.96
CA SER Q 207 -33.67 -39.18 -37.40
C SER Q 207 -33.36 -38.98 -35.91
N SER Q 208 -33.37 -40.08 -35.16
CA SER Q 208 -33.10 -40.01 -33.76
C SER Q 208 -31.60 -39.74 -33.53
N GLU Q 209 -30.74 -40.19 -34.45
CA GLU Q 209 -29.28 -39.98 -34.36
C GLU Q 209 -28.96 -38.50 -34.58
N ALA Q 210 -29.76 -37.83 -35.42
CA ALA Q 210 -29.55 -36.43 -35.75
C ALA Q 210 -29.99 -35.55 -34.59
N ILE Q 211 -31.09 -35.93 -33.93
CA ILE Q 211 -31.57 -35.20 -32.79
C ILE Q 211 -30.52 -35.23 -31.68
N HIS Q 212 -29.96 -36.40 -31.42
CA HIS Q 212 -28.94 -36.56 -30.41
C HIS Q 212 -27.72 -35.70 -30.78
N ALA Q 213 -27.36 -35.65 -32.07
CA ALA Q 213 -26.17 -34.94 -32.50
C ALA Q 213 -26.37 -33.45 -32.28
N LEU Q 214 -27.60 -32.98 -32.45
CA LEU Q 214 -27.92 -31.61 -32.29
C LEU Q 214 -27.93 -31.23 -30.82
N ARG Q 215 -28.31 -32.15 -29.92
CA ARG Q 215 -28.24 -31.85 -28.52
C ARG Q 215 -26.78 -31.71 -28.10
N ARG Q 216 -25.89 -32.58 -28.60
CA ARG Q 216 -24.49 -32.50 -28.27
C ARG Q 216 -23.93 -31.20 -28.81
N ALA Q 217 -24.42 -30.78 -29.98
CA ALA Q 217 -23.95 -29.56 -30.60
C ALA Q 217 -24.31 -28.35 -29.74
N TYR Q 218 -25.52 -28.36 -29.19
CA TYR Q 218 -25.96 -27.31 -28.31
C TYR Q 218 -24.98 -27.21 -27.14
N LYS Q 219 -24.68 -28.36 -26.54
CA LYS Q 219 -23.82 -28.40 -25.37
C LYS Q 219 -22.41 -27.87 -25.69
N VAL Q 220 -21.90 -28.13 -26.89
CA VAL Q 220 -20.56 -27.69 -27.28
C VAL Q 220 -20.48 -26.16 -27.30
N VAL Q 221 -21.52 -25.55 -27.87
CA VAL Q 221 -21.57 -24.12 -28.09
C VAL Q 221 -21.87 -23.38 -26.78
N TYR Q 222 -22.71 -23.95 -25.93
CA TYR Q 222 -23.36 -23.19 -24.85
C TYR Q 222 -22.95 -23.67 -23.45
N ARG Q 223 -22.62 -24.95 -23.23
CA ARG Q 223 -22.57 -25.50 -21.88
C ARG Q 223 -21.18 -26.05 -21.56
N GLN Q 224 -20.12 -25.67 -22.26
CA GLN Q 224 -18.82 -26.33 -22.04
C GLN Q 224 -17.67 -25.32 -21.97
N GLY Q 225 -17.99 -24.04 -21.76
CA GLY Q 225 -17.00 -23.00 -21.65
C GLY Q 225 -16.19 -22.75 -22.92
N HIS Q 226 -16.64 -23.19 -24.09
CA HIS Q 226 -15.89 -22.95 -25.31
C HIS Q 226 -16.12 -21.52 -25.78
N THR Q 227 -15.10 -20.87 -26.35
CA THR Q 227 -15.30 -19.65 -27.11
C THR Q 227 -16.03 -20.05 -28.39
N VAL Q 228 -16.56 -19.09 -29.14
CA VAL Q 228 -17.30 -19.43 -30.31
C VAL Q 228 -16.38 -20.09 -31.35
N GLU Q 229 -15.13 -19.61 -31.45
CA GLU Q 229 -14.12 -20.19 -32.35
C GLU Q 229 -13.84 -21.64 -32.01
N GLU Q 230 -13.65 -21.93 -30.72
CA GLU Q 230 -13.34 -23.28 -30.26
C GLU Q 230 -14.53 -24.22 -30.53
N ALA Q 231 -15.75 -23.70 -30.41
CA ALA Q 231 -16.96 -24.48 -30.61
C ALA Q 231 -17.08 -24.87 -32.08
N LEU Q 232 -16.87 -23.91 -32.97
CA LEU Q 232 -16.93 -24.16 -34.41
C LEU Q 232 -15.96 -25.27 -34.81
N ALA Q 233 -14.77 -25.28 -34.20
CA ALA Q 233 -13.76 -26.27 -34.48
C ALA Q 233 -14.23 -27.64 -34.01
N GLU Q 234 -14.85 -27.69 -32.84
CA GLU Q 234 -15.32 -28.92 -32.26
C GLU Q 234 -16.49 -29.49 -33.07
N LEU Q 235 -17.35 -28.60 -33.58
CA LEU Q 235 -18.51 -29.00 -34.37
C LEU Q 235 -18.11 -29.54 -35.76
N ALA Q 236 -16.89 -29.33 -36.23
CA ALA Q 236 -16.52 -29.69 -37.59
C ALA Q 236 -16.84 -31.16 -37.90
N GLU Q 237 -16.48 -32.08 -36.99
CA GLU Q 237 -16.69 -33.53 -37.20
C GLU Q 237 -18.19 -33.79 -37.37
N SER Q 238 -18.97 -33.31 -36.41
CA SER Q 238 -20.38 -33.59 -36.28
C SER Q 238 -21.17 -32.97 -37.46
N ALA Q 239 -20.67 -31.87 -38.04
CA ALA Q 239 -21.32 -31.19 -39.14
C ALA Q 239 -21.08 -31.92 -40.46
N ALA Q 240 -20.00 -32.68 -40.54
CA ALA Q 240 -19.74 -33.47 -41.72
C ALA Q 240 -20.55 -34.76 -41.69
N GLN Q 241 -20.94 -35.20 -40.49
CA GLN Q 241 -21.65 -36.43 -40.29
C GLN Q 241 -23.15 -36.22 -40.52
N PHE Q 242 -23.67 -35.04 -40.23
CA PHE Q 242 -25.11 -34.78 -40.23
C PHE Q 242 -25.43 -33.46 -40.94
N PRO Q 243 -26.15 -33.48 -42.09
CA PRO Q 243 -26.63 -32.25 -42.73
C PRO Q 243 -27.32 -31.27 -41.77
N GLU Q 244 -28.02 -31.83 -40.78
CA GLU Q 244 -28.82 -31.06 -39.82
C GLU Q 244 -27.91 -30.27 -38.88
N VAL Q 245 -26.77 -30.85 -38.49
CA VAL Q 245 -25.82 -30.16 -37.64
C VAL Q 245 -25.08 -29.11 -38.46
N ALA Q 246 -24.83 -29.38 -39.74
CA ALA Q 246 -24.17 -28.39 -40.61
C ALA Q 246 -25.00 -27.09 -40.67
N VAL Q 247 -26.33 -27.21 -40.72
CA VAL Q 247 -27.20 -26.05 -40.71
C VAL Q 247 -26.94 -25.20 -39.45
N PHE Q 248 -26.79 -25.89 -38.31
CA PHE Q 248 -26.55 -25.26 -37.01
C PHE Q 248 -25.16 -24.60 -37.02
N ARG Q 249 -24.12 -25.33 -37.44
CA ARG Q 249 -22.78 -24.76 -37.49
C ARG Q 249 -22.79 -23.54 -38.40
N ASP Q 250 -23.43 -23.63 -39.57
CA ASP Q 250 -23.40 -22.57 -40.57
C ASP Q 250 -24.07 -21.31 -40.01
N SER Q 251 -25.12 -21.46 -39.20
CA SER Q 251 -25.80 -20.31 -38.62
C SER Q 251 -24.90 -19.58 -37.60
N ILE Q 252 -24.06 -20.31 -36.89
CA ILE Q 252 -23.14 -19.72 -35.93
C ILE Q 252 -21.95 -19.11 -36.65
N GLN Q 253 -21.41 -19.82 -37.65
CA GLN Q 253 -20.32 -19.35 -38.48
C GLN Q 253 -20.60 -17.92 -38.96
N SER Q 254 -21.79 -17.74 -39.53
CA SER Q 254 -22.13 -16.53 -40.29
C SER Q 254 -22.67 -15.43 -39.37
N ALA Q 255 -22.33 -15.51 -38.09
CA ALA Q 255 -22.84 -14.61 -37.12
C ALA Q 255 -21.68 -13.88 -36.44
N THR Q 256 -20.45 -14.32 -36.73
CA THR Q 256 -19.33 -14.14 -35.82
C THR Q 256 -18.04 -13.97 -36.60
N ARG Q 257 -17.89 -12.88 -37.36
CA ARG Q 257 -16.60 -12.68 -38.03
C ARG Q 257 -15.50 -12.35 -36.97
N GLY Q 258 -15.72 -11.36 -36.08
CA GLY Q 258 -14.79 -11.09 -34.97
C GLY Q 258 -13.71 -10.13 -35.44
N ILE Q 259 -12.72 -9.86 -34.57
CA ILE Q 259 -11.67 -8.92 -34.89
C ILE Q 259 -10.28 -9.50 -34.60
N THR Q 260 -9.31 -9.09 -35.39
CA THR Q 260 -7.97 -9.49 -35.20
C THR Q 260 -7.58 -9.10 -33.78
N ARG Q 261 -7.23 -10.10 -32.97
CA ARG Q 261 -6.80 -9.90 -31.56
C ARG Q 261 -5.31 -10.27 -31.43
N MET R 4 -81.14 10.69 -40.58
CA MET R 4 -80.23 9.59 -39.98
C MET R 4 -81.09 8.53 -39.29
N SER R 5 -80.76 7.26 -39.57
CA SER R 5 -81.35 6.03 -38.98
C SER R 5 -80.32 5.42 -38.01
N LEU R 6 -80.63 4.35 -37.29
CA LEU R 6 -79.74 3.82 -36.26
C LEU R 6 -78.68 2.90 -36.88
N ILE R 7 -78.96 2.42 -38.09
CA ILE R 7 -78.02 1.61 -38.83
C ILE R 7 -77.56 2.42 -40.02
N ASP R 8 -76.26 2.73 -40.06
CA ASP R 8 -75.75 3.58 -41.08
C ASP R 8 -76.03 2.92 -42.42
N PRO R 9 -76.46 3.67 -43.45
CA PRO R 9 -76.63 3.09 -44.77
C PRO R 9 -75.29 2.60 -45.38
N ARG R 10 -74.14 3.07 -44.89
CA ARG R 10 -72.86 2.65 -45.42
C ARG R 10 -72.40 1.32 -44.76
N ALA R 11 -73.14 0.79 -43.78
CA ALA R 11 -72.80 -0.50 -43.14
C ALA R 11 -73.34 -1.66 -43.99
N ILE R 12 -72.81 -2.86 -43.75
CA ILE R 12 -73.28 -4.07 -44.42
C ILE R 12 -73.84 -5.02 -43.35
N ILE R 13 -75.10 -5.40 -43.51
CA ILE R 13 -75.75 -6.29 -42.58
C ILE R 13 -76.15 -7.55 -43.35
N ASP R 14 -75.65 -8.70 -42.93
CA ASP R 14 -76.01 -9.92 -43.59
C ASP R 14 -77.51 -10.19 -43.38
N PRO R 15 -78.21 -10.70 -44.41
CA PRO R 15 -79.61 -11.13 -44.26
C PRO R 15 -79.90 -12.00 -43.02
N SER R 16 -78.95 -12.87 -42.64
CA SER R 16 -79.13 -13.86 -41.56
C SER R 16 -78.68 -13.32 -40.19
N ALA R 17 -78.27 -12.05 -40.11
CA ALA R 17 -78.00 -11.41 -38.82
C ALA R 17 -79.32 -11.03 -38.15
N ARG R 18 -79.32 -10.98 -36.82
CA ARG R 18 -80.50 -10.69 -36.04
C ARG R 18 -80.15 -9.61 -35.02
N LEU R 19 -80.63 -8.38 -35.26
CA LEU R 19 -80.37 -7.20 -34.44
C LEU R 19 -81.65 -6.80 -33.71
N ALA R 20 -81.55 -6.56 -32.40
CA ALA R 20 -82.65 -5.99 -31.66
C ALA R 20 -82.98 -4.61 -32.22
N ALA R 21 -84.17 -4.11 -31.85
CA ALA R 21 -84.80 -2.93 -32.50
C ALA R 21 -83.88 -1.70 -32.44
N ASP R 22 -83.19 -1.44 -31.33
CA ASP R 22 -82.53 -0.14 -31.09
C ASP R 22 -80.99 -0.27 -31.12
N VAL R 23 -80.49 -1.27 -31.84
CA VAL R 23 -79.06 -1.42 -32.03
C VAL R 23 -78.61 -0.32 -32.98
N GLN R 24 -77.41 0.21 -32.73
CA GLN R 24 -76.76 1.18 -33.61
C GLN R 24 -75.53 0.57 -34.26
N VAL R 25 -75.35 0.82 -35.56
CA VAL R 25 -74.18 0.36 -36.28
C VAL R 25 -73.63 1.52 -37.10
N GLY R 26 -72.35 1.80 -36.91
CA GLY R 26 -71.68 2.89 -37.56
C GLY R 26 -71.37 2.57 -39.02
N PRO R 27 -70.91 3.58 -39.77
CA PRO R 27 -70.58 3.42 -41.18
C PRO R 27 -69.40 2.45 -41.39
N TRP R 28 -69.46 1.71 -42.50
CA TRP R 28 -68.37 0.83 -42.94
C TRP R 28 -68.11 -0.31 -41.95
N SER R 29 -69.14 -0.72 -41.23
CA SER R 29 -69.05 -1.85 -40.37
C SER R 29 -69.73 -3.04 -41.07
N ILE R 30 -69.25 -4.25 -40.77
CA ILE R 30 -69.83 -5.46 -41.30
C ILE R 30 -70.42 -6.26 -40.15
N VAL R 31 -71.71 -6.58 -40.25
CA VAL R 31 -72.32 -7.52 -39.35
C VAL R 31 -72.60 -8.79 -40.14
N GLY R 32 -71.70 -9.78 -40.00
CA GLY R 32 -71.69 -10.98 -40.83
C GLY R 32 -72.85 -11.92 -40.51
N ALA R 33 -72.91 -13.00 -41.29
CA ALA R 33 -73.90 -14.05 -41.13
C ALA R 33 -73.85 -14.57 -39.69
N GLU R 34 -75.06 -14.83 -39.14
CA GLU R 34 -75.25 -15.55 -37.87
C GLU R 34 -74.72 -14.75 -36.67
N VAL R 35 -74.75 -13.42 -36.78
CA VAL R 35 -74.45 -12.59 -35.66
C VAL R 35 -75.76 -12.08 -35.08
N GLU R 36 -75.84 -12.14 -33.75
CA GLU R 36 -77.02 -11.75 -33.03
C GLU R 36 -76.59 -10.64 -32.05
N ILE R 37 -77.31 -9.51 -32.04
CA ILE R 37 -76.91 -8.36 -31.22
C ILE R 37 -78.10 -7.89 -30.40
N GLY R 38 -77.89 -7.76 -29.08
CA GLY R 38 -78.92 -7.46 -28.12
C GLY R 38 -79.22 -5.97 -27.98
N GLU R 39 -80.40 -5.71 -27.41
CA GLU R 39 -80.94 -4.40 -27.08
C GLU R 39 -79.86 -3.42 -26.59
N GLY R 40 -79.78 -2.26 -27.24
CA GLY R 40 -79.04 -1.08 -26.74
C GLY R 40 -77.55 -1.11 -27.02
N THR R 41 -77.09 -2.12 -27.76
CA THR R 41 -75.69 -2.25 -28.11
C THR R 41 -75.38 -1.26 -29.24
N VAL R 42 -74.14 -0.77 -29.24
CA VAL R 42 -73.66 0.20 -30.21
C VAL R 42 -72.37 -0.33 -30.84
N ILE R 43 -72.41 -0.51 -32.16
CA ILE R 43 -71.27 -0.87 -32.94
C ILE R 43 -70.77 0.42 -33.59
N GLY R 44 -69.48 0.70 -33.40
CA GLY R 44 -68.85 1.86 -33.97
C GLY R 44 -68.66 1.71 -35.48
N PRO R 45 -67.94 2.64 -36.12
CA PRO R 45 -67.59 2.52 -37.52
C PRO R 45 -66.41 1.54 -37.67
N HIS R 46 -66.20 1.01 -38.88
CA HIS R 46 -65.02 0.19 -39.18
C HIS R 46 -64.93 -1.02 -38.22
N VAL R 47 -66.05 -1.69 -37.93
CA VAL R 47 -66.01 -2.87 -37.12
C VAL R 47 -66.35 -4.07 -37.99
N VAL R 48 -65.73 -5.21 -37.71
CA VAL R 48 -66.02 -6.44 -38.40
C VAL R 48 -66.54 -7.45 -37.38
N LEU R 49 -67.82 -7.83 -37.50
CA LEU R 49 -68.37 -8.92 -36.72
C LEU R 49 -68.54 -10.15 -37.62
N LYS R 50 -68.20 -11.31 -37.07
CA LYS R 50 -68.36 -12.56 -37.77
C LYS R 50 -68.97 -13.58 -36.80
N GLY R 51 -69.64 -14.60 -37.35
CA GLY R 51 -70.44 -15.53 -36.56
C GLY R 51 -70.00 -16.99 -36.71
N PRO R 52 -70.61 -17.90 -35.95
CA PRO R 52 -71.76 -17.68 -35.08
C PRO R 52 -71.45 -16.96 -33.75
N THR R 53 -72.05 -15.79 -33.56
CA THR R 53 -71.70 -14.92 -32.45
C THR R 53 -72.99 -14.36 -31.83
N LYS R 54 -73.03 -14.34 -30.51
CA LYS R 54 -74.13 -13.79 -29.78
C LYS R 54 -73.60 -12.67 -28.88
N ILE R 55 -74.08 -11.44 -29.10
CA ILE R 55 -73.70 -10.30 -28.32
C ILE R 55 -74.92 -9.82 -27.54
N GLY R 56 -74.75 -9.59 -26.24
CA GLY R 56 -75.83 -9.22 -25.35
C GLY R 56 -76.19 -7.75 -25.46
N LYS R 57 -76.65 -7.20 -24.33
CA LYS R 57 -77.32 -5.91 -24.27
C LYS R 57 -76.34 -4.84 -23.78
N HIS R 58 -76.47 -3.63 -24.32
CA HIS R 58 -75.80 -2.44 -23.83
C HIS R 58 -74.27 -2.57 -23.94
N ASN R 59 -73.78 -3.22 -25.00
CA ASN R 59 -72.36 -3.26 -25.26
C ASN R 59 -71.99 -2.03 -26.11
N ARG R 60 -70.70 -1.66 -26.05
CA ARG R 60 -70.10 -0.62 -26.88
CA ARG R 60 -70.09 -0.63 -26.88
C ARG R 60 -68.89 -1.32 -27.52
N ILE R 61 -68.82 -1.34 -28.86
CA ILE R 61 -67.64 -1.90 -29.59
C ILE R 61 -67.06 -0.83 -30.51
N TYR R 62 -65.76 -0.54 -30.36
CA TYR R 62 -65.12 0.58 -31.04
C TYR R 62 -64.48 0.13 -32.35
N GLN R 63 -64.09 1.14 -33.14
CA GLN R 63 -63.54 1.01 -34.47
C GLN R 63 -62.34 0.05 -34.51
N PHE R 64 -62.24 -0.69 -35.62
CA PHE R 64 -61.06 -1.49 -36.01
C PHE R 64 -60.98 -2.83 -35.26
N SER R 65 -62.03 -3.13 -34.51
CA SER R 65 -62.18 -4.38 -33.83
C SER R 65 -62.66 -5.44 -34.81
N SER R 66 -62.11 -6.66 -34.67
CA SER R 66 -62.54 -7.84 -35.39
C SER R 66 -63.02 -8.84 -34.34
N VAL R 67 -64.33 -9.01 -34.24
CA VAL R 67 -64.96 -9.80 -33.22
C VAL R 67 -65.67 -10.98 -33.86
N GLY R 68 -65.20 -12.20 -33.59
CA GLY R 68 -65.86 -13.41 -34.05
C GLY R 68 -65.13 -14.07 -35.20
N GLU R 69 -63.87 -13.69 -35.38
CA GLU R 69 -63.04 -14.18 -36.45
C GLU R 69 -62.60 -15.61 -36.09
N ASP R 70 -62.22 -16.41 -37.09
CA ASP R 70 -61.71 -17.78 -36.81
C ASP R 70 -60.31 -17.69 -36.19
N THR R 71 -59.94 -18.57 -35.26
CA THR R 71 -58.51 -18.60 -34.93
C THR R 71 -57.72 -19.05 -36.13
N PRO R 72 -56.45 -18.62 -36.26
CA PRO R 72 -55.57 -19.16 -37.27
C PRO R 72 -54.88 -20.46 -36.84
N ASP R 73 -55.04 -20.87 -35.58
CA ASP R 73 -54.49 -22.12 -35.07
C ASP R 73 -54.77 -23.22 -36.11
N LEU R 74 -53.76 -24.04 -36.43
CA LEU R 74 -53.87 -25.01 -37.54
C LEU R 74 -54.70 -26.22 -37.07
N LYS R 75 -54.93 -26.26 -35.75
CA LYS R 75 -55.89 -27.11 -35.01
C LYS R 75 -57.33 -26.97 -35.58
N TYR R 76 -57.75 -25.74 -35.90
CA TYR R 76 -59.14 -25.42 -36.33
C TYR R 76 -59.29 -25.62 -37.84
N LYS R 77 -60.31 -26.39 -38.27
CA LYS R 77 -60.52 -26.78 -39.69
C LYS R 77 -61.86 -26.29 -40.24
N GLY R 78 -62.43 -25.22 -39.70
CA GLY R 78 -63.61 -24.55 -40.31
C GLY R 78 -64.96 -24.95 -39.74
N GLU R 79 -64.97 -25.65 -38.59
CA GLU R 79 -66.20 -26.16 -37.92
C GLU R 79 -66.97 -24.96 -37.34
N PRO R 80 -68.31 -25.09 -37.07
CA PRO R 80 -69.13 -23.94 -36.69
C PRO R 80 -69.10 -23.66 -35.17
N THR R 81 -68.04 -23.02 -34.70
CA THR R 81 -67.86 -22.75 -33.30
C THR R 81 -68.40 -21.36 -32.97
N ARG R 82 -68.52 -21.04 -31.67
CA ARG R 82 -69.31 -19.92 -31.23
C ARG R 82 -68.45 -18.90 -30.48
N LEU R 83 -68.96 -17.66 -30.41
CA LEU R 83 -68.49 -16.65 -29.49
C LEU R 83 -69.71 -16.07 -28.79
N VAL R 84 -69.65 -15.94 -27.46
CA VAL R 84 -70.77 -15.41 -26.67
C VAL R 84 -70.25 -14.25 -25.82
N ILE R 85 -70.90 -13.09 -25.93
CA ILE R 85 -70.59 -11.93 -25.15
C ILE R 85 -71.84 -11.51 -24.39
N GLY R 86 -71.68 -11.19 -23.11
CA GLY R 86 -72.77 -10.81 -22.25
C GLY R 86 -73.18 -9.35 -22.42
N ASP R 87 -73.49 -8.73 -21.29
CA ASP R 87 -74.13 -7.44 -21.20
C ASP R 87 -73.12 -6.41 -20.67
N HIS R 88 -73.30 -5.14 -21.07
CA HIS R 88 -72.61 -3.96 -20.49
C HIS R 88 -71.09 -4.04 -20.62
N ASN R 89 -70.59 -4.62 -21.71
CA ASN R 89 -69.17 -4.68 -21.94
C ASN R 89 -68.76 -3.50 -22.82
N VAL R 90 -67.49 -3.12 -22.69
CA VAL R 90 -66.87 -2.13 -23.53
C VAL R 90 -65.65 -2.77 -24.17
N ILE R 91 -65.62 -2.75 -25.50
CA ILE R 91 -64.53 -3.28 -26.28
C ILE R 91 -63.94 -2.14 -27.09
N ARG R 92 -62.71 -1.75 -26.76
CA ARG R 92 -62.11 -0.56 -27.33
C ARG R 92 -61.48 -0.87 -28.70
N GLU R 93 -60.75 0.11 -29.21
CA GLU R 93 -60.34 0.13 -30.59
C GLU R 93 -59.34 -1.01 -30.84
N GLY R 94 -59.57 -1.77 -31.92
CA GLY R 94 -58.59 -2.69 -32.46
C GLY R 94 -58.56 -4.05 -31.77
N VAL R 95 -59.55 -4.34 -30.92
CA VAL R 95 -59.57 -5.58 -30.21
C VAL R 95 -59.87 -6.73 -31.17
N THR R 96 -59.22 -7.88 -30.96
CA THR R 96 -59.51 -9.11 -31.67
C THR R 96 -60.04 -10.15 -30.69
N ILE R 97 -61.15 -10.79 -31.06
CA ILE R 97 -61.76 -11.84 -30.28
C ILE R 97 -62.07 -12.99 -31.25
N HIS R 98 -61.56 -14.17 -30.94
CA HIS R 98 -61.72 -15.32 -31.79
C HIS R 98 -62.78 -16.26 -31.20
N ARG R 99 -63.47 -16.99 -32.08
CA ARG R 99 -64.40 -18.01 -31.67
C ARG R 99 -63.62 -19.26 -31.26
N GLY R 100 -64.33 -20.22 -30.65
CA GLY R 100 -63.73 -21.43 -30.08
C GLY R 100 -63.31 -22.45 -31.12
N THR R 101 -62.92 -23.63 -30.58
CA THR R 101 -62.45 -24.79 -31.33
C THR R 101 -63.17 -26.04 -30.81
N VAL R 102 -63.34 -27.05 -31.68
CA VAL R 102 -64.09 -28.24 -31.24
C VAL R 102 -63.29 -29.06 -30.24
N GLN R 103 -62.00 -28.87 -30.15
CA GLN R 103 -61.13 -29.63 -29.24
C GLN R 103 -61.37 -29.22 -27.77
N ASP R 104 -62.05 -28.10 -27.49
CA ASP R 104 -62.39 -27.71 -26.09
C ASP R 104 -63.92 -27.68 -25.93
N ARG R 105 -64.53 -26.49 -25.84
CA ARG R 105 -65.98 -26.40 -25.60
C ARG R 105 -66.68 -25.77 -26.81
N ALA R 106 -65.94 -25.43 -27.85
CA ALA R 106 -66.47 -24.90 -29.09
C ALA R 106 -67.01 -23.49 -28.88
N GLU R 107 -66.51 -22.79 -27.86
CA GLU R 107 -67.09 -21.51 -27.49
C GLU R 107 -66.08 -20.66 -26.75
N THR R 108 -65.85 -19.44 -27.24
CA THR R 108 -65.21 -18.38 -26.51
C THR R 108 -66.31 -17.58 -25.82
N THR R 109 -66.14 -17.27 -24.53
CA THR R 109 -67.27 -16.69 -23.81
C THR R 109 -66.76 -15.51 -22.96
N ILE R 110 -67.55 -14.43 -22.92
CA ILE R 110 -67.29 -13.25 -22.15
C ILE R 110 -68.57 -12.88 -21.38
N GLY R 111 -68.40 -12.57 -20.09
CA GLY R 111 -69.50 -12.25 -19.21
C GLY R 111 -69.96 -10.81 -19.35
N ASP R 112 -70.19 -10.17 -18.20
CA ASP R 112 -70.85 -8.88 -18.12
C ASP R 112 -69.90 -7.84 -17.53
N HIS R 113 -70.10 -6.56 -17.87
CA HIS R 113 -69.43 -5.41 -17.23
C HIS R 113 -67.91 -5.49 -17.38
N ASN R 114 -67.41 -6.01 -18.50
CA ASN R 114 -65.98 -6.10 -18.69
C ASN R 114 -65.51 -4.90 -19.50
N LEU R 115 -64.25 -4.51 -19.31
CA LEU R 115 -63.64 -3.48 -20.08
C LEU R 115 -62.40 -4.07 -20.76
N ILE R 116 -62.43 -4.12 -22.09
CA ILE R 116 -61.34 -4.66 -22.84
C ILE R 116 -60.76 -3.55 -23.68
N MET R 117 -59.52 -3.15 -23.36
CA MET R 117 -58.99 -1.92 -23.88
C MET R 117 -58.25 -2.20 -25.19
N ALA R 118 -57.73 -1.14 -25.80
CA ALA R 118 -57.30 -1.15 -27.18
C ALA R 118 -56.32 -2.29 -27.45
N TYR R 119 -56.51 -2.96 -28.59
CA TYR R 119 -55.54 -3.87 -29.20
C TYR R 119 -55.39 -5.15 -28.36
N ALA R 120 -56.27 -5.38 -27.38
CA ALA R 120 -56.25 -6.62 -26.64
C ALA R 120 -56.66 -7.76 -27.55
N HIS R 121 -56.21 -8.97 -27.23
CA HIS R 121 -56.49 -10.17 -28.00
C HIS R 121 -57.07 -11.23 -27.07
N ILE R 122 -58.21 -11.81 -27.48
CA ILE R 122 -58.86 -12.85 -26.72
C ILE R 122 -58.95 -14.10 -27.58
N GLY R 123 -58.07 -15.06 -27.28
CA GLY R 123 -57.85 -16.21 -28.11
C GLY R 123 -58.96 -17.24 -27.95
N HIS R 124 -59.00 -18.16 -28.92
CA HIS R 124 -60.01 -19.18 -28.96
C HIS R 124 -60.20 -19.83 -27.60
N ASP R 125 -61.46 -20.02 -27.21
CA ASP R 125 -61.87 -20.87 -26.13
C ASP R 125 -61.62 -20.22 -24.78
N SER R 126 -61.21 -18.95 -24.77
CA SER R 126 -61.02 -18.25 -23.53
C SER R 126 -62.38 -17.97 -22.89
N VAL R 127 -62.37 -17.78 -21.57
CA VAL R 127 -63.56 -17.52 -20.81
C VAL R 127 -63.28 -16.36 -19.86
N ILE R 128 -64.03 -15.28 -20.00
CA ILE R 128 -63.92 -14.17 -19.12
C ILE R 128 -65.20 -14.04 -18.31
N GLY R 129 -65.03 -13.71 -17.03
CA GLY R 129 -66.14 -13.57 -16.11
C GLY R 129 -66.76 -12.19 -16.19
N ASN R 130 -66.99 -11.58 -15.02
CA ASN R 130 -67.61 -10.28 -14.96
C ASN R 130 -66.66 -9.29 -14.28
N HIS R 131 -66.80 -8.00 -14.63
CA HIS R 131 -66.14 -6.91 -13.94
C HIS R 131 -64.62 -6.94 -14.15
N CYS R 132 -64.15 -7.62 -15.20
CA CYS R 132 -62.73 -7.68 -15.46
C CYS R 132 -62.28 -6.46 -16.25
N ILE R 133 -60.97 -6.21 -16.21
CA ILE R 133 -60.35 -5.17 -16.98
C ILE R 133 -59.11 -5.74 -17.64
N LEU R 134 -59.10 -5.76 -18.97
CA LEU R 134 -57.93 -6.11 -19.74
C LEU R 134 -57.41 -4.83 -20.39
N VAL R 135 -56.20 -4.45 -20.02
CA VAL R 135 -55.69 -3.21 -20.45
C VAL R 135 -55.02 -3.39 -21.81
N ASN R 136 -54.76 -2.27 -22.48
CA ASN R 136 -54.17 -2.20 -23.81
C ASN R 136 -53.22 -3.39 -24.05
N ASN R 137 -53.47 -4.13 -25.13
CA ASN R 137 -52.55 -5.12 -25.70
C ASN R 137 -52.36 -6.33 -24.79
N THR R 138 -53.28 -6.54 -23.85
CA THR R 138 -53.32 -7.77 -23.11
C THR R 138 -53.69 -8.89 -24.09
N ALA R 139 -53.02 -10.04 -23.99
CA ALA R 139 -53.23 -11.11 -24.95
C ALA R 139 -53.44 -12.45 -24.23
N LEU R 140 -54.60 -13.08 -24.46
CA LEU R 140 -54.89 -14.41 -23.96
C LEU R 140 -54.68 -15.40 -25.10
N ALA R 141 -53.66 -16.24 -25.02
CA ALA R 141 -53.28 -17.11 -26.14
C ALA R 141 -54.38 -18.09 -26.54
N GLY R 142 -55.19 -18.52 -25.57
CA GLY R 142 -56.27 -19.47 -25.81
C GLY R 142 -56.54 -20.35 -24.60
N HIS R 143 -57.80 -20.74 -24.44
CA HIS R 143 -58.24 -21.57 -23.36
C HIS R 143 -57.90 -20.92 -22.01
N VAL R 144 -57.92 -19.59 -21.94
CA VAL R 144 -57.59 -18.90 -20.72
C VAL R 144 -58.89 -18.58 -19.98
N HIS R 145 -58.93 -18.86 -18.69
CA HIS R 145 -60.08 -18.55 -17.85
C HIS R 145 -59.69 -17.37 -16.95
N VAL R 146 -60.41 -16.26 -17.05
CA VAL R 146 -60.22 -15.09 -16.22
C VAL R 146 -61.47 -14.92 -15.36
N ASP R 147 -61.30 -15.04 -14.05
CA ASP R 147 -62.41 -15.00 -13.12
C ASP R 147 -62.69 -13.53 -12.72
N ASP R 148 -63.78 -13.31 -12.00
CA ASP R 148 -64.38 -11.99 -11.79
C ASP R 148 -63.38 -11.01 -11.16
N TRP R 149 -63.43 -9.75 -11.62
CA TRP R 149 -62.74 -8.59 -11.01
C TRP R 149 -61.23 -8.61 -11.27
N ALA R 150 -60.76 -9.50 -12.13
CA ALA R 150 -59.34 -9.52 -12.38
C ALA R 150 -58.97 -8.26 -13.17
N ILE R 151 -57.73 -7.83 -13.00
CA ILE R 151 -57.17 -6.75 -13.75
C ILE R 151 -55.84 -7.20 -14.35
N LEU R 152 -55.73 -7.15 -15.68
CA LEU R 152 -54.48 -7.42 -16.34
C LEU R 152 -53.92 -6.11 -16.89
N SER R 153 -52.80 -5.66 -16.33
CA SER R 153 -52.17 -4.43 -16.76
C SER R 153 -51.74 -4.57 -18.22
N GLY R 154 -51.38 -3.45 -18.82
CA GLY R 154 -51.08 -3.38 -20.23
C GLY R 154 -50.00 -4.35 -20.63
N TYR R 155 -50.16 -4.92 -21.83
CA TYR R 155 -49.19 -5.78 -22.46
C TYR R 155 -48.91 -7.00 -21.57
N THR R 156 -49.93 -7.46 -20.84
CA THR R 156 -49.85 -8.72 -20.15
C THR R 156 -50.15 -9.84 -21.14
N LEU R 157 -49.26 -10.84 -21.19
CA LEU R 157 -49.41 -12.00 -22.05
C LEU R 157 -49.74 -13.23 -21.19
N VAL R 158 -50.69 -14.06 -21.63
CA VAL R 158 -51.07 -15.24 -20.88
C VAL R 158 -51.00 -16.46 -21.78
N HIS R 159 -50.24 -17.46 -21.38
CA HIS R 159 -50.10 -18.70 -22.12
C HIS R 159 -51.40 -19.48 -22.12
N GLN R 160 -51.49 -20.39 -23.09
CA GLN R 160 -52.63 -21.27 -23.25
C GLN R 160 -52.89 -21.98 -21.91
N TYR R 161 -54.17 -22.08 -21.52
CA TYR R 161 -54.68 -22.93 -20.45
C TYR R 161 -54.54 -22.29 -19.07
N CYS R 162 -53.97 -21.11 -18.94
CA CYS R 162 -53.81 -20.53 -17.62
C CYS R 162 -55.14 -20.02 -17.06
N ARG R 163 -55.26 -20.09 -15.74
CA ARG R 163 -56.38 -19.58 -15.00
C ARG R 163 -55.90 -18.32 -14.24
N ILE R 164 -56.58 -17.20 -14.48
CA ILE R 164 -56.34 -15.96 -13.77
C ILE R 164 -57.43 -15.82 -12.71
N GLY R 165 -57.03 -15.77 -11.43
CA GLY R 165 -57.95 -15.86 -10.31
C GLY R 165 -58.74 -14.58 -10.09
N ALA R 166 -59.86 -14.71 -9.38
CA ALA R 166 -60.68 -13.57 -9.05
C ALA R 166 -59.86 -12.53 -8.28
N HIS R 167 -60.04 -11.25 -8.64
CA HIS R 167 -59.44 -10.09 -7.98
C HIS R 167 -57.92 -10.08 -8.12
N SER R 168 -57.38 -10.93 -8.98
CA SER R 168 -55.97 -10.97 -9.13
C SER R 168 -55.55 -9.80 -10.01
N PHE R 169 -54.24 -9.54 -10.06
CA PHE R 169 -53.72 -8.37 -10.72
C PHE R 169 -52.34 -8.68 -11.31
N SER R 170 -52.15 -8.35 -12.59
CA SER R 170 -50.87 -8.49 -13.21
C SER R 170 -50.31 -7.11 -13.50
N GLY R 171 -49.00 -6.95 -13.29
CA GLY R 171 -48.29 -5.73 -13.60
C GLY R 171 -48.02 -5.63 -15.08
N MET R 172 -47.53 -4.47 -15.54
CA MET R 172 -47.50 -4.29 -16.93
C MET R 172 -46.31 -5.04 -17.52
N GLY R 173 -46.52 -5.62 -18.72
CA GLY R 173 -45.55 -6.43 -19.40
C GLY R 173 -45.37 -7.78 -18.73
N SER R 174 -46.33 -8.21 -17.93
CA SER R 174 -46.28 -9.53 -17.32
C SER R 174 -46.40 -10.62 -18.38
N ALA R 175 -45.65 -11.71 -18.18
CA ALA R 175 -45.74 -12.88 -19.03
C ALA R 175 -46.08 -14.08 -18.14
N ILE R 176 -47.35 -14.48 -18.17
CA ILE R 176 -47.88 -15.43 -17.24
C ILE R 176 -47.94 -16.81 -17.89
N GLY R 177 -47.32 -17.79 -17.25
CA GLY R 177 -47.20 -19.14 -17.75
C GLY R 177 -47.83 -20.20 -16.85
N LYS R 178 -48.29 -19.82 -15.66
CA LYS R 178 -48.94 -20.73 -14.76
C LYS R 178 -50.13 -19.99 -14.14
N ASP R 179 -50.97 -20.69 -13.39
CA ASP R 179 -52.17 -20.05 -12.85
C ASP R 179 -51.77 -18.92 -11.90
N VAL R 180 -52.61 -17.89 -11.84
CA VAL R 180 -52.47 -16.87 -10.90
C VAL R 180 -53.58 -17.07 -9.88
N PRO R 181 -53.24 -17.37 -8.60
CA PRO R 181 -54.28 -17.59 -7.60
C PRO R 181 -55.07 -16.30 -7.42
N ALA R 182 -56.28 -16.45 -6.89
CA ALA R 182 -57.13 -15.31 -6.59
C ALA R 182 -56.37 -14.33 -5.70
N TYR R 183 -56.64 -13.04 -5.91
CA TYR R 183 -56.14 -11.92 -5.14
C TYR R 183 -54.64 -11.65 -5.38
N VAL R 184 -53.90 -12.54 -6.04
CA VAL R 184 -52.46 -12.40 -6.05
C VAL R 184 -52.05 -11.34 -7.07
N THR R 185 -50.96 -10.62 -6.79
CA THR R 185 -50.35 -9.71 -7.75
C THR R 185 -49.09 -10.36 -8.32
N VAL R 186 -48.92 -10.29 -9.64
CA VAL R 186 -47.76 -10.87 -10.32
C VAL R 186 -47.12 -9.83 -11.24
N PHE R 187 -45.81 -9.97 -11.46
CA PHE R 187 -45.03 -9.00 -12.20
C PHE R 187 -43.90 -9.71 -12.95
N GLY R 188 -43.59 -9.20 -14.16
CA GLY R 188 -42.36 -9.55 -14.85
C GLY R 188 -42.55 -10.66 -15.87
N ASN R 189 -41.46 -10.97 -16.57
CA ASN R 189 -41.40 -11.97 -17.60
C ASN R 189 -40.15 -12.81 -17.36
N PRO R 190 -40.32 -13.99 -16.75
CA PRO R 190 -41.57 -14.60 -16.40
C PRO R 190 -42.21 -14.04 -15.11
N ALA R 191 -43.52 -14.11 -15.02
CA ALA R 191 -44.27 -13.52 -13.94
C ALA R 191 -43.90 -14.18 -12.61
N GLU R 192 -43.79 -13.36 -11.56
CA GLU R 192 -43.54 -13.77 -10.19
C GLU R 192 -44.62 -13.16 -9.28
N ALA R 193 -45.04 -13.92 -8.28
CA ALA R 193 -45.98 -13.47 -7.27
C ALA R 193 -45.24 -12.52 -6.35
N ARG R 194 -45.90 -11.42 -5.96
CA ARG R 194 -45.27 -10.41 -5.16
C ARG R 194 -46.09 -10.21 -3.88
N SER R 195 -47.40 -10.03 -4.01
CA SER R 195 -48.25 -9.70 -2.89
C SER R 195 -49.69 -10.05 -3.22
N MET R 196 -50.63 -9.38 -2.55
CA MET R 196 -52.04 -9.51 -2.84
C MET R 196 -52.61 -8.15 -3.18
N ASN R 197 -53.73 -8.18 -3.88
CA ASN R 197 -54.36 -7.02 -4.43
C ASN R 197 -55.25 -6.40 -3.36
N PHE R 198 -54.62 -5.74 -2.38
CA PHE R 198 -55.33 -5.18 -1.27
C PHE R 198 -56.19 -4.01 -1.73
N GLU R 199 -55.70 -3.24 -2.71
CA GLU R 199 -56.49 -2.15 -3.30
C GLU R 199 -57.87 -2.68 -3.74
N GLY R 200 -57.86 -3.83 -4.41
CA GLY R 200 -59.05 -4.47 -4.90
C GLY R 200 -60.00 -4.87 -3.79
N MET R 201 -59.45 -5.37 -2.68
CA MET R 201 -60.25 -5.80 -1.54
C MET R 201 -60.90 -4.60 -0.87
N ARG R 202 -60.19 -3.46 -0.89
CA ARG R 202 -60.69 -2.24 -0.28
C ARG R 202 -61.96 -1.81 -1.01
N ARG R 203 -61.89 -1.77 -2.36
CA ARG R 203 -62.96 -1.35 -3.23
C ARG R 203 -64.17 -2.25 -3.09
N ARG R 204 -63.99 -3.56 -2.88
CA ARG R 204 -65.13 -4.45 -2.71
C ARG R 204 -65.64 -4.42 -1.26
N GLY R 205 -65.01 -3.62 -0.39
CA GLY R 205 -65.45 -3.48 0.99
C GLY R 205 -65.28 -4.75 1.81
N PHE R 206 -64.21 -5.49 1.61
CA PHE R 206 -63.90 -6.65 2.44
C PHE R 206 -63.72 -6.22 3.88
N SER R 207 -64.06 -7.10 4.82
CA SER R 207 -63.82 -6.83 6.21
C SER R 207 -62.32 -6.73 6.46
N SER R 208 -61.93 -6.06 7.55
CA SER R 208 -60.54 -5.92 7.86
C SER R 208 -59.98 -7.26 8.36
N GLU R 209 -60.82 -8.10 8.97
CA GLU R 209 -60.40 -9.43 9.46
C GLU R 209 -60.11 -10.35 8.28
N ALA R 210 -60.85 -10.17 7.18
CA ALA R 210 -60.70 -11.00 6.00
C ALA R 210 -59.44 -10.61 5.25
N ILE R 211 -59.13 -9.32 5.20
CA ILE R 211 -57.94 -8.84 4.54
C ILE R 211 -56.71 -9.41 5.26
N HIS R 212 -56.72 -9.36 6.59
CA HIS R 212 -55.63 -9.89 7.37
C HIS R 212 -55.49 -11.40 7.11
N ALA R 213 -56.61 -12.11 7.00
CA ALA R 213 -56.60 -13.55 6.82
C ALA R 213 -55.98 -13.90 5.47
N LEU R 214 -56.23 -13.05 4.48
CA LEU R 214 -55.74 -13.26 3.17
C LEU R 214 -54.24 -12.96 3.11
N ARG R 215 -53.75 -12.02 3.90
CA ARG R 215 -52.33 -11.78 3.94
C ARG R 215 -51.63 -12.99 4.55
N ARG R 216 -52.20 -13.56 5.62
CA ARG R 216 -51.60 -14.73 6.25
C ARG R 216 -51.62 -15.88 5.26
N ALA R 217 -52.66 -15.96 4.46
CA ALA R 217 -52.81 -17.02 3.48
C ALA R 217 -51.71 -16.92 2.43
N TYR R 218 -51.41 -15.69 1.99
CA TYR R 218 -50.36 -15.46 1.05
C TYR R 218 -49.05 -16.00 1.64
N LYS R 219 -48.79 -15.65 2.89
CA LYS R 219 -47.55 -16.03 3.55
C LYS R 219 -47.43 -17.56 3.67
N VAL R 220 -48.53 -18.27 3.87
CA VAL R 220 -48.53 -19.72 4.02
C VAL R 220 -48.04 -20.38 2.72
N VAL R 221 -48.58 -19.88 1.60
CA VAL R 221 -48.35 -20.44 0.30
C VAL R 221 -46.96 -20.06 -0.22
N TYR R 222 -46.50 -18.87 0.07
CA TYR R 222 -45.37 -18.24 -0.67
C TYR R 222 -44.15 -17.99 0.21
N ARG R 223 -44.29 -17.73 1.51
CA ARG R 223 -43.17 -17.17 2.29
C ARG R 223 -42.79 -18.09 3.46
N GLN R 224 -43.14 -19.37 3.44
CA GLN R 224 -42.90 -20.20 4.64
C GLN R 224 -42.32 -21.58 4.25
N GLY R 225 -41.80 -21.72 3.03
CA GLY R 225 -41.18 -22.94 2.59
C GLY R 225 -42.13 -24.13 2.50
N HIS R 226 -43.44 -23.93 2.44
CA HIS R 226 -44.36 -25.06 2.34
C HIS R 226 -44.40 -25.54 0.89
N THR R 227 -44.55 -26.84 0.68
CA THR R 227 -44.96 -27.36 -0.63
C THR R 227 -46.41 -26.94 -0.84
N VAL R 228 -46.91 -27.07 -2.06
CA VAL R 228 -48.26 -26.62 -2.31
C VAL R 228 -49.26 -27.48 -1.52
N GLU R 229 -48.97 -28.78 -1.40
CA GLU R 229 -49.81 -29.73 -0.65
C GLU R 229 -49.87 -29.32 0.82
N GLU R 230 -48.70 -28.99 1.41
CA GLU R 230 -48.63 -28.62 2.82
C GLU R 230 -49.38 -27.30 3.06
N ALA R 231 -49.33 -26.39 2.09
CA ALA R 231 -49.98 -25.09 2.20
C ALA R 231 -51.50 -25.26 2.21
N LEU R 232 -52.01 -26.07 1.29
CA LEU R 232 -53.43 -26.34 1.20
C LEU R 232 -53.98 -26.89 2.53
N ALA R 233 -53.19 -27.74 3.18
CA ALA R 233 -53.57 -28.35 4.43
C ALA R 233 -53.62 -27.27 5.52
N GLU R 234 -52.65 -26.37 5.51
CA GLU R 234 -52.56 -25.33 6.51
C GLU R 234 -53.71 -24.32 6.32
N LEU R 235 -54.08 -24.04 5.06
CA LEU R 235 -55.15 -23.11 4.74
C LEU R 235 -56.54 -23.66 5.11
N ALA R 236 -56.68 -24.95 5.38
CA ALA R 236 -58.01 -25.54 5.59
C ALA R 236 -58.79 -24.79 6.68
N GLU R 237 -58.15 -24.50 7.82
CA GLU R 237 -58.80 -23.82 8.95
C GLU R 237 -59.32 -22.45 8.48
N SER R 238 -58.43 -21.67 7.91
CA SER R 238 -58.66 -20.28 7.55
C SER R 238 -59.74 -20.18 6.44
N ALA R 239 -59.85 -21.20 5.58
CA ALA R 239 -60.79 -21.23 4.48
C ALA R 239 -62.20 -21.55 4.98
N ALA R 240 -62.31 -22.23 6.12
CA ALA R 240 -63.60 -22.50 6.69
C ALA R 240 -64.11 -21.28 7.46
N GLN R 241 -63.19 -20.44 7.90
CA GLN R 241 -63.49 -19.27 8.70
C GLN R 241 -63.92 -18.11 7.80
N PHE R 242 -63.39 -18.02 6.58
CA PHE R 242 -63.58 -16.85 5.71
C PHE R 242 -63.89 -17.29 4.28
N PRO R 243 -65.11 -16.97 3.76
CA PRO R 243 -65.43 -17.22 2.35
C PRO R 243 -64.37 -16.71 1.38
N GLU R 244 -63.73 -15.60 1.73
CA GLU R 244 -62.75 -14.91 0.88
C GLU R 244 -61.48 -15.75 0.77
N VAL R 245 -61.07 -16.40 1.86
CA VAL R 245 -59.90 -17.26 1.86
C VAL R 245 -60.22 -18.54 1.11
N ALA R 246 -61.46 -19.03 1.22
CA ALA R 246 -61.85 -20.24 0.49
C ALA R 246 -61.67 -20.05 -1.02
N VAL R 247 -62.00 -18.86 -1.54
CA VAL R 247 -61.80 -18.54 -2.94
C VAL R 247 -60.31 -18.71 -3.32
N PHE R 248 -59.43 -18.24 -2.44
CA PHE R 248 -57.99 -18.32 -2.64
C PHE R 248 -57.54 -19.78 -2.59
N ARG R 249 -57.96 -20.54 -1.56
CA ARG R 249 -57.59 -21.93 -1.46
C ARG R 249 -58.08 -22.68 -2.73
N ASP R 250 -59.33 -22.41 -3.15
CA ASP R 250 -59.93 -23.16 -4.25
C ASP R 250 -59.16 -22.88 -5.55
N SER R 251 -58.64 -21.66 -5.73
CA SER R 251 -57.87 -21.34 -6.93
C SER R 251 -56.55 -22.11 -6.97
N ILE R 252 -55.92 -22.34 -5.82
CA ILE R 252 -54.69 -23.10 -5.74
C ILE R 252 -54.96 -24.60 -5.88
N GLN R 253 -56.00 -25.08 -5.21
CA GLN R 253 -56.44 -26.46 -5.30
C GLN R 253 -56.50 -26.90 -6.75
N SER R 254 -57.22 -26.11 -7.56
CA SER R 254 -57.64 -26.50 -8.90
C SER R 254 -56.56 -26.16 -9.93
N ALA R 255 -55.32 -26.06 -9.47
CA ALA R 255 -54.23 -25.66 -10.31
C ALA R 255 -53.16 -26.74 -10.32
N THR R 256 -53.33 -27.74 -9.46
CA THR R 256 -52.18 -28.47 -8.90
C THR R 256 -52.56 -29.93 -8.66
N ARG R 257 -52.76 -30.70 -9.72
CA ARG R 257 -52.93 -32.14 -9.47
C ARG R 257 -51.60 -32.78 -9.03
N GLY R 258 -50.52 -32.61 -9.80
CA GLY R 258 -49.23 -33.32 -9.56
C GLY R 258 -49.24 -34.74 -10.10
N ILE R 259 -48.20 -35.52 -9.80
CA ILE R 259 -48.09 -36.90 -10.28
C ILE R 259 -47.74 -37.86 -9.14
N THR R 260 -48.22 -39.09 -9.27
CA THR R 260 -47.88 -40.10 -8.34
C THR R 260 -46.37 -40.23 -8.33
N ARG R 261 -45.76 -40.02 -7.15
CA ARG R 261 -44.33 -40.17 -6.90
C ARG R 261 -44.07 -41.37 -5.96
N MET S 4 -88.57 20.70 70.54
CA MET S 4 -87.67 21.81 70.65
C MET S 4 -87.93 22.81 69.49
N SER S 5 -86.99 23.73 69.28
CA SER S 5 -86.75 24.51 68.04
C SER S 5 -85.53 23.89 67.31
N LEU S 6 -85.21 24.31 66.11
CA LEU S 6 -84.17 23.67 65.30
C LEU S 6 -82.79 24.21 65.68
N ILE S 7 -82.77 25.39 66.31
CA ILE S 7 -81.56 25.98 66.78
C ILE S 7 -81.60 25.95 68.30
N ASP S 8 -80.67 25.21 68.90
CA ASP S 8 -80.69 25.04 70.31
C ASP S 8 -80.57 26.42 70.95
N PRO S 9 -81.35 26.71 72.02
CA PRO S 9 -81.18 27.98 72.74
C PRO S 9 -79.79 28.12 73.39
N ARG S 10 -79.08 27.01 73.61
CA ARG S 10 -77.76 27.06 74.22
C ARG S 10 -76.66 27.36 73.18
N ALA S 11 -77.00 27.45 71.89
CA ALA S 11 -76.02 27.78 70.82
C ALA S 11 -75.88 29.31 70.75
N ILE S 12 -74.80 29.77 70.11
CA ILE S 12 -74.56 31.18 69.86
C ILE S 12 -74.53 31.41 68.35
N ILE S 13 -75.40 32.30 67.88
CA ILE S 13 -75.47 32.63 66.48
C ILE S 13 -75.15 34.12 66.33
N ASP S 14 -74.10 34.43 65.58
CA ASP S 14 -73.76 35.82 65.37
C ASP S 14 -74.88 36.51 64.60
N PRO S 15 -75.21 37.77 64.94
CA PRO S 15 -76.16 38.57 64.15
C PRO S 15 -75.92 38.54 62.63
N SER S 16 -74.67 38.50 62.19
CA SER S 16 -74.28 38.59 60.77
C SER S 16 -74.19 37.21 60.08
N ALA S 17 -74.50 36.13 60.80
CA ALA S 17 -74.60 34.80 60.19
C ALA S 17 -75.92 34.71 59.43
N ARG S 18 -75.95 33.87 58.39
CA ARG S 18 -77.11 33.72 57.52
C ARG S 18 -77.38 32.21 57.38
N LEU S 19 -78.44 31.73 58.05
CA LEU S 19 -78.85 30.34 58.07
C LEU S 19 -80.15 30.17 57.28
N ALA S 20 -80.19 29.17 56.39
CA ALA S 20 -81.42 28.81 55.73
C ALA S 20 -82.45 28.35 56.78
N ALA S 21 -83.71 28.29 56.36
CA ALA S 21 -84.87 28.15 57.28
C ALA S 21 -84.74 26.88 58.16
N ASP S 22 -84.29 25.75 57.60
CA ASP S 22 -84.40 24.44 58.28
C ASP S 22 -83.04 23.91 58.73
N VAL S 23 -82.08 24.80 58.95
CA VAL S 23 -80.80 24.42 59.50
C VAL S 23 -81.00 24.04 60.96
N GLN S 24 -80.28 23.02 61.41
CA GLN S 24 -80.24 22.60 62.81
C GLN S 24 -78.87 22.89 63.42
N VAL S 25 -78.86 23.43 64.65
CA VAL S 25 -77.63 23.69 65.36
C VAL S 25 -77.79 23.15 66.77
N GLY S 26 -76.84 22.31 67.17
CA GLY S 26 -76.84 21.68 68.45
C GLY S 26 -76.43 22.64 69.57
N PRO S 27 -76.58 22.20 70.82
CA PRO S 27 -76.22 23.02 71.98
C PRO S 27 -74.70 23.31 72.03
N TRP S 28 -74.35 24.50 72.51
CA TRP S 28 -72.98 24.91 72.78
C TRP S 28 -72.14 24.97 71.50
N SER S 29 -72.80 25.25 70.38
CA SER S 29 -72.11 25.47 69.15
C SER S 29 -72.07 26.98 68.88
N ILE S 30 -71.01 27.42 68.18
CA ILE S 30 -70.87 28.81 67.81
C ILE S 30 -70.94 28.90 66.29
N VAL S 31 -71.85 29.73 65.79
CA VAL S 31 -71.87 30.08 64.41
C VAL S 31 -71.44 31.55 64.30
N GLY S 32 -70.15 31.76 63.98
CA GLY S 32 -69.52 33.06 64.05
C GLY S 32 -69.99 34.00 62.94
N ALA S 33 -69.46 35.23 63.00
CA ALA S 33 -69.74 36.25 62.02
C ALA S 33 -69.43 35.73 60.61
N GLU S 34 -70.30 36.08 59.65
CA GLU S 34 -70.08 35.88 58.22
C GLU S 34 -70.05 34.40 57.83
N VAL S 35 -70.78 33.57 58.57
CA VAL S 35 -70.97 32.20 58.22
C VAL S 35 -72.34 32.07 57.58
N GLU S 36 -72.39 31.35 56.46
CA GLU S 36 -73.59 31.16 55.70
C GLU S 36 -73.81 29.64 55.62
N ILE S 37 -75.01 29.16 55.95
CA ILE S 37 -75.29 27.73 56.01
C ILE S 37 -76.55 27.41 55.20
N GLY S 38 -76.44 26.44 54.29
CA GLY S 38 -77.47 26.10 53.34
C GLY S 38 -78.50 25.13 53.90
N GLU S 39 -79.64 25.11 53.19
CA GLU S 39 -80.80 24.25 53.42
C GLU S 39 -80.39 22.83 53.87
N GLY S 40 -80.95 22.40 55.00
CA GLY S 40 -80.96 20.99 55.44
C GLY S 40 -79.67 20.55 56.13
N THR S 41 -78.74 21.47 56.35
CA THR S 41 -77.49 21.18 57.01
C THR S 41 -77.76 21.06 58.52
N VAL S 42 -76.97 20.20 59.17
CA VAL S 42 -77.07 19.92 60.59
C VAL S 42 -75.70 20.13 61.23
N ILE S 43 -75.64 21.06 62.18
CA ILE S 43 -74.49 21.30 63.00
C ILE S 43 -74.74 20.59 64.33
N GLY S 44 -73.79 19.75 64.72
CA GLY S 44 -73.87 19.03 65.97
C GLY S 44 -73.65 19.97 67.16
N PRO S 45 -73.55 19.40 68.39
CA PRO S 45 -73.17 20.18 69.55
C PRO S 45 -71.66 20.45 69.56
N HIS S 46 -71.21 21.43 70.32
CA HIS S 46 -69.78 21.68 70.51
C HIS S 46 -69.05 21.88 69.18
N VAL S 47 -69.64 22.63 68.24
CA VAL S 47 -68.98 22.92 67.00
C VAL S 47 -68.64 24.41 66.98
N VAL S 48 -67.50 24.74 66.38
CA VAL S 48 -67.10 26.11 66.21
C VAL S 48 -67.00 26.42 64.73
N LEU S 49 -67.88 27.28 64.22
CA LEU S 49 -67.78 27.78 62.86
C LEU S 49 -67.28 29.22 62.89
N LYS S 50 -66.36 29.55 61.98
CA LYS S 50 -65.83 30.87 61.86
C LYS S 50 -65.79 31.25 60.38
N GLY S 51 -65.83 32.55 60.08
CA GLY S 51 -66.02 33.05 58.72
C GLY S 51 -64.89 33.96 58.26
N PRO S 52 -64.91 34.37 56.98
CA PRO S 52 -65.99 34.18 56.02
C PRO S 52 -66.10 32.76 55.45
N THR S 53 -67.23 32.10 55.67
CA THR S 53 -67.40 30.71 55.34
C THR S 53 -68.78 30.51 54.72
N LYS S 54 -68.83 29.72 53.65
CA LYS S 54 -70.06 29.36 53.01
C LYS S 54 -70.18 27.83 53.05
N ILE S 55 -71.24 27.34 53.68
CA ILE S 55 -71.53 25.93 53.75
C ILE S 55 -72.81 25.66 52.99
N GLY S 56 -72.78 24.65 52.11
CA GLY S 56 -73.90 24.34 51.24
C GLY S 56 -74.98 23.55 51.95
N LYS S 57 -75.66 22.68 51.20
CA LYS S 57 -76.91 22.05 51.58
C LYS S 57 -76.65 20.61 52.03
N HIS S 58 -77.41 20.18 53.04
CA HIS S 58 -77.47 18.78 53.47
C HIS S 58 -76.11 18.29 53.98
N ASN S 59 -75.35 19.16 54.65
CA ASN S 59 -74.12 18.75 55.30
C ASN S 59 -74.46 18.28 56.72
N ARG S 60 -73.56 17.43 57.28
CA ARG S 60 -73.60 16.99 58.65
CA ARG S 60 -73.61 16.97 58.66
C ARG S 60 -72.20 17.33 59.19
N ILE S 61 -72.13 18.14 60.27
CA ILE S 61 -70.83 18.46 60.94
C ILE S 61 -70.90 18.05 62.42
N TYR S 62 -69.96 17.21 62.86
CA TYR S 62 -70.03 16.59 64.16
C TYR S 62 -69.26 17.40 65.21
N GLN S 63 -69.48 17.02 66.46
CA GLN S 63 -68.95 17.66 67.65
C GLN S 63 -67.42 17.83 67.59
N PHE S 64 -66.95 18.95 68.14
CA PHE S 64 -65.52 19.21 68.43
C PHE S 64 -64.73 19.64 67.18
N SER S 65 -65.46 19.85 66.08
CA SER S 65 -64.91 20.35 64.86
C SER S 65 -64.75 21.86 64.96
N SER S 66 -63.63 22.36 64.41
CA SER S 66 -63.39 23.79 64.25
C SER S 66 -63.25 24.04 62.75
N VAL S 67 -64.28 24.65 62.16
CA VAL S 67 -64.40 24.82 60.74
C VAL S 67 -64.39 26.32 60.43
N GLY S 68 -63.34 26.77 59.73
CA GLY S 68 -63.26 28.15 59.28
C GLY S 68 -62.29 28.97 60.10
N GLU S 69 -61.43 28.29 60.83
CA GLU S 69 -60.48 28.92 61.72
C GLU S 69 -59.34 29.51 60.86
N ASP S 70 -58.60 30.49 61.37
CA ASP S 70 -57.46 31.04 60.65
C ASP S 70 -56.32 30.02 60.65
N THR S 71 -55.52 29.91 59.57
CA THR S 71 -54.31 29.11 59.76
C THR S 71 -53.40 29.79 60.78
N PRO S 72 -52.56 29.02 61.47
CA PRO S 72 -51.49 29.59 62.26
C PRO S 72 -50.25 29.95 61.47
N ASP S 73 -50.17 29.56 60.21
CA ASP S 73 -49.03 29.89 59.33
C ASP S 73 -48.69 31.36 59.53
N LEU S 74 -47.40 31.67 59.71
CA LEU S 74 -46.99 33.05 60.09
C LEU S 74 -47.02 33.94 58.82
N LYS S 75 -47.18 33.29 57.69
CA LYS S 75 -47.54 33.82 56.33
C LYS S 75 -48.83 34.65 56.39
N TYR S 76 -49.85 34.21 57.13
CA TYR S 76 -51.20 34.82 57.18
C TYR S 76 -51.22 35.92 58.25
N LYS S 77 -51.68 37.14 57.87
CA LYS S 77 -51.65 38.34 58.75
C LYS S 77 -53.05 38.91 59.00
N GLY S 78 -54.10 38.09 58.94
CA GLY S 78 -55.46 38.50 59.39
C GLY S 78 -56.38 39.01 58.28
N GLU S 79 -56.01 38.79 57.01
CA GLU S 79 -56.80 39.24 55.83
C GLU S 79 -58.10 38.44 55.74
N PRO S 80 -59.16 38.93 55.04
CA PRO S 80 -60.47 38.27 55.03
C PRO S 80 -60.57 37.16 53.95
N THR S 81 -60.00 35.99 54.23
CA THR S 81 -59.98 34.90 53.33
C THR S 81 -61.19 34.00 53.59
N ARG S 82 -61.44 33.05 52.68
CA ARG S 82 -62.71 32.35 52.62
C ARG S 82 -62.52 30.84 52.81
N LEU S 83 -63.60 30.18 53.21
CA LEU S 83 -63.76 28.75 53.14
C LEU S 83 -65.09 28.44 52.48
N VAL S 84 -65.09 27.54 51.50
CA VAL S 84 -66.32 27.17 50.79
C VAL S 84 -66.49 25.66 50.87
N ILE S 85 -67.66 25.22 51.32
CA ILE S 85 -68.01 23.83 51.39
C ILE S 85 -69.30 23.63 50.60
N GLY S 86 -69.33 22.56 49.79
CA GLY S 86 -70.45 22.26 48.94
C GLY S 86 -71.56 21.54 49.68
N ASP S 87 -72.16 20.56 48.98
CA ASP S 87 -73.38 19.91 49.37
C ASP S 87 -73.08 18.46 49.79
N HIS S 88 -73.89 17.92 50.71
CA HIS S 88 -73.94 16.48 51.06
C HIS S 88 -72.61 15.96 51.62
N ASN S 89 -71.89 16.80 52.35
CA ASN S 89 -70.65 16.38 52.95
C ASN S 89 -70.94 15.91 54.39
N VAL S 90 -70.06 15.03 54.87
CA VAL S 90 -70.05 14.62 56.25
C VAL S 90 -68.67 14.92 56.83
N ILE S 91 -68.65 15.71 57.90
CA ILE S 91 -67.46 16.07 58.61
C ILE S 91 -67.56 15.55 60.03
N ARG S 92 -66.73 14.56 60.36
CA ARG S 92 -66.86 13.84 61.61
C ARG S 92 -66.17 14.60 62.75
N GLU S 93 -66.09 13.94 63.89
CA GLU S 93 -65.75 14.58 65.14
C GLU S 93 -64.30 15.07 65.09
N GLY S 94 -64.10 16.32 65.49
CA GLY S 94 -62.78 16.86 65.77
C GLY S 94 -62.02 17.35 64.54
N VAL S 95 -62.70 17.46 63.40
CA VAL S 95 -62.05 17.88 62.18
C VAL S 95 -61.70 19.36 62.29
N THR S 96 -60.53 19.73 61.75
CA THR S 96 -60.14 21.12 61.59
C THR S 96 -60.03 21.47 60.11
N ILE S 97 -60.65 22.59 59.72
CA ILE S 97 -60.60 23.09 58.38
C ILE S 97 -60.26 24.58 58.46
N HIS S 98 -59.20 24.99 57.79
CA HIS S 98 -58.73 26.34 57.84
C HIS S 98 -59.12 27.08 56.55
N ARG S 99 -59.34 28.39 56.67
CA ARG S 99 -59.58 29.24 55.52
C ARG S 99 -58.24 29.51 54.81
N GLY S 100 -58.32 30.09 53.62
CA GLY S 100 -57.18 30.33 52.74
C GLY S 100 -56.28 31.47 53.19
N THR S 101 -55.33 31.79 52.31
CA THR S 101 -54.31 32.82 52.46
C THR S 101 -54.25 33.67 51.19
N VAL S 102 -53.86 34.94 51.32
CA VAL S 102 -53.83 35.83 50.17
C VAL S 102 -52.76 35.43 49.16
N GLN S 103 -51.75 34.68 49.59
CA GLN S 103 -50.61 34.30 48.74
C GLN S 103 -51.03 33.26 47.70
N ASP S 104 -52.20 32.61 47.83
CA ASP S 104 -52.69 31.64 46.80
C ASP S 104 -54.00 32.18 46.20
N ARG S 105 -55.15 31.58 46.54
CA ARG S 105 -56.43 31.98 45.93
C ARG S 105 -57.36 32.58 46.99
N ALA S 106 -56.91 32.65 48.23
CA ALA S 106 -57.66 33.27 49.33
C ALA S 106 -58.86 32.41 49.69
N GLU S 107 -58.80 31.10 49.39
CA GLU S 107 -59.96 30.26 49.55
C GLU S 107 -59.56 28.80 49.71
N THR S 108 -60.02 28.18 50.79
CA THR S 108 -60.04 26.75 50.95
C THR S 108 -61.39 26.26 50.44
N THR S 109 -61.42 25.20 49.62
CA THR S 109 -62.67 24.86 48.97
C THR S 109 -62.85 23.32 49.05
N ILE S 110 -64.11 22.91 49.31
CA ILE S 110 -64.51 21.53 49.38
C ILE S 110 -65.78 21.36 48.54
N GLY S 111 -65.79 20.30 47.73
CA GLY S 111 -66.89 20.02 46.83
C GLY S 111 -68.05 19.33 47.53
N ASP S 112 -68.59 18.30 46.86
CA ASP S 112 -69.83 17.65 47.23
C ASP S 112 -69.57 16.19 47.60
N HIS S 113 -70.43 15.61 48.44
CA HIS S 113 -70.46 14.16 48.74
C HIS S 113 -69.12 13.66 49.31
N ASN S 114 -68.44 14.48 50.10
CA ASN S 114 -67.16 14.04 50.66
C ASN S 114 -67.42 13.51 52.06
N LEU S 115 -66.54 12.60 52.51
CA LEU S 115 -66.57 12.09 53.85
C LEU S 115 -65.21 12.38 54.49
N ILE S 116 -65.21 13.24 55.51
CA ILE S 116 -64.00 13.59 56.18
C ILE S 116 -64.11 13.10 57.61
N MET S 117 -63.29 12.12 57.96
CA MET S 117 -63.50 11.36 59.17
C MET S 117 -62.73 12.03 60.31
N ALA S 118 -62.86 11.45 61.51
CA ALA S 118 -62.50 12.11 62.74
C ALA S 118 -61.06 12.62 62.69
N TYR S 119 -60.86 13.84 63.21
CA TYR S 119 -59.56 14.39 63.55
C TYR S 119 -58.74 14.69 62.28
N ALA S 120 -59.36 14.65 61.10
CA ALA S 120 -58.67 15.04 59.89
C ALA S 120 -58.43 16.54 59.92
N HIS S 121 -57.40 16.98 59.19
CA HIS S 121 -57.02 18.36 59.08
C HIS S 121 -56.94 18.78 57.62
N ILE S 122 -57.60 19.89 57.28
CA ILE S 122 -57.59 20.42 55.94
C ILE S 122 -57.01 21.82 55.96
N GLY S 123 -55.76 21.92 55.53
CA GLY S 123 -54.97 23.11 55.68
C GLY S 123 -55.36 24.19 54.67
N HIS S 124 -54.92 25.42 54.98
CA HIS S 124 -55.23 26.56 54.18
C HIS S 124 -55.02 26.27 52.68
N ASP S 125 -55.99 26.71 51.88
CA ASP S 125 -55.88 26.82 50.46
C ASP S 125 -55.99 25.44 49.78
N SER S 126 -56.33 24.40 50.54
CA SER S 126 -56.54 23.11 49.97
C SER S 126 -57.83 23.11 49.16
N VAL S 127 -57.91 22.19 48.20
CA VAL S 127 -59.07 22.05 47.35
C VAL S 127 -59.43 20.57 47.28
N ILE S 128 -60.65 20.25 47.71
CA ILE S 128 -61.12 18.91 47.60
C ILE S 128 -62.28 18.88 46.61
N GLY S 129 -62.31 17.82 45.80
CA GLY S 129 -63.31 17.63 44.78
C GLY S 129 -64.57 17.03 45.35
N ASN S 130 -65.09 16.02 44.65
CA ASN S 130 -66.31 15.35 45.05
C ASN S 130 -66.02 13.87 45.30
N HIS S 131 -66.82 13.26 46.19
CA HIS S 131 -66.84 11.82 46.41
C HIS S 131 -65.54 11.34 47.05
N CYS S 132 -64.79 12.23 47.69
CA CYS S 132 -63.55 11.83 48.32
C CYS S 132 -63.83 11.28 49.71
N ILE S 133 -62.85 10.54 50.22
CA ILE S 133 -62.88 10.01 51.57
C ILE S 133 -61.52 10.26 52.20
N LEU S 134 -61.51 11.07 53.26
CA LEU S 134 -60.34 11.28 54.10
C LEU S 134 -60.59 10.57 55.42
N VAL S 135 -59.78 9.57 55.70
CA VAL S 135 -60.01 8.76 56.84
C VAL S 135 -59.36 9.42 58.05
N ASN S 136 -59.74 8.95 59.24
CA ASN S 136 -59.28 9.45 60.52
C ASN S 136 -57.85 9.99 60.41
N ASN S 137 -57.67 11.26 60.84
CA ASN S 137 -56.36 11.86 61.09
C ASN S 137 -55.55 12.06 59.80
N THR S 138 -56.21 12.04 58.65
CA THR S 138 -55.58 12.47 57.44
C THR S 138 -55.30 13.97 57.54
N ALA S 139 -54.13 14.41 57.09
CA ALA S 139 -53.75 15.80 57.23
C ALA S 139 -53.20 16.36 55.93
N LEU S 140 -53.85 17.42 55.42
CA LEU S 140 -53.39 18.14 54.24
C LEU S 140 -52.69 19.42 54.74
N ALA S 141 -51.38 19.51 54.57
CA ALA S 141 -50.61 20.60 55.15
C ALA S 141 -51.03 21.98 54.60
N GLY S 142 -51.47 22.03 53.35
CA GLY S 142 -51.87 23.28 52.71
C GLY S 142 -51.63 23.27 51.21
N HIS S 143 -52.49 23.98 50.48
CA HIS S 143 -52.41 24.08 49.05
C HIS S 143 -52.45 22.68 48.42
N VAL S 144 -53.19 21.75 49.03
CA VAL S 144 -53.26 20.41 48.51
C VAL S 144 -54.53 20.30 47.67
N HIS S 145 -54.40 19.74 46.46
CA HIS S 145 -55.54 19.50 45.59
C HIS S 145 -55.83 18.01 45.59
N VAL S 146 -57.02 17.62 46.01
CA VAL S 146 -57.49 16.25 45.99
C VAL S 146 -58.62 16.15 44.98
N ASP S 147 -58.41 15.36 43.93
CA ASP S 147 -59.36 15.25 42.86
C ASP S 147 -60.39 14.14 43.19
N ASP S 148 -61.42 14.03 42.36
CA ASP S 148 -62.63 13.27 42.68
C ASP S 148 -62.30 11.80 42.99
N TRP S 149 -63.02 11.24 43.98
CA TRP S 149 -63.05 9.79 44.30
C TRP S 149 -61.77 9.32 44.98
N ALA S 150 -60.89 10.24 45.37
CA ALA S 150 -59.69 9.81 46.01
C ALA S 150 -60.05 9.26 47.40
N ILE S 151 -59.21 8.34 47.89
CA ILE S 151 -59.33 7.83 49.22
C ILE S 151 -57.97 7.92 49.89
N LEU S 152 -57.91 8.62 51.02
CA LEU S 152 -56.70 8.68 51.83
C LEU S 152 -56.96 7.87 53.10
N SER S 153 -56.25 6.76 53.25
CA SER S 153 -56.38 5.91 54.41
C SER S 153 -55.94 6.69 55.65
N GLY S 154 -56.24 6.13 56.82
CA GLY S 154 -56.02 6.79 58.07
C GLY S 154 -54.59 7.25 58.25
N TYR S 155 -54.43 8.41 58.88
CA TYR S 155 -53.14 8.96 59.27
C TYR S 155 -52.27 9.15 58.02
N THR S 156 -52.88 9.46 56.89
CA THR S 156 -52.15 9.88 55.72
C THR S 156 -51.80 11.36 55.85
N LEU S 157 -50.51 11.69 55.67
CA LEU S 157 -50.02 13.06 55.73
C LEU S 157 -49.63 13.52 54.33
N VAL S 158 -49.99 14.74 53.94
CA VAL S 158 -49.68 15.26 52.62
C VAL S 158 -48.99 16.61 52.74
N HIS S 159 -47.79 16.72 52.14
CA HIS S 159 -47.03 17.94 52.15
C HIS S 159 -47.72 19.03 51.35
N GLN S 160 -47.32 20.27 51.63
CA GLN S 160 -47.81 21.45 50.95
C GLN S 160 -47.64 21.24 49.43
N TYR S 161 -48.67 21.61 48.66
CA TYR S 161 -48.64 21.76 47.20
C TYR S 161 -48.85 20.44 46.46
N CYS S 162 -49.00 19.32 47.15
CA CYS S 162 -49.18 18.06 46.44
C CYS S 162 -50.57 17.95 45.82
N ARG S 163 -50.61 17.25 44.69
CA ARG S 163 -51.83 16.91 43.99
C ARG S 163 -52.09 15.42 44.19
N ILE S 164 -53.26 15.08 44.72
CA ILE S 164 -53.71 13.72 44.85
C ILE S 164 -54.70 13.45 43.71
N GLY S 165 -54.37 12.49 42.85
CA GLY S 165 -55.10 12.27 41.61
C GLY S 165 -56.45 11.60 41.82
N ALA S 166 -57.32 11.73 40.81
CA ALA S 166 -58.63 11.11 40.86
C ALA S 166 -58.48 9.59 41.05
N HIS S 167 -59.33 9.03 41.92
CA HIS S 167 -59.42 7.59 42.18
C HIS S 167 -58.15 7.02 42.80
N SER S 168 -57.25 7.89 43.22
CA SER S 168 -56.03 7.41 43.79
C SER S 168 -56.30 6.96 45.23
N PHE S 169 -55.34 6.27 45.82
CA PHE S 169 -55.54 5.63 47.12
C PHE S 169 -54.21 5.62 47.87
N SER S 170 -54.23 6.07 49.12
CA SER S 170 -53.08 6.01 49.97
C SER S 170 -53.34 4.98 51.07
N GLY S 171 -52.32 4.20 51.41
CA GLY S 171 -52.39 3.26 52.51
C GLY S 171 -52.22 3.96 53.83
N MET S 172 -52.41 3.25 54.93
CA MET S 172 -52.48 3.94 56.15
C MET S 172 -51.08 4.30 56.63
N GLY S 173 -50.96 5.49 57.22
CA GLY S 173 -49.72 6.05 57.67
C GLY S 173 -48.83 6.50 56.52
N SER S 174 -49.42 6.71 55.34
CA SER S 174 -48.68 7.22 54.21
C SER S 174 -48.20 8.64 54.47
N ALA S 175 -46.99 8.96 54.00
CA ALA S 175 -46.43 10.29 54.06
C ALA S 175 -46.07 10.72 52.65
N ILE S 176 -46.93 11.55 52.05
CA ILE S 176 -46.88 11.86 50.66
C ILE S 176 -46.19 13.21 50.46
N GLY S 177 -45.14 13.22 49.64
CA GLY S 177 -44.34 14.40 49.40
C GLY S 177 -44.30 14.86 47.96
N LYS S 178 -44.86 14.08 47.05
CA LYS S 178 -44.91 14.44 45.63
C LYS S 178 -46.30 14.06 45.13
N ASP S 179 -46.64 14.44 43.90
CA ASP S 179 -47.99 14.19 43.41
C ASP S 179 -48.26 12.68 43.34
N VAL S 180 -49.51 12.31 43.55
CA VAL S 180 -49.94 10.98 43.36
C VAL S 180 -50.75 10.97 42.07
N PRO S 181 -50.30 10.25 41.03
CA PRO S 181 -51.03 10.22 39.78
C PRO S 181 -52.40 9.59 40.03
N ALA S 182 -53.34 9.88 39.12
CA ALA S 182 -54.65 9.31 39.20
C ALA S 182 -54.54 7.78 39.22
N TYR S 183 -55.46 7.15 39.96
CA TYR S 183 -55.63 5.71 40.08
C TYR S 183 -54.52 5.04 40.89
N VAL S 184 -53.42 5.71 41.22
CA VAL S 184 -52.28 5.01 41.77
C VAL S 184 -52.50 4.74 43.26
N THR S 185 -51.99 3.61 43.76
CA THR S 185 -51.97 3.31 45.18
C THR S 185 -50.57 3.54 45.72
N VAL S 186 -50.46 4.21 46.88
CA VAL S 186 -49.18 4.52 47.49
C VAL S 186 -49.19 4.11 48.96
N PHE S 187 -48.02 3.78 49.48
CA PHE S 187 -47.87 3.24 50.82
C PHE S 187 -46.54 3.70 51.42
N GLY S 188 -46.56 3.97 52.72
CA GLY S 188 -45.34 4.09 53.52
C GLY S 188 -44.91 5.54 53.70
N ASN S 189 -43.82 5.70 54.44
CA ASN S 189 -43.22 6.96 54.78
C ASN S 189 -41.72 6.85 54.55
N PRO S 190 -41.23 7.35 53.42
CA PRO S 190 -41.98 8.10 52.43
C PRO S 190 -42.81 7.23 51.48
N ALA S 191 -43.89 7.78 50.95
CA ALA S 191 -44.83 7.04 50.16
C ALA S 191 -44.16 6.54 48.87
N GLU S 192 -44.51 5.30 48.49
CA GLU S 192 -44.07 4.64 47.27
C GLU S 192 -45.29 4.12 46.53
N ALA S 193 -45.25 4.20 45.19
CA ALA S 193 -46.29 3.67 44.32
C ALA S 193 -46.16 2.16 44.34
N ARG S 194 -47.29 1.47 44.37
CA ARG S 194 -47.31 0.03 44.44
C ARG S 194 -48.10 -0.53 43.26
N SER S 195 -49.31 -0.01 43.01
CA SER S 195 -50.19 -0.54 42.01
C SER S 195 -51.23 0.52 41.63
N MET S 196 -52.37 0.07 41.13
CA MET S 196 -53.48 0.95 40.83
C MET S 196 -54.71 0.48 41.59
N ASN S 197 -55.64 1.41 41.76
CA ASN S 197 -56.79 1.22 42.58
C ASN S 197 -57.88 0.54 41.76
N PHE S 198 -57.71 -0.75 41.52
CA PHE S 198 -58.60 -1.49 40.67
C PHE S 198 -59.96 -1.63 41.35
N GLU S 199 -59.97 -1.76 42.68
CA GLU S 199 -61.23 -1.81 43.44
C GLU S 199 -62.10 -0.59 43.06
N GLY S 200 -61.47 0.59 43.02
CA GLY S 200 -62.13 1.83 42.69
C GLY S 200 -62.70 1.83 41.28
N MET S 201 -61.97 1.25 40.34
CA MET S 201 -62.39 1.19 38.93
C MET S 201 -63.58 0.25 38.80
N ARG S 202 -63.61 -0.80 39.63
CA ARG S 202 -64.69 -1.77 39.60
C ARG S 202 -65.99 -1.08 39.99
N ARG S 203 -65.95 -0.31 41.09
CA ARG S 203 -67.09 0.38 41.65
C ARG S 203 -67.63 1.43 40.67
N ARG S 204 -66.77 2.09 39.90
CA ARG S 204 -67.24 3.07 38.93
C ARG S 204 -67.69 2.39 37.63
N GLY S 205 -67.59 1.06 37.56
CA GLY S 205 -68.01 0.30 36.38
C GLY S 205 -67.19 0.59 35.14
N PHE S 206 -65.86 0.77 35.29
CA PHE S 206 -64.98 0.92 34.14
C PHE S 206 -65.04 -0.34 33.29
N SER S 207 -64.86 -0.19 31.98
CA SER S 207 -64.80 -1.32 31.11
C SER S 207 -63.56 -2.16 31.46
N SER S 208 -63.60 -3.43 31.05
CA SER S 208 -62.50 -4.31 31.34
C SER S 208 -61.30 -3.95 30.45
N GLU S 209 -61.55 -3.40 29.26
CA GLU S 209 -60.48 -2.98 28.33
C GLU S 209 -59.73 -1.77 28.91
N ALA S 210 -60.47 -0.91 29.63
CA ALA S 210 -59.91 0.30 30.20
C ALA S 210 -59.04 -0.05 31.42
N ILE S 211 -59.50 -1.02 32.21
CA ILE S 211 -58.77 -1.46 33.37
C ILE S 211 -57.41 -2.02 32.92
N HIS S 212 -57.43 -2.86 31.88
CA HIS S 212 -56.22 -3.44 31.36
C HIS S 212 -55.29 -2.34 30.83
N ALA S 213 -55.85 -1.31 30.20
CA ALA S 213 -55.06 -0.25 29.61
C ALA S 213 -54.36 0.54 30.70
N LEU S 214 -55.04 0.67 31.85
CA LEU S 214 -54.50 1.41 32.94
C LEU S 214 -53.41 0.60 33.64
N ARG S 215 -53.51 -0.73 33.65
CA ARG S 215 -52.44 -1.51 34.21
C ARG S 215 -51.20 -1.37 33.35
N ARG S 216 -51.36 -1.39 32.02
CA ARG S 216 -50.22 -1.26 31.13
C ARG S 216 -49.60 0.13 31.32
N ALA S 217 -50.46 1.11 31.57
CA ALA S 217 -50.00 2.48 31.75
C ALA S 217 -49.14 2.59 33.01
N TYR S 218 -49.56 1.90 34.07
CA TYR S 218 -48.81 1.87 35.30
C TYR S 218 -47.42 1.32 35.00
N LYS S 219 -47.36 0.21 34.27
CA LYS S 219 -46.11 -0.46 33.99
C LYS S 219 -45.17 0.44 33.17
N VAL S 220 -45.73 1.26 32.26
CA VAL S 220 -44.92 2.14 31.42
C VAL S 220 -44.18 3.17 32.28
N VAL S 221 -44.91 3.74 33.22
CA VAL S 221 -44.43 4.83 34.06
C VAL S 221 -43.47 4.31 35.13
N TYR S 222 -43.74 3.12 35.67
CA TYR S 222 -43.13 2.69 36.94
C TYR S 222 -42.22 1.47 36.80
N ARG S 223 -42.46 0.55 35.85
CA ARG S 223 -41.81 -0.75 35.89
C ARG S 223 -40.98 -1.03 34.64
N GLN S 224 -40.58 0.00 33.87
CA GLN S 224 -39.91 -0.29 32.59
C GLN S 224 -38.67 0.59 32.38
N GLY S 225 -38.15 1.19 33.45
CA GLY S 225 -36.98 2.03 33.40
C GLY S 225 -37.17 3.31 32.59
N HIS S 226 -38.41 3.74 32.30
CA HIS S 226 -38.57 4.97 31.51
C HIS S 226 -38.35 6.18 32.41
N THR S 227 -37.78 7.25 31.86
CA THR S 227 -37.85 8.56 32.52
C THR S 227 -39.30 9.04 32.41
N VAL S 228 -39.67 10.07 33.13
CA VAL S 228 -41.04 10.50 33.11
C VAL S 228 -41.38 11.04 31.71
N GLU S 229 -40.43 11.72 31.05
CA GLU S 229 -40.61 12.24 29.69
C GLU S 229 -40.86 11.10 28.71
N GLU S 230 -40.06 10.03 28.81
CA GLU S 230 -40.19 8.89 27.89
C GLU S 230 -41.53 8.19 28.10
N ALA S 231 -42.00 8.15 29.35
CA ALA S 231 -43.25 7.50 29.70
C ALA S 231 -44.43 8.26 29.09
N LEU S 232 -44.43 9.58 29.24
CA LEU S 232 -45.47 10.42 28.69
C LEU S 232 -45.61 10.21 27.18
N ALA S 233 -44.48 10.06 26.50
CA ALA S 233 -44.44 9.86 25.07
C ALA S 233 -45.07 8.51 24.73
N GLU S 234 -44.75 7.49 25.51
CA GLU S 234 -45.24 6.16 25.28
C GLU S 234 -46.75 6.08 25.55
N LEU S 235 -47.23 6.81 26.56
CA LEU S 235 -48.63 6.85 26.92
C LEU S 235 -49.49 7.57 25.88
N ALA S 236 -48.91 8.35 24.97
CA ALA S 236 -49.70 9.18 24.06
C ALA S 236 -50.75 8.36 23.31
N GLU S 237 -50.36 7.19 22.77
CA GLU S 237 -51.26 6.33 21.99
C GLU S 237 -52.44 5.92 22.87
N SER S 238 -52.12 5.35 24.02
CA SER S 238 -53.07 4.73 24.93
C SER S 238 -54.03 5.79 25.51
N ALA S 239 -53.59 7.04 25.64
CA ALA S 239 -54.39 8.12 26.17
C ALA S 239 -55.39 8.64 25.15
N ALA S 240 -55.11 8.45 23.88
CA ALA S 240 -56.04 8.83 22.84
C ALA S 240 -57.12 7.77 22.67
N GLN S 241 -56.80 6.53 23.06
CA GLN S 241 -57.68 5.40 22.91
C GLN S 241 -58.68 5.33 24.07
N PHE S 242 -58.29 5.79 25.26
CA PHE S 242 -59.09 5.63 26.47
C PHE S 242 -59.14 6.91 27.27
N PRO S 243 -60.33 7.55 27.43
CA PRO S 243 -60.49 8.71 28.33
C PRO S 243 -59.88 8.51 29.73
N GLU S 244 -59.94 7.27 30.22
CA GLU S 244 -59.51 6.91 31.56
C GLU S 244 -57.99 6.98 31.66
N VAL S 245 -57.28 6.58 30.60
CA VAL S 245 -55.83 6.66 30.57
C VAL S 245 -55.40 8.12 30.41
N ALA S 246 -56.17 8.91 29.66
CA ALA S 246 -55.85 10.33 29.49
C ALA S 246 -55.83 11.04 30.86
N VAL S 247 -56.76 10.69 31.75
CA VAL S 247 -56.78 11.24 33.11
C VAL S 247 -55.44 10.96 33.81
N PHE S 248 -54.95 9.73 33.65
CA PHE S 248 -53.70 9.29 34.25
C PHE S 248 -52.51 10.06 33.62
N ARG S 249 -52.45 10.12 32.29
CA ARG S 249 -51.38 10.84 31.62
C ARG S 249 -51.40 12.31 32.08
N ASP S 250 -52.59 12.92 32.14
CA ASP S 250 -52.72 14.34 32.43
C ASP S 250 -52.23 14.62 33.86
N SER S 251 -52.46 13.69 34.79
CA SER S 251 -52.00 13.88 36.15
C SER S 251 -50.47 13.85 36.26
N ILE S 252 -49.81 13.05 35.43
CA ILE S 252 -48.36 12.98 35.40
C ILE S 252 -47.77 14.20 34.67
N GLN S 253 -48.38 14.56 33.54
CA GLN S 253 -48.00 15.71 32.75
C GLN S 253 -47.83 16.93 33.67
N SER S 254 -48.86 17.19 34.47
CA SER S 254 -49.02 18.44 35.19
C SER S 254 -48.30 18.40 36.54
N ALA S 255 -47.31 17.52 36.66
CA ALA S 255 -46.62 17.30 37.89
C ALA S 255 -45.13 17.59 37.68
N THR S 256 -44.72 17.79 36.42
CA THR S 256 -43.36 17.50 36.02
C THR S 256 -42.86 18.51 34.98
N ARG S 257 -42.64 19.75 35.36
CA ARG S 257 -42.04 20.68 34.38
C ARG S 257 -40.57 20.29 34.09
N GLY S 258 -39.72 20.18 35.11
CA GLY S 258 -38.26 19.97 34.92
C GLY S 258 -37.52 21.24 34.60
N ILE S 259 -36.21 21.15 34.33
CA ILE S 259 -35.37 22.30 34.06
C ILE S 259 -34.51 22.08 32.81
N THR S 260 -34.23 23.17 32.12
CA THR S 260 -33.38 23.12 30.99
C THR S 260 -32.05 22.54 31.46
N ARG S 261 -31.63 21.42 30.85
CA ARG S 261 -30.35 20.77 31.03
C ARG S 261 -29.50 20.89 29.75
N MET T 4 -73.62 20.79 96.14
CA MET T 4 -73.82 20.43 94.73
C MET T 4 -74.52 19.05 94.64
N SER T 5 -74.99 18.78 93.41
CA SER T 5 -75.57 17.48 92.99
C SER T 5 -74.50 16.77 92.12
N LEU T 6 -74.69 15.47 91.88
CA LEU T 6 -73.65 14.67 91.22
C LEU T 6 -73.78 14.79 89.71
N ILE T 7 -74.94 15.25 89.24
CA ILE T 7 -75.17 15.46 87.84
C ILE T 7 -75.29 16.96 87.64
N ASP T 8 -74.37 17.53 86.87
CA ASP T 8 -74.34 18.92 86.68
C ASP T 8 -75.65 19.37 86.07
N PRO T 9 -76.26 20.48 86.54
CA PRO T 9 -77.47 21.00 85.91
C PRO T 9 -77.23 21.42 84.45
N ARG T 10 -75.99 21.69 84.04
CA ARG T 10 -75.70 22.09 82.67
C ARG T 10 -75.59 20.88 81.73
N ALA T 11 -75.66 19.64 82.25
CA ALA T 11 -75.60 18.43 81.42
C ALA T 11 -76.99 18.12 80.88
N ILE T 12 -77.06 17.28 79.84
CA ILE T 12 -78.32 16.83 79.26
C ILE T 12 -78.40 15.33 79.39
N ILE T 13 -79.46 14.85 80.05
CA ILE T 13 -79.67 13.45 80.27
C ILE T 13 -80.98 13.06 79.58
N ASP T 14 -80.91 12.13 78.63
CA ASP T 14 -82.10 11.70 77.96
C ASP T 14 -83.02 11.01 78.97
N PRO T 15 -84.36 11.23 78.87
CA PRO T 15 -85.32 10.48 79.68
C PRO T 15 -85.10 8.95 79.74
N SER T 16 -84.66 8.35 78.64
CA SER T 16 -84.52 6.88 78.50
C SER T 16 -83.13 6.38 78.90
N ALA T 17 -82.25 7.27 79.38
CA ALA T 17 -80.96 6.86 79.93
C ALA T 17 -81.18 6.32 81.35
N ARG T 18 -80.30 5.41 81.78
CA ARG T 18 -80.42 4.75 83.07
C ARG T 18 -79.07 4.84 83.77
N LEU T 19 -78.99 5.70 84.79
CA LEU T 19 -77.78 5.97 85.56
C LEU T 19 -77.93 5.40 86.97
N ALA T 20 -76.94 4.65 87.45
CA ALA T 20 -76.90 4.23 88.83
C ALA T 20 -76.86 5.47 89.73
N ALA T 21 -77.14 5.24 91.03
CA ALA T 21 -77.42 6.32 92.00
C ALA T 21 -76.25 7.33 92.09
N ASP T 22 -74.99 6.86 92.06
CA ASP T 22 -73.85 7.71 92.42
C ASP T 22 -72.95 8.02 91.20
N VAL T 23 -73.54 7.99 90.01
CA VAL T 23 -72.86 8.41 88.82
C VAL T 23 -72.68 9.93 88.86
N GLN T 24 -71.53 10.40 88.39
CA GLN T 24 -71.26 11.82 88.23
C GLN T 24 -71.18 12.18 86.75
N VAL T 25 -71.79 13.32 86.39
CA VAL T 25 -71.73 13.82 85.04
C VAL T 25 -71.38 15.31 85.09
N GLY T 26 -70.33 15.68 84.36
CA GLY T 26 -69.84 17.01 84.32
C GLY T 26 -70.72 17.92 83.47
N PRO T 27 -70.45 19.24 83.51
CA PRO T 27 -71.21 20.21 82.74
C PRO T 27 -71.05 20.01 81.22
N TRP T 28 -72.13 20.28 80.48
CA TRP T 28 -72.14 20.30 79.01
C TRP T 28 -71.83 18.90 78.42
N SER T 29 -72.20 17.86 79.15
CA SER T 29 -72.10 16.54 78.67
C SER T 29 -73.50 16.07 78.25
N ILE T 30 -73.54 15.17 77.25
CA ILE T 30 -74.79 14.62 76.78
C ILE T 30 -74.77 13.12 77.07
N VAL T 31 -75.78 12.65 77.79
CA VAL T 31 -76.01 11.23 77.95
C VAL T 31 -77.27 10.89 77.13
N GLY T 32 -77.05 10.37 75.93
CA GLY T 32 -78.11 10.13 74.95
C GLY T 32 -79.04 9.02 75.34
N ALA T 33 -80.07 8.83 74.49
CA ALA T 33 -81.05 7.77 74.64
C ALA T 33 -80.34 6.42 74.74
N GLU T 34 -80.84 5.56 75.64
CA GLU T 34 -80.46 4.16 75.73
C GLU T 34 -79.01 3.97 76.17
N VAL T 35 -78.50 4.91 76.95
CA VAL T 35 -77.22 4.77 77.57
C VAL T 35 -77.44 4.36 79.02
N GLU T 36 -76.68 3.36 79.45
CA GLU T 36 -76.78 2.81 80.77
C GLU T 36 -75.41 2.96 81.43
N ILE T 37 -75.34 3.52 82.64
CA ILE T 37 -74.06 3.80 83.30
C ILE T 37 -74.08 3.22 84.72
N GLY T 38 -73.06 2.43 85.04
CA GLY T 38 -72.96 1.70 86.28
C GLY T 38 -72.40 2.50 87.44
N GLU T 39 -72.65 1.98 88.63
CA GLU T 39 -72.20 2.46 89.93
C GLU T 39 -70.77 3.04 89.86
N GLY T 40 -70.61 4.29 90.32
CA GLY T 40 -69.31 4.89 90.64
C GLY T 40 -68.56 5.46 89.44
N THR T 41 -69.19 5.43 88.26
CA THR T 41 -68.60 5.95 87.05
C THR T 41 -68.68 7.48 87.08
N VAL T 42 -67.68 8.12 86.47
CA VAL T 42 -67.58 9.57 86.38
C VAL T 42 -67.41 9.97 84.92
N ILE T 43 -68.36 10.77 84.44
CA ILE T 43 -68.31 11.39 83.15
C ILE T 43 -67.83 12.82 83.36
N GLY T 44 -66.78 13.19 82.63
CA GLY T 44 -66.23 14.52 82.68
C GLY T 44 -67.15 15.53 82.00
N PRO T 45 -66.68 16.79 81.85
CA PRO T 45 -67.41 17.79 81.08
C PRO T 45 -67.22 17.54 79.57
N HIS T 46 -68.08 18.10 78.73
CA HIS T 46 -67.91 18.06 77.29
C HIS T 46 -67.78 16.62 76.77
N VAL T 47 -68.58 15.69 77.28
CA VAL T 47 -68.56 14.34 76.78
C VAL T 47 -69.87 14.08 76.05
N VAL T 48 -69.81 13.28 74.98
CA VAL T 48 -70.98 12.88 74.25
C VAL T 48 -71.10 11.36 74.34
N LEU T 49 -72.14 10.86 75.01
CA LEU T 49 -72.47 9.46 75.00
C LEU T 49 -73.69 9.24 74.11
N LYS T 50 -73.64 8.17 73.31
CA LYS T 50 -74.74 7.80 72.46
C LYS T 50 -74.96 6.29 72.58
N GLY T 51 -76.18 5.83 72.29
CA GLY T 51 -76.60 4.45 72.57
C GLY T 51 -77.06 3.72 71.31
N PRO T 52 -77.36 2.42 71.45
CA PRO T 52 -77.44 1.66 72.70
C PRO T 52 -76.07 1.30 73.30
N THR T 53 -75.80 1.77 74.52
CA THR T 53 -74.49 1.65 75.12
C THR T 53 -74.65 1.27 76.58
N LYS T 54 -73.83 0.34 77.04
CA LYS T 54 -73.81 -0.10 78.42
C LYS T 54 -72.40 0.14 78.96
N ILE T 55 -72.30 0.97 80.00
CA ILE T 55 -71.05 1.28 80.64
C ILE T 55 -71.11 0.74 82.07
N GLY T 56 -70.08 0.02 82.48
CA GLY T 56 -70.04 -0.64 83.77
C GLY T 56 -69.67 0.32 84.89
N LYS T 57 -69.00 -0.23 85.91
CA LYS T 57 -68.80 0.41 87.19
C LYS T 57 -67.40 1.00 87.27
N HIS T 58 -67.30 2.15 87.95
CA HIS T 58 -66.02 2.77 88.33
C HIS T 58 -65.20 3.15 87.09
N ASN T 59 -65.84 3.59 86.02
CA ASN T 59 -65.15 4.12 84.86
C ASN T 59 -64.91 5.62 85.05
N ARG T 60 -63.91 6.15 84.35
CA ARG T 60 -63.59 7.57 84.28
CA ARG T 60 -63.58 7.57 84.28
C ARG T 60 -63.56 7.86 82.76
N ILE T 61 -64.38 8.81 82.29
CA ILE T 61 -64.36 9.26 80.86
C ILE T 61 -64.10 10.76 80.78
N TYR T 62 -63.06 11.17 80.05
CA TYR T 62 -62.60 12.54 80.07
C TYR T 62 -63.23 13.34 78.91
N GLN T 63 -63.04 14.65 79.01
CA GLN T 63 -63.60 15.66 78.12
C GLN T 63 -63.30 15.35 76.63
N PHE T 64 -64.28 15.69 75.78
CA PHE T 64 -64.14 15.74 74.31
C PHE T 64 -64.20 14.34 73.65
N SER T 65 -64.53 13.34 74.48
CA SER T 65 -64.74 12.00 74.04
C SER T 65 -66.14 11.87 73.44
N SER T 66 -66.23 11.10 72.34
CA SER T 66 -67.50 10.74 71.74
C SER T 66 -67.57 9.21 71.79
N VAL T 67 -68.39 8.69 72.69
CA VAL T 67 -68.48 7.30 73.00
C VAL T 67 -69.86 6.78 72.62
N GLY T 68 -69.92 5.89 71.63
CA GLY T 68 -71.16 5.24 71.24
C GLY T 68 -71.73 5.80 69.95
N GLU T 69 -70.88 6.48 69.20
CA GLU T 69 -71.27 7.12 67.97
C GLU T 69 -71.42 6.05 66.88
N ASP T 70 -72.17 6.32 65.82
CA ASP T 70 -72.28 5.35 64.70
C ASP T 70 -70.96 5.34 63.92
N THR T 71 -70.52 4.20 63.39
CA THR T 71 -69.43 4.31 62.41
C THR T 71 -69.91 5.08 61.20
N PRO T 72 -69.00 5.75 60.49
CA PRO T 72 -69.32 6.30 59.18
C PRO T 72 -69.18 5.30 58.04
N ASP T 73 -68.65 4.09 58.32
CA ASP T 73 -68.52 3.03 57.32
C ASP T 73 -69.83 2.95 56.54
N LEU T 74 -69.75 2.87 55.21
CA LEU T 74 -70.94 2.96 54.34
C LEU T 74 -71.68 1.61 54.37
N LYS T 75 -71.01 0.59 54.94
CA LYS T 75 -71.52 -0.71 55.38
C LYS T 75 -72.75 -0.56 56.32
N TYR T 76 -72.69 0.37 57.27
CA TYR T 76 -73.68 0.55 58.34
C TYR T 76 -74.84 1.45 57.85
N LYS T 77 -76.09 0.99 58.00
CA LYS T 77 -77.30 1.68 57.48
C LYS T 77 -78.29 2.03 58.60
N GLY T 78 -77.83 2.23 59.84
CA GLY T 78 -78.66 2.81 60.92
C GLY T 78 -79.32 1.78 61.83
N GLU T 79 -78.89 0.52 61.78
CA GLU T 79 -79.44 -0.60 62.60
C GLU T 79 -79.05 -0.39 64.07
N PRO T 80 -79.77 -1.01 65.04
CA PRO T 80 -79.58 -0.70 66.48
C PRO T 80 -78.46 -1.57 67.10
N THR T 81 -77.21 -1.20 66.86
CA THR T 81 -76.06 -1.96 67.31
C THR T 81 -75.61 -1.42 68.65
N ARG T 82 -74.71 -2.15 69.32
CA ARG T 82 -74.42 -1.93 70.73
C ARG T 82 -72.95 -1.57 70.93
N LEU T 83 -72.67 -0.93 72.07
CA LEU T 83 -71.35 -0.78 72.62
C LEU T 83 -71.41 -1.21 74.08
N VAL T 84 -70.46 -2.05 74.52
CA VAL T 84 -70.42 -2.51 75.90
C VAL T 84 -69.03 -2.23 76.48
N ILE T 85 -69.02 -1.54 77.63
CA ILE T 85 -67.80 -1.24 78.34
C ILE T 85 -67.92 -1.82 79.74
N GLY T 86 -66.86 -2.47 80.21
CA GLY T 86 -66.84 -3.11 81.50
C GLY T 86 -66.55 -2.12 82.63
N ASP T 87 -65.75 -2.60 83.59
CA ASP T 87 -65.52 -1.96 84.87
C ASP T 87 -64.09 -1.40 84.92
N HIS T 88 -63.90 -0.32 85.68
CA HIS T 88 -62.57 0.22 86.08
C HIS T 88 -61.73 0.65 84.87
N ASN T 89 -62.37 1.16 83.82
CA ASN T 89 -61.66 1.65 82.66
C ASN T 89 -61.44 3.16 82.80
N VAL T 90 -60.39 3.63 82.15
CA VAL T 90 -60.10 5.04 82.01
C VAL T 90 -60.03 5.36 80.53
N ILE T 91 -60.85 6.32 80.10
CA ILE T 91 -60.91 6.78 78.74
C ILE T 91 -60.55 8.26 78.74
N ARG T 92 -59.40 8.61 78.18
CA ARG T 92 -58.84 9.93 78.26
C ARG T 92 -59.46 10.85 77.20
N GLU T 93 -58.90 12.05 77.10
CA GLU T 93 -59.52 13.15 76.40
C GLU T 93 -59.55 12.82 74.90
N GLY T 94 -60.72 13.03 74.29
CA GLY T 94 -60.85 13.05 72.85
C GLY T 94 -61.00 11.67 72.21
N VAL T 95 -61.21 10.64 73.02
CA VAL T 95 -61.31 9.30 72.50
C VAL T 95 -62.63 9.15 71.74
N THR T 96 -62.58 8.41 70.62
CA THR T 96 -63.78 8.02 69.88
C THR T 96 -63.93 6.50 69.94
N ILE T 97 -65.15 6.06 70.27
CA ILE T 97 -65.50 4.67 70.32
C ILE T 97 -66.81 4.51 69.56
N HIS T 98 -66.81 3.63 68.55
CA HIS T 98 -67.98 3.43 67.72
C HIS T 98 -68.68 2.13 68.12
N ARG T 99 -69.99 2.09 67.93
CA ARG T 99 -70.78 0.89 68.12
C ARG T 99 -70.57 -0.04 66.92
N GLY T 100 -71.05 -1.27 67.04
CA GLY T 100 -70.85 -2.33 66.07
C GLY T 100 -71.68 -2.17 64.80
N THR T 101 -71.63 -3.22 63.98
CA THR T 101 -72.32 -3.36 62.70
C THR T 101 -72.99 -4.72 62.63
N VAL T 102 -74.10 -4.83 61.88
CA VAL T 102 -74.83 -6.09 61.82
C VAL T 102 -74.04 -7.17 61.08
N GLN T 103 -73.06 -6.78 60.26
CA GLN T 103 -72.27 -7.71 59.47
C GLN T 103 -71.31 -8.53 60.34
N ASP T 104 -71.07 -8.16 61.61
CA ASP T 104 -70.22 -8.98 62.52
C ASP T 104 -71.07 -9.44 63.71
N ARG T 105 -70.87 -8.87 64.90
CA ARG T 105 -71.58 -9.34 66.11
C ARG T 105 -72.53 -8.25 66.63
N ALA T 106 -72.58 -7.10 65.95
CA ALA T 106 -73.47 -6.02 66.28
C ALA T 106 -73.05 -5.37 67.60
N GLU T 107 -71.78 -5.49 67.97
CA GLU T 107 -71.35 -5.05 69.28
C GLU T 107 -69.85 -4.76 69.28
N THR T 108 -69.49 -3.54 69.69
CA THR T 108 -68.15 -3.19 70.08
C THR T 108 -68.04 -3.43 71.58
N THR T 109 -66.97 -4.10 72.04
CA THR T 109 -66.96 -4.51 73.43
C THR T 109 -65.57 -4.19 74.03
N ILE T 110 -65.58 -3.70 75.27
CA ILE T 110 -64.38 -3.39 76.04
C ILE T 110 -64.53 -4.01 77.43
N GLY T 111 -63.46 -4.67 77.89
CA GLY T 111 -63.47 -5.37 79.15
C GLY T 111 -63.21 -4.44 80.33
N ASP T 112 -62.34 -4.88 81.24
CA ASP T 112 -62.12 -4.26 82.53
C ASP T 112 -60.69 -3.74 82.64
N HIS T 113 -60.48 -2.70 83.46
CA HIS T 113 -59.14 -2.22 83.85
C HIS T 113 -58.31 -1.78 82.64
N ASN T 114 -58.95 -1.20 81.62
CA ASN T 114 -58.20 -0.77 80.46
C ASN T 114 -57.89 0.71 80.59
N LEU T 115 -56.82 1.15 79.95
CA LEU T 115 -56.45 2.54 79.87
C LEU T 115 -56.38 2.92 78.40
N ILE T 116 -57.27 3.81 77.96
CA ILE T 116 -57.31 4.26 76.62
C ILE T 116 -56.99 5.75 76.60
N MET T 117 -55.84 6.10 76.04
CA MET T 117 -55.29 7.41 76.20
C MET T 117 -55.78 8.33 75.09
N ALA T 118 -55.37 9.59 75.16
CA ALA T 118 -55.99 10.67 74.42
C ALA T 118 -56.05 10.35 72.94
N TYR T 119 -57.20 10.66 72.33
CA TYR T 119 -57.38 10.74 70.87
C TYR T 119 -57.31 9.34 70.25
N ALA T 120 -57.35 8.28 71.05
CA ALA T 120 -57.40 6.94 70.50
C ALA T 120 -58.76 6.73 69.84
N HIS T 121 -58.80 5.81 68.88
CA HIS T 121 -60.01 5.48 68.14
C HIS T 121 -60.24 3.98 68.21
N ILE T 122 -61.47 3.59 68.57
CA ILE T 122 -61.84 2.22 68.66
C ILE T 122 -63.00 1.97 67.71
N GLY T 123 -62.68 1.35 66.57
CA GLY T 123 -63.60 1.20 65.46
C GLY T 123 -64.63 0.14 65.72
N HIS T 124 -65.70 0.20 64.92
CA HIS T 124 -66.81 -0.70 65.03
C HIS T 124 -66.34 -2.14 65.18
N ASP T 125 -66.96 -2.85 66.13
CA ASP T 125 -66.92 -4.27 66.24
C ASP T 125 -65.59 -4.73 66.85
N SER T 126 -64.77 -3.80 67.33
CA SER T 126 -63.55 -4.15 67.98
C SER T 126 -63.85 -4.77 69.35
N VAL T 127 -62.93 -5.58 69.85
CA VAL T 127 -63.08 -6.23 71.12
C VAL T 127 -61.78 -6.06 71.90
N ILE T 128 -61.86 -5.41 73.06
CA ILE T 128 -60.73 -5.28 73.90
C ILE T 128 -60.96 -6.07 75.19
N GLY T 129 -59.89 -6.71 75.66
CA GLY T 129 -59.94 -7.56 76.83
C GLY T 129 -59.78 -6.75 78.09
N ASN T 130 -58.92 -7.23 79.00
CA ASN T 130 -58.70 -6.58 80.25
C ASN T 130 -57.23 -6.17 80.37
N HIS T 131 -56.97 -5.10 81.14
CA HIS T 131 -55.64 -4.71 81.53
C HIS T 131 -54.83 -4.18 80.35
N CYS T 132 -55.50 -3.77 79.27
CA CYS T 132 -54.79 -3.27 78.10
C CYS T 132 -54.48 -1.79 78.28
N ILE T 133 -53.53 -1.31 77.49
CA ILE T 133 -53.16 0.08 77.41
C ILE T 133 -53.04 0.46 75.95
N LEU T 134 -53.91 1.38 75.50
CA LEU T 134 -53.82 1.99 74.20
C LEU T 134 -53.36 3.43 74.38
N VAL T 135 -52.20 3.73 73.85
CA VAL T 135 -51.59 4.99 74.09
C VAL T 135 -52.13 5.99 73.05
N ASN T 136 -51.91 7.27 73.33
CA ASN T 136 -52.35 8.40 72.53
C ASN T 136 -52.43 8.02 71.04
N ASN T 137 -53.60 8.24 70.44
CA ASN T 137 -53.81 8.20 68.98
C ASN T 137 -53.66 6.80 68.41
N THR T 138 -53.72 5.76 69.24
CA THR T 138 -53.83 4.43 68.74
C THR T 138 -55.17 4.29 68.04
N ALA T 139 -55.20 3.61 66.90
CA ALA T 139 -56.41 3.53 66.11
C ALA T 139 -56.67 2.09 65.66
N LEU T 140 -57.82 1.54 66.07
CA LEU T 140 -58.26 0.23 65.64
C LEU T 140 -59.31 0.43 64.55
N ALA T 141 -58.97 0.05 63.30
CA ALA T 141 -59.84 0.38 62.17
C ALA T 141 -61.23 -0.27 62.26
N GLY T 142 -61.31 -1.44 62.90
CA GLY T 142 -62.55 -2.18 63.05
C GLY T 142 -62.34 -3.68 63.09
N HIS T 143 -63.20 -4.37 63.84
CA HIS T 143 -63.15 -5.79 63.99
C HIS T 143 -61.79 -6.22 64.55
N VAL T 144 -61.17 -5.37 65.39
CA VAL T 144 -59.88 -5.69 65.93
C VAL T 144 -60.07 -6.33 67.31
N HIS T 145 -59.39 -7.45 67.55
CA HIS T 145 -59.44 -8.11 68.84
C HIS T 145 -58.09 -7.85 69.54
N VAL T 146 -58.13 -7.22 70.71
CA VAL T 146 -56.98 -7.00 71.53
C VAL T 146 -57.12 -7.80 72.82
N ASP T 147 -56.22 -8.76 73.03
CA ASP T 147 -56.30 -9.67 74.14
C ASP T 147 -55.58 -9.04 75.36
N ASP T 148 -55.71 -9.70 76.52
CA ASP T 148 -55.38 -9.12 77.81
C ASP T 148 -53.93 -8.64 77.86
N TRP T 149 -53.70 -7.50 78.54
CA TRP T 149 -52.37 -6.98 78.93
C TRP T 149 -51.61 -6.41 77.73
N ALA T 150 -52.24 -6.28 76.58
CA ALA T 150 -51.52 -5.75 75.46
C ALA T 150 -51.23 -4.28 75.69
N ILE T 151 -50.15 -3.80 75.09
CA ILE T 151 -49.79 -2.41 75.11
C ILE T 151 -49.53 -1.97 73.66
N LEU T 152 -50.29 -0.98 73.20
CA LEU T 152 -50.07 -0.37 71.92
C LEU T 152 -49.48 1.03 72.13
N SER T 153 -48.22 1.22 71.75
CA SER T 153 -47.56 2.49 71.90
C SER T 153 -48.29 3.53 71.04
N GLY T 154 -47.96 4.80 71.27
CA GLY T 154 -48.64 5.89 70.66
C GLY T 154 -48.64 5.79 69.14
N TYR T 155 -49.76 6.23 68.54
CA TYR T 155 -49.92 6.34 67.12
C TYR T 155 -49.72 4.97 66.46
N THR T 156 -50.11 3.91 67.15
CA THR T 156 -50.17 2.59 66.55
C THR T 156 -51.48 2.47 65.78
N LEU T 157 -51.39 2.07 64.51
CA LEU T 157 -52.54 1.87 63.65
C LEU T 157 -52.73 0.38 63.40
N VAL T 158 -53.98 -0.11 63.47
CA VAL T 158 -54.25 -1.52 63.29
C VAL T 158 -55.34 -1.69 62.23
N HIS T 159 -55.04 -2.47 61.18
CA HIS T 159 -55.97 -2.73 60.11
C HIS T 159 -57.13 -3.55 60.59
N GLN T 160 -58.22 -3.51 59.81
CA GLN T 160 -59.42 -4.27 60.07
C GLN T 160 -59.04 -5.74 60.25
N TYR T 161 -59.64 -6.39 61.25
CA TYR T 161 -59.64 -7.85 61.44
C TYR T 161 -58.39 -8.36 62.16
N CYS T 162 -57.41 -7.51 62.46
CA CYS T 162 -56.21 -8.01 63.11
C CYS T 162 -56.46 -8.38 64.57
N ARG T 163 -55.71 -9.39 65.02
CA ARG T 163 -55.71 -9.84 66.39
C ARG T 163 -54.39 -9.42 67.02
N ILE T 164 -54.46 -8.68 68.12
CA ILE T 164 -53.32 -8.29 68.91
C ILE T 164 -53.26 -9.22 70.13
N GLY T 165 -52.17 -9.98 70.26
CA GLY T 165 -52.06 -11.05 71.22
C GLY T 165 -51.87 -10.55 72.65
N ALA T 166 -52.17 -11.40 73.61
CA ALA T 166 -51.97 -11.13 75.01
C ALA T 166 -50.50 -10.75 75.28
N HIS T 167 -50.29 -9.71 76.08
CA HIS T 167 -48.99 -9.24 76.53
C HIS T 167 -48.12 -8.72 75.40
N SER T 168 -48.70 -8.56 74.21
CA SER T 168 -47.93 -8.13 73.10
C SER T 168 -47.71 -6.63 73.22
N PHE T 169 -46.79 -6.09 72.41
CA PHE T 169 -46.37 -4.72 72.53
C PHE T 169 -46.02 -4.16 71.15
N SER T 170 -46.59 -3.01 70.81
CA SER T 170 -46.25 -2.34 69.59
C SER T 170 -45.45 -1.08 69.92
N GLY T 171 -44.44 -0.79 69.12
CA GLY T 171 -43.66 0.43 69.25
C GLY T 171 -44.40 1.59 68.64
N MET T 172 -43.88 2.80 68.83
CA MET T 172 -44.68 3.91 68.47
C MET T 172 -44.62 4.11 66.96
N GLY T 173 -45.78 4.52 66.41
CA GLY T 173 -45.96 4.70 65.00
C GLY T 173 -46.01 3.38 64.24
N SER T 174 -46.29 2.28 64.95
CA SER T 174 -46.45 1.00 64.31
C SER T 174 -47.69 0.99 63.41
N ALA T 175 -47.57 0.30 62.27
CA ALA T 175 -48.67 0.10 61.35
C ALA T 175 -48.83 -1.41 61.17
N ILE T 176 -49.84 -1.97 61.83
CA ILE T 176 -50.00 -3.39 61.94
C ILE T 176 -51.06 -3.86 60.94
N GLY T 177 -50.69 -4.81 60.09
CA GLY T 177 -51.56 -5.32 59.03
C GLY T 177 -51.83 -6.81 59.14
N LYS T 178 -51.17 -7.50 60.07
CA LYS T 178 -51.40 -8.92 60.27
C LYS T 178 -51.41 -9.16 61.78
N ASP T 179 -51.74 -10.37 62.22
CA ASP T 179 -51.88 -10.60 63.66
C ASP T 179 -50.54 -10.42 64.36
N VAL T 180 -50.59 -9.98 65.61
CA VAL T 180 -49.44 -9.93 66.42
C VAL T 180 -49.56 -11.07 67.43
N PRO T 181 -48.66 -12.05 67.40
CA PRO T 181 -48.73 -13.16 68.34
C PRO T 181 -48.56 -12.61 69.76
N ALA T 182 -49.05 -13.39 70.73
CA ALA T 182 -48.91 -13.04 72.12
C ALA T 182 -47.43 -12.84 72.44
N TYR T 183 -47.16 -11.91 73.35
CA TYR T 183 -45.87 -11.58 73.89
C TYR T 183 -44.95 -10.85 72.90
N VAL T 184 -45.29 -10.79 71.61
CA VAL T 184 -44.32 -10.33 70.64
C VAL T 184 -44.26 -8.81 70.64
N THR T 185 -43.08 -8.25 70.38
CA THR T 185 -42.93 -6.82 70.19
C THR T 185 -42.76 -6.53 68.70
N VAL T 186 -43.48 -5.52 68.20
CA VAL T 186 -43.43 -5.15 66.79
C VAL T 186 -43.18 -3.66 66.65
N PHE T 187 -42.56 -3.27 65.54
CA PHE T 187 -42.12 -1.90 65.29
C PHE T 187 -42.22 -1.58 63.81
N GLY T 188 -42.60 -0.34 63.50
CA GLY T 188 -42.41 0.25 62.18
C GLY T 188 -43.66 0.17 61.33
N ASN T 189 -43.55 0.72 60.12
CA ASN T 189 -44.60 0.78 59.14
C ASN T 189 -44.02 0.34 57.81
N PRO T 190 -44.24 -0.91 57.41
CA PRO T 190 -45.09 -1.88 58.08
C PRO T 190 -44.43 -2.55 59.28
N ALA T 191 -45.24 -2.99 60.25
CA ALA T 191 -44.75 -3.53 61.48
C ALA T 191 -43.95 -4.82 61.24
N GLU T 192 -42.86 -4.98 61.98
CA GLU T 192 -41.98 -6.13 61.97
C GLU T 192 -41.78 -6.61 63.42
N ALA T 193 -41.71 -7.92 63.61
CA ALA T 193 -41.45 -8.54 64.89
C ALA T 193 -39.98 -8.34 65.21
N ARG T 194 -39.67 -8.04 66.47
CA ARG T 194 -38.33 -7.80 66.89
C ARG T 194 -37.93 -8.76 68.01
N SER T 195 -38.78 -8.88 69.04
CA SER T 195 -38.46 -9.66 70.20
C SER T 195 -39.75 -10.01 70.95
N MET T 196 -39.63 -10.28 72.25
CA MET T 196 -40.76 -10.52 73.11
C MET T 196 -40.76 -9.52 74.26
N ASN T 197 -41.94 -9.34 74.84
CA ASN T 197 -42.18 -8.32 75.81
C ASN T 197 -41.78 -8.85 77.18
N PHE T 198 -40.48 -8.95 77.44
CA PHE T 198 -39.98 -9.52 78.65
C PHE T 198 -40.33 -8.64 79.85
N GLU T 199 -40.32 -7.31 79.65
CA GLU T 199 -40.72 -6.38 80.69
C GLU T 199 -42.10 -6.77 81.23
N GLY T 200 -43.04 -7.07 80.31
CA GLY T 200 -44.38 -7.46 80.64
C GLY T 200 -44.45 -8.73 81.45
N MET T 201 -43.59 -9.70 81.09
CA MET T 201 -43.55 -11.00 81.77
C MET T 201 -43.02 -10.82 83.19
N ARG T 202 -42.09 -9.86 83.36
CA ARG T 202 -41.49 -9.59 84.65
C ARG T 202 -42.58 -9.11 85.61
N ARG T 203 -43.38 -8.13 85.16
CA ARG T 203 -44.43 -7.52 85.93
C ARG T 203 -45.51 -8.53 86.31
N ARG T 204 -45.82 -9.50 85.46
CA ARG T 204 -46.78 -10.53 85.81
C ARG T 204 -46.19 -11.63 86.65
N GLY T 205 -44.89 -11.54 86.96
CA GLY T 205 -44.20 -12.51 87.80
C GLY T 205 -44.09 -13.87 87.18
N PHE T 206 -43.89 -13.97 85.86
CA PHE T 206 -43.70 -15.25 85.21
C PHE T 206 -42.45 -15.93 85.78
N SER T 207 -42.46 -17.25 85.80
CA SER T 207 -41.29 -17.99 86.23
C SER T 207 -40.14 -17.73 85.26
N SER T 208 -38.91 -17.95 85.72
CA SER T 208 -37.77 -17.72 84.88
C SER T 208 -37.68 -18.81 83.81
N GLU T 209 -38.20 -20.03 84.10
CA GLU T 209 -38.21 -21.15 83.14
C GLU T 209 -39.18 -20.84 82.00
N ALA T 210 -40.26 -20.13 82.31
CA ALA T 210 -41.29 -19.80 81.34
C ALA T 210 -40.81 -18.69 80.41
N ILE T 211 -40.07 -17.74 80.97
CA ILE T 211 -39.51 -16.66 80.18
C ILE T 211 -38.54 -17.24 79.15
N HIS T 212 -37.68 -18.14 79.59
CA HIS T 212 -36.72 -18.78 78.72
C HIS T 212 -37.45 -19.57 77.63
N ALA T 213 -38.55 -20.22 77.98
CA ALA T 213 -39.28 -21.06 77.06
C ALA T 213 -39.91 -20.19 75.96
N LEU T 214 -40.31 -18.99 76.35
CA LEU T 214 -40.93 -18.09 75.43
C LEU T 214 -39.88 -17.48 74.51
N ARG T 215 -38.65 -17.29 74.98
CA ARG T 215 -37.63 -16.81 74.09
C ARG T 215 -37.31 -17.87 73.04
N ARG T 216 -37.25 -19.15 73.44
CA ARG T 216 -36.98 -20.21 72.51
C ARG T 216 -38.11 -20.29 71.50
N ALA T 217 -39.33 -20.04 71.97
CA ALA T 217 -40.50 -20.12 71.11
C ALA T 217 -40.44 -19.01 70.04
N TYR T 218 -39.98 -17.82 70.43
CA TYR T 218 -39.80 -16.75 69.51
C TYR T 218 -38.84 -17.20 68.41
N LYS T 219 -37.72 -17.78 68.81
CA LYS T 219 -36.69 -18.18 67.88
C LYS T 219 -37.22 -19.25 66.89
N VAL T 220 -38.09 -20.15 67.36
CA VAL T 220 -38.63 -21.21 66.52
C VAL T 220 -39.45 -20.61 65.36
N VAL T 221 -40.28 -19.63 65.70
CA VAL T 221 -41.22 -19.04 64.79
C VAL T 221 -40.52 -18.08 63.83
N TYR T 222 -39.51 -17.36 64.30
CA TYR T 222 -39.01 -16.18 63.60
C TYR T 222 -37.56 -16.31 63.12
N ARG T 223 -36.69 -17.09 63.78
CA ARG T 223 -35.26 -16.99 63.54
C ARG T 223 -34.68 -18.32 63.06
N GLN T 224 -35.48 -19.26 62.55
CA GLN T 224 -34.91 -20.59 62.26
C GLN T 224 -35.33 -21.13 60.89
N GLY T 225 -35.81 -20.25 60.02
CA GLY T 225 -36.27 -20.61 58.69
C GLY T 225 -37.50 -21.50 58.69
N HIS T 226 -38.26 -21.63 59.77
CA HIS T 226 -39.42 -22.52 59.73
C HIS T 226 -40.58 -21.83 59.01
N THR T 227 -41.39 -22.58 58.26
CA THR T 227 -42.69 -22.10 57.82
C THR T 227 -43.58 -22.03 59.07
N VAL T 228 -44.73 -21.38 58.99
CA VAL T 228 -45.55 -21.25 60.15
C VAL T 228 -46.07 -22.62 60.59
N GLU T 229 -46.38 -23.51 59.63
CA GLU T 229 -46.83 -24.87 59.91
C GLU T 229 -45.75 -25.66 60.67
N GLU T 230 -44.51 -25.56 60.20
CA GLU T 230 -43.40 -26.30 60.81
C GLU T 230 -43.14 -25.78 62.24
N ALA T 231 -43.34 -24.47 62.45
CA ALA T 231 -43.12 -23.85 63.75
C ALA T 231 -44.16 -24.35 64.75
N LEU T 232 -45.43 -24.36 64.34
CA LEU T 232 -46.49 -24.85 65.18
C LEU T 232 -46.24 -26.27 65.67
N ALA T 233 -45.69 -27.12 64.77
CA ALA T 233 -45.39 -28.49 65.08
C ALA T 233 -44.26 -28.54 66.12
N GLU T 234 -43.25 -27.70 65.96
CA GLU T 234 -42.12 -27.67 66.83
C GLU T 234 -42.53 -27.14 68.22
N LEU T 235 -43.44 -26.17 68.27
CA LEU T 235 -43.92 -25.59 69.51
C LEU T 235 -44.80 -26.57 70.31
N ALA T 236 -45.29 -27.66 69.72
CA ALA T 236 -46.25 -28.52 70.41
C ALA T 236 -45.72 -28.98 71.77
N GLU T 237 -44.44 -29.42 71.83
CA GLU T 237 -43.82 -29.91 73.06
C GLU T 237 -43.85 -28.82 74.12
N SER T 238 -43.33 -27.67 73.76
CA SER T 238 -43.09 -26.53 74.65
C SER T 238 -44.43 -25.96 75.17
N ALA T 239 -45.50 -26.07 74.37
CA ALA T 239 -46.82 -25.57 74.72
C ALA T 239 -47.52 -26.50 75.71
N ALA T 240 -47.15 -27.76 75.74
CA ALA T 240 -47.70 -28.68 76.69
C ALA T 240 -47.00 -28.54 78.04
N GLN T 241 -45.76 -28.04 78.02
CA GLN T 241 -44.93 -27.91 79.18
C GLN T 241 -45.27 -26.61 79.93
N PHE T 242 -45.68 -25.57 79.22
CA PHE T 242 -45.86 -24.23 79.79
C PHE T 242 -47.17 -23.60 79.32
N PRO T 243 -48.13 -23.33 80.23
CA PRO T 243 -49.35 -22.59 79.89
C PRO T 243 -49.08 -21.28 79.12
N GLU T 244 -47.97 -20.64 79.43
CA GLU T 244 -47.59 -19.35 78.87
C GLU T 244 -47.22 -19.50 77.38
N VAL T 245 -46.55 -20.61 77.02
CA VAL T 245 -46.19 -20.87 75.65
C VAL T 245 -47.43 -21.30 74.88
N ALA T 246 -48.36 -22.00 75.53
CA ALA T 246 -49.62 -22.40 74.86
C ALA T 246 -50.38 -21.16 74.37
N VAL T 247 -50.38 -20.09 75.16
CA VAL T 247 -51.01 -18.83 74.76
C VAL T 247 -50.39 -18.33 73.43
N PHE T 248 -49.07 -18.42 73.36
CA PHE T 248 -48.30 -18.00 72.18
C PHE T 248 -48.63 -18.89 70.99
N ARG T 249 -48.58 -20.22 71.16
CA ARG T 249 -48.90 -21.13 70.08
C ARG T 249 -50.33 -20.85 69.61
N ASP T 250 -51.28 -20.69 70.54
CA ASP T 250 -52.68 -20.55 70.20
C ASP T 250 -52.90 -19.28 69.38
N SER T 251 -52.15 -18.21 69.67
CA SER T 251 -52.30 -16.96 68.92
C SER T 251 -51.82 -17.11 67.47
N ILE T 252 -50.80 -17.93 67.24
CA ILE T 252 -50.29 -18.20 65.90
C ILE T 252 -51.23 -19.16 65.15
N GLN T 253 -51.66 -20.21 65.84
CA GLN T 253 -52.59 -21.19 65.32
C GLN T 253 -53.77 -20.49 64.65
N SER T 254 -54.38 -19.55 65.39
CA SER T 254 -55.68 -19.00 65.04
C SER T 254 -55.51 -17.77 64.12
N ALA T 255 -54.39 -17.72 63.41
CA ALA T 255 -54.07 -16.62 62.58
C ALA T 255 -53.88 -17.08 61.15
N THR T 256 -53.87 -18.41 60.95
CA THR T 256 -53.20 -19.01 59.82
C THR T 256 -53.94 -20.27 59.35
N ARG T 257 -55.17 -20.13 58.85
CA ARG T 257 -55.78 -21.28 58.20
C ARG T 257 -55.04 -21.65 56.90
N GLY T 258 -54.87 -20.71 55.97
CA GLY T 258 -54.29 -20.97 54.63
C GLY T 258 -55.32 -21.56 53.69
N ILE T 259 -54.86 -22.05 52.53
CA ILE T 259 -55.72 -22.62 51.51
C ILE T 259 -55.18 -23.96 51.02
N THR T 260 -56.08 -24.83 50.59
CA THR T 260 -55.71 -26.07 50.04
C THR T 260 -54.76 -25.81 48.87
N ARG T 261 -53.54 -26.35 48.96
CA ARG T 261 -52.51 -26.30 47.90
C ARG T 261 -52.28 -27.70 47.32
N HIS U 3 -68.95 49.37 80.28
CA HIS U 3 -68.12 48.19 80.65
C HIS U 3 -68.87 46.92 80.25
N MET U 4 -68.34 46.13 79.30
CA MET U 4 -68.77 44.71 79.18
C MET U 4 -67.59 43.78 79.49
N SER U 5 -67.83 42.68 80.25
CA SER U 5 -66.80 41.83 80.83
C SER U 5 -66.15 40.81 79.83
N LEU U 6 -64.87 40.55 80.17
CA LEU U 6 -63.98 39.78 79.31
C LEU U 6 -64.10 38.30 79.56
N ILE U 7 -64.78 37.93 80.58
CA ILE U 7 -64.95 36.57 81.08
C ILE U 7 -66.41 36.22 80.82
N ASP U 8 -66.60 35.22 79.97
CA ASP U 8 -67.93 34.87 79.55
C ASP U 8 -68.66 34.40 80.80
N PRO U 9 -69.93 34.79 80.98
CA PRO U 9 -70.71 34.27 82.11
C PRO U 9 -70.95 32.75 82.01
N ARG U 10 -70.80 32.15 80.84
CA ARG U 10 -71.01 30.72 80.68
C ARG U 10 -69.74 29.93 81.04
N ALA U 11 -68.62 30.59 81.37
CA ALA U 11 -67.39 29.89 81.79
C ALA U 11 -67.48 29.54 83.30
N ILE U 12 -66.66 28.60 83.75
CA ILE U 12 -66.59 28.18 85.13
C ILE U 12 -65.19 28.48 85.65
N ILE U 13 -65.12 29.26 86.74
CA ILE U 13 -63.87 29.64 87.33
C ILE U 13 -63.85 29.10 88.75
N ASP U 14 -62.87 28.27 89.06
CA ASP U 14 -62.74 27.73 90.40
C ASP U 14 -62.45 28.89 91.37
N PRO U 15 -63.03 28.87 92.59
CA PRO U 15 -62.69 29.84 93.61
C PRO U 15 -61.17 30.10 93.81
N SER U 16 -60.35 29.07 93.66
CA SER U 16 -58.89 29.13 93.94
C SER U 16 -58.06 29.54 92.70
N ALA U 17 -58.71 29.81 91.56
CA ALA U 17 -58.02 30.33 90.38
C ALA U 17 -57.72 31.82 90.56
N ARG U 18 -56.72 32.33 89.82
CA ARG U 18 -56.31 33.71 89.93
C ARG U 18 -56.05 34.21 88.52
N LEU U 19 -56.87 35.14 88.00
CA LEU U 19 -56.72 35.71 86.64
C LEU U 19 -56.30 37.16 86.72
N ALA U 20 -55.27 37.57 85.98
CA ALA U 20 -54.87 38.95 85.94
C ALA U 20 -56.02 39.75 85.31
N ALA U 21 -55.94 41.10 85.49
CA ALA U 21 -56.50 42.10 84.69
C ALA U 21 -56.05 41.75 83.30
N ASP U 22 -57.18 41.73 82.55
CA ASP U 22 -57.64 41.76 81.03
C ASP U 22 -57.41 40.36 80.45
N VAL U 23 -57.49 39.35 81.27
CA VAL U 23 -57.68 37.98 80.78
C VAL U 23 -59.08 37.86 80.17
N GLN U 24 -59.15 37.16 79.03
CA GLN U 24 -60.40 36.81 78.36
C GLN U 24 -60.60 35.31 78.44
N VAL U 25 -61.84 34.90 78.74
CA VAL U 25 -62.18 33.49 78.80
C VAL U 25 -63.50 33.31 78.04
N GLY U 26 -63.47 32.41 77.06
CA GLY U 26 -64.60 32.13 76.23
C GLY U 26 -65.65 31.31 76.97
N PRO U 27 -66.84 31.15 76.35
CA PRO U 27 -67.93 30.39 76.93
C PRO U 27 -67.57 28.89 77.07
N TRP U 28 -68.09 28.26 78.15
CA TRP U 28 -67.99 26.83 78.38
C TRP U 28 -66.54 26.38 78.57
N SER U 29 -65.71 27.26 79.09
CA SER U 29 -64.37 26.92 79.45
C SER U 29 -64.31 26.73 80.96
N ILE U 30 -63.42 25.84 81.42
CA ILE U 30 -63.21 25.60 82.81
C ILE U 30 -61.80 26.07 83.18
N VAL U 31 -61.72 26.96 84.16
CA VAL U 31 -60.46 27.31 84.76
C VAL U 31 -60.41 26.71 86.17
N GLY U 32 -59.77 25.55 86.29
CA GLY U 32 -59.77 24.68 87.45
C GLY U 32 -59.01 25.27 88.62
N ALA U 33 -59.03 24.52 89.73
CA ALA U 33 -58.34 24.91 90.95
C ALA U 33 -56.85 25.15 90.65
N GLU U 34 -56.29 26.18 91.27
CA GLU U 34 -54.83 26.47 91.34
C GLU U 34 -54.28 26.84 89.97
N VAL U 35 -55.11 27.44 89.11
CA VAL U 35 -54.65 27.92 87.85
C VAL U 35 -54.46 29.45 87.96
N GLU U 36 -53.33 29.91 87.44
CA GLU U 36 -52.99 31.29 87.44
C GLU U 36 -52.77 31.70 85.98
N ILE U 37 -53.39 32.81 85.55
CA ILE U 37 -53.30 33.27 84.18
C ILE U 37 -52.88 34.73 84.11
N GLY U 38 -51.84 35.01 83.32
CA GLY U 38 -51.21 36.33 83.25
C GLY U 38 -51.90 37.28 82.29
N GLU U 39 -51.58 38.56 82.49
CA GLU U 39 -52.04 39.74 81.75
C GLU U 39 -52.12 39.41 80.24
N GLY U 40 -53.30 39.69 79.66
CA GLY U 40 -53.45 39.74 78.18
C GLY U 40 -53.66 38.41 77.50
N THR U 41 -53.73 37.33 78.30
CA THR U 41 -53.94 36.00 77.78
C THR U 41 -55.41 35.85 77.41
N VAL U 42 -55.66 35.03 76.39
CA VAL U 42 -56.99 34.75 75.86
C VAL U 42 -57.22 33.24 75.84
N ILE U 43 -58.22 32.80 76.60
CA ILE U 43 -58.70 31.45 76.60
C ILE U 43 -59.93 31.41 75.70
N GLY U 44 -59.90 30.51 74.72
CA GLY U 44 -61.00 30.33 73.80
C GLY U 44 -62.19 29.67 74.50
N PRO U 45 -63.23 29.31 73.74
CA PRO U 45 -64.35 28.53 74.27
C PRO U 45 -63.94 27.06 74.41
N HIS U 46 -64.67 26.28 75.20
CA HIS U 46 -64.46 24.84 75.29
C HIS U 46 -63.01 24.49 75.65
N VAL U 47 -62.41 25.20 76.60
CA VAL U 47 -61.06 24.87 77.04
C VAL U 47 -61.16 24.34 78.46
N VAL U 48 -60.29 23.39 78.79
CA VAL U 48 -60.21 22.87 80.14
C VAL U 48 -58.81 23.14 80.66
N LEU U 49 -58.69 24.01 81.67
CA LEU U 49 -57.46 24.22 82.41
C LEU U 49 -57.54 23.51 83.77
N LYS U 50 -56.46 22.89 84.18
CA LYS U 50 -56.37 22.24 85.46
C LYS U 50 -55.00 22.61 86.08
N GLY U 51 -54.87 22.51 87.38
CA GLY U 51 -53.71 23.01 88.13
C GLY U 51 -53.10 21.99 89.04
N PRO U 52 -51.97 22.32 89.69
CA PRO U 52 -51.30 23.60 89.69
C PRO U 52 -50.61 24.07 88.43
N THR U 53 -51.09 25.18 87.85
CA THR U 53 -50.65 25.62 86.55
C THR U 53 -50.45 27.13 86.60
N LYS U 54 -49.36 27.60 86.03
CA LYS U 54 -49.08 29.00 85.87
C LYS U 54 -48.93 29.29 84.38
N ILE U 55 -49.79 30.17 83.87
CA ILE U 55 -49.74 30.60 82.49
C ILE U 55 -49.38 32.09 82.47
N GLY U 56 -48.40 32.44 81.65
CA GLY U 56 -47.86 33.79 81.60
C GLY U 56 -48.74 34.72 80.79
N LYS U 57 -48.10 35.70 80.14
CA LYS U 57 -48.75 36.86 79.57
C LYS U 57 -48.89 36.68 78.06
N HIS U 58 -50.01 37.19 77.52
CA HIS U 58 -50.24 37.31 76.07
C HIS U 58 -50.23 35.94 75.39
N ASN U 59 -50.77 34.91 76.04
CA ASN U 59 -50.95 33.61 75.43
C ASN U 59 -52.32 33.60 74.74
N ARG U 60 -52.47 32.71 73.74
CA ARG U 60 -53.71 32.41 73.07
CA ARG U 60 -53.72 32.41 73.07
C ARG U 60 -53.86 30.88 73.21
N ILE U 61 -54.97 30.39 73.80
CA ILE U 61 -55.26 28.95 73.89
C ILE U 61 -56.61 28.65 73.24
N TYR U 62 -56.63 27.74 72.26
CA TYR U 62 -57.80 27.51 71.42
C TYR U 62 -58.66 26.38 71.97
N GLN U 63 -59.86 26.29 71.40
CA GLN U 63 -60.92 25.38 71.79
C GLN U 63 -60.43 23.92 71.84
N PHE U 64 -60.97 23.16 72.81
CA PHE U 64 -60.87 21.70 72.91
C PHE U 64 -59.50 21.23 73.47
N SER U 65 -58.72 22.20 73.93
CA SER U 65 -57.47 21.97 74.59
C SER U 65 -57.71 21.56 76.04
N SER U 66 -56.93 20.59 76.53
CA SER U 66 -56.90 20.20 77.93
C SER U 66 -55.48 20.46 78.42
N VAL U 67 -55.30 21.54 79.19
CA VAL U 67 -54.02 22.01 79.62
C VAL U 67 -53.92 21.89 81.15
N GLY U 68 -53.03 21.05 81.63
CA GLY U 68 -52.74 20.91 83.04
C GLY U 68 -53.33 19.66 83.64
N GLU U 69 -53.69 18.71 82.78
CA GLU U 69 -54.33 17.49 83.18
C GLU U 69 -53.27 16.58 83.82
N ASP U 70 -53.68 15.61 84.64
CA ASP U 70 -52.70 14.66 85.22
C ASP U 70 -52.22 13.71 84.13
N THR U 71 -50.96 13.26 84.13
CA THR U 71 -50.66 12.15 83.23
C THR U 71 -51.45 10.93 83.68
N PRO U 72 -51.76 10.02 82.74
CA PRO U 72 -52.30 8.72 83.12
C PRO U 72 -51.22 7.70 83.49
N ASP U 73 -49.94 8.02 83.30
CA ASP U 73 -48.82 7.16 83.66
C ASP U 73 -49.09 6.61 85.07
N LEU U 74 -48.91 5.30 85.25
CA LEU U 74 -49.33 4.62 86.51
C LEU U 74 -48.27 4.90 87.59
N LYS U 75 -47.13 5.46 87.14
CA LYS U 75 -46.07 6.11 87.94
C LYS U 75 -46.62 7.22 88.85
N TYR U 76 -47.55 8.03 88.37
CA TYR U 76 -48.08 9.22 89.07
C TYR U 76 -49.26 8.80 89.97
N LYS U 77 -49.22 9.20 91.26
CA LYS U 77 -50.19 8.78 92.30
C LYS U 77 -50.91 9.98 92.92
N GLY U 78 -51.06 11.09 92.21
CA GLY U 78 -51.95 12.19 92.63
C GLY U 78 -51.24 13.33 93.40
N GLU U 79 -49.90 13.37 93.36
CA GLU U 79 -49.08 14.39 94.06
C GLU U 79 -49.27 15.75 93.38
N PRO U 80 -48.97 16.90 94.06
CA PRO U 80 -49.28 18.23 93.53
C PRO U 80 -48.16 18.76 92.63
N THR U 81 -48.11 18.29 91.38
CA THR U 81 -47.08 18.65 90.44
C THR U 81 -47.57 19.83 89.61
N ARG U 82 -46.66 20.45 88.86
CA ARG U 82 -46.89 21.76 88.29
C ARG U 82 -46.79 21.71 86.76
N LEU U 83 -47.40 22.71 86.13
CA LEU U 83 -47.18 23.06 84.74
C LEU U 83 -46.91 24.56 84.68
N VAL U 84 -45.87 24.97 83.97
CA VAL U 84 -45.52 26.38 83.83
C VAL U 84 -45.42 26.72 82.35
N ILE U 85 -46.16 27.75 81.93
CA ILE U 85 -46.13 28.24 80.58
C ILE U 85 -45.74 29.72 80.62
N GLY U 86 -44.84 30.12 79.74
CA GLY U 86 -44.34 31.46 79.68
C GLY U 86 -45.28 32.40 78.93
N ASP U 87 -44.66 33.30 78.16
CA ASP U 87 -45.30 34.43 77.54
C ASP U 87 -45.40 34.22 76.03
N HIS U 88 -46.43 34.80 75.40
CA HIS U 88 -46.56 34.94 73.93
C HIS U 88 -46.62 33.57 73.21
N ASN U 89 -47.22 32.58 73.84
CA ASN U 89 -47.36 31.28 73.22
C ASN U 89 -48.74 31.21 72.56
N VAL U 90 -48.81 30.35 71.55
CA VAL U 90 -50.05 30.03 70.89
C VAL U 90 -50.23 28.51 70.97
N ILE U 91 -51.35 28.09 71.54
CA ILE U 91 -51.71 26.71 71.69
C ILE U 91 -53.01 26.48 70.94
N ARG U 92 -52.93 25.72 69.83
CA ARG U 92 -54.05 25.57 68.92
C ARG U 92 -55.01 24.50 69.42
N GLU U 93 -55.98 24.19 68.56
CA GLU U 93 -57.15 23.44 68.96
C GLU U 93 -56.74 22.01 69.33
N GLY U 94 -57.24 21.54 70.47
CA GLY U 94 -57.18 20.14 70.83
C GLY U 94 -55.88 19.71 71.48
N VAL U 95 -55.01 20.66 71.84
CA VAL U 95 -53.74 20.32 72.41
C VAL U 95 -53.92 19.76 73.82
N THR U 96 -53.12 18.77 74.18
CA THR U 96 -53.06 18.24 75.53
C THR U 96 -51.67 18.50 76.11
N ILE U 97 -51.63 19.04 77.33
CA ILE U 97 -50.44 19.31 78.07
C ILE U 97 -50.61 18.76 79.47
N HIS U 98 -49.70 17.88 79.90
CA HIS U 98 -49.79 17.25 81.19
C HIS U 98 -48.79 17.90 82.15
N ARG U 99 -49.14 17.90 83.43
CA ARG U 99 -48.25 18.35 84.49
C ARG U 99 -47.22 17.26 84.78
N GLY U 100 -46.20 17.60 85.55
CA GLY U 100 -45.05 16.73 85.85
C GLY U 100 -45.37 15.61 86.81
N THR U 101 -44.29 14.92 87.21
CA THR U 101 -44.28 13.77 88.12
C THR U 101 -43.18 13.97 89.16
N VAL U 102 -43.37 13.41 90.36
CA VAL U 102 -42.38 13.62 91.44
C VAL U 102 -41.06 12.91 91.13
N GLN U 103 -41.06 11.93 90.24
CA GLN U 103 -39.89 11.12 89.94
C GLN U 103 -38.87 11.95 89.11
N ASP U 104 -39.25 13.10 88.54
CA ASP U 104 -38.29 13.96 87.80
C ASP U 104 -38.20 15.33 88.53
N ARG U 105 -38.76 16.39 87.97
CA ARG U 105 -38.62 17.73 88.56
C ARG U 105 -39.99 18.26 89.04
N ALA U 106 -41.03 17.46 88.88
CA ALA U 106 -42.37 17.79 89.35
C ALA U 106 -42.96 18.94 88.54
N GLU U 107 -42.48 19.13 87.32
CA GLU U 107 -42.86 20.31 86.55
C GLU U 107 -42.69 20.06 85.05
N THR U 108 -43.76 20.26 84.30
CA THR U 108 -43.73 20.43 82.87
C THR U 108 -43.59 21.92 82.59
N THR U 109 -42.70 22.30 81.69
CA THR U 109 -42.36 23.73 81.58
C THR U 109 -42.30 24.09 80.07
N ILE U 110 -42.84 25.25 79.74
CA ILE U 110 -42.87 25.80 78.38
C ILE U 110 -42.43 27.26 78.47
N GLY U 111 -41.52 27.65 77.57
CA GLY U 111 -40.96 28.99 77.55
C GLY U 111 -41.87 29.98 76.85
N ASP U 112 -41.25 30.81 76.00
CA ASP U 112 -41.89 31.98 75.40
C ASP U 112 -41.96 31.81 73.87
N HIS U 113 -42.93 32.46 73.24
CA HIS U 113 -43.01 32.59 71.77
C HIS U 113 -43.08 31.22 71.07
N ASN U 114 -43.73 30.25 71.67
CA ASN U 114 -43.82 28.94 71.05
C ASN U 114 -45.16 28.86 70.31
N LEU U 115 -45.18 28.02 69.27
CA LEU U 115 -46.38 27.72 68.54
C LEU U 115 -46.63 26.22 68.60
N ILE U 116 -47.71 25.82 69.26
CA ILE U 116 -48.03 24.43 69.40
C ILE U 116 -49.35 24.19 68.69
N MET U 117 -49.28 23.43 67.60
CA MET U 117 -50.39 23.38 66.65
C MET U 117 -51.33 22.24 67.05
N ALA U 118 -52.41 22.11 66.29
CA ALA U 118 -53.56 21.33 66.69
C ALA U 118 -53.17 19.92 67.09
N TYR U 119 -53.77 19.44 68.17
CA TYR U 119 -53.77 18.01 68.57
C TYR U 119 -52.38 17.57 69.02
N ALA U 120 -51.45 18.49 69.22
CA ALA U 120 -50.15 18.13 69.75
C ALA U 120 -50.31 17.68 71.21
N HIS U 121 -49.38 16.86 71.67
CA HIS U 121 -49.35 16.35 73.01
C HIS U 121 -48.00 16.63 73.66
N ILE U 122 -48.04 17.21 74.87
CA ILE U 122 -46.85 17.52 75.62
C ILE U 122 -46.88 16.78 76.95
N GLY U 123 -46.12 15.70 77.02
CA GLY U 123 -46.18 14.75 78.10
C GLY U 123 -45.50 15.27 79.35
N HIS U 124 -45.81 14.60 80.47
CA HIS U 124 -45.30 14.97 81.76
C HIS U 124 -43.81 15.23 81.71
N ASP U 125 -43.40 16.33 82.35
CA ASP U 125 -42.03 16.61 82.69
C ASP U 125 -41.24 17.09 81.48
N SER U 126 -41.91 17.33 80.36
CA SER U 126 -41.26 17.85 79.19
C SER U 126 -40.88 19.31 79.45
N VAL U 127 -39.86 19.78 78.73
CA VAL U 127 -39.39 21.14 78.83
C VAL U 127 -39.21 21.70 77.42
N ILE U 128 -39.91 22.78 77.12
CA ILE U 128 -39.78 23.44 75.87
C ILE U 128 -39.21 24.83 76.10
N GLY U 129 -38.30 25.23 75.21
CA GLY U 129 -37.62 26.50 75.27
C GLY U 129 -38.44 27.61 74.67
N ASN U 130 -37.80 28.44 73.84
CA ASN U 130 -38.45 29.56 73.22
C ASN U 130 -38.40 29.42 71.70
N HIS U 131 -39.39 30.00 71.01
CA HIS U 131 -39.40 30.14 69.57
C HIS U 131 -39.54 28.80 68.87
N CYS U 132 -40.05 27.77 69.57
CA CYS U 132 -40.22 26.47 68.96
C CYS U 132 -41.55 26.42 68.21
N ILE U 133 -41.63 25.44 67.30
CA ILE U 133 -42.84 25.15 66.57
C ILE U 133 -43.06 23.65 66.59
N LEU U 134 -44.17 23.22 67.22
CA LEU U 134 -44.61 21.86 67.20
C LEU U 134 -45.86 21.80 66.29
N VAL U 135 -45.74 21.07 65.19
CA VAL U 135 -46.77 21.08 64.23
C VAL U 135 -47.82 20.03 64.63
N ASN U 136 -48.99 20.11 64.00
CA ASN U 136 -50.14 19.25 64.23
C ASN U 136 -49.69 17.86 64.66
N ASN U 137 -50.20 17.40 65.80
CA ASN U 137 -50.13 16.00 66.25
C ASN U 137 -48.71 15.57 66.61
N THR U 138 -47.81 16.52 66.82
CA THR U 138 -46.54 16.21 67.40
C THR U 138 -46.76 15.73 68.84
N ALA U 139 -46.05 14.68 69.25
CA ALA U 139 -46.27 14.09 70.56
C ALA U 139 -44.93 13.89 71.29
N LEU U 140 -44.79 14.50 72.47
CA LEU U 140 -43.67 14.30 73.34
C LEU U 140 -44.10 13.33 74.45
N ALA U 141 -43.57 12.12 74.46
CA ALA U 141 -44.03 11.08 75.37
C ALA U 141 -43.84 11.45 76.86
N GLY U 142 -42.79 12.22 77.14
CA GLY U 142 -42.47 12.63 78.51
C GLY U 142 -40.99 12.82 78.74
N HIS U 143 -40.65 13.75 79.63
CA HIS U 143 -39.29 14.05 79.97
C HIS U 143 -38.51 14.47 78.71
N VAL U 144 -39.17 15.12 77.76
CA VAL U 144 -38.52 15.52 76.54
C VAL U 144 -38.09 16.97 76.69
N HIS U 145 -36.84 17.26 76.33
CA HIS U 145 -36.31 18.63 76.34
C HIS U 145 -36.19 19.10 74.90
N VAL U 146 -36.90 20.17 74.54
CA VAL U 146 -36.84 20.80 73.25
C VAL U 146 -36.22 22.18 73.40
N ASP U 147 -35.05 22.38 72.81
CA ASP U 147 -34.31 23.60 72.95
C ASP U 147 -34.76 24.61 71.87
N ASP U 148 -34.27 25.85 71.98
CA ASP U 148 -34.82 27.01 71.27
C ASP U 148 -34.83 26.79 69.76
N TRP U 149 -35.88 27.27 69.09
CA TRP U 149 -36.00 27.40 67.62
C TRP U 149 -36.20 26.04 66.93
N ALA U 150 -36.44 24.99 67.70
CA ALA U 150 -36.63 23.72 67.06
C ALA U 150 -37.97 23.73 66.32
N ILE U 151 -38.05 22.92 65.26
CA ILE U 151 -39.25 22.71 64.53
C ILE U 151 -39.49 21.21 64.41
N LEU U 152 -40.64 20.74 64.91
CA LEU U 152 -41.04 19.37 64.73
C LEU U 152 -42.20 19.33 63.75
N SER U 153 -41.97 18.75 62.56
CA SER U 153 -42.98 18.66 61.53
C SER U 153 -44.13 17.80 62.06
N GLY U 154 -45.25 17.84 61.34
CA GLY U 154 -46.46 17.18 61.77
C GLY U 154 -46.26 15.70 62.05
N TYR U 155 -46.98 15.24 63.09
CA TYR U 155 -47.04 13.84 63.45
C TYR U 155 -45.63 13.32 63.77
N THR U 156 -44.78 14.19 64.32
CA THR U 156 -43.52 13.76 64.87
C THR U 156 -43.74 13.21 66.28
N LEU U 157 -43.25 12.00 66.53
CA LEU U 157 -43.34 11.35 67.82
C LEU U 157 -41.95 11.31 68.47
N VAL U 158 -41.87 11.61 69.77
CA VAL U 158 -40.59 11.65 70.49
C VAL U 158 -40.70 10.77 71.74
N HIS U 159 -39.80 9.79 71.85
CA HIS U 159 -39.76 8.91 73.00
C HIS U 159 -39.36 9.65 74.26
N GLN U 160 -39.68 9.04 75.38
CA GLN U 160 -39.31 9.52 76.69
C GLN U 160 -37.81 9.81 76.73
N TYR U 161 -37.44 10.95 77.31
CA TYR U 161 -36.08 11.32 77.71
C TYR U 161 -35.27 11.91 76.56
N CYS U 162 -35.81 12.00 75.35
CA CYS U 162 -35.03 12.54 74.25
C CYS U 162 -34.84 14.05 74.37
N ARG U 163 -33.69 14.51 73.90
CA ARG U 163 -33.35 15.91 73.80
C ARG U 163 -33.38 16.31 72.32
N ILE U 164 -34.19 17.30 71.98
CA ILE U 164 -34.27 17.87 70.67
C ILE U 164 -33.47 19.17 70.67
N GLY U 165 -32.42 19.24 69.86
CA GLY U 165 -31.45 20.31 69.91
C GLY U 165 -31.96 21.61 69.32
N ALA U 166 -31.30 22.71 69.69
CA ALA U 166 -31.63 24.02 69.17
C ALA U 166 -31.56 24.01 67.63
N HIS U 167 -32.55 24.64 66.99
CA HIS U 167 -32.62 24.83 65.54
C HIS U 167 -32.74 23.52 64.79
N SER U 168 -32.99 22.43 65.49
CA SER U 168 -33.08 21.17 64.84
C SER U 168 -34.46 21.08 64.17
N PHE U 169 -34.62 20.07 63.30
CA PHE U 169 -35.80 19.97 62.46
C PHE U 169 -36.12 18.50 62.21
N SER U 170 -37.36 18.11 62.45
CA SER U 170 -37.80 16.78 62.14
C SER U 170 -38.78 16.84 60.97
N GLY U 171 -38.68 15.87 60.06
CA GLY U 171 -39.59 15.74 58.94
C GLY U 171 -40.90 15.11 59.39
N MET U 172 -41.89 15.09 58.51
CA MET U 172 -43.16 14.73 59.00
C MET U 172 -43.26 13.21 59.16
N GLY U 173 -43.95 12.78 60.21
CA GLY U 173 -44.08 11.39 60.58
C GLY U 173 -42.79 10.82 61.14
N SER U 174 -41.89 11.67 61.62
CA SER U 174 -40.67 11.22 62.26
C SER U 174 -40.98 10.52 63.57
N ALA U 175 -40.22 9.47 63.85
CA ALA U 175 -40.30 8.75 65.11
C ALA U 175 -38.91 8.77 65.75
N ILE U 176 -38.72 9.64 66.73
CA ILE U 176 -37.44 9.96 67.28
C ILE U 176 -37.23 9.18 68.59
N GLY U 177 -36.14 8.41 68.65
CA GLY U 177 -35.84 7.56 69.78
C GLY U 177 -34.52 7.89 70.47
N LYS U 178 -33.72 8.78 69.91
CA LYS U 178 -32.47 9.20 70.50
C LYS U 178 -32.35 10.71 70.35
N ASP U 179 -31.35 11.31 70.96
CA ASP U 179 -31.24 12.78 70.91
C ASP U 179 -31.06 13.25 69.47
N VAL U 180 -31.58 14.44 69.17
CA VAL U 180 -31.32 15.07 67.94
C VAL U 180 -30.37 16.21 68.23
N PRO U 181 -29.13 16.19 67.70
CA PRO U 181 -28.19 17.26 67.97
C PRO U 181 -28.74 18.56 67.39
N ALA U 182 -28.24 19.67 67.90
CA ALA U 182 -28.60 20.97 67.40
C ALA U 182 -28.37 21.04 65.89
N TYR U 183 -29.27 21.77 65.21
CA TYR U 183 -29.21 22.07 63.79
C TYR U 183 -29.53 20.85 62.91
N VAL U 184 -29.60 19.64 63.45
CA VAL U 184 -29.68 18.48 62.58
C VAL U 184 -31.11 18.29 62.07
N THR U 185 -31.25 17.80 60.84
CA THR U 185 -32.54 17.42 60.28
C THR U 185 -32.66 15.90 60.33
N VAL U 186 -33.82 15.39 60.77
CA VAL U 186 -34.06 13.96 60.86
C VAL U 186 -35.39 13.62 60.19
N PHE U 187 -35.48 12.38 59.68
CA PHE U 187 -36.63 11.93 58.90
C PHE U 187 -36.87 10.45 59.15
N GLY U 188 -38.14 10.06 59.18
CA GLY U 188 -38.56 8.68 59.08
C GLY U 188 -38.80 8.01 60.42
N ASN U 189 -39.21 6.75 60.35
CA ASN U 189 -39.53 5.92 61.48
C ASN U 189 -38.85 4.58 61.30
N PRO U 190 -37.71 4.36 61.95
CA PRO U 190 -37.10 5.25 62.92
C PRO U 190 -36.34 6.43 62.28
N ALA U 191 -36.23 7.53 63.01
CA ALA U 191 -35.65 8.75 62.50
C ALA U 191 -34.17 8.54 62.19
N GLU U 192 -33.72 9.13 61.07
CA GLU U 192 -32.35 9.14 60.62
C GLU U 192 -31.93 10.58 60.35
N ALA U 193 -30.67 10.88 60.66
CA ALA U 193 -30.08 12.18 60.39
C ALA U 193 -29.81 12.26 58.90
N ARG U 194 -30.08 13.42 58.31
CA ARG U 194 -29.91 13.60 56.89
C ARG U 194 -28.94 14.75 56.62
N SER U 195 -29.17 15.90 57.25
CA SER U 195 -28.40 17.08 56.97
C SER U 195 -28.52 18.06 58.16
N MET U 196 -28.32 19.34 57.88
CA MET U 196 -28.50 20.38 58.86
C MET U 196 -29.53 21.38 58.34
N ASN U 197 -30.12 22.12 59.28
CA ASN U 197 -31.20 22.99 59.03
C ASN U 197 -30.64 24.34 58.60
N PHE U 198 -30.16 24.40 57.37
CA PHE U 198 -29.53 25.59 56.85
C PHE U 198 -30.56 26.70 56.68
N GLU U 199 -31.79 26.34 56.31
CA GLU U 199 -32.88 27.32 56.21
C GLU U 199 -32.98 28.10 57.54
N GLY U 200 -32.94 27.38 58.65
CA GLY U 200 -33.02 27.95 59.98
C GLY U 200 -31.87 28.90 60.28
N MET U 201 -30.66 28.55 59.83
CA MET U 201 -29.47 29.35 60.04
C MET U 201 -29.56 30.64 59.24
N ARG U 202 -30.19 30.57 58.06
CA ARG U 202 -30.35 31.71 57.19
C ARG U 202 -31.22 32.76 57.90
N ARG U 203 -32.35 32.31 58.45
CA ARG U 203 -33.33 33.14 59.13
C ARG U 203 -32.72 33.80 60.37
N ARG U 204 -31.83 33.13 61.08
CA ARG U 204 -31.20 33.73 62.26
C ARG U 204 -30.01 34.60 61.85
N GLY U 205 -29.73 34.70 60.55
CA GLY U 205 -28.65 35.54 60.03
C GLY U 205 -27.26 35.08 60.43
N PHE U 206 -27.03 33.77 60.47
CA PHE U 206 -25.69 33.25 60.76
C PHE U 206 -24.72 33.70 59.69
N SER U 207 -23.46 33.89 60.08
CA SER U 207 -22.43 34.22 59.13
C SER U 207 -22.25 33.07 58.16
N SER U 208 -21.68 33.36 56.99
CA SER U 208 -21.48 32.34 56.00
C SER U 208 -20.35 31.40 56.44
N GLU U 209 -19.39 31.90 57.21
CA GLU U 209 -18.25 31.10 57.73
C GLU U 209 -18.77 30.09 58.76
N ALA U 210 -19.80 30.48 59.51
CA ALA U 210 -20.37 29.65 60.56
C ALA U 210 -21.20 28.52 59.95
N ILE U 211 -21.91 28.84 58.88
CA ILE U 211 -22.71 27.85 58.19
C ILE U 211 -21.79 26.76 57.64
N HIS U 212 -20.70 27.18 57.01
CA HIS U 212 -19.73 26.25 56.46
C HIS U 212 -19.14 25.39 57.57
N ALA U 213 -18.89 25.98 58.74
CA ALA U 213 -18.25 25.27 59.83
C ALA U 213 -19.20 24.20 60.36
N LEU U 214 -20.48 24.50 60.33
CA LEU U 214 -21.49 23.60 60.81
C LEU U 214 -21.68 22.46 59.82
N ARG U 215 -21.51 22.70 58.53
CA ARG U 215 -21.59 21.62 57.59
C ARG U 215 -20.42 20.66 57.80
N ARG U 216 -19.22 21.20 58.03
CA ARG U 216 -18.07 20.36 58.27
C ARG U 216 -18.28 19.56 59.54
N ALA U 217 -18.92 20.18 60.51
CA ALA U 217 -19.17 19.54 61.80
C ALA U 217 -20.11 18.35 61.61
N TYR U 218 -21.14 18.52 60.77
CA TYR U 218 -22.04 17.45 60.46
C TYR U 218 -21.25 16.27 59.90
N LYS U 219 -20.37 16.57 58.94
CA LYS U 219 -19.60 15.54 58.26
C LYS U 219 -18.69 14.78 59.25
N VAL U 220 -18.15 15.47 60.24
CA VAL U 220 -17.25 14.87 61.22
C VAL U 220 -17.98 13.79 62.03
N VAL U 221 -19.20 14.14 62.45
CA VAL U 221 -19.99 13.32 63.34
C VAL U 221 -20.62 12.16 62.58
N TYR U 222 -21.01 12.38 61.32
CA TYR U 222 -21.93 11.48 60.63
C TYR U 222 -21.33 10.79 59.40
N ARG U 223 -20.37 11.39 58.69
CA ARG U 223 -20.00 10.93 57.36
C ARG U 223 -18.52 10.55 57.29
N GLN U 224 -17.84 10.27 58.40
CA GLN U 224 -16.38 10.08 58.32
C GLN U 224 -15.92 8.86 59.15
N GLY U 225 -16.85 7.99 59.52
CA GLY U 225 -16.55 6.79 60.28
C GLY U 225 -16.03 7.07 61.69
N HIS U 226 -16.22 8.27 62.25
CA HIS U 226 -15.69 8.53 63.59
C HIS U 226 -16.64 7.91 64.62
N THR U 227 -16.10 7.41 65.73
CA THR U 227 -16.92 7.12 66.91
C THR U 227 -17.35 8.46 67.49
N VAL U 228 -18.29 8.47 68.41
CA VAL U 228 -18.77 9.72 68.94
C VAL U 228 -17.66 10.42 69.72
N GLU U 229 -16.84 9.65 70.43
CA GLU U 229 -15.69 10.17 71.19
C GLU U 229 -14.69 10.85 70.25
N GLU U 230 -14.37 10.19 69.13
CA GLU U 230 -13.40 10.71 68.18
C GLU U 230 -13.94 12.00 67.52
N ALA U 231 -15.26 12.06 67.30
CA ALA U 231 -15.88 13.21 66.69
C ALA U 231 -15.80 14.43 67.61
N LEU U 232 -16.12 14.23 68.88
CA LEU U 232 -16.04 15.28 69.87
C LEU U 232 -14.65 15.91 69.93
N ALA U 233 -13.63 15.05 69.82
CA ALA U 233 -12.25 15.48 69.85
C ALA U 233 -11.94 16.33 68.62
N GLU U 234 -12.43 15.90 67.47
CA GLU U 234 -12.20 16.59 66.22
C GLU U 234 -12.92 17.94 66.20
N LEU U 235 -14.12 18.00 66.78
CA LEU U 235 -14.91 19.22 66.85
C LEU U 235 -14.31 20.27 67.79
N ALA U 236 -13.38 19.90 68.66
CA ALA U 236 -12.89 20.83 69.69
C ALA U 236 -12.39 22.14 69.08
N GLU U 237 -11.60 22.06 67.98
CA GLU U 237 -11.01 23.24 67.33
C GLU U 237 -12.14 24.16 66.86
N SER U 238 -13.05 23.58 66.09
CA SER U 238 -14.11 24.28 65.38
C SER U 238 -15.09 24.91 66.38
N ALA U 239 -15.26 24.30 67.57
CA ALA U 239 -16.17 24.77 68.60
C ALA U 239 -15.60 25.97 69.35
N ALA U 240 -14.28 26.09 69.37
CA ALA U 240 -13.65 27.22 69.98
C ALA U 240 -13.67 28.42 69.04
N GLN U 241 -13.75 28.16 67.73
CA GLN U 241 -13.72 29.17 66.71
C GLN U 241 -15.10 29.79 66.52
N PHE U 242 -16.17 29.01 66.73
CA PHE U 242 -17.53 29.44 66.40
C PHE U 242 -18.50 29.10 67.53
N PRO U 243 -19.11 30.09 68.21
CA PRO U 243 -20.18 29.84 69.18
C PRO U 243 -21.27 28.88 68.70
N GLU U 244 -21.55 28.94 67.40
CA GLU U 244 -22.63 28.17 66.76
C GLU U 244 -22.26 26.68 66.73
N VAL U 245 -20.99 26.38 66.49
CA VAL U 245 -20.52 25.01 66.47
C VAL U 245 -20.45 24.48 67.90
N ALA U 246 -20.11 25.34 68.86
CA ALA U 246 -20.07 24.92 70.27
C ALA U 246 -21.45 24.40 70.70
N VAL U 247 -22.53 25.06 70.26
CA VAL U 247 -23.89 24.60 70.56
C VAL U 247 -24.08 23.16 70.08
N PHE U 248 -23.58 22.89 68.85
CA PHE U 248 -23.68 21.57 68.23
C PHE U 248 -22.84 20.56 69.03
N ARG U 249 -21.58 20.89 69.33
CA ARG U 249 -20.73 19.98 70.10
C ARG U 249 -21.40 19.70 71.46
N ASP U 250 -21.92 20.74 72.12
CA ASP U 250 -22.45 20.60 73.46
C ASP U 250 -23.68 19.68 73.44
N SER U 251 -24.48 19.73 72.37
CA SER U 251 -25.66 18.87 72.28
C SER U 251 -25.26 17.38 72.14
N ILE U 252 -24.15 17.10 71.46
CA ILE U 252 -23.65 15.75 71.32
C ILE U 252 -22.97 15.27 72.61
N GLN U 253 -22.16 16.14 73.20
CA GLN U 253 -21.50 15.89 74.48
C GLN U 253 -22.49 15.31 75.48
N SER U 254 -23.62 16.03 75.64
CA SER U 254 -24.56 15.80 76.74
C SER U 254 -25.59 14.73 76.37
N ALA U 255 -25.22 13.87 75.45
CA ALA U 255 -26.11 12.86 74.94
C ALA U 255 -25.51 11.48 75.17
N THR U 256 -24.25 11.45 75.58
CA THR U 256 -23.35 10.33 75.32
C THR U 256 -22.36 10.18 76.46
N ARG U 257 -22.78 9.95 77.70
CA ARG U 257 -21.79 9.70 78.74
C ARG U 257 -21.05 8.35 78.49
N GLY U 258 -21.79 7.24 78.30
CA GLY U 258 -21.19 5.94 78.05
C GLY U 258 -20.84 5.27 79.37
N ILE U 259 -20.13 4.13 79.31
CA ILE U 259 -19.76 3.36 80.47
C ILE U 259 -18.27 2.99 80.43
N THR U 260 -17.68 2.85 81.61
CA THR U 260 -16.34 2.47 81.71
C THR U 260 -16.19 1.14 80.99
N ARG U 261 -15.48 1.20 79.84
CA ARG U 261 -15.13 0.02 79.04
C ARG U 261 -13.69 -0.43 79.34
N MET V 4 -100.15 -49.49 -14.53
CA MET V 4 -99.26 -49.70 -13.33
C MET V 4 -100.13 -49.62 -12.06
N SER V 5 -99.86 -50.51 -11.09
CA SER V 5 -100.09 -50.34 -9.62
C SER V 5 -98.73 -50.03 -8.99
N LEU V 6 -98.70 -49.70 -7.70
CA LEU V 6 -97.47 -49.21 -7.05
C LEU V 6 -96.59 -50.38 -6.61
N ILE V 7 -97.19 -51.57 -6.49
CA ILE V 7 -96.49 -52.76 -6.16
C ILE V 7 -96.49 -53.65 -7.38
N ASP V 8 -95.30 -53.92 -7.93
CA ASP V 8 -95.21 -54.67 -9.12
C ASP V 8 -95.83 -56.02 -8.90
N PRO V 9 -96.62 -56.54 -9.86
CA PRO V 9 -97.16 -57.91 -9.73
C PRO V 9 -96.05 -58.98 -9.70
N ARG V 10 -94.85 -58.68 -10.19
CA ARG V 10 -93.76 -59.64 -10.19
C ARG V 10 -93.02 -59.66 -8.83
N ALA V 11 -93.38 -58.79 -7.89
CA ALA V 11 -92.77 -58.78 -6.55
C ALA V 11 -93.47 -59.80 -5.66
N ILE V 12 -92.81 -60.18 -4.55
CA ILE V 12 -93.37 -61.09 -3.57
C ILE V 12 -93.49 -60.37 -2.24
N ILE V 13 -94.70 -60.32 -1.71
CA ILE V 13 -94.98 -59.63 -0.47
C ILE V 13 -95.52 -60.67 0.50
N ASP V 14 -94.84 -60.86 1.62
CA ASP V 14 -95.30 -61.81 2.60
C ASP V 14 -96.66 -61.33 3.17
N PRO V 15 -97.60 -62.25 3.43
CA PRO V 15 -98.85 -61.90 4.12
C PRO V 15 -98.68 -61.05 5.39
N SER V 16 -97.61 -61.29 6.16
CA SER V 16 -97.38 -60.63 7.46
C SER V 16 -96.56 -59.33 7.34
N ALA V 17 -96.22 -58.91 6.12
CA ALA V 17 -95.58 -57.61 5.88
C ALA V 17 -96.65 -56.52 5.96
N ARG V 18 -96.24 -55.31 6.37
CA ARG V 18 -97.14 -54.20 6.56
C ARG V 18 -96.56 -52.98 5.84
N LEU V 19 -97.16 -52.61 4.72
CA LEU V 19 -96.76 -51.51 3.85
C LEU V 19 -97.76 -50.37 3.93
N ALA V 20 -97.28 -49.15 4.14
CA ALA V 20 -98.12 -47.99 4.03
C ALA V 20 -98.72 -47.90 2.62
N ALA V 21 -99.76 -47.07 2.48
CA ALA V 21 -100.63 -47.06 1.26
C ALA V 21 -99.81 -46.78 0.00
N ASP V 22 -98.83 -45.87 0.03
CA ASP V 22 -98.21 -45.35 -1.20
C ASP V 22 -96.75 -45.81 -1.35
N VAL V 23 -96.41 -46.95 -0.74
CA VAL V 23 -95.13 -47.57 -0.93
C VAL V 23 -95.08 -48.12 -2.35
N GLN V 24 -93.90 -48.02 -2.97
CA GLN V 24 -93.63 -48.62 -4.28
C GLN V 24 -92.63 -49.76 -4.14
N VAL V 25 -92.89 -50.87 -4.82
CA VAL V 25 -91.98 -52.00 -4.84
C VAL V 25 -91.80 -52.45 -6.28
N GLY V 26 -90.55 -52.52 -6.70
CA GLY V 26 -90.19 -52.88 -8.05
C GLY V 26 -90.34 -54.37 -8.29
N PRO V 27 -90.21 -54.79 -9.57
CA PRO V 27 -90.32 -56.20 -9.93
C PRO V 27 -89.22 -57.06 -9.31
N TRP V 28 -89.55 -58.30 -8.97
CA TRP V 28 -88.61 -59.32 -8.50
C TRP V 28 -87.96 -58.93 -7.17
N SER V 29 -88.68 -58.15 -6.36
CA SER V 29 -88.25 -57.83 -5.05
C SER V 29 -89.03 -58.70 -4.06
N ILE V 30 -88.40 -59.02 -2.93
CA ILE V 30 -89.03 -59.79 -1.88
C ILE V 30 -89.17 -58.91 -0.64
N VAL V 31 -90.40 -58.77 -0.15
CA VAL V 31 -90.63 -58.15 1.13
C VAL V 31 -91.07 -59.25 2.09
N GLY V 32 -90.10 -59.73 2.90
CA GLY V 32 -90.28 -60.89 3.75
C GLY V 32 -91.22 -60.66 4.91
N ALA V 33 -91.45 -61.73 5.66
CA ALA V 33 -92.27 -61.72 6.87
C ALA V 33 -91.75 -60.64 7.82
N GLU V 34 -92.69 -59.92 8.45
CA GLU V 34 -92.43 -59.00 9.56
C GLU V 34 -91.61 -57.79 9.12
N VAL V 35 -91.74 -57.38 7.86
CA VAL V 35 -91.17 -56.18 7.40
C VAL V 35 -92.25 -55.11 7.35
N GLU V 36 -91.92 -53.93 7.85
CA GLU V 36 -92.83 -52.83 7.94
C GLU V 36 -92.19 -51.67 7.17
N ILE V 37 -92.94 -51.05 6.24
CA ILE V 37 -92.41 -50.00 5.39
C ILE V 37 -93.30 -48.77 5.43
N GLY V 38 -92.71 -47.60 5.72
CA GLY V 38 -93.41 -46.36 5.93
C GLY V 38 -93.74 -45.61 4.66
N GLU V 39 -94.70 -44.69 4.80
CA GLU V 39 -95.19 -43.76 3.80
C GLU V 39 -94.07 -43.25 2.87
N GLY V 40 -94.28 -43.42 1.56
CA GLY V 40 -93.51 -42.73 0.51
C GLY V 40 -92.17 -43.39 0.17
N THR V 41 -91.90 -44.54 0.79
CA THR V 41 -90.68 -45.27 0.53
C THR V 41 -90.80 -45.99 -0.81
N VAL V 42 -89.65 -46.15 -1.49
CA VAL V 42 -89.56 -46.79 -2.79
C VAL V 42 -88.51 -47.90 -2.72
N ILE V 43 -88.95 -49.13 -2.98
CA ILE V 43 -88.09 -50.27 -3.11
C ILE V 43 -87.91 -50.51 -4.60
N GLY V 44 -86.64 -50.58 -5.02
CA GLY V 44 -86.31 -50.83 -6.40
C GLY V 44 -86.60 -52.28 -6.79
N PRO V 45 -86.19 -52.69 -8.00
CA PRO V 45 -86.27 -54.08 -8.42
C PRO V 45 -85.15 -54.89 -7.75
N HIS V 46 -85.28 -56.22 -7.71
CA HIS V 46 -84.22 -57.10 -7.26
C HIS V 46 -83.73 -56.73 -5.85
N VAL V 47 -84.65 -56.42 -4.93
CA VAL V 47 -84.28 -56.14 -3.56
C VAL V 47 -84.80 -57.27 -2.68
N VAL V 48 -84.03 -57.60 -1.64
CA VAL V 48 -84.45 -58.59 -0.68
C VAL V 48 -84.55 -57.92 0.69
N LEU V 49 -85.77 -57.83 1.23
CA LEU V 49 -85.99 -57.38 2.59
C LEU V 49 -86.34 -58.59 3.46
N LYS V 50 -85.77 -58.63 4.66
CA LYS V 50 -86.06 -59.67 5.61
C LYS V 50 -86.26 -59.02 6.99
N GLY V 51 -87.01 -59.71 7.87
CA GLY V 51 -87.46 -59.13 9.13
C GLY V 51 -87.00 -59.93 10.33
N PRO V 52 -87.28 -59.42 11.54
CA PRO V 52 -88.11 -58.25 11.84
C PRO V 52 -87.44 -56.90 11.54
N THR V 53 -88.02 -56.12 10.64
CA THR V 53 -87.41 -54.91 10.15
C THR V 53 -88.47 -53.82 10.06
N LYS V 54 -88.10 -52.61 10.48
CA LYS V 54 -88.96 -51.46 10.40
C LYS V 54 -88.24 -50.41 9.56
N ILE V 55 -88.84 -50.01 8.45
CA ILE V 55 -88.31 -48.99 7.58
C ILE V 55 -89.26 -47.80 7.60
N GLY V 56 -88.71 -46.60 7.79
CA GLY V 56 -89.49 -45.39 7.93
C GLY V 56 -89.95 -44.83 6.61
N LYS V 57 -90.08 -43.51 6.55
CA LYS V 57 -90.78 -42.79 5.49
C LYS V 57 -89.77 -42.22 4.51
N HIS V 58 -90.16 -42.22 3.23
CA HIS V 58 -89.44 -41.52 2.16
C HIS V 58 -88.02 -42.06 1.98
N ASN V 59 -87.84 -43.38 2.13
CA ASN V 59 -86.56 -44.03 1.84
C ASN V 59 -86.56 -44.43 0.36
N ARG V 60 -85.35 -44.60 -0.17
CA ARG V 60 -85.10 -45.09 -1.54
CA ARG V 60 -85.10 -45.10 -1.54
C ARG V 60 -84.11 -46.25 -1.31
N ILE V 61 -84.46 -47.47 -1.74
CA ILE V 61 -83.54 -48.65 -1.65
C ILE V 61 -83.35 -49.23 -3.06
N TYR V 62 -82.08 -49.34 -3.50
CA TYR V 62 -81.77 -49.69 -4.87
C TYR V 62 -81.55 -51.20 -5.02
N GLN V 63 -81.50 -51.62 -6.29
CA GLN V 63 -81.39 -53.00 -6.72
C GLN V 63 -80.21 -53.72 -6.05
N PHE V 64 -80.40 -55.01 -5.75
CA PHE V 64 -79.35 -55.96 -5.36
C PHE V 64 -78.94 -55.81 -3.88
N SER V 65 -79.69 -54.98 -3.16
CA SER V 65 -79.53 -54.80 -1.75
C SER V 65 -80.20 -55.94 -1.00
N SER V 66 -79.55 -56.41 0.07
CA SER V 66 -80.12 -57.38 0.99
C SER V 66 -80.17 -56.69 2.36
N VAL V 67 -81.37 -56.31 2.78
CA VAL V 67 -81.59 -55.51 3.95
C VAL V 67 -82.39 -56.33 4.97
N GLY V 68 -81.78 -56.66 6.10
CA GLY V 68 -82.47 -57.34 7.17
C GLY V 68 -82.08 -58.80 7.27
N GLU V 69 -80.97 -59.15 6.64
CA GLU V 69 -80.49 -60.51 6.60
C GLU V 69 -79.86 -60.84 7.97
N ASP V 70 -79.75 -62.11 8.32
CA ASP V 70 -79.10 -62.52 9.58
C ASP V 70 -77.60 -62.31 9.46
N THR V 71 -76.89 -61.92 10.52
CA THR V 71 -75.42 -62.02 10.41
C THR V 71 -75.03 -63.46 10.27
N PRO V 72 -73.89 -63.76 9.62
CA PRO V 72 -73.31 -65.08 9.65
C PRO V 72 -72.47 -65.38 10.88
N ASP V 73 -72.22 -64.37 11.73
CA ASP V 73 -71.44 -64.54 12.97
C ASP V 73 -71.97 -65.79 13.67
N LEU V 74 -71.06 -66.66 14.13
CA LEU V 74 -71.45 -67.98 14.69
C LEU V 74 -72.00 -67.77 16.12
N LYS V 75 -71.81 -66.57 16.63
CA LYS V 75 -72.45 -65.97 17.83
C LYS V 75 -73.99 -66.04 17.76
N TYR V 76 -74.57 -65.76 16.59
CA TYR V 76 -76.04 -65.64 16.38
C TYR V 76 -76.62 -67.03 16.07
N LYS V 77 -77.67 -67.43 16.81
CA LYS V 77 -78.30 -68.77 16.72
C LYS V 77 -79.78 -68.70 16.34
N GLY V 78 -80.22 -67.68 15.61
CA GLY V 78 -81.56 -67.65 15.00
C GLY V 78 -82.63 -66.92 15.81
N GLU V 79 -82.23 -66.15 16.84
CA GLU V 79 -83.15 -65.39 17.73
C GLU V 79 -83.80 -64.24 16.94
N PRO V 80 -84.97 -63.70 17.39
CA PRO V 80 -85.72 -62.72 16.60
C PRO V 80 -85.24 -61.28 16.85
N THR V 81 -84.11 -60.90 16.23
CA THR V 81 -83.51 -59.61 16.42
C THR V 81 -84.02 -58.65 15.34
N ARG V 82 -83.75 -57.37 15.49
CA ARG V 82 -84.43 -56.32 14.76
C ARG V 82 -83.45 -55.51 13.91
N LEU V 83 -83.99 -54.85 12.89
CA LEU V 83 -83.33 -53.79 12.17
C LEU V 83 -84.30 -52.61 12.08
N VAL V 84 -83.84 -51.40 12.40
CA VAL V 84 -84.68 -50.21 12.36
C VAL V 84 -84.00 -49.16 11.48
N ILE V 85 -84.74 -48.65 10.49
CA ILE V 85 -84.28 -47.62 9.62
C ILE V 85 -85.26 -46.46 9.69
N GLY V 86 -84.72 -45.24 9.78
CA GLY V 86 -85.52 -44.04 9.91
C GLY V 86 -86.05 -43.55 8.58
N ASP V 87 -86.04 -42.22 8.44
CA ASP V 87 -86.70 -41.49 7.38
C ASP V 87 -85.65 -40.90 6.42
N HIS V 88 -86.02 -40.74 5.14
CA HIS V 88 -85.27 -39.97 4.12
C HIS V 88 -83.86 -40.53 3.89
N ASN V 89 -83.69 -41.84 3.98
CA ASN V 89 -82.41 -42.45 3.71
C ASN V 89 -82.37 -42.90 2.23
N VAL V 90 -81.16 -42.97 1.70
CA VAL V 90 -80.90 -43.54 0.41
C VAL V 90 -79.89 -44.67 0.59
N ILE V 91 -80.28 -45.86 0.13
CA ILE V 91 -79.44 -47.03 0.18
C ILE V 91 -79.22 -47.50 -1.27
N ARG V 92 -77.99 -47.39 -1.74
CA ARG V 92 -77.68 -47.63 -3.12
C ARG V 92 -77.49 -49.13 -3.40
N GLU V 93 -77.03 -49.41 -4.63
CA GLU V 93 -77.08 -50.74 -5.16
C GLU V 93 -76.12 -51.65 -4.36
N GLY V 94 -76.63 -52.82 -3.99
CA GLY V 94 -75.82 -53.90 -3.48
C GLY V 94 -75.48 -53.80 -1.99
N VAL V 95 -76.13 -52.88 -1.27
CA VAL V 95 -75.83 -52.70 0.13
C VAL V 95 -76.35 -53.90 0.91
N THR V 96 -75.58 -54.32 1.93
CA THR V 96 -76.00 -55.33 2.89
C THR V 96 -76.13 -54.70 4.28
N ILE V 97 -77.26 -54.97 4.93
CA ILE V 97 -77.53 -54.51 6.27
C ILE V 97 -78.03 -55.70 7.06
N HIS V 98 -77.36 -56.02 8.17
CA HIS V 98 -77.71 -57.16 8.98
C HIS V 98 -78.47 -56.69 10.23
N ARG V 99 -79.35 -57.55 10.72
CA ARG V 99 -80.05 -57.32 11.98
C ARG V 99 -79.10 -57.62 13.14
N GLY V 100 -79.51 -57.25 14.35
CA GLY V 100 -78.70 -57.37 15.56
C GLY V 100 -78.54 -58.79 16.07
N THR V 101 -77.93 -58.87 17.27
CA THR V 101 -77.64 -60.10 18.00
C THR V 101 -78.07 -59.91 19.46
N VAL V 102 -78.43 -61.02 20.12
CA VAL V 102 -78.91 -60.95 21.50
C VAL V 102 -77.82 -60.53 22.46
N GLN V 103 -76.54 -60.70 22.08
CA GLN V 103 -75.41 -60.40 22.96
C GLN V 103 -75.23 -58.89 23.12
N ASP V 104 -75.87 -58.03 22.30
CA ASP V 104 -75.77 -56.57 22.48
C ASP V 104 -77.17 -56.01 22.77
N ARG V 105 -77.80 -55.32 21.80
CA ARG V 105 -79.08 -54.68 22.05
C ARG V 105 -80.17 -55.30 21.18
N ALA V 106 -79.81 -56.31 20.38
CA ALA V 106 -80.75 -57.06 19.56
C ALA V 106 -81.28 -56.19 18.44
N GLU V 107 -80.54 -55.15 18.05
CA GLU V 107 -81.05 -54.20 17.10
C GLU V 107 -79.92 -53.48 16.37
N THR V 108 -79.95 -53.53 15.05
CA THR V 108 -79.19 -52.66 14.19
C THR V 108 -80.06 -51.46 13.87
N THR V 109 -79.53 -50.24 13.98
CA THR V 109 -80.40 -49.08 13.88
C THR V 109 -79.72 -48.03 12.98
N ILE V 110 -80.54 -47.38 12.13
CA ILE V 110 -80.13 -46.32 11.24
C ILE V 110 -81.12 -45.16 11.38
N GLY V 111 -80.58 -43.94 11.50
CA GLY V 111 -81.37 -42.75 11.69
C GLY V 111 -81.95 -42.22 10.39
N ASP V 112 -81.86 -40.90 10.22
CA ASP V 112 -82.54 -40.16 9.17
C ASP V 112 -81.51 -39.51 8.23
N HIS V 113 -81.90 -39.28 6.97
CA HIS V 113 -81.14 -38.47 6.00
C HIS V 113 -79.74 -39.04 5.76
N ASN V 114 -79.58 -40.35 5.78
CA ASN V 114 -78.28 -40.94 5.55
C ASN V 114 -78.17 -41.33 4.08
N LEU V 115 -76.94 -41.36 3.58
CA LEU V 115 -76.66 -41.82 2.25
C LEU V 115 -75.67 -42.98 2.36
N ILE V 116 -76.10 -44.18 1.98
CA ILE V 116 -75.26 -45.33 2.04
C ILE V 116 -75.05 -45.83 0.62
N MET V 117 -73.82 -45.72 0.14
CA MET V 117 -73.55 -45.87 -1.27
C MET V 117 -73.23 -47.34 -1.57
N ALA V 118 -73.00 -47.63 -2.85
CA ALA V 118 -73.03 -48.98 -3.38
C ALA V 118 -72.12 -49.90 -2.58
N TYR V 119 -72.61 -51.11 -2.31
CA TYR V 119 -71.81 -52.25 -1.84
C TYR V 119 -71.32 -52.01 -0.40
N ALA V 120 -71.84 -51.00 0.29
CA ALA V 120 -71.50 -50.81 1.68
C ALA V 120 -72.11 -51.93 2.52
N HIS V 121 -71.49 -52.22 3.66
CA HIS V 121 -71.94 -53.25 4.57
C HIS V 121 -72.12 -52.66 5.97
N ILE V 122 -73.29 -52.93 6.57
CA ILE V 122 -73.58 -52.47 7.89
C ILE V 122 -73.86 -53.68 8.78
N GLY V 123 -72.87 -54.01 9.60
CA GLY V 123 -72.86 -55.24 10.37
C GLY V 123 -73.79 -55.19 11.56
N HIS V 124 -74.06 -56.38 12.09
CA HIS V 124 -74.97 -56.54 13.20
C HIS V 124 -74.69 -55.51 14.30
N ASP V 125 -75.74 -54.91 14.81
CA ASP V 125 -75.75 -54.15 16.04
C ASP V 125 -75.12 -52.78 15.85
N SER V 126 -74.82 -52.41 14.62
CA SER V 126 -74.29 -51.09 14.34
C SER V 126 -75.39 -50.06 14.53
N VAL V 127 -74.99 -48.83 14.79
CA VAL V 127 -75.90 -47.72 15.00
C VAL V 127 -75.41 -46.54 14.20
N ILE V 128 -76.24 -46.06 13.27
CA ILE V 128 -75.91 -44.89 12.52
C ILE V 128 -76.89 -43.78 12.89
N GLY V 129 -76.36 -42.57 12.99
CA GLY V 129 -77.13 -41.40 13.35
C GLY V 129 -77.83 -40.80 12.16
N ASN V 130 -77.73 -39.47 12.02
CA ASN V 130 -78.38 -38.75 10.96
C ASN V 130 -77.33 -38.03 10.12
N HIS V 131 -77.66 -37.83 8.83
CA HIS V 131 -76.89 -36.98 7.93
C HIS V 131 -75.52 -37.59 7.62
N CYS V 132 -75.35 -38.90 7.81
CA CYS V 132 -74.09 -39.52 7.55
C CYS V 132 -74.00 -39.90 6.07
N ILE V 133 -72.76 -40.11 5.61
CA ILE V 133 -72.48 -40.58 4.29
C ILE V 133 -71.46 -41.71 4.38
N LEU V 134 -71.87 -42.91 3.96
CA LEU V 134 -70.98 -44.03 3.81
C LEU V 134 -70.78 -44.27 2.31
N VAL V 135 -69.54 -44.11 1.87
CA VAL V 135 -69.28 -44.17 0.48
C VAL V 135 -69.06 -45.63 0.08
N ASN V 136 -69.10 -45.90 -1.23
CA ASN V 136 -68.96 -47.20 -1.82
C ASN V 136 -68.05 -48.11 -0.98
N ASN V 137 -68.58 -49.28 -0.61
CA ASN V 137 -67.80 -50.41 -0.04
C ASN V 137 -67.27 -50.08 1.36
N THR V 138 -67.82 -49.08 2.02
CA THR V 138 -67.56 -48.89 3.41
C THR V 138 -68.13 -50.08 4.18
N ALA V 139 -67.40 -50.59 5.17
CA ALA V 139 -67.83 -51.79 5.88
C ALA V 139 -67.71 -51.59 7.40
N LEU V 140 -68.83 -51.72 8.11
CA LEU V 140 -68.87 -51.68 9.56
C LEU V 140 -68.96 -53.14 10.04
N ALA V 141 -67.91 -53.66 10.67
CA ALA V 141 -67.84 -55.05 11.04
C ALA V 141 -68.95 -55.48 12.02
N GLY V 142 -69.38 -54.55 12.88
CA GLY V 142 -70.42 -54.84 13.87
C GLY V 142 -70.24 -54.03 15.14
N HIS V 143 -71.37 -53.70 15.78
CA HIS V 143 -71.38 -52.92 16.99
C HIS V 143 -70.69 -51.57 16.77
N VAL V 144 -70.78 -51.02 15.57
CA VAL V 144 -70.13 -49.77 15.28
C VAL V 144 -71.14 -48.65 15.45
N HIS V 145 -70.76 -47.59 16.16
CA HIS V 145 -71.60 -46.42 16.34
C HIS V 145 -71.03 -45.29 15.48
N VAL V 146 -71.82 -44.78 14.54
CA VAL V 146 -71.45 -43.66 13.71
C VAL V 146 -72.37 -42.49 14.05
N ASP V 147 -71.79 -41.41 14.56
CA ASP V 147 -72.55 -40.28 15.04
C ASP V 147 -72.78 -39.30 13.86
N ASP V 148 -73.61 -38.28 14.10
CA ASP V 148 -74.21 -37.45 13.06
C ASP V 148 -73.13 -36.80 12.19
N TRP V 149 -73.41 -36.72 10.87
CA TRP V 149 -72.64 -35.93 9.88
C TRP V 149 -71.30 -36.57 9.55
N ALA V 150 -71.05 -37.80 10.00
CA ALA V 150 -69.80 -38.40 9.68
C ALA V 150 -69.76 -38.73 8.18
N ILE V 151 -68.56 -38.76 7.63
CA ILE V 151 -68.34 -39.16 6.26
C ILE V 151 -67.23 -40.21 6.26
N LEU V 152 -67.55 -41.40 5.74
CA LEU V 152 -66.56 -42.43 5.55
C LEU V 152 -66.30 -42.58 4.05
N SER V 153 -65.09 -42.22 3.62
CA SER V 153 -64.71 -42.30 2.23
C SER V 153 -64.75 -43.76 1.80
N GLY V 154 -64.67 -43.97 0.49
CA GLY V 154 -64.84 -45.29 -0.08
C GLY V 154 -63.87 -46.30 0.50
N TYR V 155 -64.36 -47.54 0.64
CA TYR V 155 -63.56 -48.67 1.06
C TYR V 155 -62.96 -48.41 2.43
N THR V 156 -63.67 -47.67 3.28
CA THR V 156 -63.31 -47.55 4.66
C THR V 156 -63.81 -48.77 5.43
N LEU V 157 -62.92 -49.43 6.17
CA LEU V 157 -63.25 -50.59 6.99
C LEU V 157 -63.20 -50.20 8.47
N VAL V 158 -64.17 -50.64 9.27
CA VAL V 158 -64.23 -50.29 10.69
C VAL V 158 -64.38 -51.58 11.51
N HIS V 159 -63.45 -51.79 12.45
CA HIS V 159 -63.48 -52.95 13.31
C HIS V 159 -64.68 -52.89 14.26
N GLN V 160 -65.01 -54.06 14.79
CA GLN V 160 -66.06 -54.22 15.77
C GLN V 160 -65.83 -53.24 16.92
N TYR V 161 -66.92 -52.59 17.36
CA TYR V 161 -67.01 -51.82 18.61
C TYR V 161 -66.49 -50.38 18.44
N CYS V 162 -65.99 -49.99 17.28
CA CYS V 162 -65.49 -48.64 17.13
C CYS V 162 -66.60 -47.60 17.10
N ARG V 163 -66.29 -46.42 17.63
CA ARG V 163 -67.14 -45.26 17.60
C ARG V 163 -66.53 -44.26 16.62
N ILE V 164 -67.32 -43.86 15.62
CA ILE V 164 -66.95 -42.85 14.66
C ILE V 164 -67.65 -41.56 15.07
N GLY V 165 -66.88 -40.52 15.38
CA GLY V 165 -67.40 -39.31 16.00
C GLY V 165 -68.16 -38.43 15.02
N ALA V 166 -68.99 -37.54 15.57
CA ALA V 166 -69.74 -36.59 14.79
C ALA V 166 -68.79 -35.75 13.93
N HIS V 167 -69.17 -35.53 12.66
CA HIS V 167 -68.45 -34.69 11.70
C HIS V 167 -67.08 -35.23 11.37
N SER V 168 -66.77 -36.44 11.79
CA SER V 168 -65.48 -36.97 11.53
C SER V 168 -65.43 -37.44 10.06
N PHE V 169 -64.23 -37.73 9.57
CA PHE V 169 -64.01 -38.00 8.16
C PHE V 169 -62.88 -39.01 8.01
N SER V 170 -63.13 -40.07 7.25
CA SER V 170 -62.10 -41.03 6.94
C SER V 170 -61.74 -40.90 5.47
N GLY V 171 -60.45 -41.02 5.17
CA GLY V 171 -59.96 -41.03 3.79
C GLY V 171 -60.18 -42.38 3.16
N MET V 172 -59.93 -42.49 1.87
CA MET V 172 -60.34 -43.68 1.22
C MET V 172 -59.35 -44.80 1.51
N GLY V 173 -59.89 -46.01 1.67
CA GLY V 173 -59.14 -47.18 2.04
C GLY V 173 -58.66 -47.14 3.48
N SER V 174 -59.31 -46.33 4.31
CA SER V 174 -58.97 -46.29 5.73
C SER V 174 -59.34 -47.61 6.40
N ALA V 175 -58.50 -48.03 7.34
CA ALA V 175 -58.76 -49.21 8.15
C ALA V 175 -58.72 -48.78 9.62
N ILE V 176 -59.91 -48.62 10.21
CA ILE V 176 -60.07 -48.00 11.49
C ILE V 176 -60.22 -49.08 12.56
N GLY V 177 -59.35 -49.03 13.58
CA GLY V 177 -59.34 -50.04 14.64
C GLY V 177 -59.62 -49.48 16.03
N LYS V 178 -59.68 -48.16 16.16
CA LYS V 178 -59.94 -47.51 17.44
C LYS V 178 -60.91 -46.37 17.17
N ASP V 179 -61.42 -45.73 18.21
CA ASP V 179 -62.44 -44.71 18.01
C ASP V 179 -61.86 -43.54 17.21
N VAL V 180 -62.70 -42.88 16.42
CA VAL V 180 -62.34 -41.69 15.77
C VAL V 180 -63.04 -40.56 16.49
N PRO V 181 -62.29 -39.63 17.12
CA PRO V 181 -62.93 -38.54 17.82
C PRO V 181 -63.72 -37.69 16.85
N ALA V 182 -64.69 -36.95 17.37
CA ALA V 182 -65.48 -36.03 16.58
C ALA V 182 -64.55 -35.07 15.84
N TYR V 183 -64.96 -34.71 14.63
CA TYR V 183 -64.31 -33.74 13.76
C TYR V 183 -62.98 -34.24 13.17
N VAL V 184 -62.43 -35.36 13.63
CA VAL V 184 -61.07 -35.69 13.23
C VAL V 184 -61.08 -36.33 11.84
N THR V 185 -60.02 -36.08 11.06
CA THR V 185 -59.81 -36.77 9.79
C THR V 185 -58.75 -37.85 9.98
N VAL V 186 -59.00 -39.04 9.43
CA VAL V 186 -58.08 -40.16 9.54
C VAL V 186 -57.84 -40.77 8.17
N PHE V 187 -56.65 -41.36 7.99
CA PHE V 187 -56.20 -41.88 6.71
C PHE V 187 -55.32 -43.11 6.93
N GLY V 188 -55.46 -44.08 6.02
CA GLY V 188 -54.49 -45.16 5.86
C GLY V 188 -54.90 -46.42 6.60
N ASN V 189 -54.05 -47.43 6.47
CA ASN V 189 -54.23 -48.74 7.04
C ASN V 189 -52.93 -49.16 7.69
N PRO V 190 -52.81 -49.02 9.01
CA PRO V 190 -53.88 -48.60 9.92
C PRO V 190 -54.12 -47.09 9.93
N ALA V 191 -55.35 -46.69 10.25
CA ALA V 191 -55.75 -45.31 10.18
C ALA V 191 -54.96 -44.48 11.19
N GLU V 192 -54.57 -43.27 10.77
CA GLU V 192 -53.89 -42.28 11.57
C GLU V 192 -54.64 -40.96 11.47
N ALA V 193 -54.65 -40.21 12.58
CA ALA V 193 -55.26 -38.89 12.64
C ALA V 193 -54.32 -37.94 11.90
N ARG V 194 -54.90 -37.01 11.13
CA ARG V 194 -54.13 -36.08 10.37
C ARG V 194 -54.52 -34.64 10.76
N SER V 195 -55.81 -34.34 10.79
CA SER V 195 -56.29 -33.01 11.02
C SER V 195 -57.74 -33.04 11.46
N MET V 196 -58.47 -31.96 11.24
CA MET V 196 -59.89 -31.89 11.52
C MET V 196 -60.65 -31.52 10.27
N ASN V 197 -61.93 -31.86 10.27
CA ASN V 197 -62.78 -31.75 9.12
C ASN V 197 -63.33 -30.33 9.08
N PHE V 198 -62.50 -29.39 8.69
CA PHE V 198 -62.87 -27.99 8.68
C PHE V 198 -63.93 -27.73 7.62
N GLU V 199 -63.84 -28.44 6.49
CA GLU V 199 -64.85 -28.34 5.43
C GLU V 199 -66.24 -28.58 6.03
N GLY V 200 -66.35 -29.61 6.87
CA GLY V 200 -67.59 -29.97 7.52
C GLY V 200 -68.11 -28.88 8.44
N MET V 201 -67.20 -28.23 9.16
CA MET V 201 -67.56 -27.17 10.09
C MET V 201 -68.06 -25.95 9.33
N ARG V 202 -67.49 -25.72 8.15
CA ARG V 202 -67.86 -24.59 7.30
C ARG V 202 -69.32 -24.74 6.89
N ARG V 203 -69.68 -25.95 6.40
CA ARG V 203 -71.00 -26.27 5.92
C ARG V 203 -72.05 -26.16 7.04
N ARG V 204 -71.70 -26.50 8.27
CA ARG V 204 -72.65 -26.38 9.38
C ARG V 204 -72.68 -24.93 9.91
N GLY V 205 -71.88 -24.04 9.35
CA GLY V 205 -71.84 -22.64 9.74
C GLY V 205 -71.32 -22.42 11.15
N PHE V 206 -70.32 -23.19 11.58
CA PHE V 206 -69.68 -22.96 12.86
C PHE V 206 -69.06 -21.56 12.90
N SER V 207 -69.03 -20.96 14.08
CA SER V 207 -68.37 -19.70 14.26
C SER V 207 -66.88 -19.87 13.97
N SER V 208 -66.21 -18.76 13.64
CA SER V 208 -64.81 -18.80 13.36
C SER V 208 -64.02 -19.01 14.66
N GLU V 209 -64.55 -18.56 15.80
CA GLU V 209 -63.91 -18.73 17.12
C GLU V 209 -63.94 -20.21 17.52
N ALA V 210 -65.00 -20.91 17.13
CA ALA V 210 -65.17 -22.31 17.47
C ALA V 210 -64.25 -23.18 16.62
N ILE V 211 -64.07 -22.82 15.34
CA ILE V 211 -63.20 -23.53 14.46
C ILE V 211 -61.76 -23.45 15.00
N HIS V 212 -61.35 -22.25 15.40
CA HIS V 212 -60.03 -22.04 15.95
C HIS V 212 -59.86 -22.87 17.24
N ALA V 213 -60.91 -22.95 18.05
CA ALA V 213 -60.84 -23.63 19.32
C ALA V 213 -60.66 -25.13 19.09
N LEU V 214 -61.27 -25.62 18.02
CA LEU V 214 -61.21 -27.01 17.69
C LEU V 214 -59.84 -27.34 17.12
N ARG V 215 -59.19 -26.41 16.41
CA ARG V 215 -57.86 -26.68 15.94
C ARG V 215 -56.90 -26.79 17.13
N ARG V 216 -57.06 -25.90 18.14
CA ARG V 216 -56.21 -25.93 19.30
C ARG V 216 -56.45 -27.23 20.04
N ALA V 217 -57.70 -27.70 20.05
CA ALA V 217 -58.06 -28.92 20.74
C ALA V 217 -57.37 -30.12 20.08
N TYR V 218 -57.32 -30.12 18.75
CA TYR V 218 -56.64 -31.15 18.02
C TYR V 218 -55.18 -31.20 18.49
N LYS V 219 -54.55 -30.03 18.53
CA LYS V 219 -53.15 -29.94 18.88
C LYS V 219 -52.88 -30.45 20.30
N VAL V 220 -53.81 -30.22 21.23
CA VAL V 220 -53.65 -30.64 22.61
C VAL V 220 -53.57 -32.17 22.70
N VAL V 221 -54.46 -32.82 21.96
CA VAL V 221 -54.64 -34.26 21.99
C VAL V 221 -53.51 -34.96 21.24
N TYR V 222 -53.06 -34.37 20.13
CA TYR V 222 -52.28 -35.10 19.12
C TYR V 222 -50.86 -34.55 18.94
N ARG V 223 -50.58 -33.28 19.17
CA ARG V 223 -49.32 -32.68 18.70
C ARG V 223 -48.53 -32.11 19.90
N GLN V 224 -48.78 -32.52 21.14
CA GLN V 224 -48.11 -31.83 22.25
C GLN V 224 -47.56 -32.81 23.30
N GLY V 225 -47.40 -34.07 22.93
CA GLY V 225 -46.88 -35.10 23.82
C GLY V 225 -47.76 -35.39 25.02
N HIS V 226 -49.05 -35.00 25.02
CA HIS V 226 -49.88 -35.28 26.19
C HIS V 226 -50.33 -36.74 26.15
N THR V 227 -50.46 -37.39 27.31
CA THR V 227 -51.23 -38.63 27.42
C THR V 227 -52.70 -38.27 27.21
N VAL V 228 -53.56 -39.26 27.01
CA VAL V 228 -54.94 -38.96 26.77
C VAL V 228 -55.56 -38.33 28.02
N GLU V 229 -55.16 -38.79 29.21
CA GLU V 229 -55.64 -38.25 30.49
C GLU V 229 -55.26 -36.76 30.62
N GLU V 230 -54.01 -36.45 30.31
CA GLU V 230 -53.50 -35.08 30.42
C GLU V 230 -54.23 -34.16 29.42
N ALA V 231 -54.57 -34.70 28.25
CA ALA V 231 -55.23 -33.93 27.21
C ALA V 231 -56.66 -33.58 27.66
N LEU V 232 -57.37 -34.56 28.19
CA LEU V 232 -58.72 -34.37 28.69
C LEU V 232 -58.77 -33.25 29.73
N ALA V 233 -57.76 -33.21 30.60
CA ALA V 233 -57.66 -32.22 31.65
C ALA V 233 -57.46 -30.84 31.03
N GLU V 234 -56.60 -30.76 30.02
CA GLU V 234 -56.30 -29.52 29.35
C GLU V 234 -57.51 -29.00 28.58
N LEU V 235 -58.27 -29.90 27.98
CA LEU V 235 -59.46 -29.54 27.21
C LEU V 235 -60.60 -29.05 28.11
N ALA V 236 -60.57 -29.27 29.41
CA ALA V 236 -61.71 -28.95 30.27
C ALA V 236 -62.15 -27.49 30.11
N GLU V 237 -61.19 -26.55 30.10
CA GLU V 237 -61.49 -25.11 29.97
C GLU V 237 -62.22 -24.85 28.66
N SER V 238 -61.61 -25.31 27.58
CA SER V 238 -62.05 -25.05 26.21
C SER V 238 -63.43 -25.68 25.94
N ALA V 239 -63.74 -26.79 26.61
CA ALA V 239 -64.99 -27.51 26.45
C ALA V 239 -66.14 -26.80 27.18
N ALA V 240 -65.82 -26.03 28.20
CA ALA V 240 -66.82 -25.27 28.89
C ALA V 240 -67.14 -23.98 28.13
N GLN V 241 -66.19 -23.52 27.32
CA GLN V 241 -66.31 -22.30 26.57
C GLN V 241 -67.08 -22.53 25.27
N PHE V 242 -66.98 -23.72 24.68
CA PHE V 242 -67.54 -23.99 23.35
C PHE V 242 -68.26 -25.34 23.33
N PRO V 243 -69.61 -25.36 23.10
CA PRO V 243 -70.34 -26.61 22.90
C PRO V 243 -69.70 -27.57 21.90
N GLU V 244 -69.06 -27.01 20.88
CA GLU V 244 -68.45 -27.76 19.77
C GLU V 244 -67.22 -28.52 20.26
N VAL V 245 -66.44 -27.91 21.16
CA VAL V 245 -65.27 -28.56 21.72
C VAL V 245 -65.72 -29.62 22.73
N ALA V 246 -66.82 -29.38 23.44
CA ALA V 246 -67.34 -30.38 24.37
C ALA V 246 -67.66 -31.68 23.65
N VAL V 247 -68.22 -31.60 22.44
CA VAL V 247 -68.50 -32.79 21.62
C VAL V 247 -67.21 -33.58 21.39
N PHE V 248 -66.13 -32.86 21.09
CA PHE V 248 -64.82 -33.44 20.84
C PHE V 248 -64.27 -34.09 22.11
N ARG V 249 -64.30 -33.35 23.25
CA ARG V 249 -63.81 -33.90 24.50
C ARG V 249 -64.63 -35.15 24.84
N ASP V 250 -65.96 -35.09 24.68
CA ASP V 250 -66.83 -36.18 25.11
C ASP V 250 -66.54 -37.44 24.28
N SER V 251 -66.19 -37.28 23.00
CA SER V 251 -65.87 -38.42 22.16
C SER V 251 -64.57 -39.12 22.61
N ILE V 252 -63.60 -38.36 23.11
CA ILE V 252 -62.36 -38.90 23.62
C ILE V 252 -62.56 -39.52 25.01
N GLN V 253 -63.30 -38.82 25.86
CA GLN V 253 -63.66 -39.28 27.19
C GLN V 253 -64.17 -40.73 27.11
N SER V 254 -65.13 -40.95 26.23
CA SER V 254 -65.95 -42.17 26.21
C SER V 254 -65.26 -43.28 25.41
N ALA V 255 -63.93 -43.16 25.24
CA ALA V 255 -63.18 -44.06 24.44
C ALA V 255 -62.11 -44.74 25.28
N THR V 256 -61.97 -44.30 26.52
CA THR V 256 -60.69 -44.42 27.23
C THR V 256 -60.96 -44.65 28.74
N ARG V 257 -61.49 -45.78 29.12
CA ARG V 257 -61.62 -46.01 30.57
C ARG V 257 -60.21 -46.22 31.22
N GLY V 258 -59.43 -47.16 30.72
CA GLY V 258 -58.10 -47.50 31.29
C GLY V 258 -58.22 -48.46 32.46
N ILE V 259 -57.08 -48.77 33.09
CA ILE V 259 -57.02 -49.73 34.17
C ILE V 259 -56.20 -49.14 35.35
N THR V 260 -56.57 -49.57 36.54
CA THR V 260 -55.88 -49.20 37.71
C THR V 260 -54.42 -49.58 37.54
N ARG V 261 -53.53 -48.62 37.64
CA ARG V 261 -52.05 -48.83 37.51
C ARG V 261 -51.34 -48.59 38.85
N MET W 4 -86.64 -70.50 -27.88
CA MET W 4 -86.07 -69.22 -27.56
C MET W 4 -86.36 -68.20 -28.71
N SER W 5 -86.65 -66.93 -28.35
CA SER W 5 -86.33 -65.70 -29.10
C SER W 5 -85.16 -65.00 -28.38
N LEU W 6 -84.61 -63.91 -28.91
CA LEU W 6 -83.33 -63.38 -28.47
C LEU W 6 -83.52 -62.48 -27.25
N ILE W 7 -84.74 -62.01 -27.04
CA ILE W 7 -85.08 -61.20 -25.89
C ILE W 7 -86.00 -62.05 -25.01
N ASP W 8 -85.53 -62.34 -23.81
CA ASP W 8 -86.26 -63.22 -22.94
C ASP W 8 -87.61 -62.59 -22.69
N PRO W 9 -88.71 -63.38 -22.70
CA PRO W 9 -90.03 -62.83 -22.36
C PRO W 9 -90.09 -62.32 -20.91
N ARG W 10 -89.20 -62.78 -20.02
CA ARG W 10 -89.21 -62.33 -18.64
C ARG W 10 -88.48 -60.98 -18.46
N ALA W 11 -87.85 -60.44 -19.52
CA ALA W 11 -87.16 -59.14 -19.45
C ALA W 11 -88.18 -58.02 -19.66
N ILE W 12 -87.80 -56.79 -19.27
CA ILE W 12 -88.63 -55.61 -19.48
C ILE W 12 -87.88 -54.63 -20.37
N ILE W 13 -88.50 -54.28 -21.50
CA ILE W 13 -87.90 -53.38 -22.44
C ILE W 13 -88.81 -52.16 -22.54
N ASP W 14 -88.27 -50.98 -22.23
CA ASP W 14 -89.05 -49.78 -22.33
C ASP W 14 -89.44 -49.55 -23.79
N PRO W 15 -90.68 -49.08 -24.05
CA PRO W 15 -91.08 -48.67 -25.41
C PRO W 15 -90.09 -47.77 -26.15
N SER W 16 -89.40 -46.87 -25.43
CA SER W 16 -88.51 -45.86 -26.02
C SER W 16 -87.05 -46.35 -26.12
N ALA W 17 -86.77 -47.60 -25.75
CA ALA W 17 -85.46 -48.20 -25.96
C ALA W 17 -85.33 -48.61 -27.42
N ARG W 18 -84.10 -48.61 -27.94
CA ARG W 18 -83.82 -48.88 -29.33
C ARG W 18 -82.70 -49.95 -29.39
N LEU W 19 -83.08 -51.18 -29.73
CA LEU W 19 -82.20 -52.34 -29.80
C LEU W 19 -81.99 -52.75 -31.25
N ALA W 20 -80.73 -52.95 -31.66
CA ALA W 20 -80.44 -53.53 -32.96
C ALA W 20 -81.06 -54.93 -33.05
N ALA W 21 -81.15 -55.44 -34.29
CA ALA W 21 -81.93 -56.64 -34.61
C ALA W 21 -81.50 -57.86 -33.77
N ASP W 22 -80.19 -58.07 -33.55
CA ASP W 22 -79.70 -59.35 -33.02
C ASP W 22 -79.15 -59.20 -31.58
N VAL W 23 -79.65 -58.21 -30.86
CA VAL W 23 -79.30 -58.04 -29.46
C VAL W 23 -79.98 -59.17 -28.66
N GLN W 24 -79.29 -59.68 -27.65
CA GLN W 24 -79.83 -60.65 -26.72
C GLN W 24 -79.98 -60.03 -25.33
N VAL W 25 -81.10 -60.31 -24.66
CA VAL W 25 -81.35 -59.85 -23.32
C VAL W 25 -81.85 -61.02 -22.50
N GLY W 26 -81.18 -61.27 -21.38
CA GLY W 26 -81.49 -62.34 -20.49
C GLY W 26 -82.73 -62.07 -19.66
N PRO W 27 -83.23 -63.10 -18.94
CA PRO W 27 -84.41 -62.96 -18.10
C PRO W 27 -84.19 -61.97 -16.95
N TRP W 28 -85.26 -61.25 -16.59
CA TRP W 28 -85.30 -60.37 -15.41
C TRP W 28 -84.31 -59.21 -15.54
N SER W 29 -84.05 -58.80 -16.77
CA SER W 29 -83.24 -57.63 -17.01
C SER W 29 -84.17 -56.49 -17.39
N ILE W 30 -83.75 -55.26 -17.07
CA ILE W 30 -84.50 -54.07 -17.42
C ILE W 30 -83.67 -53.26 -18.41
N VAL W 31 -84.25 -52.97 -19.56
CA VAL W 31 -83.67 -52.01 -20.47
C VAL W 31 -84.56 -50.76 -20.44
N GLY W 32 -84.11 -49.76 -19.68
CA GLY W 32 -84.90 -48.56 -19.38
C GLY W 32 -85.08 -47.65 -20.59
N ALA W 33 -85.86 -46.59 -20.35
CA ALA W 33 -86.13 -45.55 -21.34
C ALA W 33 -84.80 -45.00 -21.86
N GLU W 34 -84.75 -44.75 -23.18
CA GLU W 34 -83.68 -44.00 -23.83
C GLU W 34 -82.34 -44.76 -23.79
N VAL W 35 -82.40 -46.09 -23.76
CA VAL W 35 -81.24 -46.90 -23.89
C VAL W 35 -81.17 -47.41 -25.31
N GLU W 36 -79.98 -47.32 -25.89
CA GLU W 36 -79.74 -47.72 -27.25
C GLU W 36 -78.64 -48.80 -27.22
N ILE W 37 -78.87 -49.94 -27.88
CA ILE W 37 -77.95 -51.07 -27.82
C ILE W 37 -77.61 -51.53 -29.24
N GLY W 38 -76.31 -51.64 -29.53
CA GLY W 38 -75.80 -51.92 -30.85
C GLY W 38 -75.75 -53.42 -31.16
N GLU W 39 -75.65 -53.69 -32.48
CA GLU W 39 -75.51 -55.00 -33.09
C GLU W 39 -74.62 -55.95 -32.26
N GLY W 40 -75.15 -57.13 -31.94
CA GLY W 40 -74.38 -58.29 -31.44
C GLY W 40 -74.09 -58.24 -29.94
N THR W 41 -74.61 -57.24 -29.24
CA THR W 41 -74.42 -57.10 -27.82
C THR W 41 -75.32 -58.10 -27.10
N VAL W 42 -74.84 -58.57 -25.94
CA VAL W 42 -75.53 -59.55 -25.11
C VAL W 42 -75.65 -58.99 -23.70
N ILE W 43 -76.89 -58.83 -23.24
CA ILE W 43 -77.20 -58.48 -21.88
C ILE W 43 -77.57 -59.77 -21.17
N GLY W 44 -76.89 -60.02 -20.04
CA GLY W 44 -77.16 -61.17 -19.23
C GLY W 44 -78.48 -61.06 -18.49
N PRO W 45 -78.76 -62.00 -17.58
CA PRO W 45 -79.93 -61.91 -16.71
C PRO W 45 -79.66 -60.90 -15.58
N HIS W 46 -80.71 -60.41 -14.93
CA HIS W 46 -80.56 -59.58 -13.74
C HIS W 46 -79.69 -58.35 -14.00
N VAL W 47 -79.85 -57.69 -15.15
CA VAL W 47 -79.12 -56.49 -15.44
C VAL W 47 -80.09 -55.32 -15.42
N VAL W 48 -79.62 -54.16 -14.96
CA VAL W 48 -80.40 -52.95 -14.99
C VAL W 48 -79.68 -51.93 -15.86
N LEU W 49 -80.28 -51.58 -17.00
CA LEU W 49 -79.80 -50.48 -17.83
C LEU W 49 -80.73 -49.28 -17.65
N LYS W 50 -80.14 -48.09 -17.56
CA LYS W 50 -80.87 -46.87 -17.45
C LYS W 50 -80.24 -45.84 -18.37
N GLY W 51 -81.03 -44.84 -18.80
CA GLY W 51 -80.63 -43.91 -19.86
C GLY W 51 -80.65 -42.45 -19.40
N PRO W 52 -80.20 -41.53 -20.26
CA PRO W 52 -79.83 -41.76 -21.65
C PRO W 52 -78.46 -42.45 -21.84
N THR W 53 -78.47 -43.62 -22.48
CA THR W 53 -77.30 -44.45 -22.56
C THR W 53 -77.20 -45.03 -23.97
N LYS W 54 -75.99 -45.03 -24.52
CA LYS W 54 -75.70 -45.59 -25.81
C LYS W 54 -74.64 -46.67 -25.63
N ILE W 55 -75.00 -47.90 -25.99
CA ILE W 55 -74.10 -49.04 -25.92
C ILE W 55 -73.83 -49.52 -27.35
N GLY W 56 -72.55 -49.71 -27.69
CA GLY W 56 -72.14 -50.07 -29.03
C GLY W 56 -72.32 -51.54 -29.31
N LYS W 57 -71.45 -52.08 -30.15
CA LYS W 57 -71.60 -53.38 -30.79
C LYS W 57 -70.74 -54.41 -30.07
N HIS W 58 -71.25 -55.63 -29.99
CA HIS W 58 -70.52 -56.82 -29.54
C HIS W 58 -70.05 -56.67 -28.09
N ASN W 59 -70.86 -56.04 -27.24
CA ASN W 59 -70.58 -55.98 -25.81
C ASN W 59 -71.18 -57.21 -25.13
N ARG W 60 -70.64 -57.54 -23.97
CA ARG W 60 -71.15 -58.61 -23.07
CA ARG W 60 -71.13 -58.60 -23.08
C ARG W 60 -71.30 -57.88 -21.72
N ILE W 61 -72.51 -57.88 -21.15
CA ILE W 61 -72.76 -57.31 -19.79
C ILE W 61 -73.36 -58.39 -18.88
N TYR W 62 -72.72 -58.65 -17.74
CA TYR W 62 -73.08 -59.78 -16.90
C TYR W 62 -74.05 -59.35 -15.80
N GLN W 63 -74.60 -60.37 -15.14
CA GLN W 63 -75.64 -60.27 -14.12
C GLN W 63 -75.25 -59.28 -13.00
N PHE W 64 -76.25 -58.57 -12.49
CA PHE W 64 -76.21 -57.76 -11.26
C PHE W 64 -75.50 -56.41 -11.47
N SER W 65 -75.23 -56.10 -12.73
CA SER W 65 -74.68 -54.84 -13.13
C SER W 65 -75.79 -53.81 -13.21
N SER W 66 -75.49 -52.58 -12.76
CA SER W 66 -76.36 -51.42 -12.91
C SER W 66 -75.59 -50.41 -13.75
N VAL W 67 -76.00 -50.27 -15.01
CA VAL W 67 -75.30 -49.47 -15.98
C VAL W 67 -76.21 -48.32 -16.41
N GLY W 68 -75.79 -47.09 -16.09
CA GLY W 68 -76.50 -45.90 -16.54
C GLY W 68 -77.30 -45.26 -15.43
N GLU W 69 -76.97 -45.61 -14.19
CA GLU W 69 -77.66 -45.13 -13.01
C GLU W 69 -77.22 -43.68 -12.76
N ASP W 70 -78.02 -42.90 -12.03
CA ASP W 70 -77.62 -41.52 -11.68
C ASP W 70 -76.52 -41.56 -10.62
N THR W 71 -75.54 -40.67 -10.62
CA THR W 71 -74.69 -40.61 -9.42
C THR W 71 -75.50 -40.17 -8.25
N PRO W 72 -75.14 -40.60 -7.02
CA PRO W 72 -75.77 -40.06 -5.82
C PRO W 72 -75.15 -38.74 -5.35
N ASP W 73 -74.04 -38.31 -5.97
CA ASP W 73 -73.37 -37.05 -5.65
C ASP W 73 -74.47 -35.98 -5.56
N LEU W 74 -74.40 -35.15 -4.50
CA LEU W 74 -75.51 -34.20 -4.19
C LEU W 74 -75.41 -32.99 -5.13
N LYS W 75 -74.29 -32.93 -5.84
CA LYS W 75 -73.98 -32.07 -7.02
C LYS W 75 -75.04 -32.25 -8.13
N TYR W 76 -75.47 -33.48 -8.41
CA TYR W 76 -76.38 -33.83 -9.53
C TYR W 76 -77.83 -33.67 -9.09
N LYS W 77 -78.65 -32.93 -9.86
CA LYS W 77 -80.04 -32.57 -9.53
C LYS W 77 -81.03 -33.07 -10.59
N GLY W 78 -80.73 -34.15 -11.31
CA GLY W 78 -81.72 -34.86 -12.16
C GLY W 78 -81.69 -34.44 -13.64
N GLU W 79 -80.64 -33.72 -14.07
CA GLU W 79 -80.48 -33.25 -15.47
C GLU W 79 -80.24 -34.44 -16.40
N PRO W 80 -80.50 -34.31 -17.74
CA PRO W 80 -80.47 -35.47 -18.65
C PRO W 80 -79.04 -35.73 -19.20
N THR W 81 -78.19 -36.36 -18.39
CA THR W 81 -76.81 -36.59 -18.74
C THR W 81 -76.69 -37.97 -19.37
N ARG W 82 -75.54 -38.27 -19.96
CA ARG W 82 -75.39 -39.39 -20.86
C ARG W 82 -74.35 -40.38 -20.33
N LEU W 83 -74.43 -41.61 -20.82
CA LEU W 83 -73.38 -42.61 -20.73
C LEU W 83 -73.17 -43.20 -22.13
N VAL W 84 -71.92 -43.29 -22.57
CA VAL W 84 -71.60 -43.84 -23.89
C VAL W 84 -70.59 -44.97 -23.70
N ILE W 85 -70.91 -46.14 -24.27
CA ILE W 85 -70.03 -47.28 -24.27
C ILE W 85 -69.80 -47.71 -25.71
N GLY W 86 -68.55 -48.00 -26.04
CA GLY W 86 -68.16 -48.37 -27.39
C GLY W 86 -68.42 -49.83 -27.69
N ASP W 87 -67.48 -50.43 -28.41
CA ASP W 87 -67.61 -51.74 -29.01
C ASP W 87 -66.71 -52.74 -28.27
N HIS W 88 -67.12 -54.01 -28.26
CA HIS W 88 -66.28 -55.17 -27.84
C HIS W 88 -65.84 -55.08 -26.38
N ASN W 89 -66.67 -54.51 -25.53
CA ASN W 89 -66.37 -54.43 -24.11
C ASN W 89 -66.98 -55.62 -23.38
N VAL W 90 -66.37 -55.97 -22.26
CA VAL W 90 -66.88 -56.96 -21.35
C VAL W 90 -67.02 -56.30 -19.98
N ILE W 91 -68.24 -56.35 -19.44
CA ILE W 91 -68.56 -55.81 -18.16
C ILE W 91 -69.06 -56.94 -17.28
N ARG W 92 -68.28 -57.32 -16.27
CA ARG W 92 -68.54 -58.50 -15.48
C ARG W 92 -69.57 -58.22 -14.39
N GLU W 93 -69.75 -59.20 -13.51
CA GLU W 93 -70.87 -59.24 -12.62
C GLU W 93 -70.75 -58.10 -11.60
N GLY W 94 -71.86 -57.37 -11.42
CA GLY W 94 -72.01 -56.43 -10.32
C GLY W 94 -71.41 -55.07 -10.56
N VAL W 95 -71.00 -54.78 -11.79
CA VAL W 95 -70.37 -53.51 -12.10
C VAL W 95 -71.41 -52.40 -12.01
N THR W 96 -70.99 -51.24 -11.49
CA THR W 96 -71.79 -50.03 -11.52
C THR W 96 -71.11 -48.97 -12.38
N ILE W 97 -71.89 -48.36 -13.28
CA ILE W 97 -71.43 -47.31 -14.14
C ILE W 97 -72.46 -46.19 -14.08
N HIS W 98 -72.03 -44.99 -13.73
CA HIS W 98 -72.90 -43.86 -13.58
C HIS W 98 -72.79 -42.93 -14.79
N ARG W 99 -73.88 -42.25 -15.11
CA ARG W 99 -73.89 -41.22 -16.13
C ARG W 99 -73.24 -39.95 -15.57
N GLY W 100 -72.97 -39.00 -16.46
CA GLY W 100 -72.25 -37.76 -16.14
C GLY W 100 -73.08 -36.76 -15.35
N THR W 101 -72.47 -35.57 -15.21
CA THR W 101 -73.01 -34.42 -14.48
C THR W 101 -72.83 -33.17 -15.35
N VAL W 102 -73.74 -32.19 -15.17
CA VAL W 102 -73.68 -30.98 -15.98
C VAL W 102 -72.45 -30.14 -15.68
N GLN W 103 -71.84 -30.31 -14.51
CA GLN W 103 -70.70 -29.51 -14.08
C GLN W 103 -69.43 -29.87 -14.87
N ASP W 104 -69.40 -31.00 -15.61
CA ASP W 104 -68.23 -31.36 -16.45
C ASP W 104 -68.68 -31.41 -17.93
N ARG W 105 -68.78 -32.61 -18.51
CA ARG W 105 -69.09 -32.74 -19.95
C ARG W 105 -70.46 -33.41 -20.14
N ALA W 106 -71.14 -33.76 -19.05
CA ALA W 106 -72.47 -34.33 -19.07
C ALA W 106 -72.44 -35.74 -19.64
N GLU W 107 -71.28 -36.41 -19.56
CA GLU W 107 -71.13 -37.68 -20.23
C GLU W 107 -70.04 -38.51 -19.57
N THR W 108 -70.38 -39.73 -19.16
CA THR W 108 -69.43 -40.77 -18.84
C THR W 108 -69.19 -41.57 -20.10
N THR W 109 -67.93 -41.86 -20.44
CA THR W 109 -67.67 -42.44 -21.74
C THR W 109 -66.66 -43.61 -21.56
N ILE W 110 -66.90 -44.69 -22.30
CA ILE W 110 -66.05 -45.86 -22.36
C ILE W 110 -65.82 -46.23 -23.83
N GLY W 111 -64.56 -46.51 -24.15
CA GLY W 111 -64.15 -46.82 -25.51
C GLY W 111 -64.42 -48.27 -25.88
N ASP W 112 -63.44 -48.89 -26.52
CA ASP W 112 -63.56 -50.19 -27.15
C ASP W 112 -62.63 -51.21 -26.48
N HIS W 113 -62.99 -52.49 -26.53
CA HIS W 113 -62.12 -53.62 -26.13
C HIS W 113 -61.69 -53.51 -24.66
N ASN W 114 -62.55 -53.01 -23.78
CA ASN W 114 -62.19 -52.90 -22.39
C ASN W 114 -62.72 -54.11 -21.65
N LEU W 115 -62.07 -54.47 -20.55
CA LEU W 115 -62.51 -55.51 -19.66
C LEU W 115 -62.67 -54.90 -18.27
N ILE W 116 -63.91 -54.85 -17.79
CA ILE W 116 -64.21 -54.32 -16.50
C ILE W 116 -64.75 -55.43 -15.63
N MET W 117 -63.98 -55.80 -14.61
CA MET W 117 -64.21 -57.03 -13.90
C MET W 117 -65.16 -56.77 -12.72
N ALA W 118 -65.48 -57.83 -12.00
CA ALA W 118 -66.60 -57.85 -11.08
C ALA W 118 -66.51 -56.70 -10.08
N TYR W 119 -67.66 -56.05 -9.84
CA TYR W 119 -67.88 -55.13 -8.73
C TYR W 119 -67.07 -53.84 -8.91
N ALA W 120 -66.51 -53.61 -10.11
CA ALA W 120 -65.85 -52.35 -10.37
C ALA W 120 -66.88 -51.24 -10.43
N HIS W 121 -66.43 -50.01 -10.13
CA HIS W 121 -67.29 -48.83 -10.13
C HIS W 121 -66.67 -47.76 -11.02
N ILE W 122 -67.49 -47.21 -11.92
CA ILE W 122 -67.05 -46.18 -12.82
C ILE W 122 -67.92 -44.94 -12.59
N GLY W 123 -67.34 -43.97 -11.90
CA GLY W 123 -68.06 -42.82 -11.41
C GLY W 123 -68.36 -41.82 -12.51
N HIS W 124 -69.30 -40.92 -12.18
CA HIS W 124 -69.75 -39.92 -13.11
C HIS W 124 -68.57 -39.24 -13.80
N ASP W 125 -68.71 -39.07 -15.12
CA ASP W 125 -67.89 -38.20 -15.91
C ASP W 125 -66.51 -38.82 -16.18
N SER W 126 -66.31 -40.08 -15.81
CA SER W 126 -65.08 -40.76 -16.09
C SER W 126 -65.00 -41.05 -17.58
N VAL W 127 -63.77 -41.21 -18.08
CA VAL W 127 -63.52 -41.49 -19.46
C VAL W 127 -62.50 -42.63 -19.54
N ILE W 128 -62.90 -43.72 -20.17
CA ILE W 128 -62.01 -44.82 -20.39
C ILE W 128 -61.75 -44.95 -21.88
N GLY W 129 -60.50 -45.25 -22.21
CA GLY W 129 -60.06 -45.39 -23.59
C GLY W 129 -60.34 -46.78 -24.12
N ASN W 130 -59.34 -47.37 -24.76
CA ASN W 130 -59.47 -48.68 -25.35
C ASN W 130 -58.46 -49.63 -24.72
N HIS W 131 -58.80 -50.92 -24.70
CA HIS W 131 -57.89 -52.01 -24.34
C HIS W 131 -57.52 -51.96 -22.86
N CYS W 132 -58.32 -51.28 -22.03
CA CYS W 132 -58.02 -51.20 -20.62
C CYS W 132 -58.56 -52.42 -19.89
N ILE W 133 -58.03 -52.66 -18.71
CA ILE W 133 -58.45 -53.71 -17.81
C ILE W 133 -58.60 -53.12 -16.42
N LEU W 134 -59.83 -53.10 -15.90
CA LEU W 134 -60.11 -52.76 -14.53
C LEU W 134 -60.48 -54.03 -13.78
N VAL W 135 -59.68 -54.40 -12.81
CA VAL W 135 -59.84 -55.64 -12.17
C VAL W 135 -60.86 -55.47 -11.02
N ASN W 136 -61.36 -56.60 -10.52
CA ASN W 136 -62.35 -56.67 -9.48
C ASN W 136 -62.24 -55.47 -8.51
N ASN W 137 -63.36 -54.76 -8.32
CA ASN W 137 -63.56 -53.77 -7.27
C ASN W 137 -62.67 -52.53 -7.46
N THR W 138 -62.15 -52.32 -8.67
CA THR W 138 -61.53 -51.08 -8.99
C THR W 138 -62.59 -49.98 -8.97
N ALA W 139 -62.27 -48.82 -8.42
CA ALA W 139 -63.26 -47.76 -8.26
C ALA W 139 -62.70 -46.43 -8.75
N LEU W 140 -63.36 -45.83 -9.74
CA LEU W 140 -63.05 -44.49 -10.21
C LEU W 140 -64.06 -43.53 -9.60
N ALA W 141 -63.61 -42.66 -8.68
CA ALA W 141 -64.52 -41.82 -7.92
C ALA W 141 -65.33 -40.86 -8.80
N GLY W 142 -64.75 -40.42 -9.92
CA GLY W 142 -65.41 -39.50 -10.84
C GLY W 142 -64.42 -38.61 -11.56
N HIS W 143 -64.76 -38.23 -12.79
CA HIS W 143 -63.95 -37.38 -13.61
C HIS W 143 -62.56 -38.01 -13.80
N VAL W 144 -62.48 -39.34 -13.83
CA VAL W 144 -61.21 -39.99 -13.99
C VAL W 144 -61.02 -40.33 -15.46
N HIS W 145 -59.83 -40.02 -16.00
CA HIS W 145 -59.48 -40.35 -17.37
C HIS W 145 -58.49 -41.50 -17.34
N VAL W 146 -58.83 -42.63 -17.95
CA VAL W 146 -57.96 -43.77 -18.09
C VAL W 146 -57.63 -43.95 -19.57
N ASP W 147 -56.35 -43.81 -19.90
CA ASP W 147 -55.91 -43.86 -21.27
C ASP W 147 -55.61 -45.32 -21.66
N ASP W 148 -55.34 -45.55 -22.95
CA ASP W 148 -55.36 -46.87 -23.56
C ASP W 148 -54.39 -47.83 -22.87
N TRP W 149 -54.80 -49.09 -22.75
CA TRP W 149 -53.96 -50.23 -22.33
C TRP W 149 -53.64 -50.21 -20.83
N ALA W 150 -54.28 -49.33 -20.07
CA ALA W 150 -53.97 -49.30 -18.67
C ALA W 150 -54.51 -50.56 -18.00
N ILE W 151 -53.88 -50.96 -16.92
CA ILE W 151 -54.33 -52.05 -16.09
C ILE W 151 -54.37 -51.57 -14.65
N LEU W 152 -55.55 -51.63 -14.02
CA LEU W 152 -55.70 -51.35 -12.62
C LEU W 152 -55.97 -52.66 -11.88
N SER W 153 -55.02 -53.08 -11.05
CA SER W 153 -55.15 -54.31 -10.30
C SER W 153 -56.34 -54.18 -9.34
N GLY W 154 -56.74 -55.31 -8.78
CA GLY W 154 -57.92 -55.38 -7.97
C GLY W 154 -57.90 -54.39 -6.81
N TYR W 155 -59.09 -53.85 -6.51
CA TYR W 155 -59.31 -52.98 -5.38
C TYR W 155 -58.42 -51.74 -5.48
N THR W 156 -58.14 -51.29 -6.71
CA THR W 156 -57.50 -50.02 -6.91
C THR W 156 -58.55 -48.91 -6.83
N LEU W 157 -58.29 -47.90 -5.99
CA LEU W 157 -59.17 -46.76 -5.82
C LEU W 157 -58.52 -45.52 -6.45
N VAL W 158 -59.30 -44.71 -7.18
CA VAL W 158 -58.76 -43.55 -7.85
C VAL W 158 -59.61 -42.32 -7.47
N HIS W 159 -58.96 -41.30 -6.93
CA HIS W 159 -59.63 -40.08 -6.54
C HIS W 159 -60.16 -39.32 -7.76
N GLN W 160 -61.12 -38.44 -7.49
CA GLN W 160 -61.69 -37.56 -8.47
C GLN W 160 -60.58 -36.84 -9.23
N TYR W 161 -60.71 -36.76 -10.55
CA TYR W 161 -59.94 -35.90 -11.45
C TYR W 161 -58.58 -36.51 -11.84
N CYS W 162 -58.21 -37.67 -11.33
CA CYS W 162 -56.92 -38.24 -11.68
C CYS W 162 -56.91 -38.77 -13.12
N ARG W 163 -55.73 -38.69 -13.73
CA ARG W 163 -55.47 -39.22 -15.03
C ARG W 163 -54.56 -40.46 -14.86
N ILE W 164 -55.01 -41.60 -15.38
CA ILE W 164 -54.24 -42.82 -15.42
C ILE W 164 -53.67 -42.97 -16.82
N GLY W 165 -52.34 -42.99 -16.94
CA GLY W 165 -51.66 -42.91 -18.22
C GLY W 165 -51.74 -44.21 -19.01
N ALA W 166 -51.52 -44.11 -20.32
CA ALA W 166 -51.46 -45.23 -21.20
C ALA W 166 -50.44 -46.26 -20.71
N HIS W 167 -50.81 -47.53 -20.74
CA HIS W 167 -49.96 -48.68 -20.41
C HIS W 167 -49.53 -48.69 -18.95
N SER W 168 -50.13 -47.83 -18.14
CA SER W 168 -49.73 -47.75 -16.77
C SER W 168 -50.35 -48.92 -16.03
N PHE W 169 -49.88 -49.16 -14.81
CA PHE W 169 -50.25 -50.34 -14.05
C PHE W 169 -50.28 -50.00 -12.56
N SER W 170 -51.39 -50.34 -11.90
CA SER W 170 -51.48 -50.18 -10.47
C SER W 170 -51.49 -51.57 -9.82
N GLY W 171 -50.80 -51.69 -8.69
CA GLY W 171 -50.79 -52.91 -7.90
C GLY W 171 -52.05 -53.02 -7.08
N MET W 172 -52.25 -54.16 -6.44
CA MET W 172 -53.54 -54.37 -5.88
C MET W 172 -53.65 -53.60 -4.56
N GLY W 173 -54.85 -53.04 -4.32
CA GLY W 173 -55.13 -52.21 -3.19
C GLY W 173 -54.47 -50.85 -3.27
N SER W 174 -54.10 -50.43 -4.47
CA SER W 174 -53.54 -49.11 -4.67
C SER W 174 -54.59 -48.03 -4.40
N ALA W 175 -54.15 -46.92 -3.81
CA ALA W 175 -54.98 -45.76 -3.58
C ALA W 175 -54.32 -44.56 -4.25
N ILE W 176 -54.84 -44.19 -5.42
CA ILE W 176 -54.20 -43.23 -6.28
C ILE W 176 -54.86 -41.86 -6.10
N GLY W 177 -54.05 -40.86 -5.78
CA GLY W 177 -54.53 -39.51 -5.51
C GLY W 177 -53.95 -38.45 -6.45
N LYS W 178 -53.01 -38.82 -7.31
CA LYS W 178 -52.43 -37.91 -8.27
C LYS W 178 -52.28 -38.67 -9.59
N ASP W 179 -51.92 -37.98 -10.66
CA ASP W 179 -51.87 -38.64 -11.97
C ASP W 179 -50.83 -39.75 -11.96
N VAL W 180 -51.10 -40.80 -12.74
CA VAL W 180 -50.14 -41.82 -12.97
C VAL W 180 -49.61 -41.62 -14.37
N PRO W 181 -48.32 -41.32 -14.55
CA PRO W 181 -47.79 -41.12 -15.89
C PRO W 181 -47.90 -42.43 -16.67
N ALA W 182 -47.89 -42.30 -18.00
CA ALA W 182 -47.90 -43.45 -18.86
C ALA W 182 -46.77 -44.40 -18.51
N TYR W 183 -47.04 -45.69 -18.64
CA TYR W 183 -46.12 -46.80 -18.46
C TYR W 183 -45.76 -47.04 -17.00
N VAL W 184 -46.10 -46.15 -16.06
CA VAL W 184 -45.54 -46.26 -14.73
C VAL W 184 -46.31 -47.30 -13.94
N THR W 185 -45.63 -48.01 -13.04
CA THR W 185 -46.26 -48.91 -12.10
C THR W 185 -46.31 -48.24 -10.72
N VAL W 186 -47.46 -48.34 -10.06
CA VAL W 186 -47.64 -47.74 -8.74
C VAL W 186 -48.24 -48.77 -7.78
N PHE W 187 -47.95 -48.60 -6.49
CA PHE W 187 -48.31 -49.56 -5.45
C PHE W 187 -48.59 -48.82 -4.15
N GLY W 188 -49.58 -49.31 -3.41
CA GLY W 188 -49.77 -48.96 -2.00
C GLY W 188 -50.80 -47.88 -1.81
N ASN W 189 -51.04 -47.55 -0.54
CA ASN W 189 -51.99 -46.55 -0.10
C ASN W 189 -51.30 -45.67 0.94
N PRO W 190 -50.81 -44.50 0.54
CA PRO W 190 -50.99 -43.91 -0.77
C PRO W 190 -50.04 -44.48 -1.84
N ALA W 191 -50.46 -44.43 -3.09
CA ALA W 191 -49.73 -45.03 -4.18
C ALA W 191 -48.37 -44.35 -4.36
N GLU W 192 -47.35 -45.15 -4.65
CA GLU W 192 -45.99 -44.73 -4.95
C GLU W 192 -45.55 -45.35 -6.27
N ALA W 193 -44.78 -44.62 -7.06
CA ALA W 193 -44.19 -45.08 -8.30
C ALA W 193 -43.06 -46.02 -7.94
N ARG W 194 -42.93 -47.11 -8.68
CA ARG W 194 -41.91 -48.11 -8.43
C ARG W 194 -41.05 -48.30 -9.68
N SER W 195 -41.68 -48.51 -10.84
CA SER W 195 -40.97 -48.84 -12.05
C SER W 195 -41.84 -48.55 -13.26
N MET W 196 -41.58 -49.22 -14.37
CA MET W 196 -42.38 -49.13 -15.55
C MET W 196 -42.90 -50.51 -15.94
N ASN W 197 -43.98 -50.50 -16.70
CA ASN W 197 -44.72 -51.68 -17.03
C ASN W 197 -44.07 -52.32 -18.26
N PHE W 198 -42.93 -52.95 -18.05
CA PHE W 198 -42.16 -53.53 -19.12
C PHE W 198 -42.92 -54.71 -19.73
N GLU W 199 -43.62 -55.47 -18.89
CA GLU W 199 -44.45 -56.59 -19.36
C GLU W 199 -45.39 -56.08 -20.45
N GLY W 200 -46.03 -54.94 -20.21
CA GLY W 200 -46.95 -54.32 -21.13
C GLY W 200 -46.31 -53.94 -22.45
N MET W 201 -45.08 -53.43 -22.38
CA MET W 201 -44.34 -53.01 -23.56
C MET W 201 -43.94 -54.22 -24.40
N ARG W 202 -43.68 -55.34 -23.71
CA ARG W 202 -43.30 -56.58 -24.38
C ARG W 202 -44.46 -57.04 -25.25
N ARG W 203 -45.66 -57.09 -24.67
CA ARG W 203 -46.89 -57.53 -25.31
C ARG W 203 -47.24 -56.65 -26.52
N ARG W 204 -46.97 -55.35 -26.46
CA ARG W 204 -47.25 -54.49 -27.60
C ARG W 204 -46.13 -54.53 -28.62
N GLY W 205 -45.08 -55.31 -28.36
CA GLY W 205 -43.96 -55.47 -29.28
C GLY W 205 -43.16 -54.20 -29.49
N PHE W 206 -42.96 -53.40 -28.42
CA PHE W 206 -42.13 -52.22 -28.51
C PHE W 206 -40.71 -52.64 -28.89
N SER W 207 -40.00 -51.75 -29.59
CA SER W 207 -38.63 -51.99 -29.92
C SER W 207 -37.80 -52.05 -28.65
N SER W 208 -36.64 -52.69 -28.72
CA SER W 208 -35.80 -52.79 -27.56
C SER W 208 -35.17 -51.41 -27.25
N GLU W 209 -34.95 -50.57 -28.27
CA GLU W 209 -34.39 -49.23 -28.09
C GLU W 209 -35.39 -48.33 -27.37
N ALA W 210 -36.68 -48.55 -27.62
CA ALA W 210 -37.74 -47.75 -27.03
C ALA W 210 -37.92 -48.12 -25.56
N ILE W 211 -37.82 -49.41 -25.25
CA ILE W 211 -37.94 -49.87 -23.89
C ILE W 211 -36.82 -49.25 -23.05
N HIS W 212 -35.60 -49.28 -23.57
CA HIS W 212 -34.47 -48.72 -22.89
C HIS W 212 -34.67 -47.21 -22.68
N ALA W 213 -35.24 -46.53 -23.68
CA ALA W 213 -35.43 -45.09 -23.61
C ALA W 213 -36.43 -44.74 -22.53
N LEU W 214 -37.41 -45.61 -22.36
CA LEU W 214 -38.43 -45.40 -21.38
C LEU W 214 -37.89 -45.67 -19.98
N ARG W 215 -36.95 -46.60 -19.83
CA ARG W 215 -36.36 -46.80 -18.54
C ARG W 215 -35.53 -45.58 -18.15
N ARG W 216 -34.79 -45.00 -19.10
CA ARG W 216 -34.01 -43.83 -18.82
C ARG W 216 -34.94 -42.68 -18.46
N ALA W 217 -36.09 -42.63 -19.11
CA ALA W 217 -37.06 -41.57 -18.87
C ALA W 217 -37.60 -41.68 -17.45
N TYR W 218 -37.85 -42.91 -16.98
CA TYR W 218 -38.31 -43.13 -15.64
C TYR W 218 -37.27 -42.54 -14.68
N LYS W 219 -36.01 -42.88 -14.91
CA LYS W 219 -34.93 -42.46 -14.03
C LYS W 219 -34.81 -40.92 -13.98
N VAL W 220 -35.05 -40.24 -15.11
CA VAL W 220 -34.94 -38.79 -15.18
C VAL W 220 -35.97 -38.14 -14.25
N VAL W 221 -37.19 -38.65 -14.30
CA VAL W 221 -38.32 -38.09 -13.60
C VAL W 221 -38.26 -38.43 -12.10
N TYR W 222 -37.79 -39.64 -11.76
CA TYR W 222 -38.02 -40.20 -10.43
C TYR W 222 -36.74 -40.43 -9.64
N ARG W 223 -35.58 -40.69 -10.26
CA ARG W 223 -34.42 -41.21 -9.53
C ARG W 223 -33.22 -40.27 -9.64
N GLN W 224 -33.39 -39.00 -9.98
CA GLN W 224 -32.20 -38.16 -10.24
C GLN W 224 -32.31 -36.78 -9.58
N GLY W 225 -33.23 -36.63 -8.62
CA GLY W 225 -33.42 -35.39 -7.91
C GLY W 225 -33.93 -34.26 -8.78
N HIS W 226 -34.48 -34.49 -9.96
CA HIS W 226 -34.95 -33.39 -10.80
C HIS W 226 -36.31 -32.93 -10.27
N THR W 227 -36.59 -31.62 -10.35
CA THR W 227 -37.95 -31.13 -10.19
C THR W 227 -38.73 -31.57 -11.44
N VAL W 228 -40.05 -31.45 -11.43
CA VAL W 228 -40.79 -31.93 -12.55
C VAL W 228 -40.48 -31.08 -13.79
N GLU W 229 -40.28 -29.77 -13.59
CA GLU W 229 -39.91 -28.84 -14.67
C GLU W 229 -38.59 -29.24 -15.31
N GLU W 230 -37.59 -29.54 -14.48
CA GLU W 230 -36.25 -29.90 -14.96
C GLU W 230 -36.31 -31.23 -15.73
N ALA W 231 -37.17 -32.14 -15.28
CA ALA W 231 -37.31 -33.45 -15.90
C ALA W 231 -37.92 -33.31 -17.30
N LEU W 232 -38.98 -32.52 -17.42
CA LEU W 232 -39.61 -32.27 -18.69
C LEU W 232 -38.63 -31.73 -19.72
N ALA W 233 -37.74 -30.86 -19.27
CA ALA W 233 -36.74 -30.25 -20.13
C ALA W 233 -35.75 -31.32 -20.59
N GLU W 234 -35.35 -32.20 -19.69
CA GLU W 234 -34.41 -33.24 -19.99
C GLU W 234 -35.02 -34.28 -20.95
N LEU W 235 -36.32 -34.57 -20.78
CA LEU W 235 -37.02 -35.52 -21.62
C LEU W 235 -37.24 -35.01 -23.06
N ALA W 236 -37.08 -33.71 -23.31
CA ALA W 236 -37.44 -33.15 -24.62
C ALA W 236 -36.72 -33.89 -25.77
N GLU W 237 -35.41 -34.17 -25.62
CA GLU W 237 -34.59 -34.82 -26.63
C GLU W 237 -35.18 -36.21 -26.91
N SER W 238 -35.34 -36.99 -25.85
CA SER W 238 -35.76 -38.38 -25.99
C SER W 238 -37.18 -38.52 -26.48
N ALA W 239 -38.02 -37.53 -26.25
CA ALA W 239 -39.43 -37.52 -26.70
C ALA W 239 -39.52 -37.23 -28.19
N ALA W 240 -38.53 -36.54 -28.74
CA ALA W 240 -38.52 -36.29 -30.16
C ALA W 240 -37.98 -37.51 -30.92
N GLN W 241 -37.18 -38.33 -30.23
CA GLN W 241 -36.55 -39.48 -30.80
C GLN W 241 -37.52 -40.68 -30.82
N PHE W 242 -38.41 -40.77 -29.84
CA PHE W 242 -39.26 -41.95 -29.65
C PHE W 242 -40.71 -41.54 -29.40
N PRO W 243 -41.67 -41.88 -30.30
CA PRO W 243 -43.10 -41.68 -30.05
C PRO W 243 -43.56 -42.16 -28.67
N GLU W 244 -42.95 -43.26 -28.20
CA GLU W 244 -43.33 -43.94 -26.96
C GLU W 244 -42.95 -43.07 -25.76
N VAL W 245 -41.80 -42.39 -25.83
CA VAL W 245 -41.37 -41.50 -24.76
C VAL W 245 -42.21 -40.23 -24.79
N ALA W 246 -42.62 -39.78 -25.98
CA ALA W 246 -43.47 -38.58 -26.08
C ALA W 246 -44.78 -38.79 -25.31
N VAL W 247 -45.35 -40.00 -25.39
CA VAL W 247 -46.55 -40.34 -24.63
C VAL W 247 -46.31 -40.12 -23.13
N PHE W 248 -45.15 -40.55 -22.66
CA PHE W 248 -44.74 -40.43 -21.27
C PHE W 248 -44.57 -38.95 -20.89
N ARG W 249 -43.81 -38.20 -21.71
CA ARG W 249 -43.60 -36.78 -21.43
C ARG W 249 -44.97 -36.09 -21.39
N ASP W 250 -45.84 -36.38 -22.36
CA ASP W 250 -47.11 -35.67 -22.50
C ASP W 250 -47.99 -35.94 -21.27
N SER W 251 -47.93 -37.14 -20.70
CA SER W 251 -48.72 -37.46 -19.53
C SER W 251 -48.25 -36.65 -18.29
N ILE W 252 -46.96 -36.38 -18.18
CA ILE W 252 -46.41 -35.60 -17.10
C ILE W 252 -46.67 -34.11 -17.33
N GLN W 253 -46.47 -33.64 -18.56
CA GLN W 253 -46.76 -32.28 -18.96
C GLN W 253 -48.13 -31.85 -18.46
N SER W 254 -49.14 -32.67 -18.76
CA SER W 254 -50.54 -32.30 -18.64
C SER W 254 -51.05 -32.61 -17.22
N ALA W 255 -50.14 -32.69 -16.26
CA ALA W 255 -50.47 -33.06 -14.93
C ALA W 255 -50.08 -31.97 -13.96
N THR W 256 -49.37 -30.95 -14.49
CA THR W 256 -48.48 -30.13 -13.68
C THR W 256 -48.47 -28.69 -14.19
N ARG W 257 -49.60 -27.99 -14.12
CA ARG W 257 -49.53 -26.56 -14.41
C ARG W 257 -48.77 -25.82 -13.27
N GLY W 258 -49.19 -26.00 -12.01
CA GLY W 258 -48.63 -25.28 -10.86
C GLY W 258 -49.21 -23.87 -10.74
N ILE W 259 -48.57 -23.04 -9.90
CA ILE W 259 -48.98 -21.66 -9.71
C ILE W 259 -47.78 -20.71 -9.83
N THR W 260 -48.04 -19.51 -10.30
CA THR W 260 -47.02 -18.54 -10.41
C THR W 260 -46.42 -18.34 -9.02
N ARG W 261 -45.11 -18.57 -8.88
CA ARG W 261 -44.36 -18.38 -7.63
C ARG W 261 -43.28 -17.34 -7.91
N HIS X 3 -98.31 -81.96 -0.36
CA HIS X 3 -97.02 -81.78 -1.07
C HIS X 3 -96.86 -80.31 -1.45
N MET X 4 -95.85 -79.60 -0.91
CA MET X 4 -95.31 -78.37 -1.54
C MET X 4 -93.93 -78.69 -2.18
N SER X 5 -93.69 -78.13 -3.39
CA SER X 5 -92.36 -78.22 -4.03
C SER X 5 -91.31 -77.19 -3.50
N LEU X 6 -90.07 -77.74 -3.50
CA LEU X 6 -88.91 -77.10 -2.91
C LEU X 6 -88.23 -76.15 -3.89
N ILE X 7 -88.60 -76.25 -5.12
CA ILE X 7 -87.99 -75.60 -6.27
C ILE X 7 -89.03 -74.60 -6.77
N ASP X 8 -88.68 -73.32 -6.66
CA ASP X 8 -89.59 -72.29 -7.00
C ASP X 8 -89.92 -72.43 -8.47
N PRO X 9 -91.21 -72.29 -8.86
CA PRO X 9 -91.55 -72.30 -10.28
C PRO X 9 -90.92 -71.14 -11.06
N ARG X 10 -90.51 -70.07 -10.39
CA ARG X 10 -89.91 -68.92 -11.07
C ARG X 10 -88.40 -69.14 -11.31
N ALA X 11 -87.82 -70.25 -10.84
CA ALA X 11 -86.41 -70.55 -11.11
C ALA X 11 -86.27 -71.22 -12.49
N ILE X 12 -85.04 -71.19 -13.04
CA ILE X 12 -84.74 -71.80 -14.33
C ILE X 12 -83.70 -72.90 -14.10
N ILE X 13 -84.05 -74.11 -14.53
CA ILE X 13 -83.19 -75.26 -14.36
C ILE X 13 -82.87 -75.78 -15.76
N ASP X 14 -81.59 -75.84 -16.10
CA ASP X 14 -81.19 -76.35 -17.38
C ASP X 14 -81.56 -77.83 -17.45
N PRO X 15 -82.01 -78.33 -18.62
CA PRO X 15 -82.22 -79.76 -18.81
C PRO X 15 -81.08 -80.68 -18.32
N SER X 16 -79.84 -80.23 -18.46
CA SER X 16 -78.62 -81.05 -18.15
C SER X 16 -78.15 -80.86 -16.68
N ALA X 17 -78.86 -80.08 -15.88
CA ALA X 17 -78.60 -80.01 -14.45
C ALA X 17 -79.13 -81.25 -13.73
N ARG X 18 -78.54 -81.57 -12.59
CA ARG X 18 -78.92 -82.71 -11.79
C ARG X 18 -79.01 -82.28 -10.32
N LEU X 19 -80.22 -82.22 -9.76
CA LEU X 19 -80.46 -81.80 -8.35
C LEU X 19 -80.92 -83.01 -7.53
N ALA X 20 -80.29 -83.29 -6.40
CA ALA X 20 -80.73 -84.35 -5.54
C ALA X 20 -82.15 -84.01 -5.01
N ALA X 21 -82.79 -85.10 -4.49
CA ALA X 21 -83.70 -85.13 -3.46
C ALA X 21 -83.10 -84.15 -2.51
N ASP X 22 -84.09 -83.26 -2.31
CA ASP X 22 -84.60 -82.16 -1.20
C ASP X 22 -83.67 -80.94 -1.33
N VAL X 23 -83.17 -80.70 -2.52
CA VAL X 23 -82.61 -79.40 -2.88
C VAL X 23 -83.74 -78.36 -2.91
N GLN X 24 -83.44 -77.17 -2.41
CA GLN X 24 -84.30 -76.00 -2.49
C GLN X 24 -83.67 -74.96 -3.42
N VAL X 25 -84.49 -74.37 -4.30
CA VAL X 25 -84.03 -73.31 -5.16
C VAL X 25 -85.04 -72.18 -5.10
N GLY X 26 -84.56 -70.98 -4.78
CA GLY X 26 -85.39 -69.82 -4.65
C GLY X 26 -85.80 -69.27 -6.00
N PRO X 27 -86.73 -68.29 -6.00
CA PRO X 27 -87.21 -67.68 -7.23
C PRO X 27 -86.10 -66.91 -7.96
N TRP X 28 -86.18 -66.93 -9.29
CA TRP X 28 -85.31 -66.14 -10.17
C TRP X 28 -83.84 -66.56 -10.05
N SER X 29 -83.62 -67.83 -9.73
CA SER X 29 -82.29 -68.36 -9.73
C SER X 29 -82.12 -69.21 -10.99
N ILE X 30 -80.88 -69.27 -11.48
CA ILE X 30 -80.54 -70.05 -12.65
C ILE X 30 -79.61 -71.16 -12.23
N VAL X 31 -79.99 -72.39 -12.53
CA VAL X 31 -79.10 -73.52 -12.40
C VAL X 31 -78.73 -73.98 -13.81
N GLY X 32 -77.55 -73.55 -14.26
CA GLY X 32 -77.07 -73.69 -15.63
C GLY X 32 -76.73 -75.11 -15.98
N ALA X 33 -76.34 -75.28 -17.24
CA ALA X 33 -75.94 -76.59 -17.77
C ALA X 33 -74.82 -77.16 -16.92
N GLU X 34 -74.88 -78.47 -16.70
CA GLU X 34 -73.78 -79.30 -16.11
C GLU X 34 -73.57 -78.94 -14.64
N VAL X 35 -74.60 -78.47 -13.94
CA VAL X 35 -74.49 -78.22 -12.54
C VAL X 35 -75.17 -79.37 -11.79
N GLU X 36 -74.48 -79.85 -10.76
CA GLU X 36 -74.94 -80.93 -9.97
C GLU X 36 -74.97 -80.48 -8.51
N ILE X 37 -76.10 -80.69 -7.83
CA ILE X 37 -76.31 -80.17 -6.46
C ILE X 37 -76.76 -81.29 -5.53
N GLY X 38 -76.07 -81.43 -4.41
CA GLY X 38 -76.25 -82.53 -3.47
C GLY X 38 -77.36 -82.30 -2.47
N GLU X 39 -77.79 -83.42 -1.88
CA GLU X 39 -78.82 -83.55 -0.86
C GLU X 39 -78.72 -82.39 0.16
N GLY X 40 -79.88 -81.72 0.38
CA GLY X 40 -80.08 -80.78 1.50
C GLY X 40 -79.55 -79.40 1.29
N THR X 41 -79.00 -79.13 0.10
CA THR X 41 -78.48 -77.82 -0.26
C THR X 41 -79.64 -76.88 -0.54
N VAL X 42 -79.42 -75.61 -0.23
CA VAL X 42 -80.40 -74.53 -0.41
C VAL X 42 -79.78 -73.41 -1.24
N ILE X 43 -80.37 -73.15 -2.40
CA ILE X 43 -80.04 -72.05 -3.24
C ILE X 43 -81.07 -70.96 -2.96
N GLY X 44 -80.59 -69.76 -2.64
CA GLY X 44 -81.43 -68.62 -2.39
C GLY X 44 -82.07 -68.10 -3.68
N PRO X 45 -82.76 -66.96 -3.63
CA PRO X 45 -83.27 -66.30 -4.82
C PRO X 45 -82.12 -65.55 -5.53
N HIS X 46 -82.29 -65.22 -6.80
CA HIS X 46 -81.33 -64.39 -7.52
C HIS X 46 -79.92 -64.98 -7.49
N VAL X 47 -79.78 -66.28 -7.67
CA VAL X 47 -78.47 -66.90 -7.72
C VAL X 47 -78.22 -67.38 -9.16
N VAL X 48 -76.98 -67.29 -9.59
CA VAL X 48 -76.59 -67.80 -10.89
C VAL X 48 -75.55 -68.90 -10.67
N LEU X 49 -75.90 -70.15 -11.00
CA LEU X 49 -74.95 -71.25 -11.04
C LEU X 49 -74.62 -71.57 -12.50
N LYS X 50 -73.35 -71.83 -12.76
CA LYS X 50 -72.90 -72.22 -14.08
C LYS X 50 -71.94 -73.41 -13.92
N GLY X 51 -71.74 -74.19 -14.96
CA GLY X 51 -71.04 -75.47 -14.91
C GLY X 51 -69.95 -75.59 -15.93
N PRO X 52 -69.16 -76.69 -15.89
CA PRO X 52 -69.30 -77.84 -15.02
C PRO X 52 -69.00 -77.67 -13.55
N THR X 53 -70.00 -77.87 -12.70
CA THR X 53 -69.91 -77.56 -11.28
C THR X 53 -70.56 -78.69 -10.50
N LYS X 54 -69.90 -79.12 -9.43
CA LYS X 54 -70.41 -80.09 -8.51
C LYS X 54 -70.49 -79.46 -7.14
N ILE X 55 -71.70 -79.38 -6.58
CA ILE X 55 -71.92 -78.85 -5.26
C ILE X 55 -72.42 -80.00 -4.37
N GLY X 56 -71.81 -80.13 -3.19
CA GLY X 56 -72.10 -81.22 -2.28
C GLY X 56 -73.37 -80.98 -1.48
N LYS X 57 -73.37 -81.53 -0.26
CA LYS X 57 -74.56 -81.68 0.56
C LYS X 57 -74.60 -80.57 1.62
N HIS X 58 -75.82 -80.12 1.91
CA HIS X 58 -76.11 -79.22 3.04
C HIS X 58 -75.38 -77.88 2.90
N ASN X 59 -75.26 -77.37 1.67
CA ASN X 59 -74.73 -76.04 1.45
C ASN X 59 -75.89 -75.04 1.51
N ARG X 60 -75.55 -73.78 1.80
CA ARG X 60 -76.44 -72.62 1.74
CA ARG X 60 -76.43 -72.61 1.74
C ARG X 60 -75.72 -71.63 0.79
N ILE X 61 -76.38 -71.20 -0.27
CA ILE X 61 -75.84 -70.15 -1.19
C ILE X 61 -76.85 -68.99 -1.28
N TYR X 62 -76.39 -67.77 -0.97
CA TYR X 62 -77.28 -66.62 -0.82
C TYR X 62 -77.37 -65.83 -2.12
N GLN X 63 -78.34 -64.92 -2.13
CA GLN X 63 -78.73 -64.09 -3.26
C GLN X 63 -77.53 -63.35 -3.87
N PHE X 64 -77.55 -63.21 -5.20
CA PHE X 64 -76.66 -62.32 -5.98
C PHE X 64 -75.25 -62.93 -6.18
N SER X 65 -75.12 -64.20 -5.78
CA SER X 65 -73.93 -64.96 -6.01
C SER X 65 -73.88 -65.48 -7.43
N SER X 66 -72.69 -65.44 -8.04
CA SER X 66 -72.42 -66.05 -9.33
C SER X 66 -71.34 -67.12 -9.10
N VAL X 67 -71.76 -68.39 -9.09
CA VAL X 67 -70.93 -69.49 -8.75
C VAL X 67 -70.75 -70.40 -9.98
N GLY X 68 -69.53 -70.50 -10.48
CA GLY X 68 -69.20 -71.37 -11.57
C GLY X 68 -69.00 -70.64 -12.88
N GLU X 69 -68.81 -69.34 -12.80
CA GLU X 69 -68.69 -68.49 -13.96
C GLU X 69 -67.28 -68.71 -14.54
N ASP X 70 -67.07 -68.38 -15.82
CA ASP X 70 -65.75 -68.49 -16.43
C ASP X 70 -64.83 -67.40 -15.89
N THR X 71 -63.54 -67.63 -15.68
CA THR X 71 -62.70 -66.45 -15.43
C THR X 71 -62.70 -65.57 -16.69
N PRO X 72 -62.48 -64.26 -16.51
CA PRO X 72 -62.22 -63.39 -17.64
C PRO X 72 -60.75 -63.38 -18.07
N ASP X 73 -59.87 -64.02 -17.32
CA ASP X 73 -58.44 -64.15 -17.65
C ASP X 73 -58.35 -64.50 -19.14
N LEU X 74 -57.48 -63.80 -19.88
CA LEU X 74 -57.43 -63.95 -21.36
C LEU X 74 -56.67 -65.24 -21.70
N LYS X 75 -56.04 -65.83 -20.67
CA LYS X 75 -55.50 -67.20 -20.60
C LYS X 75 -56.55 -68.27 -20.97
N TYR X 76 -57.79 -68.11 -20.51
CA TYR X 76 -58.88 -69.10 -20.65
C TYR X 76 -59.61 -68.87 -21.97
N LYS X 77 -59.77 -69.93 -22.78
CA LYS X 77 -60.35 -69.86 -24.15
C LYS X 77 -61.58 -70.75 -24.30
N GLY X 78 -62.32 -71.02 -23.22
CA GLY X 78 -63.66 -71.66 -23.31
C GLY X 78 -63.66 -73.18 -23.09
N GLU X 79 -62.54 -73.74 -22.59
CA GLU X 79 -62.39 -75.19 -22.32
C GLU X 79 -63.29 -75.62 -21.17
N PRO X 80 -63.65 -76.92 -21.04
CA PRO X 80 -64.63 -77.37 -20.04
C PRO X 80 -63.97 -77.66 -18.68
N THR X 81 -63.70 -76.61 -17.92
CA THR X 81 -63.05 -76.71 -16.63
C THR X 81 -64.12 -76.81 -15.55
N ARG X 82 -63.70 -77.15 -14.33
CA ARG X 82 -64.61 -77.59 -13.29
C ARG X 82 -64.55 -76.66 -12.08
N LEU X 83 -65.61 -76.70 -11.28
CA LEU X 83 -65.65 -76.18 -9.93
C LEU X 83 -66.23 -77.26 -9.04
N VAL X 84 -65.59 -77.54 -7.90
CA VAL X 84 -66.06 -78.56 -6.97
C VAL X 84 -66.21 -77.92 -5.59
N ILE X 85 -67.39 -78.06 -5.00
CA ILE X 85 -67.67 -77.59 -3.68
C ILE X 85 -68.13 -78.78 -2.83
N GLY X 86 -67.61 -78.87 -1.62
CA GLY X 86 -67.92 -79.96 -0.72
C GLY X 86 -69.24 -79.75 0.02
N ASP X 87 -69.23 -80.13 1.30
CA ASP X 87 -70.40 -80.25 2.14
C ASP X 87 -70.39 -79.14 3.20
N HIS X 88 -71.59 -78.72 3.63
CA HIS X 88 -71.80 -77.86 4.82
C HIS X 88 -71.13 -76.49 4.68
N ASN X 89 -71.07 -75.96 3.47
CA ASN X 89 -70.52 -74.64 3.26
C ASN X 89 -71.65 -73.62 3.28
N VAL X 90 -71.27 -72.38 3.62
CA VAL X 90 -72.13 -71.23 3.53
C VAL X 90 -71.46 -70.20 2.63
N ILE X 91 -72.15 -69.80 1.57
CA ILE X 91 -71.71 -68.79 0.66
C ILE X 91 -72.70 -67.64 0.70
N ARG X 92 -72.26 -66.50 1.22
CA ARG X 92 -73.14 -65.37 1.49
C ARG X 92 -73.35 -64.54 0.22
N GLU X 93 -74.01 -63.41 0.41
CA GLU X 93 -74.57 -62.65 -0.68
C GLU X 93 -73.45 -62.08 -1.56
N GLY X 94 -73.59 -62.26 -2.87
CA GLY X 94 -72.78 -61.56 -3.85
C GLY X 94 -71.43 -62.21 -4.13
N VAL X 95 -71.21 -63.43 -3.63
CA VAL X 95 -69.94 -64.07 -3.80
C VAL X 95 -69.77 -64.48 -5.26
N THR X 96 -68.55 -64.36 -5.78
CA THR X 96 -68.17 -64.87 -7.08
C THR X 96 -67.14 -65.98 -6.93
N ILE X 97 -67.39 -67.11 -7.60
CA ILE X 97 -66.48 -68.23 -7.63
C ILE X 97 -66.31 -68.65 -9.08
N HIS X 98 -65.07 -68.68 -9.56
CA HIS X 98 -64.77 -69.02 -10.93
C HIS X 98 -64.26 -70.45 -11.03
N ARG X 99 -64.54 -71.09 -12.16
CA ARG X 99 -64.01 -72.41 -12.47
C ARG X 99 -62.54 -72.26 -12.89
N GLY X 100 -61.84 -73.40 -12.99
CA GLY X 100 -60.42 -73.48 -13.26
C GLY X 100 -60.05 -73.16 -14.70
N THR X 101 -58.76 -73.39 -14.99
CA THR X 101 -58.12 -73.17 -16.28
C THR X 101 -57.27 -74.39 -16.63
N VAL X 102 -57.10 -74.67 -17.94
CA VAL X 102 -56.37 -75.85 -18.36
C VAL X 102 -54.87 -75.74 -18.01
N GLN X 103 -54.37 -74.52 -17.82
CA GLN X 103 -52.95 -74.29 -17.53
C GLN X 103 -52.57 -74.76 -16.14
N ASP X 104 -53.52 -75.07 -15.23
CA ASP X 104 -53.19 -75.61 -13.89
C ASP X 104 -53.82 -77.01 -13.76
N ARG X 105 -54.89 -77.15 -12.97
N ARG X 105 -54.88 -77.17 -12.97
CA ARG X 105 -55.48 -78.47 -12.73
CA ARG X 105 -55.47 -78.55 -12.82
C ARG X 105 -56.89 -78.55 -13.31
C ARG X 105 -56.90 -78.57 -13.33
N ALA X 106 -57.35 -77.47 -13.94
CA ALA X 106 -58.65 -77.42 -14.59
C ALA X 106 -59.78 -77.47 -13.56
N GLU X 107 -59.51 -77.05 -12.32
CA GLU X 107 -60.47 -77.22 -11.27
C GLU X 107 -60.23 -76.22 -10.15
N THR X 108 -61.27 -75.44 -9.81
CA THR X 108 -61.36 -74.70 -8.58
C THR X 108 -62.05 -75.59 -7.56
N THR X 109 -61.54 -75.67 -6.34
CA THR X 109 -62.03 -76.69 -5.42
C THR X 109 -62.21 -76.04 -4.03
N ILE X 110 -63.32 -76.39 -3.37
CA ILE X 110 -63.65 -75.95 -2.03
C ILE X 110 -64.07 -77.17 -1.21
N GLY X 111 -63.54 -77.27 0.00
CA GLY X 111 -63.80 -78.40 0.89
C GLY X 111 -65.11 -78.26 1.63
N ASP X 112 -65.06 -78.55 2.94
CA ASP X 112 -66.24 -78.72 3.78
C ASP X 112 -66.24 -77.65 4.87
N HIS X 113 -67.43 -77.28 5.38
CA HIS X 113 -67.60 -76.45 6.58
C HIS X 113 -66.93 -75.07 6.43
N ASN X 114 -66.93 -74.51 5.23
CA ASN X 114 -66.33 -73.21 5.04
C ASN X 114 -67.42 -72.15 5.13
N LEU X 115 -67.01 -70.94 5.52
CA LEU X 115 -67.87 -69.79 5.52
C LEU X 115 -67.26 -68.72 4.63
N ILE X 116 -67.92 -68.39 3.53
CA ILE X 116 -67.45 -67.41 2.62
C ILE X 116 -68.45 -66.26 2.61
N MET X 117 -68.02 -65.11 3.13
CA MET X 117 -68.93 -64.04 3.46
C MET X 117 -69.10 -63.12 2.24
N ALA X 118 -69.96 -62.13 2.39
CA ALA X 118 -70.48 -61.36 1.29
C ALA X 118 -69.39 -60.81 0.39
N TYR X 119 -69.60 -60.89 -0.92
CA TYR X 119 -68.83 -60.17 -1.94
C TYR X 119 -67.40 -60.73 -2.04
N ALA X 120 -67.11 -61.87 -1.41
CA ALA X 120 -65.82 -62.48 -1.57
C ALA X 120 -65.67 -63.00 -3.00
N HIS X 121 -64.43 -63.10 -3.46
CA HIS X 121 -64.10 -63.60 -4.78
C HIS X 121 -63.09 -64.75 -4.68
N ILE X 122 -63.40 -65.85 -5.35
CA ILE X 122 -62.56 -67.01 -5.38
C ILE X 122 -62.15 -67.31 -6.81
N GLY X 123 -60.92 -66.94 -7.14
CA GLY X 123 -60.44 -66.93 -8.50
C GLY X 123 -60.13 -68.34 -9.00
N HIS X 124 -60.01 -68.44 -10.33
CA HIS X 124 -59.76 -69.67 -10.98
C HIS X 124 -58.65 -70.46 -10.30
N ASP X 125 -58.87 -71.75 -10.11
CA ASP X 125 -57.87 -72.72 -9.77
C ASP X 125 -57.48 -72.64 -8.30
N SER X 126 -58.21 -71.83 -7.52
CA SER X 126 -57.97 -71.76 -6.11
C SER X 126 -58.43 -73.05 -5.44
N VAL X 127 -57.86 -73.35 -4.28
CA VAL X 127 -58.20 -74.52 -3.51
C VAL X 127 -58.38 -74.11 -2.06
N ILE X 128 -59.57 -74.35 -1.52
CA ILE X 128 -59.85 -74.10 -0.14
C ILE X 128 -60.11 -75.43 0.56
N GLY X 129 -59.57 -75.54 1.77
CA GLY X 129 -59.68 -76.74 2.58
C GLY X 129 -61.00 -76.76 3.34
N ASN X 130 -60.92 -77.08 4.63
CA ASN X 130 -62.09 -77.19 5.47
C ASN X 130 -62.00 -76.18 6.62
N HIS X 131 -63.16 -75.75 7.11
CA HIS X 131 -63.27 -74.97 8.33
C HIS X 131 -62.69 -73.55 8.16
N CYS X 132 -62.56 -73.10 6.91
CA CYS X 132 -62.00 -71.77 6.68
C CYS X 132 -63.11 -70.73 6.78
N ILE X 133 -62.68 -69.49 6.99
CA ILE X 133 -63.55 -68.33 7.01
C ILE X 133 -62.92 -67.24 6.15
N LEU X 134 -63.61 -66.87 5.07
CA LEU X 134 -63.26 -65.74 4.24
C LEU X 134 -64.28 -64.65 4.51
N VAL X 135 -63.82 -63.53 5.04
CA VAL X 135 -64.72 -62.51 5.46
C VAL X 135 -65.02 -61.62 4.25
N ASN X 136 -66.08 -60.80 4.40
CA ASN X 136 -66.55 -59.89 3.37
C ASN X 136 -65.41 -59.39 2.48
N ASN X 137 -65.56 -59.57 1.17
CA ASN X 137 -64.75 -58.92 0.13
C ASN X 137 -63.30 -59.45 0.13
N THR X 138 -63.05 -60.60 0.75
CA THR X 138 -61.80 -61.27 0.58
C THR X 138 -61.69 -61.71 -0.88
N ALA X 139 -60.51 -61.57 -1.48
CA ALA X 139 -60.34 -61.87 -2.89
C ALA X 139 -59.09 -62.73 -3.12
N LEU X 140 -59.27 -63.92 -3.69
CA LEU X 140 -58.19 -64.79 -4.10
C LEU X 140 -58.01 -64.62 -5.61
N ALA X 141 -56.89 -64.03 -6.03
CA ALA X 141 -56.70 -63.70 -7.44
C ALA X 141 -56.70 -64.93 -8.36
N GLY X 142 -56.24 -66.08 -7.84
CA GLY X 142 -56.17 -67.31 -8.61
C GLY X 142 -55.03 -68.20 -8.17
N HIS X 143 -55.24 -69.51 -8.30
CA HIS X 143 -54.25 -70.49 -7.94
C HIS X 143 -53.86 -70.34 -6.47
N VAL X 144 -54.77 -69.91 -5.62
CA VAL X 144 -54.47 -69.71 -4.23
C VAL X 144 -54.89 -70.95 -3.45
N HIS X 145 -54.02 -71.46 -2.60
CA HIS X 145 -54.31 -72.59 -1.74
C HIS X 145 -54.50 -72.08 -0.32
N VAL X 146 -55.67 -72.30 0.26
CA VAL X 146 -55.99 -71.96 1.63
C VAL X 146 -56.20 -73.25 2.41
N ASP X 147 -55.36 -73.50 3.39
CA ASP X 147 -55.39 -74.73 4.14
C ASP X 147 -56.34 -74.58 5.33
N ASP X 148 -56.61 -75.69 6.04
CA ASP X 148 -57.71 -75.81 6.98
C ASP X 148 -57.62 -74.73 8.09
N TRP X 149 -58.78 -74.22 8.49
CA TRP X 149 -58.98 -73.35 9.68
C TRP X 149 -58.43 -71.94 9.47
N ALA X 150 -58.03 -71.59 8.26
CA ALA X 150 -57.54 -70.26 8.04
C ALA X 150 -58.68 -69.27 8.18
N ILE X 151 -58.34 -68.05 8.58
CA ILE X 151 -59.26 -66.96 8.64
C ILE X 151 -58.67 -65.76 7.90
N LEU X 152 -59.36 -65.27 6.88
CA LEU X 152 -58.97 -64.07 6.19
C LEU X 152 -59.95 -62.97 6.54
N SER X 153 -59.47 -61.96 7.27
CA SER X 153 -60.30 -60.83 7.69
C SER X 153 -60.78 -60.09 6.44
N GLY X 154 -61.74 -59.21 6.63
CA GLY X 154 -62.41 -58.53 5.55
C GLY X 154 -61.44 -57.79 4.65
N TYR X 155 -61.75 -57.80 3.35
CA TYR X 155 -61.03 -57.05 2.34
C TYR X 155 -59.56 -57.49 2.32
N THR X 156 -59.30 -58.77 2.61
CA THR X 156 -58.01 -59.34 2.40
C THR X 156 -57.85 -59.73 0.92
N LEU X 157 -56.77 -59.27 0.30
CA LEU X 157 -56.45 -59.59 -1.08
C LEU X 157 -55.26 -60.54 -1.15
N VAL X 158 -55.32 -61.56 -2.01
CA VAL X 158 -54.25 -62.55 -2.11
C VAL X 158 -53.82 -62.67 -3.56
N HIS X 159 -52.53 -62.45 -3.84
CA HIS X 159 -51.97 -62.56 -5.17
C HIS X 159 -52.01 -64.01 -5.66
N GLN X 160 -51.92 -64.15 -6.98
CA GLN X 160 -51.87 -65.42 -7.64
C GLN X 160 -50.77 -66.29 -7.01
N TYR X 161 -51.08 -67.56 -6.77
CA TYR X 161 -50.12 -68.62 -6.43
C TYR X 161 -49.79 -68.66 -4.93
N CYS X 162 -50.31 -67.75 -4.12
CA CYS X 162 -49.96 -67.78 -2.70
C CYS X 162 -50.62 -68.94 -1.97
N ARG X 163 -49.91 -69.44 -0.96
CA ARG X 163 -50.38 -70.46 -0.07
C ARG X 163 -50.66 -69.82 1.29
N ILE X 164 -51.89 -69.96 1.79
CA ILE X 164 -52.29 -69.50 3.09
C ILE X 164 -52.32 -70.72 4.02
N GLY X 165 -51.50 -70.69 5.07
CA GLY X 165 -51.26 -71.85 5.90
C GLY X 165 -52.41 -72.17 6.84
N ALA X 166 -52.44 -73.41 7.32
CA ALA X 166 -53.44 -73.84 8.28
C ALA X 166 -53.41 -72.93 9.52
N HIS X 167 -54.59 -72.56 10.00
CA HIS X 167 -54.81 -71.78 11.23
C HIS X 167 -54.22 -70.38 11.12
N SER X 168 -53.82 -69.97 9.93
CA SER X 168 -53.24 -68.68 9.79
C SER X 168 -54.36 -67.63 9.79
N PHE X 169 -54.00 -66.36 9.93
CA PHE X 169 -54.95 -65.29 10.12
C PHE X 169 -54.42 -64.01 9.47
N SER X 170 -55.26 -63.37 8.65
CA SER X 170 -54.92 -62.11 8.08
C SER X 170 -55.80 -61.03 8.70
N GLY X 171 -55.23 -59.87 8.97
CA GLY X 171 -55.96 -58.72 9.46
C GLY X 171 -56.70 -58.03 8.34
N MET X 172 -57.54 -57.06 8.67
CA MET X 172 -58.40 -56.58 7.65
C MET X 172 -57.64 -55.61 6.75
N GLY X 173 -57.96 -55.68 5.45
CA GLY X 173 -57.30 -54.91 4.43
C GLY X 173 -55.90 -55.40 4.15
N SER X 174 -55.60 -56.64 4.51
CA SER X 174 -54.31 -57.23 4.21
C SER X 174 -54.15 -57.42 2.71
N ALA X 175 -52.94 -57.20 2.21
CA ALA X 175 -52.57 -57.46 0.83
C ALA X 175 -51.40 -58.45 0.84
N ILE X 176 -51.69 -59.71 0.57
CA ILE X 176 -50.76 -60.80 0.71
C ILE X 176 -50.14 -61.14 -0.63
N GLY X 177 -48.81 -61.12 -0.69
CA GLY X 177 -48.05 -61.34 -1.92
C GLY X 177 -47.11 -62.53 -1.84
N LYS X 178 -46.94 -63.13 -0.67
CA LYS X 178 -46.10 -64.29 -0.51
C LYS X 178 -46.82 -65.26 0.42
N ASP X 179 -46.31 -66.48 0.60
CA ASP X 179 -47.01 -67.47 1.40
C ASP X 179 -47.15 -66.98 2.85
N VAL X 180 -48.24 -67.38 3.49
CA VAL X 180 -48.40 -67.17 4.88
C VAL X 180 -48.20 -68.50 5.57
N PRO X 181 -47.16 -68.65 6.40
CA PRO X 181 -46.92 -69.93 7.06
C PRO X 181 -48.11 -70.24 7.98
N ALA X 182 -48.26 -71.51 8.30
CA ALA X 182 -49.29 -71.95 9.22
C ALA X 182 -49.18 -71.17 10.53
N TYR X 183 -50.34 -70.89 11.12
CA TYR X 183 -50.50 -70.26 12.41
C TYR X 183 -50.15 -68.76 12.41
N VAL X 184 -49.54 -68.22 11.35
CA VAL X 184 -49.01 -66.89 11.43
C VAL X 184 -50.13 -65.85 11.25
N THR X 185 -50.01 -64.72 11.93
CA THR X 185 -50.91 -63.59 11.72
C THR X 185 -50.19 -62.53 10.89
N VAL X 186 -50.86 -61.97 9.88
CA VAL X 186 -50.29 -60.97 9.01
C VAL X 186 -51.24 -59.77 8.89
N PHE X 187 -50.67 -58.60 8.65
CA PHE X 187 -51.40 -57.34 8.64
C PHE X 187 -50.78 -56.39 7.61
N GLY X 188 -51.64 -55.62 6.94
CA GLY X 188 -51.23 -54.45 6.19
C GLY X 188 -51.03 -54.72 4.71
N ASN X 189 -50.67 -53.66 3.99
CA ASN X 189 -50.47 -53.67 2.56
C ASN X 189 -49.16 -52.94 2.26
N PRO X 190 -48.08 -53.67 2.05
CA PRO X 190 -48.04 -55.12 1.94
C PRO X 190 -48.06 -55.85 3.30
N ALA X 191 -48.56 -57.07 3.32
CA ALA X 191 -48.75 -57.82 4.53
C ALA X 191 -47.41 -58.12 5.19
N GLU X 192 -47.38 -58.00 6.53
CA GLU X 192 -46.25 -58.30 7.37
C GLU X 192 -46.69 -59.28 8.46
N ALA X 193 -45.81 -60.21 8.82
CA ALA X 193 -46.01 -61.15 9.90
C ALA X 193 -45.88 -60.38 11.21
N ARG X 194 -46.75 -60.69 12.17
CA ARG X 194 -46.77 -60.02 13.44
C ARG X 194 -46.59 -61.03 14.57
N SER X 195 -47.38 -62.09 14.56
CA SER X 195 -47.40 -63.05 15.64
C SER X 195 -47.98 -64.38 15.14
N MET X 196 -48.52 -65.16 16.06
CA MET X 196 -49.20 -66.39 15.74
C MET X 196 -50.62 -66.34 16.30
N ASN X 197 -51.48 -67.16 15.71
CA ASN X 197 -52.88 -67.15 15.96
C ASN X 197 -53.16 -68.03 17.17
N PHE X 198 -52.83 -67.52 18.35
CA PHE X 198 -52.95 -68.27 19.57
C PHE X 198 -54.43 -68.50 19.89
N GLU X 199 -55.29 -67.53 19.57
CA GLU X 199 -56.73 -67.69 19.75
C GLU X 199 -57.20 -68.98 19.05
N GLY X 200 -56.73 -69.19 17.82
CA GLY X 200 -57.05 -70.34 17.04
C GLY X 200 -56.59 -71.64 17.67
N MET X 201 -55.41 -71.62 18.28
CA MET X 201 -54.83 -72.80 18.92
C MET X 201 -55.64 -73.15 20.17
N ARG X 202 -56.16 -72.12 20.84
CA ARG X 202 -56.94 -72.30 22.05
C ARG X 202 -58.21 -73.09 21.70
N ARG X 203 -58.90 -72.64 20.65
CA ARG X 203 -60.15 -73.22 20.18
C ARG X 203 -59.96 -74.68 19.73
N ARG X 204 -58.83 -75.02 19.14
CA ARG X 204 -58.58 -76.40 18.73
C ARG X 204 -58.06 -77.23 19.90
N GLY X 205 -57.92 -76.63 21.08
CA GLY X 205 -57.48 -77.34 22.28
C GLY X 205 -56.05 -77.84 22.21
N PHE X 206 -55.14 -77.08 21.61
CA PHE X 206 -53.73 -77.45 21.59
C PHE X 206 -53.20 -77.51 23.02
N SER X 207 -52.23 -78.37 23.25
CA SER X 207 -51.58 -78.45 24.54
C SER X 207 -50.83 -77.13 24.78
N SER X 208 -50.55 -76.86 26.06
CA SER X 208 -49.86 -75.65 26.41
C SER X 208 -48.38 -75.76 26.00
N GLU X 209 -47.82 -76.98 25.98
CA GLU X 209 -46.43 -77.22 25.56
C GLU X 209 -46.26 -76.95 24.07
N ALA X 210 -47.32 -77.24 23.30
CA ALA X 210 -47.30 -77.07 21.86
C ALA X 210 -47.40 -75.59 21.49
N ILE X 211 -48.22 -74.86 22.24
CA ILE X 211 -48.39 -73.44 22.02
C ILE X 211 -47.04 -72.75 22.25
N HIS X 212 -46.37 -73.10 23.34
CA HIS X 212 -45.08 -72.53 23.66
C HIS X 212 -44.08 -72.86 22.55
N ALA X 213 -44.13 -74.08 22.01
CA ALA X 213 -43.19 -74.52 21.02
C ALA X 213 -43.37 -73.72 19.74
N LEU X 214 -44.63 -73.38 19.45
CA LEU X 214 -44.95 -72.65 18.28
C LEU X 214 -44.54 -71.19 18.42
N ARG X 215 -44.57 -70.63 19.64
CA ARG X 215 -44.09 -69.30 19.81
C ARG X 215 -42.58 -69.25 19.59
N ARG X 216 -41.86 -70.25 20.08
CA ARG X 216 -40.42 -70.30 19.91
C ARG X 216 -40.12 -70.45 18.41
N ALA X 217 -40.96 -71.21 17.71
CA ALA X 217 -40.77 -71.44 16.30
C ALA X 217 -40.93 -70.13 15.53
N TYR X 218 -41.91 -69.32 15.91
CA TYR X 218 -42.11 -68.04 15.30
C TYR X 218 -40.83 -67.22 15.46
N LYS X 219 -40.30 -67.19 16.68
CA LYS X 219 -39.13 -66.39 16.97
C LYS X 219 -37.91 -66.85 16.15
N VAL X 220 -37.78 -68.14 15.90
CA VAL X 220 -36.65 -68.68 15.14
C VAL X 220 -36.66 -68.13 13.70
N VAL X 221 -37.86 -68.15 13.11
CA VAL X 221 -38.04 -67.78 11.73
C VAL X 221 -37.97 -66.26 11.54
N TYR X 222 -38.49 -65.50 12.50
CA TYR X 222 -38.82 -64.09 12.27
C TYR X 222 -37.99 -63.13 13.14
N ARG X 223 -37.55 -63.51 14.34
CA ARG X 223 -37.07 -62.52 15.32
C ARG X 223 -35.61 -62.81 15.71
N GLN X 224 -34.83 -63.56 14.94
CA GLN X 224 -33.49 -63.96 15.41
C GLN X 224 -32.43 -63.80 14.32
N GLY X 225 -32.72 -63.04 13.27
CA GLY X 225 -31.82 -62.81 12.17
C GLY X 225 -31.46 -64.06 11.38
N HIS X 226 -32.24 -65.14 11.44
CA HIS X 226 -31.87 -66.34 10.67
C HIS X 226 -32.30 -66.15 9.22
N THR X 227 -31.53 -66.69 8.28
CA THR X 227 -32.02 -66.87 6.91
C THR X 227 -33.08 -67.96 6.97
N VAL X 228 -33.85 -68.14 5.90
CA VAL X 228 -34.90 -69.11 5.95
C VAL X 228 -34.31 -70.51 6.03
N GLU X 229 -33.18 -70.75 5.37
CA GLU X 229 -32.45 -72.03 5.39
C GLU X 229 -32.00 -72.35 6.83
N GLU X 230 -31.42 -71.36 7.51
CA GLU X 230 -30.91 -71.55 8.86
C GLU X 230 -32.07 -71.83 9.83
N ALA X 231 -33.23 -71.20 9.60
CA ALA X 231 -34.40 -71.37 10.44
C ALA X 231 -34.94 -72.79 10.33
N LEU X 232 -35.07 -73.27 9.10
CA LEU X 232 -35.54 -74.62 8.85
C LEU X 232 -34.68 -75.66 9.57
N ALA X 233 -33.37 -75.43 9.59
CA ALA X 233 -32.43 -76.32 10.24
C ALA X 233 -32.66 -76.30 11.76
N GLU X 234 -32.88 -75.11 12.31
CA GLU X 234 -33.07 -74.94 13.72
C GLU X 234 -34.41 -75.56 14.15
N LEU X 235 -35.44 -75.46 13.32
CA LEU X 235 -36.75 -76.01 13.60
C LEU X 235 -36.77 -77.54 13.57
N ALA X 236 -35.76 -78.20 13.00
CA ALA X 236 -35.82 -79.64 12.80
C ALA X 236 -36.11 -80.38 14.12
N GLU X 237 -35.43 -80.01 15.22
CA GLU X 237 -35.60 -80.65 16.53
C GLU X 237 -37.06 -80.52 16.98
N SER X 238 -37.53 -79.29 16.99
CA SER X 238 -38.82 -78.91 17.53
C SER X 238 -39.97 -79.53 16.70
N ALA X 239 -39.74 -79.77 15.40
CA ALA X 239 -40.73 -80.34 14.51
C ALA X 239 -40.85 -81.85 14.70
N ALA X 240 -39.80 -82.47 15.21
CA ALA X 240 -39.87 -83.88 15.51
C ALA X 240 -40.56 -84.12 16.85
N GLN X 241 -40.52 -83.11 17.72
CA GLN X 241 -41.07 -83.18 19.05
C GLN X 241 -42.58 -82.92 19.03
N PHE X 242 -43.06 -82.09 18.10
CA PHE X 242 -44.45 -81.62 18.11
C PHE X 242 -45.05 -81.68 16.70
N PRO X 243 -46.08 -82.50 16.45
CA PRO X 243 -46.81 -82.51 15.18
C PRO X 243 -47.22 -81.11 14.70
N GLU X 244 -47.55 -80.23 15.66
CA GLU X 244 -48.07 -78.90 15.39
C GLU X 244 -46.97 -78.02 14.81
N VAL X 245 -45.73 -78.18 15.31
CA VAL X 245 -44.60 -77.42 14.80
C VAL X 245 -44.22 -77.95 13.42
N ALA X 246 -44.35 -79.26 13.20
CA ALA X 246 -44.05 -79.84 11.89
C ALA X 246 -44.92 -79.20 10.80
N VAL X 247 -46.19 -78.94 11.10
CA VAL X 247 -47.10 -78.27 10.17
C VAL X 247 -46.50 -76.91 9.77
N PHE X 248 -45.99 -76.18 10.78
CA PHE X 248 -45.39 -74.86 10.58
C PHE X 248 -44.12 -74.99 9.74
N ARG X 249 -43.21 -75.90 10.10
CA ARG X 249 -41.99 -76.08 9.35
C ARG X 249 -42.35 -76.44 7.89
N ASP X 250 -43.31 -77.35 7.70
CA ASP X 250 -43.64 -77.86 6.38
C ASP X 250 -44.19 -76.72 5.50
N SER X 251 -44.93 -75.78 6.09
CA SER X 251 -45.47 -74.65 5.33
C SER X 251 -44.36 -73.72 4.84
N ILE X 252 -43.29 -73.57 5.62
CA ILE X 252 -42.15 -72.75 5.24
C ILE X 252 -41.27 -73.48 4.23
N GLN X 253 -41.03 -74.76 4.48
CA GLN X 253 -40.28 -75.64 3.58
C GLN X 253 -40.77 -75.46 2.15
N SER X 254 -42.09 -75.59 1.98
CA SER X 254 -42.72 -75.75 0.67
C SER X 254 -43.03 -74.38 0.05
N ALA X 255 -42.30 -73.36 0.47
CA ALA X 255 -42.53 -72.02 0.05
C ALA X 255 -41.26 -71.46 -0.60
N THR X 256 -40.17 -72.23 -0.52
CA THR X 256 -38.83 -71.68 -0.60
C THR X 256 -37.89 -72.69 -1.27
N ARG X 257 -38.13 -73.12 -2.50
CA ARG X 257 -37.18 -74.02 -3.11
C ARG X 257 -35.82 -73.29 -3.38
N GLY X 258 -35.84 -72.15 -4.06
CA GLY X 258 -34.61 -71.39 -4.34
C GLY X 258 -33.90 -71.92 -5.58
N ILE X 259 -32.71 -71.39 -5.84
CA ILE X 259 -31.96 -71.72 -7.05
C ILE X 259 -30.50 -72.05 -6.70
N THR X 260 -29.91 -72.93 -7.49
CA THR X 260 -28.54 -73.24 -7.34
C THR X 260 -27.77 -71.94 -7.47
N ARG X 261 -27.17 -71.52 -6.34
CA ARG X 261 -26.33 -70.32 -6.25
C ARG X 261 -24.84 -70.75 -6.28
N MET Y 4 10.20 -78.24 -77.79
CA MET Y 4 10.60 -79.62 -77.48
C MET Y 4 9.38 -80.46 -77.11
N SER Y 5 9.56 -81.39 -76.17
CA SER Y 5 8.52 -82.17 -75.47
C SER Y 5 8.36 -81.62 -74.05
N LEU Y 6 7.39 -82.08 -73.26
CA LEU Y 6 7.06 -81.46 -71.98
C LEU Y 6 7.99 -82.02 -70.88
N ILE Y 7 8.60 -83.17 -71.14
CA ILE Y 7 9.53 -83.76 -70.23
C ILE Y 7 10.90 -83.70 -70.87
N ASP Y 8 11.81 -82.96 -70.25
CA ASP Y 8 13.09 -82.76 -70.82
C ASP Y 8 13.75 -84.13 -70.99
N PRO Y 9 14.43 -84.38 -72.13
CA PRO Y 9 15.17 -85.64 -72.29
C PRO Y 9 16.32 -85.77 -71.28
N ARG Y 10 16.79 -84.67 -70.68
CA ARG Y 10 17.88 -84.74 -69.72
C ARG Y 10 17.37 -85.09 -68.31
N ALA Y 11 16.05 -85.19 -68.11
CA ALA Y 11 15.47 -85.58 -66.81
C ALA Y 11 15.46 -87.10 -66.67
N ILE Y 12 15.33 -87.59 -65.43
CA ILE Y 12 15.24 -89.01 -65.14
C ILE Y 12 13.87 -89.28 -64.50
N ILE Y 13 13.09 -90.16 -65.10
CA ILE Y 13 11.79 -90.51 -64.64
C ILE Y 13 11.79 -92.00 -64.32
N ASP Y 14 11.52 -92.35 -63.07
CA ASP Y 14 11.48 -93.73 -62.71
C ASP Y 14 10.33 -94.43 -63.44
N PRO Y 15 10.53 -95.68 -63.92
CA PRO Y 15 9.44 -96.47 -64.50
C PRO Y 15 8.14 -96.49 -63.67
N SER Y 16 8.25 -96.49 -62.33
CA SER Y 16 7.10 -96.63 -61.42
C SER Y 16 6.49 -95.27 -61.02
N ALA Y 17 7.00 -94.17 -61.57
CA ALA Y 17 6.37 -92.85 -61.39
C ALA Y 17 5.15 -92.74 -62.29
N ARG Y 18 4.17 -91.94 -61.88
CA ARG Y 18 2.92 -91.77 -62.58
C ARG Y 18 2.66 -90.27 -62.73
N LEU Y 19 2.82 -89.76 -63.95
CA LEU Y 19 2.67 -88.36 -64.32
C LEU Y 19 1.42 -88.18 -65.18
N ALA Y 20 0.57 -87.21 -64.83
CA ALA Y 20 -0.55 -86.84 -65.67
C ALA Y 20 -0.01 -86.34 -67.02
N ALA Y 21 -0.91 -86.26 -68.00
CA ALA Y 21 -0.57 -86.08 -69.43
C ALA Y 21 0.29 -84.82 -69.65
N ASP Y 22 -0.03 -83.70 -68.98
CA ASP Y 22 0.54 -82.38 -69.36
C ASP Y 22 1.51 -81.84 -68.29
N VAL Y 23 2.11 -82.75 -67.52
CA VAL Y 23 3.11 -82.38 -66.56
C VAL Y 23 4.37 -81.97 -67.32
N GLN Y 24 5.06 -80.95 -66.81
CA GLN Y 24 6.36 -80.52 -67.36
C GLN Y 24 7.46 -80.80 -66.35
N VAL Y 25 8.60 -81.31 -66.84
CA VAL Y 25 9.75 -81.57 -66.01
C VAL Y 25 10.98 -81.00 -66.71
N GLY Y 26 11.72 -80.16 -65.98
CA GLY Y 26 12.88 -79.51 -66.48
C GLY Y 26 14.08 -80.45 -66.56
N PRO Y 27 15.17 -79.99 -67.20
CA PRO Y 27 16.38 -80.79 -67.33
C PRO Y 27 17.04 -81.10 -65.98
N TRP Y 28 17.65 -82.28 -65.87
CA TRP Y 28 18.45 -82.71 -64.72
C TRP Y 28 17.61 -82.80 -63.44
N SER Y 29 16.33 -83.10 -63.61
CA SER Y 29 15.48 -83.36 -62.49
C SER Y 29 15.27 -84.87 -62.37
N ILE Y 30 15.05 -85.34 -61.15
CA ILE Y 30 14.78 -86.73 -60.88
C ILE Y 30 13.37 -86.85 -60.34
N VAL Y 31 12.55 -87.67 -61.00
CA VAL Y 31 11.27 -88.06 -60.47
C VAL Y 31 11.38 -89.53 -60.06
N GLY Y 32 11.60 -89.76 -58.76
CA GLY Y 32 11.92 -91.09 -58.22
C GLY Y 32 10.74 -92.03 -58.24
N ALA Y 33 11.03 -93.27 -57.83
CA ALA Y 33 10.03 -94.33 -57.71
C ALA Y 33 8.87 -93.83 -56.85
N GLU Y 34 7.65 -94.20 -57.27
CA GLU Y 34 6.42 -94.04 -56.49
C GLU Y 34 6.06 -92.57 -56.28
N VAL Y 35 6.43 -91.71 -57.22
CA VAL Y 35 6.01 -90.35 -57.22
C VAL Y 35 4.87 -90.21 -58.21
N GLU Y 36 3.83 -89.51 -57.78
CA GLU Y 36 2.64 -89.31 -58.58
C GLU Y 36 2.46 -87.79 -58.71
N ILE Y 37 2.26 -87.29 -59.93
CA ILE Y 37 2.19 -85.85 -60.17
C ILE Y 37 0.95 -85.53 -60.99
N GLY Y 38 0.15 -84.58 -60.49
CA GLY Y 38 -1.16 -84.25 -61.05
C GLY Y 38 -1.08 -83.25 -62.21
N GLU Y 39 -2.18 -83.22 -62.96
CA GLU Y 39 -2.46 -82.34 -64.09
C GLU Y 39 -1.89 -80.93 -63.87
N GLY Y 40 -1.09 -80.45 -64.83
CA GLY Y 40 -0.72 -79.03 -64.96
C GLY Y 40 0.43 -78.60 -64.06
N THR Y 41 1.02 -79.54 -63.31
CA THR Y 41 2.14 -79.26 -62.44
C THR Y 41 3.39 -79.10 -63.29
N VAL Y 42 4.31 -78.24 -62.81
CA VAL Y 42 5.56 -77.93 -63.48
C VAL Y 42 6.71 -78.15 -62.50
N ILE Y 43 7.61 -79.05 -62.85
CA ILE Y 43 8.82 -79.28 -62.13
C ILE Y 43 9.94 -78.55 -62.89
N GLY Y 44 10.67 -77.72 -62.16
CA GLY Y 44 11.77 -76.97 -62.72
C GLY Y 44 12.96 -77.87 -63.00
N PRO Y 45 14.11 -77.28 -63.38
CA PRO Y 45 15.35 -78.04 -63.52
C PRO Y 45 15.95 -78.32 -62.14
N HIS Y 46 16.86 -79.29 -62.05
CA HIS Y 46 17.61 -79.55 -60.83
C HIS Y 46 16.69 -79.81 -59.64
N VAL Y 47 15.62 -80.57 -59.81
CA VAL Y 47 14.74 -80.91 -58.71
C VAL Y 47 14.89 -82.40 -58.42
N VAL Y 48 14.80 -82.76 -57.15
CA VAL Y 48 14.82 -84.14 -56.75
C VAL Y 48 13.49 -84.47 -56.06
N LEU Y 49 12.68 -85.32 -56.67
CA LEU Y 49 11.49 -85.86 -56.04
C LEU Y 49 11.75 -87.32 -55.63
N LYS Y 50 11.29 -87.68 -54.45
CA LYS Y 50 11.41 -89.03 -53.94
C LYS Y 50 10.07 -89.44 -53.32
N GLY Y 51 9.80 -90.74 -53.25
CA GLY Y 51 8.49 -91.27 -52.90
C GLY Y 51 8.54 -92.21 -51.69
N PRO Y 52 7.37 -92.65 -51.21
CA PRO Y 52 6.05 -92.46 -51.82
C PRO Y 52 5.45 -91.05 -51.66
N THR Y 53 5.20 -90.37 -52.77
CA THR Y 53 4.81 -88.98 -52.75
C THR Y 53 3.69 -88.76 -53.75
N LYS Y 54 2.68 -87.99 -53.35
CA LYS Y 54 1.58 -87.63 -54.21
C LYS Y 54 1.54 -86.11 -54.30
N ILE Y 55 1.69 -85.58 -55.52
CA ILE Y 55 1.63 -84.16 -55.77
C ILE Y 55 0.40 -83.89 -56.64
N GLY Y 56 -0.40 -82.91 -56.23
CA GLY Y 56 -1.66 -82.60 -56.88
C GLY Y 56 -1.46 -81.77 -58.14
N LYS Y 57 -2.43 -80.92 -58.44
CA LYS Y 57 -2.60 -80.26 -59.73
C LYS Y 57 -2.10 -78.82 -59.64
N HIS Y 58 -1.50 -78.34 -60.74
CA HIS Y 58 -1.13 -76.94 -60.93
C HIS Y 58 -0.12 -76.47 -59.88
N ASN Y 59 0.81 -77.33 -59.48
CA ASN Y 59 1.91 -76.93 -58.61
C ASN Y 59 3.06 -76.42 -59.48
N ARG Y 60 3.92 -75.60 -58.88
CA ARG Y 60 5.16 -75.10 -59.46
CA ARG Y 60 5.16 -75.12 -59.46
C ARG Y 60 6.23 -75.45 -58.43
N ILE Y 61 7.25 -76.24 -58.81
CA ILE Y 61 8.40 -76.55 -57.90
C ILE Y 61 9.72 -76.11 -58.55
N TYR Y 62 10.48 -75.27 -57.84
CA TYR Y 62 11.64 -74.62 -58.41
C TYR Y 62 12.91 -75.43 -58.12
N GLN Y 63 13.98 -75.01 -58.82
CA GLN Y 63 15.28 -75.64 -58.82
C GLN Y 63 15.84 -75.84 -57.41
N PHE Y 64 16.55 -76.96 -57.22
CA PHE Y 64 17.39 -77.26 -56.04
C PHE Y 64 16.56 -77.72 -54.83
N SER Y 65 15.27 -77.94 -55.06
CA SER Y 65 14.37 -78.48 -54.08
C SER Y 65 14.54 -79.98 -53.99
N SER Y 66 14.49 -80.51 -52.77
CA SER Y 66 14.47 -81.94 -52.50
C SER Y 66 13.16 -82.23 -51.78
N VAL Y 67 12.22 -82.84 -52.48
CA VAL Y 67 10.88 -83.04 -52.01
C VAL Y 67 10.62 -84.55 -51.90
N GLY Y 68 10.42 -85.03 -50.68
CA GLY Y 68 10.04 -86.42 -50.46
C GLY Y 68 11.20 -87.24 -49.92
N GLU Y 69 12.22 -86.55 -49.42
CA GLU Y 69 13.41 -87.19 -48.92
C GLU Y 69 13.08 -87.81 -47.54
N ASP Y 70 13.86 -88.79 -47.09
CA ASP Y 70 13.66 -89.37 -45.76
C ASP Y 70 14.12 -88.37 -44.69
N THR Y 71 13.46 -88.29 -43.53
CA THR Y 71 14.13 -87.52 -42.46
C THR Y 71 15.43 -88.22 -42.07
N PRO Y 72 16.40 -87.48 -41.56
CA PRO Y 72 17.56 -88.08 -40.92
C PRO Y 72 17.35 -88.44 -39.46
N ASP Y 73 16.22 -88.06 -38.88
CA ASP Y 73 15.88 -88.40 -37.47
C ASP Y 73 16.20 -89.89 -37.28
N LEU Y 74 16.87 -90.23 -36.17
CA LEU Y 74 17.37 -91.60 -35.95
C LEU Y 74 16.20 -92.50 -35.52
N LYS Y 75 15.07 -91.86 -35.21
CA LYS Y 75 13.72 -92.42 -35.03
C LYS Y 75 13.27 -93.25 -36.26
N TYR Y 76 13.56 -92.77 -37.48
CA TYR Y 76 13.08 -93.36 -38.75
C TYR Y 76 14.08 -94.43 -39.23
N LYS Y 77 13.58 -95.64 -39.53
CA LYS Y 77 14.40 -96.82 -39.89
C LYS Y 77 14.04 -97.37 -41.28
N GLY Y 78 13.54 -96.54 -42.20
CA GLY Y 78 13.41 -96.91 -43.62
C GLY Y 78 12.02 -97.42 -44.02
N GLU Y 79 11.01 -97.23 -43.15
CA GLU Y 79 9.61 -97.68 -43.39
C GLU Y 79 8.97 -96.84 -44.51
N PRO Y 80 7.90 -97.33 -45.18
CA PRO Y 80 7.38 -96.69 -46.40
C PRO Y 80 6.35 -95.58 -46.07
N THR Y 81 6.83 -94.41 -45.65
CA THR Y 81 5.99 -93.32 -45.23
C THR Y 81 5.73 -92.41 -46.42
N ARG Y 82 4.79 -91.47 -46.27
CA ARG Y 82 4.23 -90.75 -47.39
C ARG Y 82 4.46 -89.25 -47.25
N LEU Y 83 4.38 -88.56 -48.38
CA LEU Y 83 4.24 -87.12 -48.46
C LEU Y 83 3.09 -86.82 -49.41
N VAL Y 84 2.18 -85.93 -49.00
CA VAL Y 84 1.04 -85.56 -49.83
C VAL Y 84 1.02 -84.03 -49.98
N ILE Y 85 0.95 -83.58 -51.24
CA ILE Y 85 0.85 -82.17 -51.55
C ILE Y 85 -0.38 -81.97 -52.40
N GLY Y 86 -1.15 -80.93 -52.08
CA GLY Y 86 -2.39 -80.62 -52.76
C GLY Y 86 -2.17 -79.87 -54.07
N ASP Y 87 -3.06 -78.91 -54.31
CA ASP Y 87 -3.20 -78.22 -55.56
C ASP Y 87 -2.72 -76.77 -55.43
N HIS Y 88 -2.22 -76.19 -56.53
CA HIS Y 88 -1.94 -74.74 -56.68
C HIS Y 88 -0.90 -74.24 -55.68
N ASN Y 89 0.07 -75.08 -55.33
CA ASN Y 89 1.14 -74.68 -54.44
C ASN Y 89 2.33 -74.19 -55.27
N VAL Y 90 3.12 -73.32 -54.65
CA VAL Y 90 4.37 -72.87 -55.19
C VAL Y 90 5.46 -73.19 -54.17
N ILE Y 91 6.46 -73.94 -54.61
CA ILE Y 91 7.59 -74.30 -53.80
C ILE Y 91 8.84 -73.73 -54.46
N ARG Y 92 9.47 -72.75 -53.80
CA ARG Y 92 10.54 -72.00 -54.40
C ARG Y 92 11.88 -72.75 -54.23
N GLU Y 93 12.95 -72.06 -54.60
CA GLU Y 93 14.23 -72.68 -54.82
C GLU Y 93 14.78 -73.20 -53.47
N GLY Y 94 15.24 -74.45 -53.49
CA GLY Y 94 16.04 -75.00 -52.40
C GLY Y 94 15.22 -75.54 -51.23
N VAL Y 95 13.90 -75.66 -51.39
CA VAL Y 95 13.07 -76.11 -50.32
C VAL Y 95 13.31 -77.60 -50.07
N THR Y 96 13.30 -78.00 -48.80
CA THR Y 96 13.34 -79.40 -48.41
C THR Y 96 12.03 -79.78 -47.71
N ILE Y 97 11.44 -80.89 -48.13
CA ILE Y 97 10.25 -81.43 -47.54
C ILE Y 97 10.48 -82.91 -47.30
N HIS Y 98 10.31 -83.35 -46.05
CA HIS Y 98 10.55 -84.72 -45.68
C HIS Y 98 9.23 -85.48 -45.54
N ARG Y 99 9.26 -86.78 -45.82
CA ARG Y 99 8.12 -87.65 -45.60
C ARG Y 99 8.00 -87.95 -44.11
N GLY Y 100 6.88 -88.56 -43.72
CA GLY Y 100 6.54 -88.84 -42.33
C GLY Y 100 7.34 -89.97 -41.71
N THR Y 101 6.90 -90.33 -40.50
CA THR Y 101 7.48 -91.38 -39.65
C THR Y 101 6.34 -92.24 -39.09
N VAL Y 102 6.63 -93.51 -38.82
CA VAL Y 102 5.58 -94.43 -38.35
C VAL Y 102 5.12 -94.07 -36.95
N GLN Y 103 5.93 -93.33 -36.18
CA GLN Y 103 5.60 -92.96 -34.81
C GLN Y 103 4.47 -91.94 -34.74
N ASP Y 104 4.09 -91.28 -35.85
CA ASP Y 104 2.94 -90.34 -35.85
C ASP Y 104 1.87 -90.86 -36.82
N ARG Y 105 1.71 -90.22 -37.99
CA ARG Y 105 0.64 -90.61 -38.91
C ARG Y 105 1.23 -91.16 -40.22
N ALA Y 106 2.55 -91.23 -40.31
CA ALA Y 106 3.25 -91.80 -41.45
C ALA Y 106 3.09 -90.91 -42.69
N GLU Y 107 2.83 -89.63 -42.47
CA GLU Y 107 2.50 -88.76 -43.58
C GLU Y 107 2.80 -87.30 -43.24
N THR Y 108 3.60 -86.66 -44.09
CA THR Y 108 3.72 -85.22 -44.15
C THR Y 108 2.72 -84.72 -45.17
N THR Y 109 1.96 -83.68 -44.84
CA THR Y 109 0.82 -83.32 -45.69
C THR Y 109 0.81 -81.79 -45.89
N ILE Y 110 0.52 -81.37 -47.11
CA ILE Y 110 0.43 -79.98 -47.50
C ILE Y 110 -0.85 -79.79 -48.31
N GLY Y 111 -1.62 -78.76 -47.98
CA GLY Y 111 -2.89 -78.49 -48.61
C GLY Y 111 -2.74 -77.76 -49.94
N ASP Y 112 -3.57 -76.74 -50.13
CA ASP Y 112 -3.75 -76.06 -51.41
C ASP Y 112 -3.33 -74.59 -51.28
N HIS Y 113 -2.91 -73.99 -52.39
CA HIS Y 113 -2.67 -72.54 -52.52
C HIS Y 113 -1.62 -72.05 -51.51
N ASN Y 114 -0.60 -72.86 -51.22
CA ASN Y 114 0.41 -72.43 -50.30
C ASN Y 114 1.59 -71.86 -51.08
N LEU Y 115 2.33 -70.96 -50.44
CA LEU Y 115 3.54 -70.42 -51.00
C LEU Y 115 4.67 -70.73 -50.02
N ILE Y 116 5.62 -71.57 -50.43
CA ILE Y 116 6.72 -71.91 -49.61
C ILE Y 116 7.99 -71.40 -50.27
N MET Y 117 8.62 -70.42 -49.64
CA MET Y 117 9.64 -69.64 -50.28
C MET Y 117 11.01 -70.29 -50.04
N ALA Y 118 12.05 -69.69 -50.63
CA ALA Y 118 13.32 -70.32 -50.80
C ALA Y 118 13.86 -70.86 -49.48
N TYR Y 119 14.43 -72.07 -49.54
CA TYR Y 119 15.28 -72.65 -48.49
C TYR Y 119 14.44 -72.99 -47.24
N ALA Y 120 13.11 -72.94 -47.33
CA ALA Y 120 12.28 -73.38 -46.22
C ALA Y 120 12.42 -74.87 -46.04
N HIS Y 121 12.19 -75.35 -44.81
CA HIS Y 121 12.28 -76.74 -44.46
C HIS Y 121 10.97 -77.19 -43.80
N ILE Y 122 10.42 -78.31 -44.29
CA ILE Y 122 9.21 -78.86 -43.76
C ILE Y 122 9.47 -80.26 -43.26
N GLY Y 123 9.60 -80.40 -41.95
CA GLY Y 123 10.07 -81.61 -41.31
C GLY Y 123 9.00 -82.69 -41.29
N HIS Y 124 9.45 -83.92 -41.03
CA HIS Y 124 8.62 -85.07 -41.02
C HIS Y 124 7.33 -84.81 -40.23
N ASP Y 125 6.21 -85.24 -40.81
CA ASP Y 125 4.94 -85.37 -40.13
C ASP Y 125 4.27 -84.02 -39.94
N SER Y 126 4.82 -82.97 -40.54
CA SER Y 126 4.21 -81.67 -40.46
C SER Y 126 2.94 -81.66 -41.32
N VAL Y 127 2.02 -80.76 -41.00
CA VAL Y 127 0.77 -80.63 -41.72
C VAL Y 127 0.54 -79.15 -41.98
N ILE Y 128 0.43 -78.78 -43.24
CA ILE Y 128 0.12 -77.45 -43.62
C ILE Y 128 -1.25 -77.42 -44.29
N GLY Y 129 -2.02 -76.38 -43.96
CA GLY Y 129 -3.36 -76.22 -44.46
C GLY Y 129 -3.36 -75.56 -45.83
N ASN Y 130 -4.22 -74.56 -46.01
CA ASN Y 130 -4.35 -73.87 -47.26
C ASN Y 130 -4.03 -72.39 -47.07
N HIS Y 131 -3.55 -71.76 -48.16
CA HIS Y 131 -3.39 -70.31 -48.24
C HIS Y 131 -2.28 -69.83 -47.30
N CYS Y 132 -1.37 -70.70 -46.89
CA CYS Y 132 -0.31 -70.31 -46.01
C CYS Y 132 0.85 -69.73 -46.80
N ILE Y 133 1.71 -68.98 -46.11
CA ILE Y 133 2.92 -68.43 -46.66
C ILE Y 133 4.05 -68.70 -45.67
N LEU Y 134 5.03 -69.50 -46.10
CA LEU Y 134 6.25 -69.71 -45.37
C LEU Y 134 7.37 -68.97 -46.10
N VAL Y 135 7.95 -68.00 -45.45
CA VAL Y 135 8.89 -67.17 -46.10
C VAL Y 135 10.28 -67.82 -46.00
N ASN Y 136 11.21 -67.33 -46.82
CA ASN Y 136 12.57 -67.79 -46.91
C ASN Y 136 13.06 -68.36 -45.57
N ASN Y 137 13.55 -69.60 -45.59
CA ASN Y 137 14.30 -70.23 -44.51
C ASN Y 137 13.45 -70.49 -43.26
N THR Y 138 12.14 -70.45 -43.39
CA THR Y 138 11.28 -70.92 -42.35
C THR Y 138 11.51 -72.42 -42.15
N ALA Y 139 11.56 -72.89 -40.92
CA ALA Y 139 11.88 -74.29 -40.65
C ALA Y 139 10.91 -74.88 -39.64
N LEU Y 140 10.19 -75.94 -40.04
CA LEU Y 140 9.32 -76.69 -39.17
C LEU Y 140 10.04 -77.96 -38.75
N ALA Y 141 10.41 -78.07 -37.48
CA ALA Y 141 11.27 -79.18 -37.04
C ALA Y 141 10.64 -80.56 -37.24
N GLY Y 142 9.31 -80.63 -37.14
CA GLY Y 142 8.58 -81.89 -37.28
C GLY Y 142 7.30 -81.89 -36.47
N HIS Y 143 6.29 -82.61 -36.98
CA HIS Y 143 5.03 -82.74 -36.33
C HIS Y 143 4.40 -81.35 -36.09
N VAL Y 144 4.66 -80.40 -36.98
CA VAL Y 144 4.13 -79.07 -36.83
C VAL Y 144 2.85 -78.96 -37.64
N HIS Y 145 1.80 -78.41 -37.03
CA HIS Y 145 0.53 -78.16 -37.72
C HIS Y 145 0.43 -76.66 -37.96
N VAL Y 146 0.33 -76.25 -39.22
CA VAL Y 146 0.10 -74.87 -39.59
C VAL Y 146 -1.29 -74.77 -40.23
N ASP Y 147 -2.17 -74.02 -39.60
CA ASP Y 147 -3.54 -73.90 -40.04
C ASP Y 147 -3.67 -72.79 -41.08
N ASP Y 148 -4.84 -72.67 -41.70
CA ASP Y 148 -5.06 -71.89 -42.91
C ASP Y 148 -4.66 -70.42 -42.71
N TRP Y 149 -4.06 -69.83 -43.76
CA TRP Y 149 -3.81 -68.37 -43.89
C TRP Y 149 -2.66 -67.91 -42.98
N ALA Y 150 -1.94 -68.83 -42.37
CA ALA Y 150 -0.87 -68.40 -41.52
C ALA Y 150 0.26 -67.82 -42.38
N ILE Y 151 1.02 -66.91 -41.80
CA ILE Y 151 2.19 -66.35 -42.41
C ILE Y 151 3.35 -66.47 -41.43
N LEU Y 152 4.42 -67.15 -41.84
CA LEU Y 152 5.63 -67.20 -41.07
C LEU Y 152 6.71 -66.39 -41.77
N SER Y 153 7.10 -65.27 -41.16
CA SER Y 153 8.12 -64.40 -41.73
C SER Y 153 9.43 -65.18 -41.84
N GLY Y 154 10.37 -64.59 -42.57
CA GLY Y 154 11.61 -65.24 -42.88
C GLY Y 154 12.36 -65.71 -41.65
N TYR Y 155 13.02 -66.86 -41.78
CA TYR Y 155 13.88 -67.42 -40.78
C TYR Y 155 13.10 -67.64 -39.48
N THR Y 156 11.81 -67.96 -39.58
CA THR Y 156 11.04 -68.41 -38.45
C THR Y 156 11.31 -69.90 -38.20
N LEU Y 157 11.68 -70.24 -36.97
CA LEU Y 157 11.95 -71.62 -36.58
C LEU Y 157 10.83 -72.11 -35.66
N VAL Y 158 10.35 -73.34 -35.87
CA VAL Y 158 9.25 -73.88 -35.07
C VAL Y 158 9.66 -75.24 -34.49
N HIS Y 159 9.60 -75.38 -33.18
CA HIS Y 159 9.94 -76.61 -32.51
C HIS Y 159 8.93 -77.71 -32.84
N GLN Y 160 9.36 -78.95 -32.62
CA GLN Y 160 8.54 -80.12 -32.80
C GLN Y 160 7.23 -79.95 -32.05
N TYR Y 161 6.12 -80.32 -32.69
CA TYR Y 161 4.80 -80.51 -32.09
C TYR Y 161 4.02 -79.19 -31.96
N CYS Y 162 4.58 -78.05 -32.34
CA CYS Y 162 3.85 -76.81 -32.19
C CYS Y 162 2.72 -76.68 -33.21
N ARG Y 163 1.66 -76.01 -32.79
CA ARG Y 163 0.55 -75.67 -33.64
C ARG Y 163 0.60 -74.16 -33.91
N ILE Y 164 0.60 -73.80 -35.19
CA ILE Y 164 0.52 -72.43 -35.63
C ILE Y 164 -0.92 -72.17 -36.08
N GLY Y 165 -1.59 -71.23 -35.43
CA GLY Y 165 -3.03 -71.03 -35.59
C GLY Y 165 -3.38 -70.33 -36.91
N ALA Y 166 -4.64 -70.48 -37.32
CA ALA Y 166 -5.15 -69.83 -38.50
C ALA Y 166 -4.93 -68.31 -38.42
N HIS Y 167 -4.49 -67.71 -39.53
CA HIS Y 167 -4.30 -66.28 -39.69
C HIS Y 167 -3.23 -65.71 -38.77
N SER Y 168 -2.47 -66.58 -38.13
CA SER Y 168 -1.47 -66.10 -37.22
C SER Y 168 -0.27 -65.63 -38.02
N PHE Y 169 0.65 -64.93 -37.38
CA PHE Y 169 1.75 -64.27 -38.05
C PHE Y 169 2.97 -64.25 -37.13
N SER Y 170 4.10 -64.69 -37.67
CA SER Y 170 5.35 -64.62 -36.93
C SER Y 170 6.25 -63.58 -37.59
N GLY Y 171 6.96 -62.80 -36.79
CA GLY Y 171 7.92 -61.84 -37.26
C GLY Y 171 9.22 -62.52 -37.65
N MET Y 172 10.14 -61.79 -38.26
CA MET Y 172 11.24 -62.46 -38.81
C MET Y 172 12.25 -62.83 -37.73
N GLY Y 173 12.85 -64.01 -37.89
CA GLY Y 173 13.77 -64.58 -36.93
C GLY Y 173 13.06 -65.05 -35.66
N SER Y 174 11.75 -65.28 -35.74
CA SER Y 174 11.01 -65.80 -34.60
C SER Y 174 11.46 -67.24 -34.31
N ALA Y 175 11.52 -67.57 -33.01
CA ALA Y 175 11.81 -68.91 -32.56
C ALA Y 175 10.65 -69.37 -31.68
N ILE Y 176 9.78 -70.20 -32.25
CA ILE Y 176 8.52 -70.56 -31.65
C ILE Y 176 8.65 -71.93 -30.97
N GLY Y 177 8.34 -71.98 -29.68
CA GLY Y 177 8.46 -73.17 -28.86
C GLY Y 177 7.14 -73.63 -28.25
N LYS Y 178 6.06 -72.86 -28.41
CA LYS Y 178 4.76 -73.23 -27.91
C LYS Y 178 3.74 -72.86 -28.98
N ASP Y 179 2.48 -73.25 -28.79
CA ASP Y 179 1.47 -73.00 -29.82
C ASP Y 179 1.29 -71.49 -30.02
N VAL Y 180 0.98 -71.10 -31.24
CA VAL Y 180 0.61 -69.77 -31.53
C VAL Y 180 -0.90 -69.78 -31.77
N PRO Y 181 -1.69 -69.10 -30.93
CA PRO Y 181 -3.13 -69.08 -31.12
C PRO Y 181 -3.45 -68.42 -32.45
N ALA Y 182 -4.64 -68.72 -32.96
CA ALA Y 182 -5.11 -68.11 -34.19
C ALA Y 182 -5.07 -66.58 -34.06
N TYR Y 183 -4.77 -65.94 -35.18
CA TYR Y 183 -4.74 -64.50 -35.35
C TYR Y 183 -3.57 -63.81 -34.64
N VAL Y 184 -2.83 -64.50 -33.77
CA VAL Y 184 -1.87 -63.80 -32.92
C VAL Y 184 -0.60 -63.50 -33.72
N THR Y 185 0.03 -62.37 -33.42
CA THR Y 185 1.35 -62.05 -33.97
C THR Y 185 2.40 -62.29 -32.90
N VAL Y 186 3.51 -62.93 -33.27
CA VAL Y 186 4.59 -63.23 -32.34
C VAL Y 186 5.92 -62.80 -32.93
N PHE Y 187 6.87 -62.46 -32.05
CA PHE Y 187 8.15 -61.91 -32.42
C PHE Y 187 9.23 -62.38 -31.45
N GLY Y 188 10.43 -62.62 -31.99
CA GLY Y 188 11.64 -62.75 -31.20
C GLY Y 188 12.00 -64.19 -30.89
N ASN Y 189 13.11 -64.34 -30.18
CA ASN Y 189 13.67 -65.60 -29.80
C ASN Y 189 14.05 -65.54 -28.34
N PRO Y 190 13.21 -66.09 -27.45
CA PRO Y 190 12.02 -66.84 -27.77
C PRO Y 190 10.81 -65.96 -28.15
N ALA Y 191 9.91 -66.51 -28.94
CA ALA Y 191 8.79 -65.78 -29.48
C ALA Y 191 7.86 -65.32 -28.36
N GLU Y 192 7.35 -64.08 -28.48
CA GLU Y 192 6.41 -63.46 -27.57
C GLU Y 192 5.23 -62.92 -28.39
N ALA Y 193 4.04 -63.01 -27.80
CA ALA Y 193 2.82 -62.47 -28.40
C ALA Y 193 2.86 -60.96 -28.28
N ARG Y 194 2.43 -60.26 -29.31
CA ARG Y 194 2.45 -58.83 -29.35
C ARG Y 194 1.05 -58.28 -29.60
N SER Y 195 0.36 -58.80 -30.61
CA SER Y 195 -0.92 -58.28 -31.02
C SER Y 195 -1.67 -59.33 -31.84
N MET Y 196 -2.60 -58.88 -32.69
CA MET Y 196 -3.31 -59.74 -33.59
C MET Y 196 -3.09 -59.25 -35.02
N ASN Y 197 -3.30 -60.16 -35.97
CA ASN Y 197 -2.99 -59.95 -37.34
C ASN Y 197 -4.20 -59.28 -37.99
N PHE Y 198 -4.37 -57.99 -37.73
CA PHE Y 198 -5.51 -57.27 -38.20
C PHE Y 198 -5.45 -57.13 -39.72
N GLU Y 199 -4.23 -56.97 -40.26
CA GLU Y 199 -4.05 -56.90 -41.72
C GLU Y 199 -4.71 -58.12 -42.38
N GLY Y 200 -4.49 -59.30 -41.79
CA GLY Y 200 -5.02 -60.54 -42.28
C GLY Y 200 -6.55 -60.56 -42.26
N MET Y 201 -7.14 -60.01 -41.20
CA MET Y 201 -8.58 -59.98 -41.04
C MET Y 201 -9.20 -59.03 -42.06
N ARG Y 202 -8.47 -57.96 -42.39
CA ARG Y 202 -8.94 -56.98 -43.34
C ARG Y 202 -9.09 -57.63 -44.71
N ARG Y 203 -8.05 -58.38 -45.13
CA ARG Y 203 -8.00 -59.03 -46.43
C ARG Y 203 -9.09 -60.09 -46.55
N ARG Y 204 -9.44 -60.80 -45.47
CA ARG Y 204 -10.51 -61.77 -45.56
C ARG Y 204 -11.89 -61.12 -45.43
N GLY Y 205 -11.94 -59.79 -45.26
CA GLY Y 205 -13.18 -59.07 -45.18
C GLY Y 205 -14.00 -59.39 -43.95
N PHE Y 206 -13.34 -59.58 -42.79
CA PHE Y 206 -14.05 -59.79 -41.54
C PHE Y 206 -14.89 -58.57 -41.23
N SER Y 207 -16.01 -58.77 -40.55
CA SER Y 207 -16.82 -57.66 -40.13
C SER Y 207 -16.03 -56.81 -39.13
N SER Y 208 -16.43 -55.55 -38.97
CA SER Y 208 -15.75 -54.66 -38.07
C SER Y 208 -16.08 -55.06 -36.62
N GLU Y 209 -17.25 -55.64 -36.37
CA GLU Y 209 -17.66 -56.10 -35.02
C GLU Y 209 -16.79 -57.30 -34.60
N ALA Y 210 -16.42 -58.13 -35.57
CA ALA Y 210 -15.64 -59.32 -35.31
C ALA Y 210 -14.18 -58.95 -35.01
N ILE Y 211 -13.67 -57.96 -35.72
CA ILE Y 211 -12.32 -57.49 -35.50
C ILE Y 211 -12.21 -56.95 -34.08
N HIS Y 212 -13.18 -56.15 -33.66
CA HIS Y 212 -13.20 -55.58 -32.33
C HIS Y 212 -13.28 -56.71 -31.29
N ALA Y 213 -14.06 -57.75 -31.58
CA ALA Y 213 -14.27 -58.83 -30.64
C ALA Y 213 -12.96 -59.59 -30.44
N LEU Y 214 -12.19 -59.69 -31.51
CA LEU Y 214 -10.95 -60.39 -31.48
C LEU Y 214 -9.89 -59.58 -30.75
N ARG Y 215 -9.96 -58.25 -30.81
CA ARG Y 215 -9.03 -57.46 -30.04
C ARG Y 215 -9.33 -57.64 -28.54
N ARG Y 216 -10.61 -57.65 -28.17
CA ARG Y 216 -10.99 -57.84 -26.78
C ARG Y 216 -10.54 -59.21 -26.32
N ALA Y 217 -10.62 -60.19 -27.22
CA ALA Y 217 -10.24 -61.55 -26.90
C ALA Y 217 -8.74 -61.62 -26.61
N TYR Y 218 -7.94 -60.90 -27.39
CA TYR Y 218 -6.53 -60.84 -27.18
C TYR Y 218 -6.27 -60.32 -25.77
N LYS Y 219 -6.94 -59.23 -25.41
CA LYS Y 219 -6.74 -58.59 -24.12
C LYS Y 219 -7.12 -59.53 -22.96
N VAL Y 220 -8.13 -60.36 -23.14
CA VAL Y 220 -8.58 -61.28 -22.09
C VAL Y 220 -7.47 -62.29 -21.77
N VAL Y 221 -6.87 -62.82 -22.82
CA VAL Y 221 -5.90 -63.89 -22.73
C VAL Y 221 -4.55 -63.36 -22.25
N TYR Y 222 -4.18 -62.14 -22.67
CA TYR Y 222 -2.78 -61.69 -22.61
C TYR Y 222 -2.60 -60.47 -21.70
N ARG Y 223 -3.59 -59.59 -21.51
CA ARG Y 223 -3.33 -58.28 -20.90
C ARG Y 223 -4.17 -58.08 -19.64
N GLN Y 224 -4.67 -59.13 -19.00
CA GLN Y 224 -5.62 -58.90 -17.87
C GLN Y 224 -5.31 -59.81 -16.68
N GLY Y 225 -4.10 -60.37 -16.64
CA GLY Y 225 -3.66 -61.23 -15.55
C GLY Y 225 -4.46 -62.52 -15.42
N HIS Y 226 -5.20 -62.97 -16.45
CA HIS Y 226 -5.96 -64.19 -16.31
C HIS Y 226 -5.03 -65.39 -16.50
N THR Y 227 -5.28 -66.48 -15.77
CA THR Y 227 -4.67 -67.76 -16.12
C THR Y 227 -5.34 -68.22 -17.42
N VAL Y 228 -4.78 -69.24 -18.07
CA VAL Y 228 -5.33 -69.65 -19.33
C VAL Y 228 -6.74 -70.22 -19.13
N GLU Y 229 -6.97 -70.93 -18.02
CA GLU Y 229 -8.29 -71.48 -17.67
C GLU Y 229 -9.31 -70.37 -17.50
N GLU Y 230 -8.94 -69.30 -16.78
CA GLU Y 230 -9.84 -68.19 -16.50
C GLU Y 230 -10.18 -67.45 -17.81
N ALA Y 231 -9.21 -67.38 -18.73
CA ALA Y 231 -9.39 -66.70 -19.99
C ALA Y 231 -10.40 -67.45 -20.86
N LEU Y 232 -10.23 -68.77 -20.95
CA LEU Y 232 -11.13 -69.61 -21.71
C LEU Y 232 -12.58 -69.45 -21.25
N ALA Y 233 -12.77 -69.32 -19.93
CA ALA Y 233 -14.08 -69.15 -19.34
C ALA Y 233 -14.66 -67.81 -19.75
N GLU Y 234 -13.83 -66.77 -19.75
CA GLU Y 234 -14.25 -65.43 -20.08
C GLU Y 234 -14.60 -65.34 -21.57
N LEU Y 235 -13.85 -66.04 -22.42
CA LEU Y 235 -14.06 -66.04 -23.85
C LEU Y 235 -15.35 -66.78 -24.26
N ALA Y 236 -15.94 -67.59 -23.37
CA ALA Y 236 -17.07 -68.43 -23.76
C ALA Y 236 -18.19 -67.61 -24.42
N GLU Y 237 -18.56 -66.46 -23.83
CA GLU Y 237 -19.66 -65.63 -24.35
C GLU Y 237 -19.32 -65.18 -25.78
N SER Y 238 -18.15 -64.60 -25.93
CA SER Y 238 -17.69 -63.95 -27.14
C SER Y 238 -17.51 -64.99 -28.28
N ALA Y 239 -17.18 -66.24 -27.93
CA ALA Y 239 -16.97 -67.31 -28.89
C ALA Y 239 -18.31 -67.85 -29.42
N ALA Y 240 -19.37 -67.69 -28.66
CA ALA Y 240 -20.67 -68.10 -29.11
C ALA Y 240 -21.29 -67.03 -30.02
N GLN Y 241 -20.83 -65.79 -29.86
CA GLN Y 241 -21.34 -64.67 -30.60
C GLN Y 241 -20.67 -64.57 -31.97
N PHE Y 242 -19.41 -64.99 -32.08
CA PHE Y 242 -18.62 -64.78 -33.30
C PHE Y 242 -17.87 -66.05 -33.68
N PRO Y 243 -18.16 -66.67 -34.84
CA PRO Y 243 -17.37 -67.79 -35.35
C PRO Y 243 -15.86 -67.55 -35.34
N GLU Y 244 -15.47 -66.30 -35.57
CA GLU Y 244 -14.07 -65.89 -35.69
C GLU Y 244 -13.38 -65.99 -34.32
N VAL Y 245 -14.08 -65.63 -33.26
CA VAL Y 245 -13.54 -65.73 -31.91
C VAL Y 245 -13.50 -67.18 -31.47
N ALA Y 246 -14.46 -67.98 -31.91
CA ALA Y 246 -14.46 -69.42 -31.58
C ALA Y 246 -13.19 -70.08 -32.10
N VAL Y 247 -12.73 -69.69 -33.29
CA VAL Y 247 -11.48 -70.21 -33.86
C VAL Y 247 -10.32 -69.93 -32.88
N PHE Y 248 -10.30 -68.70 -32.34
CA PHE Y 248 -9.28 -68.26 -31.40
C PHE Y 248 -9.38 -69.06 -30.11
N ARG Y 249 -10.59 -69.16 -29.53
CA ARG Y 249 -10.76 -69.91 -28.29
C ARG Y 249 -10.32 -71.36 -28.54
N ASP Y 250 -10.72 -71.96 -29.66
CA ASP Y 250 -10.47 -73.37 -29.91
C ASP Y 250 -8.97 -73.62 -30.02
N SER Y 251 -8.21 -72.66 -30.58
CA SER Y 251 -6.76 -72.83 -30.70
C SER Y 251 -6.07 -72.82 -29.33
N ILE Y 252 -6.59 -72.05 -28.38
CA ILE Y 252 -6.06 -71.99 -27.03
C ILE Y 252 -6.48 -73.23 -26.24
N GLN Y 253 -7.76 -73.61 -26.36
CA GLN Y 253 -8.31 -74.79 -25.72
C GLN Y 253 -7.39 -75.98 -25.95
N SER Y 254 -7.04 -76.20 -27.23
CA SER Y 254 -6.43 -77.45 -27.67
C SER Y 254 -4.91 -77.38 -27.55
N ALA Y 255 -4.43 -76.52 -26.66
CA ALA Y 255 -3.03 -76.28 -26.51
C ALA Y 255 -2.63 -76.59 -25.06
N THR Y 256 -3.63 -76.83 -24.20
CA THR Y 256 -3.49 -76.54 -22.78
C THR Y 256 -4.30 -77.55 -21.96
N ARG Y 257 -3.91 -78.81 -21.94
CA ARG Y 257 -4.61 -79.72 -21.00
C ARG Y 257 -4.26 -79.37 -19.54
N GLY Y 258 -2.97 -79.33 -19.18
CA GLY Y 258 -2.51 -79.13 -17.79
C GLY Y 258 -2.56 -80.42 -16.99
N ILE Y 259 -2.28 -80.31 -15.68
CA ILE Y 259 -2.27 -81.46 -14.79
C ILE Y 259 -3.08 -81.19 -13.53
N THR Y 260 -3.68 -82.22 -12.98
CA THR Y 260 -4.41 -82.09 -11.78
C THR Y 260 -3.45 -81.57 -10.72
N ARG Y 261 -3.78 -80.40 -10.13
CA ARG Y 261 -3.07 -79.77 -9.02
C ARG Y 261 -3.89 -79.84 -7.72
N GLY Z 1 32.25 -86.03 -69.51
CA GLY Z 1 33.45 -85.90 -68.61
C GLY Z 1 33.78 -84.46 -68.38
N SER Z 2 35.08 -84.16 -68.26
CA SER Z 2 35.58 -82.79 -68.13
C SER Z 2 35.90 -82.20 -69.50
N HIS Z 3 35.40 -80.99 -69.75
CA HIS Z 3 35.63 -80.23 -70.95
C HIS Z 3 36.32 -78.91 -70.58
N MET Z 4 37.47 -78.62 -71.19
CA MET Z 4 38.28 -77.46 -70.89
C MET Z 4 37.89 -76.28 -71.79
N SER Z 5 36.87 -76.53 -72.61
CA SER Z 5 36.27 -75.54 -73.56
C SER Z 5 35.56 -74.46 -72.73
N LEU Z 6 35.25 -73.29 -73.29
CA LEU Z 6 34.90 -72.19 -72.31
C LEU Z 6 33.43 -72.34 -71.92
N ILE Z 7 32.64 -72.90 -72.81
CA ILE Z 7 31.24 -73.09 -72.52
C ILE Z 7 30.99 -74.57 -72.54
N ASP Z 8 30.66 -75.16 -71.39
CA ASP Z 8 30.46 -76.57 -71.31
C ASP Z 8 29.39 -76.96 -72.30
N PRO Z 9 29.57 -78.06 -73.08
CA PRO Z 9 28.50 -78.53 -73.96
C PRO Z 9 27.23 -78.96 -73.20
N ARG Z 10 27.34 -79.26 -71.89
CA ARG Z 10 26.16 -79.69 -71.15
C ARG Z 10 25.38 -78.47 -70.61
N ALA Z 11 25.85 -77.23 -70.84
CA ALA Z 11 25.12 -76.02 -70.45
C ALA Z 11 24.06 -75.68 -71.51
N ILE Z 12 23.11 -74.84 -71.13
CA ILE Z 12 22.06 -74.34 -72.02
C ILE Z 12 22.20 -72.83 -72.13
N ILE Z 13 22.38 -72.33 -73.34
CA ILE Z 13 22.50 -70.93 -73.60
C ILE Z 13 21.35 -70.53 -74.52
N ASP Z 14 20.49 -69.62 -74.06
CA ASP Z 14 19.40 -69.19 -74.87
C ASP Z 14 19.92 -68.47 -76.11
N PRO Z 15 19.31 -68.68 -77.30
CA PRO Z 15 19.65 -67.90 -78.49
C PRO Z 15 19.75 -66.38 -78.28
N SER Z 16 18.90 -65.81 -77.41
CA SER Z 16 18.81 -64.36 -77.21
C SER Z 16 19.73 -63.86 -76.08
N ALA Z 17 20.54 -64.74 -75.49
CA ALA Z 17 21.57 -64.32 -74.53
C ALA Z 17 22.75 -63.74 -75.30
N ARG Z 18 23.48 -62.84 -74.64
CA ARG Z 18 24.61 -62.15 -75.24
C ARG Z 18 25.80 -62.25 -74.28
N LEU Z 19 26.78 -63.10 -74.63
CA LEU Z 19 27.97 -63.39 -73.87
C LEU Z 19 29.19 -62.80 -74.56
N ALA Z 20 30.03 -62.09 -73.81
CA ALA Z 20 31.32 -61.65 -74.30
C ALA Z 20 32.16 -62.87 -74.67
N ALA Z 21 33.23 -62.64 -75.44
CA ALA Z 21 34.00 -63.72 -76.11
C ALA Z 21 34.53 -64.75 -75.11
N ASP Z 22 35.02 -64.32 -73.93
CA ASP Z 22 35.82 -65.22 -73.06
C ASP Z 22 35.06 -65.58 -71.77
N VAL Z 23 33.73 -65.55 -71.82
CA VAL Z 23 32.93 -65.94 -70.70
C VAL Z 23 33.02 -67.48 -70.58
N GLN Z 24 33.05 -67.97 -69.34
CA GLN Z 24 33.04 -69.38 -69.04
C GLN Z 24 31.74 -69.79 -68.37
N VAL Z 25 31.17 -70.92 -68.77
CA VAL Z 25 29.95 -71.45 -68.20
C VAL Z 25 30.15 -72.93 -67.95
N GLY Z 26 29.91 -73.33 -66.71
CA GLY Z 26 30.08 -74.69 -66.26
C GLY Z 26 28.96 -75.59 -66.74
N PRO Z 27 29.11 -76.91 -66.53
CA PRO Z 27 28.08 -77.87 -66.91
C PRO Z 27 26.77 -77.69 -66.18
N TRP Z 28 25.66 -77.96 -66.92
CA TRP Z 28 24.31 -77.98 -66.31
C TRP Z 28 23.89 -76.61 -65.79
N SER Z 29 24.43 -75.55 -66.40
CA SER Z 29 24.01 -74.23 -66.09
C SER Z 29 23.08 -73.73 -67.19
N ILE Z 30 22.14 -72.87 -66.82
CA ILE Z 30 21.21 -72.27 -67.77
C ILE Z 30 21.48 -70.77 -67.83
N VAL Z 31 21.75 -70.26 -69.02
CA VAL Z 31 21.79 -68.85 -69.27
C VAL Z 31 20.55 -68.49 -70.10
N GLY Z 32 19.51 -68.00 -69.40
CA GLY Z 32 18.19 -67.79 -69.98
C GLY Z 32 18.15 -66.63 -70.97
N ALA Z 33 16.97 -66.46 -71.55
CA ALA Z 33 16.68 -65.38 -72.50
C ALA Z 33 17.04 -64.05 -71.85
N GLU Z 34 17.64 -63.15 -72.65
CA GLU Z 34 17.86 -61.74 -72.31
C GLU Z 34 18.85 -61.58 -71.16
N VAL Z 35 19.79 -62.51 -71.03
CA VAL Z 35 20.87 -62.37 -70.12
C VAL Z 35 22.10 -61.93 -70.88
N GLU Z 36 22.79 -60.95 -70.33
CA GLU Z 36 23.95 -60.35 -70.93
C GLU Z 36 25.11 -60.53 -69.94
N ILE Z 37 26.25 -61.06 -70.39
CA ILE Z 37 27.37 -61.36 -69.48
C ILE Z 37 28.66 -60.75 -70.05
N GLY Z 38 29.36 -60.00 -69.22
CA GLY Z 38 30.54 -59.26 -69.60
C GLY Z 38 31.83 -60.07 -69.56
N GLU Z 39 32.83 -59.53 -70.27
CA GLU Z 39 34.20 -60.01 -70.38
C GLU Z 39 34.70 -60.61 -69.06
N GLY Z 40 35.18 -61.86 -69.12
CA GLY Z 40 36.01 -62.48 -68.07
C GLY Z 40 35.20 -63.07 -66.92
N THR Z 41 33.86 -63.04 -67.02
CA THR Z 41 33.00 -63.59 -66.01
C THR Z 41 32.99 -65.11 -66.13
N VAL Z 42 32.83 -65.78 -64.99
CA VAL Z 42 32.82 -67.22 -64.88
C VAL Z 42 31.55 -67.66 -64.15
N ILE Z 43 30.73 -68.45 -64.84
CA ILE Z 43 29.58 -69.10 -64.28
C ILE Z 43 29.97 -70.53 -63.96
N GLY Z 44 29.73 -70.93 -62.72
CA GLY Z 44 30.03 -72.28 -62.27
C GLY Z 44 29.04 -73.28 -62.84
N PRO Z 45 29.09 -74.55 -62.38
CA PRO Z 45 28.10 -75.54 -62.75
C PRO Z 45 26.80 -75.32 -61.98
N HIS Z 46 25.67 -75.88 -62.45
CA HIS Z 46 24.42 -75.86 -61.72
C HIS Z 46 23.99 -74.43 -61.35
N VAL Z 47 24.14 -73.48 -62.28
CA VAL Z 47 23.67 -72.14 -62.04
C VAL Z 47 22.49 -71.87 -62.95
N VAL Z 48 21.53 -71.10 -62.44
CA VAL Z 48 20.39 -70.68 -63.22
C VAL Z 48 20.41 -69.16 -63.33
N LEU Z 49 20.62 -68.62 -64.53
CA LEU Z 49 20.47 -67.21 -64.80
C LEU Z 49 19.17 -66.98 -65.56
N LYS Z 50 18.45 -65.93 -65.18
CA LYS Z 50 17.22 -65.58 -65.85
C LYS Z 50 17.22 -64.05 -66.06
N GLY Z 51 16.46 -63.59 -67.05
CA GLY Z 51 16.54 -62.20 -67.51
C GLY Z 51 15.19 -61.49 -67.44
N PRO Z 52 15.18 -60.18 -67.72
CA PRO Z 52 16.29 -59.38 -68.25
C PRO Z 52 17.38 -59.04 -67.23
N THR Z 53 18.60 -59.49 -67.48
CA THR Z 53 19.68 -59.39 -66.53
C THR Z 53 20.95 -58.96 -67.26
N LYS Z 54 21.69 -58.03 -66.66
CA LYS Z 54 22.95 -57.57 -67.18
C LYS Z 54 24.03 -57.84 -66.13
N ILE Z 55 25.02 -58.64 -66.47
CA ILE Z 55 26.12 -58.97 -65.59
C ILE Z 55 27.40 -58.41 -66.21
N GLY Z 56 28.19 -57.70 -65.40
CA GLY Z 56 29.38 -57.02 -65.85
C GLY Z 56 30.55 -57.96 -65.99
N LYS Z 57 31.75 -57.42 -65.77
CA LYS Z 57 33.02 -58.04 -66.13
C LYS Z 57 33.65 -58.67 -64.89
N HIS Z 58 34.32 -59.80 -65.08
CA HIS Z 58 35.17 -60.44 -64.08
C HIS Z 58 34.37 -60.85 -62.84
N ASN Z 59 33.14 -61.30 -63.02
CA ASN Z 59 32.35 -61.87 -61.92
C ASN Z 59 32.64 -63.37 -61.83
N ARG Z 60 32.39 -63.91 -60.64
CA ARG Z 60 32.50 -65.35 -60.35
CA ARG Z 60 32.50 -65.36 -60.34
C ARG Z 60 31.13 -65.68 -59.71
N ILE Z 61 30.37 -66.61 -60.29
CA ILE Z 61 29.07 -67.07 -59.70
C ILE Z 61 29.12 -68.59 -59.47
N TYR Z 62 28.87 -69.01 -58.23
CA TYR Z 62 29.08 -70.41 -57.85
C TYR Z 62 27.78 -71.21 -57.98
N GLN Z 63 27.95 -72.52 -57.88
CA GLN Z 63 26.91 -73.52 -58.04
C GLN Z 63 25.69 -73.25 -57.17
N PHE Z 64 24.51 -73.57 -57.72
CA PHE Z 64 23.21 -73.65 -57.00
C PHE Z 64 22.59 -72.26 -56.77
N SER Z 65 23.21 -71.24 -57.37
CA SER Z 65 22.71 -69.92 -57.37
C SER Z 65 21.61 -69.78 -58.41
N SER Z 66 20.56 -69.03 -58.05
CA SER Z 66 19.48 -68.64 -58.96
C SER Z 66 19.51 -67.12 -59.02
N VAL Z 67 19.98 -66.57 -60.13
CA VAL Z 67 20.22 -65.16 -60.29
C VAL Z 67 19.32 -64.64 -61.40
N GLY Z 68 18.37 -63.78 -61.04
CA GLY Z 68 17.51 -63.13 -62.02
C GLY Z 68 16.11 -63.71 -62.03
N GLU Z 69 15.77 -64.44 -60.97
CA GLU Z 69 14.50 -65.10 -60.86
C GLU Z 69 13.43 -64.04 -60.53
N ASP Z 70 12.16 -64.31 -60.80
CA ASP Z 70 11.09 -63.37 -60.43
C ASP Z 70 10.90 -63.40 -58.92
N THR Z 71 10.58 -62.24 -58.26
CA THR Z 71 10.14 -62.39 -56.88
C THR Z 71 8.83 -63.16 -56.85
N PRO Z 72 8.55 -63.85 -55.73
CA PRO Z 72 7.24 -64.44 -55.52
C PRO Z 72 6.22 -63.47 -54.94
N ASP Z 73 6.66 -62.24 -54.55
CA ASP Z 73 5.75 -61.24 -53.97
C ASP Z 73 4.52 -61.17 -54.89
N LEU Z 74 3.32 -61.14 -54.29
CA LEU Z 74 2.05 -61.26 -55.04
C LEU Z 74 1.76 -59.91 -55.71
N LYS Z 75 2.51 -58.88 -55.30
CA LYS Z 75 2.67 -57.55 -55.93
C LYS Z 75 3.04 -57.66 -57.44
N TYR Z 76 3.98 -58.55 -57.75
CA TYR Z 76 4.59 -58.68 -59.11
C TYR Z 76 3.71 -59.59 -59.99
N LYS Z 77 3.35 -59.11 -61.20
CA LYS Z 77 2.41 -59.81 -62.10
C LYS Z 77 3.06 -60.12 -63.47
N GLY Z 78 4.38 -60.29 -63.54
CA GLY Z 78 5.05 -60.82 -64.74
C GLY Z 78 5.62 -59.76 -65.68
N GLU Z 79 5.70 -58.51 -65.24
CA GLU Z 79 6.22 -57.37 -66.05
C GLU Z 79 7.72 -57.53 -66.27
N PRO Z 80 8.33 -56.88 -67.31
CA PRO Z 80 9.73 -57.15 -67.68
C PRO Z 80 10.71 -56.27 -66.88
N THR Z 81 10.99 -56.67 -65.64
CA THR Z 81 11.85 -55.93 -64.75
C THR Z 81 13.28 -56.45 -64.88
N ARG Z 82 14.24 -55.73 -64.31
CA ARG Z 82 15.64 -55.93 -64.61
C ARG Z 82 16.41 -56.31 -63.35
N LEU Z 83 17.58 -56.92 -63.56
CA LEU Z 83 18.62 -57.09 -62.57
C LEU Z 83 19.93 -56.63 -63.21
N VAL Z 84 20.70 -55.80 -62.50
CA VAL Z 84 21.97 -55.30 -63.00
C VAL Z 84 23.06 -55.61 -61.98
N ILE Z 85 24.14 -56.26 -62.44
CA ILE Z 85 25.28 -56.56 -61.63
C ILE Z 85 26.51 -55.97 -62.28
N GLY Z 86 27.36 -55.34 -61.47
CA GLY Z 86 28.56 -54.67 -61.95
C GLY Z 86 29.71 -55.63 -62.17
N ASP Z 87 30.90 -55.16 -61.81
CA ASP Z 87 32.17 -55.78 -62.11
C ASP Z 87 32.79 -56.37 -60.84
N HIS Z 88 33.57 -57.44 -61.00
CA HIS Z 88 34.46 -58.00 -59.95
C HIS Z 88 33.70 -58.47 -58.70
N ASN Z 89 32.49 -58.98 -58.89
CA ASN Z 89 31.72 -59.50 -57.79
C ASN Z 89 31.95 -61.01 -57.68
N VAL Z 90 31.77 -61.51 -56.46
CA VAL Z 90 31.80 -62.92 -56.17
C VAL Z 90 30.47 -63.27 -55.51
N ILE Z 91 29.75 -64.22 -56.12
CA ILE Z 91 28.50 -64.71 -55.63
C ILE Z 91 28.66 -66.19 -55.33
N ARG Z 92 28.60 -66.56 -54.05
CA ARG Z 92 28.93 -67.90 -53.62
C ARG Z 92 27.72 -68.82 -53.78
N GLU Z 93 27.88 -70.04 -53.25
CA GLU Z 93 26.98 -71.12 -53.55
C GLU Z 93 25.59 -70.82 -52.97
N GLY Z 94 24.57 -71.02 -53.80
CA GLY Z 94 23.19 -71.05 -53.34
C GLY Z 94 22.53 -69.70 -53.20
N VAL Z 95 23.18 -68.65 -53.69
CA VAL Z 95 22.65 -67.32 -53.55
C VAL Z 95 21.41 -67.17 -54.44
N THR Z 96 20.42 -66.45 -53.94
CA THR Z 96 19.24 -66.05 -54.73
C THR Z 96 19.22 -64.53 -54.86
N ILE Z 97 19.01 -64.06 -56.09
CA ILE Z 97 18.91 -62.66 -56.42
C ILE Z 97 17.70 -62.50 -57.32
N HIS Z 98 16.76 -61.65 -56.90
CA HIS Z 98 15.54 -61.45 -57.64
C HIS Z 98 15.60 -60.13 -58.41
N ARG Z 99 14.91 -60.08 -59.54
CA ARG Z 99 14.75 -58.86 -60.30
C ARG Z 99 13.71 -57.97 -59.61
N GLY Z 100 13.62 -56.71 -60.06
CA GLY Z 100 12.78 -55.69 -59.46
C GLY Z 100 11.30 -55.86 -59.74
N THR Z 101 10.54 -54.84 -59.33
CA THR Z 101 9.09 -54.73 -59.44
C THR Z 101 8.74 -53.35 -59.99
N VAL Z 102 7.61 -53.25 -60.71
CA VAL Z 102 7.24 -52.00 -61.34
C VAL Z 102 6.85 -50.94 -60.29
N GLN Z 103 6.51 -51.35 -59.08
CA GLN Z 103 6.05 -50.44 -58.04
C GLN Z 103 7.23 -49.60 -57.48
N ASP Z 104 8.48 -49.96 -57.76
CA ASP Z 104 9.65 -49.14 -57.32
C ASP Z 104 10.40 -48.64 -58.57
N ARG Z 105 11.59 -49.18 -58.86
CA ARG Z 105 12.40 -48.67 -59.98
C ARG Z 105 12.54 -49.73 -61.07
N ALA Z 106 11.91 -50.89 -60.89
CA ALA Z 106 11.88 -51.96 -61.87
C ALA Z 106 13.27 -52.59 -62.02
N GLU Z 107 14.11 -52.47 -60.99
CA GLU Z 107 15.49 -52.90 -61.12
C GLU Z 107 16.09 -53.21 -59.76
N THR Z 108 16.63 -54.42 -59.63
CA THR Z 108 17.54 -54.79 -58.57
C THR Z 108 18.94 -54.53 -59.06
N THR Z 109 19.80 -53.89 -58.26
CA THR Z 109 21.07 -53.43 -58.78
C THR Z 109 22.18 -53.80 -57.77
N ILE Z 110 23.32 -54.23 -58.29
CA ILE Z 110 24.51 -54.55 -57.52
C ILE Z 110 25.71 -53.89 -58.19
N GLY Z 111 26.56 -53.25 -57.39
CA GLY Z 111 27.72 -52.53 -57.86
C GLY Z 111 28.90 -53.44 -58.12
N ASP Z 112 30.08 -53.00 -57.67
CA ASP Z 112 31.36 -53.59 -58.01
C ASP Z 112 32.03 -54.13 -56.75
N HIS Z 113 32.89 -55.16 -56.90
CA HIS Z 113 33.79 -55.66 -55.84
C HIS Z 113 33.01 -56.14 -54.63
N ASN Z 114 31.83 -56.72 -54.80
CA ASN Z 114 31.07 -57.18 -53.66
C ASN Z 114 31.34 -58.68 -53.47
N LEU Z 115 31.18 -59.14 -52.24
CA LEU Z 115 31.28 -60.53 -51.92
C LEU Z 115 29.97 -60.94 -51.25
N ILE Z 116 29.21 -61.81 -51.91
CA ILE Z 116 27.96 -62.27 -51.40
C ILE Z 116 28.09 -63.77 -51.14
N MET Z 117 28.04 -64.14 -49.87
CA MET Z 117 28.44 -65.46 -49.47
C MET Z 117 27.24 -66.41 -49.50
N ALA Z 118 27.49 -67.67 -49.18
CA ALA Z 118 26.57 -68.74 -49.47
C ALA Z 118 25.18 -68.46 -48.92
N TYR Z 119 24.16 -68.76 -49.73
CA TYR Z 119 22.76 -68.86 -49.31
C TYR Z 119 22.20 -67.47 -48.96
N ALA Z 120 22.91 -66.39 -49.28
CA ALA Z 120 22.38 -65.07 -49.10
C ALA Z 120 21.24 -64.85 -50.07
N HIS Z 121 20.30 -63.95 -49.71
CA HIS Z 121 19.15 -63.62 -50.51
C HIS Z 121 19.10 -62.12 -50.72
N ILE Z 122 18.92 -61.70 -51.98
CA ILE Z 122 18.83 -60.31 -52.33
C ILE Z 122 17.48 -60.07 -53.01
N GLY Z 123 16.56 -59.49 -52.26
CA GLY Z 123 15.18 -59.36 -52.65
C GLY Z 123 14.98 -58.28 -53.69
N HIS Z 124 13.80 -58.33 -54.33
CA HIS Z 124 13.45 -57.42 -55.37
C HIS Z 124 13.77 -55.98 -54.97
N ASP Z 125 14.36 -55.24 -55.91
CA ASP Z 125 14.48 -53.80 -55.87
C ASP Z 125 15.57 -53.36 -54.90
N SER Z 126 16.34 -54.30 -54.36
CA SER Z 126 17.43 -53.97 -53.49
C SER Z 126 18.56 -53.33 -54.32
N VAL Z 127 19.39 -52.54 -53.64
CA VAL Z 127 20.50 -51.86 -54.28
C VAL Z 127 21.72 -52.05 -53.40
N ILE Z 128 22.77 -52.65 -53.95
CA ILE Z 128 24.02 -52.78 -53.27
C ILE Z 128 25.07 -51.95 -53.98
N GLY Z 129 25.91 -51.31 -53.18
CA GLY Z 129 26.97 -50.45 -53.68
C GLY Z 129 28.20 -51.24 -54.04
N ASN Z 130 29.35 -50.76 -53.59
CA ASN Z 130 30.62 -51.39 -53.89
C ASN Z 130 31.33 -51.82 -52.62
N HIS Z 131 32.14 -52.87 -52.71
CA HIS Z 131 33.04 -53.30 -51.65
C HIS Z 131 32.28 -53.85 -50.46
N CYS Z 132 31.02 -54.25 -50.64
CA CYS Z 132 30.24 -54.79 -49.54
C CYS Z 132 30.54 -56.27 -49.36
N ILE Z 133 30.22 -56.78 -48.17
CA ILE Z 133 30.32 -58.17 -47.83
C ILE Z 133 29.02 -58.58 -47.14
N LEU Z 134 28.29 -59.49 -47.78
CA LEU Z 134 27.13 -60.12 -47.19
C LEU Z 134 27.50 -61.56 -46.86
N VAL Z 135 27.47 -61.88 -45.58
CA VAL Z 135 27.95 -63.14 -45.15
C VAL Z 135 26.81 -64.16 -45.27
N ASN Z 136 27.18 -65.44 -45.20
CA ASN Z 136 26.28 -66.57 -45.30
C ASN Z 136 24.88 -66.23 -44.76
N ASN Z 137 23.86 -66.44 -45.60
CA ASN Z 137 22.44 -66.43 -45.22
C ASN Z 137 21.95 -65.04 -44.81
N THR Z 138 22.67 -63.99 -45.18
CA THR Z 138 22.16 -62.66 -45.07
C THR Z 138 20.96 -62.51 -46.01
N ALA Z 139 19.90 -61.87 -45.56
CA ALA Z 139 18.69 -61.78 -46.36
C ALA Z 139 18.15 -60.35 -46.40
N LEU Z 140 18.06 -59.78 -47.60
CA LEU Z 140 17.48 -58.46 -47.82
C LEU Z 140 16.05 -58.67 -48.33
N ALA Z 141 15.04 -58.33 -47.53
CA ALA Z 141 13.67 -58.65 -47.86
C ALA Z 141 13.18 -57.98 -49.15
N GLY Z 142 13.71 -56.80 -49.46
CA GLY Z 142 13.34 -56.04 -50.65
C GLY Z 142 13.45 -54.54 -50.45
N HIS Z 143 13.78 -53.83 -51.52
CA HIS Z 143 13.92 -52.39 -51.50
C HIS Z 143 14.97 -51.99 -50.45
N VAL Z 144 16.00 -52.82 -50.25
CA VAL Z 144 17.01 -52.52 -49.28
C VAL Z 144 18.18 -51.86 -50.00
N HIS Z 145 18.69 -50.74 -49.46
CA HIS Z 145 19.86 -50.07 -49.99
C HIS Z 145 21.02 -50.36 -49.05
N VAL Z 146 22.09 -50.96 -49.56
CA VAL Z 146 23.32 -51.19 -48.83
C VAL Z 146 24.42 -50.35 -49.47
N ASP Z 147 24.95 -49.40 -48.71
CA ASP Z 147 25.94 -48.47 -49.21
C ASP Z 147 27.34 -49.07 -49.04
N ASP Z 148 28.34 -48.39 -49.61
CA ASP Z 148 29.68 -48.95 -49.84
C ASP Z 148 30.31 -49.44 -48.53
N TRP Z 149 31.03 -50.56 -48.61
CA TRP Z 149 31.92 -51.11 -47.56
C TRP Z 149 31.14 -51.70 -46.39
N ALA Z 150 29.82 -51.84 -46.51
CA ALA Z 150 29.09 -52.40 -45.41
C ALA Z 150 29.44 -53.87 -45.27
N ILE Z 151 29.33 -54.37 -44.05
CA ILE Z 151 29.50 -55.76 -43.76
C ILE Z 151 28.28 -56.22 -42.97
N LEU Z 152 27.56 -57.21 -43.50
CA LEU Z 152 26.48 -57.84 -42.77
C LEU Z 152 26.93 -59.24 -42.35
N SER Z 153 27.09 -59.46 -41.04
CA SER Z 153 27.52 -60.73 -40.53
C SER Z 153 26.46 -61.78 -40.87
N GLY Z 154 26.82 -63.05 -40.67
CA GLY Z 154 25.99 -64.15 -41.08
C GLY Z 154 24.60 -64.10 -40.47
N TYR Z 155 23.63 -64.53 -41.28
CA TYR Z 155 22.24 -64.66 -40.85
C TYR Z 155 21.71 -63.31 -40.38
N THR Z 156 22.17 -62.23 -41.00
CA THR Z 156 21.58 -60.93 -40.79
C THR Z 156 20.35 -60.80 -41.68
N LEU Z 157 19.21 -60.42 -41.08
CA LEU Z 157 17.97 -60.21 -41.80
C LEU Z 157 17.64 -58.73 -41.84
N VAL Z 158 17.19 -58.23 -43.00
CA VAL Z 158 16.89 -56.80 -43.15
C VAL Z 158 15.49 -56.66 -43.71
N HIS Z 159 14.64 -55.92 -43.00
CA HIS Z 159 13.26 -55.69 -43.43
C HIS Z 159 13.23 -54.81 -44.68
N GLN Z 160 12.10 -54.85 -45.36
CA GLN Z 160 11.85 -54.06 -46.53
C GLN Z 160 12.14 -52.59 -46.23
N TYR Z 161 12.81 -51.91 -47.17
CA TYR Z 161 12.96 -50.45 -47.22
C TYR Z 161 14.12 -49.95 -46.34
N CYS Z 162 14.81 -50.81 -45.59
CA CYS Z 162 15.89 -50.32 -44.76
C CYS Z 162 17.10 -49.91 -45.58
N ARG Z 163 17.81 -48.91 -45.06
CA ARG Z 163 19.06 -48.43 -45.58
C ARG Z 163 20.16 -48.87 -44.61
N ILE Z 164 21.15 -49.58 -45.14
CA ILE Z 164 22.34 -49.97 -44.41
C ILE Z 164 23.46 -49.00 -44.83
N GLY Z 165 24.00 -48.25 -43.87
CA GLY Z 165 24.92 -47.17 -44.17
C GLY Z 165 26.31 -47.64 -44.55
N ALA Z 166 27.06 -46.78 -45.20
CA ALA Z 166 28.43 -47.03 -45.55
C ALA Z 166 29.26 -47.42 -44.33
N HIS Z 167 30.09 -48.45 -44.48
CA HIS Z 167 31.04 -48.93 -43.47
C HIS Z 167 30.34 -49.47 -42.23
N SER Z 168 29.03 -49.64 -42.30
CA SER Z 168 28.32 -50.09 -41.14
C SER Z 168 28.53 -51.59 -41.01
N PHE Z 169 28.14 -52.14 -39.85
CA PHE Z 169 28.44 -53.52 -39.53
C PHE Z 169 27.33 -54.09 -38.67
N SER Z 170 26.81 -55.25 -39.08
CA SER Z 170 25.83 -55.95 -38.29
C SER Z 170 26.48 -57.20 -37.73
N GLY Z 171 26.15 -57.53 -36.47
CA GLY Z 171 26.60 -58.74 -35.83
C GLY Z 171 25.77 -59.92 -36.30
N MET Z 172 26.17 -61.13 -35.94
CA MET Z 172 25.55 -62.24 -36.53
C MET Z 172 24.18 -62.49 -35.90
N GLY Z 173 23.23 -62.88 -36.74
CA GLY Z 173 21.85 -63.08 -36.35
C GLY Z 173 21.13 -61.78 -36.07
N SER Z 174 21.65 -60.66 -36.59
CA SER Z 174 20.98 -59.39 -36.43
C SER Z 174 19.68 -59.37 -37.21
N ALA Z 175 18.65 -58.72 -36.63
CA ALA Z 175 17.38 -58.53 -37.29
C ALA Z 175 17.11 -57.04 -37.34
N ILE Z 176 17.32 -56.44 -38.51
CA ILE Z 176 17.31 -55.01 -38.68
C ILE Z 176 15.97 -54.57 -39.26
N GLY Z 177 15.31 -53.64 -38.57
CA GLY Z 177 13.99 -53.14 -38.92
C GLY Z 177 13.97 -51.64 -39.19
N LYS Z 178 15.07 -50.94 -38.92
CA LYS Z 178 15.17 -49.52 -39.18
C LYS Z 178 16.54 -49.24 -39.77
N ASP Z 179 16.78 -48.03 -40.25
CA ASP Z 179 18.05 -47.78 -40.96
C ASP Z 179 19.23 -47.95 -40.02
N VAL Z 180 20.35 -48.36 -40.56
CA VAL Z 180 21.57 -48.40 -39.83
C VAL Z 180 22.42 -47.24 -40.34
N PRO Z 181 22.74 -46.25 -39.50
CA PRO Z 181 23.56 -45.14 -39.94
C PRO Z 181 24.94 -45.66 -40.36
N ALA Z 182 25.62 -44.88 -41.18
CA ALA Z 182 26.96 -45.19 -41.59
C ALA Z 182 27.85 -45.39 -40.37
N TYR Z 183 28.79 -46.32 -40.49
CA TYR Z 183 29.82 -46.65 -39.52
C TYR Z 183 29.27 -47.38 -38.29
N VAL Z 184 27.94 -47.46 -38.10
CA VAL Z 184 27.42 -47.93 -36.84
C VAL Z 184 27.47 -49.46 -36.80
N THR Z 185 27.71 -50.03 -35.62
CA THR Z 185 27.61 -51.46 -35.41
C THR Z 185 26.30 -51.78 -34.69
N VAL Z 186 25.59 -52.81 -35.16
CA VAL Z 186 24.32 -53.20 -34.57
C VAL Z 186 24.34 -54.71 -34.30
N PHE Z 187 23.57 -55.11 -33.29
CA PHE Z 187 23.55 -56.48 -32.80
C PHE Z 187 22.15 -56.84 -32.30
N GLY Z 188 21.75 -58.09 -32.54
CA GLY Z 188 20.61 -58.70 -31.85
C GLY Z 188 19.34 -58.63 -32.67
N ASN Z 189 18.29 -59.21 -32.08
CA ASN Z 189 16.98 -59.30 -32.67
C ASN Z 189 15.96 -58.90 -31.62
N PRO Z 190 15.48 -57.66 -31.66
CA PRO Z 190 15.75 -56.67 -32.69
C PRO Z 190 17.11 -55.96 -32.55
N ALA Z 191 17.65 -55.50 -33.66
CA ALA Z 191 18.97 -54.93 -33.69
C ALA Z 191 19.04 -53.66 -32.85
N GLU Z 192 20.15 -53.49 -32.13
CA GLU Z 192 20.46 -52.32 -31.32
C GLU Z 192 21.84 -51.80 -31.71
N ALA Z 193 22.00 -50.47 -31.71
CA ALA Z 193 23.26 -49.82 -31.97
C ALA Z 193 24.15 -50.01 -30.76
N ARG Z 194 25.43 -50.27 -30.97
CA ARG Z 194 26.34 -50.53 -29.90
C ARG Z 194 27.51 -49.54 -29.96
N SER Z 195 28.13 -49.40 -31.14
CA SER Z 195 29.33 -48.62 -31.28
C SER Z 195 29.51 -48.23 -32.75
N MET Z 196 30.76 -47.96 -33.14
CA MET Z 196 31.10 -47.70 -34.52
C MET Z 196 32.15 -48.70 -34.96
N ASN Z 197 32.24 -48.87 -36.27
CA ASN Z 197 33.05 -49.86 -36.89
C ASN Z 197 34.46 -49.31 -37.05
N PHE Z 198 35.19 -49.21 -35.95
CA PHE Z 198 36.51 -48.63 -35.94
C PHE Z 198 37.48 -49.52 -36.72
N GLU Z 199 37.29 -50.84 -36.63
CA GLU Z 199 38.10 -51.78 -37.40
C GLU Z 199 38.07 -51.40 -38.88
N GLY Z 200 36.87 -51.11 -39.38
CA GLY Z 200 36.66 -50.73 -40.76
C GLY Z 200 37.35 -49.45 -41.14
N MET Z 201 37.35 -48.48 -40.22
CA MET Z 201 37.98 -47.18 -40.45
C MET Z 201 39.50 -47.35 -40.51
N ARG Z 202 40.02 -48.29 -39.72
CA ARG Z 202 41.44 -48.55 -39.67
C ARG Z 202 41.90 -49.04 -41.05
N ARG Z 203 41.19 -50.02 -41.60
CA ARG Z 203 41.49 -50.66 -42.87
C ARG Z 203 41.40 -49.65 -44.02
N ARG Z 204 40.50 -48.68 -43.97
CA ARG Z 204 40.43 -47.66 -45.02
C ARG Z 204 41.44 -46.56 -44.81
N GLY Z 205 42.22 -46.63 -43.72
CA GLY Z 205 43.25 -45.65 -43.42
C GLY Z 205 42.70 -44.27 -43.11
N PHE Z 206 41.57 -44.19 -42.40
CA PHE Z 206 41.04 -42.90 -41.96
C PHE Z 206 42.04 -42.23 -41.05
N SER Z 207 42.06 -40.90 -41.06
CA SER Z 207 42.91 -40.15 -40.19
C SER Z 207 42.46 -40.39 -38.74
N SER Z 208 43.36 -40.14 -37.80
CA SER Z 208 43.05 -40.35 -36.41
C SER Z 208 42.09 -39.25 -35.93
N GLU Z 209 42.14 -38.05 -36.53
CA GLU Z 209 41.23 -36.94 -36.18
C GLU Z 209 39.80 -37.27 -36.62
N ALA Z 210 39.67 -37.99 -37.73
CA ALA Z 210 38.38 -38.34 -38.29
C ALA Z 210 37.72 -39.44 -37.46
N ILE Z 211 38.53 -40.39 -36.98
CA ILE Z 211 38.04 -41.46 -36.16
C ILE Z 211 37.48 -40.88 -34.86
N HIS Z 212 38.22 -39.95 -34.25
CA HIS Z 212 37.79 -39.31 -33.04
C HIS Z 212 36.48 -38.53 -33.29
N ALA Z 213 36.37 -37.89 -34.45
CA ALA Z 213 35.21 -37.07 -34.74
C ALA Z 213 33.98 -37.95 -34.87
N LEU Z 214 34.18 -39.16 -35.39
CA LEU Z 214 33.12 -40.07 -35.60
C LEU Z 214 32.69 -40.68 -34.27
N ARG Z 215 33.60 -40.86 -33.32
CA ARG Z 215 33.20 -41.34 -32.02
C ARG Z 215 32.34 -40.29 -31.32
N ARG Z 216 32.73 -39.01 -31.44
CA ARG Z 216 31.95 -37.95 -30.82
C ARG Z 216 30.58 -37.90 -31.47
N ALA Z 217 30.53 -38.16 -32.78
CA ALA Z 217 29.29 -38.12 -33.51
C ALA Z 217 28.35 -39.22 -33.02
N TYR Z 218 28.90 -40.40 -32.76
CA TYR Z 218 28.12 -41.49 -32.23
C TYR Z 218 27.48 -41.04 -30.91
N LYS Z 219 28.29 -40.46 -30.05
CA LYS Z 219 27.84 -40.05 -28.73
C LYS Z 219 26.73 -38.99 -28.82
N VAL Z 220 26.79 -38.10 -29.81
CA VAL Z 220 25.79 -37.04 -29.96
C VAL Z 220 24.42 -37.66 -30.25
N VAL Z 221 24.42 -38.63 -31.16
CA VAL Z 221 23.21 -39.24 -31.67
C VAL Z 221 22.61 -40.20 -30.64
N TYR Z 222 23.46 -40.92 -29.89
CA TYR Z 222 23.04 -42.11 -29.15
C TYR Z 222 23.18 -41.97 -27.64
N ARG Z 223 24.12 -41.18 -27.10
CA ARG Z 223 24.47 -41.28 -25.70
C ARG Z 223 24.26 -39.96 -24.96
N GLN Z 224 23.46 -39.03 -25.48
CA GLN Z 224 23.41 -37.69 -24.85
C GLN Z 224 21.97 -37.17 -24.76
N GLY Z 225 20.98 -38.06 -24.87
CA GLY Z 225 19.58 -37.72 -24.75
C GLY Z 225 19.07 -36.78 -25.82
N HIS Z 226 19.74 -36.63 -26.95
CA HIS Z 226 19.26 -35.73 -28.00
C HIS Z 226 18.14 -36.43 -28.77
N THR Z 227 17.14 -35.68 -29.22
CA THR Z 227 16.21 -36.17 -30.24
C THR Z 227 16.99 -36.24 -31.55
N VAL Z 228 16.46 -36.88 -32.57
CA VAL Z 228 17.20 -37.02 -33.79
C VAL Z 228 17.39 -35.64 -34.43
N GLU Z 229 16.39 -34.76 -34.33
CA GLU Z 229 16.45 -33.39 -34.87
C GLU Z 229 17.58 -32.62 -34.18
N GLU Z 230 17.66 -32.71 -32.85
CA GLU Z 230 18.67 -31.98 -32.08
C GLU Z 230 20.07 -32.49 -32.43
N ALA Z 231 20.18 -33.80 -32.68
CA ALA Z 231 21.47 -34.42 -33.00
C ALA Z 231 21.96 -33.92 -34.36
N LEU Z 232 21.09 -33.91 -35.34
CA LEU Z 232 21.43 -33.42 -36.67
C LEU Z 232 21.98 -32.00 -36.62
N ALA Z 233 21.39 -31.16 -35.77
CA ALA Z 233 21.78 -29.78 -35.62
C ALA Z 233 23.19 -29.73 -35.02
N GLU Z 234 23.43 -30.57 -34.02
CA GLU Z 234 24.69 -30.60 -33.33
C GLU Z 234 25.81 -31.11 -34.25
N LEU Z 235 25.48 -32.09 -35.11
CA LEU Z 235 26.44 -32.66 -36.04
C LEU Z 235 26.82 -31.70 -37.18
N ALA Z 236 26.07 -30.62 -37.39
CA ALA Z 236 26.32 -29.76 -38.56
C ALA Z 236 27.76 -29.27 -38.62
N GLU Z 237 28.32 -28.82 -37.48
CA GLU Z 237 29.69 -28.30 -37.40
C GLU Z 237 30.67 -29.38 -37.86
N SER Z 238 30.56 -30.54 -37.21
CA SER Z 238 31.49 -31.64 -37.34
C SER Z 238 31.42 -32.23 -38.77
N ALA Z 239 30.27 -32.14 -39.43
CA ALA Z 239 30.06 -32.66 -40.77
C ALA Z 239 30.69 -31.75 -41.82
N ALA Z 240 30.84 -30.47 -41.51
CA ALA Z 240 31.48 -29.58 -42.41
C ALA Z 240 33.01 -29.69 -42.30
N GLN Z 241 33.48 -30.17 -41.14
CA GLN Z 241 34.88 -30.29 -40.86
C GLN Z 241 35.46 -31.57 -41.45
N PHE Z 242 34.65 -32.64 -41.52
CA PHE Z 242 35.12 -33.97 -41.90
C PHE Z 242 34.18 -34.62 -42.92
N PRO Z 243 34.65 -34.91 -44.16
CA PRO Z 243 33.86 -35.66 -45.13
C PRO Z 243 33.24 -36.95 -44.56
N GLU Z 244 33.97 -37.58 -43.65
CA GLU Z 244 33.62 -38.87 -43.07
C GLU Z 244 32.39 -38.71 -42.15
N VAL Z 245 32.33 -37.61 -41.40
CA VAL Z 245 31.20 -37.34 -40.53
C VAL Z 245 30.00 -36.92 -41.37
N ALA Z 246 30.22 -36.25 -42.49
CA ALA Z 246 29.12 -35.85 -43.38
C ALA Z 246 28.37 -37.10 -43.87
N VAL Z 247 29.11 -38.17 -44.19
CA VAL Z 247 28.50 -39.44 -44.59
C VAL Z 247 27.54 -39.94 -43.50
N PHE Z 248 27.99 -39.83 -42.25
CA PHE Z 248 27.21 -40.24 -41.07
C PHE Z 248 25.98 -39.36 -40.91
N ARG Z 249 26.15 -38.04 -40.94
CA ARG Z 249 25.02 -37.13 -40.81
C ARG Z 249 24.03 -37.42 -41.93
N ASP Z 250 24.51 -37.59 -43.17
CA ASP Z 250 23.62 -37.74 -44.32
C ASP Z 250 22.80 -39.03 -44.19
N SER Z 251 23.38 -40.09 -43.61
CA SER Z 251 22.65 -41.34 -43.43
C SER Z 251 21.50 -41.18 -42.42
N ILE Z 252 21.70 -40.35 -41.39
CA ILE Z 252 20.66 -40.09 -40.40
C ILE Z 252 19.60 -39.14 -40.96
N GLN Z 253 20.05 -38.09 -41.66
CA GLN Z 253 19.18 -37.13 -42.32
C GLN Z 253 18.11 -37.88 -43.10
N SER Z 254 18.55 -38.81 -43.95
CA SER Z 254 17.73 -39.40 -45.00
C SER Z 254 16.96 -40.62 -44.46
N ALA Z 255 16.77 -40.67 -43.15
CA ALA Z 255 16.17 -41.77 -42.51
C ALA Z 255 14.93 -41.36 -41.75
N THR Z 256 14.71 -40.04 -41.69
CA THR Z 256 13.95 -39.42 -40.62
C THR Z 256 13.22 -38.20 -41.16
N ARG Z 257 12.31 -38.35 -42.13
CA ARG Z 257 11.46 -37.22 -42.48
C ARG Z 257 10.50 -36.91 -41.31
N GLY Z 258 9.73 -37.91 -40.82
CA GLY Z 258 8.74 -37.70 -39.77
C GLY Z 258 7.44 -37.13 -40.34
N ILE Z 259 6.55 -36.66 -39.46
CA ILE Z 259 5.28 -36.09 -39.86
C ILE Z 259 5.04 -34.75 -39.16
N THR Z 260 4.33 -33.88 -39.87
CA THR Z 260 3.96 -32.62 -39.36
C THR Z 260 3.20 -32.86 -38.06
N ARG Z 261 3.68 -32.31 -36.92
CA ARG Z 261 2.92 -32.33 -35.57
C ARG Z 261 2.44 -30.92 -35.18
N SER AA 5 26.86 -99.39 -63.83
CA SER AA 5 28.12 -99.18 -63.09
C SER AA 5 27.76 -98.34 -61.85
N LEU AA 6 28.70 -98.22 -60.89
CA LEU AA 6 28.41 -97.59 -59.61
C LEU AA 6 28.57 -96.08 -59.69
N ILE AA 7 29.19 -95.60 -60.74
CA ILE AA 7 29.40 -94.22 -61.05
C ILE AA 7 28.50 -93.89 -62.24
N ASP AA 8 27.57 -92.98 -62.00
CA ASP AA 8 26.62 -92.61 -63.01
C ASP AA 8 27.38 -92.09 -64.21
N PRO AA 9 27.00 -92.45 -65.44
CA PRO AA 9 27.62 -91.88 -66.63
C PRO AA 9 27.45 -90.36 -66.75
N ARG AA 10 26.44 -89.78 -66.06
CA ARG AA 10 26.21 -88.36 -66.13
C ARG AA 10 27.10 -87.58 -65.15
N ALA AA 11 27.89 -88.27 -64.31
CA ALA AA 11 28.79 -87.62 -63.35
C ALA AA 11 30.12 -87.26 -64.02
N ILE AA 12 30.93 -86.42 -63.37
CA ILE AA 12 32.25 -86.06 -63.84
C ILE AA 12 33.26 -86.45 -62.78
N ILE AA 13 34.25 -87.25 -63.14
CA ILE AA 13 35.30 -87.65 -62.23
C ILE AA 13 36.63 -87.14 -62.81
N ASP AA 14 37.33 -86.32 -62.05
CA ASP AA 14 38.62 -85.84 -62.49
C ASP AA 14 39.59 -87.02 -62.61
N PRO AA 15 40.44 -87.03 -63.67
CA PRO AA 15 41.51 -88.02 -63.78
C PRO AA 15 42.34 -88.27 -62.52
N SER AA 16 42.58 -87.21 -61.72
CA SER AA 16 43.47 -87.27 -60.54
C SER AA 16 42.70 -87.60 -59.25
N ALA AA 17 41.39 -87.86 -59.34
CA ALA AA 17 40.63 -88.34 -58.18
C ALA AA 17 40.91 -89.83 -57.96
N ARG AA 18 40.79 -90.29 -56.72
CA ARG AA 18 41.07 -91.66 -56.35
C ARG AA 18 39.89 -92.19 -55.53
N LEU AA 19 39.10 -93.08 -56.15
CA LEU AA 19 37.89 -93.67 -55.55
C LEU AA 19 38.15 -95.15 -55.26
N ALA AA 20 37.81 -95.59 -54.06
CA ALA AA 20 37.81 -97.01 -53.75
C ALA AA 20 36.83 -97.74 -54.68
N ALA AA 21 36.96 -99.07 -54.73
CA ALA AA 21 36.32 -99.91 -55.76
C ALA AA 21 34.78 -99.72 -55.74
N ASP AA 22 34.14 -99.62 -54.57
CA ASP AA 22 32.68 -99.73 -54.46
C ASP AA 22 32.02 -98.39 -54.09
N VAL AA 23 32.69 -97.29 -54.41
CA VAL AA 23 32.11 -95.99 -54.22
C VAL AA 23 30.99 -95.80 -55.25
N GLN AA 24 29.91 -95.15 -54.84
CA GLN AA 24 28.81 -94.79 -55.74
C GLN AA 24 28.74 -93.28 -55.89
N VAL AA 25 28.49 -92.82 -57.12
CA VAL AA 25 28.35 -91.42 -57.41
C VAL AA 25 27.12 -91.23 -58.28
N GLY AA 26 26.24 -90.36 -57.82
CA GLY AA 26 24.98 -90.08 -58.49
C GLY AA 26 25.19 -89.20 -59.72
N PRO AA 27 24.12 -89.02 -60.51
CA PRO AA 27 24.19 -88.21 -61.72
C PRO AA 27 24.45 -86.74 -61.43
N TRP AA 28 25.19 -86.08 -62.32
CA TRP AA 28 25.45 -84.63 -62.29
C TRP AA 28 26.26 -84.23 -61.06
N SER AA 29 27.07 -85.14 -60.54
CA SER AA 29 27.96 -84.83 -59.46
C SER AA 29 29.37 -84.64 -60.04
N ILE AA 30 30.15 -83.78 -59.39
CA ILE AA 30 31.53 -83.54 -59.77
C ILE AA 30 32.44 -84.03 -58.66
N VAL AA 31 33.36 -84.92 -58.99
CA VAL AA 31 34.43 -85.26 -58.09
C VAL AA 31 35.72 -84.66 -58.65
N GLY AA 32 36.10 -83.51 -58.09
CA GLY AA 32 37.19 -82.68 -58.59
C GLY AA 32 38.55 -83.30 -58.36
N ALA AA 33 39.57 -82.60 -58.88
CA ALA AA 33 40.97 -83.00 -58.75
C ALA AA 33 41.31 -83.21 -57.27
N GLU AA 34 42.09 -84.26 -57.00
CA GLU AA 34 42.75 -84.50 -55.70
C GLU AA 34 41.69 -84.84 -54.62
N VAL AA 35 40.57 -85.42 -55.00
CA VAL AA 35 39.63 -85.91 -54.06
C VAL AA 35 39.81 -87.42 -53.93
N GLU AA 36 39.81 -87.90 -52.70
CA GLU AA 36 40.01 -89.28 -52.40
C GLU AA 36 38.79 -89.75 -51.60
N ILE AA 37 38.17 -90.87 -52.01
CA ILE AA 37 36.93 -91.33 -51.40
C ILE AA 37 37.07 -92.80 -51.00
N GLY AA 38 36.77 -93.10 -49.74
CA GLY AA 38 36.97 -94.42 -49.15
C GLY AA 38 35.81 -95.38 -49.43
N GLU AA 39 36.14 -96.67 -49.23
CA GLU AA 39 35.26 -97.82 -49.34
C GLU AA 39 33.85 -97.51 -48.82
N GLY AA 40 32.84 -97.77 -49.66
CA GLY AA 40 31.43 -97.87 -49.25
C GLY AA 40 30.72 -96.52 -49.15
N THR AA 41 31.41 -95.43 -49.50
CA THR AA 41 30.85 -94.11 -49.46
C THR AA 41 29.92 -93.94 -50.67
N VAL AA 42 28.86 -93.14 -50.47
CA VAL AA 42 27.85 -92.87 -51.50
C VAL AA 42 27.71 -91.36 -51.65
N ILE AA 43 27.97 -90.88 -52.87
CA ILE AA 43 27.75 -89.52 -53.24
C ILE AA 43 26.44 -89.47 -54.00
N GLY AA 44 25.54 -88.60 -53.56
CA GLY AA 44 24.25 -88.42 -54.19
C GLY AA 44 24.39 -87.70 -55.53
N PRO AA 45 23.25 -87.33 -56.14
CA PRO AA 45 23.27 -86.50 -57.34
C PRO AA 45 23.54 -85.05 -56.99
N HIS AA 46 23.96 -84.24 -57.97
CA HIS AA 46 24.11 -82.80 -57.78
C HIS AA 46 25.05 -82.47 -56.60
N VAL AA 47 26.16 -83.18 -56.46
CA VAL AA 47 27.12 -82.89 -55.43
C VAL AA 47 28.39 -82.35 -56.09
N VAL AA 48 29.04 -81.39 -55.41
CA VAL AA 48 30.29 -80.86 -55.88
C VAL AA 48 31.35 -81.15 -54.84
N LEU AA 49 32.33 -81.99 -55.17
CA LEU AA 49 33.50 -82.22 -54.35
C LEU AA 49 34.69 -81.50 -54.96
N LYS AA 50 35.50 -80.86 -54.12
CA LYS AA 50 36.70 -80.21 -54.54
C LYS AA 50 37.82 -80.57 -53.55
N GLY AA 51 39.08 -80.48 -54.00
CA GLY AA 51 40.23 -80.99 -53.26
C GLY AA 51 41.28 -79.93 -53.01
N PRO AA 52 42.32 -80.25 -52.23
CA PRO AA 52 42.64 -81.57 -51.71
C PRO AA 52 41.76 -82.06 -50.56
N THR AA 53 41.05 -83.17 -50.76
CA THR AA 53 40.06 -83.62 -49.83
C THR AA 53 40.17 -85.14 -49.69
N LYS AA 54 40.09 -85.62 -48.46
CA LYS AA 54 40.13 -87.03 -48.16
C LYS AA 54 38.82 -87.37 -47.42
N ILE AA 55 38.03 -88.26 -48.01
CA ILE AA 55 36.79 -88.71 -47.42
C ILE AA 55 36.94 -90.21 -47.10
N GLY AA 56 36.57 -90.58 -45.88
CA GLY AA 56 36.74 -91.93 -45.39
C GLY AA 56 35.66 -92.86 -45.89
N LYS AA 57 35.34 -93.87 -45.06
CA LYS AA 57 34.56 -95.02 -45.45
C LYS AA 57 33.12 -94.86 -44.97
N HIS AA 58 32.18 -95.36 -45.78
CA HIS AA 58 30.78 -95.50 -45.42
C HIS AA 58 30.12 -94.14 -45.10
N ASN AA 59 30.51 -93.10 -45.84
CA ASN AA 59 29.86 -91.81 -45.73
C ASN AA 59 28.67 -91.78 -46.72
N ARG AA 60 27.70 -90.91 -46.41
CA ARG AA 60 26.55 -90.63 -47.27
CA ARG AA 60 26.55 -90.63 -47.30
C ARG AA 60 26.56 -89.10 -47.44
N ILE AA 61 26.66 -88.58 -48.68
CA ILE AA 61 26.61 -87.13 -48.95
C ILE AA 61 25.47 -86.81 -49.92
N TYR AA 62 24.56 -85.93 -49.52
CA TYR AA 62 23.31 -85.71 -50.24
C TYR AA 62 23.46 -84.53 -51.22
N GLN AA 63 22.44 -84.41 -52.07
CA GLN AA 63 22.36 -83.46 -53.16
C GLN AA 63 22.60 -82.03 -52.71
N PHE AA 64 23.26 -81.24 -53.56
CA PHE AA 64 23.39 -79.78 -53.48
C PHE AA 64 24.45 -79.34 -52.45
N SER AA 65 25.20 -80.32 -51.94
CA SER AA 65 26.30 -80.10 -51.07
C SER AA 65 27.53 -79.69 -51.88
N SER AA 66 28.28 -78.73 -51.35
CA SER AA 66 29.57 -78.31 -51.88
C SER AA 66 30.59 -78.58 -50.79
N VAL AA 67 31.40 -79.64 -50.98
CA VAL AA 67 32.31 -80.13 -50.01
C VAL AA 67 33.73 -79.98 -50.53
N GLY AA 68 34.54 -79.13 -49.88
CA GLY AA 68 35.93 -78.96 -50.22
C GLY AA 68 36.20 -77.69 -50.99
N GLU AA 69 35.25 -76.75 -50.92
CA GLU AA 69 35.34 -75.51 -51.65
C GLU AA 69 36.35 -74.61 -50.91
N ASP AA 70 36.92 -73.61 -51.59
CA ASP AA 70 37.82 -72.67 -50.93
C ASP AA 70 37.02 -71.75 -50.02
N THR AA 71 37.53 -71.34 -48.83
CA THR AA 71 36.80 -70.25 -48.17
C THR AA 71 36.88 -69.00 -49.02
N PRO AA 72 35.88 -68.11 -48.89
CA PRO AA 72 35.96 -66.80 -49.50
C PRO AA 72 36.73 -65.78 -48.66
N ASP AA 73 37.11 -66.15 -47.41
CA ASP AA 73 37.88 -65.26 -46.54
C ASP AA 73 39.02 -64.66 -47.36
N LEU AA 74 39.24 -63.35 -47.25
CA LEU AA 74 40.20 -62.63 -48.12
C LEU AA 74 41.63 -62.91 -47.59
N LYS AA 75 41.70 -63.51 -46.39
CA LYS AA 75 42.87 -64.14 -45.77
C LYS AA 75 43.50 -65.21 -46.70
N TYR AA 76 42.69 -66.03 -47.39
CA TYR AA 76 43.12 -67.18 -48.18
C TYR AA 76 43.45 -66.72 -49.61
N LYS AA 77 44.64 -67.08 -50.11
CA LYS AA 77 45.17 -66.63 -51.42
C LYS AA 77 45.48 -67.81 -52.36
N GLY AA 78 44.79 -68.95 -52.22
CA GLY AA 78 44.85 -70.04 -53.21
C GLY AA 78 45.84 -71.15 -52.89
N GLU AA 79 46.36 -71.20 -51.64
CA GLU AA 79 47.35 -72.21 -51.19
C GLU AA 79 46.68 -73.59 -51.10
N PRO AA 80 47.45 -74.72 -51.12
CA PRO AA 80 46.86 -76.06 -51.23
C PRO AA 80 46.49 -76.64 -49.85
N THR AA 81 45.37 -76.20 -49.29
CA THR AA 81 44.92 -76.60 -47.99
C THR AA 81 43.99 -77.79 -48.12
N ARG AA 82 43.68 -78.44 -46.99
CA ARG AA 82 43.09 -79.76 -47.01
C ARG AA 82 41.73 -79.75 -46.31
N LEU AA 83 40.92 -80.76 -46.63
CA LEU AA 83 39.75 -81.14 -45.87
C LEU AA 83 39.81 -82.64 -45.62
N VAL AA 84 39.60 -83.07 -44.37
CA VAL AA 84 39.63 -84.49 -44.02
C VAL AA 84 38.32 -84.86 -43.34
N ILE AA 85 37.66 -85.90 -43.86
CA ILE AA 85 36.44 -86.42 -43.30
C ILE AA 85 36.66 -87.90 -42.99
N GLY AA 86 36.19 -88.32 -41.80
CA GLY AA 86 36.36 -89.67 -41.35
C GLY AA 86 35.33 -90.62 -41.92
N ASP AA 87 34.87 -91.53 -41.06
CA ASP AA 87 34.06 -92.67 -41.43
C ASP AA 87 32.64 -92.48 -40.89
N HIS AA 88 31.66 -93.08 -41.60
CA HIS AA 88 30.27 -93.23 -41.13
C HIS AA 88 29.57 -91.89 -40.86
N ASN AA 89 29.91 -90.87 -41.64
CA ASN AA 89 29.26 -89.58 -41.50
C ASN AA 89 28.09 -89.50 -42.48
N VAL AA 90 27.12 -88.66 -42.11
CA VAL AA 90 26.01 -88.34 -42.98
C VAL AA 90 25.98 -86.84 -43.15
N ILE AA 91 26.04 -86.39 -44.40
CA ILE AA 91 26.03 -84.99 -44.75
C ILE AA 91 24.82 -84.75 -45.63
N ARG AA 92 23.83 -84.02 -45.11
CA ARG AA 92 22.53 -83.89 -45.75
C ARG AA 92 22.59 -82.78 -46.81
N GLU AA 93 21.40 -82.46 -47.33
CA GLU AA 93 21.28 -81.68 -48.54
C GLU AA 93 21.77 -80.26 -48.28
N GLY AA 94 22.61 -79.76 -49.18
CA GLY AA 94 22.95 -78.34 -49.23
C GLY AA 94 24.07 -77.93 -48.30
N VAL AA 95 24.75 -78.88 -47.68
CA VAL AA 95 25.78 -78.56 -46.73
C VAL AA 95 26.99 -77.98 -47.48
N THR AA 96 27.63 -76.98 -46.87
CA THR AA 96 28.89 -76.44 -47.35
C THR AA 96 29.99 -76.71 -46.33
N ILE AA 97 31.12 -77.23 -46.81
CA ILE AA 97 32.28 -77.50 -46.00
C ILE AA 97 33.48 -76.93 -46.73
N HIS AA 98 34.22 -76.05 -46.06
CA HIS AA 98 35.36 -75.39 -46.67
C HIS AA 98 36.66 -76.03 -46.16
N ARG AA 99 37.68 -76.00 -47.02
CA ARG AA 99 39.01 -76.43 -46.64
C ARG AA 99 39.67 -75.34 -45.79
N GLY AA 100 40.81 -75.67 -45.18
CA GLY AA 100 41.51 -74.82 -44.24
C GLY AA 100 42.24 -73.65 -44.89
N THR AA 101 43.03 -72.97 -44.05
CA THR AA 101 43.84 -71.80 -44.38
C THR AA 101 45.23 -71.98 -43.79
N VAL AA 102 46.25 -71.39 -44.43
CA VAL AA 102 47.62 -71.55 -43.99
C VAL AA 102 47.86 -70.91 -42.63
N GLN AA 103 47.02 -69.91 -42.25
CA GLN AA 103 47.22 -69.18 -41.00
C GLN AA 103 46.88 -70.03 -39.78
N ASP AA 104 46.24 -71.21 -39.93
CA ASP AA 104 45.98 -72.10 -38.78
C ASP AA 104 46.71 -73.44 -39.02
N ARG AA 105 45.98 -74.51 -39.34
CA ARG AA 105 46.57 -75.84 -39.46
C ARG AA 105 46.49 -76.33 -40.92
N ALA AA 106 45.90 -75.51 -41.80
CA ALA AA 106 45.80 -75.81 -43.22
C ALA AA 106 44.85 -76.98 -43.45
N GLU AA 107 43.92 -77.21 -42.53
CA GLU AA 107 43.09 -78.39 -42.59
C GLU AA 107 41.79 -78.18 -41.82
N THR AA 108 40.67 -78.39 -42.51
CA THR AA 108 39.37 -78.58 -41.88
C THR AA 108 39.18 -80.07 -41.66
N THR AA 109 38.74 -80.49 -40.48
CA THR AA 109 38.78 -81.92 -40.16
C THR AA 109 37.42 -82.30 -39.51
N ILE AA 110 36.92 -83.47 -39.91
CA ILE AA 110 35.69 -84.05 -39.38
C ILE AA 110 35.97 -85.52 -39.04
N GLY AA 111 35.52 -85.92 -37.84
CA GLY AA 111 35.74 -87.26 -37.34
C GLY AA 111 34.75 -88.26 -37.92
N ASP AA 112 34.23 -89.12 -37.02
CA ASP AA 112 33.44 -90.29 -37.37
C ASP AA 112 32.02 -90.15 -36.81
N HIS AA 113 31.06 -90.81 -37.45
CA HIS AA 113 29.68 -90.98 -36.94
C HIS AA 113 29.00 -89.62 -36.68
N ASN AA 114 29.27 -88.62 -37.52
CA ASN AA 114 28.64 -87.33 -37.31
C ASN AA 114 27.42 -87.25 -38.22
N LEU AA 115 26.44 -86.45 -37.81
CA LEU AA 115 25.30 -86.16 -38.62
C LEU AA 115 25.24 -84.65 -38.84
N ILE AA 116 25.39 -84.21 -40.08
CA ILE AA 116 25.37 -82.81 -40.40
C ILE AA 116 24.19 -82.57 -41.32
N MET AA 117 23.20 -81.84 -40.80
CA MET AA 117 21.89 -81.80 -41.43
C MET AA 117 21.87 -80.63 -42.43
N ALA AA 118 20.73 -80.50 -43.10
CA ALA AA 118 20.62 -79.69 -44.29
C ALA AA 118 21.13 -78.27 -44.07
N TYR AA 119 21.87 -77.76 -45.04
CA TYR AA 119 22.21 -76.33 -45.17
C TYR AA 119 23.18 -75.89 -44.07
N ALA AA 120 23.76 -76.83 -43.33
CA ALA AA 120 24.77 -76.49 -42.36
C ALA AA 120 26.02 -76.01 -43.07
N HIS AA 121 26.81 -75.18 -42.39
CA HIS AA 121 28.05 -74.64 -42.91
C HIS AA 121 29.18 -74.94 -41.94
N ILE AA 122 30.28 -75.48 -42.48
CA ILE AA 122 31.45 -75.78 -41.70
C ILE AA 122 32.63 -75.00 -42.26
N GLY AA 123 32.98 -73.93 -41.57
CA GLY AA 123 33.94 -72.96 -42.04
C GLY AA 123 35.36 -73.46 -41.94
N HIS AA 124 36.24 -72.76 -42.67
CA HIS AA 124 37.63 -73.12 -42.75
C HIS AA 124 38.19 -73.41 -41.36
N ASP AA 125 38.96 -74.49 -41.27
CA ASP AA 125 39.83 -74.79 -40.17
C ASP AA 125 39.05 -75.30 -38.96
N SER AA 126 37.76 -75.55 -39.12
CA SER AA 126 36.97 -76.11 -38.06
C SER AA 126 37.35 -77.56 -37.83
N VAL AA 127 37.10 -78.07 -36.63
CA VAL AA 127 37.40 -79.42 -36.27
C VAL AA 127 36.19 -80.00 -35.56
N ILE AA 128 35.64 -81.09 -36.12
CA ILE AA 128 34.57 -81.77 -35.47
C ILE AA 128 35.04 -83.16 -35.06
N GLY AA 129 34.60 -83.58 -33.87
CA GLY AA 129 34.98 -84.85 -33.32
C GLY AA 129 34.10 -85.97 -33.84
N ASN AA 130 33.62 -86.82 -32.92
CA ASN AA 130 32.80 -87.95 -33.29
C ASN AA 130 31.44 -87.84 -32.62
N HIS AA 131 30.42 -88.44 -33.26
CA HIS AA 131 29.11 -88.61 -32.67
C HIS AA 131 28.38 -87.26 -32.48
N CYS AA 132 28.80 -86.24 -33.23
CA CYS AA 132 28.15 -84.95 -33.11
C CYS AA 132 26.93 -84.90 -34.02
N ILE AA 133 26.05 -83.95 -33.70
CA ILE AA 133 24.90 -83.66 -34.51
C ILE AA 133 24.80 -82.16 -34.71
N LEU AA 134 24.92 -81.72 -35.96
CA LEU AA 134 24.68 -80.34 -36.34
C LEU AA 134 23.38 -80.27 -37.10
N VAL AA 135 22.41 -79.58 -36.55
CA VAL AA 135 21.10 -79.59 -37.10
C VAL AA 135 21.03 -78.51 -38.19
N ASN AA 136 19.97 -78.59 -39.01
CA ASN AA 136 19.73 -77.70 -40.13
C ASN AA 136 20.28 -76.31 -39.87
N ASN AA 137 21.12 -75.82 -40.79
CA ASN AA 137 21.55 -74.41 -40.88
C ASN AA 137 22.45 -74.01 -39.72
N THR AA 138 23.02 -74.97 -39.00
CA THR AA 138 24.05 -74.68 -38.06
C THR AA 138 25.27 -74.16 -38.82
N ALA AA 139 25.93 -73.11 -38.31
CA ALA AA 139 27.01 -72.49 -39.03
C ALA AA 139 28.22 -72.27 -38.13
N LEU AA 140 29.36 -72.86 -38.48
CA LEU AA 140 30.62 -72.66 -37.80
C LEU AA 140 31.44 -71.66 -38.61
N ALA AA 141 31.65 -70.46 -38.11
CA ALA AA 141 32.28 -69.39 -38.88
C ALA AA 141 33.71 -69.73 -39.31
N GLY AA 142 34.43 -70.50 -38.49
CA GLY AA 142 35.80 -70.88 -38.78
C GLY AA 142 36.61 -71.10 -37.51
N HIS AA 143 37.57 -72.02 -37.59
CA HIS AA 143 38.43 -72.34 -36.49
C HIS AA 143 37.61 -72.79 -35.27
N VAL AA 144 36.47 -73.44 -35.50
CA VAL AA 144 35.63 -73.86 -34.42
C VAL AA 144 35.95 -75.32 -34.11
N HIS AA 145 36.13 -75.65 -32.83
CA HIS AA 145 36.37 -77.01 -32.39
C HIS AA 145 35.09 -77.49 -31.69
N VAL AA 146 34.49 -78.57 -32.22
CA VAL AA 146 33.34 -79.20 -31.61
C VAL AA 146 33.76 -80.59 -31.14
N ASP AA 147 33.67 -80.80 -29.83
CA ASP AA 147 34.14 -82.04 -29.24
C ASP AA 147 33.00 -83.08 -29.25
N ASP AA 148 33.32 -84.32 -28.88
CA ASP AA 148 32.47 -85.47 -29.13
C ASP AA 148 31.08 -85.29 -28.48
N TRP AA 149 30.05 -85.79 -29.19
CA TRP AA 149 28.68 -85.93 -28.68
C TRP AA 149 27.94 -84.58 -28.53
N ALA AA 150 28.52 -83.52 -29.06
CA ALA AA 150 27.84 -82.27 -28.99
C ALA AA 150 26.62 -82.30 -29.89
N ILE AA 151 25.62 -81.51 -29.52
CA ILE AA 151 24.46 -81.31 -30.34
C ILE AA 151 24.22 -79.82 -30.50
N LEU AA 152 24.21 -79.32 -31.73
CA LEU AA 152 23.87 -77.95 -32.00
C LEU AA 152 22.50 -77.92 -32.67
N SER AA 153 21.50 -77.37 -31.97
CA SER AA 153 20.15 -77.29 -32.49
C SER AA 153 20.15 -76.40 -33.73
N GLY AA 154 19.04 -76.42 -34.46
CA GLY AA 154 18.96 -75.75 -35.73
C GLY AA 154 19.27 -74.28 -35.66
N TYR AA 155 19.91 -73.77 -36.69
CA TYR AA 155 20.22 -72.36 -36.87
C TYR AA 155 21.06 -71.87 -35.70
N THR AA 156 21.92 -72.72 -35.16
CA THR AA 156 22.93 -72.31 -34.22
C THR AA 156 24.12 -71.72 -34.98
N LEU AA 157 24.53 -70.51 -34.61
CA LEU AA 157 25.66 -69.83 -35.21
C LEU AA 157 26.82 -69.79 -34.20
N VAL AA 158 28.05 -70.05 -34.66
CA VAL AA 158 29.21 -70.08 -33.78
C VAL AA 158 30.30 -69.18 -34.36
N HIS AA 159 30.76 -68.23 -33.56
CA HIS AA 159 31.81 -67.31 -33.96
C HIS AA 159 33.13 -68.04 -34.11
N GLN AA 160 34.03 -67.40 -34.86
CA GLN AA 160 35.38 -67.86 -35.06
C GLN AA 160 36.02 -68.18 -33.72
N TYR AA 161 36.71 -69.32 -33.65
CA TYR AA 161 37.65 -69.69 -32.58
C TYR AA 161 36.94 -70.31 -31.37
N CYS AA 162 35.61 -70.40 -31.35
CA CYS AA 162 34.94 -70.95 -30.17
C CYS AA 162 35.15 -72.46 -30.07
N ARG AA 163 35.17 -72.95 -28.83
CA ARG AA 163 35.22 -74.36 -28.52
C ARG AA 163 33.85 -74.77 -27.99
N ILE AA 164 33.23 -75.77 -28.61
CA ILE AA 164 32.00 -76.35 -28.13
C ILE AA 164 32.34 -77.66 -27.44
N GLY AA 165 32.00 -77.74 -26.15
CA GLY AA 165 32.45 -78.82 -25.27
C GLY AA 165 31.75 -80.13 -25.54
N ALA AA 166 32.39 -81.22 -25.08
CA ALA AA 166 31.79 -82.55 -25.21
C ALA AA 166 30.42 -82.56 -24.52
N HIS AA 167 29.45 -83.21 -25.17
CA HIS AA 167 28.11 -83.44 -24.65
C HIS AA 167 27.32 -82.14 -24.42
N SER AA 168 27.84 -81.04 -24.93
CA SER AA 168 27.18 -79.80 -24.73
C SER AA 168 26.02 -79.72 -25.73
N PHE AA 169 25.14 -78.75 -25.54
CA PHE AA 169 23.92 -78.65 -26.29
C PHE AA 169 23.53 -77.18 -26.46
N SER AA 170 23.25 -76.77 -27.70
CA SER AA 170 22.76 -75.44 -27.95
C SER AA 170 21.29 -75.53 -28.39
N GLY AA 171 20.49 -74.59 -27.92
CA GLY AA 171 19.10 -74.48 -28.32
C GLY AA 171 18.98 -73.83 -29.67
N MET AA 172 17.77 -73.80 -30.23
CA MET AA 172 17.71 -73.40 -31.59
C MET AA 172 17.79 -71.88 -31.69
N GLY AA 173 18.46 -71.43 -32.74
CA GLY AA 173 18.73 -70.03 -32.99
C GLY AA 173 19.75 -69.46 -32.02
N SER AA 174 20.56 -70.31 -31.39
CA SER AA 174 21.63 -69.86 -30.54
C SER AA 174 22.70 -69.12 -31.32
N ALA AA 175 23.24 -68.08 -30.72
CA ALA AA 175 24.36 -67.32 -31.30
C ALA AA 175 25.50 -67.33 -30.28
N ILE AA 176 26.48 -68.18 -30.51
CA ILE AA 176 27.51 -68.50 -29.55
C ILE AA 176 28.78 -67.70 -29.87
N GLY AA 177 29.26 -66.93 -28.89
CA GLY AA 177 30.43 -66.07 -29.07
C GLY AA 177 31.59 -66.41 -28.16
N LYS AA 178 31.41 -67.33 -27.21
CA LYS AA 178 32.48 -67.74 -26.32
C LYS AA 178 32.41 -69.26 -26.17
N ASP AA 179 33.37 -69.87 -25.51
CA ASP AA 179 33.40 -71.33 -25.39
C ASP AA 179 32.12 -71.82 -24.66
N VAL AA 180 31.66 -73.00 -25.03
CA VAL AA 180 30.65 -73.65 -24.30
C VAL AA 180 31.30 -74.79 -23.55
N PRO AA 181 31.30 -74.77 -22.21
CA PRO AA 181 31.95 -75.84 -21.44
C PRO AA 181 31.22 -77.16 -21.73
N ALA AA 182 31.93 -78.26 -21.48
CA ALA AA 182 31.35 -79.57 -21.64
C ALA AA 182 30.04 -79.67 -20.82
N TYR AA 183 29.08 -80.41 -21.38
CA TYR AA 183 27.82 -80.73 -20.77
C TYR AA 183 26.84 -79.54 -20.71
N VAL AA 184 27.27 -78.31 -20.98
CA VAL AA 184 26.42 -77.17 -20.70
C VAL AA 184 25.36 -77.01 -21.81
N THR AA 185 24.17 -76.55 -21.43
CA THR AA 185 23.15 -76.16 -22.40
C THR AA 185 23.10 -74.64 -22.50
N VAL AA 186 23.04 -74.12 -23.73
CA VAL AA 186 23.00 -72.69 -23.97
C VAL AA 186 21.85 -72.34 -24.92
N PHE AA 187 21.33 -71.12 -24.79
CA PHE AA 187 20.16 -70.67 -25.51
C PHE AA 187 20.26 -69.18 -25.81
N GLY AA 188 19.77 -68.78 -26.97
CA GLY AA 188 19.47 -67.38 -27.27
C GLY AA 188 20.60 -66.70 -28.03
N ASN AA 189 20.35 -65.43 -28.35
CA ASN AA 189 21.24 -64.58 -29.10
C ASN AA 189 21.33 -63.24 -28.39
N PRO AA 190 22.38 -63.02 -27.60
CA PRO AA 190 23.53 -63.90 -27.46
C PRO AA 190 23.29 -65.08 -26.52
N ALA AA 191 24.01 -66.17 -26.73
CA ALA AA 191 23.79 -67.41 -26.01
C ALA AA 191 24.10 -67.22 -24.54
N GLU AA 192 23.26 -67.84 -23.69
CA GLU AA 192 23.39 -67.86 -22.24
C GLU AA 192 23.36 -69.33 -21.79
N ALA AA 193 24.15 -69.64 -20.76
CA ALA AA 193 24.15 -70.94 -20.12
C ALA AA 193 22.87 -71.03 -19.31
N ARG AA 194 22.23 -72.20 -19.32
CA ARG AA 194 21.00 -72.39 -18.63
C ARG AA 194 21.12 -73.56 -17.64
N SER AA 195 21.66 -74.70 -18.10
CA SER AA 195 21.72 -75.89 -17.30
C SER AA 195 22.79 -76.82 -17.88
N MET AA 196 22.65 -78.11 -17.58
CA MET AA 196 23.50 -79.13 -18.14
C MET AA 196 22.64 -80.14 -18.88
N ASN AA 197 23.28 -80.85 -19.79
CA ASN AA 197 22.64 -81.75 -20.70
C ASN AA 197 22.50 -83.10 -20.02
N PHE AA 198 21.53 -83.19 -19.11
CA PHE AA 198 21.34 -84.38 -18.33
C PHE AA 198 20.84 -85.51 -19.21
N GLU AA 199 20.00 -85.18 -20.21
CA GLU AA 199 19.52 -86.16 -21.18
C GLU AA 199 20.71 -86.90 -21.79
N GLY AA 200 21.74 -86.15 -22.17
CA GLY AA 200 22.95 -86.68 -22.77
C GLY AA 200 23.69 -87.61 -21.85
N MET AA 201 23.74 -87.26 -20.56
CA MET AA 201 24.44 -88.05 -19.55
C MET AA 201 23.70 -89.37 -19.34
N ARG AA 202 22.37 -89.33 -19.44
CA ARG AA 202 21.54 -90.50 -19.26
C ARG AA 202 21.87 -91.52 -20.34
N ARG AA 203 21.91 -91.07 -21.59
CA ARG AA 203 22.18 -91.89 -22.77
C ARG AA 203 23.59 -92.50 -22.72
N ARG AA 204 24.58 -91.80 -22.18
CA ARG AA 204 25.92 -92.37 -22.09
C ARG AA 204 26.02 -93.25 -20.79
N GLY AA 205 24.95 -93.38 -20.02
CA GLY AA 205 24.90 -94.22 -18.85
C GLY AA 205 25.76 -93.74 -17.69
N PHE AA 206 25.87 -92.44 -17.48
CA PHE AA 206 26.61 -91.90 -16.34
C PHE AA 206 25.99 -92.38 -15.03
N SER AA 207 26.81 -92.55 -14.01
CA SER AA 207 26.31 -92.90 -12.70
C SER AA 207 25.45 -91.75 -12.16
N SER AA 208 24.59 -92.05 -11.21
CA SER AA 208 23.73 -91.07 -10.64
C SER AA 208 24.55 -90.12 -9.74
N GLU AA 209 25.64 -90.62 -9.14
CA GLU AA 209 26.53 -89.80 -8.28
C GLU AA 209 27.28 -88.77 -9.13
N ALA AA 210 27.60 -89.15 -10.37
CA ALA AA 210 28.34 -88.30 -11.27
C ALA AA 210 27.44 -87.18 -11.80
N ILE AA 211 26.18 -87.52 -12.08
CA ILE AA 211 25.22 -86.55 -12.55
C ILE AA 211 25.03 -85.47 -11.48
N HIS AA 212 24.87 -85.89 -10.22
CA HIS AA 212 24.70 -84.97 -9.13
C HIS AA 212 25.94 -84.08 -9.01
N ALA AA 213 27.13 -84.66 -9.20
CA ALA AA 213 28.36 -83.92 -9.03
C ALA AA 213 28.48 -82.84 -10.10
N LEU AA 214 27.97 -83.15 -11.29
CA LEU AA 214 28.02 -82.25 -12.39
C LEU AA 214 27.02 -81.12 -12.19
N ARG AA 215 25.88 -81.39 -11.55
CA ARG AA 215 24.96 -80.32 -11.27
C ARG AA 215 25.58 -79.35 -10.26
N ARG AA 216 26.26 -79.87 -9.25
CA ARG AA 216 26.89 -79.03 -8.24
C ARG AA 216 27.98 -78.21 -8.92
N ALA AA 217 28.66 -78.82 -9.90
CA ALA AA 217 29.74 -78.16 -10.59
C ALA AA 217 29.19 -76.97 -11.39
N TYR AA 218 28.04 -77.16 -12.03
CA TYR AA 218 27.39 -76.11 -12.76
C TYR AA 218 27.13 -74.95 -11.82
N LYS AA 219 26.58 -75.24 -10.64
CA LYS AA 219 26.21 -74.22 -9.68
C LYS AA 219 27.44 -73.45 -9.20
N VAL AA 220 28.59 -74.10 -9.06
CA VAL AA 220 29.82 -73.45 -8.59
C VAL AA 220 30.26 -72.38 -9.59
N VAL AA 221 30.21 -72.74 -10.87
CA VAL AA 221 30.69 -71.90 -11.94
C VAL AA 221 29.72 -70.75 -12.23
N TYR AA 222 28.42 -71.02 -12.14
CA TYR AA 222 27.41 -70.15 -12.75
C TYR AA 222 26.47 -69.50 -11.72
N ARG AA 223 26.20 -70.11 -10.55
CA ARG AA 223 25.09 -69.65 -9.71
C ARG AA 223 25.60 -69.23 -8.33
N GLN AA 224 26.88 -68.93 -8.13
CA GLN AA 224 27.34 -68.70 -6.73
C GLN AA 224 28.23 -67.46 -6.61
N GLY AA 225 28.19 -66.59 -7.61
CA GLY AA 225 28.97 -65.38 -7.65
C GLY AA 225 30.48 -65.61 -7.70
N HIS AA 226 30.95 -66.79 -8.09
CA HIS AA 226 32.40 -67.02 -8.12
C HIS AA 226 32.97 -66.39 -9.40
N THR AA 227 34.19 -65.86 -9.34
CA THR AA 227 34.95 -65.56 -10.55
C THR AA 227 35.34 -66.91 -11.16
N VAL AA 228 35.82 -66.91 -12.40
CA VAL AA 228 36.13 -68.18 -13.02
C VAL AA 228 37.32 -68.82 -12.30
N GLU AA 229 38.28 -68.02 -11.83
CA GLU AA 229 39.44 -68.52 -11.07
C GLU AA 229 39.00 -69.19 -9.77
N GLU AA 230 38.07 -68.54 -9.05
CA GLU AA 230 37.58 -69.07 -7.77
C GLU AA 230 36.81 -70.38 -8.00
N ALA AA 231 36.10 -70.47 -9.13
CA ALA AA 231 35.32 -71.64 -9.45
C ALA AA 231 36.23 -72.85 -9.72
N LEU AA 232 37.26 -72.62 -10.51
CA LEU AA 232 38.23 -73.65 -10.83
C LEU AA 232 38.85 -74.24 -9.55
N ALA AA 233 39.13 -73.38 -8.58
CA ALA AA 233 39.72 -73.77 -7.33
C ALA AA 233 38.73 -74.64 -6.54
N GLU AA 234 37.46 -74.25 -6.55
CA GLU AA 234 36.42 -74.94 -5.83
C GLU AA 234 36.16 -76.32 -6.47
N LEU AA 235 36.24 -76.39 -7.80
CA LEU AA 235 36.01 -77.63 -8.53
C LEU AA 235 37.14 -78.64 -8.34
N ALA AA 236 38.31 -78.24 -7.82
CA ALA AA 236 39.46 -79.14 -7.76
C ALA AA 236 39.12 -80.46 -7.05
N GLU AA 237 38.42 -80.39 -5.91
CA GLU AA 237 38.07 -81.58 -5.11
C GLU AA 237 37.19 -82.51 -5.97
N SER AA 238 36.13 -81.95 -6.50
CA SER AA 238 35.13 -82.76 -7.23
C SER AA 238 35.68 -83.33 -8.54
N ALA AA 239 36.67 -82.69 -9.12
CA ALA AA 239 37.30 -83.13 -10.37
C ALA AA 239 38.25 -84.32 -10.11
N ALA AA 240 38.75 -84.42 -8.90
CA ALA AA 240 39.59 -85.54 -8.56
C ALA AA 240 38.75 -86.76 -8.21
N GLN AA 241 37.51 -86.52 -7.79
CA GLN AA 241 36.58 -87.55 -7.37
C GLN AA 241 35.89 -88.18 -8.57
N PHE AA 242 35.66 -87.41 -9.64
CA PHE AA 242 34.84 -87.85 -10.77
C PHE AA 242 35.52 -87.49 -12.10
N PRO AA 243 35.92 -88.50 -12.92
CA PRO AA 243 36.42 -88.24 -14.28
C PRO AA 243 35.54 -87.29 -15.11
N GLU AA 244 34.22 -87.38 -14.88
CA GLU AA 244 33.22 -86.65 -15.64
C GLU AA 244 33.29 -85.17 -15.29
N VAL AA 245 33.53 -84.84 -14.02
CA VAL AA 245 33.66 -83.46 -13.59
C VAL AA 245 34.98 -82.90 -14.09
N ALA AA 246 36.03 -83.73 -14.13
CA ALA AA 246 37.33 -83.27 -14.62
C ALA AA 246 37.20 -82.78 -16.08
N VAL AA 247 36.40 -83.47 -16.90
CA VAL AA 247 36.16 -83.05 -18.28
C VAL AA 247 35.58 -81.62 -18.29
N PHE AA 248 34.65 -81.36 -17.37
CA PHE AA 248 33.99 -80.05 -17.25
C PHE AA 248 35.01 -79.01 -16.79
N ARG AA 249 35.78 -79.30 -15.73
CA ARG AA 249 36.77 -78.37 -15.24
C ARG AA 249 37.77 -78.08 -16.38
N ASP AA 250 38.23 -79.11 -17.10
CA ASP AA 250 39.27 -78.95 -18.11
C ASP AA 250 38.76 -78.05 -19.24
N SER AA 251 37.46 -78.14 -19.59
CA SER AA 251 36.92 -77.30 -20.64
C SER AA 251 36.89 -75.82 -20.23
N ILE AA 252 36.67 -75.53 -18.96
CA ILE AA 252 36.69 -74.17 -18.45
C ILE AA 252 38.12 -73.66 -18.31
N GLN AA 253 39.00 -74.50 -17.77
CA GLN AA 253 40.43 -74.19 -17.62
C GLN AA 253 40.96 -73.61 -18.92
N SER AA 254 40.71 -74.33 -20.03
CA SER AA 254 41.39 -74.11 -21.29
C SER AA 254 40.65 -73.06 -22.12
N ALA AA 255 39.89 -72.20 -21.46
CA ALA AA 255 39.07 -71.23 -22.13
C ALA AA 255 39.50 -69.83 -21.63
N THR AA 256 40.34 -69.76 -20.61
CA THR AA 256 40.36 -68.64 -19.70
C THR AA 256 41.77 -68.37 -19.17
N ARG AA 257 42.70 -67.94 -20.02
CA ARG AA 257 44.03 -67.63 -19.46
C ARG AA 257 43.97 -66.38 -18.53
N GLY AA 258 43.47 -65.24 -19.01
CA GLY AA 258 43.49 -63.97 -18.27
C GLY AA 258 44.85 -63.27 -18.38
N ILE AA 259 44.98 -62.11 -17.72
CA ILE AA 259 46.15 -61.25 -17.88
C ILE AA 259 46.70 -60.83 -16.51
N THR AA 260 48.01 -60.63 -16.47
CA THR AA 260 48.66 -60.18 -15.31
C THR AA 260 48.01 -58.86 -14.91
N ARG AA 261 47.45 -58.82 -13.70
CA ARG AA 261 46.85 -57.62 -13.10
C ARG AA 261 47.73 -57.14 -11.93
N SER BA 5 59.88 66.78 69.62
CA SER BA 5 60.88 65.67 69.63
C SER BA 5 60.18 64.45 69.01
N LEU BA 6 60.96 63.41 68.69
CA LEU BA 6 60.46 62.27 67.92
C LEU BA 6 59.79 61.25 68.83
N ILE BA 7 60.04 61.36 70.12
CA ILE BA 7 59.49 60.50 71.15
C ILE BA 7 58.51 61.35 71.95
N ASP BA 8 57.25 60.97 71.90
CA ASP BA 8 56.23 61.72 72.58
C ASP BA 8 56.58 61.77 74.06
N PRO BA 9 56.41 62.92 74.72
CA PRO BA 9 56.62 62.99 76.16
C PRO BA 9 55.65 62.11 76.96
N ARG BA 10 54.51 61.73 76.36
CA ARG BA 10 53.54 60.88 77.07
C ARG BA 10 53.91 59.39 76.97
N ALA BA 11 54.96 59.03 76.22
CA ALA BA 11 55.40 57.63 76.10
C ALA BA 11 56.30 57.25 77.27
N ILE BA 12 56.55 55.94 77.46
CA ILE BA 12 57.46 55.43 78.46
C ILE BA 12 58.54 54.64 77.76
N ILE BA 13 59.80 54.98 78.00
CA ILE BA 13 60.93 54.27 77.45
C ILE BA 13 61.75 53.72 78.61
N ASP BA 14 61.91 52.42 78.68
CA ASP BA 14 62.72 51.82 79.71
C ASP BA 14 64.17 52.29 79.54
N PRO BA 15 64.88 52.58 80.66
CA PRO BA 15 66.31 52.88 80.62
C PRO BA 15 67.16 51.92 79.78
N SER BA 16 66.82 50.63 79.77
CA SER BA 16 67.61 49.56 79.10
C SER BA 16 67.17 49.32 77.65
N ALA BA 17 66.21 50.10 77.13
CA ALA BA 17 65.85 50.04 75.71
C ALA BA 17 66.91 50.80 74.90
N ARG BA 18 67.08 50.41 73.64
CA ARG BA 18 68.07 50.97 72.75
C ARG BA 18 67.39 51.33 71.44
N LEU BA 19 67.18 52.64 71.21
CA LEU BA 19 66.51 53.18 70.03
C LEU BA 19 67.52 53.90 69.14
N ALA BA 20 67.50 53.62 67.85
CA ALA BA 20 68.27 54.38 66.88
C ALA BA 20 67.82 55.84 66.92
N ALA BA 21 68.66 56.71 66.33
CA ALA BA 21 68.54 58.18 66.52
C ALA BA 21 67.14 58.69 66.07
N ASP BA 22 66.57 58.17 64.97
CA ASP BA 22 65.42 58.79 64.34
C ASP BA 22 64.14 57.95 64.50
N VAL BA 23 64.08 57.13 65.55
CA VAL BA 23 62.90 56.36 65.83
C VAL BA 23 61.83 57.30 66.36
N GLN BA 24 60.57 57.06 65.97
CA GLN BA 24 59.44 57.84 66.48
C GLN BA 24 58.55 56.95 67.34
N VAL BA 25 58.07 57.50 68.46
CA VAL BA 25 57.20 56.77 69.35
C VAL BA 25 56.04 57.69 69.71
N GLY BA 26 54.82 57.17 69.50
CA GLY BA 26 53.61 57.90 69.74
C GLY BA 26 53.29 57.97 71.23
N PRO BA 27 52.28 58.78 71.59
CA PRO BA 27 51.86 58.94 72.97
C PRO BA 27 51.29 57.64 73.57
N TRP BA 28 51.54 57.43 74.85
CA TRP BA 28 50.98 56.33 75.65
C TRP BA 28 51.48 54.97 75.16
N SER BA 29 52.67 54.94 74.57
CA SER BA 29 53.29 53.71 74.18
C SER BA 29 54.35 53.34 75.21
N ILE BA 30 54.58 52.05 75.39
CA ILE BA 30 55.60 51.55 76.28
C ILE BA 30 56.66 50.83 75.45
N VAL BA 31 57.91 51.26 75.57
CA VAL BA 31 59.02 50.51 75.05
C VAL BA 31 59.77 49.89 76.23
N GLY BA 32 59.50 48.62 76.51
CA GLY BA 32 59.93 47.91 77.70
C GLY BA 32 61.41 47.62 77.68
N ALA BA 33 61.87 47.04 78.81
CA ALA BA 33 63.25 46.65 78.99
C ALA BA 33 63.69 45.74 77.82
N GLU BA 34 64.92 45.94 77.36
CA GLU BA 34 65.63 45.07 76.42
C GLU BA 34 64.97 45.04 75.05
N VAL BA 35 64.34 46.15 74.66
CA VAL BA 35 63.82 46.31 73.34
C VAL BA 35 64.81 47.16 72.55
N GLU BA 36 65.10 46.73 71.33
CA GLU BA 36 66.03 47.40 70.47
C GLU BA 36 65.26 47.74 69.18
N ILE BA 37 65.33 49.01 68.73
CA ILE BA 37 64.54 49.46 67.58
C ILE BA 37 65.47 50.16 66.57
N GLY BA 38 65.39 49.72 65.32
CA GLY BA 38 66.26 50.17 64.26
C GLY BA 38 65.80 51.47 63.60
N GLU BA 39 66.77 52.09 62.91
CA GLU BA 39 66.65 53.29 62.11
C GLU BA 39 65.31 53.35 61.36
N GLY BA 40 64.59 54.46 61.55
CA GLY BA 40 63.46 54.88 60.70
C GLY BA 40 62.14 54.20 61.06
N THR BA 41 62.12 53.39 62.12
CA THR BA 41 60.93 52.71 62.55
C THR BA 41 60.03 53.72 63.28
N VAL BA 42 58.72 53.49 63.17
CA VAL BA 42 57.70 54.34 63.76
C VAL BA 42 56.76 53.49 64.61
N ILE BA 43 56.70 53.79 65.90
CA ILE BA 43 55.78 53.19 66.81
C ILE BA 43 54.62 54.17 66.98
N GLY BA 44 53.40 53.67 66.77
CA GLY BA 44 52.21 54.46 66.91
C GLY BA 44 51.90 54.73 68.38
N PRO BA 45 50.72 55.32 68.67
CA PRO BA 45 50.27 55.49 70.04
C PRO BA 45 49.73 54.18 70.59
N HIS BA 46 49.63 54.04 71.91
CA HIS BA 46 48.99 52.90 72.54
C HIS BA 46 49.63 51.58 72.11
N VAL BA 47 50.96 51.52 72.01
CA VAL BA 47 51.63 50.29 71.68
C VAL BA 47 52.39 49.79 72.91
N VAL BA 48 52.46 48.48 73.07
CA VAL BA 48 53.22 47.87 74.14
C VAL BA 48 54.29 47.00 73.51
N LEU BA 49 55.56 47.37 73.69
CA LEU BA 49 56.69 46.53 73.31
C LEU BA 49 57.30 45.93 74.58
N LYS BA 50 57.65 44.65 74.52
CA LYS BA 50 58.30 43.96 75.60
C LYS BA 50 59.46 43.13 75.02
N GLY BA 51 60.45 42.82 75.84
CA GLY BA 51 61.71 42.23 75.40
C GLY BA 51 62.03 40.92 76.10
N PRO BA 52 63.12 40.25 75.68
CA PRO BA 52 64.10 40.69 74.71
C PRO BA 52 63.66 40.68 73.24
N THR BA 53 63.64 41.85 72.62
CA THR BA 53 63.08 42.01 71.30
C THR BA 53 64.00 42.89 70.47
N LYS BA 54 64.21 42.50 69.21
CA LYS BA 54 64.98 43.25 68.28
C LYS BA 54 64.07 43.59 67.08
N ILE BA 55 63.86 44.88 66.83
CA ILE BA 55 63.09 45.34 65.71
C ILE BA 55 64.01 46.09 64.76
N GLY BA 56 63.93 45.75 63.47
CA GLY BA 56 64.82 46.29 62.45
C GLY BA 56 64.40 47.68 62.01
N LYS BA 57 64.68 47.97 60.74
CA LYS BA 57 64.64 49.33 60.20
C LYS BA 57 63.35 49.52 59.40
N HIS BA 58 62.81 50.74 59.47
CA HIS BA 58 61.70 51.20 58.63
C HIS BA 58 60.44 50.36 58.85
N ASN BA 59 60.19 49.95 60.09
CA ASN BA 59 58.94 49.28 60.44
C ASN BA 59 57.91 50.35 60.82
N ARG BA 60 56.63 49.98 60.71
CA ARG BA 60 55.49 50.79 61.13
CA ARG BA 60 55.50 50.80 61.17
C ARG BA 60 54.69 49.85 62.04
N ILE BA 61 54.47 50.23 63.30
CA ILE BA 61 53.63 49.43 64.24
C ILE BA 61 52.48 50.27 64.77
N TYR BA 62 51.23 49.79 64.59
CA TYR BA 62 50.05 50.60 64.85
C TYR BA 62 49.52 50.34 66.26
N GLN BA 63 48.58 51.20 66.65
CA GLN BA 63 47.97 51.26 67.97
C GLN BA 63 47.42 49.90 68.42
N PHE BA 64 47.53 49.62 69.71
CA PHE BA 64 46.86 48.52 70.44
C PHE BA 64 47.55 47.16 70.22
N SER BA 65 48.71 47.22 69.57
CA SER BA 65 49.55 46.08 69.37
C SER BA 65 50.34 45.78 70.65
N SER BA 66 50.47 44.49 70.96
CA SER BA 66 51.33 44.00 72.04
C SER BA 66 52.36 43.09 71.40
N VAL BA 67 53.59 43.58 71.28
CA VAL BA 67 54.66 42.94 70.56
C VAL BA 67 55.76 42.58 71.54
N GLY BA 68 55.99 41.28 71.73
CA GLY BA 68 57.09 40.79 72.55
C GLY BA 68 56.62 40.27 73.89
N GLU BA 69 55.33 40.01 74.01
CA GLU BA 69 54.72 39.57 75.22
C GLU BA 69 55.08 38.09 75.44
N ASP BA 70 55.01 37.59 76.67
CA ASP BA 70 55.27 36.17 76.94
C ASP BA 70 54.12 35.32 76.41
N THR BA 71 54.35 34.12 75.87
CA THR BA 71 53.19 33.26 75.65
C THR BA 71 52.55 32.92 76.98
N PRO BA 72 51.25 32.65 77.00
CA PRO BA 72 50.60 32.08 78.17
C PRO BA 72 50.73 30.56 78.26
N ASP BA 73 51.26 29.91 77.23
CA ASP BA 73 51.47 28.45 77.21
C ASP BA 73 52.10 28.07 78.55
N LEU BA 74 51.58 27.01 79.20
CA LEU BA 74 52.01 26.67 80.58
C LEU BA 74 53.37 25.95 80.51
N LYS BA 75 53.77 25.59 79.28
CA LYS BA 75 55.12 25.18 78.83
C LYS BA 75 56.21 26.19 79.23
N TYR BA 76 55.93 27.50 79.09
CA TYR BA 76 56.90 28.60 79.30
C TYR BA 76 56.92 29.00 80.77
N LYS BA 77 58.11 29.05 81.40
CA LYS BA 77 58.28 29.31 82.85
C LYS BA 77 59.14 30.56 83.12
N GLY BA 78 59.16 31.53 82.20
CA GLY BA 78 59.78 32.86 82.47
C GLY BA 78 61.22 33.01 82.00
N GLU BA 79 61.71 32.09 81.17
CA GLU BA 79 63.11 32.10 80.64
C GLU BA 79 63.27 33.26 79.65
N PRO BA 80 64.51 33.74 79.36
CA PRO BA 80 64.72 34.96 78.55
C PRO BA 80 64.76 34.64 77.04
N THR BA 81 63.58 34.46 76.44
CA THR BA 81 63.47 34.10 75.04
C THR BA 81 63.32 35.38 74.22
N ARG BA 82 63.43 35.26 72.90
CA ARG BA 82 63.62 36.40 72.03
C ARG BA 82 62.49 36.54 71.03
N LEU BA 83 62.33 37.74 70.50
CA LEU BA 83 61.55 38.03 69.31
C LEU BA 83 62.42 38.87 68.38
N VAL BA 84 62.49 38.50 67.10
CA VAL BA 84 63.28 39.24 66.13
C VAL BA 84 62.39 39.62 64.95
N ILE BA 85 62.37 40.91 64.62
CA ILE BA 85 61.64 41.42 63.49
C ILE BA 85 62.63 42.14 62.56
N GLY BA 86 62.49 41.90 61.27
CA GLY BA 86 63.38 42.46 60.28
C GLY BA 86 62.99 43.89 59.89
N ASP BA 87 63.13 44.17 58.59
CA ASP BA 87 63.05 45.49 58.03
C ASP BA 87 61.75 45.63 57.21
N HIS BA 88 61.22 46.87 57.14
CA HIS BA 88 60.15 47.27 56.21
C HIS BA 88 58.84 46.49 56.44
N ASN BA 89 58.56 46.13 57.69
CA ASN BA 89 57.33 45.45 58.00
C ASN BA 89 56.27 46.48 58.43
N VAL BA 90 55.02 46.10 58.23
CA VAL BA 90 53.89 46.85 58.71
C VAL BA 90 53.07 45.93 59.61
N ILE BA 91 52.86 46.37 60.85
CA ILE BA 91 52.06 45.65 61.81
C ILE BA 91 50.89 46.54 62.20
N ARG BA 92 49.68 46.13 61.82
CA ARG BA 92 48.51 46.95 61.96
C ARG BA 92 47.93 46.84 63.38
N GLU BA 93 46.75 47.42 63.54
CA GLU BA 93 46.21 47.68 64.85
C GLU BA 93 45.86 46.35 65.54
N GLY BA 94 46.28 46.21 66.79
CA GLY BA 94 45.82 45.16 67.66
C GLY BA 94 46.56 43.84 67.52
N VAL BA 95 47.66 43.82 66.78
CA VAL BA 95 48.39 42.61 66.55
C VAL BA 95 49.06 42.16 67.84
N THR BA 96 49.09 40.85 68.08
CA THR BA 96 49.85 40.24 69.16
C THR BA 96 50.94 39.36 68.59
N ILE BA 97 52.16 39.52 69.09
CA ILE BA 97 53.31 38.73 68.71
C ILE BA 97 53.99 38.29 69.99
N HIS BA 98 54.16 36.98 70.16
CA HIS BA 98 54.76 36.43 71.35
C HIS BA 98 56.21 36.02 71.08
N ARG BA 99 57.04 36.09 72.11
CA ARG BA 99 58.40 35.61 72.04
C ARG BA 99 58.39 34.08 72.15
N GLY BA 100 59.56 33.47 71.88
CA GLY BA 100 59.72 32.02 71.80
C GLY BA 100 59.71 31.33 73.16
N THR BA 101 60.02 30.03 73.11
CA THR BA 101 60.07 29.11 74.24
C THR BA 101 61.37 28.30 74.16
N VAL BA 102 61.89 27.87 75.31
CA VAL BA 102 63.16 27.14 75.34
C VAL BA 102 63.03 25.76 74.70
N GLN BA 103 61.81 25.22 74.60
CA GLN BA 103 61.58 23.88 74.05
C GLN BA 103 61.79 23.85 72.54
N ASP BA 104 61.88 24.99 71.84
CA ASP BA 104 62.15 25.00 70.39
C ASP BA 104 63.48 25.75 70.15
N ARG BA 105 63.43 26.97 69.60
CA ARG BA 105 64.63 27.70 69.22
C ARG BA 105 64.80 28.96 70.10
N ALA BA 106 63.85 29.20 71.01
CA ALA BA 106 63.90 30.30 71.95
C ALA BA 106 63.70 31.63 71.23
N GLU BA 107 63.06 31.60 70.06
CA GLU BA 107 62.99 32.79 69.23
C GLU BA 107 61.80 32.72 68.29
N THR BA 108 60.95 33.74 68.34
CA THR BA 108 59.97 34.02 67.31
C THR BA 108 60.62 34.98 66.33
N THR BA 109 60.49 34.72 65.02
CA THR BA 109 61.27 35.50 64.07
C THR BA 109 60.34 35.92 62.91
N ILE BA 110 60.52 37.18 62.46
CA ILE BA 110 59.84 37.74 61.33
C ILE BA 110 60.86 38.41 60.41
N GLY BA 111 60.72 38.14 59.10
CA GLY BA 111 61.65 38.66 58.11
C GLY BA 111 61.34 40.09 57.71
N ASP BA 112 61.38 40.33 56.39
CA ASP BA 112 61.33 41.67 55.82
C ASP BA 112 60.08 41.82 54.96
N HIS BA 113 59.59 43.06 54.81
CA HIS BA 113 58.54 43.43 53.84
C HIS BA 113 57.24 42.65 54.09
N ASN BA 114 56.91 42.36 55.34
CA ASN BA 114 55.70 41.64 55.63
C ASN BA 114 54.60 42.65 55.97
N LEU BA 115 53.36 42.24 55.73
CA LEU BA 115 52.21 43.02 56.11
C LEU BA 115 51.34 42.15 57.03
N ILE BA 116 51.23 42.54 58.30
CA ILE BA 116 50.46 41.81 59.24
C ILE BA 116 49.30 42.68 59.68
N MET BA 117 48.08 42.29 59.31
CA MET BA 117 46.95 43.17 59.38
C MET BA 117 46.27 43.00 60.75
N ALA BA 118 45.22 43.79 60.96
CA ALA BA 118 44.67 44.01 62.28
C ALA BA 118 44.36 42.69 62.99
N TYR BA 119 44.69 42.64 64.28
CA TYR BA 119 44.20 41.62 65.23
C TYR BA 119 44.82 40.26 64.91
N ALA BA 120 45.82 40.20 64.04
CA ALA BA 120 46.50 38.94 63.78
C ALA BA 120 47.30 38.54 65.01
N HIS BA 121 47.53 37.24 65.17
CA HIS BA 121 48.28 36.68 66.28
C HIS BA 121 49.43 35.81 65.75
N ILE BA 122 50.62 36.05 66.27
CA ILE BA 122 51.79 35.30 65.90
C ILE BA 122 52.37 34.62 67.14
N GLY BA 123 52.11 33.32 67.24
CA GLY BA 123 52.38 32.56 68.43
C GLY BA 123 53.85 32.24 68.59
N HIS BA 124 54.21 31.86 69.81
CA HIS BA 124 55.56 31.57 70.17
C HIS BA 124 56.23 30.69 69.11
N ASP BA 125 57.46 31.05 68.74
CA ASP BA 125 58.38 30.21 68.02
C ASP BA 125 58.02 30.16 66.54
N SER BA 126 57.06 30.96 66.11
CA SER BA 126 56.70 31.01 64.71
C SER BA 126 57.82 31.70 63.94
N VAL BA 127 57.91 31.41 62.63
CA VAL BA 127 58.90 32.00 61.77
C VAL BA 127 58.18 32.46 60.50
N ILE BA 128 58.27 33.76 60.21
CA ILE BA 128 57.75 34.27 58.99
C ILE BA 128 58.90 34.78 58.13
N GLY BA 129 58.77 34.52 56.82
CA GLY BA 129 59.80 34.88 55.87
C GLY BA 129 59.65 36.32 55.43
N ASN BA 130 59.72 36.54 54.11
CA ASN BA 130 59.63 37.86 53.55
C ASN BA 130 58.44 37.95 52.60
N HIS BA 131 57.87 39.16 52.47
CA HIS BA 131 56.87 39.47 51.47
C HIS BA 131 55.55 38.75 51.76
N CYS BA 132 55.34 38.33 53.01
CA CYS BA 132 54.10 37.65 53.35
C CYS BA 132 53.03 38.67 53.68
N ILE BA 133 51.77 38.19 53.60
CA ILE BA 133 50.63 38.97 54.00
C ILE BA 133 49.74 38.11 54.89
N LEU BA 134 49.58 38.54 56.14
CA LEU BA 134 48.64 37.93 57.05
C LEU BA 134 47.48 38.90 57.25
N VAL BA 135 46.30 38.48 56.82
CA VAL BA 135 45.19 39.35 56.82
C VAL BA 135 44.53 39.32 58.21
N ASN BA 136 43.67 40.30 58.46
CA ASN BA 136 42.94 40.50 59.70
C ASN BA 136 42.67 39.15 60.39
N ASN BA 137 43.10 39.04 61.65
CA ASN BA 137 42.70 37.97 62.58
C ASN BA 137 43.27 36.61 62.16
N THR BA 138 44.29 36.60 61.31
CA THR BA 138 45.02 35.40 61.08
C THR BA 138 45.74 35.00 62.36
N ALA BA 139 45.76 33.72 62.70
CA ALA BA 139 46.34 33.28 63.96
C ALA BA 139 47.25 32.08 63.75
N LEU BA 140 48.53 32.23 64.12
CA LEU BA 140 49.50 31.15 64.10
C LEU BA 140 49.65 30.61 65.53
N ALA BA 141 49.19 29.41 65.80
CA ALA BA 141 49.13 28.89 67.16
C ALA BA 141 50.51 28.78 67.82
N GLY BA 142 51.55 28.53 67.02
CA GLY BA 142 52.91 28.39 67.51
C GLY BA 142 53.74 27.43 66.68
N HIS BA 143 55.04 27.71 66.61
CA HIS BA 143 55.96 26.90 65.86
C HIS BA 143 55.53 26.80 64.39
N VAL BA 144 54.91 27.85 63.86
CA VAL BA 144 54.45 27.83 62.50
C VAL BA 144 55.50 28.51 61.63
N HIS BA 145 55.86 27.87 60.51
CA HIS BA 145 56.79 28.43 59.54
C HIS BA 145 55.97 28.86 58.33
N VAL BA 146 56.05 30.16 58.00
CA VAL BA 146 55.43 30.69 56.81
C VAL BA 146 56.53 31.16 55.88
N ASP BA 147 56.60 30.55 54.69
CA ASP BA 147 57.67 30.83 53.77
C ASP BA 147 57.26 32.02 52.87
N ASP BA 148 58.22 32.51 52.06
CA ASP BA 148 58.12 33.80 51.39
C ASP BA 148 56.86 33.86 50.50
N TRP BA 149 56.23 35.05 50.47
CA TRP BA 149 55.17 35.42 49.53
C TRP BA 149 53.84 34.72 49.85
N ALA BA 150 53.74 34.06 50.99
CA ALA BA 150 52.50 33.43 51.30
C ALA BA 150 51.47 34.52 51.62
N ILE BA 151 50.20 34.18 51.38
CA ILE BA 151 49.10 35.02 51.74
C ILE BA 151 48.09 34.20 52.54
N LEU BA 152 47.80 34.62 53.77
CA LEU BA 152 46.76 33.99 54.55
C LEU BA 152 45.57 34.97 54.64
N SER BA 153 44.46 34.57 54.02
CA SER BA 153 43.26 35.39 54.02
C SER BA 153 42.76 35.55 55.46
N GLY BA 154 41.82 36.46 55.64
CA GLY BA 154 41.34 36.82 56.94
C GLY BA 154 40.82 35.63 57.73
N TYR BA 155 41.06 35.67 59.04
CA TYR BA 155 40.55 34.69 59.99
C TYR BA 155 41.05 33.29 59.61
N THR BA 156 42.26 33.20 59.04
CA THR BA 156 42.89 31.93 58.85
C THR BA 156 43.57 31.49 60.15
N LEU BA 157 43.28 30.28 60.60
CA LEU BA 157 43.86 29.70 61.80
C LEU BA 157 44.84 28.59 61.42
N VAL BA 158 46.01 28.54 62.05
CA VAL BA 158 47.03 27.54 61.73
C VAL BA 158 47.45 26.82 63.00
N HIS BA 159 47.34 25.50 63.01
CA HIS BA 159 47.73 24.69 64.13
C HIS BA 159 49.23 24.71 64.35
N GLN BA 160 49.63 24.36 65.58
CA GLN BA 160 51.02 24.25 65.96
C GLN BA 160 51.76 23.38 64.95
N TYR BA 161 52.95 23.83 64.55
CA TYR BA 161 53.97 23.04 63.82
C TYR BA 161 53.72 23.03 62.31
N CYS BA 162 52.64 23.64 61.81
CA CYS BA 162 52.40 23.57 60.37
C CYS BA 162 53.37 24.46 59.60
N ARG BA 163 53.67 24.01 58.37
CA ARG BA 163 54.46 24.77 57.43
C ARG BA 163 53.55 25.28 56.33
N ILE BA 164 53.55 26.59 56.10
CA ILE BA 164 52.84 27.20 55.01
C ILE BA 164 53.83 27.52 53.92
N GLY BA 165 53.62 26.93 52.73
CA GLY BA 165 54.60 26.94 51.64
C GLY BA 165 54.70 28.26 50.95
N ALA BA 166 55.85 28.45 50.27
CA ALA BA 166 56.04 29.70 49.51
C ALA BA 166 54.91 29.88 48.50
N HIS BA 167 54.42 31.12 48.38
CA HIS BA 167 53.43 31.52 47.38
C HIS BA 167 52.08 30.83 47.58
N SER BA 168 51.92 30.17 48.71
CA SER BA 168 50.69 29.49 48.95
C SER BA 168 49.65 30.51 49.38
N PHE BA 169 48.38 30.10 49.42
CA PHE BA 169 47.28 31.00 49.67
C PHE BA 169 46.16 30.26 50.42
N SER BA 170 45.68 30.85 51.50
CA SER BA 170 44.57 30.31 52.22
C SER BA 170 43.36 31.23 52.03
N GLY BA 171 42.19 30.65 51.86
CA GLY BA 171 40.95 31.38 51.77
C GLY BA 171 40.46 31.81 53.12
N MET BA 172 39.42 32.63 53.17
CA MET BA 172 39.11 33.21 54.41
C MET BA 172 38.37 32.20 55.29
N GLY BA 173 38.68 32.25 56.60
CA GLY BA 173 38.16 31.34 57.58
C GLY BA 173 38.74 29.96 57.45
N SER BA 174 39.90 29.83 56.81
CA SER BA 174 40.57 28.56 56.71
C SER BA 174 41.06 28.09 58.07
N ALA BA 175 40.98 26.78 58.30
CA ALA BA 175 41.50 26.16 59.51
C ALA BA 175 42.50 25.08 59.08
N ILE BA 176 43.79 25.40 59.16
CA ILE BA 176 44.84 24.61 58.60
C ILE BA 176 45.48 23.74 59.67
N GLY BA 177 45.50 22.42 59.45
CA GLY BA 177 46.00 21.46 60.41
C GLY BA 177 47.17 20.64 59.90
N LYS BA 178 47.54 20.76 58.63
CA LYS BA 178 48.67 20.05 58.07
C LYS BA 178 49.43 21.02 57.17
N ASP BA 179 50.59 20.62 56.64
CA ASP BA 179 51.38 21.54 55.84
C ASP BA 179 50.59 21.95 54.58
N VAL BA 180 50.83 23.17 54.12
CA VAL BA 180 50.33 23.60 52.87
C VAL BA 180 51.51 23.64 51.92
N PRO BA 181 51.51 22.82 50.86
CA PRO BA 181 52.64 22.81 49.93
C PRO BA 181 52.73 24.17 49.24
N ALA BA 182 53.91 24.47 48.73
CA ALA BA 182 54.13 25.71 48.00
C ALA BA 182 53.09 25.84 46.86
N TYR BA 183 52.66 27.08 46.62
CA TYR BA 183 51.79 27.46 45.55
C TYR BA 183 50.32 27.02 45.76
N VAL BA 184 50.02 26.17 46.74
CA VAL BA 184 48.70 25.59 46.80
C VAL BA 184 47.69 26.57 47.41
N THR BA 185 46.45 26.53 46.95
CA THR BA 185 45.37 27.28 47.58
C THR BA 185 44.51 26.33 48.41
N VAL BA 186 44.15 26.74 49.62
CA VAL BA 186 43.36 25.93 50.54
C VAL BA 186 42.19 26.73 51.08
N PHE BA 187 41.10 26.04 51.41
CA PHE BA 187 39.85 26.67 51.83
C PHE BA 187 39.14 25.78 52.84
N GLY BA 188 38.50 26.42 53.81
CA GLY BA 188 37.48 25.77 54.64
C GLY BA 188 38.07 25.30 55.97
N ASN BA 189 37.16 24.73 56.78
CA ASN BA 189 37.46 24.24 58.10
C ASN BA 189 36.83 22.87 58.24
N PRO BA 190 37.62 21.80 58.08
CA PRO BA 190 39.08 21.84 57.90
C PRO BA 190 39.52 22.17 56.48
N ALA BA 191 40.70 22.76 56.35
CA ALA BA 191 41.19 23.24 55.08
C ALA BA 191 41.38 22.10 54.11
N GLU BA 192 41.02 22.34 52.83
CA GLU BA 192 41.17 21.43 51.72
C GLU BA 192 41.91 22.17 50.60
N ALA BA 193 42.75 21.44 49.88
CA ALA BA 193 43.45 21.96 48.71
C ALA BA 193 42.42 22.06 47.58
N ARG BA 194 42.50 23.13 46.80
CA ARG BA 194 41.57 23.38 45.74
C ARG BA 194 42.32 23.52 44.41
N SER BA 195 43.36 24.35 44.38
CA SER BA 195 44.07 24.65 43.16
C SER BA 195 45.46 25.19 43.51
N MET BA 196 46.04 25.97 42.59
CA MET BA 196 47.30 26.62 42.82
C MET BA 196 47.11 28.13 42.62
N ASN BA 197 48.02 28.89 43.22
CA ASN BA 197 47.94 30.31 43.28
C ASN BA 197 48.53 30.89 41.99
N PHE BA 198 47.78 30.80 40.91
CA PHE BA 198 48.25 31.22 39.62
C PHE BA 198 48.43 32.73 39.56
N GLU BA 199 47.54 33.45 40.24
CA GLU BA 199 47.64 34.90 40.34
C GLU BA 199 49.04 35.28 40.84
N GLY BA 200 49.50 34.57 41.89
CA GLY BA 200 50.79 34.80 42.49
C GLY BA 200 51.94 34.54 41.53
N MET BA 201 51.81 33.50 40.71
CA MET BA 201 52.84 33.13 39.74
C MET BA 201 52.93 34.19 38.64
N ARG BA 202 51.77 34.79 38.31
CA ARG BA 202 51.71 35.81 37.28
C ARG BA 202 52.54 37.01 37.73
N ARG BA 203 52.30 37.46 38.97
CA ARG BA 203 52.96 38.61 39.57
C ARG BA 203 54.47 38.39 39.69
N ARG BA 204 54.93 37.19 39.96
CA ARG BA 204 56.38 36.95 40.08
C ARG BA 204 56.96 36.70 38.64
N GLY BA 205 56.14 36.77 37.59
CA GLY BA 205 56.59 36.65 36.22
C GLY BA 205 57.08 35.26 35.85
N PHE BA 206 56.46 34.22 36.37
CA PHE BA 206 56.80 32.85 35.99
C PHE BA 206 56.54 32.65 34.50
N SER BA 207 57.34 31.80 33.86
CA SER BA 207 57.09 31.47 32.47
C SER BA 207 55.75 30.74 32.36
N SER BA 208 55.18 30.74 31.16
CA SER BA 208 53.93 30.09 30.94
C SER BA 208 54.13 28.56 30.94
N GLU BA 209 55.31 28.08 30.57
CA GLU BA 209 55.64 26.63 30.56
C GLU BA 209 55.72 26.13 32.01
N ALA BA 210 56.19 26.99 32.92
CA ALA BA 210 56.36 26.63 34.30
C ALA BA 210 55.00 26.58 35.02
N ILE BA 211 54.11 27.51 34.65
CA ILE BA 211 52.78 27.55 35.22
C ILE BA 211 52.05 26.26 34.85
N HIS BA 212 52.15 25.86 33.58
CA HIS BA 212 51.52 24.65 33.11
C HIS BA 212 52.09 23.44 33.86
N ALA BA 213 53.40 23.44 34.11
CA ALA BA 213 54.06 22.31 34.73
C ALA BA 213 53.57 22.17 36.17
N LEU BA 214 53.31 23.31 36.82
CA LEU BA 214 52.87 23.32 38.15
C LEU BA 214 51.41 22.88 38.25
N ARG BA 215 50.60 23.15 37.23
CA ARG BA 215 49.25 22.65 37.25
C ARG BA 215 49.26 21.14 37.13
N ARG BA 216 50.12 20.60 36.27
CA ARG BA 216 50.19 19.15 36.10
C ARG BA 216 50.69 18.54 37.41
N ALA BA 217 51.58 19.24 38.10
CA ALA BA 217 52.13 18.76 39.35
C ALA BA 217 51.03 18.67 40.40
N TYR BA 218 50.16 19.66 40.43
CA TYR BA 218 49.03 19.67 41.34
C TYR BA 218 48.20 18.43 41.08
N LYS BA 219 47.90 18.16 39.82
CA LYS BA 219 47.05 17.04 39.43
C LYS BA 219 47.68 15.70 39.84
N VAL BA 220 49.00 15.58 39.78
CA VAL BA 220 49.69 14.35 40.13
C VAL BA 220 49.47 14.02 41.62
N VAL BA 221 49.61 15.06 42.45
CA VAL BA 221 49.56 14.94 43.89
C VAL BA 221 48.13 14.74 44.38
N TYR BA 222 47.16 15.42 43.73
CA TYR BA 222 45.84 15.63 44.32
C TYR BA 222 44.71 14.94 43.52
N ARG BA 223 44.83 14.75 42.21
CA ARG BA 223 43.65 14.47 41.37
C ARG BA 223 43.85 13.14 40.62
N GLN BA 224 44.76 12.26 41.04
CA GLN BA 224 45.06 11.07 40.20
C GLN BA 224 45.15 9.80 41.04
N GLY BA 225 44.64 9.82 42.26
CA GLY BA 225 44.66 8.66 43.14
C GLY BA 225 46.04 8.22 43.56
N HIS BA 226 47.08 9.05 43.44
CA HIS BA 226 48.42 8.62 43.86
C HIS BA 226 48.53 8.74 45.37
N THR BA 227 49.26 7.84 46.01
CA THR BA 227 49.71 8.06 47.39
C THR BA 227 50.77 9.16 47.33
N VAL BA 228 51.16 9.71 48.47
CA VAL BA 228 52.10 10.79 48.45
C VAL BA 228 53.46 10.29 47.94
N GLU BA 229 53.83 9.06 48.29
CA GLU BA 229 55.10 8.43 47.85
C GLU BA 229 55.09 8.30 46.32
N GLU BA 230 53.98 7.81 45.75
CA GLU BA 230 53.87 7.60 44.32
C GLU BA 230 53.94 8.94 43.57
N ALA BA 231 53.37 9.98 44.17
CA ALA BA 231 53.34 11.31 43.56
C ALA BA 231 54.75 11.89 43.49
N LEU BA 232 55.49 11.78 44.59
CA LEU BA 232 56.86 12.27 44.64
C LEU BA 232 57.71 11.63 43.53
N ALA BA 233 57.50 10.34 43.28
CA ALA BA 233 58.22 9.60 42.28
C ALA BA 233 57.85 10.12 40.89
N GLU BA 234 56.57 10.39 40.67
CA GLU BA 234 56.09 10.86 39.41
C GLU BA 234 56.60 12.29 39.12
N LEU BA 235 56.68 13.11 40.16
CA LEU BA 235 57.15 14.48 40.05
C LEU BA 235 58.64 14.58 39.76
N ALA BA 236 59.42 13.50 39.93
CA ALA BA 236 60.87 13.59 39.82
C ALA BA 236 61.30 14.20 38.47
N GLU BA 237 60.68 13.75 37.36
CA GLU BA 237 61.00 14.22 36.01
C GLU BA 237 60.78 15.74 35.93
N SER BA 238 59.57 16.14 36.29
CA SER BA 238 59.08 17.50 36.14
C SER BA 238 59.89 18.47 37.05
N ALA BA 239 60.40 17.98 38.19
CA ALA BA 239 61.15 18.78 39.13
C ALA BA 239 62.58 19.01 38.64
N ALA BA 240 63.09 18.13 37.80
CA ALA BA 240 64.38 18.32 37.23
C ALA BA 240 64.32 19.29 36.05
N GLN BA 241 63.15 19.41 35.43
CA GLN BA 241 62.93 20.23 34.27
C GLN BA 241 62.68 21.69 34.70
N PHE BA 242 62.07 21.92 35.86
CA PHE BA 242 61.61 23.24 36.27
C PHE BA 242 61.97 23.52 37.73
N PRO BA 243 62.85 24.51 38.01
CA PRO BA 243 63.12 24.94 39.39
C PRO BA 243 61.86 25.17 40.23
N GLU BA 244 60.81 25.66 39.59
CA GLU BA 244 59.56 26.06 40.25
C GLU BA 244 58.82 24.82 40.75
N VAL BA 245 58.86 23.73 39.96
CA VAL BA 245 58.22 22.49 40.36
C VAL BA 245 59.05 21.84 41.49
N ALA BA 246 60.38 21.98 41.44
CA ALA BA 246 61.22 21.42 42.48
C ALA BA 246 60.84 22.01 43.85
N VAL BA 247 60.53 23.31 43.90
CA VAL BA 247 60.09 23.96 45.13
C VAL BA 247 58.84 23.26 45.67
N PHE BA 248 57.92 22.93 44.77
CA PHE BA 248 56.67 22.26 45.11
C PHE BA 248 56.96 20.83 45.61
N ARG BA 249 57.78 20.07 44.87
CA ARG BA 249 58.11 18.71 45.29
C ARG BA 249 58.79 18.79 46.66
N ASP BA 250 59.72 19.72 46.86
CA ASP BA 250 60.51 19.79 48.09
C ASP BA 250 59.59 20.09 49.28
N SER BA 251 58.55 20.90 49.08
CA SER BA 251 57.63 21.22 50.17
C SER BA 251 56.81 20.00 50.59
N ILE BA 252 56.48 19.11 49.66
CA ILE BA 252 55.75 17.88 49.95
C ILE BA 252 56.69 16.85 50.58
N GLN BA 253 57.88 16.70 50.01
CA GLN BA 253 58.91 15.81 50.52
C GLN BA 253 59.05 15.99 52.03
N SER BA 254 59.23 17.25 52.45
CA SER BA 254 59.69 17.59 53.79
C SER BA 254 58.49 17.72 54.74
N ALA BA 255 57.39 17.07 54.40
CA ALA BA 255 56.17 17.17 55.16
C ALA BA 255 55.77 15.78 55.64
N THR BA 256 56.44 14.75 55.13
CA THR BA 256 55.82 13.43 54.97
C THR BA 256 56.88 12.33 55.13
N ARG BA 257 57.49 12.19 56.29
CA ARG BA 257 58.46 11.09 56.41
C ARG BA 257 57.73 9.70 56.39
N GLY BA 258 56.70 9.50 57.23
CA GLY BA 258 55.97 8.23 57.30
C GLY BA 258 56.70 7.23 58.18
N ILE BA 259 56.18 5.99 58.26
CA ILE BA 259 56.71 5.00 59.16
C ILE BA 259 56.98 3.66 58.44
N THR BA 260 58.00 2.96 58.93
CA THR BA 260 58.31 1.69 58.43
C THR BA 260 57.05 0.83 58.59
N ARG BA 261 56.52 0.33 57.46
CA ARG BA 261 55.38 -0.58 57.41
C ARG BA 261 55.83 -1.97 56.93
N SER CA 5 35.35 69.32 82.86
CA SER CA 5 35.02 69.78 81.50
C SER CA 5 34.65 68.54 80.65
N LEU CA 6 34.09 68.75 79.46
CA LEU CA 6 33.52 67.66 78.67
C LEU CA 6 34.62 66.97 77.86
N ILE CA 7 35.75 67.65 77.67
CA ILE CA 7 36.86 67.12 76.96
C ILE CA 7 37.98 66.91 77.97
N ASP CA 8 38.38 65.66 78.13
CA ASP CA 8 39.35 65.35 79.14
C ASP CA 8 40.63 66.11 78.81
N PRO CA 9 41.30 66.70 79.82
CA PRO CA 9 42.59 67.34 79.57
C PRO CA 9 43.67 66.35 79.10
N ARG CA 10 43.50 65.06 79.35
CA ARG CA 10 44.48 64.07 78.91
C ARG CA 10 44.27 63.65 77.44
N ALA CA 11 43.21 64.14 76.79
CA ALA CA 11 42.96 63.84 75.35
C ALA CA 11 43.77 64.80 74.48
N ILE CA 12 43.93 64.45 73.21
CA ILE CA 12 44.60 65.30 72.23
C ILE CA 12 43.61 65.65 71.13
N ILE CA 13 43.40 66.93 70.91
CA ILE CA 13 42.49 67.42 69.91
C ILE CA 13 43.29 68.25 68.91
N ASP CA 14 43.29 67.84 67.65
CA ASP CA 14 44.01 68.58 66.65
C ASP CA 14 43.37 69.97 66.50
N PRO CA 15 44.19 71.03 66.31
CA PRO CA 15 43.67 72.36 66.01
C PRO CA 15 42.59 72.41 64.91
N SER CA 16 42.71 71.55 63.89
CA SER CA 16 41.83 71.58 62.70
C SER CA 16 40.60 70.65 62.86
N ALA CA 17 40.44 70.01 64.02
CA ALA CA 17 39.21 69.27 64.32
C ALA CA 17 38.09 70.24 64.67
N ARG CA 18 36.85 69.84 64.40
CA ARG CA 18 35.68 70.67 64.63
C ARG CA 18 34.65 69.85 65.42
N LEU CA 19 34.50 70.17 66.71
CA LEU CA 19 33.61 69.49 67.64
C LEU CA 19 32.43 70.39 67.99
N ALA CA 20 31.20 69.88 67.92
CA ALA CA 20 30.05 70.58 68.41
C ALA CA 20 30.21 70.85 69.92
N ALA CA 21 29.37 71.76 70.42
CA ALA CA 21 29.54 72.36 71.76
C ALA CA 21 29.58 71.29 72.86
N ASP CA 22 28.75 70.24 72.79
CA ASP CA 22 28.53 69.34 73.95
C ASP CA 22 29.09 67.94 73.69
N VAL CA 23 30.10 67.85 72.83
CA VAL CA 23 30.77 66.59 72.59
C VAL CA 23 31.61 66.26 73.84
N GLN CA 24 31.67 64.97 74.19
CA GLN CA 24 32.52 64.48 75.26
C GLN CA 24 33.63 63.60 74.68
N VAL CA 25 34.85 63.78 75.21
CA VAL CA 25 35.98 62.98 74.80
C VAL CA 25 36.71 62.51 76.06
N GLY CA 26 36.90 61.20 76.15
CA GLY CA 26 37.53 60.58 77.27
C GLY CA 26 39.05 60.78 77.27
N PRO CA 27 39.71 60.40 78.37
CA PRO CA 27 41.16 60.54 78.49
C PRO CA 27 41.91 59.66 77.48
N TRP CA 28 43.06 60.15 77.01
CA TRP CA 28 43.99 59.42 76.16
C TRP CA 28 43.37 59.06 74.80
N SER CA 29 42.42 59.88 74.34
CA SER CA 29 41.86 59.74 73.04
C SER CA 29 42.51 60.77 72.12
N ILE CA 30 42.61 60.44 70.84
CA ILE CA 30 43.13 61.35 69.84
C ILE CA 30 42.01 61.68 68.87
N VAL CA 31 41.73 62.98 68.71
CA VAL CA 31 40.87 63.44 67.65
C VAL CA 31 41.76 64.15 66.63
N GLY CA 32 42.09 63.44 65.55
CA GLY CA 32 43.08 63.87 64.57
C GLY CA 32 42.58 65.02 63.70
N ALA CA 33 43.48 65.50 62.84
CA ALA CA 33 43.20 66.55 61.89
C ALA CA 33 41.97 66.17 61.06
N GLU CA 34 41.11 67.17 60.80
CA GLU CA 34 40.01 67.09 59.85
C GLU CA 34 38.93 66.10 60.30
N VAL CA 35 38.77 65.93 61.60
CA VAL CA 35 37.69 65.18 62.15
C VAL CA 35 36.62 66.13 62.62
N GLU CA 36 35.38 65.83 62.28
CA GLU CA 36 34.25 66.66 62.60
C GLU CA 36 33.28 65.79 63.41
N ILE CA 37 32.82 66.27 64.57
CA ILE CA 37 31.99 65.48 65.47
C ILE CA 37 30.74 66.26 65.86
N GLY CA 38 29.57 65.63 65.68
CA GLY CA 38 28.28 66.26 65.85
C GLY CA 38 27.79 66.25 67.29
N GLU CA 39 26.81 67.14 67.53
CA GLU CA 39 26.08 67.34 68.77
C GLU CA 39 25.81 66.01 69.50
N GLY CA 40 26.23 65.93 70.77
CA GLY CA 40 25.77 64.91 71.73
C GLY CA 40 26.55 63.59 71.62
N THR CA 41 27.56 63.54 70.77
CA THR CA 41 28.38 62.37 70.59
C THR CA 41 29.34 62.25 71.77
N VAL CA 42 29.67 61.01 72.13
CA VAL CA 42 30.55 60.68 73.24
C VAL CA 42 31.66 59.76 72.73
N ILE CA 43 32.90 60.23 72.84
CA ILE CA 43 34.07 59.45 72.57
C ILE CA 43 34.61 58.95 73.89
N GLY CA 44 34.81 57.65 73.99
CA GLY CA 44 35.33 57.03 75.18
C GLY CA 44 36.81 57.32 75.35
N PRO CA 45 37.46 56.68 76.33
CA PRO CA 45 38.92 56.78 76.48
C PRO CA 45 39.61 55.89 75.45
N HIS CA 46 40.90 56.13 75.20
CA HIS CA 46 41.71 55.26 74.35
C HIS CA 46 41.08 55.08 72.96
N VAL CA 47 40.57 56.15 72.36
CA VAL CA 47 40.04 56.07 71.01
C VAL CA 47 40.96 56.84 70.09
N VAL CA 48 41.10 56.36 68.86
CA VAL CA 48 41.87 57.05 67.86
C VAL CA 48 40.93 57.41 66.70
N LEU CA 49 40.69 58.70 66.48
CA LEU CA 49 39.98 59.17 65.31
C LEU CA 49 40.98 59.80 64.35
N LYS CA 50 40.81 59.50 63.07
CA LYS CA 50 41.63 60.06 62.03
C LYS CA 50 40.72 60.51 60.88
N GLY CA 51 41.20 61.47 60.09
CA GLY CA 51 40.37 62.16 59.10
C GLY CA 51 40.94 62.01 57.67
N PRO CA 52 40.19 62.52 56.67
CA PRO CA 52 38.97 63.30 56.81
C PRO CA 52 37.71 62.50 57.19
N THR CA 53 37.11 62.80 58.33
CA THR CA 53 36.05 62.01 58.88
C THR CA 53 34.96 62.92 59.42
N LYS CA 54 33.71 62.57 59.15
CA LYS CA 54 32.57 63.30 59.62
C LYS CA 54 31.71 62.35 60.46
N ILE CA 55 31.52 62.67 61.74
CA ILE CA 55 30.72 61.88 62.64
C ILE CA 55 29.51 62.71 63.05
N GLY CA 56 28.32 62.12 62.95
CA GLY CA 56 27.08 62.81 63.21
C GLY CA 56 26.78 62.94 64.69
N LYS CA 57 25.49 62.94 65.02
CA LYS CA 57 24.97 63.34 66.33
C LYS CA 57 24.63 62.10 67.15
N HIS CA 58 24.86 62.19 68.46
CA HIS CA 58 24.42 61.20 69.45
C HIS CA 58 25.04 59.83 69.19
N ASN CA 59 26.31 59.80 68.76
CA ASN CA 59 27.04 58.54 68.64
C ASN CA 59 27.73 58.25 69.98
N ARG CA 60 28.03 56.96 70.18
CA ARG CA 60 28.79 56.48 71.35
CA ARG CA 60 28.86 56.53 71.34
C ARG CA 60 29.92 55.64 70.71
N ILE CA 61 31.18 55.99 70.97
CA ILE CA 61 32.35 55.21 70.45
C ILE CA 61 33.23 54.75 71.62
N TYR CA 62 33.45 53.44 71.74
CA TYR CA 62 34.08 52.87 72.92
C TYR CA 62 35.59 52.71 72.71
N GLN CA 63 36.25 52.41 73.83
CA GLN CA 63 37.70 52.31 73.95
C GLN CA 63 38.30 51.36 72.90
N PHE CA 64 39.50 51.72 72.43
CA PHE CA 64 40.40 50.86 71.62
C PHE CA 64 39.97 50.77 70.15
N SER CA 65 38.99 51.59 69.79
CA SER CA 65 38.53 51.74 68.44
C SER CA 65 39.48 52.65 67.68
N SER CA 66 39.74 52.28 66.42
CA SER CA 66 40.49 53.11 65.48
C SER CA 66 39.53 53.41 64.32
N VAL CA 67 39.03 54.64 64.27
CA VAL CA 67 38.02 55.04 63.33
C VAL CA 67 38.60 56.11 62.41
N GLY CA 68 38.71 55.77 61.12
CA GLY CA 68 39.16 56.73 60.12
C GLY CA 68 40.57 56.48 59.68
N GLU CA 69 41.08 55.29 59.97
CA GLU CA 69 42.44 54.92 59.66
C GLU CA 69 42.52 54.64 58.15
N ASP CA 70 43.71 54.71 57.55
CA ASP CA 70 43.88 54.38 56.13
C ASP CA 70 43.75 52.86 55.95
N THR CA 71 43.17 52.36 54.84
CA THR CA 71 43.34 50.92 54.61
C THR CA 71 44.80 50.61 54.37
N PRO CA 72 45.25 49.40 54.69
CA PRO CA 72 46.59 48.96 54.30
C PRO CA 72 46.65 48.41 52.87
N ASP CA 73 45.50 48.25 52.20
CA ASP CA 73 45.44 47.79 50.82
C ASP CA 73 46.51 48.53 50.02
N LEU CA 74 47.28 47.81 49.21
CA LEU CA 74 48.46 48.39 48.52
C LEU CA 74 47.96 49.21 47.31
N LYS CA 75 46.68 49.06 47.00
CA LYS CA 75 45.85 49.89 46.11
C LYS CA 75 45.87 51.38 46.51
N TYR CA 76 45.80 51.68 47.80
CA TYR CA 76 45.68 53.06 48.35
C TYR CA 76 47.08 53.68 48.52
N LYS CA 77 47.29 54.89 47.97
CA LYS CA 77 48.60 55.57 47.94
C LYS CA 77 48.57 56.94 48.66
N GLY CA 78 47.70 57.12 49.65
CA GLY CA 78 47.74 58.30 50.54
C GLY CA 78 46.84 59.46 50.14
N GLU CA 79 45.90 59.23 49.20
CA GLU CA 79 44.96 60.28 48.70
C GLU CA 79 43.96 60.65 49.80
N PRO CA 80 43.30 61.84 49.74
CA PRO CA 80 42.48 62.32 50.86
C PRO CA 80 41.03 61.81 50.78
N THR CA 81 40.81 60.56 51.19
CA THR CA 81 39.52 59.92 51.12
C THR CA 81 38.79 60.12 52.44
N ARG CA 82 37.50 59.78 52.46
CA ARG CA 82 36.61 60.23 53.53
C ARG CA 82 36.01 59.02 54.25
N LEU CA 83 35.55 59.26 55.49
CA LEU CA 83 34.66 58.40 56.21
C LEU CA 83 33.50 59.23 56.73
N VAL CA 84 32.27 58.75 56.56
CA VAL CA 84 31.09 59.46 57.03
C VAL CA 84 30.27 58.53 57.91
N ILE CA 85 29.96 58.98 59.13
CA ILE CA 85 29.10 58.27 60.04
C ILE CA 85 27.92 59.15 60.41
N GLY CA 86 26.74 58.55 60.41
CA GLY CA 86 25.50 59.27 60.68
C GLY CA 86 25.26 59.46 62.17
N ASP CA 87 23.99 59.32 62.55
CA ASP CA 87 23.47 59.67 63.84
C ASP CA 87 23.12 58.40 64.62
N HIS CA 88 23.20 58.47 65.96
CA HIS CA 88 22.67 57.46 66.90
C HIS CA 88 23.31 56.08 66.71
N ASN CA 89 24.59 56.04 66.35
CA ASN CA 89 25.28 54.78 66.20
C ASN CA 89 26.01 54.47 67.51
N VAL CA 90 26.23 53.17 67.71
CA VAL CA 90 27.02 52.67 68.82
C VAL CA 90 28.15 51.82 68.21
N ILE CA 91 29.38 52.19 68.51
CA ILE CA 91 30.55 51.50 68.06
C ILE CA 91 31.30 51.00 69.29
N ARG CA 92 31.34 49.68 69.48
CA ARG CA 92 31.84 49.09 70.69
C ARG CA 92 33.36 48.96 70.63
N GLU CA 93 33.90 48.27 71.63
CA GLU CA 93 35.32 48.30 71.92
C GLU CA 93 36.08 47.61 70.77
N GLY CA 94 37.14 48.27 70.31
CA GLY CA 94 38.12 47.67 69.44
C GLY CA 94 37.73 47.67 67.96
N VAL CA 95 36.68 48.38 67.59
CA VAL CA 95 36.23 48.39 66.22
C VAL CA 95 37.23 49.15 65.36
N THR CA 96 37.46 48.66 64.15
CA THR CA 96 38.25 49.35 63.13
C THR CA 96 37.36 49.72 61.95
N ILE CA 97 37.44 50.98 61.52
CA ILE CA 97 36.72 51.48 60.38
C ILE CA 97 37.71 52.25 59.53
N HIS CA 98 37.82 51.86 58.26
CA HIS CA 98 38.77 52.46 57.36
C HIS CA 98 38.06 53.44 56.41
N ARG CA 99 38.77 54.48 55.99
CA ARG CA 99 38.28 55.41 54.99
C ARG CA 99 38.38 54.76 53.62
N GLY CA 100 37.77 55.39 52.61
CA GLY CA 100 37.65 54.86 51.26
C GLY CA 100 38.94 54.94 50.47
N THR CA 101 38.80 54.62 49.16
CA THR CA 101 39.87 54.58 48.17
C THR CA 101 39.38 55.30 46.91
N VAL CA 102 40.32 55.89 46.14
CA VAL CA 102 39.94 56.66 44.97
C VAL CA 102 39.38 55.76 43.87
N GLN CA 103 39.67 54.46 43.90
CA GLN CA 103 39.26 53.54 42.86
C GLN CA 103 37.74 53.24 42.94
N ASP CA 104 37.06 53.61 44.04
CA ASP CA 104 35.59 53.43 44.14
C ASP CA 104 34.92 54.82 44.29
N ARG CA 105 34.42 55.16 45.48
CA ARG CA 105 33.69 56.41 45.67
C ARG CA 105 34.45 57.35 46.62
N ALA CA 106 35.61 56.90 47.10
CA ALA CA 106 36.48 57.71 47.95
C ALA CA 106 35.84 57.93 49.32
N GLU CA 107 34.95 57.03 49.72
CA GLU CA 107 34.16 57.26 50.93
C GLU CA 107 33.66 55.94 51.48
N THR CA 108 33.97 55.69 52.76
CA THR CA 108 33.31 54.68 53.55
C THR CA 108 32.16 55.37 54.28
N THR CA 109 30.97 54.78 54.28
CA THR CA 109 29.82 55.52 54.79
C THR CA 109 29.00 54.60 55.70
N ILE CA 110 28.51 55.16 56.81
CA ILE CA 110 27.65 54.48 57.76
C ILE CA 110 26.45 55.39 58.07
N GLY CA 111 25.27 54.79 58.07
CA GLY CA 111 24.03 55.52 58.28
C GLY CA 111 23.74 55.76 59.75
N ASP CA 112 22.48 55.53 60.14
CA ASP CA 112 21.95 55.90 61.43
C ASP CA 112 21.53 54.66 62.21
N HIS CA 113 21.54 54.74 63.55
CA HIS CA 113 20.96 53.72 64.46
C HIS CA 113 21.62 52.36 64.26
N ASN CA 114 22.91 52.31 63.96
CA ASN CA 114 23.57 51.03 63.78
C ASN CA 114 24.25 50.65 65.09
N LEU CA 115 24.41 49.35 65.30
CA LEU CA 115 25.14 48.82 66.42
C LEU CA 115 26.28 47.96 65.87
N ILE CA 116 27.51 48.39 66.11
CA ILE CA 116 28.66 47.67 65.65
C ILE CA 116 29.44 47.21 66.87
N MET CA 117 29.47 45.89 67.07
CA MET CA 117 29.90 45.34 68.32
C MET CA 117 31.41 45.08 68.26
N ALA CA 118 31.95 44.59 69.38
CA ALA CA 118 33.37 44.62 69.62
C ALA CA 118 34.16 43.97 68.49
N TYR CA 119 35.27 44.60 68.12
CA TYR CA 119 36.32 44.01 67.27
C TYR CA 119 35.82 43.84 65.84
N ALA CA 120 34.67 44.41 65.48
CA ALA CA 120 34.22 44.35 64.11
C ALA CA 120 35.13 45.22 63.25
N HIS CA 121 35.21 44.89 61.96
CA HIS CA 121 36.03 45.59 61.00
C HIS CA 121 35.18 46.02 59.81
N ILE CA 122 35.29 47.30 59.45
CA ILE CA 122 34.57 47.84 58.32
C ILE CA 122 35.57 48.40 57.32
N GLY CA 123 35.77 47.63 56.25
CA GLY CA 123 36.82 47.88 55.29
C GLY CA 123 36.50 49.04 54.37
N HIS CA 124 37.54 49.52 53.70
CA HIS CA 124 37.44 50.65 52.83
C HIS CA 124 36.23 50.53 51.90
N ASP CA 125 35.50 51.64 51.76
CA ASP CA 125 34.52 51.84 50.73
C ASP CA 125 33.23 51.08 51.03
N SER CA 126 33.11 50.50 52.21
CA SER CA 126 31.91 49.82 52.60
C SER CA 126 30.82 50.86 52.87
N VAL CA 127 29.57 50.42 52.75
CA VAL CA 127 28.43 51.26 52.97
C VAL CA 127 27.44 50.52 53.86
N ILE CA 128 27.13 51.10 55.01
CA ILE CA 128 26.15 50.54 55.87
C ILE CA 128 24.95 51.49 55.94
N GLY CA 129 23.76 50.89 55.95
CA GLY CA 129 22.52 51.62 55.98
C GLY CA 129 22.14 52.02 57.39
N ASN CA 130 20.87 51.79 57.73
CA ASN CA 130 20.36 52.13 59.05
C ASN CA 130 19.86 50.88 59.75
N HIS CA 131 19.90 50.90 61.08
CA HIS CA 131 19.27 49.90 61.93
C HIS CA 131 19.97 48.55 61.81
N CYS CA 132 21.22 48.53 61.35
CA CYS CA 132 21.94 47.28 61.21
C CYS CA 132 22.59 46.90 62.53
N ILE CA 133 22.94 45.62 62.65
CA ILE CA 133 23.66 45.09 63.77
C ILE CA 133 24.79 44.21 63.23
N LEU CA 134 26.02 44.59 63.51
CA LEU CA 134 27.19 43.78 63.23
C LEU CA 134 27.72 43.28 64.56
N VAL CA 135 27.71 41.97 64.74
CA VAL CA 135 28.03 41.42 66.00
C VAL CA 135 29.57 41.23 66.05
N ASN CA 136 30.08 41.01 67.25
CA ASN CA 136 31.49 40.84 67.55
C ASN CA 136 32.24 40.22 66.38
N ASN CA 137 33.30 40.89 65.93
CA ASN CA 137 34.30 40.35 65.00
C ASN CA 137 33.74 40.10 63.60
N THR CA 138 32.61 40.72 63.28
CA THR CA 138 32.16 40.73 61.92
C THR CA 138 33.15 41.55 61.09
N ALA CA 139 33.47 41.09 59.89
CA ALA CA 139 34.48 41.74 59.08
C ALA CA 139 33.98 41.93 57.64
N LEU CA 140 33.93 43.20 57.20
CA LEU CA 140 33.60 43.54 55.82
C LEU CA 140 34.91 43.84 55.10
N ALA CA 141 35.32 43.00 54.16
CA ALA CA 141 36.64 43.12 53.54
C ALA CA 141 36.84 44.44 52.79
N GLY CA 142 35.76 44.99 52.23
CA GLY CA 142 35.80 46.23 51.47
C GLY CA 142 34.75 46.27 50.38
N HIS CA 143 34.26 47.48 50.08
CA HIS CA 143 33.26 47.70 49.07
C HIS CA 143 32.02 46.87 49.37
N VAL CA 144 31.71 46.66 50.65
CA VAL CA 144 30.56 45.86 51.00
C VAL CA 144 29.40 46.80 51.28
N HIS CA 145 28.22 46.50 50.72
CA HIS CA 145 27.02 47.27 50.96
C HIS CA 145 26.11 46.44 51.87
N VAL CA 146 25.77 46.97 53.04
CA VAL CA 146 24.84 46.35 53.95
C VAL CA 146 23.61 47.23 54.04
N ASP CA 147 22.47 46.69 53.63
CA ASP CA 147 21.24 47.45 53.57
C ASP CA 147 20.51 47.35 54.92
N ASP CA 148 19.44 48.13 55.08
CA ASP CA 148 18.82 48.42 56.36
C ASP CA 148 18.39 47.13 57.07
N TRP CA 149 18.55 47.11 58.40
CA TRP CA 149 17.99 46.10 59.34
C TRP CA 149 18.74 44.76 59.24
N ALA CA 150 19.86 44.72 58.53
CA ALA CA 150 20.55 43.47 58.45
C ALA CA 150 21.16 43.14 59.80
N ILE CA 151 21.34 41.85 60.05
CA ILE CA 151 22.03 41.37 61.22
C ILE CA 151 23.09 40.38 60.80
N LEU CA 152 24.34 40.66 61.13
CA LEU CA 152 25.43 39.74 60.88
C LEU CA 152 25.89 39.16 62.22
N SER CA 153 25.65 37.86 62.42
CA SER CA 153 26.03 37.19 63.66
C SER CA 153 27.55 37.25 63.80
N GLY CA 154 28.02 36.91 64.99
CA GLY CA 154 29.42 37.04 65.33
C GLY CA 154 30.33 36.30 64.37
N TYR CA 155 31.48 36.91 64.11
CA TYR CA 155 32.55 36.32 63.31
C TYR CA 155 32.02 35.99 61.91
N THR CA 156 31.10 36.81 61.41
CA THR CA 156 30.72 36.74 60.02
C THR CA 156 31.75 37.49 59.17
N LEU CA 157 32.27 36.84 58.14
CA LEU CA 157 33.22 37.43 57.22
C LEU CA 157 32.54 37.66 55.86
N VAL CA 158 32.77 38.82 55.24
CA VAL CA 158 32.17 39.15 53.97
C VAL CA 158 33.25 39.57 52.97
N HIS CA 159 33.30 38.89 51.82
CA HIS CA 159 34.26 39.19 50.78
C HIS CA 159 33.99 40.54 50.16
N GLN CA 160 35.02 41.08 49.51
CA GLN CA 160 34.94 42.33 48.79
C GLN CA 160 33.75 42.30 47.83
N TYR CA 161 33.00 43.40 47.77
CA TYR CA 161 31.99 43.70 46.75
C TYR CA 161 30.64 43.05 47.04
N CYS CA 162 30.50 42.25 48.10
CA CYS CA 162 29.21 41.61 48.35
C CYS CA 162 28.18 42.60 48.86
N ARG CA 163 26.92 42.34 48.51
CA ARG CA 163 25.79 43.09 48.96
C ARG CA 163 25.02 42.23 49.96
N ILE CA 164 24.81 42.74 51.16
CA ILE CA 164 24.00 42.10 52.18
C ILE CA 164 22.63 42.78 52.19
N GLY CA 165 21.58 42.02 51.93
CA GLY CA 165 20.26 42.56 51.68
C GLY CA 165 19.57 43.03 52.95
N ALA CA 166 18.57 43.89 52.79
CA ALA CA 166 17.76 44.36 53.88
C ALA CA 166 17.14 43.19 54.65
N HIS CA 167 17.17 43.27 55.97
CA HIS CA 167 16.56 42.31 56.89
C HIS CA 167 17.20 40.94 56.81
N SER CA 168 18.33 40.83 56.12
CA SER CA 168 18.95 39.55 55.97
C SER CA 168 19.68 39.21 57.26
N PHE CA 169 20.10 37.97 57.39
CA PHE CA 169 20.67 37.47 58.63
C PHE CA 169 21.72 36.41 58.33
N SER CA 170 22.90 36.57 58.92
CA SER CA 170 23.94 35.57 58.79
C SER CA 170 24.12 34.88 60.15
N GLY CA 171 24.33 33.58 60.13
CA GLY CA 171 24.62 32.81 61.33
C GLY CA 171 26.07 32.98 61.72
N MET CA 172 26.43 32.47 62.88
CA MET CA 172 27.71 32.81 63.38
C MET CA 172 28.79 31.99 62.66
N GLY CA 173 29.93 32.66 62.40
CA GLY CA 173 31.02 32.09 61.66
C GLY CA 173 30.71 31.92 60.18
N SER CA 174 29.74 32.67 59.68
CA SER CA 174 29.42 32.66 58.26
C SER CA 174 30.57 33.26 57.45
N ALA CA 175 30.83 32.69 56.28
CA ALA CA 175 31.81 33.21 55.34
C ALA CA 175 31.07 33.45 54.02
N ILE CA 176 30.76 34.72 53.75
CA ILE CA 176 29.90 35.11 52.66
C ILE CA 176 30.74 35.57 51.48
N GLY CA 177 30.53 34.96 50.32
CA GLY CA 177 31.29 35.23 49.10
C GLY CA 177 30.43 35.72 47.94
N LYS CA 178 29.11 35.74 48.09
CA LYS CA 178 28.21 36.21 47.07
C LYS CA 178 27.12 37.03 47.74
N ASP CA 179 26.28 37.71 46.99
CA ASP CA 179 25.26 38.57 47.60
C ASP CA 179 24.29 37.74 48.45
N VAL CA 180 23.79 38.35 49.51
CA VAL CA 180 22.77 37.76 50.30
C VAL CA 180 21.50 38.52 49.98
N PRO CA 181 20.48 37.88 49.39
CA PRO CA 181 19.25 38.57 49.07
C PRO CA 181 18.60 39.05 50.36
N ALA CA 182 17.73 40.06 50.22
CA ALA CA 182 16.99 40.56 51.33
C ALA CA 182 16.22 39.43 52.01
N TYR CA 183 16.11 39.53 53.33
CA TYR CA 183 15.36 38.63 54.20
C TYR CA 183 16.02 37.26 54.37
N VAL CA 184 17.04 36.91 53.58
CA VAL CA 184 17.50 35.54 53.58
C VAL CA 184 18.39 35.28 54.79
N THR CA 185 18.33 34.06 55.33
CA THR CA 185 19.26 33.64 56.37
C THR CA 185 20.32 32.72 55.75
N VAL CA 186 21.59 32.93 56.10
CA VAL CA 186 22.68 32.14 55.57
C VAL CA 186 23.57 31.66 56.71
N PHE CA 187 24.21 30.51 56.49
CA PHE CA 187 25.00 29.83 57.52
C PHE CA 187 26.19 29.13 56.87
N GLY CA 188 27.32 29.13 57.57
CA GLY CA 188 28.44 28.25 57.28
C GLY CA 188 29.50 28.91 56.46
N ASN CA 189 30.56 28.13 56.21
CA ASN CA 189 31.72 28.53 55.46
C ASN CA 189 32.05 27.43 54.47
N PRO CA 190 31.64 27.59 53.21
CA PRO CA 190 31.02 28.79 52.66
C PRO CA 190 29.52 28.90 52.97
N ALA CA 191 29.03 30.14 53.02
CA ALA CA 191 27.67 30.41 53.43
C ALA CA 191 26.68 29.79 52.46
N GLU CA 192 25.59 29.24 53.01
CA GLU CA 192 24.48 28.65 52.28
C GLU CA 192 23.18 29.26 52.80
N ALA CA 193 22.23 29.48 51.89
CA ALA CA 193 20.91 29.98 52.22
C ALA CA 193 20.14 28.84 52.89
N ARG CA 194 19.38 29.16 53.92
CA ARG CA 194 18.64 28.19 54.66
C ARG CA 194 17.15 28.55 54.66
N SER CA 195 16.81 29.78 54.99
CA SER CA 195 15.43 30.20 55.13
C SER CA 195 15.33 31.72 55.01
N MET CA 196 14.29 32.30 55.61
CA MET CA 196 14.12 33.72 55.67
C MET CA 196 14.00 34.16 57.12
N ASN CA 197 14.30 35.43 57.35
CA ASN CA 197 14.41 35.99 58.65
C ASN CA 197 13.02 36.42 59.11
N PHE CA 198 12.20 35.44 59.50
CA PHE CA 198 10.84 35.71 59.86
C PHE CA 198 10.77 36.50 61.17
N GLU CA 199 11.71 36.23 62.08
CA GLU CA 199 11.82 36.99 63.34
C GLU CA 199 11.88 38.49 63.02
N GLY CA 200 12.70 38.86 62.03
CA GLY CA 200 12.89 40.22 61.59
C GLY CA 200 11.59 40.85 61.06
N MET CA 201 10.83 40.05 60.31
CA MET CA 201 9.58 40.51 59.72
C MET CA 201 8.54 40.74 60.83
N ARG CA 202 8.60 39.92 61.88
CA ARG CA 202 7.68 40.02 62.99
C ARG CA 202 7.88 41.37 63.67
N ARG CA 203 9.15 41.73 63.97
CA ARG CA 203 9.52 42.93 64.65
C ARG CA 203 9.12 44.17 63.84
N ARG CA 204 9.19 44.12 62.51
CA ARG CA 204 8.79 45.26 61.71
C ARG CA 204 7.28 45.30 61.50
N GLY CA 205 6.55 44.32 62.05
CA GLY CA 205 5.10 44.27 61.96
C GLY CA 205 4.61 44.05 60.55
N PHE CA 206 5.29 43.22 59.74
CA PHE CA 206 4.82 42.88 58.42
C PHE CA 206 3.47 42.20 58.51
N SER CA 207 2.64 42.37 57.48
CA SER CA 207 1.38 41.68 57.43
C SER CA 207 1.65 40.18 57.31
N SER CA 208 0.64 39.39 57.68
CA SER CA 208 0.78 37.96 57.62
C SER CA 208 0.76 37.50 56.16
N GLU CA 209 0.07 38.23 55.27
CA GLU CA 209 0.00 37.92 53.83
C GLU CA 209 1.37 38.14 53.20
N ALA CA 210 2.10 39.12 53.68
CA ALA CA 210 3.41 39.47 53.14
C ALA CA 210 4.46 38.45 53.56
N ILE CA 211 4.34 37.98 54.80
CA ILE CA 211 5.25 36.97 55.30
C ILE CA 211 5.10 35.69 54.47
N HIS CA 212 3.85 35.30 54.21
CA HIS CA 212 3.58 34.12 53.42
C HIS CA 212 4.13 34.31 52.00
N ALA CA 213 4.01 35.52 51.45
CA ALA CA 213 4.44 35.79 50.10
C ALA CA 213 5.96 35.66 50.00
N LEU CA 214 6.64 36.05 51.06
CA LEU CA 214 8.06 36.01 51.10
C LEU CA 214 8.54 34.56 51.26
N ARG CA 215 7.78 33.71 51.96
CA ARG CA 215 8.17 32.33 52.05
C ARG CA 215 8.05 31.68 50.67
N ARG CA 216 6.98 31.99 49.92
CA ARG CA 216 6.79 31.43 48.61
C ARG CA 216 7.92 31.92 47.71
N ALA CA 217 8.33 33.16 47.91
CA ALA CA 217 9.39 33.75 47.09
C ALA CA 217 10.70 33.01 47.33
N TYR CA 218 10.98 32.66 48.58
CA TYR CA 218 12.15 31.92 48.91
C TYR CA 218 12.14 30.60 48.13
N LYS CA 219 11.01 29.91 48.17
CA LYS CA 219 10.88 28.61 47.53
C LYS CA 219 11.09 28.72 46.01
N VAL CA 220 10.66 29.81 45.39
CA VAL CA 220 10.78 29.99 43.94
C VAL CA 220 12.28 30.05 43.55
N VAL CA 221 13.04 30.81 44.34
CA VAL CA 221 14.41 31.09 44.05
C VAL CA 221 15.31 29.89 44.38
N TYR CA 222 14.97 29.16 45.45
CA TYR CA 222 15.92 28.23 46.08
C TYR CA 222 15.47 26.77 46.03
N ARG CA 223 14.17 26.45 46.00
CA ARG CA 223 13.73 25.08 46.25
C ARG CA 223 12.95 24.52 45.04
N GLN CA 224 13.09 25.07 43.84
CA GLN CA 224 12.18 24.63 42.75
C GLN CA 224 12.96 24.40 41.43
N GLY CA 225 14.29 24.29 41.52
CA GLY CA 225 15.12 24.06 40.36
C GLY CA 225 15.11 25.18 39.34
N HIS CA 226 14.69 26.40 39.71
CA HIS CA 226 14.68 27.49 38.72
C HIS CA 226 16.09 28.04 38.57
N THR CA 227 16.47 28.48 37.37
CA THR CA 227 17.65 29.31 37.20
C THR CA 227 17.30 30.68 37.79
N VAL CA 228 18.28 31.54 37.99
CA VAL CA 228 18.00 32.80 38.62
C VAL CA 228 17.10 33.65 37.71
N GLU CA 229 17.30 33.57 36.39
CA GLU CA 229 16.48 34.29 35.40
C GLU CA 229 15.02 33.83 35.48
N GLU CA 230 14.81 32.51 35.55
CA GLU CA 230 13.46 31.95 35.60
C GLU CA 230 12.76 32.36 36.91
N ALA CA 231 13.52 32.46 37.99
CA ALA CA 231 12.98 32.83 39.29
C ALA CA 231 12.51 34.28 39.28
N LEU CA 232 13.34 35.17 38.74
CA LEU CA 232 13.00 36.57 38.62
C LEU CA 232 11.69 36.78 37.86
N ALA CA 233 11.48 35.98 36.82
CA ALA CA 233 10.29 36.04 36.00
C ALA CA 233 9.08 35.61 36.82
N GLU CA 234 9.25 34.55 37.60
CA GLU CA 234 8.19 34.00 38.40
C GLU CA 234 7.82 34.98 39.54
N LEU CA 235 8.81 35.66 40.11
CA LEU CA 235 8.60 36.61 41.19
C LEU CA 235 7.89 37.88 40.71
N ALA CA 236 7.83 38.16 39.41
CA ALA CA 236 7.29 39.44 38.93
C ALA CA 236 5.88 39.71 39.48
N GLU CA 237 4.99 38.71 39.47
CA GLU CA 237 3.62 38.84 39.94
C GLU CA 237 3.63 39.27 41.42
N SER CA 238 4.34 38.48 42.22
CA SER CA 238 4.35 38.58 43.67
C SER CA 238 4.99 39.93 44.11
N ALA CA 239 5.92 40.45 43.32
CA ALA CA 239 6.63 41.68 43.61
C ALA CA 239 5.76 42.91 43.32
N ALA CA 240 4.79 42.76 42.43
CA ALA CA 240 3.88 43.84 42.16
C ALA CA 240 2.78 43.88 43.21
N GLN CA 241 2.51 42.75 43.87
CA GLN CA 241 1.47 42.62 44.84
C GLN CA 241 1.96 43.13 46.21
N PHE CA 242 3.26 42.98 46.51
CA PHE CA 242 3.79 43.25 47.84
C PHE CA 242 5.08 44.06 47.76
N PRO CA 243 5.12 45.31 48.28
CA PRO CA 243 6.37 46.07 48.39
C PRO CA 243 7.54 45.29 49.00
N GLU CA 244 7.21 44.40 49.94
CA GLU CA 244 8.18 43.63 50.71
C GLU CA 244 8.85 42.59 49.79
N VAL CA 245 8.09 41.99 48.88
CA VAL CA 245 8.63 41.02 47.95
C VAL CA 245 9.44 41.75 46.88
N ALA CA 246 9.04 42.96 46.51
CA ALA CA 246 9.80 43.74 45.53
C ALA CA 246 11.22 43.99 46.03
N VAL CA 247 11.37 44.26 47.33
CA VAL CA 247 12.70 44.43 47.93
C VAL CA 247 13.56 43.18 47.68
N PHE CA 248 12.94 42.00 47.86
CA PHE CA 248 13.59 40.71 47.66
C PHE CA 248 13.96 40.52 46.19
N ARG CA 249 13.01 40.75 45.28
CA ARG CA 249 13.28 40.60 43.86
C ARG CA 249 14.42 41.56 43.47
N ASP CA 250 14.36 42.81 43.94
CA ASP CA 250 15.31 43.83 43.52
C ASP CA 250 16.72 43.45 43.99
N SER CA 251 16.85 42.81 45.16
CA SER CA 251 18.15 42.41 45.65
C SER CA 251 18.77 41.29 44.78
N ILE CA 252 17.94 40.41 44.24
CA ILE CA 252 18.40 39.34 43.35
C ILE CA 252 18.70 39.90 41.96
N GLN CA 253 17.81 40.76 41.46
CA GLN CA 253 17.98 41.43 40.17
C GLN CA 253 19.40 42.00 40.08
N SER CA 254 19.78 42.77 41.09
CA SER CA 254 20.95 43.64 41.05
C SER CA 254 22.22 42.87 41.48
N ALA CA 255 22.18 41.55 41.34
CA ALA CA 255 23.23 40.70 41.78
C ALA CA 255 23.76 39.89 40.60
N THR CA 256 23.06 39.97 39.47
CA THR CA 256 23.05 38.89 38.48
C THR CA 256 22.91 39.48 37.08
N ARG CA 257 23.92 40.20 36.58
CA ARG CA 257 23.84 40.58 35.17
C ARG CA 257 23.96 39.33 34.25
N GLY CA 258 25.01 38.51 34.43
CA GLY CA 258 25.17 37.29 33.63
C GLY CA 258 25.88 37.59 32.32
N ILE CA 259 26.04 36.57 31.47
CA ILE CA 259 26.71 36.75 30.20
C ILE CA 259 25.87 36.17 29.04
N THR CA 260 25.99 36.81 27.88
CA THR CA 260 25.35 36.36 26.73
C THR CA 260 25.80 34.93 26.49
N ARG CA 261 24.84 33.99 26.49
CA ARG CA 261 25.07 32.57 26.22
C ARG CA 261 24.40 32.19 24.88
N GLY DA 1 57.35 58.76 82.37
CA GLY DA 1 58.42 57.85 82.84
C GLY DA 1 57.85 56.52 83.26
N SER DA 2 58.73 55.61 83.69
CA SER DA 2 58.33 54.37 84.41
C SER DA 2 58.29 54.68 85.92
N HIS DA 3 57.22 54.28 86.60
CA HIS DA 3 57.03 54.39 88.03
C HIS DA 3 56.86 53.01 88.64
N MET DA 4 57.68 52.69 89.65
CA MET DA 4 57.77 51.36 90.22
C MET DA 4 56.87 51.30 91.51
N SER DA 5 56.12 52.36 91.64
CA SER DA 5 55.12 52.47 92.73
C SER DA 5 53.92 51.57 92.40
N LEU DA 6 53.04 51.27 93.36
CA LEU DA 6 52.13 50.09 93.05
C LEU DA 6 51.00 50.60 92.19
N ILE DA 7 50.61 51.85 92.35
CA ILE DA 7 49.55 52.39 91.53
C ILE DA 7 50.14 53.50 90.72
N ASP DA 8 50.20 53.34 89.40
CA ASP DA 8 50.79 54.33 88.55
C ASP DA 8 50.08 55.66 88.78
N PRO DA 9 50.80 56.77 88.88
CA PRO DA 9 50.16 58.08 88.97
C PRO DA 9 49.32 58.44 87.72
N ARG DA 10 49.59 57.80 86.58
CA ARG DA 10 48.83 58.11 85.37
C ARG DA 10 47.53 57.29 85.31
N ALA DA 11 47.27 56.40 86.28
CA ALA DA 11 46.01 55.63 86.33
C ALA DA 11 44.93 56.47 86.99
N ILE DA 12 43.66 56.08 86.78
CA ILE DA 12 42.52 56.75 87.38
C ILE DA 12 41.79 55.75 88.26
N ILE DA 13 41.64 56.08 89.54
CA ILE DA 13 40.98 55.24 90.49
C ILE DA 13 39.77 56.01 91.03
N ASP DA 14 38.58 55.46 90.83
CA ASP DA 14 37.40 56.12 91.31
C ASP DA 14 37.44 56.15 92.84
N PRO DA 15 36.99 57.28 93.46
CA PRO DA 15 36.84 57.33 94.93
C PRO DA 15 36.12 56.13 95.56
N SER DA 16 35.12 55.56 94.87
CA SER DA 16 34.26 54.48 95.41
C SER DA 16 34.80 53.08 95.08
N ALA DA 17 35.98 52.99 94.44
CA ALA DA 17 36.66 51.71 94.24
C ALA DA 17 37.33 51.29 95.55
N ARG DA 18 37.48 49.99 95.74
CA ARG DA 18 38.06 49.42 96.95
C ARG DA 18 39.14 48.41 96.54
N LEU DA 19 40.40 48.79 96.74
CA LEU DA 19 41.58 48.04 96.38
C LEU DA 19 42.29 47.53 97.64
N ALA DA 20 42.62 46.25 97.69
CA ALA DA 20 43.46 45.72 98.75
C ALA DA 20 44.82 46.43 98.70
N ALA DA 21 45.57 46.29 99.81
CA ALA DA 21 46.79 47.09 100.08
C ALA DA 21 47.82 46.95 98.95
N ASP DA 22 48.03 45.76 98.38
CA ASP DA 22 49.20 45.49 97.52
C ASP DA 22 48.78 45.27 96.06
N VAL DA 23 47.64 45.84 95.66
CA VAL DA 23 47.21 45.75 94.29
C VAL DA 23 48.11 46.66 93.45
N GLN DA 24 48.42 46.22 92.23
CA GLN DA 24 49.17 47.00 91.26
C GLN DA 24 48.29 47.42 90.09
N VAL DA 25 48.41 48.66 89.65
CA VAL DA 25 47.67 49.17 88.51
C VAL DA 25 48.65 49.94 87.63
N GLY DA 26 48.68 49.54 86.36
CA GLY DA 26 49.57 50.11 85.38
C GLY DA 26 49.08 51.49 84.91
N PRO DA 27 49.92 52.19 84.13
CA PRO DA 27 49.57 53.49 83.59
C PRO DA 27 48.37 53.48 82.66
N TRP DA 28 47.56 54.55 82.73
CA TRP DA 28 46.45 54.76 81.78
C TRP DA 28 45.37 53.68 81.92
N SER DA 29 45.25 53.13 83.11
CA SER DA 29 44.20 52.21 83.41
C SER DA 29 43.12 52.96 84.21
N ILE DA 30 41.87 52.53 84.03
CA ILE DA 30 40.76 53.09 84.75
C ILE DA 30 40.18 52.00 85.65
N VAL DA 31 40.10 52.29 86.95
CA VAL DA 31 39.37 51.46 87.87
C VAL DA 31 38.11 52.24 88.27
N GLY DA 32 36.99 51.91 87.63
CA GLY DA 32 35.75 52.65 87.73
C GLY DA 32 35.08 52.49 89.09
N ALA DA 33 33.97 53.23 89.24
CA ALA DA 33 33.14 53.19 90.44
C ALA DA 33 32.74 51.74 90.72
N GLU DA 34 32.74 51.39 92.01
CA GLU DA 34 32.18 50.13 92.52
C GLU DA 34 32.95 48.91 92.04
N VAL DA 35 34.24 49.07 91.79
CA VAL DA 35 35.11 47.98 91.51
C VAL DA 35 35.89 47.63 92.78
N GLU DA 36 35.97 46.35 93.07
CA GLU DA 36 36.64 45.84 94.23
C GLU DA 36 37.72 44.87 93.75
N ILE DA 37 38.96 45.03 94.22
CA ILE DA 37 40.09 44.23 93.74
C ILE DA 37 40.85 43.63 94.92
N GLY DA 38 41.04 42.33 94.89
CA GLY DA 38 41.62 41.56 95.98
C GLY DA 38 43.15 41.56 95.98
N GLU DA 39 43.67 41.19 97.15
CA GLU DA 39 45.08 41.02 97.47
C GLU DA 39 45.86 40.40 96.31
N GLY DA 40 46.94 41.09 95.89
CA GLY DA 40 47.99 40.52 95.02
C GLY DA 40 47.66 40.55 93.53
N THR DA 41 46.52 41.14 93.18
CA THR DA 41 46.10 41.26 91.80
C THR DA 41 46.91 42.35 91.13
N VAL DA 42 47.14 42.18 89.83
CA VAL DA 42 47.91 43.10 89.01
C VAL DA 42 47.09 43.48 87.79
N ILE DA 43 46.80 44.76 87.64
CA ILE DA 43 46.17 45.34 86.48
C ILE DA 43 47.29 45.95 85.63
N GLY DA 44 47.33 45.56 84.37
CA GLY DA 44 48.31 46.07 83.43
C GLY DA 44 47.99 47.50 83.04
N PRO DA 45 48.72 48.05 82.04
CA PRO DA 45 48.41 49.37 81.50
C PRO DA 45 47.22 49.27 80.56
N HIS DA 46 46.57 50.40 80.26
CA HIS DA 46 45.51 50.46 79.26
C HIS DA 46 44.40 49.45 79.56
N VAL DA 47 43.98 49.32 80.83
CA VAL DA 47 42.89 48.47 81.15
C VAL DA 47 41.72 49.33 81.60
N VAL DA 48 40.50 48.89 81.25
CA VAL DA 48 39.31 49.55 81.69
C VAL DA 48 38.50 48.59 82.55
N LEU DA 49 38.36 48.89 83.84
CA LEU DA 49 37.48 48.16 84.73
C LEU DA 49 36.23 49.00 84.99
N LYS DA 50 35.07 48.36 84.99
CA LYS DA 50 33.83 49.01 85.27
C LYS DA 50 33.02 48.13 86.21
N GLY DA 51 32.10 48.73 86.98
CA GLY DA 51 31.42 48.05 88.07
C GLY DA 51 29.89 48.07 87.91
N PRO DA 52 29.17 47.37 88.79
CA PRO DA 52 29.68 46.70 89.99
C PRO DA 52 30.44 45.39 89.74
N THR DA 53 31.72 45.35 90.14
CA THR DA 53 32.59 44.26 89.81
C THR DA 53 33.43 43.90 91.02
N LYS DA 54 33.57 42.60 91.28
CA LYS DA 54 34.38 42.08 92.35
C LYS DA 54 35.45 41.18 91.73
N ILE DA 55 36.71 41.52 91.92
CA ILE DA 55 37.84 40.75 91.45
C ILE DA 55 38.60 40.22 92.65
N GLY DA 56 38.90 38.92 92.66
CA GLY DA 56 39.52 38.24 93.77
C GLY DA 56 41.02 38.47 93.81
N LYS DA 57 41.74 37.47 94.32
CA LYS DA 57 43.13 37.58 94.71
C LYS DA 57 44.02 36.97 93.64
N HIS DA 58 45.20 37.59 93.44
CA HIS DA 58 46.28 37.05 92.61
C HIS DA 58 45.86 36.90 91.16
N ASN DA 59 45.05 37.83 90.64
CA ASN DA 59 44.71 37.86 89.23
C ASN DA 59 45.77 38.68 88.49
N ARG DA 60 45.87 38.44 87.19
CA ARG DA 60 46.74 39.20 86.25
CA ARG DA 60 46.69 39.27 86.28
C ARG DA 60 45.76 39.59 85.13
N ILE DA 61 45.61 40.89 84.85
CA ILE DA 61 44.77 41.38 83.72
C ILE DA 61 45.63 42.24 82.78
N TYR DA 62 45.68 41.88 81.49
CA TYR DA 62 46.61 42.49 80.56
C TYR DA 62 45.93 43.65 79.81
N GLN DA 63 46.78 44.40 79.11
CA GLN DA 63 46.44 45.61 78.38
C GLN DA 63 45.26 45.41 77.42
N PHE DA 64 44.43 46.45 77.29
CA PHE DA 64 43.40 46.60 76.25
C PHE DA 64 42.13 45.77 76.54
N SER DA 65 42.10 45.20 77.75
CA SER DA 65 40.97 44.50 78.25
C SER DA 65 39.94 45.49 78.76
N SER DA 66 38.66 45.20 78.50
CA SER DA 66 37.53 45.93 79.06
C SER DA 66 36.74 44.93 79.88
N VAL DA 67 36.84 45.05 81.21
CA VAL DA 67 36.28 44.10 82.14
C VAL DA 67 35.20 44.79 82.97
N GLY DA 68 33.95 44.38 82.80
CA GLY DA 68 32.85 44.90 83.60
C GLY DA 68 31.99 45.87 82.83
N GLU DA 69 32.11 45.84 81.50
CA GLU DA 69 31.41 46.75 80.65
C GLU DA 69 29.94 46.27 80.57
N ASP DA 70 29.00 47.14 80.19
CA ASP DA 70 27.61 46.74 80.01
C ASP DA 70 27.48 45.90 78.74
N THR DA 71 26.62 44.87 78.68
CA THR DA 71 26.37 44.31 77.35
C THR DA 71 25.69 45.33 76.48
N PRO DA 72 25.89 45.24 75.15
CA PRO DA 72 25.11 46.06 74.24
C PRO DA 72 23.74 45.47 73.90
N ASP DA 73 23.46 44.25 74.34
CA ASP DA 73 22.17 43.59 74.15
C ASP DA 73 21.08 44.60 74.46
N LEU DA 74 20.06 44.72 73.59
CA LEU DA 74 19.05 45.80 73.71
C LEU DA 74 18.04 45.38 74.80
N LYS DA 75 18.14 44.12 75.25
CA LYS DA 75 17.55 43.52 76.45
C LYS DA 75 17.90 44.32 77.73
N TYR DA 76 19.15 44.78 77.86
CA TYR DA 76 19.68 45.45 79.07
C TYR DA 76 19.41 46.95 79.01
N LYS DA 77 18.80 47.53 80.06
CA LYS DA 77 18.36 48.95 80.11
C LYS DA 77 19.04 49.74 81.25
N GLY DA 78 20.24 49.34 81.67
CA GLY DA 78 21.07 50.17 82.59
C GLY DA 78 20.94 49.81 84.07
N GLU DA 79 20.35 48.64 84.39
CA GLU DA 79 20.16 48.16 85.78
C GLU DA 79 21.50 47.78 86.40
N PRO DA 80 21.62 47.72 87.76
CA PRO DA 80 22.94 47.56 88.41
C PRO DA 80 23.34 46.09 88.57
N THR DA 81 23.82 45.47 87.49
CA THR DA 81 24.16 44.06 87.48
C THR DA 81 25.63 43.91 87.80
N ARG DA 82 26.07 42.68 88.04
CA ARG DA 82 27.36 42.41 88.67
C ARG DA 82 28.25 41.57 87.75
N LEU DA 83 29.56 41.64 88.00
CA LEU DA 83 30.54 40.72 87.51
C LEU DA 83 31.39 40.26 88.68
N VAL DA 84 31.61 38.94 88.81
CA VAL DA 84 32.42 38.39 89.89
C VAL DA 84 33.52 37.52 89.29
N ILE DA 85 34.76 37.80 89.69
CA ILE DA 85 35.92 37.04 89.27
C ILE DA 85 36.62 36.53 90.52
N GLY DA 86 37.01 35.25 90.49
CA GLY DA 86 37.65 34.60 91.60
C GLY DA 86 39.14 34.91 91.67
N ASP DA 87 39.90 33.88 92.04
CA ASP DA 87 41.30 33.96 92.40
C ASP DA 87 42.16 33.32 91.31
N HIS DA 88 43.40 33.81 91.15
CA HIS DA 88 44.46 33.17 90.34
C HIS DA 88 44.10 33.05 88.87
N ASN DA 89 43.35 34.01 88.33
CA ASN DA 89 43.00 34.00 86.92
C ASN DA 89 44.00 34.85 86.16
N VAL DA 90 44.15 34.51 84.88
CA VAL DA 90 44.93 35.28 83.95
C VAL DA 90 44.02 35.66 82.79
N ILE DA 91 43.91 36.97 82.55
CA ILE DA 91 43.12 37.51 81.49
C ILE DA 91 44.05 38.28 80.56
N ARG DA 92 44.23 37.76 79.34
CA ARG DA 92 45.23 38.27 78.42
C ARG DA 92 44.68 39.49 77.67
N GLU DA 93 45.48 39.93 76.69
CA GLU DA 93 45.29 41.22 76.09
C GLU DA 93 43.98 41.24 75.30
N GLY DA 94 43.20 42.30 75.50
CA GLY DA 94 42.07 42.61 74.65
C GLY DA 94 40.79 41.87 75.01
N VAL DA 95 40.76 41.19 76.16
CA VAL DA 95 39.60 40.42 76.54
C VAL DA 95 38.47 41.37 76.91
N THR DA 96 37.25 41.00 76.54
CA THR DA 96 36.04 41.69 76.96
C THR DA 96 35.19 40.77 77.83
N ILE DA 97 34.77 41.27 78.99
CA ILE DA 97 33.91 40.56 79.90
C ILE DA 97 32.79 41.50 80.29
N HIS DA 98 31.55 41.06 80.07
CA HIS DA 98 30.39 41.88 80.33
C HIS DA 98 29.72 41.45 81.62
N ARG DA 99 29.08 42.39 82.30
CA ARG DA 99 28.28 42.11 83.47
C ARG DA 99 26.94 41.51 83.03
N GLY DA 100 26.17 40.98 83.98
CA GLY DA 100 24.93 40.27 83.75
C GLY DA 100 23.77 41.18 83.35
N THR DA 101 22.59 40.55 83.31
CA THR DA 101 21.31 41.15 82.95
C THR DA 101 20.25 40.71 83.98
N VAL DA 102 19.23 41.55 84.19
CA VAL DA 102 18.22 41.24 85.20
C VAL DA 102 17.37 40.03 84.78
N GLN DA 103 17.33 39.71 83.49
CA GLN DA 103 16.48 38.65 82.96
C GLN DA 103 17.04 37.26 83.35
N ASP DA 104 18.28 37.16 83.83
CA ASP DA 104 18.83 35.86 84.30
C ASP DA 104 19.16 35.96 85.79
N ARG DA 105 20.46 36.01 86.16
CA ARG DA 105 20.85 36.01 87.58
C ARG DA 105 21.50 37.34 87.95
N ALA DA 106 21.60 38.28 87.00
CA ALA DA 106 22.13 39.61 87.23
C ALA DA 106 23.63 39.55 87.51
N GLU DA 107 24.30 38.49 87.05
CA GLU DA 107 25.68 38.28 87.42
C GLU DA 107 26.38 37.41 86.38
N THR DA 108 27.50 37.93 85.85
CA THR DA 108 28.47 37.15 85.13
C THR DA 108 29.52 36.69 86.14
N THR DA 109 29.91 35.42 86.12
CA THR DA 109 30.75 34.92 87.20
C THR DA 109 31.87 34.07 86.59
N ILE DA 110 33.07 34.23 87.16
CA ILE DA 110 34.27 33.48 86.79
C ILE DA 110 34.92 32.95 88.06
N GLY DA 111 35.29 31.68 88.04
CA GLY DA 111 35.88 31.00 89.19
C GLY DA 111 37.36 31.29 89.32
N ASP DA 112 38.13 30.23 89.59
CA ASP DA 112 39.53 30.31 89.99
C ASP DA 112 40.41 29.62 88.94
N HIS DA 113 41.67 30.06 88.84
CA HIS DA 113 42.73 29.38 88.05
C HIS DA 113 42.34 29.27 86.58
N ASN DA 114 41.64 30.25 86.02
CA ASN DA 114 41.28 30.18 84.62
C ASN DA 114 42.31 30.96 83.80
N LEU DA 115 42.46 30.57 82.54
CA LEU DA 115 43.30 31.27 81.61
C LEU DA 115 42.42 31.69 80.43
N ILE DA 116 42.25 33.00 80.26
CA ILE DA 116 41.45 33.52 79.20
C ILE DA 116 42.37 34.31 78.27
N MET DA 117 42.55 33.81 77.06
CA MET DA 117 43.60 34.29 76.21
C MET DA 117 43.08 35.43 75.34
N ALA DA 118 43.98 35.99 74.52
CA ALA DA 118 43.77 37.28 73.90
C ALA DA 118 42.43 37.33 73.15
N TYR DA 119 41.73 38.45 73.29
CA TYR DA 119 40.61 38.83 72.43
C TYR DA 119 39.40 37.92 72.68
N ALA DA 120 39.41 37.10 73.72
CA ALA DA 120 38.26 36.31 74.06
C ALA DA 120 37.15 37.22 74.56
N HIS DA 121 35.90 36.78 74.40
CA HIS DA 121 34.72 37.53 74.81
C HIS DA 121 33.87 36.65 75.73
N ILE DA 122 33.49 37.21 76.88
CA ILE DA 122 32.66 36.52 77.83
C ILE DA 122 31.38 37.33 78.04
N GLY DA 123 30.31 36.85 77.43
CA GLY DA 123 29.06 37.57 77.34
C GLY DA 123 28.30 37.56 78.64
N HIS DA 124 27.32 38.48 78.71
CA HIS DA 124 26.52 38.64 79.88
C HIS DA 124 26.02 37.30 80.39
N ASP DA 125 26.11 37.14 81.72
CA ASP DA 125 25.43 36.10 82.45
C ASP DA 125 26.12 34.75 82.29
N SER DA 126 27.29 34.73 81.66
CA SER DA 126 28.05 33.52 81.52
C SER DA 126 28.63 33.13 82.87
N VAL DA 127 28.92 31.85 83.03
CA VAL DA 127 29.47 31.31 84.27
C VAL DA 127 30.62 30.39 83.91
N ILE DA 128 31.81 30.71 84.38
CA ILE DA 128 32.96 29.88 84.18
C ILE DA 128 33.39 29.32 85.53
N GLY DA 129 33.76 28.05 85.52
CA GLY DA 129 34.20 27.33 86.70
C GLY DA 129 35.66 27.58 86.99
N ASN DA 130 36.40 26.51 87.27
CA ASN DA 130 37.79 26.61 87.62
C ASN DA 130 38.63 25.82 86.62
N HIS DA 131 39.88 26.25 86.43
CA HIS DA 131 40.89 25.52 85.69
C HIS DA 131 40.57 25.48 84.19
N CYS DA 132 39.72 26.38 83.71
CA CYS DA 132 39.38 26.39 82.30
C CYS DA 132 40.42 27.16 81.50
N ILE DA 133 40.45 26.89 80.20
CA ILE DA 133 41.29 27.59 79.26
C ILE DA 133 40.43 27.99 78.06
N LEU DA 134 40.29 29.29 77.85
CA LEU DA 134 39.66 29.84 76.67
C LEU DA 134 40.75 30.45 75.80
N VAL DA 135 40.92 29.90 74.61
CA VAL DA 135 41.99 30.31 73.79
C VAL DA 135 41.58 31.53 72.99
N ASN DA 136 42.57 32.20 72.40
CA ASN DA 136 42.41 33.41 71.61
C ASN DA 136 41.05 33.42 70.89
N ASN DA 137 40.29 34.49 71.11
CA ASN DA 137 39.09 34.84 70.32
C ASN DA 137 37.94 33.85 70.54
N THR DA 138 38.00 33.07 71.61
CA THR DA 138 36.85 32.30 72.01
C THR DA 138 35.75 33.27 72.44
N ALA DA 139 34.51 32.99 72.05
CA ALA DA 139 33.42 33.91 72.33
C ALA DA 139 32.22 33.17 72.91
N LEU DA 140 31.81 33.56 74.12
CA LEU DA 140 30.60 33.06 74.75
C LEU DA 140 29.51 34.11 74.57
N ALA DA 141 28.49 33.81 73.77
CA ALA DA 141 27.49 34.81 73.40
C ALA DA 141 26.71 35.35 74.59
N GLY DA 142 26.51 34.52 75.61
CA GLY DA 142 25.77 34.88 76.80
C GLY DA 142 25.06 33.70 77.44
N HIS DA 143 24.92 33.75 78.76
CA HIS DA 143 24.27 32.71 79.52
C HIS DA 143 24.95 31.36 79.27
N VAL DA 144 26.27 31.37 79.04
CA VAL DA 144 26.99 30.15 78.78
C VAL DA 144 27.60 29.66 80.09
N HIS DA 145 27.44 28.37 80.38
CA HIS DA 145 28.05 27.76 81.56
C HIS DA 145 29.21 26.88 81.09
N VAL DA 146 30.43 27.17 81.52
CA VAL DA 146 31.59 26.37 81.25
C VAL DA 146 32.08 25.74 82.56
N ASP DA 147 32.04 24.43 82.64
CA ASP DA 147 32.36 23.70 83.85
C ASP DA 147 33.88 23.41 83.87
N ASP DA 148 34.36 22.87 84.99
CA ASP DA 148 35.78 22.86 85.34
C ASP DA 148 36.60 22.13 84.27
N TRP DA 149 37.81 22.65 84.00
CA TRP DA 149 38.87 22.00 83.19
C TRP DA 149 38.56 22.02 81.71
N ALA DA 150 37.51 22.73 81.28
CA ALA DA 150 37.22 22.73 79.88
C ALA DA 150 38.31 23.50 79.13
N ILE DA 151 38.51 23.13 77.87
CA ILE DA 151 39.39 23.81 76.98
C ILE DA 151 38.63 24.15 75.71
N LEU DA 152 38.55 25.44 75.37
CA LEU DA 152 37.99 25.86 74.11
C LEU DA 152 39.11 26.37 73.22
N SER DA 153 39.39 25.65 72.13
CA SER DA 153 40.44 26.01 71.22
C SER DA 153 40.09 27.37 70.59
N GLY DA 154 41.08 27.95 69.91
CA GLY DA 154 40.96 29.29 69.39
C GLY DA 154 39.76 29.46 68.49
N TYR DA 155 39.14 30.65 68.57
CA TYR DA 155 38.06 31.06 67.71
C TYR DA 155 36.88 30.07 67.83
N THR DA 156 36.69 29.50 69.02
CA THR DA 156 35.51 28.75 69.31
C THR DA 156 34.38 29.72 69.68
N LEU DA 157 33.23 29.56 69.00
CA LEU DA 157 32.05 30.38 69.27
C LEU DA 157 30.98 29.53 69.96
N VAL DA 158 30.32 30.07 70.98
CA VAL DA 158 29.30 29.34 71.71
C VAL DA 158 28.02 30.17 71.76
N HIS DA 159 26.93 29.59 71.29
CA HIS DA 159 25.64 30.23 71.28
C HIS DA 159 25.13 30.42 72.71
N GLN DA 160 24.18 31.35 72.82
CA GLN DA 160 23.50 31.64 74.06
C GLN DA 160 22.96 30.33 74.66
N TYR DA 161 23.14 30.18 75.98
CA TYR DA 161 22.50 29.16 76.83
C TYR DA 161 23.22 27.81 76.79
N CYS DA 162 24.28 27.66 76.01
CA CYS DA 162 24.95 26.35 75.96
C CYS DA 162 25.73 26.07 77.22
N ARG DA 163 25.79 24.78 77.57
CA ARG DA 163 26.56 24.27 78.68
C ARG DA 163 27.75 23.51 78.08
N ILE DA 164 28.97 23.91 78.45
CA ILE DA 164 30.19 23.24 78.09
C ILE DA 164 30.64 22.40 79.28
N GLY DA 165 30.71 21.09 79.10
CA GLY DA 165 30.91 20.15 80.20
C GLY DA 165 32.36 20.13 80.71
N ALA DA 166 32.53 19.63 81.92
CA ALA DA 166 33.80 19.46 82.54
C ALA DA 166 34.74 18.64 81.63
N HIS DA 167 35.98 19.08 81.50
CA HIS DA 167 37.05 18.41 80.76
C HIS DA 167 36.78 18.31 79.28
N SER DA 168 35.75 19.00 78.81
CA SER DA 168 35.40 18.90 77.43
C SER DA 168 36.38 19.76 76.63
N PHE DA 169 36.37 19.58 75.31
CA PHE DA 169 37.37 20.17 74.45
C PHE DA 169 36.75 20.50 73.09
N SER DA 170 36.92 21.73 72.65
CA SER DA 170 36.47 22.13 71.33
C SER DA 170 37.71 22.36 70.46
N GLY DA 171 37.62 21.94 69.20
CA GLY DA 171 38.67 22.18 68.21
C GLY DA 171 38.58 23.60 67.70
N MET DA 172 39.57 24.01 66.92
CA MET DA 172 39.63 25.40 66.62
C MET DA 172 38.62 25.75 65.55
N GLY DA 173 38.01 26.92 65.68
CA GLY DA 173 36.96 27.40 64.81
C GLY DA 173 35.66 26.65 65.00
N SER DA 174 35.49 26.00 66.16
CA SER DA 174 34.24 25.31 66.44
C SER DA 174 33.11 26.32 66.64
N ALA DA 175 31.92 25.95 66.18
CA ALA DA 175 30.72 26.74 66.39
C ALA DA 175 29.71 25.85 67.11
N ILE DA 176 29.56 26.07 68.41
CA ILE DA 176 28.80 25.21 69.29
C ILE DA 176 27.41 25.80 69.51
N GLY DA 177 26.39 25.02 69.23
CA GLY DA 177 25.00 25.43 69.29
C GLY DA 177 24.16 24.61 70.27
N LYS DA 178 24.72 23.51 70.80
CA LYS DA 178 24.02 22.69 71.76
C LYS DA 178 25.02 22.30 72.84
N ASP DA 179 24.56 21.66 73.92
CA ASP DA 179 25.47 21.39 75.03
C ASP DA 179 26.59 20.45 74.60
N VAL DA 180 27.74 20.59 75.21
CA VAL DA 180 28.81 19.67 75.03
C VAL DA 180 28.90 18.86 76.31
N PRO DA 181 28.66 17.55 76.28
CA PRO DA 181 28.76 16.73 77.49
C PRO DA 181 30.20 16.77 78.00
N ALA DA 182 30.37 16.46 79.26
CA ALA DA 182 31.67 16.37 79.87
C ALA DA 182 32.54 15.40 79.10
N TYR DA 183 33.83 15.74 79.02
CA TYR DA 183 34.90 14.96 78.42
C TYR DA 183 34.83 14.94 76.89
N VAL DA 184 33.75 15.41 76.26
CA VAL DA 184 33.58 15.18 74.85
C VAL DA 184 34.42 16.18 74.05
N THR DA 185 34.94 15.73 72.91
CA THR DA 185 35.64 16.60 71.98
C THR DA 185 34.69 16.91 70.80
N VAL DA 186 34.64 18.19 70.39
CA VAL DA 186 33.78 18.61 69.30
C VAL DA 186 34.60 19.46 68.32
N PHE DA 187 34.19 19.43 67.05
CA PHE DA 187 34.90 20.06 65.96
C PHE DA 187 33.93 20.57 64.91
N GLY DA 188 34.24 21.72 64.33
CA GLY DA 188 33.61 22.18 63.09
C GLY DA 188 32.48 23.16 63.35
N ASN DA 189 31.89 23.64 62.25
CA ASN DA 189 30.82 24.60 62.25
C ASN DA 189 29.74 24.12 61.28
N PRO DA 190 28.68 23.51 61.79
CA PRO DA 190 28.39 23.34 63.19
C PRO DA 190 29.17 22.21 63.88
N ALA DA 191 29.39 22.34 65.17
CA ALA DA 191 30.20 21.42 65.93
C ALA DA 191 29.58 20.03 65.93
N GLU DA 192 30.45 19.03 65.82
CA GLU DA 192 30.11 17.60 65.88
C GLU DA 192 30.98 16.94 66.94
N ALA DA 193 30.42 15.99 67.68
CA ALA DA 193 31.12 15.18 68.65
C ALA DA 193 31.99 14.19 67.89
N ARG DA 194 33.21 13.98 68.35
CA ARG DA 194 34.14 13.11 67.69
C ARG DA 194 34.60 12.00 68.65
N SER DA 195 35.04 12.38 69.84
CA SER DA 195 35.64 11.44 70.77
C SER DA 195 35.58 12.03 72.19
N MET DA 196 36.50 11.58 73.05
CA MET DA 196 36.63 12.11 74.38
C MET DA 196 38.04 12.62 74.58
N ASN DA 197 38.19 13.52 75.55
CA ASN DA 197 39.40 14.25 75.78
C ASN DA 197 40.30 13.39 76.67
N PHE DA 198 40.90 12.37 76.09
CA PHE DA 198 41.71 11.44 76.83
C PHE DA 198 42.98 12.12 77.34
N GLU DA 199 43.52 13.04 76.54
CA GLU DA 199 44.69 13.82 76.96
C GLU DA 199 44.41 14.47 78.31
N GLY DA 200 43.23 15.07 78.45
CA GLY DA 200 42.81 15.72 79.66
C GLY DA 200 42.72 14.78 80.84
N MET DA 201 42.24 13.56 80.61
CA MET DA 201 42.09 12.56 81.65
C MET DA 201 43.47 12.08 82.12
N ARG DA 202 44.43 12.05 81.19
CA ARG DA 202 45.78 11.63 81.49
C ARG DA 202 46.39 12.61 82.48
N ARG DA 203 46.28 13.91 82.20
CA ARG DA 203 46.82 14.99 82.99
C ARG DA 203 46.20 15.03 84.39
N ARG DA 204 44.93 14.68 84.55
CA ARG DA 204 44.33 14.63 85.86
C ARG DA 204 44.63 13.34 86.59
N GLY DA 205 45.36 12.43 85.95
CA GLY DA 205 45.73 11.14 86.54
C GLY DA 205 44.54 10.25 86.81
N PHE DA 206 43.54 10.23 85.92
CA PHE DA 206 42.44 9.29 86.03
C PHE DA 206 42.96 7.87 85.95
N SER DA 207 42.29 6.96 86.64
CA SER DA 207 42.66 5.57 86.58
C SER DA 207 42.44 5.06 85.16
N SER DA 208 43.11 3.96 84.83
CA SER DA 208 42.98 3.40 83.51
C SER DA 208 41.59 2.74 83.35
N GLU DA 209 41.01 2.25 84.46
CA GLU DA 209 39.67 1.63 84.45
C GLU DA 209 38.61 2.69 84.18
N ALA DA 210 38.85 3.91 84.66
CA ALA DA 210 37.90 5.00 84.51
C ALA DA 210 37.93 5.53 83.08
N ILE DA 211 39.12 5.58 82.49
CA ILE DA 211 39.28 6.04 81.12
C ILE DA 211 38.51 5.08 80.19
N HIS DA 212 38.68 3.77 80.42
CA HIS DA 212 38.01 2.77 79.62
C HIS DA 212 36.50 2.92 79.80
N ALA DA 213 36.03 3.22 81.01
CA ALA DA 213 34.62 3.29 81.31
C ALA DA 213 34.00 4.48 80.56
N LEU DA 214 34.80 5.54 80.43
CA LEU DA 214 34.35 6.72 79.78
C LEU DA 214 34.31 6.51 78.28
N ARG DA 215 35.20 5.70 77.73
CA ARG DA 215 35.13 5.42 76.31
C ARG DA 215 33.87 4.61 76.01
N ARG DA 216 33.53 3.64 76.87
CA ARG DA 216 32.35 2.85 76.68
C ARG DA 216 31.12 3.75 76.78
N ALA DA 217 31.19 4.74 77.67
CA ALA DA 217 30.09 5.65 77.88
C ALA DA 217 29.87 6.49 76.62
N TYR DA 218 30.95 6.92 75.98
CA TYR DA 218 30.87 7.67 74.75
C TYR DA 218 30.11 6.83 73.73
N LYS DA 219 30.51 5.56 73.60
CA LYS DA 219 29.92 4.68 72.61
C LYS DA 219 28.42 4.46 72.87
N VAL DA 220 28.00 4.43 74.13
CA VAL DA 220 26.60 4.21 74.48
C VAL DA 220 25.74 5.37 73.96
N VAL DA 221 26.23 6.58 74.17
CA VAL DA 221 25.51 7.78 73.86
C VAL DA 221 25.52 8.07 72.36
N TYR DA 222 26.62 7.76 71.69
CA TYR DA 222 26.89 8.30 70.35
C TYR DA 222 26.94 7.23 69.25
N ARG DA 223 27.35 5.98 69.54
CA ARG DA 223 27.74 5.06 68.48
C ARG DA 223 26.87 3.79 68.51
N GLN DA 224 25.70 3.80 69.14
CA GLN DA 224 24.96 2.54 69.30
C GLN DA 224 23.48 2.69 68.98
N GLY DA 225 23.10 3.77 68.31
CA GLY DA 225 21.71 4.01 67.94
C GLY DA 225 20.77 4.22 69.13
N HIS DA 226 21.28 4.54 70.33
CA HIS DA 226 20.38 4.73 71.46
C HIS DA 226 19.78 6.14 71.36
N THR DA 227 18.51 6.30 71.77
CA THR DA 227 17.97 7.63 72.02
C THR DA 227 18.66 8.16 73.28
N VAL DA 228 18.52 9.44 73.58
CA VAL DA 228 19.23 9.96 74.72
C VAL DA 228 18.67 9.35 76.02
N GLU DA 229 17.36 9.10 76.06
CA GLU DA 229 16.70 8.47 77.21
C GLU DA 229 17.25 7.06 77.43
N GLU DA 230 17.38 6.28 76.36
CA GLU DA 230 17.86 4.90 76.45
C GLU DA 230 19.33 4.88 76.91
N ALA DA 231 20.10 5.88 76.48
CA ALA DA 231 21.51 5.98 76.83
C ALA DA 231 21.67 6.26 78.32
N LEU DA 232 20.90 7.21 78.84
CA LEU DA 232 20.92 7.55 80.24
C LEU DA 232 20.64 6.32 81.12
N ALA DA 233 19.71 5.48 80.67
CA ALA DA 233 19.33 4.28 81.38
C ALA DA 233 20.49 3.29 81.39
N GLU DA 234 21.16 3.17 80.25
CA GLU DA 234 22.27 2.25 80.10
C GLU DA 234 23.47 2.71 80.94
N LEU DA 235 23.69 4.03 81.01
CA LEU DA 235 24.79 4.59 81.77
C LEU DA 235 24.60 4.46 83.29
N ALA DA 236 23.39 4.15 83.77
CA ALA DA 236 23.12 4.17 85.21
C ALA DA 236 24.12 3.27 85.98
N GLU DA 237 24.38 2.06 85.49
CA GLU DA 237 25.27 1.09 86.17
C GLU DA 237 26.66 1.71 86.26
N SER DA 238 27.18 2.14 85.11
CA SER DA 238 28.56 2.62 85.04
C SER DA 238 28.77 3.92 85.80
N ALA DA 239 27.74 4.71 85.97
CA ALA DA 239 27.80 5.98 86.72
C ALA DA 239 27.84 5.75 88.23
N ALA DA 240 27.31 4.61 88.67
CA ALA DA 240 27.38 4.28 90.07
C ALA DA 240 28.76 3.69 90.41
N GLN DA 241 29.42 3.12 89.41
CA GLN DA 241 30.69 2.46 89.57
C GLN DA 241 31.83 3.47 89.54
N PHE DA 242 31.68 4.57 88.80
CA PHE DA 242 32.78 5.51 88.56
C PHE DA 242 32.29 6.95 88.73
N PRO DA 243 32.80 7.72 89.73
CA PRO DA 243 32.50 9.14 89.85
C PRO DA 243 32.67 9.93 88.54
N GLU DA 244 33.65 9.52 87.73
CA GLU DA 244 34.02 10.19 86.49
C GLU DA 244 32.92 10.02 85.44
N VAL DA 245 32.30 8.83 85.39
CA VAL DA 245 31.21 8.57 84.47
C VAL DA 245 29.96 9.30 84.95
N ALA DA 246 29.78 9.42 86.26
CA ALA DA 246 28.61 10.14 86.80
C ALA DA 246 28.62 11.59 86.31
N VAL DA 247 29.80 12.21 86.25
CA VAL DA 247 29.94 13.57 85.73
C VAL DA 247 29.41 13.64 84.29
N PHE DA 248 29.75 12.63 83.50
CA PHE DA 248 29.33 12.52 82.11
C PHE DA 248 27.82 12.32 82.02
N ARG DA 249 27.27 11.38 82.78
CA ARG DA 249 25.83 11.14 82.78
C ARG DA 249 25.11 12.43 83.18
N ASP DA 250 25.60 13.10 84.24
CA ASP DA 250 24.91 14.26 84.80
C ASP DA 250 24.90 15.40 83.76
N SER DA 251 25.95 15.53 82.96
CA SER DA 251 25.99 16.56 81.93
C SER DA 251 24.96 16.33 80.83
N ILE DA 252 24.69 15.06 80.51
CA ILE DA 252 23.70 14.72 79.51
C ILE DA 252 22.29 14.84 80.08
N GLN DA 253 22.10 14.36 81.30
CA GLN DA 253 20.84 14.45 82.03
C GLN DA 253 20.30 15.89 81.92
N SER DA 254 21.16 16.86 82.28
CA SER DA 254 20.76 18.23 82.52
C SER DA 254 20.77 19.05 81.22
N ALA DA 255 20.64 18.36 80.09
CA ALA DA 255 20.75 18.98 78.82
C ALA DA 255 19.51 18.76 78.01
N THR DA 256 18.63 17.90 78.54
CA THR DA 256 17.71 17.13 77.66
C THR DA 256 16.43 16.87 78.45
N ARG DA 257 15.66 17.93 78.76
CA ARG DA 257 14.30 17.67 79.22
C ARG DA 257 13.45 17.14 78.06
N GLY DA 258 13.43 17.81 76.88
CA GLY DA 258 12.56 17.43 75.76
C GLY DA 258 11.14 17.92 75.96
N ILE DA 259 10.19 17.35 75.21
CA ILE DA 259 8.80 17.72 75.34
C ILE DA 259 7.89 16.50 75.47
N THR DA 260 6.80 16.68 76.20
CA THR DA 260 5.84 15.65 76.33
C THR DA 260 5.37 15.30 74.92
N ARG DA 261 5.57 14.04 74.47
CA ARG DA 261 4.95 13.43 73.20
C ARG DA 261 3.99 12.28 73.64
#